data_7YLY
#
_entry.id   7YLY
#
_cell.length_a   1.00
_cell.length_b   1.00
_cell.length_c   1.00
_cell.angle_alpha   90.00
_cell.angle_beta   90.00
_cell.angle_gamma   90.00
#
_symmetry.space_group_name_H-M   'P 1'
#
loop_
_entity.id
_entity.type
_entity.pdbx_description
1 polymer 'T-complex protein 1 subunit alpha'
2 polymer 'T-complex protein 1 subunit beta'
3 polymer 'T-complex protein 1 subunit delta'
4 polymer 'T-complex protein 1 subunit epsilon'
5 polymer 'T-complex protein 1 subunit gamma'
6 polymer 'T-complex protein 1 subunit eta'
7 polymer 'Phosducin-like protein 2'
8 polymer 'T-complex protein 1 subunit theta'
9 polymer 'T-complex protein 1 subunit zeta'
10 non-polymer "ADENOSINE-5'-DIPHOSPHATE"
11 non-polymer 'MAGNESIUM ION'
12 non-polymer 'ALUMINUM FLUORIDE'
13 water water
#
loop_
_entity_poly.entity_id
_entity_poly.type
_entity_poly.pdbx_seq_one_letter_code
_entity_poly.pdbx_strand_id
1 'polypeptide(L)'
;MSQLFNNSRSDTLFLGGEKISGDDIRNQNVLATMAVANVVKSSLGPVGLDKMLVDDIGDFTVTNDGATILSLLDVQHPAG
KILVELAQQQDREIGDGTTSVVIIASELLKRANELVKNKIHPTTIITGFRVALREAIRFINEVLSTSVDTLGKETLINIA
KTSMSSKIIGADSDFFSNMVVDALLAVKTQNSKGEIKYPVKAVNVLKAHGKSATESLLVPGYALNCTVASQAMPKRIAGG
NVKIACLDLNLQKARMAMGVQINIDDPEQLEQIRKREAGIVLERVKKIIDAGAQVVLTTKGIDDLCLKEFVEAKIMGVRR
CKKEDLRRIARATGATLVSSMSNLEGEETFESSYLGLCDEVVQAKFSDDECILIKGTSKHSSSSIILRGANDYSLDEMER
SLHDSLSVVKRTLESGNVVPGGGCVEAALNIYLDNFATTVGSREQLAIAEFAAALLIIPKTLAVNAAKDSSELVAKLRSY
HAASQMAKPEDVKRRSYRNYGLDLIRGKIVDEIHAGVLEPTISKVKSLKSALEACVAILRIDTMITVDPEPPKEDPHDH
;
A,a
2 'polypeptide(L)'
;MSVQIFGDQVTEERAENARLSAFVGAIAVGDLVKSTLGPKGMDKLLQSASSNTCMVTNDGATILKSIPLDNPAAKVLVNI
SKVQDDEVGDGTTSVTVLSAELLREAEKLIDQSKIHPQTIIEGYRLASAAALDALTKAAVDNSHDKTMFREDLIHIAKTT
LSSKILSQDKDHFAELATNAILRLKGSTNLEHIQIIKILGGKLSDSFLDEGFILAKKFGNNQPKRIENAKILIANTTLDT
DKVKIFGTKFKVDSTAKLAQLEKAEREKMKNKIAKISKFGINTFINRQLIYDYPEQLFTDLGINSIEHADFEGVERLALV
TGGEVVSTFDEPSKCKLGECDVIEEIMLGEQPFLKFSGCKAGEACTIVLRGATDQTLDEAERSLHDALSVLSQTTKETRT
VLGGGCAEMVMSKAVDTEAQNIDGKKSLAVEAFARALRQLPTILADNAGFDSSELVSKLRSSIYNGISTSGLDLNNGTIA
DMRQLGIVESYKLKRAVVSSASEAAEVLLRVDNIIRARPRTANRQHM
;
B,b
3 'polypeptide(L)'
;MSAKVPSNATFKNKEKPQEVRKANIIAARSVADAIRTSLGPKGMDKMIKTSRGEIIISNDGHTILKQMAILHPVARMLVE
VSAAQDSEAGDGTTSVVILTGALLGAAERLLNKGIHPTIIADSFQSAAKRSVDILLEMCHKVSLSDREQLVRAASTSLSS
KIVSQYSSFLAPLAVDSVLKISDENSKNVDLNDIRLVKKVGGTIDDTEMIDGVVLTQTAIKSAGGPTRKEKAKIGLIQFQ
ISPPKPDTENNIIVNDYRQMDKILKEERAYLLNICKKIKKAKCNVLLIQKSILRDAVNDLALHFLSKLNIMVVKDIEREE
IEFLSKGLGCKPIADIELFTEDRLGSADLVEEIDSDGSKIVRVTGIRNNNARPTVSVVIRGANNMIIDETERSLHDALCV
IRCLVKERGLIAGGGAPEIEISRRLSKEARSMEGVQAFIWQEFASALEVIPTTLAENAGLNSIKVVTELRSKHENGELND
GISVRRSGTTNTYEEHILQPVLVSTSAITLASECVKSILRIDDIAFSR
;
D,d
4 'polypeptide(L)'
;MAARPQQPPMEMPDLSNAIVAQDEMGRPFIIVKDQGNKKRQHGLEAKKSHILAARSVASIIKTSLGPRGLDKILISPDGE
ITITNDGATILSQMELDNEIAKLLVQLSKSQDDEIGDGTTGVVVLASALLDQALELIQKGIHPIKIANGFDEAAKLAISK
LEETCDDISASNDELFRDFLLRAAKTSLGSKIVSKDHDRFAEMAVEAVINVMDKDRKDVDFDLIKMQGRVGGSISDSKLI
NGVILDKDFSHPQMPKCVLPKEGSDGVKLAILTCPFEPPKPKTKHKLDISSVEEYQKLQTYEQDKFKEMIDDVKKAGADV
VICQWGFDDEANHLLLQNDLPAVRWVGGQELEHIAISTNGRIVPRFQDLSKDKLGTCSRIYEQEFGTTKDRMLIIEQSKE
TKTVTCFVRGSNKMIVDEAERALHDSLCVVRNLVKDSRVVYGGGAAEVTMSLAVSEEADKQRGIDQYAFRGFAQALDTIP
MTLAENSGLDPIGTLSTLKSKQLKEKISNIGVDCLGYGSNDMKELFVVDPFIGKKQQILLATQLCRMILKIDNVIISGKD
EY
;
E,e
5 'polypeptide(L)'
;MQAPVVFMNASQERTTGRQAQISNITAAKAVADVIRTCLGPKAMLKMLLDPMGGLVLTNDGHAILREIDVAHPAAKSMLE
LSRTQDEEVGDGTTTVIILAGEILAQCAPYLIEKNIHPVIIIQALKKALTDALEVIKQVSKPVDVENDAAMKKLIQASIG
TKYVIHWSEKMCELALDAVKTVRKDLGQTVEGEPNFEIDIKRYVRVEKIPGGDVLDSRVLKGVLLNKDVVHPKMSRHIEN
PRVVLLDCPLEYKKGESQTNIEIEKEEDWNRILQIEEEQVQLMCEQILAVRPTLVITEKGVSDLAQHYLLKGGCSVLRRV
KKSDNNRIARVTGATIVNRVEDLKESDVGTNCGLFKVEMIGDEYFSFLDNCKEPLEGSGSGWSHPQFEKGSGKRRWKKNF
IAVSAANRFKKISSSGALGSGHHHHHHHHGSGLQKACTIMLRGGSKDILNEIDRNLQDAMAVARNVMLSPSLSPGGGATE
MAVSVKLAEKAKQLEGIQQWPYQAVADAMECIPRTLIQNAGGDPIRLLSQLRAKHAQGNFTTGIDGDKGKIVDMVSYGIW
EPEVIKQQSVKTAIESACLLLRVDDIVSGVRKQE
;
G,g
6 'polypeptide(L)'
;MNFGSQTPTIVVLKEGTDASQGKGQIISNINACVAVQEALKPTLGPLGSDILIVTSNQKTTISNDGATILKLLDVVHPAA
KTLVDISRAQDAEVGDGTTSVTILAGELMKEAKPFLEEGISSHLIMKGYRKAVSLAVEKINELAVDITSEKSSGRELLER
CARTAMSSKLIHNNADFFVKMCVDAVLSLDRNDLDDKLIGIKKIPGGAMEESLFINGVAFKKTFSYAGFEQQPKKFNNPK
ILSLNVELELKAEKDNAEVRVEHVEDYQAIVDAEWQLIFEKLRQVEETGANIVLSKLPIGDLATQFFADRNIFCAGRVSA
DDMNRVIQAVGGSIQSTTSDIKPEHLGTCALFEEMQIGSERYNLFQGCPQAKTCTLLLRGGAEQVIAEVERSLHDAIMIV
KRALQNKLIVAGGGATEMEVSKCLRDYSKTIAGKQQMIINAFAKALEVIPRQLCENAGFDAIEILNKLRLAHSKGEKWYG
VVFETENIGDNFAKFVWEPALVKINALNSATEATNLILSVDETITNKGSESANAGMMPPQGAGRGRGMPM
;
H,h
7 'polypeptide(L)'
;MQNEPMFQVQVDESEDSEWNDILRAKGVIPERAPSPTAKLEEALEEAIAKQHENRLEDKDLSDLEELEDDEDEDFLEAYK
IKRLNEIRKLQERSKFGEVFHINKPEYNKEVTLASQGKKYEGAQTNDNGEEDDGGVYVFVHLSLQSKLQSRILSHLFQSA
ACKFREIKFVEIPANRAIENYPESNCPTLIVYYRGEVIKNMITLLELGGNNSKMEDFEDFMVKVGAVAEGDNRLIMNRDD
EESREERKLHYGEKKSIRSGIRGKFNVGIGGNDDGNINDDDDGFFD
;
P,p
8 'polypeptide(L)'
;MSLRLPQNPNAGLFKQGYNSYSNADGQIIKSIAAIRELHQMCLTSMGPCGRNKIIVNHLGKIIITNDAATMLRELDIVHP
AVKVLVMATEQQKIDMGDGTNLVMILAGELLNVSEKLISMGLSAVEIIQGYNMARKFTLKELDEMVVGEITDKNDKNELL
KMIKPVISSKKYGSEDILSELVSEAVSHVLPVAQQAGEIPYFNVDSIRVVKIMGGSLSNSTVIKGMVFNREPEGHVKSLS
EDKKHKVAVFTCPLDIANTETKGTVLLHNAQEMLDFSKGEEKQIDAMMKEIADMGVECIVAGAGVGELALHYLNRYGILV
LKVPSKFELRRLCRVCGATPLPRLGAPTPEELGLVETVKTMEIGGDRVTVFKQEQGEISRTSTIILRGATQNNLDDIERA
IDDGVAAVKGLMKPSGGKLLPGAGATEIELISRITKYGERTPGLLQLAIKQFAVAFEVVPRTLAETAGLDVNEVLPNLYA
AHNVTEPGAVKTDHLYKGVDIDGESDEGVKDIREENIYDMLATKKFAINVATEAATTVLSIDQIIMAKKAGGPRAPQGPR
PGNWDQED
;
Q,q
9 'polypeptide(L)'
;MSLQLLNPKAESLRRDAALKVNVTSAEGLQSVLETNLGPKGTLKMLVDGAGNIKLTKDGKVLLTEMQIQSPTAVLIARAA
AAQDEITGDGTTTVVCLVGELLRQAHRFIQEGVHPRIITDGFEIARKESMKFLDEFKISKTNLSNDREFLLQVARSSLLT
KVDADLTEVLTPIVTDAVLSVYDAQADNLDLHMVEIMQMQHLSPKDTTFIKGLVLDHGGRHPDMPTRVKNAYVLILNVSL
EYEKTEVNSGFFYSSADQRDKLAASERKFVDAKLKKIIDLKNEVCGMDPDKGFVIINQKGIDPMSLDVFAKHNILALRRA
KRRNMERLQLVTGGEAQNSVEDLSPQILGFSGLVYQETIGEEKFTYVTENTDPKSCTILIKGSTHYALAQTKDAVRDGLR
AVANVLKDKNIIPGAGAFYIALSRYLRSANMNKLGAKGKTKTGIEAFAEALLVIPKTLVKNSGFDPLDVLAMVEDELDDA
QDSDETRYVGVDLNIGDSCDPTIEGIWDSYRVLRNAITGATGIASNLLLCDELLRAGRSTLKETPQ
;
Z,z
#
loop_
_chem_comp.id
_chem_comp.type
_chem_comp.name
_chem_comp.formula
ADP non-polymer ADENOSINE-5'-DIPHOSPHATE 'C10 H15 N5 O10 P2'
AF3 non-polymer 'ALUMINUM FLUORIDE' 'Al F3'
MG non-polymer 'MAGNESIUM ION' 'Mg 2'
#
# COMPACT_ATOMS: atom_id res chain seq x y z
N MET A 1 21.71 28.73 16.88
CA MET A 1 22.69 29.52 16.08
C MET A 1 23.47 28.64 15.10
N SER A 2 23.60 27.35 15.39
CA SER A 2 24.30 26.41 14.52
C SER A 2 23.41 26.04 13.35
N GLN A 3 23.97 26.09 12.15
CA GLN A 3 23.30 25.71 10.91
C GLN A 3 24.24 24.87 10.07
N LEU A 4 23.71 24.29 9.00
CA LEU A 4 24.48 23.53 8.01
C LEU A 4 25.20 22.33 8.64
N PHE A 5 24.47 21.28 9.00
CA PHE A 5 24.86 20.19 9.94
C PHE A 5 26.18 19.56 9.48
N ASN A 6 26.94 18.94 10.37
CA ASN A 6 28.28 18.46 10.05
C ASN A 6 28.16 17.26 9.12
N ASN A 7 29.09 17.17 8.18
CA ASN A 7 29.05 16.14 7.16
C ASN A 7 29.50 14.80 7.74
N SER A 8 28.85 13.73 7.29
CA SER A 8 29.27 12.38 7.65
C SER A 8 30.63 12.10 7.05
N ARG A 9 31.59 11.75 7.90
CA ARG A 9 32.99 11.61 7.52
C ARG A 9 33.32 10.15 7.27
N SER A 10 34.03 9.90 6.16
CA SER A 10 34.43 8.56 5.76
C SER A 10 35.78 8.13 6.33
N ASP A 11 36.64 9.08 6.69
CA ASP A 11 37.95 8.75 7.24
C ASP A 11 37.90 8.36 8.71
N THR A 12 36.90 8.85 9.46
CA THR A 12 36.72 8.56 10.88
C THR A 12 35.39 7.82 11.02
N LEU A 13 35.46 6.49 11.16
CA LEU A 13 34.29 5.61 11.25
C LEU A 13 34.17 5.14 12.69
N PHE A 14 33.20 5.69 13.42
CA PHE A 14 32.83 5.24 14.76
C PHE A 14 31.39 4.76 14.74
N LEU A 15 31.14 3.66 15.44
CA LEU A 15 29.79 3.10 15.53
C LEU A 15 28.89 4.06 16.29
N GLY A 16 27.62 4.13 15.88
CA GLY A 16 26.64 4.98 16.53
C GLY A 16 26.51 6.33 15.87
N GLY A 17 26.37 7.38 16.67
CA GLY A 17 26.22 8.71 16.15
C GLY A 17 27.53 9.28 15.61
N GLU A 18 27.39 10.31 14.78
CA GLU A 18 28.54 10.97 14.18
C GLU A 18 29.23 11.86 15.20
N LYS A 19 30.54 12.04 15.02
CA LYS A 19 31.35 12.91 15.86
C LYS A 19 31.30 14.32 15.30
N ILE A 20 31.28 15.31 16.19
CA ILE A 20 31.31 16.72 15.84
C ILE A 20 32.21 17.44 16.83
N SER A 21 33.00 18.39 16.31
CA SER A 21 34.01 19.11 17.09
C SER A 21 33.99 20.58 16.72
N GLY A 22 34.90 21.33 17.31
CA GLY A 22 35.03 22.75 17.07
C GLY A 22 34.25 23.59 18.06
N ASP A 23 34.05 24.85 17.68
CA ASP A 23 33.29 25.77 18.52
C ASP A 23 31.79 25.54 18.49
N ASP A 24 31.28 24.66 17.61
CA ASP A 24 29.86 24.40 17.55
C ASP A 24 29.36 23.68 18.80
N ILE A 25 30.22 22.92 19.47
CA ILE A 25 29.80 22.20 20.67
C ILE A 25 29.51 23.18 21.80
N ARG A 26 30.45 24.05 22.11
CA ARG A 26 30.24 25.07 23.13
C ARG A 26 29.14 26.06 22.75
N ASN A 27 28.90 26.26 21.46
CA ASN A 27 27.75 27.03 21.03
C ASN A 27 26.46 26.26 21.26
N GLN A 28 26.46 24.95 20.99
CA GLN A 28 25.29 24.12 21.24
C GLN A 28 25.04 23.94 22.73
N ASN A 29 26.12 23.84 23.53
CA ASN A 29 25.96 23.71 24.97
C ASN A 29 25.37 24.97 25.58
N VAL A 30 25.83 26.14 25.12
CA VAL A 30 25.25 27.40 25.58
C VAL A 30 23.82 27.54 25.07
N LEU A 31 23.57 27.10 23.83
CA LEU A 31 22.20 27.15 23.29
C LEU A 31 21.27 26.23 24.07
N ALA A 32 21.77 25.07 24.50
CA ALA A 32 21.00 24.22 25.39
C ALA A 32 20.79 24.84 26.76
N THR A 33 21.73 25.68 27.21
CA THR A 33 21.58 26.33 28.50
C THR A 33 20.57 27.46 28.44
N MET A 34 20.53 28.20 27.33
CA MET A 34 19.51 29.23 27.15
C MET A 34 18.12 28.64 27.01
N ALA A 35 17.99 27.39 26.56
CA ALA A 35 16.68 26.77 26.48
C ALA A 35 16.06 26.57 27.85
N VAL A 36 16.90 26.33 28.87
CA VAL A 36 16.43 26.17 30.26
C VAL A 36 16.56 27.45 31.06
N ALA A 37 17.52 28.32 30.73
CA ALA A 37 17.69 29.56 31.48
C ALA A 37 16.58 30.56 31.21
N ASN A 38 16.09 30.63 29.96
CA ASN A 38 14.96 31.49 29.65
C ASN A 38 13.66 31.03 30.31
N VAL A 39 13.55 29.73 30.61
CA VAL A 39 12.36 29.22 31.29
C VAL A 39 12.29 29.77 32.71
N VAL A 40 13.40 29.66 33.45
CA VAL A 40 13.45 30.11 34.84
C VAL A 40 13.76 31.59 35.01
N LYS A 41 14.05 32.32 33.93
CA LYS A 41 14.41 33.73 34.07
C LYS A 41 13.21 34.58 34.47
N SER A 42 12.00 34.22 34.03
CA SER A 42 10.83 35.04 34.27
C SER A 42 10.25 34.88 35.67
N SER A 43 10.45 33.73 36.32
CA SER A 43 9.85 33.43 37.61
C SER A 43 10.78 33.76 38.78
N LEU A 44 11.60 34.80 38.64
CA LEU A 44 12.56 35.21 39.66
C LEU A 44 12.03 36.43 40.40
N GLY A 45 12.10 36.37 41.73
CA GLY A 45 11.77 37.51 42.56
C GLY A 45 10.29 37.66 42.83
N PRO A 46 9.91 38.69 43.60
CA PRO A 46 8.47 38.94 43.81
C PRO A 46 7.72 39.32 42.54
N VAL A 47 8.29 40.21 41.71
CA VAL A 47 7.66 40.59 40.46
C VAL A 47 7.66 39.47 39.42
N GLY A 48 8.50 38.44 39.59
CA GLY A 48 8.54 37.35 38.64
C GLY A 48 7.26 36.55 38.61
N LEU A 49 6.99 36.00 37.44
CA LEU A 49 5.78 35.22 37.17
C LEU A 49 6.18 33.86 36.61
N ASP A 50 5.39 32.84 36.97
CA ASP A 50 5.69 31.45 36.66
C ASP A 50 4.78 30.96 35.54
N LYS A 51 4.96 29.69 35.16
CA LYS A 51 4.27 29.05 34.05
C LYS A 51 3.71 27.72 34.50
N MET A 52 2.95 27.09 33.60
CA MET A 52 2.26 25.81 33.85
C MET A 52 2.84 24.74 32.93
N LEU A 53 2.79 23.50 33.40
CA LEU A 53 3.26 22.33 32.65
C LEU A 53 2.26 21.21 32.82
N VAL A 54 1.69 20.74 31.71
CA VAL A 54 0.71 19.66 31.73
C VAL A 54 1.43 18.32 31.76
N ASP A 55 0.78 17.32 32.35
CA ASP A 55 1.30 15.96 32.48
C ASP A 55 0.71 15.00 31.45
N ASP A 56 0.09 15.51 30.37
CA ASP A 56 -0.46 14.71 29.28
C ASP A 56 -1.59 13.77 29.70
N ILE A 57 -2.20 13.98 30.87
CA ILE A 57 -3.34 13.20 31.35
C ILE A 57 -4.42 14.11 31.92
N GLY A 58 -4.40 15.40 31.57
CA GLY A 58 -5.26 16.41 32.14
C GLY A 58 -4.65 17.12 33.33
N ASP A 59 -3.83 16.44 34.11
CA ASP A 59 -3.18 17.05 35.26
C ASP A 59 -2.08 18.01 34.81
N PHE A 60 -1.77 18.98 35.67
CA PHE A 60 -0.73 19.95 35.43
C PHE A 60 -0.12 20.37 36.76
N THR A 61 0.89 21.22 36.69
CA THR A 61 1.64 21.66 37.86
C THR A 61 2.13 23.09 37.63
N VAL A 62 1.60 24.02 38.43
CA VAL A 62 2.04 25.41 38.43
C VAL A 62 3.16 25.53 39.46
N THR A 63 4.38 25.71 38.98
CA THR A 63 5.60 25.56 39.79
C THR A 63 6.40 26.85 39.79
N ASN A 64 6.81 27.28 40.99
CA ASN A 64 7.72 28.40 41.17
C ASN A 64 9.17 27.98 41.38
N ASP A 65 9.40 26.80 41.95
CA ASP A 65 10.74 26.35 42.30
C ASP A 65 11.51 25.94 41.06
N GLY A 66 12.82 26.17 41.08
CA GLY A 66 13.65 25.78 39.95
C GLY A 66 13.89 24.28 39.91
N ALA A 67 13.92 23.63 41.06
CA ALA A 67 14.13 22.18 41.09
C ALA A 67 12.92 21.44 40.55
N THR A 68 11.71 21.93 40.84
CA THR A 68 10.50 21.24 40.40
C THR A 68 10.26 21.45 38.92
N ILE A 69 10.47 22.68 38.42
CA ILE A 69 10.19 22.95 37.01
C ILE A 69 11.20 22.25 36.11
N LEU A 70 12.43 22.06 36.56
CA LEU A 70 13.45 21.31 35.82
C LEU A 70 13.31 19.80 36.00
N SER A 71 12.70 19.34 37.09
CA SER A 71 12.51 17.91 37.28
C SER A 71 11.52 17.35 36.26
N LEU A 72 10.44 18.09 36.00
CA LEU A 72 9.47 17.69 34.98
C LEU A 72 9.98 17.91 33.57
N LEU A 73 10.93 18.83 33.36
CA LEU A 73 11.55 19.05 32.06
C LEU A 73 12.69 18.05 31.92
N ASP A 74 12.39 16.86 31.40
CA ASP A 74 13.40 15.86 31.16
C ASP A 74 14.25 16.26 29.96
N VAL A 75 15.44 16.78 30.22
CA VAL A 75 16.31 17.32 29.18
C VAL A 75 17.09 16.17 28.57
N GLN A 76 16.90 15.96 27.26
CA GLN A 76 17.63 14.92 26.55
C GLN A 76 19.09 15.31 26.30
N HIS A 77 19.39 16.61 26.25
CA HIS A 77 20.76 17.03 25.97
C HIS A 77 21.65 16.72 27.18
N PRO A 78 22.93 16.35 26.98
CA PRO A 78 23.77 16.05 28.15
C PRO A 78 24.11 17.26 29.01
N ALA A 79 24.39 18.40 28.40
CA ALA A 79 24.79 19.58 29.17
C ALA A 79 23.67 20.11 30.04
N GLY A 80 22.41 19.99 29.60
CA GLY A 80 21.29 20.43 30.40
C GLY A 80 21.04 19.54 31.61
N LYS A 81 21.36 18.26 31.52
CA LYS A 81 21.18 17.35 32.66
C LYS A 81 22.07 17.72 33.85
N ILE A 82 23.19 18.40 33.61
CA ILE A 82 24.03 18.84 34.72
C ILE A 82 23.31 19.87 35.56
N LEU A 83 22.67 20.85 34.93
CA LEU A 83 21.92 21.86 35.66
C LEU A 83 20.64 21.31 36.26
N VAL A 84 20.04 20.30 35.62
CA VAL A 84 18.84 19.67 36.17
C VAL A 84 19.17 18.96 37.48
N GLU A 85 20.26 18.19 37.50
CA GLU A 85 20.68 17.52 38.71
C GLU A 85 21.28 18.48 39.74
N LEU A 86 21.77 19.64 39.31
CA LEU A 86 22.28 20.61 40.26
C LEU A 86 21.15 21.21 41.09
N ALA A 87 20.01 21.52 40.45
CA ALA A 87 18.87 22.03 41.19
C ALA A 87 18.31 20.98 42.14
N GLN A 88 18.34 19.70 41.74
CA GLN A 88 17.96 18.64 42.67
C GLN A 88 18.97 18.50 43.80
N GLN A 89 20.23 18.86 43.56
CA GLN A 89 21.21 18.92 44.62
C GLN A 89 21.06 20.18 45.46
N GLN A 90 20.63 21.28 44.82
CA GLN A 90 20.53 22.55 45.53
C GLN A 90 19.38 22.54 46.53
N ASP A 91 18.19 22.12 46.09
CA ASP A 91 17.01 22.20 46.95
C ASP A 91 17.07 21.22 48.11
N ARG A 92 17.75 20.09 47.95
CA ARG A 92 17.86 19.12 49.03
C ARG A 92 18.83 19.61 50.10
N GLU A 93 19.92 20.27 49.69
CA GLU A 93 20.92 20.72 50.64
C GLU A 93 20.46 21.97 51.39
N ILE A 94 20.20 23.05 50.64
CA ILE A 94 19.95 24.37 51.23
C ILE A 94 18.49 24.79 51.10
N GLY A 95 17.81 24.44 50.02
CA GLY A 95 16.41 24.83 49.85
C GLY A 95 16.19 26.28 49.51
N ASP A 96 17.19 26.96 48.92
CA ASP A 96 17.10 28.38 48.61
C ASP A 96 18.07 28.70 47.50
N GLY A 97 17.71 29.69 46.67
CA GLY A 97 18.56 30.08 45.57
C GLY A 97 18.61 29.08 44.44
N THR A 98 17.57 28.28 44.26
CA THR A 98 17.56 27.29 43.19
C THR A 98 17.44 27.95 41.82
N THR A 99 16.74 29.08 41.74
CA THR A 99 16.60 29.80 40.48
C THR A 99 17.87 30.60 40.18
N SER A 100 18.50 31.16 41.21
CA SER A 100 19.66 32.02 41.00
C SER A 100 20.89 31.21 40.59
N VAL A 101 21.06 30.00 41.13
CA VAL A 101 22.25 29.22 40.84
C VAL A 101 22.23 28.74 39.38
N VAL A 102 21.04 28.50 38.83
CA VAL A 102 20.94 28.15 37.41
C VAL A 102 21.17 29.39 36.55
N ILE A 103 20.69 30.55 37.02
CA ILE A 103 20.86 31.79 36.26
C ILE A 103 22.32 32.24 36.32
N ILE A 104 23.00 31.99 37.45
CA ILE A 104 24.41 32.33 37.55
C ILE A 104 25.23 31.44 36.62
N ALA A 105 24.90 30.14 36.58
CA ALA A 105 25.62 29.21 35.72
C ALA A 105 25.40 29.50 34.25
N SER A 106 24.19 29.95 33.89
CA SER A 106 23.91 30.27 32.49
C SER A 106 24.69 31.50 32.04
N GLU A 107 24.76 32.53 32.90
CA GLU A 107 25.50 33.73 32.56
C GLU A 107 27.00 33.46 32.52
N LEU A 108 27.49 32.53 33.35
CA LEU A 108 28.91 32.18 33.30
C LEU A 108 29.26 31.49 31.99
N LEU A 109 28.43 30.53 31.56
CA LEU A 109 28.70 29.84 30.31
C LEU A 109 28.54 30.76 29.11
N LYS A 110 27.70 31.80 29.22
CA LYS A 110 27.62 32.81 28.16
C LYS A 110 28.95 33.53 28.00
N ARG A 111 29.42 34.17 29.08
CA ARG A 111 30.65 34.95 29.00
C ARG A 111 31.90 34.09 28.91
N ALA A 112 31.86 32.86 29.43
CA ALA A 112 32.98 31.95 29.28
C ALA A 112 33.16 31.56 27.82
N ASN A 113 32.06 31.30 27.11
CA ASN A 113 32.14 31.01 25.69
C ASN A 113 32.62 32.22 24.90
N GLU A 114 32.24 33.43 25.33
CA GLU A 114 32.75 34.63 24.68
C GLU A 114 34.25 34.80 24.92
N LEU A 115 34.74 34.41 26.10
CA LEU A 115 36.16 34.51 26.39
C LEU A 115 36.97 33.46 25.62
N VAL A 116 36.40 32.28 25.39
CA VAL A 116 37.09 31.28 24.58
C VAL A 116 37.22 31.76 23.14
N LYS A 117 36.21 32.48 22.65
CA LYS A 117 36.30 33.10 21.33
C LYS A 117 37.29 34.27 21.32
N ASN A 118 37.59 34.86 22.47
CA ASN A 118 38.62 35.88 22.59
C ASN A 118 40.04 35.30 22.70
N LYS A 119 40.20 33.98 22.54
CA LYS A 119 41.51 33.32 22.42
C LYS A 119 42.31 33.36 23.71
N ILE A 120 41.67 33.11 24.85
CA ILE A 120 42.33 32.73 26.10
C ILE A 120 41.88 31.33 26.47
N HIS A 121 42.80 30.56 27.09
CA HIS A 121 42.50 29.14 27.30
C HIS A 121 41.46 28.98 28.41
N PRO A 122 40.64 27.90 28.41
CA PRO A 122 39.71 27.73 29.54
C PRO A 122 40.40 27.46 30.87
N THR A 123 41.62 26.91 30.86
CA THR A 123 42.33 26.68 32.11
C THR A 123 42.68 27.99 32.81
N THR A 124 43.07 29.01 32.05
CA THR A 124 43.29 30.33 32.63
C THR A 124 41.98 30.96 33.08
N ILE A 125 40.89 30.68 32.36
CA ILE A 125 39.59 31.22 32.72
C ILE A 125 39.11 30.60 34.03
N ILE A 126 39.32 29.29 34.20
CA ILE A 126 38.91 28.61 35.42
C ILE A 126 39.75 29.07 36.59
N THR A 127 41.04 29.30 36.36
CA THR A 127 41.90 29.82 37.42
C THR A 127 41.49 31.24 37.82
N GLY A 128 40.98 32.01 36.87
CA GLY A 128 40.51 33.35 37.20
C GLY A 128 39.26 33.33 38.05
N PHE A 129 38.39 32.34 37.84
CA PHE A 129 37.16 32.25 38.63
C PHE A 129 37.45 31.74 40.04
N ARG A 130 38.38 30.80 40.18
CA ARG A 130 38.67 30.23 41.49
C ARG A 130 39.34 31.22 42.42
N VAL A 131 40.32 31.98 41.91
CA VAL A 131 40.95 33.01 42.73
C VAL A 131 39.95 34.14 43.02
N ALA A 132 39.01 34.39 42.11
CA ALA A 132 38.00 35.40 42.36
C ALA A 132 36.98 34.93 43.39
N LEU A 133 36.58 33.66 43.31
CA LEU A 133 35.62 33.13 44.27
C LEU A 133 36.23 33.00 45.67
N ARG A 134 37.52 32.69 45.76
CA ARG A 134 38.18 32.63 47.05
C ARG A 134 38.22 33.98 47.73
N GLU A 135 38.35 35.06 46.94
CA GLU A 135 38.24 36.41 47.48
C GLU A 135 36.78 36.80 47.73
N ALA A 136 35.85 36.22 46.97
CA ALA A 136 34.44 36.53 47.18
C ALA A 136 33.95 35.98 48.51
N ILE A 137 34.30 34.73 48.84
CA ILE A 137 33.92 34.16 50.13
C ILE A 137 34.61 34.90 51.26
N ARG A 138 35.83 35.37 51.03
CA ARG A 138 36.49 36.21 52.01
C ARG A 138 35.77 37.54 52.19
N PHE A 139 35.18 38.07 51.11
CA PHE A 139 34.41 39.30 51.20
C PHE A 139 33.04 39.08 51.83
N ILE A 140 32.46 37.89 51.65
CA ILE A 140 31.18 37.56 52.29
C ILE A 140 31.35 37.54 53.80
N ASN A 141 32.51 37.10 54.29
CA ASN A 141 32.77 37.10 55.71
C ASN A 141 32.89 38.52 56.27
N GLU A 142 33.32 39.48 55.43
CA GLU A 142 33.46 40.85 55.90
C GLU A 142 32.11 41.54 56.09
N VAL A 143 31.13 41.24 55.23
CA VAL A 143 29.85 41.94 55.22
C VAL A 143 28.80 41.23 56.07
N LEU A 144 29.23 40.34 56.97
CA LEU A 144 28.28 39.69 57.86
C LEU A 144 27.74 40.69 58.88
N SER A 145 26.58 40.35 59.44
CA SER A 145 25.92 41.19 60.43
C SER A 145 25.26 40.30 61.47
N THR A 146 25.68 40.44 62.73
CA THR A 146 25.14 39.65 63.83
C THR A 146 23.86 40.30 64.34
N SER A 147 22.84 39.49 64.56
CA SER A 147 21.57 39.99 65.08
C SER A 147 21.75 40.46 66.51
N VAL A 148 21.44 41.73 66.77
CA VAL A 148 21.58 42.31 68.10
C VAL A 148 20.64 43.50 68.21
N ASP A 149 20.14 43.73 69.44
CA ASP A 149 19.21 44.82 69.73
C ASP A 149 17.92 44.70 68.91
N THR A 150 17.40 43.47 68.83
CA THR A 150 16.17 43.16 68.11
C THR A 150 15.11 42.67 69.10
N LEU A 151 13.90 43.20 68.96
CA LEU A 151 12.81 42.91 69.90
C LEU A 151 12.13 41.61 69.50
N GLY A 152 12.34 40.57 70.30
CA GLY A 152 11.65 39.31 70.11
C GLY A 152 12.08 38.56 68.86
N LYS A 153 11.11 37.99 68.14
CA LYS A 153 11.34 37.15 66.98
C LYS A 153 11.27 37.93 65.66
N GLU A 154 11.62 39.22 65.70
CA GLU A 154 11.49 40.05 64.50
C GLU A 154 12.50 39.66 63.43
N THR A 155 13.71 39.24 63.84
CA THR A 155 14.73 38.85 62.87
C THR A 155 14.35 37.57 62.14
N LEU A 156 13.65 36.67 62.83
CA LEU A 156 13.18 35.44 62.19
C LEU A 156 11.92 35.69 61.35
N ILE A 157 11.14 36.72 61.70
CA ILE A 157 9.93 37.03 60.93
C ILE A 157 10.30 37.66 59.59
N ASN A 158 11.02 38.77 59.61
CA ASN A 158 11.32 39.51 58.38
C ASN A 158 12.23 38.74 57.42
N ILE A 159 13.10 37.86 57.92
CA ILE A 159 13.91 37.04 57.04
C ILE A 159 13.07 35.96 56.35
N ALA A 160 11.97 35.52 56.97
CA ALA A 160 11.08 34.57 56.32
C ALA A 160 10.28 35.23 55.20
N LYS A 161 10.02 36.54 55.31
CA LYS A 161 9.29 37.25 54.27
C LYS A 161 10.06 37.24 52.94
N THR A 162 11.39 37.24 52.99
CA THR A 162 12.18 37.18 51.76
C THR A 162 11.98 35.85 51.05
N SER A 163 11.97 34.74 51.80
CA SER A 163 11.68 33.43 51.23
C SER A 163 10.20 33.24 50.93
N MET A 164 9.32 33.84 51.73
CA MET A 164 7.89 33.75 51.48
C MET A 164 7.48 34.49 50.22
N SER A 165 8.24 35.51 49.82
CA SER A 165 7.93 36.25 48.60
C SER A 165 8.22 35.38 47.37
N SER A 166 7.91 35.92 46.20
CA SER A 166 7.99 35.23 44.92
C SER A 166 7.06 34.02 44.86
N LYS A 167 5.96 34.04 45.60
CA LYS A 167 4.96 32.97 45.65
C LYS A 167 3.57 33.60 45.62
N ILE A 168 2.54 32.75 45.65
CA ILE A 168 1.17 33.24 45.77
C ILE A 168 0.86 33.74 47.18
N ILE A 169 1.54 33.19 48.20
CA ILE A 169 1.25 33.50 49.61
C ILE A 169 2.16 34.61 50.14
N GLY A 170 2.82 35.37 49.26
CA GLY A 170 3.61 36.50 49.72
C GLY A 170 2.78 37.64 50.26
N ALA A 171 1.55 37.81 49.77
CA ALA A 171 0.66 38.83 50.30
C ALA A 171 0.25 38.50 51.73
N ASP A 172 0.06 37.21 52.03
CA ASP A 172 -0.25 36.74 53.37
C ASP A 172 0.99 36.44 54.21
N SER A 173 2.14 37.02 53.86
CA SER A 173 3.38 36.74 54.60
C SER A 173 3.32 37.27 56.03
N ASP A 174 2.49 38.29 56.27
CA ASP A 174 2.32 38.80 57.63
C ASP A 174 1.70 37.77 58.55
N PHE A 175 0.83 36.90 58.02
CA PHE A 175 0.18 35.87 58.82
C PHE A 175 0.99 34.59 58.90
N PHE A 176 1.62 34.16 57.80
CA PHE A 176 2.37 32.92 57.77
C PHE A 176 3.75 33.02 58.40
N SER A 177 4.31 34.23 58.50
CA SER A 177 5.66 34.37 59.06
C SER A 177 5.68 34.03 60.54
N ASN A 178 4.59 34.32 61.27
CA ASN A 178 4.54 33.99 62.69
C ASN A 178 4.48 32.49 62.92
N MET A 179 3.53 31.82 62.28
CA MET A 179 3.36 30.38 62.48
C MET A 179 4.53 29.56 61.95
N VAL A 180 5.22 30.04 60.90
CA VAL A 180 6.38 29.30 60.39
C VAL A 180 7.53 29.34 61.39
N VAL A 181 7.75 30.51 62.01
CA VAL A 181 8.79 30.62 63.02
C VAL A 181 8.40 29.84 64.28
N ASP A 182 7.12 29.94 64.67
CA ASP A 182 6.65 29.20 65.84
C ASP A 182 6.67 27.69 65.61
N ALA A 183 6.59 27.23 64.36
CA ALA A 183 6.58 25.80 64.09
C ALA A 183 7.96 25.18 64.34
N LEU A 184 9.02 25.83 63.86
CA LEU A 184 10.37 25.30 64.02
C LEU A 184 10.87 25.36 65.45
N LEU A 185 10.43 26.33 66.25
CA LEU A 185 10.74 26.37 67.66
C LEU A 185 10.00 25.31 68.46
N ALA A 186 8.93 24.74 67.92
CA ALA A 186 8.19 23.68 68.60
C ALA A 186 8.82 22.31 68.43
N VAL A 187 9.57 22.07 67.35
CA VAL A 187 10.21 20.79 67.08
C VAL A 187 11.71 20.82 67.44
N LYS A 188 12.11 21.71 68.35
CA LYS A 188 13.51 21.78 68.77
C LYS A 188 13.89 20.53 69.54
N THR A 189 15.12 20.05 69.32
CA THR A 189 15.64 18.86 69.98
C THR A 189 17.12 19.06 70.25
N GLN A 190 17.75 18.02 70.79
CA GLN A 190 19.17 18.02 71.14
C GLN A 190 19.83 16.80 70.52
N ASN A 191 21.03 17.00 69.96
CA ASN A 191 21.76 15.92 69.32
C ASN A 191 23.23 16.30 69.27
N SER A 192 24.08 15.26 69.26
CA SER A 192 25.54 15.41 69.18
C SER A 192 26.10 16.20 70.37
N LYS A 193 25.49 16.03 71.55
CA LYS A 193 25.94 16.64 72.80
C LYS A 193 25.94 18.17 72.71
N GLY A 194 24.74 18.72 72.54
CA GLY A 194 24.51 20.15 72.60
C GLY A 194 24.30 20.84 71.27
N GLU A 195 24.58 20.18 70.14
CA GLU A 195 24.37 20.78 68.83
C GLU A 195 22.88 20.80 68.52
N ILE A 196 22.37 21.98 68.20
CA ILE A 196 20.95 22.18 67.93
C ILE A 196 20.68 21.79 66.48
N LYS A 197 19.74 20.87 66.29
CA LYS A 197 19.29 20.46 64.97
C LYS A 197 17.79 20.26 64.99
N TYR A 198 17.16 20.42 63.82
CA TYR A 198 15.73 20.20 63.60
C TYR A 198 15.54 19.13 62.53
N PRO A 199 14.48 18.30 62.59
CA PRO A 199 14.37 17.20 61.63
C PRO A 199 13.84 17.67 60.29
N VAL A 200 14.14 16.89 59.26
CA VAL A 200 13.69 17.20 57.91
C VAL A 200 12.23 16.79 57.76
N LYS A 201 11.45 17.68 57.14
CA LYS A 201 10.00 17.54 56.91
C LYS A 201 9.25 17.09 58.15
N ALA A 202 9.62 17.67 59.30
CA ALA A 202 8.97 17.31 60.55
C ALA A 202 7.54 17.85 60.60
N VAL A 203 7.32 19.08 60.16
CA VAL A 203 5.98 19.64 60.10
C VAL A 203 5.21 19.00 58.95
N ASN A 204 3.94 18.72 59.20
CA ASN A 204 3.06 18.08 58.23
C ASN A 204 2.38 19.13 57.37
N VAL A 205 1.87 18.67 56.23
CA VAL A 205 1.06 19.47 55.32
C VAL A 205 -0.16 18.66 54.93
N LEU A 206 -1.34 19.23 55.15
CA LEU A 206 -2.63 18.60 54.88
C LEU A 206 -3.37 19.43 53.85
N LYS A 207 -3.79 18.78 52.77
CA LYS A 207 -4.43 19.46 51.64
C LYS A 207 -5.92 19.50 51.93
N ALA A 208 -6.39 20.66 52.37
CA ALA A 208 -7.81 20.90 52.68
C ALA A 208 -8.23 22.19 52.00
N HIS A 209 -8.62 22.10 50.73
CA HIS A 209 -9.22 23.23 50.03
C HIS A 209 -10.51 23.63 50.74
N GLY A 210 -10.72 24.92 50.90
CA GLY A 210 -11.81 25.40 51.73
C GLY A 210 -11.83 26.92 51.83
N LYS A 211 -11.83 27.40 53.07
CA LYS A 211 -12.17 28.78 53.45
C LYS A 211 -11.19 29.76 52.80
N SER A 212 -9.92 29.79 53.20
CA SER A 212 -8.95 30.74 52.66
C SER A 212 -7.59 30.46 53.28
N ALA A 213 -6.55 31.05 52.69
CA ALA A 213 -5.21 30.98 53.26
C ALA A 213 -5.04 31.89 54.47
N THR A 214 -5.87 32.92 54.62
CA THR A 214 -5.72 33.83 55.76
C THR A 214 -6.09 33.15 57.06
N GLU A 215 -7.10 32.27 57.04
CA GLU A 215 -7.61 31.61 58.23
C GLU A 215 -6.95 30.25 58.49
N SER A 216 -5.69 30.08 58.07
CA SER A 216 -4.98 28.84 58.36
C SER A 216 -4.71 28.73 59.85
N LEU A 217 -5.23 27.67 60.46
CA LEU A 217 -5.17 27.48 61.91
C LEU A 217 -3.89 26.74 62.28
N LEU A 218 -3.11 27.33 63.18
CA LEU A 218 -1.91 26.69 63.74
C LEU A 218 -2.33 25.85 64.93
N VAL A 219 -2.40 24.54 64.73
CA VAL A 219 -2.72 23.60 65.80
C VAL A 219 -1.43 23.30 66.56
N PRO A 220 -1.28 23.75 67.84
CA PRO A 220 -0.01 23.48 68.53
C PRO A 220 0.14 22.01 68.91
N GLY A 221 0.53 21.20 67.94
CA GLY A 221 0.69 19.77 68.17
C GLY A 221 0.80 19.03 66.85
N TYR A 222 0.76 17.71 66.96
CA TYR A 222 0.92 16.82 65.81
C TYR A 222 -0.43 16.56 65.16
N ALA A 223 -0.42 16.45 63.84
CA ALA A 223 -1.60 16.15 63.03
C ALA A 223 -1.28 14.97 62.12
N LEU A 224 -2.27 14.10 61.90
CA LEU A 224 -2.12 12.89 61.11
C LEU A 224 -3.35 12.71 60.24
N ASN A 225 -3.12 12.38 58.96
CA ASN A 225 -4.19 12.18 57.98
C ASN A 225 -4.49 10.69 57.91
N CYS A 226 -5.54 10.27 58.63
CA CYS A 226 -5.95 8.88 58.67
C CYS A 226 -7.45 8.80 58.91
N THR A 227 -8.06 7.77 58.34
CA THR A 227 -9.48 7.50 58.49
C THR A 227 -9.71 6.62 59.71
N VAL A 228 -10.86 6.80 60.34
CA VAL A 228 -11.23 6.00 61.51
C VAL A 228 -11.47 4.57 61.08
N ALA A 229 -11.10 3.62 61.94
CA ALA A 229 -11.28 2.21 61.63
C ALA A 229 -12.76 1.84 61.61
N SER A 230 -13.44 2.04 62.74
CA SER A 230 -14.88 1.82 62.88
C SER A 230 -15.56 3.14 63.19
N GLN A 231 -16.67 3.39 62.50
CA GLN A 231 -17.39 4.65 62.66
C GLN A 231 -18.14 4.75 64.00
N ALA A 232 -18.34 3.64 64.70
CA ALA A 232 -18.96 3.67 66.01
C ALA A 232 -18.03 4.17 67.12
N MET A 233 -16.73 4.31 66.86
CA MET A 233 -15.81 4.75 67.88
C MET A 233 -16.05 6.22 68.22
N PRO A 234 -15.66 6.69 69.41
CA PRO A 234 -15.86 8.10 69.73
C PRO A 234 -14.80 8.98 69.08
N LYS A 235 -15.26 10.10 68.51
CA LYS A 235 -14.40 11.04 67.81
C LYS A 235 -13.77 12.09 68.71
N ARG A 236 -14.03 12.06 70.03
CA ARG A 236 -13.47 13.03 70.96
C ARG A 236 -13.28 12.34 72.30
N ILE A 237 -12.03 12.28 72.76
CA ILE A 237 -11.66 11.68 74.05
C ILE A 237 -11.49 12.81 75.04
N ALA A 238 -12.34 12.83 76.06
CA ALA A 238 -12.32 13.87 77.09
C ALA A 238 -11.35 13.47 78.20
N GLY A 239 -10.95 14.46 78.99
CA GLY A 239 -10.05 14.26 80.10
C GLY A 239 -8.60 14.35 79.68
N GLY A 240 -7.79 14.94 80.57
CA GLY A 240 -6.37 15.10 80.30
C GLY A 240 -5.58 13.82 80.52
N ASN A 241 -4.30 13.89 80.17
CA ASN A 241 -3.37 12.77 80.29
C ASN A 241 -3.84 11.56 79.48
N VAL A 242 -4.08 11.83 78.19
CA VAL A 242 -4.50 10.78 77.27
C VAL A 242 -3.26 10.00 76.85
N LYS A 243 -3.30 8.68 77.07
CA LYS A 243 -2.16 7.82 76.78
C LYS A 243 -2.23 7.32 75.34
N ILE A 244 -1.11 7.47 74.63
CA ILE A 244 -0.98 7.10 73.21
C ILE A 244 -0.02 5.91 73.14
N ALA A 245 -0.45 4.86 72.44
CA ALA A 245 0.34 3.64 72.27
C ALA A 245 0.72 3.50 70.80
N CYS A 246 2.00 3.66 70.51
CA CYS A 246 2.54 3.52 69.16
C CYS A 246 3.07 2.10 68.97
N LEU A 247 2.65 1.45 67.88
CA LEU A 247 3.00 0.07 67.57
C LEU A 247 3.27 -0.06 66.08
N ASP A 248 3.70 -1.26 65.72
CA ASP A 248 3.94 -1.60 64.33
C ASP A 248 3.64 -3.07 64.36
N LEU A 249 2.58 -3.49 65.05
CA LEU A 249 2.26 -4.88 65.15
C LEU A 249 0.90 -5.10 64.55
N ASN A 250 0.68 -6.17 63.78
CA ASN A 250 -0.62 -6.31 63.13
C ASN A 250 -1.72 -6.90 64.01
N LEU A 251 -2.95 -6.38 63.99
CA LEU A 251 -3.94 -7.08 64.82
C LEU A 251 -5.03 -7.57 63.88
N GLN A 252 -4.80 -8.75 63.29
CA GLN A 252 -5.68 -9.36 62.31
C GLN A 252 -5.76 -10.85 62.59
N LYS A 253 -6.47 -11.58 61.73
CA LYS A 253 -6.51 -13.04 61.79
C LYS A 253 -5.17 -13.54 61.27
N ALA A 254 -4.20 -13.63 62.18
CA ALA A 254 -2.82 -13.88 61.80
C ALA A 254 -2.63 -15.30 61.29
N ARG A 255 -1.64 -15.46 60.41
CA ARG A 255 -1.27 -16.74 59.81
C ARG A 255 0.06 -17.21 60.37
N MET A 256 0.24 -18.53 60.37
CA MET A 256 1.49 -19.13 60.81
C MET A 256 2.57 -18.93 59.74
N ALA A 257 3.82 -19.19 60.12
CA ALA A 257 4.95 -18.97 59.24
C ALA A 257 4.88 -19.90 58.02
N MET A 258 5.82 -19.67 57.08
CA MET A 258 5.76 -20.33 55.79
C MET A 258 6.07 -21.82 55.90
N GLY A 259 7.04 -22.18 56.72
CA GLY A 259 7.52 -23.54 56.79
C GLY A 259 6.75 -24.48 57.71
N VAL A 260 5.51 -24.12 58.06
CA VAL A 260 4.66 -24.92 58.94
C VAL A 260 3.53 -25.51 58.11
N GLN A 261 3.43 -26.83 58.11
CA GLN A 261 2.35 -27.57 57.47
C GLN A 261 1.68 -28.44 58.53
N ILE A 262 0.47 -28.05 58.94
CA ILE A 262 -0.26 -28.77 59.97
C ILE A 262 -0.71 -30.11 59.39
N ASN A 263 -0.53 -31.17 60.18
CA ASN A 263 -1.01 -32.51 59.83
C ASN A 263 -1.46 -33.20 61.10
N ILE A 264 -2.75 -33.54 61.18
CA ILE A 264 -3.37 -34.12 62.36
C ILE A 264 -4.15 -35.37 61.96
N ASP A 265 -4.17 -36.35 62.86
CA ASP A 265 -4.94 -37.58 62.70
C ASP A 265 -6.30 -37.52 63.39
N ASP A 266 -6.46 -36.67 64.41
CA ASP A 266 -7.68 -36.60 65.21
C ASP A 266 -8.59 -35.52 64.63
N PRO A 267 -9.88 -35.81 64.35
CA PRO A 267 -10.73 -34.73 63.81
C PRO A 267 -11.03 -33.62 64.80
N GLU A 268 -11.09 -33.91 66.10
CA GLU A 268 -11.55 -32.94 67.08
C GLU A 268 -10.58 -31.80 67.34
N GLN A 269 -9.35 -31.87 66.81
CA GLN A 269 -8.38 -30.80 67.03
C GLN A 269 -8.66 -29.54 66.24
N LEU A 270 -9.55 -29.58 65.24
CA LEU A 270 -9.82 -28.40 64.43
C LEU A 270 -10.54 -27.33 65.24
N GLU A 271 -11.32 -27.73 66.24
CA GLU A 271 -11.99 -26.74 67.08
C GLU A 271 -10.99 -25.92 67.87
N GLN A 272 -10.01 -26.58 68.49
CA GLN A 272 -9.03 -25.87 69.30
C GLN A 272 -8.02 -25.12 68.43
N ILE A 273 -7.64 -25.70 67.29
CA ILE A 273 -6.64 -25.08 66.44
C ILE A 273 -7.19 -23.80 65.81
N ARG A 274 -8.45 -23.84 65.37
CA ARG A 274 -9.05 -22.65 64.76
C ARG A 274 -9.27 -21.54 65.77
N LYS A 275 -9.56 -21.89 67.03
CA LYS A 275 -9.74 -20.89 68.07
C LYS A 275 -8.40 -20.39 68.61
N ARG A 276 -7.42 -21.28 68.77
CA ARG A 276 -6.11 -20.85 69.27
C ARG A 276 -5.37 -20.02 68.24
N GLU A 277 -5.56 -20.31 66.94
CA GLU A 277 -4.93 -19.51 65.90
C GLU A 277 -5.43 -18.08 65.90
N ALA A 278 -6.72 -17.86 66.19
CA ALA A 278 -7.26 -16.53 66.34
C ALA A 278 -7.00 -15.98 67.74
N GLY A 279 -7.11 -16.84 68.76
CA GLY A 279 -6.92 -16.42 70.14
C GLY A 279 -5.51 -16.04 70.51
N ILE A 280 -4.51 -16.43 69.71
CA ILE A 280 -3.14 -16.01 69.98
C ILE A 280 -2.99 -14.51 69.80
N VAL A 281 -3.77 -13.92 68.89
CA VAL A 281 -3.76 -12.47 68.71
C VAL A 281 -4.52 -11.76 69.84
N LEU A 282 -5.51 -12.44 70.44
CA LEU A 282 -6.26 -11.83 71.54
C LEU A 282 -5.38 -11.63 72.77
N GLU A 283 -4.37 -12.49 72.97
CA GLU A 283 -3.46 -12.31 74.09
C GLU A 283 -2.63 -11.03 73.96
N ARG A 284 -2.38 -10.59 72.72
CA ARG A 284 -1.64 -9.34 72.52
C ARG A 284 -2.52 -8.13 72.80
N VAL A 285 -3.78 -8.16 72.36
CA VAL A 285 -4.67 -7.01 72.51
C VAL A 285 -5.36 -6.96 73.86
N LYS A 286 -5.51 -8.10 74.56
CA LYS A 286 -6.10 -8.07 75.88
C LYS A 286 -5.18 -7.40 76.89
N LYS A 287 -3.86 -7.46 76.68
CA LYS A 287 -2.92 -6.83 77.60
C LYS A 287 -2.84 -5.32 77.44
N ILE A 288 -2.95 -4.81 76.21
CA ILE A 288 -2.90 -3.37 75.97
C ILE A 288 -4.24 -2.69 76.26
N ILE A 289 -5.35 -3.41 76.17
CA ILE A 289 -6.63 -2.84 76.57
C ILE A 289 -6.68 -2.65 78.08
N ASP A 290 -6.17 -3.62 78.84
CA ASP A 290 -6.13 -3.49 80.29
C ASP A 290 -5.15 -2.41 80.74
N ALA A 291 -4.14 -2.08 79.93
CA ALA A 291 -3.22 -1.01 80.25
C ALA A 291 -3.87 0.38 80.15
N GLY A 292 -5.02 0.51 79.51
CA GLY A 292 -5.72 1.78 79.43
C GLY A 292 -5.32 2.65 78.27
N ALA A 293 -4.88 2.05 77.16
CA ALA A 293 -4.52 2.82 75.97
C ALA A 293 -5.79 3.40 75.36
N GLN A 294 -6.00 4.70 75.55
CA GLN A 294 -7.22 5.34 75.08
C GLN A 294 -7.25 5.44 73.56
N VAL A 295 -6.09 5.66 72.95
CA VAL A 295 -5.95 5.79 71.50
C VAL A 295 -4.69 5.04 71.09
N VAL A 296 -4.87 3.94 70.36
CA VAL A 296 -3.77 3.10 69.88
C VAL A 296 -3.38 3.55 68.48
N LEU A 297 -2.08 3.55 68.21
CA LEU A 297 -1.51 3.84 66.90
C LEU A 297 -0.76 2.61 66.41
N THR A 298 -0.87 2.33 65.11
CA THR A 298 -0.24 1.16 64.52
C THR A 298 0.05 1.43 63.05
N THR A 299 1.04 0.76 62.48
CA THR A 299 1.28 0.90 61.06
C THR A 299 0.36 -0.05 60.36
N LYS A 300 0.46 -1.33 60.65
CA LYS A 300 -0.36 -2.29 59.96
C LYS A 300 -1.78 -2.27 60.43
N GLY A 301 -2.75 -2.44 59.56
CA GLY A 301 -4.18 -2.32 59.80
C GLY A 301 -4.68 -3.24 60.90
N ILE A 302 -5.98 -3.13 61.16
CA ILE A 302 -6.68 -3.91 62.18
C ILE A 302 -7.96 -4.44 61.53
N ASP A 303 -8.11 -5.76 61.53
CA ASP A 303 -9.32 -6.37 60.99
C ASP A 303 -10.47 -6.27 61.99
N ASP A 304 -11.67 -6.58 61.51
CA ASP A 304 -12.89 -6.41 62.29
C ASP A 304 -12.98 -7.35 63.50
N LEU A 305 -12.16 -8.40 63.56
CA LEU A 305 -12.23 -9.32 64.70
C LEU A 305 -11.81 -8.64 66.00
N CYS A 306 -10.82 -7.74 65.94
CA CYS A 306 -10.31 -7.03 67.10
C CYS A 306 -10.94 -5.65 67.30
N LEU A 307 -11.67 -5.12 66.30
CA LEU A 307 -12.33 -3.84 66.46
C LEU A 307 -13.54 -3.88 67.39
N LYS A 308 -14.03 -5.07 67.75
CA LYS A 308 -15.15 -5.15 68.68
C LYS A 308 -14.77 -4.63 70.06
N GLU A 309 -13.65 -5.10 70.61
CA GLU A 309 -13.23 -4.70 71.94
C GLU A 309 -12.88 -3.22 72.02
N PHE A 310 -12.38 -2.63 70.94
CA PHE A 310 -12.11 -1.20 70.93
C PHE A 310 -13.42 -0.41 70.95
N VAL A 311 -14.44 -0.87 70.22
CA VAL A 311 -15.74 -0.21 70.26
C VAL A 311 -16.40 -0.42 71.63
N GLU A 312 -16.25 -1.61 72.20
CA GLU A 312 -16.80 -1.87 73.53
C GLU A 312 -16.06 -1.14 74.63
N ALA A 313 -14.73 -1.03 74.52
CA ALA A 313 -13.91 -0.33 75.51
C ALA A 313 -13.70 1.14 75.17
N LYS A 314 -14.30 1.66 74.09
CA LYS A 314 -14.18 3.06 73.70
C LYS A 314 -12.72 3.44 73.41
N ILE A 315 -12.11 2.72 72.47
CA ILE A 315 -10.73 2.93 72.05
C ILE A 315 -10.75 3.28 70.56
N MET A 316 -9.93 4.27 70.19
CA MET A 316 -9.85 4.70 68.80
C MET A 316 -8.85 3.84 68.03
N GLY A 317 -9.26 3.40 66.85
CA GLY A 317 -8.43 2.57 65.97
C GLY A 317 -7.82 3.42 64.86
N VAL A 318 -6.71 2.94 64.31
CA VAL A 318 -5.99 3.62 63.25
C VAL A 318 -5.60 2.58 62.20
N ARG A 319 -5.84 2.90 60.93
CA ARG A 319 -5.57 2.05 59.79
C ARG A 319 -4.17 2.35 59.25
N ARG A 320 -3.88 1.90 58.03
CA ARG A 320 -2.55 2.04 57.42
C ARG A 320 -2.08 3.49 57.38
N CYS A 321 -0.77 3.67 57.51
CA CYS A 321 -0.15 4.99 57.48
C CYS A 321 1.30 4.83 57.10
N LYS A 322 2.00 5.96 56.96
CA LYS A 322 3.42 5.94 56.66
C LYS A 322 4.22 5.52 57.90
N LYS A 323 5.42 5.01 57.66
CA LYS A 323 6.26 4.52 58.75
C LYS A 323 6.94 5.66 59.50
N GLU A 324 7.17 6.80 58.85
CA GLU A 324 7.95 7.88 59.46
C GLU A 324 7.12 8.76 60.39
N ASP A 325 5.81 8.89 60.16
CA ASP A 325 5.01 9.80 60.99
C ASP A 325 4.84 9.28 62.40
N LEU A 326 4.83 7.96 62.60
CA LEU A 326 4.67 7.40 63.94
C LEU A 326 5.90 7.58 64.79
N ARG A 327 7.08 7.76 64.19
CA ARG A 327 8.28 8.00 64.97
C ARG A 327 8.21 9.32 65.70
N ARG A 328 7.72 10.37 65.03
CA ARG A 328 7.65 11.69 65.66
C ARG A 328 6.50 11.77 66.65
N ILE A 329 5.45 10.98 66.48
CA ILE A 329 4.39 10.93 67.47
C ILE A 329 4.91 10.32 68.77
N ALA A 330 5.75 9.29 68.67
CA ALA A 330 6.33 8.69 69.86
C ALA A 330 7.30 9.65 70.54
N ARG A 331 8.04 10.43 69.76
CA ARG A 331 8.96 11.41 70.35
C ARG A 331 8.21 12.52 71.06
N ALA A 332 7.10 13.00 70.48
CA ALA A 332 6.36 14.09 71.10
C ALA A 332 5.59 13.62 72.32
N THR A 333 4.83 12.54 72.17
CA THR A 333 4.05 12.00 73.29
C THR A 333 4.90 11.25 74.32
N GLY A 334 6.15 10.91 73.99
CA GLY A 334 7.02 10.20 74.89
C GLY A 334 6.95 8.68 74.80
N ALA A 335 6.19 8.14 73.84
CA ALA A 335 6.11 6.69 73.68
C ALA A 335 7.38 6.15 73.01
N THR A 336 7.40 4.84 72.80
CA THR A 336 8.50 4.15 72.15
C THR A 336 7.93 3.24 71.07
N LEU A 337 8.43 3.39 69.84
CA LEU A 337 7.95 2.60 68.72
C LEU A 337 8.44 1.16 68.87
N VAL A 338 7.50 0.23 68.96
CA VAL A 338 7.78 -1.19 69.16
C VAL A 338 7.56 -1.91 67.84
N SER A 339 8.62 -2.49 67.30
CA SER A 339 8.50 -3.29 66.09
C SER A 339 7.81 -4.62 66.36
N SER A 340 8.12 -5.24 67.51
CA SER A 340 7.52 -6.50 67.91
C SER A 340 7.52 -6.56 69.43
N MET A 341 6.33 -6.69 70.01
CA MET A 341 6.20 -6.72 71.47
C MET A 341 6.81 -8.01 72.03
N SER A 342 7.66 -7.85 73.03
CA SER A 342 8.32 -8.98 73.67
C SER A 342 8.94 -8.50 74.98
N ASN A 343 9.73 -9.36 75.60
CA ASN A 343 10.40 -9.04 76.85
C ASN A 343 11.67 -9.89 76.95
N LEU A 344 12.63 -9.38 77.72
CA LEU A 344 13.89 -10.11 77.91
C LEU A 344 13.68 -11.41 78.67
N GLU A 345 12.67 -11.46 79.55
CA GLU A 345 12.35 -12.68 80.28
C GLU A 345 11.66 -13.68 79.35
N GLY A 346 11.35 -14.86 79.88
CA GLY A 346 10.72 -15.93 79.13
C GLY A 346 9.22 -15.87 79.03
N GLU A 347 8.61 -14.70 79.17
CA GLU A 347 7.16 -14.53 79.07
C GLU A 347 6.85 -13.18 78.45
N GLU A 348 5.83 -13.16 77.59
CA GLU A 348 5.41 -11.92 76.96
C GLU A 348 4.66 -11.04 77.95
N THR A 349 4.79 -9.73 77.78
CA THR A 349 4.13 -8.77 78.65
C THR A 349 4.06 -7.43 77.94
N PHE A 350 3.42 -6.47 78.60
CA PHE A 350 3.29 -5.10 78.11
C PHE A 350 3.42 -4.15 79.28
N GLU A 351 4.42 -3.27 79.22
CA GLU A 351 4.73 -2.33 80.30
C GLU A 351 4.01 -1.01 80.08
N SER A 352 3.89 -0.26 81.17
CA SER A 352 3.26 1.06 81.13
C SER A 352 4.20 2.15 80.63
N SER A 353 5.52 1.94 80.66
CA SER A 353 6.46 2.94 80.21
C SER A 353 6.39 3.20 78.71
N TYR A 354 5.87 2.28 77.92
CA TYR A 354 5.76 2.46 76.48
C TYR A 354 4.64 3.43 76.08
N LEU A 355 3.78 3.83 76.99
CA LEU A 355 2.66 4.71 76.67
C LEU A 355 3.12 6.16 76.61
N GLY A 356 2.51 6.93 75.70
CA GLY A 356 2.76 8.35 75.58
C GLY A 356 1.87 9.16 76.51
N LEU A 357 1.91 10.47 76.33
CA LEU A 357 1.11 11.41 77.11
C LEU A 357 0.78 12.62 76.27
N CYS A 358 -0.50 12.99 76.25
CA CYS A 358 -0.94 14.23 75.60
C CYS A 358 -2.18 14.72 76.32
N ASP A 359 -2.49 16.00 76.11
CA ASP A 359 -3.58 16.65 76.84
C ASP A 359 -4.94 16.33 76.22
N GLU A 360 -5.03 16.42 74.89
CA GLU A 360 -6.30 16.27 74.19
C GLU A 360 -6.06 15.68 72.81
N VAL A 361 -7.02 14.88 72.35
CA VAL A 361 -7.03 14.31 71.01
C VAL A 361 -8.45 14.37 70.47
N VAL A 362 -8.59 14.72 69.20
CA VAL A 362 -9.90 14.90 68.59
C VAL A 362 -9.76 14.73 67.08
N GLN A 363 -10.81 14.19 66.46
CA GLN A 363 -10.88 14.01 65.01
C GLN A 363 -11.64 15.19 64.43
N ALA A 364 -10.91 16.15 63.88
CA ALA A 364 -11.50 17.32 63.25
C ALA A 364 -11.79 17.02 61.78
N LYS A 365 -12.88 17.63 61.28
CA LYS A 365 -13.34 17.46 59.91
C LYS A 365 -12.91 18.68 59.12
N PHE A 366 -12.02 18.48 58.15
CA PHE A 366 -11.56 19.52 57.24
C PHE A 366 -12.37 19.46 55.95
N SER A 367 -13.70 19.48 56.11
CA SER A 367 -14.70 19.73 55.07
C SER A 367 -14.92 18.52 54.16
N ASP A 368 -14.02 17.53 54.10
CA ASP A 368 -14.36 16.18 53.65
C ASP A 368 -13.53 15.09 54.32
N ASP A 369 -12.59 15.44 55.21
CA ASP A 369 -11.47 14.58 55.55
C ASP A 369 -11.43 14.28 57.04
N GLU A 370 -11.04 13.04 57.35
CA GLU A 370 -10.82 12.58 58.71
C GLU A 370 -9.34 12.71 59.05
N CYS A 371 -9.05 13.55 60.05
CA CYS A 371 -7.68 13.79 60.50
C CYS A 371 -7.68 13.87 62.02
N ILE A 372 -6.81 13.07 62.63
CA ILE A 372 -6.71 12.98 64.09
C ILE A 372 -5.75 14.06 64.55
N LEU A 373 -6.28 15.08 65.21
CA LEU A 373 -5.50 16.21 65.70
C LEU A 373 -5.10 15.94 67.14
N ILE A 374 -3.79 15.86 67.38
CA ILE A 374 -3.20 15.67 68.71
C ILE A 374 -2.59 17.00 69.12
N LYS A 375 -2.86 17.41 70.35
CA LYS A 375 -2.39 18.69 70.88
C LYS A 375 -2.05 18.56 72.36
N GLY A 376 -1.08 19.34 72.80
CA GLY A 376 -0.67 19.35 74.19
C GLY A 376 0.19 18.16 74.56
N THR A 377 1.27 17.94 73.81
CA THR A 377 2.17 16.84 74.10
C THR A 377 3.05 17.17 75.29
N SER A 378 3.44 16.13 76.02
CA SER A 378 4.13 16.27 77.30
C SER A 378 5.65 16.22 77.17
N LYS A 379 6.19 15.21 76.49
CA LYS A 379 7.64 15.03 76.44
C LYS A 379 8.30 16.11 75.60
N HIS A 380 7.93 16.20 74.32
CA HIS A 380 8.45 17.20 73.39
C HIS A 380 7.30 17.82 72.63
N SER A 381 7.36 19.13 72.43
CA SER A 381 6.34 19.84 71.68
C SER A 381 6.42 19.47 70.20
N SER A 382 5.35 19.77 69.48
CA SER A 382 5.24 19.48 68.06
C SER A 382 4.35 20.54 67.42
N SER A 383 4.26 20.49 66.09
CA SER A 383 3.48 21.46 65.34
C SER A 383 3.06 20.85 64.01
N SER A 384 1.98 21.41 63.45
CA SER A 384 1.46 21.00 62.16
C SER A 384 0.89 22.22 61.46
N ILE A 385 0.84 22.13 60.13
CA ILE A 385 0.44 23.24 59.26
C ILE A 385 -0.81 22.81 58.51
N ILE A 386 -1.88 23.58 58.65
CA ILE A 386 -3.15 23.34 57.97
C ILE A 386 -3.20 24.28 56.77
N LEU A 387 -2.85 23.77 55.59
CA LEU A 387 -2.87 24.54 54.36
C LEU A 387 -4.29 24.57 53.80
N ARG A 388 -4.70 25.74 53.33
CA ARG A 388 -6.02 25.96 52.74
C ARG A 388 -5.89 26.83 51.51
N GLY A 389 -6.73 26.58 50.52
CA GLY A 389 -6.67 27.31 49.27
C GLY A 389 -7.93 27.15 48.46
N ALA A 390 -7.86 27.59 47.21
CA ALA A 390 -9.01 27.55 46.31
C ALA A 390 -9.18 26.18 45.67
N ASN A 391 -8.08 25.56 45.27
CA ASN A 391 -8.12 24.26 44.59
C ASN A 391 -6.84 23.51 44.89
N ASP A 392 -6.82 22.23 44.51
CA ASP A 392 -5.73 21.33 44.88
C ASP A 392 -4.40 21.73 44.25
N TYR A 393 -4.42 22.37 43.07
CA TYR A 393 -3.16 22.76 42.45
C TYR A 393 -2.49 23.89 43.24
N SER A 394 -3.29 24.77 43.84
CA SER A 394 -2.72 25.81 44.71
C SER A 394 -2.18 25.20 46.00
N LEU A 395 -2.83 24.15 46.52
CA LEU A 395 -2.32 23.49 47.71
C LEU A 395 -0.98 22.82 47.44
N ASP A 396 -0.79 22.27 46.23
CA ASP A 396 0.50 21.72 45.87
C ASP A 396 1.56 22.82 45.76
N GLU A 397 1.17 24.01 45.29
CA GLU A 397 2.09 25.14 45.28
C GLU A 397 2.40 25.58 46.70
N MET A 398 1.43 25.51 47.61
CA MET A 398 1.67 25.87 49.00
C MET A 398 2.56 24.86 49.71
N GLU A 399 2.61 23.61 49.23
CA GLU A 399 3.45 22.60 49.87
C GLU A 399 4.94 22.93 49.69
N ARG A 400 5.39 23.02 48.44
CA ARG A 400 6.80 23.29 48.16
C ARG A 400 7.21 24.70 48.58
N SER A 401 6.27 25.66 48.58
CA SER A 401 6.61 27.01 49.02
C SER A 401 6.91 27.04 50.51
N LEU A 402 6.07 26.40 51.32
CA LEU A 402 6.37 26.28 52.75
C LEU A 402 7.61 25.45 53.00
N HIS A 403 7.87 24.44 52.15
CA HIS A 403 9.08 23.64 52.29
C HIS A 403 10.33 24.47 52.06
N ASP A 404 10.24 25.45 51.16
CA ASP A 404 11.35 26.38 50.97
C ASP A 404 11.42 27.39 52.12
N SER A 405 10.27 27.84 52.62
CA SER A 405 10.25 28.78 53.72
C SER A 405 10.72 28.13 55.01
N LEU A 406 10.31 26.88 55.26
CA LEU A 406 10.78 26.16 56.44
C LEU A 406 12.28 25.89 56.34
N SER A 407 12.78 25.62 55.14
CA SER A 407 14.20 25.30 54.98
C SER A 407 15.08 26.54 55.20
N VAL A 408 14.59 27.71 54.79
CA VAL A 408 15.38 28.94 54.94
C VAL A 408 15.52 29.30 56.41
N VAL A 409 14.42 29.24 57.16
CA VAL A 409 14.48 29.56 58.58
C VAL A 409 15.23 28.47 59.35
N LYS A 410 15.25 27.24 58.83
CA LYS A 410 16.01 26.17 59.45
C LYS A 410 17.51 26.48 59.43
N ARG A 411 18.05 26.81 58.26
CA ARG A 411 19.46 27.17 58.16
C ARG A 411 19.76 28.53 58.77
N THR A 412 18.75 29.39 58.98
CA THR A 412 18.97 30.67 59.63
C THR A 412 19.37 30.48 61.09
N LEU A 413 18.72 29.55 61.78
CA LEU A 413 19.01 29.29 63.19
C LEU A 413 20.29 28.48 63.40
N GLU A 414 20.82 27.83 62.36
CA GLU A 414 22.08 27.10 62.50
C GLU A 414 23.26 28.05 62.64
N SER A 415 23.21 29.19 61.95
CA SER A 415 24.26 30.21 62.00
C SER A 415 23.62 31.58 62.17
N GLY A 416 23.96 32.25 63.27
CA GLY A 416 23.37 33.55 63.57
C GLY A 416 23.75 34.64 62.59
N ASN A 417 24.86 34.49 61.88
CA ASN A 417 25.29 35.50 60.91
C ASN A 417 24.35 35.49 59.72
N VAL A 418 24.04 36.69 59.21
CA VAL A 418 23.16 36.89 58.07
C VAL A 418 23.82 37.85 57.10
N VAL A 419 23.24 37.93 55.89
CA VAL A 419 23.72 38.77 54.80
C VAL A 419 22.51 39.45 54.19
N PRO A 420 22.56 40.72 53.76
CA PRO A 420 21.38 41.31 53.11
C PRO A 420 21.15 40.72 51.73
N GLY A 421 19.93 40.94 51.22
CA GLY A 421 19.50 40.46 49.92
C GLY A 421 19.15 41.60 48.99
N GLY A 422 18.46 41.27 47.89
CA GLY A 422 18.08 42.28 46.91
C GLY A 422 19.20 42.72 46.00
N GLY A 423 20.08 41.79 45.60
CA GLY A 423 21.16 42.12 44.69
C GLY A 423 22.30 42.90 45.29
N CYS A 424 22.27 43.21 46.59
CA CYS A 424 23.37 43.95 47.20
C CYS A 424 24.64 43.12 47.27
N VAL A 425 24.52 41.80 47.45
CA VAL A 425 25.70 40.93 47.47
C VAL A 425 26.32 40.86 46.08
N GLU A 426 25.48 40.70 45.06
CA GLU A 426 26.00 40.63 43.69
C GLU A 426 26.53 41.97 43.23
N ALA A 427 25.91 43.07 43.65
CA ALA A 427 26.37 44.39 43.28
C ALA A 427 27.70 44.73 43.96
N ALA A 428 27.88 44.29 45.20
CA ALA A 428 29.13 44.56 45.92
C ALA A 428 30.26 43.67 45.42
N LEU A 429 29.97 42.40 45.12
CA LEU A 429 31.01 41.51 44.60
C LEU A 429 31.45 41.92 43.20
N ASN A 430 30.58 42.59 42.43
CA ASN A 430 30.97 43.07 41.11
C ASN A 430 32.06 44.13 41.23
N ILE A 431 31.77 45.21 41.96
CA ILE A 431 32.75 46.29 42.12
C ILE A 431 33.98 45.85 42.91
N TYR A 432 33.84 44.90 43.83
CA TYR A 432 34.97 44.46 44.62
C TYR A 432 35.97 43.69 43.77
N LEU A 433 35.47 42.83 42.88
CA LEU A 433 36.33 42.06 41.99
C LEU A 433 36.87 42.86 40.82
N ASP A 434 36.19 43.94 40.42
CA ASP A 434 36.74 44.82 39.39
C ASP A 434 37.96 45.56 39.92
N ASN A 435 37.92 45.98 41.19
CA ASN A 435 39.10 46.58 41.80
C ASN A 435 40.21 45.56 41.99
N PHE A 436 39.84 44.30 42.26
CA PHE A 436 40.82 43.23 42.40
C PHE A 436 41.45 42.91 41.04
N ALA A 437 42.68 42.38 41.09
CA ALA A 437 43.45 41.97 39.93
C ALA A 437 43.96 43.13 39.08
N THR A 438 43.82 44.37 39.55
CA THR A 438 44.48 45.49 38.89
C THR A 438 45.98 45.46 39.09
N THR A 439 46.43 44.95 40.25
CA THR A 439 47.86 44.78 40.48
C THR A 439 48.40 43.53 39.76
N VAL A 440 47.55 42.52 39.56
CA VAL A 440 47.98 41.30 38.87
C VAL A 440 48.31 41.62 37.41
N GLY A 441 47.38 42.27 36.70
CA GLY A 441 47.71 42.87 35.42
C GLY A 441 47.38 41.98 34.24
N SER A 442 48.39 41.25 33.77
CA SER A 442 48.61 40.77 32.37
C SER A 442 47.36 40.09 31.80
N ARG A 443 46.96 38.92 32.31
CA ARG A 443 46.00 38.05 31.62
C ARG A 443 44.69 37.90 32.39
N GLU A 444 44.76 37.71 33.70
CA GLU A 444 43.56 37.39 34.48
C GLU A 444 42.68 38.60 34.79
N GLN A 445 43.03 39.80 34.31
CA GLN A 445 42.18 40.96 34.55
C GLN A 445 40.93 40.92 33.69
N LEU A 446 41.03 40.39 32.46
CA LEU A 446 39.88 40.29 31.59
C LEU A 446 38.95 39.15 32.00
N ALA A 447 39.51 38.04 32.49
CA ALA A 447 38.68 36.92 32.91
C ALA A 447 37.88 37.26 34.16
N ILE A 448 38.53 37.88 35.15
CA ILE A 448 37.83 38.27 36.38
C ILE A 448 36.89 39.45 36.15
N ALA A 449 37.17 40.29 35.16
CA ALA A 449 36.26 41.41 34.87
C ALA A 449 34.93 40.90 34.32
N GLU A 450 34.97 39.94 33.39
CA GLU A 450 33.75 39.35 32.89
C GLU A 450 33.05 38.51 33.95
N PHE A 451 33.82 37.93 34.88
CA PHE A 451 33.22 37.23 36.00
C PHE A 451 32.44 38.18 36.89
N ALA A 452 32.98 39.38 37.12
CA ALA A 452 32.28 40.38 37.91
C ALA A 452 31.00 40.85 37.20
N ALA A 453 31.01 40.93 35.87
CA ALA A 453 29.82 41.29 35.13
C ALA A 453 28.78 40.17 35.10
N ALA A 454 29.19 38.92 35.28
CA ALA A 454 28.25 37.81 35.27
C ALA A 454 27.30 37.83 36.47
N LEU A 455 27.76 38.32 37.62
CA LEU A 455 26.92 38.40 38.80
C LEU A 455 25.87 39.51 38.72
N LEU A 456 26.05 40.50 37.84
CA LEU A 456 25.07 41.57 37.68
C LEU A 456 23.78 41.13 36.98
N ILE A 457 23.72 39.90 36.46
CA ILE A 457 22.52 39.47 35.75
C ILE A 457 21.31 39.35 36.68
N ILE A 458 21.53 39.16 37.99
CA ILE A 458 20.41 38.97 38.91
C ILE A 458 19.69 40.31 39.11
N PRO A 459 20.36 41.43 39.42
CA PRO A 459 19.61 42.70 39.48
C PRO A 459 19.06 43.17 38.14
N LYS A 460 19.61 42.71 37.02
CA LYS A 460 19.01 42.99 35.72
C LYS A 460 17.78 42.14 35.47
N THR A 461 17.79 40.89 35.95
CA THR A 461 16.65 40.00 35.74
C THR A 461 15.46 40.42 36.59
N LEU A 462 15.72 40.90 37.81
CA LEU A 462 14.63 41.35 38.67
C LEU A 462 13.97 42.61 38.12
N ALA A 463 14.75 43.46 37.45
CA ALA A 463 14.21 44.73 36.95
C ALA A 463 13.25 44.51 35.78
N VAL A 464 13.67 43.72 34.78
CA VAL A 464 12.82 43.50 33.60
C VAL A 464 11.57 42.70 33.92
N ASN A 465 11.59 41.89 34.97
CA ASN A 465 10.37 41.22 35.42
C ASN A 465 9.34 42.20 35.98
N ALA A 466 9.79 43.34 36.50
CA ALA A 466 8.90 44.39 36.96
C ALA A 466 8.36 45.26 35.83
N ALA A 467 8.92 45.17 34.62
CA ALA A 467 8.51 45.99 33.48
C ALA A 467 8.74 47.47 33.77
N LYS A 468 9.94 47.79 34.24
CA LYS A 468 10.37 49.15 34.58
C LYS A 468 11.71 49.44 33.91
N ASP A 469 12.20 50.66 34.09
CA ASP A 469 13.49 51.07 33.55
C ASP A 469 14.59 50.38 34.35
N SER A 470 15.31 49.46 33.72
CA SER A 470 16.29 48.65 34.43
C SER A 470 17.60 49.39 34.64
N SER A 471 18.09 50.08 33.61
CA SER A 471 19.38 50.77 33.72
C SER A 471 19.35 51.94 34.70
N GLU A 472 18.17 52.51 34.98
CA GLU A 472 18.08 53.54 36.00
C GLU A 472 18.40 52.97 37.38
N LEU A 473 17.97 51.74 37.64
CA LEU A 473 18.29 51.10 38.91
C LEU A 473 19.74 50.61 38.94
N VAL A 474 20.25 50.11 37.82
CA VAL A 474 21.63 49.63 37.77
C VAL A 474 22.59 50.79 37.95
N ALA A 475 22.23 51.98 37.48
CA ALA A 475 23.07 53.15 37.70
C ALA A 475 23.11 53.54 39.17
N LYS A 476 21.99 53.38 39.88
CA LYS A 476 21.96 53.71 41.31
C LYS A 476 22.67 52.63 42.13
N LEU A 477 22.47 51.37 41.76
CA LEU A 477 23.05 50.28 42.54
C LEU A 477 24.55 50.31 42.51
N ARG A 478 25.12 50.10 41.33
CA ARG A 478 26.57 50.02 41.25
C ARG A 478 27.23 51.28 41.74
N SER A 479 26.72 52.45 41.34
CA SER A 479 27.40 53.68 41.73
C SER A 479 27.39 53.84 43.24
N TYR A 480 26.25 53.58 43.87
CA TYR A 480 26.15 53.77 45.31
C TYR A 480 27.10 52.81 45.97
N HIS A 481 27.13 51.58 45.50
CA HIS A 481 27.98 50.59 46.16
C HIS A 481 29.44 50.99 46.04
N ALA A 482 29.84 51.49 44.87
CA ALA A 482 31.23 51.88 44.66
C ALA A 482 31.59 53.03 45.56
N ALA A 483 30.67 53.98 45.70
CA ALA A 483 30.96 55.12 46.52
C ALA A 483 31.11 54.67 47.97
N SER A 484 30.55 53.50 48.28
CA SER A 484 30.72 53.00 49.65
C SER A 484 32.04 52.26 49.86
N GLN A 485 32.43 51.41 48.92
CA GLN A 485 33.67 50.65 49.06
C GLN A 485 34.91 51.53 49.05
N MET A 486 34.94 52.51 48.16
CA MET A 486 36.07 53.43 48.09
C MET A 486 36.21 54.27 49.35
N ALA A 487 35.09 54.67 49.94
CA ALA A 487 35.11 55.56 51.11
C ALA A 487 36.01 55.31 52.30
N LYS A 488 36.26 56.35 53.09
CA LYS A 488 37.07 56.27 54.27
C LYS A 488 36.41 55.37 55.23
N PRO A 489 37.18 54.75 56.07
CA PRO A 489 36.49 53.95 57.06
C PRO A 489 35.61 54.83 57.85
N GLU A 490 36.08 56.02 58.15
CA GLU A 490 35.32 56.92 58.98
C GLU A 490 34.29 57.74 58.23
N ASP A 491 33.22 57.12 57.77
CA ASP A 491 32.15 57.88 57.12
C ASP A 491 30.91 57.10 57.27
N VAL A 492 30.12 57.43 58.27
CA VAL A 492 28.93 56.66 58.53
C VAL A 492 28.02 56.54 57.35
N LYS A 493 27.59 57.66 56.80
CA LYS A 493 26.61 57.57 55.74
C LYS A 493 27.05 56.72 54.58
N ARG A 494 28.25 56.94 54.08
CA ARG A 494 28.66 56.20 52.93
C ARG A 494 28.73 54.72 53.22
N ARG A 495 29.19 54.36 54.39
CA ARG A 495 29.33 52.98 54.74
C ARG A 495 27.99 52.32 54.70
N SER A 496 26.96 53.03 55.05
CA SER A 496 25.66 52.46 55.09
C SER A 496 25.24 52.00 53.76
N TYR A 497 25.71 52.65 52.72
CA TYR A 497 25.24 52.31 51.41
C TYR A 497 25.58 50.90 51.16
N ARG A 498 26.70 50.46 51.68
CA ARG A 498 27.12 49.11 51.49
C ARG A 498 26.04 48.27 51.93
N ASN A 499 25.06 48.87 52.55
CA ASN A 499 24.08 47.91 53.05
C ASN A 499 22.83 47.77 52.19
N TYR A 500 22.49 48.80 51.41
CA TYR A 500 21.23 48.75 50.63
C TYR A 500 21.24 48.79 49.11
N GLY A 501 20.04 48.68 48.53
CA GLY A 501 19.97 48.59 47.08
C GLY A 501 18.60 48.47 46.43
N LEU A 502 18.49 47.59 45.43
CA LEU A 502 17.25 47.47 44.65
C LEU A 502 15.96 47.12 45.38
N ASP A 503 14.87 47.80 45.01
CA ASP A 503 13.56 47.49 45.59
C ASP A 503 12.64 47.23 44.40
N LEU A 504 11.85 46.17 44.46
CA LEU A 504 11.00 45.81 43.32
C LEU A 504 9.55 46.27 43.39
N ILE A 505 9.11 46.80 44.52
CA ILE A 505 7.70 47.15 44.66
C ILE A 505 7.48 48.62 44.32
N ARG A 506 8.13 49.52 45.07
CA ARG A 506 7.97 50.95 44.88
C ARG A 506 8.88 51.52 43.79
N GLY A 507 10.00 50.86 43.48
CA GLY A 507 10.88 51.31 42.43
C GLY A 507 11.85 52.41 42.83
N LYS A 508 12.28 52.44 44.08
CA LYS A 508 13.25 53.42 44.59
C LYS A 508 14.24 52.72 45.53
N ILE A 509 15.26 53.46 45.93
CA ILE A 509 16.32 52.96 46.80
C ILE A 509 15.88 53.23 48.23
N VAL A 510 15.71 52.16 49.02
CA VAL A 510 15.34 52.24 50.42
C VAL A 510 16.21 51.27 51.22
N ASP A 511 16.17 51.42 52.54
CA ASP A 511 16.99 50.62 53.43
C ASP A 511 16.39 49.23 53.59
N GLU A 512 17.24 48.21 53.51
CA GLU A 512 16.79 46.84 53.69
C GLU A 512 16.46 46.52 55.15
N ILE A 513 17.10 47.21 56.10
CA ILE A 513 16.84 46.95 57.51
C ILE A 513 15.41 47.36 57.86
N HIS A 514 14.99 48.55 57.43
CA HIS A 514 13.63 49.00 57.66
C HIS A 514 12.63 48.28 56.76
N ALA A 515 13.04 47.91 55.54
CA ALA A 515 12.16 47.19 54.64
C ALA A 515 11.99 45.73 55.06
N GLY A 516 13.04 45.13 55.64
CA GLY A 516 13.01 43.76 56.12
C GLY A 516 13.55 42.72 55.16
N VAL A 517 14.16 43.12 54.05
CA VAL A 517 14.75 42.17 53.11
C VAL A 517 16.04 41.63 53.73
N LEU A 518 16.12 40.31 53.87
CA LEU A 518 17.27 39.68 54.49
C LEU A 518 17.31 38.23 54.06
N GLU A 519 18.53 37.68 53.97
CA GLU A 519 18.80 36.29 53.62
C GLU A 519 19.81 35.69 54.59
N PRO A 520 19.95 34.36 54.64
CA PRO A 520 21.05 33.79 55.42
C PRO A 520 22.37 33.90 54.67
N THR A 521 23.46 33.82 55.44
CA THR A 521 24.79 33.77 54.82
C THR A 521 25.06 32.42 54.19
N ILE A 522 24.42 31.34 54.69
CA ILE A 522 24.65 30.01 54.13
C ILE A 522 24.04 29.87 52.74
N SER A 523 23.02 30.67 52.41
CA SER A 523 22.40 30.58 51.09
C SER A 523 23.36 30.97 49.97
N LYS A 524 24.18 31.98 50.19
CA LYS A 524 25.19 32.37 49.21
C LYS A 524 26.44 31.50 49.28
N VAL A 525 26.80 31.02 50.47
CA VAL A 525 27.91 30.10 50.60
C VAL A 525 27.53 28.77 49.96
N LYS A 526 28.45 28.22 49.17
CA LYS A 526 28.30 26.96 48.42
C LYS A 526 27.25 27.04 47.30
N SER A 527 26.74 28.24 46.98
CA SER A 527 25.89 28.43 45.80
C SER A 527 26.74 28.77 44.58
N LEU A 528 27.70 29.69 44.75
CA LEU A 528 28.62 30.00 43.65
C LEU A 528 29.58 28.86 43.39
N LYS A 529 29.90 28.07 44.42
CA LYS A 529 30.76 26.90 44.23
C LYS A 529 30.06 25.85 43.37
N SER A 530 28.77 25.65 43.60
CA SER A 530 28.01 24.72 42.76
C SER A 530 27.88 25.25 41.35
N ALA A 531 27.66 26.56 41.20
CA ALA A 531 27.64 27.17 39.87
C ALA A 531 29.02 27.15 39.24
N LEU A 532 30.07 27.24 40.04
CA LEU A 532 31.43 27.15 39.51
C LEU A 532 31.71 25.77 38.93
N GLU A 533 31.40 24.72 39.70
CA GLU A 533 31.59 23.35 39.21
C GLU A 533 30.66 23.06 38.05
N ALA A 534 29.47 23.66 38.03
CA ALA A 534 28.59 23.53 36.88
C ALA A 534 29.18 24.19 35.64
N CYS A 535 29.86 25.33 35.80
CA CYS A 535 30.50 25.97 34.65
C CYS A 535 31.72 25.17 34.19
N VAL A 536 32.45 24.57 35.14
CA VAL A 536 33.68 23.85 34.80
C VAL A 536 33.35 22.59 33.99
N ALA A 537 32.22 21.94 34.30
CA ALA A 537 31.87 20.68 33.67
C ALA A 537 31.55 20.83 32.17
N ILE A 538 30.98 21.96 31.75
CA ILE A 538 30.59 22.19 30.37
C ILE A 538 31.69 22.97 29.65
N LEU A 539 32.38 23.86 30.37
CA LEU A 539 33.37 24.71 29.72
C LEU A 539 34.58 23.93 29.23
N ARG A 540 34.94 22.85 29.92
CA ARG A 540 36.08 22.02 29.53
C ARG A 540 35.77 21.05 28.38
N ILE A 541 34.53 21.00 27.90
CA ILE A 541 34.16 20.10 26.83
C ILE A 541 34.56 20.71 25.49
N ASP A 542 35.29 19.94 24.68
CA ASP A 542 35.74 20.37 23.35
C ASP A 542 34.92 19.70 22.26
N THR A 543 34.87 18.36 22.25
CA THR A 543 34.13 17.57 21.27
C THR A 543 33.05 16.77 21.97
N MET A 544 32.02 16.42 21.19
CA MET A 544 30.86 15.66 21.66
C MET A 544 30.76 14.38 20.84
N ILE A 545 30.61 13.25 21.52
CA ILE A 545 30.51 11.93 20.91
C ILE A 545 29.22 11.30 21.40
N THR A 546 28.42 10.80 20.45
CA THR A 546 27.11 10.20 20.72
C THR A 546 27.08 8.79 20.13
N VAL A 547 26.69 7.83 20.95
CA VAL A 547 26.52 6.44 20.55
C VAL A 547 25.04 6.14 20.50
N ASP A 548 24.57 5.62 19.37
CA ASP A 548 23.15 5.34 19.21
C ASP A 548 22.75 4.15 20.08
N PRO A 549 21.48 4.04 20.48
CA PRO A 549 21.09 2.91 21.33
C PRO A 549 20.96 1.62 20.53
N GLU A 550 21.26 0.51 21.20
CA GLU A 550 21.19 -0.80 20.58
C GLU A 550 19.74 -1.29 20.54
N VAL B 3 12.19 -32.06 -18.75
CA VAL B 3 11.48 -32.46 -17.55
C VAL B 3 12.34 -32.15 -16.33
N GLN B 4 11.99 -31.08 -15.61
CA GLN B 4 12.72 -30.67 -14.43
C GLN B 4 12.27 -31.53 -13.25
N ILE B 5 13.03 -32.59 -12.97
CA ILE B 5 12.70 -33.46 -11.85
C ILE B 5 12.91 -32.78 -10.50
N PHE B 6 13.87 -31.86 -10.41
CA PHE B 6 14.17 -31.20 -9.16
C PHE B 6 13.10 -30.16 -8.82
N GLY B 7 13.13 -29.70 -7.58
CA GLY B 7 12.19 -28.70 -7.10
C GLY B 7 12.62 -27.30 -7.50
N ASP B 8 11.90 -26.32 -6.94
CA ASP B 8 12.20 -24.92 -7.22
C ASP B 8 13.45 -24.48 -6.48
N GLN B 9 14.26 -23.66 -7.15
CA GLN B 9 15.51 -23.13 -6.60
C GLN B 9 16.47 -24.28 -6.23
N VAL B 10 16.85 -25.02 -7.26
CA VAL B 10 17.78 -26.15 -7.15
C VAL B 10 18.87 -25.93 -8.20
N THR B 11 20.04 -25.49 -7.76
CA THR B 11 21.17 -25.22 -8.65
C THR B 11 21.92 -26.52 -8.87
N GLU B 12 22.01 -26.93 -10.14
CA GLU B 12 22.72 -28.14 -10.55
C GLU B 12 23.67 -27.77 -11.67
N GLU B 13 24.88 -28.34 -11.62
CA GLU B 13 25.92 -28.14 -12.62
C GLU B 13 26.46 -29.49 -13.04
N ARG B 14 26.10 -29.93 -14.26
CA ARG B 14 26.49 -31.21 -14.82
C ARG B 14 27.36 -31.05 -16.06
N ALA B 15 28.17 -30.01 -16.13
CA ALA B 15 28.97 -29.68 -17.31
C ALA B 15 30.36 -29.27 -16.86
N GLU B 16 31.13 -28.67 -17.78
CA GLU B 16 32.50 -28.25 -17.48
C GLU B 16 32.53 -27.14 -16.42
N ASN B 17 31.44 -26.38 -16.27
CA ASN B 17 31.39 -25.35 -15.24
C ASN B 17 31.44 -25.94 -13.84
N ALA B 18 31.01 -27.19 -13.66
CA ALA B 18 31.09 -27.83 -12.36
C ALA B 18 32.54 -28.02 -11.92
N ARG B 19 33.39 -28.54 -12.82
CA ARG B 19 34.80 -28.66 -12.50
C ARG B 19 35.45 -27.28 -12.35
N LEU B 20 35.02 -26.33 -13.18
CA LEU B 20 35.58 -24.97 -13.09
C LEU B 20 35.17 -24.30 -11.79
N SER B 21 33.92 -24.50 -11.35
CA SER B 21 33.47 -23.91 -10.10
C SER B 21 34.12 -24.57 -8.90
N ALA B 22 34.38 -25.88 -8.99
CA ALA B 22 35.07 -26.58 -7.92
C ALA B 22 36.57 -26.29 -7.93
N PHE B 23 37.17 -26.08 -9.10
CA PHE B 23 38.60 -25.81 -9.20
C PHE B 23 38.91 -24.36 -8.83
N VAL B 24 38.07 -23.42 -9.27
CA VAL B 24 38.29 -22.02 -8.93
C VAL B 24 38.05 -21.76 -7.44
N GLY B 25 37.21 -22.56 -6.79
CA GLY B 25 37.02 -22.42 -5.35
C GLY B 25 38.25 -22.78 -4.56
N ALA B 26 38.96 -23.83 -4.97
CA ALA B 26 40.20 -24.19 -4.30
C ALA B 26 41.32 -23.20 -4.61
N ILE B 27 41.32 -22.62 -5.82
CA ILE B 27 42.31 -21.61 -6.16
C ILE B 27 42.10 -20.36 -5.33
N ALA B 28 40.84 -19.98 -5.09
CA ALA B 28 40.55 -18.84 -4.23
C ALA B 28 40.96 -19.12 -2.79
N VAL B 29 40.71 -20.33 -2.31
CA VAL B 29 41.17 -20.71 -0.97
C VAL B 29 42.69 -20.86 -0.97
N GLY B 30 43.26 -21.32 -2.08
CA GLY B 30 44.72 -21.45 -2.15
C GLY B 30 45.43 -20.11 -2.12
N ASP B 31 45.01 -19.19 -3.00
CA ASP B 31 45.64 -17.86 -3.05
C ASP B 31 45.40 -17.06 -1.79
N LEU B 32 44.34 -17.35 -1.03
CA LEU B 32 44.07 -16.64 0.22
C LEU B 32 45.16 -16.88 1.26
N VAL B 33 45.81 -18.05 1.23
CA VAL B 33 46.77 -18.47 2.24
C VAL B 33 48.20 -18.48 1.71
N LYS B 34 48.44 -18.01 0.48
CA LYS B 34 49.80 -17.97 -0.03
C LYS B 34 50.67 -16.96 0.72
N SER B 35 50.08 -15.86 1.20
CA SER B 35 50.82 -14.85 1.92
C SER B 35 51.15 -15.25 3.36
N THR B 36 50.42 -16.19 3.95
CA THR B 36 50.61 -16.59 5.33
C THR B 36 51.72 -17.63 5.52
N LEU B 37 52.31 -18.14 4.44
CA LEU B 37 53.30 -19.21 4.50
C LEU B 37 54.70 -18.60 4.58
N GLY B 38 55.55 -19.21 5.40
CA GLY B 38 56.94 -18.82 5.51
C GLY B 38 57.20 -17.88 6.68
N PRO B 39 58.48 -17.57 6.94
CA PRO B 39 58.79 -16.65 8.03
C PRO B 39 58.47 -15.21 7.73
N LYS B 40 58.59 -14.78 6.47
CA LYS B 40 58.30 -13.42 6.04
C LYS B 40 56.82 -13.22 5.71
N GLY B 41 55.95 -14.20 5.99
CA GLY B 41 54.55 -14.07 5.68
C GLY B 41 53.85 -13.02 6.52
N MET B 42 52.81 -12.46 5.94
CA MET B 42 52.04 -11.38 6.55
C MET B 42 50.85 -11.96 7.31
N ASP B 43 50.60 -11.41 8.50
CA ASP B 43 49.42 -11.78 9.26
C ASP B 43 48.17 -11.24 8.58
N LYS B 44 47.03 -11.85 8.89
CA LYS B 44 45.73 -11.50 8.33
C LYS B 44 44.81 -11.01 9.44
N LEU B 45 43.72 -10.37 9.01
CA LEU B 45 42.76 -9.70 9.88
C LEU B 45 41.36 -10.20 9.55
N LEU B 46 40.61 -10.58 10.60
CA LEU B 46 39.26 -11.11 10.47
C LEU B 46 38.28 -10.13 11.12
N GLN B 47 37.22 -9.79 10.38
CA GLN B 47 36.16 -8.90 10.85
C GLN B 47 34.90 -9.75 11.06
N SER B 48 34.56 -10.00 12.32
CA SER B 48 33.39 -10.80 12.65
C SER B 48 32.12 -10.01 12.39
N ALA B 49 31.07 -10.73 12.02
CA ALA B 49 29.77 -10.14 11.71
C ALA B 49 28.90 -9.89 12.95
N SER B 50 29.22 -10.52 14.09
CA SER B 50 28.42 -10.42 15.31
C SER B 50 29.28 -9.82 16.42
N SER B 51 28.82 -8.71 16.99
CA SER B 51 29.42 -8.04 18.14
C SER B 51 30.77 -7.37 17.84
N ASN B 52 31.20 -7.33 16.57
CA ASN B 52 32.44 -6.66 16.18
C ASN B 52 33.67 -7.23 16.88
N THR B 53 33.66 -8.54 17.12
CA THR B 53 34.75 -9.22 17.82
C THR B 53 35.82 -9.59 16.80
N CYS B 54 36.86 -8.78 16.71
CA CYS B 54 37.94 -9.02 15.77
C CYS B 54 38.77 -10.23 16.21
N MET B 55 39.59 -10.72 15.30
CA MET B 55 40.46 -11.86 15.55
C MET B 55 41.63 -11.82 14.58
N VAL B 56 42.84 -11.76 15.12
CA VAL B 56 44.08 -11.78 14.35
C VAL B 56 44.70 -13.16 14.53
N THR B 57 44.92 -13.86 13.42
CA THR B 57 45.49 -15.19 13.44
C THR B 57 46.19 -15.48 12.13
N ASN B 58 47.32 -16.18 12.22
CA ASN B 58 48.10 -16.60 11.06
C ASN B 58 47.78 -18.02 10.60
N ASP B 59 47.25 -18.86 11.48
CA ASP B 59 46.94 -20.23 11.11
C ASP B 59 45.78 -20.26 10.11
N GLY B 60 45.92 -21.07 9.06
CA GLY B 60 44.86 -21.19 8.08
C GLY B 60 43.61 -21.89 8.58
N ALA B 61 43.74 -22.74 9.60
CA ALA B 61 42.58 -23.46 10.12
C ALA B 61 41.61 -22.50 10.80
N THR B 62 42.12 -21.58 11.63
CA THR B 62 41.26 -20.61 12.28
C THR B 62 40.69 -19.62 11.28
N ILE B 63 41.45 -19.30 10.23
CA ILE B 63 40.99 -18.34 9.24
C ILE B 63 39.85 -18.94 8.42
N LEU B 64 40.06 -20.14 7.87
CA LEU B 64 39.08 -20.74 6.99
C LEU B 64 37.82 -21.17 7.74
N LYS B 65 37.95 -21.57 9.00
CA LYS B 65 36.77 -21.90 9.79
C LYS B 65 35.95 -20.65 10.13
N SER B 66 36.61 -19.50 10.28
CA SER B 66 35.91 -18.27 10.65
C SER B 66 35.21 -17.65 9.45
N ILE B 67 35.85 -17.67 8.28
CA ILE B 67 35.31 -17.01 7.09
C ILE B 67 34.16 -17.86 6.56
N PRO B 68 33.06 -17.28 6.06
CA PRO B 68 32.00 -18.10 5.46
C PRO B 68 32.31 -18.39 3.99
N LEU B 69 32.09 -19.64 3.57
CA LEU B 69 32.28 -20.06 2.19
C LEU B 69 31.19 -21.08 1.85
N ASP B 70 30.41 -20.78 0.80
CA ASP B 70 29.30 -21.62 0.38
C ASP B 70 29.70 -22.69 -0.64
N ASN B 71 30.91 -22.63 -1.18
CA ASN B 71 31.33 -23.62 -2.18
C ASN B 71 31.48 -24.99 -1.51
N PRO B 72 31.04 -26.09 -2.13
CA PRO B 72 31.33 -27.40 -1.52
C PRO B 72 32.82 -27.75 -1.56
N ALA B 73 33.56 -27.24 -2.55
CA ALA B 73 35.00 -27.48 -2.60
C ALA B 73 35.70 -26.77 -1.44
N ALA B 74 35.21 -25.61 -1.02
CA ALA B 74 35.80 -24.90 0.10
C ALA B 74 35.67 -25.67 1.40
N LYS B 75 34.60 -26.47 1.56
CA LYS B 75 34.42 -27.25 2.77
C LYS B 75 35.50 -28.32 2.92
N VAL B 76 35.95 -28.89 1.81
CA VAL B 76 37.00 -29.91 1.87
C VAL B 76 38.31 -29.28 2.33
N LEU B 77 38.64 -28.10 1.81
CA LEU B 77 39.82 -27.39 2.28
C LEU B 77 39.66 -26.91 3.72
N VAL B 78 38.43 -26.61 4.14
CA VAL B 78 38.18 -26.26 5.53
C VAL B 78 38.33 -27.49 6.42
N ASN B 79 37.83 -28.64 5.96
CA ASN B 79 37.80 -29.84 6.79
C ASN B 79 39.18 -30.49 6.89
N ILE B 80 39.94 -30.49 5.79
CA ILE B 80 41.30 -31.03 5.83
C ILE B 80 42.20 -30.16 6.71
N SER B 81 41.93 -28.86 6.76
CA SER B 81 42.70 -27.98 7.64
C SER B 81 42.30 -28.17 9.10
N LYS B 82 41.02 -28.47 9.36
CA LYS B 82 40.58 -28.72 10.73
C LYS B 82 41.18 -30.01 11.28
N VAL B 83 41.27 -31.04 10.44
CA VAL B 83 41.85 -32.31 10.87
C VAL B 83 43.35 -32.14 11.13
N GLN B 84 44.02 -31.37 10.27
CA GLN B 84 45.45 -31.15 10.47
C GLN B 84 45.72 -30.30 11.70
N ASP B 85 44.82 -29.34 11.99
CA ASP B 85 44.97 -28.54 13.21
C ASP B 85 44.76 -29.37 14.46
N ASP B 86 43.82 -30.32 14.41
CA ASP B 86 43.55 -31.19 15.56
C ASP B 86 44.57 -32.31 15.69
N GLU B 87 45.07 -32.84 14.57
CA GLU B 87 45.98 -33.98 14.59
C GLU B 87 47.36 -33.57 15.09
N VAL B 88 48.01 -32.66 14.38
CA VAL B 88 49.39 -32.27 14.65
C VAL B 88 49.47 -30.88 15.28
N GLY B 89 48.63 -29.95 14.81
CA GLY B 89 48.66 -28.58 15.26
C GLY B 89 49.58 -27.66 14.47
N ASP B 90 50.14 -28.13 13.35
CA ASP B 90 51.03 -27.31 12.54
C ASP B 90 51.02 -27.87 11.12
N GLY B 91 51.31 -26.99 10.16
CA GLY B 91 51.32 -27.36 8.76
C GLY B 91 49.98 -27.30 8.07
N THR B 92 49.02 -26.54 8.60
CA THR B 92 47.70 -26.48 8.00
C THR B 92 47.71 -25.69 6.69
N THR B 93 48.42 -24.56 6.67
CA THR B 93 48.51 -23.77 5.45
C THR B 93 49.27 -24.51 4.35
N SER B 94 50.22 -25.36 4.72
CA SER B 94 50.94 -26.15 3.73
C SER B 94 50.01 -27.16 3.05
N VAL B 95 49.08 -27.74 3.80
CA VAL B 95 48.11 -28.66 3.22
C VAL B 95 47.15 -27.89 2.32
N THR B 96 46.75 -26.69 2.74
CA THR B 96 45.79 -25.91 1.96
C THR B 96 46.40 -25.44 0.65
N VAL B 97 47.65 -24.98 0.68
CA VAL B 97 48.29 -24.46 -0.53
C VAL B 97 48.77 -25.58 -1.43
N LEU B 98 49.17 -26.73 -0.86
CA LEU B 98 49.64 -27.85 -1.67
C LEU B 98 48.48 -28.60 -2.30
N SER B 99 47.41 -28.84 -1.55
CA SER B 99 46.22 -29.48 -2.09
C SER B 99 45.54 -28.64 -3.15
N ALA B 100 45.60 -27.31 -3.03
CA ALA B 100 45.06 -26.43 -4.06
C ALA B 100 45.96 -26.40 -5.28
N GLU B 101 47.27 -26.47 -5.08
CA GLU B 101 48.21 -26.46 -6.20
C GLU B 101 48.18 -27.78 -6.96
N LEU B 102 47.91 -28.89 -6.28
CA LEU B 102 47.73 -30.17 -6.97
C LEU B 102 46.52 -30.12 -7.88
N LEU B 103 45.44 -29.48 -7.43
CA LEU B 103 44.27 -29.28 -8.29
C LEU B 103 44.55 -28.22 -9.35
N ARG B 104 45.37 -27.22 -9.02
CA ARG B 104 45.79 -26.25 -10.03
C ARG B 104 46.62 -26.90 -11.12
N GLU B 105 47.59 -27.73 -10.74
CA GLU B 105 48.40 -28.45 -11.72
C GLU B 105 47.57 -29.48 -12.48
N ALA B 106 46.58 -30.08 -11.81
CA ALA B 106 45.70 -31.04 -12.48
C ALA B 106 44.70 -30.38 -13.41
N GLU B 107 44.51 -29.05 -13.32
CA GLU B 107 43.57 -28.37 -14.20
C GLU B 107 44.05 -28.39 -15.64
N LYS B 108 45.31 -28.06 -15.87
CA LYS B 108 45.84 -28.03 -17.23
C LYS B 108 45.91 -29.42 -17.87
N LEU B 109 46.06 -30.48 -17.06
CA LEU B 109 45.99 -31.83 -17.61
C LEU B 109 44.59 -32.14 -18.14
N ILE B 110 43.56 -31.67 -17.45
CA ILE B 110 42.19 -31.92 -17.88
C ILE B 110 41.88 -31.09 -19.13
N ASP B 111 42.34 -29.84 -19.15
CA ASP B 111 42.00 -28.92 -20.23
C ASP B 111 42.95 -29.08 -21.42
N GLN B 112 44.25 -28.87 -21.19
CA GLN B 112 45.20 -28.82 -22.29
C GLN B 112 45.51 -30.22 -22.82
N SER B 113 46.04 -31.09 -21.97
CA SER B 113 46.45 -32.42 -22.39
C SER B 113 45.30 -33.42 -22.45
N LYS B 114 44.17 -33.13 -21.79
CA LYS B 114 42.97 -33.98 -21.82
C LYS B 114 43.26 -35.37 -21.25
N ILE B 115 43.68 -35.38 -19.98
CA ILE B 115 43.98 -36.60 -19.24
C ILE B 115 42.72 -37.03 -18.51
N HIS B 116 42.52 -38.34 -18.40
CA HIS B 116 41.38 -38.85 -17.67
C HIS B 116 41.56 -38.52 -16.17
N PRO B 117 40.48 -38.26 -15.42
CA PRO B 117 40.66 -38.05 -13.97
C PRO B 117 41.17 -39.28 -13.25
N GLN B 118 40.83 -40.48 -13.73
CA GLN B 118 41.30 -41.71 -13.09
C GLN B 118 42.79 -41.93 -13.32
N THR B 119 43.36 -41.34 -14.39
CA THR B 119 44.80 -41.44 -14.63
C THR B 119 45.59 -40.49 -13.74
N ILE B 120 45.03 -39.31 -13.44
CA ILE B 120 45.74 -38.34 -12.62
C ILE B 120 45.88 -38.85 -11.20
N ILE B 121 44.79 -39.40 -10.65
CA ILE B 121 44.84 -39.98 -9.32
C ILE B 121 45.70 -41.24 -9.29
N GLU B 122 45.71 -42.02 -10.38
CA GLU B 122 46.52 -43.23 -10.42
C GLU B 122 48.01 -42.90 -10.39
N GLY B 123 48.42 -41.80 -11.03
CA GLY B 123 49.80 -41.35 -10.92
C GLY B 123 50.12 -40.83 -9.53
N TYR B 124 49.15 -40.16 -8.90
CA TYR B 124 49.38 -39.63 -7.56
C TYR B 124 49.51 -40.75 -6.53
N ARG B 125 48.88 -41.90 -6.78
CA ARG B 125 49.05 -43.04 -5.88
C ARG B 125 50.50 -43.54 -5.91
N LEU B 126 51.03 -43.81 -7.10
CA LEU B 126 52.42 -44.24 -7.22
C LEU B 126 53.39 -43.12 -6.88
N ALA B 127 53.04 -41.86 -7.16
CA ALA B 127 53.91 -40.75 -6.81
C ALA B 127 53.94 -40.52 -5.31
N SER B 128 52.79 -40.65 -4.64
CA SER B 128 52.76 -40.50 -3.19
C SER B 128 53.46 -41.66 -2.50
N ALA B 129 53.41 -42.87 -3.08
CA ALA B 129 54.11 -44.01 -2.50
C ALA B 129 55.62 -43.79 -2.53
N ALA B 130 56.15 -43.34 -3.67
CA ALA B 130 57.58 -43.02 -3.73
C ALA B 130 57.92 -41.80 -2.88
N ALA B 131 56.96 -40.90 -2.65
CA ALA B 131 57.23 -39.72 -1.83
C ALA B 131 57.47 -40.11 -0.37
N LEU B 132 56.60 -40.94 0.19
CA LEU B 132 56.79 -41.38 1.58
C LEU B 132 58.01 -42.28 1.72
N ASP B 133 58.37 -43.03 0.69
CA ASP B 133 59.58 -43.84 0.73
C ASP B 133 60.83 -42.97 0.80
N ALA B 134 60.80 -41.76 0.23
CA ALA B 134 61.95 -40.87 0.35
C ALA B 134 62.15 -40.42 1.79
N LEU B 135 61.07 -40.17 2.52
CA LEU B 135 61.17 -39.80 3.92
C LEU B 135 61.60 -40.98 4.80
N THR B 136 61.41 -42.22 4.34
CA THR B 136 61.84 -43.37 5.12
C THR B 136 63.37 -43.42 5.22
N LYS B 137 64.06 -43.14 4.12
CA LYS B 137 65.52 -43.12 4.09
C LYS B 137 66.11 -41.77 4.48
N ALA B 138 65.37 -40.67 4.27
CA ALA B 138 65.86 -39.34 4.58
C ALA B 138 65.76 -38.96 6.05
N ALA B 139 65.07 -39.75 6.87
CA ALA B 139 64.92 -39.46 8.29
C ALA B 139 66.19 -39.83 9.05
N VAL B 140 66.25 -39.36 10.30
CA VAL B 140 67.37 -39.65 11.19
C VAL B 140 66.83 -39.79 12.60
N ASP B 141 67.27 -40.84 13.30
CA ASP B 141 66.84 -41.16 14.65
C ASP B 141 67.89 -40.66 15.64
N ASN B 142 67.51 -39.70 16.48
CA ASN B 142 68.37 -39.12 17.51
C ASN B 142 67.95 -39.57 18.91
N SER B 143 67.44 -40.79 19.03
CA SER B 143 67.01 -41.32 20.32
C SER B 143 68.16 -41.83 21.18
N HIS B 144 69.30 -42.19 20.57
CA HIS B 144 70.42 -42.76 21.32
C HIS B 144 71.06 -41.79 22.30
N ASP B 145 70.92 -40.48 22.08
CA ASP B 145 71.53 -39.45 22.92
C ASP B 145 70.46 -38.42 23.29
N LYS B 146 70.36 -38.12 24.58
CA LYS B 146 69.39 -37.13 25.05
C LYS B 146 69.86 -35.71 24.76
N THR B 147 71.17 -35.47 24.76
CA THR B 147 71.69 -34.13 24.51
C THR B 147 71.43 -33.71 23.07
N MET B 148 71.56 -34.63 22.12
CA MET B 148 71.23 -34.33 20.73
C MET B 148 69.73 -34.17 20.55
N PHE B 149 68.93 -34.99 21.23
CA PHE B 149 67.48 -34.82 21.18
C PHE B 149 67.06 -33.52 21.84
N ARG B 150 67.78 -33.11 22.89
CA ARG B 150 67.55 -31.79 23.49
C ARG B 150 67.85 -30.68 22.49
N GLU B 151 68.88 -30.88 21.65
CA GLU B 151 69.20 -29.91 20.62
C GLU B 151 68.21 -29.97 19.47
N ASP B 152 67.58 -31.13 19.23
CA ASP B 152 66.59 -31.23 18.17
C ASP B 152 65.32 -30.46 18.51
N LEU B 153 64.91 -30.46 19.79
CA LEU B 153 63.73 -29.70 20.19
C LEU B 153 63.96 -28.21 20.08
N ILE B 154 65.22 -27.76 20.20
CA ILE B 154 65.52 -26.35 19.96
C ILE B 154 65.25 -25.98 18.51
N HIS B 155 65.83 -26.74 17.57
CA HIS B 155 65.72 -26.39 16.15
C HIS B 155 64.30 -26.55 15.64
N ILE B 156 63.52 -27.48 16.20
CA ILE B 156 62.12 -27.59 15.80
C ILE B 156 61.35 -26.39 16.33
N ALA B 157 61.70 -25.89 17.51
CA ALA B 157 61.06 -24.69 18.02
C ALA B 157 61.47 -23.45 17.22
N LYS B 158 62.71 -23.44 16.73
CA LYS B 158 63.14 -22.36 15.84
C LYS B 158 62.34 -22.36 14.54
N THR B 159 61.98 -23.54 14.04
CA THR B 159 61.27 -23.62 12.76
C THR B 159 59.80 -23.25 12.91
N THR B 160 59.15 -23.73 13.98
CA THR B 160 57.71 -23.51 14.13
C THR B 160 57.41 -22.08 14.58
N LEU B 161 58.20 -21.54 15.50
CA LEU B 161 57.95 -20.20 16.02
C LEU B 161 58.37 -19.09 15.07
N SER B 162 59.17 -19.39 14.04
CA SER B 162 59.61 -18.35 13.12
C SER B 162 58.47 -17.85 12.23
N SER B 163 57.47 -18.70 11.97
CA SER B 163 56.37 -18.30 11.10
C SER B 163 55.44 -17.29 11.75
N LYS B 164 55.28 -17.34 13.07
CA LYS B 164 54.36 -16.46 13.77
C LYS B 164 55.02 -15.11 14.02
N ILE B 165 54.40 -14.26 14.84
CA ILE B 165 54.97 -12.94 15.13
C ILE B 165 56.19 -12.98 16.05
N LEU B 166 56.54 -14.14 16.61
CA LEU B 166 57.62 -14.28 17.56
C LEU B 166 58.96 -14.63 16.91
N SER B 167 59.19 -14.15 15.68
CA SER B 167 60.40 -14.50 14.95
C SER B 167 61.66 -13.96 15.63
N GLN B 168 61.55 -12.81 16.30
CA GLN B 168 62.70 -12.25 17.00
C GLN B 168 62.91 -12.91 18.35
N ASP B 169 61.83 -13.12 19.10
CA ASP B 169 61.91 -13.69 20.44
C ASP B 169 61.90 -15.22 20.46
N LYS B 170 62.05 -15.87 19.30
CA LYS B 170 62.10 -17.34 19.29
C LYS B 170 63.38 -17.87 19.93
N ASP B 171 64.45 -17.07 19.98
CA ASP B 171 65.67 -17.52 20.64
C ASP B 171 65.46 -17.73 22.13
N HIS B 172 64.61 -16.92 22.76
CA HIS B 172 64.30 -17.04 24.17
C HIS B 172 63.20 -18.07 24.45
N PHE B 173 62.16 -18.12 23.62
CA PHE B 173 61.07 -19.07 23.81
C PHE B 173 61.44 -20.49 23.37
N ALA B 174 62.51 -20.65 22.59
CA ALA B 174 62.97 -22.00 22.26
C ALA B 174 63.43 -22.75 23.51
N GLU B 175 64.13 -22.05 24.41
CA GLU B 175 64.50 -22.65 25.68
C GLU B 175 63.26 -22.84 26.57
N LEU B 176 62.30 -21.93 26.49
CA LEU B 176 61.07 -22.08 27.26
C LEU B 176 60.22 -23.22 26.75
N ALA B 177 60.17 -23.41 25.42
CA ALA B 177 59.34 -24.45 24.84
C ALA B 177 59.89 -25.84 25.16
N THR B 178 61.20 -26.04 24.96
CA THR B 178 61.79 -27.35 25.19
C THR B 178 61.80 -27.75 26.65
N ASN B 179 61.90 -26.80 27.58
CA ASN B 179 61.86 -27.15 29.00
C ASN B 179 60.48 -27.67 29.41
N ALA B 180 59.41 -27.11 28.82
CA ALA B 180 58.07 -27.59 29.13
C ALA B 180 57.88 -29.03 28.65
N ILE B 181 58.53 -29.40 27.54
CA ILE B 181 58.43 -30.76 27.03
C ILE B 181 59.23 -31.72 27.90
N LEU B 182 60.46 -31.33 28.26
CA LEU B 182 61.24 -32.13 29.20
C LEU B 182 60.60 -32.15 30.59
N ARG B 183 59.83 -31.13 30.95
CA ARG B 183 59.06 -31.17 32.18
C ARG B 183 58.01 -32.28 32.13
N LEU B 184 57.21 -32.31 31.05
CA LEU B 184 56.17 -33.32 30.92
C LEU B 184 56.73 -34.73 30.72
N LYS B 185 57.99 -34.87 30.31
CA LYS B 185 58.75 -36.13 30.19
C LYS B 185 58.00 -37.21 29.39
N GLY B 186 57.23 -36.80 28.37
CA GLY B 186 56.54 -37.71 27.46
C GLY B 186 55.03 -37.57 27.44
N SER B 187 54.41 -36.86 28.38
CA SER B 187 52.97 -36.68 28.37
C SER B 187 52.60 -35.71 27.25
N THR B 188 52.03 -36.24 26.18
CA THR B 188 51.70 -35.46 24.99
C THR B 188 50.36 -34.75 25.08
N ASN B 189 49.72 -34.73 26.24
CA ASN B 189 48.44 -34.05 26.40
C ASN B 189 48.68 -32.56 26.58
N LEU B 190 48.16 -31.76 25.64
CA LEU B 190 48.35 -30.31 25.66
C LEU B 190 47.48 -29.61 26.70
N GLU B 191 46.49 -30.28 27.27
CA GLU B 191 45.64 -29.67 28.29
C GLU B 191 46.33 -29.46 29.63
N HIS B 192 47.52 -30.04 29.85
CA HIS B 192 48.24 -29.92 31.10
C HIS B 192 49.17 -28.71 31.14
N ILE B 193 48.94 -27.70 30.30
CA ILE B 193 49.71 -26.46 30.27
C ILE B 193 48.72 -25.30 30.30
N GLN B 194 48.76 -24.52 31.37
CA GLN B 194 47.89 -23.36 31.53
C GLN B 194 48.61 -22.11 31.04
N ILE B 195 48.05 -21.47 30.02
CA ILE B 195 48.61 -20.26 29.43
C ILE B 195 47.86 -19.07 30.01
N ILE B 196 48.49 -18.38 30.96
CA ILE B 196 47.88 -17.23 31.62
C ILE B 196 48.12 -16.01 30.74
N LYS B 197 47.03 -15.35 30.35
CA LYS B 197 47.07 -14.20 29.45
C LYS B 197 47.19 -12.92 30.27
N ILE B 198 48.24 -12.14 30.00
CA ILE B 198 48.47 -10.86 30.66
C ILE B 198 48.86 -9.85 29.58
N LEU B 199 48.10 -8.76 29.50
CA LEU B 199 48.41 -7.65 28.60
C LEU B 199 49.29 -6.63 29.32
N GLY B 200 50.20 -6.04 28.57
CA GLY B 200 51.15 -5.07 29.07
C GLY B 200 52.56 -5.66 29.20
N GLY B 201 53.54 -4.77 29.21
CA GLY B 201 54.93 -5.16 29.32
C GLY B 201 55.54 -5.55 27.99
N LYS B 202 56.85 -5.74 28.00
CA LYS B 202 57.58 -6.13 26.81
C LYS B 202 57.27 -7.57 26.45
N LEU B 203 57.37 -7.87 25.15
CA LEU B 203 57.06 -9.21 24.66
C LEU B 203 58.03 -10.26 25.20
N SER B 204 59.28 -9.89 25.48
CA SER B 204 60.28 -10.82 25.97
C SER B 204 60.22 -11.04 27.48
N ASP B 205 59.22 -10.50 28.18
CA ASP B 205 59.10 -10.64 29.63
C ASP B 205 58.44 -11.96 30.06
N SER B 206 58.19 -12.88 29.13
CA SER B 206 57.59 -14.15 29.49
C SER B 206 58.58 -14.99 30.29
N PHE B 207 58.05 -15.94 31.06
CA PHE B 207 58.87 -16.80 31.91
C PHE B 207 58.14 -18.11 32.14
N LEU B 208 58.86 -19.06 32.74
CA LEU B 208 58.36 -20.40 33.04
C LEU B 208 58.80 -20.76 34.45
N ASP B 209 57.93 -20.51 35.42
CA ASP B 209 58.22 -20.82 36.81
C ASP B 209 58.02 -22.31 37.07
N GLU B 210 58.82 -22.83 37.99
CA GLU B 210 58.78 -24.25 38.37
C GLU B 210 57.66 -24.42 39.40
N GLY B 211 56.43 -24.47 38.91
CA GLY B 211 55.27 -24.63 39.76
C GLY B 211 54.00 -24.35 38.99
N PHE B 212 52.90 -24.25 39.75
CA PHE B 212 51.57 -24.02 39.21
C PHE B 212 51.05 -22.69 39.73
N ILE B 213 50.61 -21.83 38.81
CA ILE B 213 50.18 -20.47 39.12
C ILE B 213 48.66 -20.45 39.07
N LEU B 214 48.03 -20.11 40.20
CA LEU B 214 46.58 -20.02 40.28
C LEU B 214 46.11 -18.68 39.75
N ALA B 215 44.89 -18.69 39.19
CA ALA B 215 44.22 -17.47 38.75
C ALA B 215 43.47 -16.75 39.87
N LYS B 216 43.37 -17.34 41.08
CA LYS B 216 42.62 -16.81 42.21
C LYS B 216 43.54 -16.61 43.41
N LYS B 217 42.95 -16.16 44.51
CA LYS B 217 43.65 -15.77 45.73
C LYS B 217 42.97 -16.39 46.93
N PHE B 218 43.53 -16.14 48.11
CA PHE B 218 42.94 -16.63 49.35
C PHE B 218 41.68 -15.84 49.69
N GLY B 219 40.79 -16.48 50.45
CA GLY B 219 39.46 -15.93 50.65
C GLY B 219 39.39 -14.69 51.51
N ASN B 220 39.61 -14.84 52.83
CA ASN B 220 39.33 -13.78 53.81
C ASN B 220 40.58 -13.30 54.54
N ASN B 221 41.27 -14.19 55.28
CA ASN B 221 42.35 -13.80 56.18
C ASN B 221 43.57 -14.72 56.12
N GLN B 222 43.59 -15.71 55.24
CA GLN B 222 44.72 -16.64 55.23
C GLN B 222 45.96 -15.94 54.71
N PRO B 223 47.16 -16.27 55.22
CA PRO B 223 48.34 -15.45 54.89
C PRO B 223 48.80 -15.66 53.46
N LYS B 224 49.65 -14.74 53.01
CA LYS B 224 50.22 -14.81 51.67
C LYS B 224 51.48 -15.68 51.66
N ARG B 225 52.42 -15.39 52.56
CA ARG B 225 53.75 -16.01 52.59
C ARG B 225 53.75 -17.09 53.66
N ILE B 226 54.09 -18.33 53.26
CA ILE B 226 54.23 -19.45 54.17
C ILE B 226 55.33 -20.37 53.62
N GLU B 227 55.72 -21.34 54.44
CA GLU B 227 56.77 -22.29 54.09
C GLU B 227 56.45 -23.66 54.66
N ASN B 228 56.86 -24.70 53.92
CA ASN B 228 56.68 -26.09 54.31
C ASN B 228 55.20 -26.43 54.47
N ALA B 229 54.45 -26.23 53.39
CA ALA B 229 53.01 -26.47 53.35
C ALA B 229 52.72 -27.81 52.70
N LYS B 230 51.80 -28.56 53.32
CA LYS B 230 51.31 -29.83 52.81
C LYS B 230 50.00 -29.58 52.07
N ILE B 231 49.95 -29.98 50.81
CA ILE B 231 48.80 -29.73 49.93
C ILE B 231 47.90 -30.95 49.97
N LEU B 232 46.60 -30.70 50.17
CA LEU B 232 45.57 -31.72 50.12
C LEU B 232 44.45 -31.24 49.20
N ILE B 233 44.11 -32.05 48.20
CA ILE B 233 43.12 -31.71 47.17
C ILE B 233 41.91 -32.59 47.39
N ALA B 234 40.71 -32.02 47.19
CA ALA B 234 39.45 -32.73 47.35
C ALA B 234 38.48 -32.29 46.26
N ASN B 235 37.57 -33.20 45.90
CA ASN B 235 36.56 -32.99 44.87
C ASN B 235 35.13 -32.99 45.40
N THR B 236 34.89 -33.47 46.62
CA THR B 236 33.54 -33.59 47.15
C THR B 236 33.07 -32.22 47.62
N THR B 237 31.79 -32.15 47.98
CA THR B 237 31.13 -30.90 48.35
C THR B 237 31.82 -30.15 49.49
N LEU B 238 31.95 -30.78 50.66
CA LEU B 238 32.60 -30.19 51.85
C LEU B 238 31.94 -28.88 52.31
N ASP B 239 30.69 -28.60 51.92
CA ASP B 239 30.05 -27.32 52.21
C ASP B 239 28.54 -27.52 52.19
N THR B 240 27.91 -27.54 53.38
CA THR B 240 26.45 -27.67 53.51
C THR B 240 25.97 -28.96 52.86
N ASP B 241 26.39 -30.09 53.45
CA ASP B 241 26.30 -31.39 52.79
C ASP B 241 24.84 -31.79 52.59
N LYS B 242 24.40 -31.73 51.33
CA LYS B 242 23.12 -32.27 50.89
C LYS B 242 23.24 -33.76 50.58
N VAL B 243 22.67 -34.62 51.44
CA VAL B 243 22.87 -36.07 51.37
C VAL B 243 22.38 -36.61 50.03
N LYS B 244 22.89 -37.78 49.66
CA LYS B 244 22.75 -38.33 48.31
C LYS B 244 21.32 -38.60 47.90
N ILE B 245 20.41 -38.80 48.87
CA ILE B 245 18.98 -38.92 48.59
C ILE B 245 18.30 -37.61 48.98
N PHE B 246 17.57 -37.04 48.02
CA PHE B 246 16.86 -35.78 48.22
C PHE B 246 15.46 -35.94 48.82
N GLY B 247 14.99 -37.16 49.03
CA GLY B 247 13.76 -37.40 49.75
C GLY B 247 13.85 -37.27 51.25
N THR B 248 15.00 -36.89 51.79
CA THR B 248 15.16 -36.73 53.23
C THR B 248 14.34 -35.53 53.71
N LYS B 249 13.78 -35.66 54.91
CA LYS B 249 13.01 -34.60 55.54
C LYS B 249 13.18 -34.70 57.05
N PHE B 250 12.75 -33.63 57.74
CA PHE B 250 12.73 -33.58 59.20
C PHE B 250 11.30 -33.33 59.65
N LYS B 251 10.73 -34.30 60.38
CA LYS B 251 9.43 -34.15 61.02
C LYS B 251 9.65 -33.42 62.34
N VAL B 252 9.51 -32.09 62.29
CA VAL B 252 9.80 -31.23 63.42
C VAL B 252 8.51 -31.05 64.21
N ASP B 253 8.56 -31.42 65.49
CA ASP B 253 7.46 -31.17 66.43
C ASP B 253 7.61 -29.84 67.17
N SER B 254 8.84 -29.35 67.31
CA SER B 254 9.08 -28.07 67.97
C SER B 254 10.36 -27.46 67.43
N THR B 255 10.39 -26.13 67.35
CA THR B 255 11.55 -25.43 66.81
C THR B 255 12.80 -25.59 67.68
N ALA B 256 12.64 -25.90 68.97
CA ALA B 256 13.80 -26.13 69.82
C ALA B 256 14.57 -27.37 69.38
N LYS B 257 13.85 -28.39 68.89
CA LYS B 257 14.53 -29.57 68.35
C LYS B 257 15.17 -29.27 67.00
N LEU B 258 14.56 -28.39 66.20
CA LEU B 258 15.16 -28.01 64.93
C LEU B 258 16.42 -27.18 65.14
N ALA B 259 16.53 -26.49 66.27
CA ALA B 259 17.78 -25.83 66.62
C ALA B 259 18.90 -26.85 66.83
N GLN B 260 18.56 -28.03 67.33
CA GLN B 260 19.54 -29.10 67.48
C GLN B 260 19.89 -29.73 66.15
N LEU B 261 18.94 -29.78 65.21
CA LEU B 261 19.21 -30.38 63.91
C LEU B 261 20.18 -29.54 63.10
N GLU B 262 19.96 -28.22 63.05
CA GLU B 262 20.92 -27.34 62.38
C GLU B 262 22.26 -27.35 63.12
N LYS B 263 22.23 -27.49 64.44
CA LYS B 263 23.47 -27.69 65.20
C LYS B 263 24.14 -29.01 64.81
N ALA B 264 23.34 -30.05 64.56
CA ALA B 264 23.91 -31.33 64.15
C ALA B 264 24.55 -31.24 62.76
N GLU B 265 23.99 -30.42 61.87
CA GLU B 265 24.63 -30.18 60.58
C GLU B 265 25.97 -29.47 60.77
N ARG B 266 26.06 -28.59 61.76
CA ARG B 266 27.33 -27.94 62.07
C ARG B 266 28.29 -28.88 62.81
N GLU B 267 27.75 -29.83 63.58
CA GLU B 267 28.62 -30.76 64.29
C GLU B 267 29.31 -31.73 63.34
N LYS B 268 28.56 -32.28 62.37
CA LYS B 268 29.18 -33.17 61.41
C LYS B 268 30.17 -32.43 60.51
N MET B 269 29.85 -31.18 60.15
CA MET B 269 30.81 -30.37 59.41
C MET B 269 32.02 -30.03 60.29
N LYS B 270 31.77 -29.73 61.57
CA LYS B 270 32.87 -29.56 62.52
C LYS B 270 33.65 -30.87 62.68
N ASN B 271 32.95 -32.01 62.64
CA ASN B 271 33.62 -33.29 62.72
C ASN B 271 34.39 -33.59 61.44
N LYS B 272 33.89 -33.15 60.28
CA LYS B 272 34.60 -33.38 59.04
C LYS B 272 35.89 -32.57 58.97
N ILE B 273 35.83 -31.30 59.38
CA ILE B 273 37.04 -30.47 59.43
C ILE B 273 38.00 -31.00 60.48
N ALA B 274 37.49 -31.61 61.55
CA ALA B 274 38.36 -32.22 62.54
C ALA B 274 39.13 -33.39 61.95
N LYS B 275 38.55 -34.11 61.00
CA LYS B 275 39.26 -35.18 60.31
C LYS B 275 40.30 -34.64 59.33
N ILE B 276 40.13 -33.42 58.83
CA ILE B 276 41.15 -32.82 57.98
C ILE B 276 42.40 -32.50 58.79
N SER B 277 42.22 -32.07 60.04
CA SER B 277 43.35 -31.73 60.90
C SER B 277 44.18 -32.94 61.30
N LYS B 278 43.64 -34.15 61.20
CA LYS B 278 44.40 -35.34 61.55
C LYS B 278 45.58 -35.58 60.61
N PHE B 279 45.49 -35.12 59.37
CA PHE B 279 46.62 -35.20 58.45
C PHE B 279 47.77 -34.30 58.86
N GLY B 280 47.51 -33.22 59.58
CA GLY B 280 48.56 -32.29 59.96
C GLY B 280 49.03 -31.42 58.80
N ILE B 281 48.09 -30.81 58.08
CA ILE B 281 48.39 -30.04 56.88
C ILE B 281 48.36 -28.56 57.21
N ASN B 282 48.86 -27.75 56.25
CA ASN B 282 48.84 -26.29 56.32
C ASN B 282 48.12 -25.64 55.14
N THR B 283 47.79 -26.39 54.08
CA THR B 283 47.04 -25.88 52.94
C THR B 283 46.00 -26.93 52.55
N PHE B 284 44.80 -26.46 52.21
CA PHE B 284 43.69 -27.29 51.75
C PHE B 284 43.05 -26.63 50.54
N ILE B 285 42.80 -27.42 49.51
CA ILE B 285 42.28 -26.94 48.22
C ILE B 285 41.07 -27.79 47.86
N ASN B 286 40.00 -27.13 47.41
CA ASN B 286 38.77 -27.78 46.98
C ASN B 286 38.23 -27.09 45.74
N ARG B 287 37.64 -27.88 44.82
CA ARG B 287 37.16 -27.33 43.57
C ARG B 287 35.85 -26.56 43.72
N GLN B 288 34.95 -27.01 44.59
CA GLN B 288 33.73 -26.25 44.83
C GLN B 288 34.04 -25.00 45.65
N LEU B 289 33.24 -23.96 45.43
CA LEU B 289 33.41 -22.73 46.18
C LEU B 289 33.02 -22.94 47.64
N ILE B 290 33.88 -22.47 48.54
CA ILE B 290 33.76 -22.75 49.97
C ILE B 290 32.94 -21.63 50.59
N TYR B 291 31.95 -22.02 51.41
CA TYR B 291 31.07 -21.08 52.07
C TYR B 291 31.72 -20.63 53.38
N ASP B 292 30.99 -19.83 54.18
CA ASP B 292 31.59 -19.11 55.29
C ASP B 292 31.92 -20.03 56.47
N TYR B 293 31.03 -20.97 56.79
CA TYR B 293 31.17 -21.76 58.02
C TYR B 293 32.38 -22.68 58.00
N PRO B 294 32.60 -23.53 56.97
CA PRO B 294 33.85 -24.31 56.96
C PRO B 294 35.09 -23.46 56.75
N GLU B 295 34.96 -22.27 56.18
CA GLU B 295 36.12 -21.38 56.02
C GLU B 295 36.64 -20.91 57.37
N GLN B 296 35.76 -20.72 58.35
CA GLN B 296 36.18 -20.15 59.63
C GLN B 296 36.98 -21.17 60.45
N LEU B 297 36.64 -22.45 60.36
CA LEU B 297 37.31 -23.46 61.17
C LEU B 297 38.76 -23.69 60.75
N PHE B 298 39.13 -23.35 59.51
CA PHE B 298 40.52 -23.46 59.11
C PHE B 298 41.42 -22.42 59.77
N THR B 299 40.86 -21.33 60.29
CA THR B 299 41.70 -20.27 60.87
C THR B 299 42.37 -20.74 62.15
N ASP B 300 41.60 -21.37 63.06
CA ASP B 300 42.17 -21.84 64.31
C ASP B 300 43.16 -22.98 64.11
N LEU B 301 42.94 -23.83 63.11
CA LEU B 301 43.84 -24.93 62.82
C LEU B 301 45.12 -24.49 62.10
N GLY B 302 45.16 -23.27 61.56
CA GLY B 302 46.34 -22.81 60.84
C GLY B 302 46.48 -23.37 59.45
N ILE B 303 45.37 -23.67 58.79
CA ILE B 303 45.34 -24.25 57.45
C ILE B 303 44.85 -23.18 56.48
N ASN B 304 45.47 -23.11 55.31
CA ASN B 304 45.03 -22.20 54.25
C ASN B 304 43.93 -22.84 53.42
N SER B 305 43.13 -21.99 52.79
CA SER B 305 41.96 -22.40 52.01
C SER B 305 41.94 -21.67 50.67
N ILE B 306 41.70 -22.41 49.60
CA ILE B 306 41.52 -21.88 48.25
C ILE B 306 40.23 -22.46 47.69
N GLU B 307 39.44 -21.62 47.03
CA GLU B 307 38.08 -21.94 46.61
C GLU B 307 37.88 -21.73 45.12
N HIS B 308 36.95 -22.50 44.56
CA HIS B 308 36.47 -22.34 43.19
C HIS B 308 37.59 -22.60 42.17
N ALA B 309 38.24 -23.76 42.33
CA ALA B 309 39.21 -24.24 41.35
C ALA B 309 38.50 -25.08 40.30
N ASP B 310 38.89 -24.88 39.03
CA ASP B 310 38.26 -25.58 37.93
C ASP B 310 38.75 -27.02 37.87
N PHE B 311 37.88 -27.92 37.39
CA PHE B 311 38.20 -29.34 37.36
C PHE B 311 39.39 -29.65 36.45
N GLU B 312 39.54 -28.92 35.35
CA GLU B 312 40.73 -29.09 34.51
C GLU B 312 42.00 -28.61 35.22
N GLY B 313 41.89 -27.67 36.15
CA GLY B 313 43.03 -27.21 36.92
C GLY B 313 43.40 -28.15 38.06
N VAL B 314 42.43 -28.93 38.54
CA VAL B 314 42.72 -29.91 39.58
C VAL B 314 43.67 -30.99 39.04
N GLU B 315 43.53 -31.33 37.76
CA GLU B 315 44.45 -32.29 37.16
C GLU B 315 45.85 -31.71 37.07
N ARG B 316 45.97 -30.46 36.63
CA ARG B 316 47.28 -29.81 36.62
C ARG B 316 47.81 -29.60 38.04
N LEU B 317 46.91 -29.26 38.98
CA LEU B 317 47.34 -29.00 40.35
C LEU B 317 47.85 -30.27 41.02
N ALA B 318 47.25 -31.41 40.72
CA ALA B 318 47.66 -32.66 41.36
C ALA B 318 49.03 -33.13 40.86
N LEU B 319 49.31 -32.92 39.57
CA LEU B 319 50.55 -33.41 38.98
C LEU B 319 51.75 -32.53 39.29
N VAL B 320 51.57 -31.21 39.38
CA VAL B 320 52.68 -30.34 39.78
C VAL B 320 53.03 -30.58 41.25
N THR B 321 52.00 -30.73 42.09
CA THR B 321 52.25 -30.98 43.50
C THR B 321 52.77 -32.39 43.74
N GLY B 322 52.39 -33.34 42.89
CA GLY B 322 52.83 -34.71 43.02
C GLY B 322 52.07 -35.55 44.02
N GLY B 323 51.07 -35.00 44.69
CA GLY B 323 50.27 -35.71 45.66
C GLY B 323 49.15 -36.50 45.01
N GLU B 324 48.00 -36.50 45.69
CA GLU B 324 46.82 -37.22 45.21
C GLU B 324 45.58 -36.54 45.76
N VAL B 325 44.51 -36.59 44.98
CA VAL B 325 43.23 -36.02 45.40
C VAL B 325 42.58 -36.98 46.38
N VAL B 326 42.28 -36.49 47.59
CA VAL B 326 41.81 -37.31 48.71
C VAL B 326 40.39 -36.91 49.04
N SER B 327 39.53 -37.90 49.24
CA SER B 327 38.19 -37.73 49.79
C SER B 327 37.90 -38.92 50.69
N THR B 328 36.83 -38.81 51.49
CA THR B 328 36.48 -39.82 52.49
C THR B 328 37.63 -40.01 53.48
N PHE B 329 37.82 -38.96 54.29
CA PHE B 329 39.04 -38.74 55.06
C PHE B 329 39.17 -39.62 56.32
N ASP B 330 38.39 -40.68 56.47
CA ASP B 330 38.51 -41.53 57.65
C ASP B 330 39.83 -42.30 57.68
N GLU B 331 40.36 -42.65 56.51
CA GLU B 331 41.58 -43.46 56.39
C GLU B 331 42.74 -42.61 55.89
N PRO B 332 43.47 -41.90 56.77
CA PRO B 332 44.61 -41.12 56.31
C PRO B 332 45.85 -41.94 55.95
N SER B 333 45.87 -43.23 56.28
CA SER B 333 47.07 -44.02 56.03
C SER B 333 47.25 -44.32 54.54
N LYS B 334 46.22 -44.87 53.89
CA LYS B 334 46.33 -45.21 52.48
C LYS B 334 46.44 -43.98 51.58
N CYS B 335 45.84 -42.87 51.99
CA CYS B 335 45.85 -41.66 51.17
C CYS B 335 47.23 -41.05 51.11
N LYS B 336 47.47 -40.28 50.04
CA LYS B 336 48.74 -39.62 49.77
C LYS B 336 48.49 -38.13 49.58
N LEU B 337 49.49 -37.33 49.98
CA LEU B 337 49.46 -35.87 49.84
C LEU B 337 50.81 -35.37 49.35
N GLY B 338 50.78 -34.22 48.68
CA GLY B 338 51.99 -33.65 48.11
C GLY B 338 52.78 -32.82 49.09
N GLU B 339 53.83 -32.18 48.58
CA GLU B 339 54.73 -31.35 49.37
C GLU B 339 55.17 -30.15 48.54
N CYS B 340 55.52 -29.08 49.24
CA CYS B 340 56.03 -27.87 48.60
C CYS B 340 56.90 -27.12 49.60
N ASP B 341 57.87 -26.38 49.06
CA ASP B 341 58.85 -25.68 49.89
C ASP B 341 58.32 -24.33 50.38
N VAL B 342 57.83 -23.50 49.46
CA VAL B 342 57.39 -22.15 49.76
C VAL B 342 56.20 -21.81 48.86
N ILE B 343 55.25 -21.05 49.42
CA ILE B 343 54.09 -20.54 48.70
C ILE B 343 54.00 -19.06 49.00
N GLU B 344 53.75 -18.24 47.97
CA GLU B 344 53.71 -16.80 48.10
C GLU B 344 52.76 -16.22 47.06
N GLU B 345 51.95 -15.26 47.47
CA GLU B 345 51.04 -14.55 46.57
C GLU B 345 51.78 -13.40 45.91
N ILE B 346 51.64 -13.29 44.58
CA ILE B 346 52.29 -12.27 43.77
C ILE B 346 51.22 -11.46 43.05
N MET B 347 51.64 -10.44 42.30
CA MET B 347 50.76 -9.61 41.49
C MET B 347 51.43 -9.32 40.16
N LEU B 348 50.80 -9.74 39.07
CA LEU B 348 51.25 -9.45 37.71
C LEU B 348 50.12 -8.67 37.04
N GLY B 349 50.26 -7.34 37.03
CA GLY B 349 49.19 -6.46 36.58
C GLY B 349 48.21 -6.17 37.69
N GLU B 350 46.92 -6.24 37.38
CA GLU B 350 45.87 -5.94 38.36
C GLU B 350 45.43 -7.15 39.16
N GLN B 351 45.40 -8.34 38.56
CA GLN B 351 44.88 -9.53 39.21
C GLN B 351 46.00 -10.19 40.03
N PRO B 352 45.82 -10.49 41.32
CA PRO B 352 46.87 -11.25 42.02
C PRO B 352 46.83 -12.73 41.71
N PHE B 353 47.99 -13.37 41.86
CA PHE B 353 48.15 -14.80 41.63
C PHE B 353 48.97 -15.41 42.75
N LEU B 354 48.84 -16.74 42.89
CA LEU B 354 49.57 -17.51 43.88
C LEU B 354 50.74 -18.21 43.20
N LYS B 355 51.94 -18.02 43.74
CA LYS B 355 53.18 -18.55 43.19
C LYS B 355 53.58 -19.79 44.01
N PHE B 356 53.82 -20.90 43.31
CA PHE B 356 54.37 -22.12 43.90
C PHE B 356 55.76 -22.35 43.33
N SER B 357 56.68 -22.76 44.18
CA SER B 357 58.06 -23.00 43.77
C SER B 357 58.68 -24.02 44.71
N GLY B 358 59.52 -24.91 44.15
CA GLY B 358 60.19 -25.92 44.93
C GLY B 358 59.40 -27.18 45.13
N CYS B 359 58.52 -27.54 44.20
CA CYS B 359 57.73 -28.75 44.32
C CYS B 359 58.57 -29.97 43.96
N LYS B 360 58.16 -31.12 44.49
CA LYS B 360 58.88 -32.36 44.22
C LYS B 360 58.60 -32.84 42.79
N ALA B 361 57.35 -33.13 42.49
CA ALA B 361 56.98 -33.56 41.15
C ALA B 361 57.00 -32.37 40.19
N GLY B 362 57.50 -32.62 38.98
CA GLY B 362 57.53 -31.66 37.91
C GLY B 362 56.94 -32.24 36.64
N GLU B 363 55.75 -32.82 36.75
CA GLU B 363 55.05 -33.43 35.62
C GLU B 363 54.14 -32.45 34.89
N ALA B 364 54.25 -31.14 35.13
CA ALA B 364 53.40 -30.15 34.47
C ALA B 364 53.93 -28.77 34.81
N CYS B 365 53.43 -27.76 34.11
CA CYS B 365 53.89 -26.39 34.27
C CYS B 365 52.82 -25.43 33.79
N THR B 366 53.10 -24.14 33.95
CA THR B 366 52.24 -23.05 33.49
C THR B 366 53.12 -21.97 32.88
N ILE B 367 52.64 -21.37 31.79
CA ILE B 367 53.37 -20.37 31.02
C ILE B 367 52.63 -19.05 31.18
N VAL B 368 53.38 -17.99 31.51
CA VAL B 368 52.86 -16.64 31.69
C VAL B 368 53.37 -15.79 30.53
N LEU B 369 52.45 -15.37 29.66
CA LEU B 369 52.77 -14.58 28.48
C LEU B 369 52.57 -13.10 28.78
N ARG B 370 53.30 -12.25 28.05
CA ARG B 370 53.19 -10.81 28.15
C ARG B 370 53.25 -10.22 26.76
N GLY B 371 52.41 -9.21 26.52
CA GLY B 371 52.39 -8.55 25.22
C GLY B 371 51.74 -7.21 25.38
N ALA B 372 51.18 -6.67 24.31
CA ALA B 372 50.61 -5.35 24.41
C ALA B 372 49.15 -5.40 24.19
N THR B 373 48.75 -5.97 23.08
CA THR B 373 47.36 -6.07 22.78
C THR B 373 46.88 -7.49 22.98
N ASP B 374 45.62 -7.70 23.28
CA ASP B 374 45.05 -9.01 23.53
C ASP B 374 45.08 -9.89 22.28
N GLN B 375 45.22 -9.12 21.18
CA GLN B 375 45.36 -9.74 19.91
C GLN B 375 46.79 -10.20 19.82
N THR B 376 47.76 -9.41 20.24
CA THR B 376 49.11 -9.96 20.26
C THR B 376 49.20 -11.09 21.25
N LEU B 377 48.58 -10.97 22.40
CA LEU B 377 48.64 -12.00 23.37
C LEU B 377 47.99 -13.22 22.78
N ASP B 378 46.92 -13.04 22.04
CA ASP B 378 46.24 -14.19 21.51
C ASP B 378 47.03 -14.87 20.46
N GLU B 379 47.73 -14.09 19.67
CA GLU B 379 48.59 -14.69 18.69
C GLU B 379 49.68 -15.46 19.39
N ALA B 380 50.17 -14.95 20.48
CA ALA B 380 51.13 -15.71 21.21
C ALA B 380 50.53 -17.01 21.72
N GLU B 381 49.31 -17.00 22.19
CA GLU B 381 48.70 -18.24 22.59
C GLU B 381 48.59 -19.19 21.42
N ARG B 382 48.23 -18.74 20.24
CA ARG B 382 48.19 -19.71 19.13
C ARG B 382 49.54 -20.13 18.56
N SER B 383 50.64 -19.58 19.03
CA SER B 383 52.01 -19.86 18.60
C SER B 383 52.66 -20.93 19.46
N LEU B 384 52.58 -20.79 20.79
CA LEU B 384 53.13 -21.82 21.67
C LEU B 384 52.31 -23.10 21.60
N HIS B 385 51.01 -23.00 21.32
CA HIS B 385 50.20 -24.20 21.19
C HIS B 385 50.61 -25.00 19.95
N ASP B 386 50.86 -24.33 18.83
CA ASP B 386 51.35 -25.02 17.65
C ASP B 386 52.77 -25.49 17.82
N ALA B 387 53.59 -24.73 18.55
CA ALA B 387 54.98 -25.13 18.79
C ALA B 387 55.03 -26.33 19.74
N LEU B 388 54.36 -26.24 20.88
CA LEU B 388 54.36 -27.33 21.85
C LEU B 388 53.65 -28.57 21.32
N SER B 389 52.69 -28.41 20.41
CA SER B 389 52.02 -29.58 19.84
C SER B 389 52.96 -30.40 18.97
N VAL B 390 53.79 -29.73 18.18
CA VAL B 390 54.74 -30.45 17.33
C VAL B 390 55.83 -31.10 18.19
N LEU B 391 56.37 -30.36 19.15
CA LEU B 391 57.41 -30.89 20.03
C LEU B 391 56.88 -31.99 20.93
N SER B 392 55.60 -31.96 21.30
CA SER B 392 55.03 -33.03 22.12
C SER B 392 54.96 -34.34 21.35
N GLN B 393 54.52 -34.29 20.09
CA GLN B 393 54.52 -35.48 19.24
C GLN B 393 55.92 -35.88 18.79
N THR B 394 56.92 -35.00 18.91
CA THR B 394 58.29 -35.38 18.59
C THR B 394 58.84 -36.38 19.58
N THR B 395 58.33 -36.39 20.82
CA THR B 395 58.81 -37.36 21.80
C THR B 395 58.41 -38.78 21.43
N LYS B 396 57.14 -39.00 21.07
CA LYS B 396 56.69 -40.32 20.64
C LYS B 396 57.18 -40.68 19.25
N GLU B 397 57.41 -39.69 18.38
CA GLU B 397 57.95 -39.87 17.03
C GLU B 397 59.29 -39.15 16.99
N THR B 398 60.35 -39.88 17.34
CA THR B 398 61.67 -39.27 17.49
C THR B 398 62.29 -38.90 16.14
N ARG B 399 61.91 -39.57 15.06
CA ARG B 399 62.50 -39.31 13.76
C ARG B 399 62.12 -37.92 13.25
N THR B 400 63.09 -37.27 12.61
CA THR B 400 62.96 -35.89 12.13
C THR B 400 63.38 -35.83 10.67
N VAL B 401 63.01 -34.72 10.02
CA VAL B 401 63.28 -34.47 8.60
C VAL B 401 63.72 -33.03 8.45
N LEU B 402 64.75 -32.82 7.63
CA LEU B 402 65.24 -31.47 7.37
C LEU B 402 64.32 -30.73 6.41
N GLY B 403 64.02 -29.48 6.74
CA GLY B 403 63.14 -28.64 5.96
C GLY B 403 63.90 -27.60 5.14
N GLY B 404 63.26 -26.46 4.89
CA GLY B 404 63.89 -25.41 4.11
C GLY B 404 63.98 -25.72 2.64
N GLY B 405 62.94 -26.33 2.07
CA GLY B 405 62.95 -26.73 0.67
C GLY B 405 63.64 -28.04 0.36
N CYS B 406 64.37 -28.61 1.32
CA CYS B 406 65.05 -29.88 1.09
C CYS B 406 64.09 -31.06 1.19
N ALA B 407 63.06 -30.96 2.03
CA ALA B 407 62.09 -32.05 2.16
C ALA B 407 61.27 -32.20 0.89
N GLU B 408 60.81 -31.09 0.31
CA GLU B 408 59.99 -31.17 -0.89
C GLU B 408 60.82 -31.61 -2.10
N MET B 409 62.10 -31.27 -2.13
CA MET B 409 62.93 -31.57 -3.30
C MET B 409 63.42 -33.01 -3.30
N VAL B 410 63.79 -33.56 -2.14
CA VAL B 410 64.20 -34.95 -2.08
C VAL B 410 63.05 -35.90 -2.37
N MET B 411 61.80 -35.48 -2.11
CA MET B 411 60.66 -36.24 -2.62
C MET B 411 60.60 -36.18 -4.14
N SER B 412 60.79 -34.99 -4.72
CA SER B 412 60.74 -34.85 -6.18
C SER B 412 61.88 -35.56 -6.86
N LYS B 413 63.03 -35.72 -6.18
CA LYS B 413 64.14 -36.48 -6.77
C LYS B 413 63.76 -37.95 -6.94
N ALA B 414 63.09 -38.53 -5.95
CA ALA B 414 62.65 -39.91 -6.04
C ALA B 414 61.40 -40.06 -6.91
N VAL B 415 60.53 -39.05 -6.91
CA VAL B 415 59.31 -39.12 -7.71
C VAL B 415 59.63 -39.05 -9.19
N ASP B 416 60.54 -38.16 -9.57
CA ASP B 416 60.95 -38.06 -10.98
C ASP B 416 61.69 -39.30 -11.45
N THR B 417 62.40 -40.00 -10.56
CA THR B 417 63.09 -41.21 -10.96
C THR B 417 62.11 -42.33 -11.30
N GLU B 418 61.01 -42.42 -10.56
CA GLU B 418 60.02 -43.47 -10.79
C GLU B 418 59.11 -43.19 -11.99
N ALA B 419 59.08 -41.95 -12.50
CA ALA B 419 58.21 -41.62 -13.62
C ALA B 419 58.64 -42.29 -14.92
N GLN B 420 59.92 -42.65 -15.05
CA GLN B 420 60.41 -43.23 -16.29
C GLN B 420 60.07 -44.72 -16.39
N ASN B 421 60.01 -45.41 -15.26
CA ASN B 421 59.70 -46.84 -15.25
C ASN B 421 58.21 -47.14 -15.41
N ILE B 422 57.36 -46.12 -15.55
CA ILE B 422 55.91 -46.28 -15.75
C ILE B 422 55.45 -45.73 -17.10
N ASP B 423 56.22 -45.95 -18.16
CA ASP B 423 56.07 -45.39 -19.53
C ASP B 423 54.60 -45.51 -19.99
N GLY B 424 54.08 -44.49 -20.69
CA GLY B 424 52.68 -44.35 -21.04
C GLY B 424 52.22 -42.91 -20.80
N LYS B 425 50.92 -42.75 -20.54
CA LYS B 425 50.33 -41.46 -20.24
C LYS B 425 50.33 -41.13 -18.74
N LYS B 426 50.61 -42.11 -17.87
CA LYS B 426 50.65 -41.84 -16.44
C LYS B 426 51.87 -41.01 -16.04
N SER B 427 52.90 -40.94 -16.87
CA SER B 427 54.11 -40.20 -16.51
C SER B 427 53.84 -38.70 -16.38
N LEU B 428 52.90 -38.17 -17.16
CA LEU B 428 52.55 -36.76 -17.04
C LEU B 428 51.86 -36.46 -15.71
N ALA B 429 51.10 -37.42 -15.18
CA ALA B 429 50.46 -37.23 -13.89
C ALA B 429 51.48 -37.23 -12.77
N VAL B 430 52.47 -38.11 -12.84
CA VAL B 430 53.49 -38.17 -11.80
C VAL B 430 54.39 -36.94 -11.88
N GLU B 431 54.67 -36.45 -13.09
CA GLU B 431 55.40 -35.21 -13.23
C GLU B 431 54.60 -34.02 -12.70
N ALA B 432 53.28 -34.05 -12.85
CA ALA B 432 52.45 -33.00 -12.26
C ALA B 432 52.52 -33.03 -10.74
N PHE B 433 52.61 -34.22 -10.15
CA PHE B 433 52.79 -34.31 -8.71
C PHE B 433 54.17 -33.79 -8.30
N ALA B 434 55.18 -34.01 -9.14
CA ALA B 434 56.50 -33.49 -8.86
C ALA B 434 56.52 -31.96 -8.92
N ARG B 435 56.01 -31.40 -10.02
CA ARG B 435 55.95 -29.96 -10.20
C ARG B 435 55.07 -29.27 -9.17
N ALA B 436 54.10 -29.96 -8.58
CA ALA B 436 53.34 -29.37 -7.49
C ALA B 436 54.19 -29.19 -6.24
N LEU B 437 55.15 -30.10 -6.01
CA LEU B 437 56.04 -29.99 -4.86
C LEU B 437 57.07 -28.88 -5.03
N ARG B 438 57.42 -28.53 -6.27
CA ARG B 438 58.36 -27.43 -6.49
C ARG B 438 57.79 -26.07 -6.07
N GLN B 439 56.46 -25.94 -5.98
CA GLN B 439 55.84 -24.65 -5.71
C GLN B 439 55.90 -24.25 -4.24
N LEU B 440 56.06 -25.19 -3.33
CA LEU B 440 56.16 -24.86 -1.91
C LEU B 440 57.41 -24.01 -1.62
N PRO B 441 58.61 -24.38 -2.09
CA PRO B 441 59.74 -23.43 -1.99
C PRO B 441 59.61 -22.21 -2.87
N THR B 442 58.71 -22.21 -3.87
CA THR B 442 58.53 -21.03 -4.71
C THR B 442 57.77 -19.93 -3.97
N ILE B 443 56.65 -20.29 -3.35
CA ILE B 443 55.88 -19.30 -2.59
C ILE B 443 56.67 -18.88 -1.36
N LEU B 444 57.49 -19.77 -0.79
CA LEU B 444 58.36 -19.37 0.31
C LEU B 444 59.40 -18.33 -0.13
N ALA B 445 59.81 -18.35 -1.39
CA ALA B 445 60.70 -17.33 -1.93
C ALA B 445 59.94 -16.08 -2.37
N ASP B 446 58.69 -16.24 -2.82
CA ASP B 446 57.91 -15.09 -3.26
C ASP B 446 57.47 -14.21 -2.09
N ASN B 447 57.20 -14.81 -0.93
CA ASN B 447 56.81 -14.03 0.24
C ASN B 447 57.93 -13.13 0.74
N ALA B 448 59.19 -13.55 0.60
CA ALA B 448 60.35 -12.75 0.99
C ALA B 448 60.79 -11.78 -0.09
N GLY B 449 60.21 -11.84 -1.30
CA GLY B 449 60.57 -10.91 -2.35
C GLY B 449 61.83 -11.27 -3.12
N PHE B 450 62.03 -12.57 -3.39
CA PHE B 450 63.14 -13.08 -4.18
C PHE B 450 62.62 -13.68 -5.47
N ASP B 451 63.55 -14.12 -6.32
CA ASP B 451 63.20 -14.68 -7.61
C ASP B 451 62.59 -16.07 -7.45
N SER B 452 61.62 -16.37 -8.31
CA SER B 452 60.91 -17.65 -8.29
C SER B 452 61.57 -18.72 -9.15
N SER B 453 62.28 -18.34 -10.20
CA SER B 453 62.85 -19.27 -11.17
C SER B 453 64.32 -19.57 -10.91
N GLU B 454 65.15 -18.54 -10.77
CA GLU B 454 66.59 -18.76 -10.63
C GLU B 454 66.94 -19.36 -9.27
N LEU B 455 66.28 -18.91 -8.20
CA LEU B 455 66.57 -19.44 -6.87
C LEU B 455 66.15 -20.89 -6.75
N VAL B 456 65.03 -21.27 -7.37
CA VAL B 456 64.60 -22.67 -7.36
C VAL B 456 65.50 -23.50 -8.28
N SER B 457 66.01 -22.89 -9.36
CA SER B 457 66.88 -23.62 -10.28
C SER B 457 68.21 -23.98 -9.62
N LYS B 458 68.72 -23.11 -8.75
CA LYS B 458 69.96 -23.43 -8.04
C LYS B 458 69.74 -24.56 -7.05
N LEU B 459 68.59 -24.59 -6.39
CA LEU B 459 68.28 -25.69 -5.49
C LEU B 459 68.06 -27.00 -6.26
N ARG B 460 67.58 -26.91 -7.50
CA ARG B 460 67.42 -28.11 -8.33
C ARG B 460 68.77 -28.74 -8.64
N SER B 461 69.72 -27.94 -9.10
CA SER B 461 71.02 -28.48 -9.51
C SER B 461 71.86 -28.93 -8.34
N SER B 462 71.67 -28.33 -7.16
CA SER B 462 72.51 -28.65 -6.01
C SER B 462 72.27 -30.06 -5.47
N ILE B 463 71.02 -30.53 -5.52
CA ILE B 463 70.68 -31.82 -4.93
C ILE B 463 71.07 -32.98 -5.85
N TYR B 464 70.87 -32.83 -7.16
CA TYR B 464 71.23 -33.89 -8.10
C TYR B 464 72.74 -34.09 -8.21
N ASN B 465 73.55 -33.09 -7.84
CA ASN B 465 74.99 -33.26 -7.83
C ASN B 465 75.48 -34.23 -6.76
N GLY B 466 74.67 -34.49 -5.72
CA GLY B 466 75.01 -35.43 -4.67
C GLY B 466 75.15 -34.80 -3.30
N ILE B 467 74.38 -33.74 -3.04
CA ILE B 467 74.36 -33.03 -1.76
C ILE B 467 72.90 -32.96 -1.31
N SER B 468 72.52 -33.87 -0.41
CA SER B 468 71.16 -33.96 0.11
C SER B 468 70.96 -33.15 1.39
N THR B 469 71.70 -32.07 1.58
CA THR B 469 71.57 -31.17 2.73
C THR B 469 71.42 -29.71 2.33
N SER B 470 71.23 -29.41 1.04
CA SER B 470 71.11 -28.03 0.57
C SER B 470 69.67 -27.55 0.69
N GLY B 471 69.51 -26.25 0.91
CA GLY B 471 68.19 -25.68 1.04
C GLY B 471 68.23 -24.18 0.91
N LEU B 472 67.06 -23.57 1.03
CA LEU B 472 66.91 -22.13 0.89
C LEU B 472 67.21 -21.44 2.22
N ASP B 473 67.87 -20.29 2.13
CA ASP B 473 68.15 -19.42 3.28
C ASP B 473 67.59 -18.04 2.93
N LEU B 474 66.57 -17.60 3.67
CA LEU B 474 65.78 -16.44 3.30
C LEU B 474 66.35 -15.12 3.79
N ASN B 475 67.18 -15.14 4.84
CA ASN B 475 67.70 -13.88 5.37
C ASN B 475 68.73 -13.25 4.43
N ASN B 476 69.47 -14.07 3.67
CA ASN B 476 70.45 -13.61 2.70
C ASN B 476 70.05 -13.83 1.26
N GLY B 477 69.16 -14.79 0.99
CA GLY B 477 68.73 -15.07 -0.37
C GLY B 477 69.72 -15.91 -1.16
N THR B 478 70.17 -17.02 -0.60
CA THR B 478 71.12 -17.91 -1.26
C THR B 478 71.01 -19.29 -0.64
N ILE B 479 71.70 -20.26 -1.25
CA ILE B 479 71.69 -21.64 -0.79
C ILE B 479 72.68 -21.78 0.35
N ALA B 480 72.30 -22.52 1.39
CA ALA B 480 73.14 -22.74 2.55
C ALA B 480 72.84 -24.12 3.13
N ASP B 481 73.71 -24.55 4.03
CA ASP B 481 73.58 -25.87 4.66
C ASP B 481 72.56 -25.80 5.78
N MET B 482 71.69 -26.81 5.85
CA MET B 482 70.63 -26.85 6.85
C MET B 482 71.12 -27.30 8.23
N ARG B 483 72.16 -28.14 8.29
CA ARG B 483 72.66 -28.59 9.57
C ARG B 483 73.31 -27.45 10.35
N GLN B 484 73.97 -26.52 9.65
CA GLN B 484 74.60 -25.39 10.31
C GLN B 484 73.58 -24.36 10.78
N LEU B 485 72.56 -24.10 9.95
CA LEU B 485 71.52 -23.13 10.34
C LEU B 485 70.67 -23.69 11.48
N GLY B 486 70.39 -24.99 11.46
CA GLY B 486 69.67 -25.63 12.54
C GLY B 486 68.17 -25.46 12.46
N ILE B 487 67.56 -25.96 11.39
CA ILE B 487 66.12 -26.02 11.22
C ILE B 487 65.75 -27.43 10.78
N VAL B 488 64.71 -28.00 11.43
CA VAL B 488 64.33 -29.38 11.20
C VAL B 488 62.90 -29.55 11.68
N GLU B 489 62.15 -30.41 10.99
CA GLU B 489 60.77 -30.76 11.32
C GLU B 489 60.71 -32.22 11.72
N SER B 490 59.56 -32.63 12.26
CA SER B 490 59.33 -33.99 12.69
C SER B 490 58.88 -34.85 11.51
N TYR B 491 58.97 -36.17 11.69
CA TYR B 491 58.55 -37.09 10.64
C TYR B 491 57.03 -37.17 10.54
N LYS B 492 56.34 -37.05 11.67
CA LYS B 492 54.88 -37.09 11.66
C LYS B 492 54.29 -35.88 10.95
N LEU B 493 54.96 -34.72 11.01
CA LEU B 493 54.46 -33.54 10.33
C LEU B 493 54.54 -33.71 8.82
N LYS B 494 55.72 -34.06 8.31
CA LYS B 494 55.88 -34.19 6.86
C LYS B 494 55.10 -35.39 6.33
N ARG B 495 54.96 -36.45 7.13
CA ARG B 495 54.10 -37.56 6.74
C ARG B 495 52.64 -37.11 6.68
N ALA B 496 52.24 -36.21 7.57
CA ALA B 496 50.84 -35.80 7.65
C ALA B 496 50.47 -34.88 6.48
N VAL B 497 51.30 -33.88 6.19
CA VAL B 497 50.95 -32.91 5.15
C VAL B 497 51.01 -33.54 3.77
N VAL B 498 51.92 -34.49 3.55
CA VAL B 498 51.99 -35.17 2.27
C VAL B 498 50.78 -36.09 2.09
N SER B 499 50.39 -36.79 3.15
CA SER B 499 49.23 -37.67 3.07
C SER B 499 47.93 -36.87 3.05
N SER B 500 47.86 -35.77 3.80
CA SER B 500 46.65 -34.96 3.82
C SER B 500 46.46 -34.22 2.50
N ALA B 501 47.54 -33.65 1.95
CA ALA B 501 47.44 -32.94 0.69
C ALA B 501 47.21 -33.90 -0.47
N SER B 502 47.78 -35.11 -0.39
CA SER B 502 47.56 -36.10 -1.43
C SER B 502 46.11 -36.56 -1.45
N GLU B 503 45.59 -37.03 -0.31
CA GLU B 503 44.20 -37.46 -0.22
C GLU B 503 43.21 -36.33 -0.44
N ALA B 504 43.59 -35.08 -0.15
CA ALA B 504 42.73 -33.96 -0.44
C ALA B 504 42.58 -33.74 -1.94
N ALA B 505 43.63 -34.01 -2.72
CA ALA B 505 43.53 -33.91 -4.17
C ALA B 505 42.62 -35.00 -4.74
N GLU B 506 42.56 -36.16 -4.10
CA GLU B 506 41.70 -37.24 -4.57
C GLU B 506 40.22 -36.89 -4.45
N VAL B 507 39.87 -35.97 -3.55
CA VAL B 507 38.47 -35.63 -3.32
C VAL B 507 37.88 -34.91 -4.53
N LEU B 508 38.41 -33.73 -4.85
CA LEU B 508 37.81 -32.85 -5.84
C LEU B 508 38.24 -33.16 -7.28
N LEU B 509 38.92 -34.29 -7.52
CA LEU B 509 39.18 -34.79 -8.87
C LEU B 509 38.16 -35.84 -9.30
N ARG B 510 37.54 -36.55 -8.36
CA ARG B 510 36.51 -37.54 -8.64
C ARG B 510 35.10 -36.94 -8.68
N VAL B 511 34.97 -35.61 -8.77
CA VAL B 511 33.68 -34.92 -8.79
C VAL B 511 33.45 -34.35 -10.17
N ASP B 512 32.24 -34.54 -10.69
CA ASP B 512 31.82 -34.02 -11.99
C ASP B 512 30.52 -33.22 -11.88
N ASN B 513 29.62 -33.65 -10.99
CA ASN B 513 28.32 -33.02 -10.79
C ASN B 513 28.27 -32.41 -9.39
N ILE B 514 27.65 -31.23 -9.31
CA ILE B 514 27.45 -30.50 -8.05
C ILE B 514 25.96 -30.29 -7.88
N ILE B 515 25.40 -30.84 -6.80
CA ILE B 515 23.97 -30.80 -6.51
C ILE B 515 23.78 -29.90 -5.29
N ARG B 516 22.97 -28.86 -5.45
CA ARG B 516 22.67 -27.89 -4.40
C ARG B 516 21.17 -27.87 -4.15
N ALA B 517 20.75 -28.33 -2.98
CA ALA B 517 19.36 -28.28 -2.57
C ALA B 517 19.05 -26.89 -2.01
N ARG B 518 17.82 -26.69 -1.54
CA ARG B 518 17.45 -25.38 -1.00
C ARG B 518 18.14 -25.16 0.35
N PRO B 519 18.49 -23.92 0.71
CA PRO B 519 18.88 -23.66 2.10
C PRO B 519 17.69 -23.70 3.03
N ARG B 520 17.95 -24.07 4.28
CA ARG B 520 16.93 -24.13 5.33
C ARG B 520 17.07 -22.93 6.26
N PRO C 6 65.50 -2.62 -13.32
CA PRO C 6 65.49 -3.01 -14.74
C PRO C 6 64.39 -4.02 -15.04
N SER C 7 64.37 -4.55 -16.27
CA SER C 7 63.35 -5.52 -16.66
C SER C 7 63.39 -6.79 -15.82
N ASN C 8 64.56 -7.17 -15.29
CA ASN C 8 64.69 -8.35 -14.46
C ASN C 8 64.26 -8.14 -13.01
N ALA C 9 63.75 -6.97 -12.65
CA ALA C 9 63.34 -6.71 -11.29
C ALA C 9 62.04 -7.44 -10.94
N THR C 10 61.85 -7.71 -9.66
CA THR C 10 60.67 -8.40 -9.18
C THR C 10 59.52 -7.42 -9.01
N PHE C 11 58.44 -7.63 -9.75
CA PHE C 11 57.26 -6.77 -9.64
C PHE C 11 56.46 -7.08 -8.38
N LYS C 12 56.46 -8.34 -7.93
CA LYS C 12 55.84 -8.88 -6.73
C LYS C 12 54.32 -9.08 -6.85
N ASN C 13 53.68 -8.59 -7.91
CA ASN C 13 52.33 -8.99 -8.30
C ASN C 13 51.22 -8.47 -7.39
N LYS C 14 51.55 -7.75 -6.30
CA LYS C 14 50.62 -7.40 -5.24
C LYS C 14 50.80 -5.94 -4.86
N GLU C 15 49.74 -5.15 -5.09
CA GLU C 15 49.59 -3.81 -4.55
C GLU C 15 48.49 -3.70 -3.50
N LYS C 16 47.62 -4.71 -3.38
CA LYS C 16 46.62 -4.73 -2.32
C LYS C 16 47.19 -4.68 -0.90
N PRO C 17 48.33 -5.32 -0.56
CA PRO C 17 48.83 -5.19 0.83
C PRO C 17 49.20 -3.77 1.22
N GLN C 18 49.94 -3.04 0.39
CA GLN C 18 50.31 -1.67 0.72
C GLN C 18 49.10 -0.73 0.77
N GLU C 19 48.06 -1.03 0.00
CA GLU C 19 46.84 -0.21 0.06
C GLU C 19 46.08 -0.46 1.35
N VAL C 20 46.04 -1.71 1.82
CA VAL C 20 45.36 -2.01 3.06
C VAL C 20 46.11 -1.41 4.24
N ARG C 21 47.43 -1.38 4.18
CA ARG C 21 48.21 -0.75 5.24
C ARG C 21 47.98 0.76 5.28
N LYS C 22 47.80 1.37 4.10
CA LYS C 22 47.48 2.79 4.06
C LYS C 22 46.11 3.08 4.63
N ALA C 23 45.14 2.19 4.38
CA ALA C 23 43.81 2.37 4.94
C ALA C 23 43.81 2.21 6.46
N ASN C 24 44.69 1.36 7.00
CA ASN C 24 44.77 1.17 8.43
C ASN C 24 45.48 2.33 9.12
N ILE C 25 46.49 2.91 8.48
CA ILE C 25 47.24 4.00 9.07
C ILE C 25 46.37 5.25 9.16
N ILE C 26 45.59 5.53 8.11
CA ILE C 26 44.69 6.68 8.14
C ILE C 26 43.58 6.46 9.15
N ALA C 27 43.09 5.23 9.25
CA ALA C 27 42.07 4.92 10.25
C ALA C 27 42.63 5.00 11.66
N ALA C 28 43.90 4.64 11.85
CA ALA C 28 44.53 4.73 13.16
C ALA C 28 44.88 6.16 13.52
N ARG C 29 45.30 6.96 12.53
CA ARG C 29 45.60 8.37 12.77
C ARG C 29 44.33 9.20 12.94
N SER C 30 43.19 8.74 12.44
CA SER C 30 41.95 9.50 12.62
C SER C 30 41.52 9.55 14.08
N VAL C 31 41.50 8.41 14.76
CA VAL C 31 41.17 8.38 16.18
C VAL C 31 42.30 8.91 17.06
N ALA C 32 43.55 8.80 16.60
CA ALA C 32 44.67 9.38 17.36
C ALA C 32 44.58 10.90 17.37
N ASP C 33 44.17 11.50 16.25
CA ASP C 33 43.96 12.94 16.18
C ASP C 33 42.67 13.39 16.86
N ALA C 34 41.80 12.46 17.26
CA ALA C 34 40.60 12.86 18.00
C ALA C 34 40.94 13.22 19.44
N ILE C 35 41.91 12.53 20.04
CA ILE C 35 42.32 12.71 21.43
C ILE C 35 43.66 13.45 21.54
N ARG C 36 44.10 14.14 20.48
CA ARG C 36 45.35 14.87 20.56
C ARG C 36 45.24 16.08 21.48
N THR C 37 44.07 16.73 21.50
CA THR C 37 43.85 17.93 22.29
C THR C 37 43.50 17.65 23.75
N SER C 38 43.61 16.39 24.21
CA SER C 38 43.35 16.01 25.60
C SER C 38 44.63 15.70 26.38
N LEU C 39 45.78 16.22 25.92
CA LEU C 39 47.09 15.93 26.50
C LEU C 39 47.65 17.19 27.16
N GLY C 40 48.20 17.02 28.36
CA GLY C 40 48.85 18.10 29.07
C GLY C 40 47.91 18.86 29.99
N PRO C 41 48.42 19.86 30.70
CA PRO C 41 47.53 20.73 31.49
C PRO C 41 46.54 21.49 30.65
N LYS C 42 46.86 21.79 29.40
CA LYS C 42 45.95 22.47 28.49
C LYS C 42 44.99 21.52 27.77
N GLY C 43 44.83 20.29 28.25
CA GLY C 43 43.89 19.36 27.64
C GLY C 43 42.46 19.69 28.00
N MET C 44 41.55 19.08 27.23
CA MET C 44 40.11 19.29 27.36
C MET C 44 39.42 17.96 27.63
N ASP C 45 38.33 18.02 28.38
CA ASP C 45 37.57 16.83 28.72
C ASP C 45 36.70 16.41 27.54
N LYS C 46 36.29 15.13 27.55
CA LYS C 46 35.49 14.52 26.50
C LYS C 46 34.33 13.79 27.16
N MET C 47 33.11 14.30 26.95
CA MET C 47 31.89 13.71 27.47
C MET C 47 31.25 12.86 26.38
N ILE C 48 31.07 11.57 26.67
CA ILE C 48 30.61 10.57 25.72
C ILE C 48 29.24 10.08 26.16
N LYS C 49 28.26 10.20 25.27
CA LYS C 49 26.92 9.64 25.50
C LYS C 49 26.91 8.20 25.00
N THR C 50 26.74 7.26 25.93
CA THR C 50 26.80 5.84 25.62
C THR C 50 25.47 5.40 24.99
N SER C 51 25.34 4.09 24.72
CA SER C 51 24.10 3.59 24.15
C SER C 51 22.95 3.67 25.14
N ARG C 52 23.16 3.21 26.38
CA ARG C 52 22.15 3.30 27.41
C ARG C 52 22.09 4.74 27.94
N GLY C 53 21.25 4.97 28.95
CA GLY C 53 21.00 6.30 29.46
C GLY C 53 22.09 6.90 30.32
N GLU C 54 23.23 6.22 30.49
CA GLU C 54 24.31 6.75 31.32
C GLU C 54 25.11 7.78 30.54
N ILE C 55 25.51 8.85 31.24
CA ILE C 55 26.40 9.89 30.71
C ILE C 55 27.63 9.95 31.60
N ILE C 56 28.79 10.20 30.99
CA ILE C 56 30.06 10.17 31.69
C ILE C 56 30.99 11.18 31.04
N ILE C 57 31.69 11.96 31.88
CA ILE C 57 32.76 12.85 31.46
C ILE C 57 34.07 12.10 31.61
N SER C 58 35.00 12.34 30.68
CA SER C 58 36.23 11.56 30.62
C SER C 58 37.35 12.37 29.99
N ASN C 59 38.40 12.61 30.78
CA ASN C 59 39.69 13.09 30.28
C ASN C 59 40.67 11.96 30.01
N ASP C 60 40.51 10.82 30.70
CA ASP C 60 41.40 9.68 30.51
C ASP C 60 41.23 9.12 29.10
N GLY C 61 42.35 8.93 28.40
CA GLY C 61 42.31 8.37 27.07
C GLY C 61 41.85 6.91 27.04
N HIS C 62 42.11 6.16 28.11
CA HIS C 62 41.65 4.78 28.16
C HIS C 62 40.13 4.71 28.25
N THR C 63 39.53 5.54 29.11
CA THR C 63 38.08 5.53 29.25
C THR C 63 37.41 6.19 28.05
N ILE C 64 38.08 7.15 27.40
CA ILE C 64 37.56 7.71 26.16
C ILE C 64 37.53 6.64 25.08
N LEU C 65 38.64 5.92 24.90
CA LEU C 65 38.70 4.88 23.89
C LEU C 65 37.82 3.68 24.24
N LYS C 66 37.60 3.42 25.53
CA LYS C 66 36.77 2.30 25.94
C LYS C 66 35.30 2.53 25.61
N GLN C 67 34.79 3.71 25.92
CA GLN C 67 33.39 4.04 25.67
C GLN C 67 33.10 4.28 24.20
N MET C 68 34.08 4.73 23.42
CA MET C 68 33.89 4.93 21.99
C MET C 68 33.85 3.59 21.28
N ALA C 69 32.74 3.32 20.60
CA ALA C 69 32.56 2.10 19.82
C ALA C 69 33.06 2.36 18.40
N ILE C 70 34.20 1.76 18.06
CA ILE C 70 34.90 1.98 16.79
C ILE C 70 34.55 0.83 15.86
N LEU C 71 34.24 1.16 14.61
CA LEU C 71 33.95 0.15 13.60
C LEU C 71 35.21 -0.48 13.01
N HIS C 72 36.32 0.26 12.94
CA HIS C 72 37.53 -0.24 12.32
C HIS C 72 38.28 -1.10 13.33
N PRO C 73 38.78 -2.32 13.00
CA PRO C 73 39.39 -3.15 14.04
C PRO C 73 40.79 -2.70 14.42
N VAL C 74 41.54 -2.15 13.45
CA VAL C 74 42.89 -1.72 13.73
C VAL C 74 42.90 -0.53 14.68
N ALA C 75 41.97 0.41 14.48
CA ALA C 75 41.80 1.50 15.45
C ALA C 75 41.31 0.98 16.78
N ARG C 76 40.57 -0.14 16.79
CA ARG C 76 40.13 -0.75 18.04
C ARG C 76 41.27 -1.35 18.85
N MET C 77 42.40 -1.67 18.20
CA MET C 77 43.56 -2.17 18.94
C MET C 77 44.13 -1.14 19.90
N LEU C 78 43.96 0.15 19.61
CA LEU C 78 44.42 1.19 20.53
C LEU C 78 43.64 1.18 21.84
N VAL C 79 42.42 0.62 21.85
CA VAL C 79 41.68 0.51 23.10
C VAL C 79 42.38 -0.48 24.04
N GLU C 80 42.94 -1.55 23.47
CA GLU C 80 43.64 -2.54 24.28
C GLU C 80 45.01 -2.06 24.73
N VAL C 81 45.67 -1.23 23.91
CA VAL C 81 46.95 -0.67 24.31
C VAL C 81 46.77 0.28 25.49
N SER C 82 45.73 1.11 25.46
CA SER C 82 45.43 1.97 26.59
C SER C 82 45.03 1.15 27.82
N ALA C 83 44.36 0.02 27.60
CA ALA C 83 44.07 -0.89 28.71
C ALA C 83 45.35 -1.52 29.24
N ALA C 84 46.29 -1.82 28.34
CA ALA C 84 47.58 -2.37 28.77
C ALA C 84 48.42 -1.31 29.47
N GLN C 85 48.40 -0.08 28.95
CA GLN C 85 49.10 1.01 29.62
C GLN C 85 48.46 1.33 30.97
N ASP C 86 47.14 1.19 31.06
CA ASP C 86 46.45 1.45 32.33
C ASP C 86 46.73 0.35 33.35
N SER C 87 46.86 -0.90 32.90
CA SER C 87 47.06 -2.01 33.82
C SER C 87 48.51 -2.07 34.31
N GLU C 88 49.47 -1.88 33.41
CA GLU C 88 50.88 -2.00 33.77
C GLU C 88 51.38 -0.76 34.51
N ALA C 89 51.32 0.40 33.85
CA ALA C 89 51.84 1.65 34.40
C ALA C 89 50.78 2.46 35.12
N GLY C 90 49.62 2.68 34.48
CA GLY C 90 48.57 3.50 35.04
C GLY C 90 48.72 4.99 34.82
N ASP C 91 49.66 5.43 33.98
CA ASP C 91 49.90 6.82 33.70
C ASP C 91 50.33 6.98 32.24
N GLY C 92 49.86 8.05 31.61
CA GLY C 92 50.15 8.28 30.21
C GLY C 92 49.41 7.36 29.26
N THR C 93 48.11 7.17 29.48
CA THR C 93 47.32 6.29 28.62
C THR C 93 47.07 6.90 27.24
N THR C 94 47.15 8.23 27.10
CA THR C 94 47.06 8.89 25.80
C THR C 94 48.40 9.10 25.13
N SER C 95 49.50 9.15 25.90
CA SER C 95 50.81 9.35 25.30
C SER C 95 51.24 8.13 24.48
N VAL C 96 50.86 6.93 24.92
CA VAL C 96 51.15 5.73 24.13
C VAL C 96 50.36 5.73 22.82
N VAL C 97 49.16 6.31 22.83
CA VAL C 97 48.32 6.28 21.63
C VAL C 97 48.80 7.31 20.61
N ILE C 98 49.15 8.52 21.07
CA ILE C 98 49.58 9.56 20.14
C ILE C 98 50.95 9.24 19.56
N LEU C 99 51.81 8.56 20.32
CA LEU C 99 53.08 8.09 19.77
C LEU C 99 52.87 6.97 18.75
N THR C 100 51.86 6.14 18.96
CA THR C 100 51.54 5.10 17.99
C THR C 100 51.07 5.71 16.67
N GLY C 101 50.21 6.73 16.75
CA GLY C 101 49.79 7.42 15.54
C GLY C 101 50.92 8.17 14.86
N ALA C 102 51.88 8.67 15.65
CA ALA C 102 53.02 9.36 15.06
C ALA C 102 53.96 8.38 14.36
N LEU C 103 54.17 7.21 14.95
CA LEU C 103 55.01 6.21 14.30
C LEU C 103 54.35 5.63 13.05
N LEU C 104 53.03 5.48 13.07
CA LEU C 104 52.32 5.04 11.87
C LEU C 104 52.38 6.10 10.77
N GLY C 105 52.31 7.38 11.16
CA GLY C 105 52.54 8.43 10.19
C GLY C 105 53.97 8.47 9.69
N ALA C 106 54.92 8.08 10.55
CA ALA C 106 56.31 7.92 10.11
C ALA C 106 56.45 6.70 9.20
N ALA C 107 55.77 5.61 9.53
CA ALA C 107 55.78 4.42 8.70
C ALA C 107 54.97 4.58 7.41
N GLU C 108 54.11 5.60 7.32
CA GLU C 108 53.32 5.78 6.10
C GLU C 108 54.20 6.15 4.91
N ARG C 109 55.11 7.09 5.10
CA ARG C 109 56.02 7.48 4.02
C ARG C 109 57.09 6.42 3.75
N LEU C 110 57.49 5.65 4.76
CA LEU C 110 58.47 4.60 4.56
C LEU C 110 57.92 3.44 3.74
N LEU C 111 56.61 3.23 3.76
CA LEU C 111 56.01 2.24 2.86
C LEU C 111 56.17 2.64 1.40
N ASN C 112 56.05 3.94 1.11
CA ASN C 112 56.31 4.45 -0.23
C ASN C 112 57.79 4.52 -0.56
N LYS C 113 58.67 4.55 0.44
CA LYS C 113 60.11 4.57 0.20
C LYS C 113 60.61 3.26 -0.41
N GLY C 114 59.90 2.15 -0.22
CA GLY C 114 60.28 0.87 -0.76
C GLY C 114 61.09 0.00 0.17
N ILE C 115 60.87 0.10 1.49
CA ILE C 115 61.54 -0.74 2.49
C ILE C 115 60.48 -1.69 3.03
N HIS C 116 60.92 -2.91 3.37
CA HIS C 116 59.98 -3.93 3.81
C HIS C 116 59.39 -3.53 5.17
N PRO C 117 58.12 -3.86 5.47
CA PRO C 117 57.58 -3.49 6.80
C PRO C 117 58.26 -4.21 7.95
N THR C 118 58.71 -5.45 7.76
CA THR C 118 59.37 -6.18 8.85
C THR C 118 60.69 -5.52 9.23
N ILE C 119 61.42 -4.99 8.24
CA ILE C 119 62.65 -4.26 8.54
C ILE C 119 62.32 -2.97 9.28
N ILE C 120 61.22 -2.32 8.93
CA ILE C 120 60.79 -1.11 9.62
C ILE C 120 60.34 -1.46 11.04
N ALA C 121 59.64 -2.58 11.19
CA ALA C 121 59.13 -2.96 12.50
C ALA C 121 60.27 -3.35 13.44
N ASP C 122 61.22 -4.15 12.97
CA ASP C 122 62.34 -4.55 13.79
C ASP C 122 63.23 -3.37 14.16
N SER C 123 63.28 -2.34 13.31
CA SER C 123 64.09 -1.16 13.61
C SER C 123 63.55 -0.40 14.81
N PHE C 124 62.22 -0.31 14.95
CA PHE C 124 61.64 0.37 16.10
C PHE C 124 61.89 -0.43 17.39
N GLN C 125 61.92 -1.76 17.29
CA GLN C 125 62.20 -2.56 18.47
C GLN C 125 63.64 -2.36 18.95
N SER C 126 64.59 -2.29 18.01
CA SER C 126 65.96 -1.98 18.40
C SER C 126 66.09 -0.54 18.87
N ALA C 127 65.38 0.38 18.21
CA ALA C 127 65.40 1.78 18.64
C ALA C 127 64.70 1.97 19.99
N ALA C 128 63.62 1.22 20.22
CA ALA C 128 62.94 1.30 21.50
C ALA C 128 63.79 0.72 22.62
N LYS C 129 64.52 -0.37 22.33
CA LYS C 129 65.42 -0.94 23.33
C LYS C 129 66.56 0.02 23.65
N ARG C 130 67.10 0.70 22.63
CA ARG C 130 68.12 1.71 22.87
C ARG C 130 67.55 2.92 23.58
N SER C 131 66.27 3.23 23.38
CA SER C 131 65.63 4.33 24.10
C SER C 131 65.54 4.02 25.58
N VAL C 132 65.32 2.75 25.94
CA VAL C 132 65.31 2.36 27.35
C VAL C 132 66.72 2.47 27.93
N ASP C 133 67.74 2.16 27.12
CA ASP C 133 69.12 2.33 27.58
C ASP C 133 69.44 3.79 27.84
N ILE C 134 68.83 4.70 27.09
CA ILE C 134 69.03 6.13 27.34
C ILE C 134 68.28 6.56 28.60
N LEU C 135 67.09 5.98 28.83
CA LEU C 135 66.31 6.34 30.00
C LEU C 135 66.97 5.89 31.30
N LEU C 136 67.59 4.71 31.31
CA LEU C 136 68.30 4.26 32.51
C LEU C 136 69.52 5.11 32.81
N GLU C 137 70.14 5.71 31.79
CA GLU C 137 71.30 6.56 32.04
C GLU C 137 70.91 7.83 32.77
N MET C 138 69.92 8.56 32.23
CA MET C 138 69.45 9.80 32.84
C MET C 138 68.39 9.58 33.92
N CYS C 139 68.20 8.35 34.39
CA CYS C 139 67.25 8.09 35.46
C CYS C 139 67.81 8.59 36.79
N HIS C 140 67.17 9.61 37.35
CA HIS C 140 67.58 10.20 38.62
C HIS C 140 66.97 9.43 39.76
N LYS C 141 67.81 8.82 40.59
CA LYS C 141 67.34 8.01 41.71
C LYS C 141 66.67 8.88 42.77
N VAL C 142 65.82 8.26 43.57
CA VAL C 142 65.14 8.91 44.68
C VAL C 142 65.06 7.95 45.86
N SER C 143 65.01 8.53 47.05
CA SER C 143 64.95 7.78 48.31
C SER C 143 63.51 7.69 48.80
N LEU C 144 63.27 6.67 49.63
CA LEU C 144 61.96 6.46 50.21
C LEU C 144 61.76 7.36 51.42
N SER C 145 60.49 7.52 51.81
CA SER C 145 60.11 8.31 52.99
C SER C 145 60.50 9.77 52.86
N ASP C 146 60.37 10.31 51.66
CA ASP C 146 60.67 11.71 51.35
C ASP C 146 59.39 12.39 50.89
N ARG C 147 58.93 13.37 51.66
CA ARG C 147 57.70 14.10 51.36
C ARG C 147 57.91 15.27 50.40
N GLU C 148 59.10 15.41 49.79
CA GLU C 148 59.42 16.48 48.87
C GLU C 148 59.23 16.07 47.41
N GLN C 149 59.88 14.98 46.99
CA GLN C 149 59.81 14.53 45.61
C GLN C 149 58.52 13.76 45.34
N LEU C 150 58.05 12.99 46.32
CA LEU C 150 56.85 12.17 46.11
C LEU C 150 55.61 13.02 46.00
N VAL C 151 55.53 14.11 46.77
CA VAL C 151 54.34 14.97 46.74
C VAL C 151 54.27 15.72 45.43
N ARG C 152 55.35 16.40 45.05
CA ARG C 152 55.36 17.18 43.82
C ARG C 152 55.31 16.31 42.57
N ALA C 153 55.74 15.05 42.65
CA ALA C 153 55.63 14.15 41.52
C ALA C 153 54.19 13.74 41.26
N ALA C 154 53.37 13.61 42.31
CA ALA C 154 51.97 13.28 42.14
C ALA C 154 51.17 14.46 41.60
N SER C 155 51.53 15.68 41.98
CA SER C 155 50.83 16.87 41.50
C SER C 155 51.07 17.11 40.01
N THR C 156 52.16 16.58 39.44
CA THR C 156 52.39 16.74 38.01
C THR C 156 51.34 16.00 37.20
N SER C 157 50.94 14.81 37.64
CA SER C 157 49.91 14.06 36.94
C SER C 157 48.52 14.63 37.18
N LEU C 158 48.25 15.14 38.38
CA LEU C 158 46.96 15.75 38.67
C LEU C 158 46.75 17.06 37.92
N SER C 159 47.83 17.76 37.54
CA SER C 159 47.71 19.00 36.80
C SER C 159 47.30 18.80 35.34
N SER C 160 47.34 17.57 34.84
CA SER C 160 47.01 17.36 33.43
C SER C 160 45.55 17.06 33.23
N LYS C 161 44.79 17.24 34.34
CA LYS C 161 43.35 16.95 34.35
C LYS C 161 42.55 17.83 35.25
N ILE C 162 41.38 17.35 35.65
CA ILE C 162 40.48 18.16 36.47
C ILE C 162 40.97 18.00 37.84
N VAL C 163 40.43 18.76 38.76
CA VAL C 163 40.83 18.68 40.10
C VAL C 163 42.27 18.97 40.20
N SER C 164 42.70 20.19 39.86
CA SER C 164 44.13 20.32 40.14
C SER C 164 44.44 21.46 41.11
N GLN C 165 43.56 22.48 41.20
CA GLN C 165 43.75 23.56 42.17
C GLN C 165 43.73 23.04 43.60
N TYR C 166 42.87 22.07 43.89
CA TYR C 166 42.83 21.41 45.18
C TYR C 166 43.83 20.26 45.30
N SER C 167 44.76 20.12 44.35
CA SER C 167 45.78 19.07 44.44
C SER C 167 46.86 19.36 45.46
N SER C 168 46.90 20.56 46.05
CA SER C 168 47.92 20.87 47.04
C SER C 168 47.81 20.02 48.29
N PHE C 169 46.62 19.53 48.63
CA PHE C 169 46.37 18.67 49.77
C PHE C 169 45.81 17.30 49.39
N LEU C 170 45.54 17.05 48.10
CA LEU C 170 45.27 15.71 47.59
C LEU C 170 46.52 15.01 47.09
N ALA C 171 47.55 15.75 46.68
CA ALA C 171 48.82 15.18 46.29
C ALA C 171 49.50 14.46 47.45
N PRO C 172 49.74 15.10 48.61
CA PRO C 172 50.31 14.34 49.73
C PRO C 172 49.38 13.30 50.31
N LEU C 173 48.06 13.46 50.13
CA LEU C 173 47.12 12.42 50.51
C LEU C 173 47.38 11.13 49.73
N ALA C 174 47.76 11.26 48.45
CA ALA C 174 48.07 10.10 47.64
C ALA C 174 49.39 9.45 48.07
N VAL C 175 50.32 10.23 48.63
CA VAL C 175 51.62 9.69 49.00
C VAL C 175 51.49 8.74 50.19
N ASP C 176 50.94 9.23 51.30
CA ASP C 176 50.79 8.41 52.50
C ASP C 176 49.81 7.26 52.32
N SER C 177 48.84 7.39 51.42
CA SER C 177 47.83 6.35 51.24
C SER C 177 48.35 5.08 50.59
N VAL C 178 49.56 5.12 49.97
CA VAL C 178 50.14 3.98 49.26
C VAL C 178 51.42 3.51 49.95
N LEU C 179 52.33 4.44 50.25
CA LEU C 179 53.62 4.05 50.82
C LEU C 179 53.47 3.58 52.26
N LYS C 180 52.69 4.30 53.06
CA LYS C 180 52.57 4.03 54.49
C LYS C 180 51.44 3.07 54.85
N ILE C 181 50.66 2.59 53.87
CA ILE C 181 49.47 1.79 54.13
C ILE C 181 49.54 0.48 53.33
N SER C 182 49.63 0.59 52.01
CA SER C 182 49.52 -0.59 51.16
C SER C 182 50.73 -1.50 51.30
N ASP C 183 51.91 -0.98 50.94
CA ASP C 183 53.14 -1.76 51.01
C ASP C 183 54.31 -0.80 51.02
N GLU C 184 55.39 -1.20 51.71
CA GLU C 184 56.49 -0.30 52.02
C GLU C 184 57.67 -0.39 51.06
N ASN C 185 57.99 -1.58 50.54
CA ASN C 185 59.26 -1.80 49.85
C ASN C 185 59.12 -1.98 48.34
N SER C 186 58.47 -3.06 47.88
CA SER C 186 58.44 -3.35 46.45
C SER C 186 57.55 -4.57 46.19
N LYS C 187 57.37 -4.88 44.91
CA LYS C 187 56.96 -6.19 44.39
C LYS C 187 55.50 -6.58 44.57
N ASN C 188 54.75 -5.84 45.40
CA ASN C 188 53.43 -6.29 45.86
C ASN C 188 52.37 -5.19 45.84
N VAL C 189 52.79 -3.92 45.65
CA VAL C 189 52.03 -2.71 45.98
C VAL C 189 50.66 -2.71 45.29
N ASP C 190 49.60 -2.71 46.10
CA ASP C 190 48.26 -3.03 45.63
C ASP C 190 47.35 -1.81 45.67
N LEU C 191 46.41 -1.75 44.73
CA LEU C 191 45.40 -0.70 44.64
C LEU C 191 44.02 -1.15 45.11
N ASN C 192 43.77 -2.46 45.20
CA ASN C 192 42.52 -2.95 45.73
C ASN C 192 42.38 -2.71 47.23
N ASP C 193 43.49 -2.50 47.95
CA ASP C 193 43.45 -2.10 49.34
C ASP C 193 42.98 -0.66 49.52
N ILE C 194 42.96 0.15 48.46
CA ILE C 194 42.43 1.52 48.49
C ILE C 194 40.94 1.43 48.21
N ARG C 195 40.16 2.29 48.88
CA ARG C 195 38.71 2.37 48.73
C ARG C 195 38.32 3.80 48.37
N LEU C 196 37.45 3.94 47.39
CA LEU C 196 36.85 5.22 47.01
C LEU C 196 35.34 5.08 47.06
N VAL C 197 34.70 5.91 47.88
CA VAL C 197 33.25 5.90 48.08
C VAL C 197 32.64 6.99 47.21
N LYS C 198 31.75 6.61 46.30
CA LYS C 198 31.06 7.53 45.42
C LYS C 198 29.80 8.03 46.11
N LYS C 199 29.56 9.34 46.04
CA LYS C 199 28.38 9.94 46.65
C LYS C 199 28.01 11.22 45.91
N VAL C 200 26.71 11.37 45.64
CA VAL C 200 26.19 12.61 45.07
C VAL C 200 26.02 13.64 46.18
N GLY C 201 26.16 14.91 45.82
CA GLY C 201 26.02 16.02 46.74
C GLY C 201 27.36 16.45 47.32
N GLY C 202 27.36 17.62 47.93
CA GLY C 202 28.57 18.21 48.48
C GLY C 202 29.36 18.95 47.43
N THR C 203 30.54 19.43 47.86
CA THR C 203 31.47 20.19 47.04
C THR C 203 32.82 19.47 46.99
N ILE C 204 33.69 19.93 46.10
CA ILE C 204 35.00 19.30 45.93
C ILE C 204 35.85 19.52 47.17
N ASP C 205 35.70 20.67 47.84
CA ASP C 205 36.48 20.93 49.05
C ASP C 205 36.11 20.02 50.20
N ASP C 206 34.91 19.43 50.20
CA ASP C 206 34.49 18.57 51.29
C ASP C 206 35.26 17.25 51.37
N THR C 207 35.98 16.87 50.32
CA THR C 207 36.79 15.65 50.35
C THR C 207 37.93 15.83 51.36
N GLU C 208 38.04 14.88 52.29
CA GLU C 208 39.05 14.94 53.35
C GLU C 208 39.48 13.52 53.70
N MET C 209 40.54 13.42 54.51
CA MET C 209 41.10 12.15 54.92
C MET C 209 40.34 11.62 56.13
N ILE C 210 40.12 10.30 56.16
CA ILE C 210 39.52 9.59 57.29
C ILE C 210 40.55 8.58 57.77
N ASP C 211 40.93 8.68 59.05
CA ASP C 211 41.96 7.83 59.62
C ASP C 211 41.55 6.36 59.64
N GLY C 212 40.26 6.06 59.76
CA GLY C 212 39.76 4.70 59.83
C GLY C 212 38.92 4.33 58.63
N VAL C 213 38.40 3.09 58.61
CA VAL C 213 37.58 2.62 57.51
C VAL C 213 36.18 3.20 57.65
N VAL C 214 35.56 3.46 56.49
CA VAL C 214 34.20 3.99 56.41
C VAL C 214 33.32 2.96 55.72
N LEU C 215 32.09 2.82 56.23
CA LEU C 215 31.11 1.89 55.70
C LEU C 215 30.17 2.61 54.74
N THR C 216 30.08 2.09 53.52
CA THR C 216 29.15 2.65 52.54
C THR C 216 27.69 2.35 52.88
N GLN C 217 27.43 1.26 53.60
CA GLN C 217 26.08 0.89 53.97
C GLN C 217 25.57 1.81 55.09
N THR C 218 24.26 1.78 55.29
CA THR C 218 23.56 2.58 56.30
C THR C 218 22.82 1.65 57.25
N ALA C 219 22.37 2.21 58.38
CA ALA C 219 21.67 1.45 59.38
C ALA C 219 20.22 1.20 58.94
N ILE C 220 19.61 0.20 59.58
CA ILE C 220 18.24 -0.17 59.23
C ILE C 220 17.25 0.82 59.84
N LYS C 221 17.33 1.02 61.16
CA LYS C 221 16.49 1.98 61.89
C LYS C 221 15.01 1.65 61.76
N SER C 222 14.67 0.35 61.73
CA SER C 222 13.28 -0.06 61.66
C SER C 222 12.63 -0.01 63.04
N ALA C 223 13.26 -0.62 64.04
CA ALA C 223 12.78 -0.60 65.42
C ALA C 223 13.26 0.61 66.20
N GLY C 224 14.00 1.54 65.58
CA GLY C 224 14.44 2.74 66.25
C GLY C 224 15.68 2.53 67.11
N GLY C 225 16.72 1.95 66.52
CA GLY C 225 17.96 1.71 67.21
C GLY C 225 18.82 2.96 67.25
N PRO C 226 19.91 2.96 68.04
CA PRO C 226 20.79 4.13 68.06
C PRO C 226 21.53 4.32 66.76
N THR C 227 21.93 5.58 66.51
CA THR C 227 22.77 5.96 65.39
C THR C 227 24.17 6.41 65.78
N ARG C 228 24.44 6.63 67.08
CA ARG C 228 25.74 7.09 67.57
C ARG C 228 26.06 6.34 68.85
N LYS C 229 27.29 5.83 68.95
CA LYS C 229 27.73 5.11 70.13
C LYS C 229 29.24 5.20 70.23
N GLU C 230 29.73 5.50 71.43
CA GLU C 230 31.15 5.71 71.70
C GLU C 230 31.76 4.47 72.35
N LYS C 231 33.07 4.29 72.11
CA LYS C 231 33.90 3.18 72.58
C LYS C 231 33.22 1.83 72.37
N ALA C 232 32.93 1.55 71.11
CA ALA C 232 32.24 0.33 70.68
C ALA C 232 33.21 -0.59 69.94
N LYS C 233 33.08 -1.89 70.21
CA LYS C 233 33.86 -2.92 69.53
C LYS C 233 33.04 -3.46 68.36
N ILE C 234 33.61 -3.43 67.17
CA ILE C 234 32.92 -3.80 65.94
C ILE C 234 33.15 -5.29 65.68
N GLY C 235 32.07 -6.06 65.63
CA GLY C 235 32.11 -7.48 65.32
C GLY C 235 31.51 -7.77 63.96
N LEU C 236 32.13 -8.66 63.19
CA LEU C 236 31.71 -9.02 61.85
C LEU C 236 30.89 -10.30 61.91
N ILE C 237 29.58 -10.18 61.69
CA ILE C 237 28.66 -11.30 61.68
C ILE C 237 28.62 -11.83 60.25
N GLN C 238 29.18 -13.04 60.05
CA GLN C 238 29.21 -13.68 58.74
C GLN C 238 28.12 -14.73 58.55
N PHE C 239 27.12 -14.79 59.44
CA PHE C 239 25.99 -15.71 59.33
C PHE C 239 24.69 -14.91 59.33
N GLN C 240 23.56 -15.63 59.28
CA GLN C 240 22.23 -15.06 59.16
C GLN C 240 21.47 -15.23 60.48
N ILE C 241 20.96 -14.13 61.01
CA ILE C 241 20.11 -14.14 62.19
C ILE C 241 18.67 -14.24 61.69
N SER C 242 18.06 -15.40 61.85
CA SER C 242 16.74 -15.68 61.32
C SER C 242 16.16 -16.86 62.09
N PRO C 243 14.88 -17.19 61.86
CA PRO C 243 14.35 -18.42 62.44
C PRO C 243 15.02 -19.63 61.84
N PRO C 244 14.88 -20.81 62.45
CA PRO C 244 15.60 -21.98 61.94
C PRO C 244 14.99 -22.49 60.63
N LYS C 245 15.85 -22.65 59.62
CA LYS C 245 15.46 -23.24 58.35
C LYS C 245 16.72 -23.78 57.66
N PRO C 246 17.13 -25.03 57.91
CA PRO C 246 18.35 -25.54 57.28
C PRO C 246 18.21 -25.67 55.76
N ASP C 247 19.37 -25.77 55.11
CA ASP C 247 19.41 -25.96 53.67
C ASP C 247 18.80 -27.30 53.26
N THR C 248 18.93 -28.31 54.11
CA THR C 248 18.28 -29.59 53.85
C THR C 248 16.76 -29.42 53.90
N GLU C 249 16.05 -30.25 53.14
CA GLU C 249 14.60 -30.18 53.10
C GLU C 249 14.02 -30.53 54.46
N ASN C 250 12.98 -29.79 54.86
CA ASN C 250 12.35 -29.95 56.16
C ASN C 250 10.87 -29.62 56.04
N ASN C 251 10.12 -30.02 57.07
CA ASN C 251 8.68 -29.77 57.11
C ASN C 251 8.23 -29.85 58.55
N ILE C 252 7.72 -28.75 59.09
CA ILE C 252 7.29 -28.67 60.48
C ILE C 252 5.83 -29.11 60.54
N ILE C 253 5.54 -30.02 61.47
CA ILE C 253 4.22 -30.61 61.66
C ILE C 253 3.75 -30.26 63.06
N VAL C 254 2.51 -29.80 63.18
CA VAL C 254 1.88 -29.46 64.46
C VAL C 254 0.73 -30.43 64.69
N ASN C 255 0.87 -31.29 65.70
CA ASN C 255 -0.12 -32.32 66.01
C ASN C 255 -1.14 -31.88 67.04
N ASP C 256 -0.74 -31.13 68.06
CA ASP C 256 -1.59 -30.70 69.16
C ASP C 256 -1.70 -29.18 69.13
N TYR C 257 -2.82 -28.67 69.65
CA TYR C 257 -3.08 -27.24 69.60
C TYR C 257 -2.18 -26.44 70.54
N ARG C 258 -1.82 -27.00 71.69
CA ARG C 258 -0.96 -26.31 72.65
C ARG C 258 0.49 -26.19 72.19
N GLN C 259 0.90 -26.96 71.19
CA GLN C 259 2.25 -26.83 70.66
C GLN C 259 2.48 -25.51 69.94
N MET C 260 1.42 -24.85 69.47
CA MET C 260 1.58 -23.57 68.78
C MET C 260 2.12 -22.51 69.73
N ASP C 261 1.68 -22.52 70.99
CA ASP C 261 2.21 -21.58 71.96
C ASP C 261 3.66 -21.89 72.29
N LYS C 262 4.04 -23.17 72.29
CA LYS C 262 5.40 -23.56 72.63
C LYS C 262 6.39 -23.13 71.54
N ILE C 263 6.08 -23.42 70.28
CA ILE C 263 7.00 -23.08 69.19
C ILE C 263 7.11 -21.56 69.03
N LEU C 264 6.03 -20.82 69.27
CA LEU C 264 6.14 -19.36 69.24
C LEU C 264 7.03 -18.84 70.35
N LYS C 265 7.05 -19.51 71.51
CA LYS C 265 7.95 -19.11 72.58
C LYS C 265 9.39 -19.49 72.26
N GLU C 266 9.59 -20.63 71.60
CA GLU C 266 10.93 -21.09 71.27
C GLU C 266 11.54 -20.34 70.07
N GLU C 267 10.71 -19.77 69.20
CA GLU C 267 11.24 -18.98 68.09
C GLU C 267 11.93 -17.73 68.59
N ARG C 268 11.22 -16.91 69.36
CA ARG C 268 11.83 -15.73 69.97
C ARG C 268 12.95 -16.10 70.95
N ALA C 269 12.85 -17.23 71.65
CA ALA C 269 13.91 -17.65 72.55
C ALA C 269 15.16 -18.04 71.77
N TYR C 270 14.99 -18.60 70.57
CA TYR C 270 16.15 -18.91 69.73
C TYR C 270 16.85 -17.64 69.28
N LEU C 271 16.11 -16.54 69.11
CA LEU C 271 16.72 -15.25 68.82
C LEU C 271 17.22 -14.59 70.11
N LEU C 272 16.53 -14.83 71.23
CA LEU C 272 16.88 -14.15 72.47
C LEU C 272 18.18 -14.70 73.06
N ASN C 273 18.32 -16.02 73.13
CA ASN C 273 19.51 -16.61 73.75
C ASN C 273 20.76 -16.35 72.91
N ILE C 274 20.61 -16.24 71.59
CA ILE C 274 21.76 -15.88 70.75
C ILE C 274 22.12 -14.42 70.97
N CYS C 275 21.11 -13.54 71.10
CA CYS C 275 21.38 -12.16 71.45
C CYS C 275 21.86 -12.03 72.89
N LYS C 276 21.44 -12.94 73.77
CA LYS C 276 21.92 -12.93 75.15
C LYS C 276 23.42 -13.23 75.20
N LYS C 277 23.89 -14.14 74.35
CA LYS C 277 25.32 -14.44 74.29
C LYS C 277 26.14 -13.34 73.64
N ILE C 278 25.50 -12.44 72.88
CA ILE C 278 26.21 -11.27 72.38
C ILE C 278 26.48 -10.30 73.53
N LYS C 279 25.55 -10.20 74.48
CA LYS C 279 25.78 -9.38 75.66
C LYS C 279 26.90 -9.92 76.52
N LYS C 280 27.10 -11.25 76.52
CA LYS C 280 28.18 -11.84 77.31
C LYS C 280 29.55 -11.44 76.79
N ALA C 281 29.71 -11.31 75.48
CA ALA C 281 30.94 -10.80 74.88
C ALA C 281 30.99 -9.29 74.77
N LYS C 282 29.92 -8.58 75.20
CA LYS C 282 29.78 -7.11 75.16
C LYS C 282 30.17 -6.52 73.80
N CYS C 283 29.76 -7.20 72.73
CA CYS C 283 29.93 -6.66 71.38
C CYS C 283 28.84 -5.63 71.12
N ASN C 284 29.26 -4.43 70.72
CA ASN C 284 28.36 -3.27 70.65
C ASN C 284 27.88 -2.95 69.25
N VAL C 285 28.60 -3.39 68.20
CA VAL C 285 28.25 -3.11 66.81
C VAL C 285 28.36 -4.42 66.03
N LEU C 286 27.35 -4.70 65.20
CA LEU C 286 27.29 -5.88 64.35
C LEU C 286 27.20 -5.46 62.90
N LEU C 287 27.85 -6.21 62.02
CA LEU C 287 27.85 -5.97 60.58
C LEU C 287 27.55 -7.28 59.86
N ILE C 288 26.39 -7.36 59.21
CA ILE C 288 25.91 -8.56 58.53
C ILE C 288 26.11 -8.37 57.04
N GLN C 289 26.46 -9.46 56.35
CA GLN C 289 26.65 -9.44 54.91
C GLN C 289 25.31 -9.61 54.20
N LYS C 290 25.35 -9.62 52.86
CA LYS C 290 24.15 -9.86 52.07
C LYS C 290 23.69 -11.30 52.26
N SER C 291 22.46 -11.46 52.73
CA SER C 291 21.86 -12.76 53.01
C SER C 291 21.16 -13.27 51.76
N ILE C 292 21.34 -14.56 51.48
CA ILE C 292 20.70 -15.23 50.35
C ILE C 292 19.75 -16.29 50.89
N LEU C 293 18.63 -16.50 50.19
CA LEU C 293 17.56 -17.46 50.48
C LEU C 293 16.69 -17.08 51.67
N ARG C 294 17.01 -16.00 52.39
CA ARG C 294 16.21 -15.55 53.51
C ARG C 294 16.67 -14.17 53.97
N ASP C 295 15.86 -13.54 54.83
CA ASP C 295 16.22 -12.24 55.37
C ASP C 295 17.44 -12.36 56.28
N ALA C 296 18.26 -11.29 56.26
CA ALA C 296 19.50 -11.29 57.02
C ALA C 296 19.23 -11.20 58.52
N VAL C 297 18.46 -10.20 58.94
CA VAL C 297 18.09 -9.97 60.34
C VAL C 297 16.57 -9.87 60.39
N ASN C 298 15.95 -10.75 61.17
CA ASN C 298 14.51 -10.75 61.30
C ASN C 298 14.03 -9.51 62.04
N ASP C 299 12.83 -9.04 61.68
CA ASP C 299 12.24 -7.88 62.34
C ASP C 299 11.97 -8.15 63.81
N LEU C 300 11.67 -9.40 64.17
CA LEU C 300 11.53 -9.75 65.58
C LEU C 300 12.86 -9.67 66.30
N ALA C 301 13.97 -9.94 65.61
CA ALA C 301 15.29 -9.86 66.22
C ALA C 301 15.75 -8.43 66.41
N LEU C 302 15.26 -7.48 65.61
CA LEU C 302 15.68 -6.09 65.74
C LEU C 302 15.20 -5.48 67.05
N HIS C 303 14.08 -5.97 67.60
CA HIS C 303 13.60 -5.46 68.87
C HIS C 303 14.56 -5.81 70.00
N PHE C 304 15.14 -7.01 69.95
CA PHE C 304 16.11 -7.40 70.97
C PHE C 304 17.42 -6.65 70.78
N LEU C 305 17.84 -6.42 69.54
CA LEU C 305 19.07 -5.71 69.26
C LEU C 305 18.96 -4.20 69.45
N SER C 306 17.77 -3.63 69.26
CA SER C 306 17.58 -2.19 69.41
C SER C 306 17.44 -1.75 70.86
N LYS C 307 16.82 -2.58 71.71
CA LYS C 307 16.70 -2.25 73.13
C LYS C 307 18.00 -2.38 73.87
N LEU C 308 18.88 -3.30 73.46
CA LEU C 308 20.18 -3.49 74.08
C LEU C 308 21.27 -2.56 73.54
N ASN C 309 20.89 -1.56 72.73
CA ASN C 309 21.82 -0.57 72.19
C ASN C 309 22.93 -1.21 71.34
N ILE C 310 22.51 -1.82 70.24
CA ILE C 310 23.40 -2.46 69.27
C ILE C 310 23.05 -1.90 67.89
N MET C 311 24.05 -1.34 67.21
CA MET C 311 23.87 -0.87 65.84
C MET C 311 23.87 -2.06 64.89
N VAL C 312 22.91 -2.08 63.96
CA VAL C 312 22.72 -3.18 63.00
C VAL C 312 22.85 -2.60 61.61
N VAL C 313 23.72 -3.21 60.79
CA VAL C 313 23.93 -2.83 59.40
C VAL C 313 24.01 -4.11 58.59
N LYS C 314 23.16 -4.21 57.57
CA LYS C 314 23.05 -5.37 56.70
C LYS C 314 23.30 -4.96 55.25
N ASP C 315 23.27 -5.96 54.36
CA ASP C 315 23.45 -5.76 52.92
C ASP C 315 24.83 -5.18 52.60
N ILE C 316 25.86 -5.83 53.14
CA ILE C 316 27.25 -5.53 52.82
C ILE C 316 27.71 -6.53 51.77
N GLU C 317 28.46 -6.06 50.79
CA GLU C 317 28.93 -6.92 49.71
C GLU C 317 29.92 -7.95 50.24
N ARG C 318 30.01 -9.07 49.55
CA ARG C 318 30.81 -10.19 50.04
C ARG C 318 32.31 -9.93 49.92
N GLU C 319 32.75 -9.29 48.84
CA GLU C 319 34.17 -9.01 48.65
C GLU C 319 34.71 -8.00 49.66
N GLU C 320 33.85 -7.15 50.23
CA GLU C 320 34.28 -6.18 51.24
C GLU C 320 34.52 -6.81 52.61
N ILE C 321 34.18 -8.08 52.81
CA ILE C 321 34.41 -8.70 54.12
C ILE C 321 35.91 -8.85 54.38
N GLU C 322 36.69 -9.09 53.33
CA GLU C 322 38.14 -9.09 53.49
C GLU C 322 38.66 -7.71 53.83
N PHE C 323 38.00 -6.66 53.34
CA PHE C 323 38.44 -5.30 53.62
C PHE C 323 38.21 -4.94 55.08
N LEU C 324 37.04 -5.28 55.63
CA LEU C 324 36.72 -4.91 57.00
C LEU C 324 37.57 -5.69 58.00
N SER C 325 37.77 -6.98 57.75
CA SER C 325 38.59 -7.79 58.66
C SER C 325 40.05 -7.35 58.62
N LYS C 326 40.54 -6.93 57.46
CA LYS C 326 41.93 -6.49 57.35
C LYS C 326 42.13 -5.11 57.99
N GLY C 327 41.15 -4.24 57.88
CA GLY C 327 41.26 -2.89 58.44
C GLY C 327 41.02 -2.85 59.92
N LEU C 328 39.87 -3.34 60.35
CA LEU C 328 39.51 -3.35 61.78
C LEU C 328 40.22 -4.44 62.56
N GLY C 329 40.88 -5.39 61.90
CA GLY C 329 41.52 -6.48 62.62
C GLY C 329 40.58 -7.45 63.29
N CYS C 330 39.30 -7.47 62.89
CA CYS C 330 38.28 -8.33 63.47
C CYS C 330 38.12 -9.56 62.58
N LYS C 331 38.31 -10.74 63.15
CA LYS C 331 38.10 -11.96 62.40
C LYS C 331 36.59 -12.17 62.22
N PRO C 332 36.13 -12.68 61.07
CA PRO C 332 34.69 -12.94 60.93
C PRO C 332 34.20 -14.02 61.89
N ILE C 333 32.89 -14.02 62.10
CA ILE C 333 32.19 -14.96 62.97
C ILE C 333 31.12 -15.65 62.13
N ALA C 334 31.28 -16.95 61.92
CA ALA C 334 30.31 -17.77 61.19
C ALA C 334 29.41 -18.60 62.10
N ASP C 335 29.72 -18.72 63.39
CA ASP C 335 28.92 -19.50 64.31
C ASP C 335 29.10 -18.96 65.71
N ILE C 336 28.05 -19.08 66.52
CA ILE C 336 28.08 -18.56 67.89
C ILE C 336 29.02 -19.40 68.76
N GLU C 337 29.24 -20.67 68.41
CA GLU C 337 30.18 -21.50 69.16
C GLU C 337 31.61 -20.98 69.07
N LEU C 338 31.99 -20.34 67.95
CA LEU C 338 33.27 -19.69 67.80
C LEU C 338 33.24 -18.19 68.13
N PHE C 339 32.10 -17.66 68.59
CA PHE C 339 31.98 -16.24 68.91
C PHE C 339 32.63 -15.98 70.25
N THR C 340 33.75 -15.26 70.24
CA THR C 340 34.54 -14.96 71.43
C THR C 340 34.97 -13.49 71.40
N GLU C 341 35.57 -13.04 72.50
CA GLU C 341 35.99 -11.65 72.63
C GLU C 341 37.27 -11.37 71.86
N ASP C 342 38.19 -12.33 71.81
CA ASP C 342 39.49 -12.12 71.19
C ASP C 342 39.40 -11.90 69.68
N ARG C 343 38.37 -12.42 69.02
CA ARG C 343 38.22 -12.27 67.58
C ARG C 343 37.62 -10.93 67.17
N LEU C 344 37.08 -10.15 68.10
CA LEU C 344 36.44 -8.88 67.79
C LEU C 344 37.47 -7.76 67.75
N GLY C 345 37.11 -6.69 67.02
CA GLY C 345 37.96 -5.53 66.88
C GLY C 345 37.73 -4.52 67.99
N SER C 346 38.03 -3.27 67.68
CA SER C 346 37.89 -2.17 68.63
C SER C 346 37.74 -0.86 67.87
N ALA C 347 37.07 0.10 68.48
CA ALA C 347 36.89 1.42 67.90
C ALA C 347 36.47 2.39 68.98
N ASP C 348 36.86 3.65 68.81
CA ASP C 348 36.57 4.70 69.77
C ASP C 348 35.21 5.36 69.55
N LEU C 349 34.78 5.47 68.30
CA LEU C 349 33.54 6.17 67.98
C LEU C 349 33.04 5.70 66.63
N VAL C 350 31.79 5.23 66.59
CA VAL C 350 31.08 4.89 65.36
C VAL C 350 29.86 5.80 65.28
N GLU C 351 30.03 6.94 64.60
CA GLU C 351 29.02 7.99 64.52
C GLU C 351 28.39 7.98 63.13
N GLU C 352 27.09 8.26 63.07
CA GLU C 352 26.34 8.40 61.83
C GLU C 352 25.74 9.80 61.81
N ILE C 353 26.42 10.73 61.14
CA ILE C 353 25.98 12.13 61.10
C ILE C 353 24.92 12.30 60.02
N ASP C 354 24.10 13.34 60.19
CA ASP C 354 23.06 13.74 59.24
C ASP C 354 23.56 15.02 58.55
N SER C 355 23.80 14.93 57.25
CA SER C 355 24.31 16.06 56.49
C SER C 355 23.97 15.89 55.02
N ASP C 356 23.20 16.84 54.48
CA ASP C 356 22.88 16.89 53.05
C ASP C 356 22.09 15.67 52.57
N GLY C 357 21.33 15.05 53.46
CA GLY C 357 20.52 13.91 53.07
C GLY C 357 21.28 12.68 52.63
N SER C 358 22.56 12.55 53.01
CA SER C 358 23.39 11.42 52.66
C SER C 358 24.11 10.93 53.90
N LYS C 359 23.87 9.68 54.27
CA LYS C 359 24.38 9.10 55.51
C LYS C 359 25.79 8.59 55.30
N ILE C 360 26.62 8.74 56.34
CA ILE C 360 28.00 8.24 56.36
C ILE C 360 28.24 7.63 57.73
N VAL C 361 28.76 6.40 57.73
CA VAL C 361 29.11 5.66 58.95
C VAL C 361 30.62 5.48 58.94
N ARG C 362 31.31 6.25 59.76
CA ARG C 362 32.76 6.34 59.79
C ARG C 362 33.30 5.93 61.16
N VAL C 363 34.34 5.11 61.14
CA VAL C 363 34.99 4.60 62.34
C VAL C 363 36.23 5.44 62.58
N THR C 364 36.33 6.00 63.79
CA THR C 364 37.45 6.86 64.20
C THR C 364 38.37 6.08 65.10
N GLY C 365 39.62 5.90 64.67
CA GLY C 365 40.63 5.24 65.48
C GLY C 365 40.64 3.73 65.30
N ILE C 366 41.81 3.19 64.96
CA ILE C 366 42.03 1.75 64.82
C ILE C 366 43.30 1.41 65.59
N ARG C 367 43.26 0.32 66.35
CA ARG C 367 44.41 -0.18 67.11
C ARG C 367 44.31 -1.70 67.17
N ASN C 368 45.33 -2.38 66.65
CA ASN C 368 45.31 -3.83 66.53
C ASN C 368 46.72 -4.29 66.18
N ASN C 369 46.90 -5.62 66.19
CA ASN C 369 48.15 -6.26 65.77
C ASN C 369 47.98 -6.58 64.29
N ASN C 370 48.31 -5.61 63.44
CA ASN C 370 48.13 -5.70 62.00
C ASN C 370 49.25 -4.95 61.30
N ALA C 371 49.99 -5.67 60.45
CA ALA C 371 51.05 -5.09 59.63
C ALA C 371 50.57 -4.61 58.26
N ARG C 372 49.25 -4.62 58.01
CA ARG C 372 48.67 -4.27 56.70
C ARG C 372 47.44 -3.41 56.96
N PRO C 373 47.60 -2.16 57.37
CA PRO C 373 46.44 -1.30 57.64
C PRO C 373 45.73 -0.92 56.34
N THR C 374 44.60 -0.22 56.50
CA THR C 374 43.72 0.17 55.40
C THR C 374 43.54 1.68 55.41
N VAL C 375 42.92 2.18 54.33
CA VAL C 375 42.64 3.60 54.18
C VAL C 375 41.38 3.74 53.34
N SER C 376 40.60 4.78 53.63
CA SER C 376 39.34 5.05 52.95
C SER C 376 39.21 6.55 52.74
N VAL C 377 38.76 6.94 51.54
CA VAL C 377 38.61 8.33 51.14
C VAL C 377 37.29 8.48 50.40
N VAL C 378 36.42 9.35 50.89
CA VAL C 378 35.14 9.61 50.26
C VAL C 378 35.32 10.65 49.16
N ILE C 379 34.32 10.75 48.29
CA ILE C 379 34.29 11.71 47.19
C ILE C 379 32.97 12.47 47.29
N ARG C 380 33.03 13.79 47.15
CA ARG C 380 31.87 14.66 47.09
C ARG C 380 31.97 15.52 45.83
N GLY C 381 30.82 15.97 45.35
CA GLY C 381 30.78 16.74 44.13
C GLY C 381 29.36 17.11 43.76
N ALA C 382 29.22 17.63 42.53
CA ALA C 382 27.93 18.13 42.06
C ALA C 382 27.03 16.97 41.61
N ASN C 383 27.55 16.09 40.75
CA ASN C 383 26.76 15.01 40.17
C ASN C 383 27.68 13.80 39.98
N ASN C 384 27.07 12.67 39.63
CA ASN C 384 27.80 11.40 39.59
C ASN C 384 28.87 11.37 38.52
N MET C 385 28.70 12.14 37.43
CA MET C 385 29.70 12.13 36.38
C MET C 385 31.02 12.74 36.85
N ILE C 386 30.96 13.73 37.75
CA ILE C 386 32.17 14.30 38.31
C ILE C 386 32.74 13.37 39.39
N ILE C 387 31.89 12.63 40.09
CA ILE C 387 32.37 11.67 41.08
C ILE C 387 33.15 10.55 40.40
N ASP C 388 32.70 10.12 39.22
CA ASP C 388 33.40 9.06 38.52
C ASP C 388 34.77 9.51 38.02
N GLU C 389 34.85 10.74 37.49
CA GLU C 389 36.13 11.24 36.99
C GLU C 389 37.07 11.61 38.14
N THR C 390 36.53 12.07 39.27
CA THR C 390 37.36 12.34 40.43
C THR C 390 37.96 11.05 40.98
N GLU C 391 37.24 9.93 40.84
CA GLU C 391 37.80 8.64 41.23
C GLU C 391 38.92 8.23 40.28
N ARG C 392 38.68 8.30 38.97
CA ARG C 392 39.69 7.88 38.01
C ARG C 392 40.88 8.83 37.97
N SER C 393 40.68 10.12 38.25
CA SER C 393 41.80 11.04 38.33
C SER C 393 42.70 10.69 39.51
N LEU C 394 42.11 10.23 40.61
CA LEU C 394 42.90 9.78 41.75
C LEU C 394 43.59 8.45 41.46
N HIS C 395 42.98 7.59 40.64
CA HIS C 395 43.63 6.34 40.26
C HIS C 395 44.91 6.59 39.48
N ASP C 396 44.87 7.54 38.55
CA ASP C 396 46.08 7.92 37.83
C ASP C 396 47.10 8.60 38.75
N ALA C 397 46.65 9.23 39.83
CA ALA C 397 47.58 9.83 40.78
C ALA C 397 48.24 8.76 41.65
N LEU C 398 47.46 7.81 42.15
CA LEU C 398 48.01 6.74 42.96
C LEU C 398 48.92 5.82 42.15
N CYS C 399 48.62 5.64 40.85
CA CYS C 399 49.44 4.78 40.03
C CYS C 399 50.84 5.36 39.82
N VAL C 400 50.97 6.68 39.86
CA VAL C 400 52.31 7.29 39.80
C VAL C 400 53.09 6.96 41.05
N ILE C 401 52.44 7.04 42.22
CA ILE C 401 53.11 6.67 43.47
C ILE C 401 53.37 5.17 43.49
N ARG C 402 52.48 4.38 42.89
CA ARG C 402 52.72 2.93 42.79
C ARG C 402 53.93 2.63 41.91
N CYS C 403 54.17 3.47 40.90
CA CYS C 403 55.29 3.22 39.99
C CYS C 403 56.62 3.59 40.64
N LEU C 404 56.65 4.68 41.42
CA LEU C 404 57.91 5.10 42.04
C LEU C 404 58.35 4.14 43.12
N VAL C 405 57.42 3.66 43.95
CA VAL C 405 57.75 2.64 44.95
C VAL C 405 58.02 1.28 44.33
N LYS C 406 57.52 1.01 43.12
CA LYS C 406 57.82 -0.22 42.40
C LYS C 406 59.20 -0.16 41.77
N GLU C 407 59.41 0.80 40.87
CA GLU C 407 60.69 1.04 40.21
C GLU C 407 61.30 2.32 40.77
N ARG C 408 62.52 2.22 41.27
CA ARG C 408 63.18 3.38 41.87
C ARG C 408 63.62 4.35 40.80
N GLY C 409 63.52 5.63 41.09
CA GLY C 409 63.99 6.69 40.23
C GLY C 409 62.87 7.32 39.41
N LEU C 410 63.19 8.45 38.80
CA LEU C 410 62.24 9.21 38.02
C LEU C 410 63.01 10.10 37.06
N ILE C 411 62.27 10.75 36.15
CA ILE C 411 62.83 11.66 35.15
C ILE C 411 61.97 12.92 35.11
N ALA C 412 62.55 14.00 34.58
CA ALA C 412 61.87 15.28 34.45
C ALA C 412 61.05 15.29 33.17
N GLY C 413 59.76 15.51 33.29
CA GLY C 413 58.85 15.49 32.16
C GLY C 413 58.82 16.81 31.41
N GLY C 414 57.63 17.14 30.89
CA GLY C 414 57.46 18.37 30.15
C GLY C 414 58.03 18.37 28.75
N GLY C 415 58.15 17.19 28.12
CA GLY C 415 58.74 17.06 26.81
C GLY C 415 60.25 16.97 26.78
N ALA C 416 60.91 16.90 27.94
CA ALA C 416 62.37 16.82 27.98
C ALA C 416 62.91 15.53 27.35
N PRO C 417 62.52 14.32 27.80
CA PRO C 417 63.19 13.13 27.26
C PRO C 417 62.84 12.81 25.82
N GLU C 418 61.74 13.33 25.28
CA GLU C 418 61.42 13.12 23.87
C GLU C 418 62.44 13.83 22.98
N ILE C 419 62.78 15.07 23.32
CA ILE C 419 63.77 15.81 22.56
C ILE C 419 65.17 15.25 22.83
N GLU C 420 65.42 14.83 24.07
CA GLU C 420 66.73 14.30 24.41
C GLU C 420 66.98 12.97 23.72
N ILE C 421 65.99 12.08 23.72
CA ILE C 421 66.16 10.78 23.06
C ILE C 421 66.20 10.97 21.56
N SER C 422 65.43 11.93 21.02
CA SER C 422 65.48 12.20 19.59
C SER C 422 66.83 12.78 19.19
N ARG C 423 67.43 13.60 20.05
CA ARG C 423 68.77 14.12 19.80
C ARG C 423 69.80 13.00 19.87
N ARG C 424 69.65 12.09 20.84
CA ARG C 424 70.65 11.04 21.03
C ARG C 424 70.63 10.02 19.91
N LEU C 425 69.44 9.59 19.47
CA LEU C 425 69.36 8.63 18.37
C LEU C 425 69.71 9.29 17.05
N SER C 426 69.41 10.58 16.89
CA SER C 426 69.80 11.30 15.68
C SER C 426 71.32 11.45 15.57
N LYS C 427 72.02 11.54 16.70
CA LYS C 427 73.48 11.55 16.67
C LYS C 427 74.03 10.23 16.17
N GLU C 428 73.49 9.12 16.64
CA GLU C 428 73.94 7.79 16.25
C GLU C 428 73.37 7.33 14.92
N ALA C 429 72.27 7.93 14.45
CA ALA C 429 71.65 7.49 13.21
C ALA C 429 72.55 7.73 12.00
N ARG C 430 73.32 8.81 12.00
CA ARG C 430 74.22 9.10 10.89
C ARG C 430 75.46 8.20 10.88
N SER C 431 75.80 7.56 12.00
CA SER C 431 76.93 6.65 12.06
C SER C 431 76.58 5.28 11.49
N MET C 432 75.40 4.76 11.85
CA MET C 432 74.93 3.49 11.30
C MET C 432 74.44 3.65 9.86
N GLU C 433 75.35 3.87 8.92
CA GLU C 433 75.00 4.13 7.51
C GLU C 433 74.35 2.87 6.94
N GLY C 434 73.29 3.01 6.13
CA GLY C 434 72.54 1.90 5.60
C GLY C 434 71.09 2.28 5.34
N VAL C 435 70.29 1.25 5.09
CA VAL C 435 68.87 1.46 4.81
C VAL C 435 68.07 1.82 6.07
N GLN C 436 68.52 1.38 7.24
CA GLN C 436 67.83 1.66 8.50
C GLN C 436 68.13 3.06 9.05
N ALA C 437 68.97 3.86 8.38
CA ALA C 437 69.25 5.21 8.87
C ALA C 437 68.04 6.11 8.76
N PHE C 438 67.30 6.03 7.64
CA PHE C 438 66.11 6.85 7.49
C PHE C 438 65.00 6.38 8.42
N ILE C 439 64.95 5.09 8.73
CA ILE C 439 63.95 4.58 9.66
C ILE C 439 64.20 5.12 11.06
N TRP C 440 65.46 5.13 11.49
CA TRP C 440 65.79 5.69 12.80
C TRP C 440 65.65 7.20 12.81
N GLN C 441 65.86 7.86 11.67
CA GLN C 441 65.66 9.31 11.60
C GLN C 441 64.19 9.67 11.77
N GLU C 442 63.30 8.95 11.07
CA GLU C 442 61.87 9.20 11.23
C GLU C 442 61.36 8.76 12.60
N PHE C 443 62.03 7.78 13.23
CA PHE C 443 61.67 7.40 14.59
C PHE C 443 61.93 8.54 15.56
N ALA C 444 63.03 9.28 15.35
CA ALA C 444 63.31 10.43 16.20
C ALA C 444 62.36 11.59 15.91
N SER C 445 61.92 11.74 14.66
CA SER C 445 61.01 12.82 14.32
C SER C 445 59.62 12.58 14.91
N ALA C 446 59.14 11.34 14.86
CA ALA C 446 57.83 11.01 15.41
C ALA C 446 57.81 11.03 16.94
N LEU C 447 58.95 10.85 17.59
CA LEU C 447 58.99 10.85 19.05
C LEU C 447 58.72 12.22 19.66
N GLU C 448 58.88 13.30 18.88
CA GLU C 448 58.70 14.66 19.37
C GLU C 448 57.26 15.16 19.22
N VAL C 449 56.28 14.26 19.16
CA VAL C 449 54.89 14.66 19.01
C VAL C 449 54.30 15.22 20.30
N ILE C 450 54.82 14.84 21.46
CA ILE C 450 54.31 15.31 22.75
C ILE C 450 54.57 16.81 22.90
N PRO C 451 55.81 17.31 22.86
CA PRO C 451 56.00 18.76 23.08
C PRO C 451 55.46 19.62 21.96
N THR C 452 55.27 19.08 20.76
CA THR C 452 54.62 19.84 19.70
C THR C 452 53.15 20.10 20.03
N THR C 453 52.49 19.14 20.69
CA THR C 453 51.09 19.30 21.04
C THR C 453 50.91 20.22 22.25
N LEU C 454 51.86 20.23 23.18
CA LEU C 454 51.77 21.14 24.32
C LEU C 454 51.86 22.59 23.88
N ALA C 455 52.72 22.89 22.90
CA ALA C 455 52.79 24.23 22.35
C ALA C 455 51.55 24.55 21.52
N GLU C 456 50.95 23.55 20.88
CA GLU C 456 49.74 23.78 20.10
C GLU C 456 48.55 24.06 21.02
N ASN C 457 48.37 23.25 22.06
CA ASN C 457 47.26 23.44 22.98
C ASN C 457 47.43 24.71 23.81
N ALA C 458 48.66 25.07 24.15
CA ALA C 458 48.93 26.28 24.92
C ALA C 458 48.95 27.55 24.06
N GLY C 459 48.69 27.45 22.76
CA GLY C 459 48.71 28.62 21.90
C GLY C 459 50.08 29.13 21.50
N LEU C 460 51.15 28.49 21.97
CA LEU C 460 52.49 28.93 21.63
C LEU C 460 52.86 28.46 20.22
N ASN C 461 53.92 29.04 19.67
CA ASN C 461 54.43 28.68 18.35
C ASN C 461 55.33 27.45 18.51
N SER C 462 54.74 26.36 18.08
CA SER C 462 55.41 25.10 18.19
C SER C 462 56.66 25.09 17.49
N ILE C 463 56.75 25.68 16.33
CA ILE C 463 58.00 25.54 15.66
C ILE C 463 59.04 26.16 16.55
N LYS C 464 58.77 27.35 17.06
CA LYS C 464 59.76 28.00 17.86
C LYS C 464 60.07 27.23 19.11
N VAL C 465 59.06 26.74 19.80
CA VAL C 465 59.31 26.06 21.04
C VAL C 465 60.13 24.82 20.79
N VAL C 466 59.80 24.03 19.79
CA VAL C 466 60.54 22.84 19.55
C VAL C 466 61.98 23.14 19.13
N THR C 467 62.19 24.18 18.35
CA THR C 467 63.55 24.52 17.99
C THR C 467 64.45 24.92 19.15
N GLU C 468 64.27 26.05 19.77
CA GLU C 468 65.02 26.47 20.95
C GLU C 468 65.38 25.30 21.85
N LEU C 469 64.57 24.23 21.87
CA LEU C 469 64.91 23.07 22.69
C LEU C 469 66.12 22.34 22.15
N ARG C 470 66.30 22.33 20.83
CA ARG C 470 67.53 21.79 20.25
C ARG C 470 68.73 22.64 20.64
N SER C 471 68.57 23.96 20.66
CA SER C 471 69.67 24.84 20.99
C SER C 471 70.10 24.70 22.44
N LYS C 472 69.14 24.50 23.36
CA LYS C 472 69.47 24.36 24.77
C LYS C 472 70.04 22.99 25.09
N HIS C 473 69.56 21.94 24.41
CA HIS C 473 70.06 20.60 24.66
C HIS C 473 71.49 20.40 24.16
N GLU C 474 71.86 21.06 23.07
CA GLU C 474 73.23 20.98 22.56
C GLU C 474 74.24 21.64 23.49
N ASN C 475 73.80 22.56 24.36
CA ASN C 475 74.67 23.20 25.34
C ASN C 475 74.87 22.37 26.60
N GLY C 476 74.42 21.10 26.63
CA GLY C 476 74.61 20.21 27.76
C GLY C 476 73.46 20.13 28.73
N GLU C 477 72.34 20.79 28.46
CA GLU C 477 71.17 20.75 29.34
C GLU C 477 70.36 19.50 29.02
N LEU C 478 70.42 18.52 29.92
CA LEU C 478 69.68 17.28 29.71
C LEU C 478 68.17 17.44 29.90
N ASN C 479 67.74 18.43 30.68
CA ASN C 479 66.34 18.62 31.05
C ASN C 479 65.92 20.03 30.66
N ASP C 480 65.02 20.12 29.67
CA ASP C 480 64.46 21.39 29.24
C ASP C 480 63.12 21.11 28.58
N GLY C 481 62.08 21.81 29.04
CA GLY C 481 60.74 21.59 28.52
C GLY C 481 59.85 22.82 28.61
N ILE C 482 58.56 22.62 28.37
CA ILE C 482 57.57 23.69 28.33
C ILE C 482 56.94 23.79 29.71
N SER C 483 56.83 25.01 30.23
CA SER C 483 56.11 25.32 31.46
C SER C 483 54.86 26.12 31.11
N VAL C 484 53.70 25.64 31.57
CA VAL C 484 52.43 26.24 31.15
C VAL C 484 52.21 27.62 31.76
N ARG C 485 52.64 27.85 32.99
CA ARG C 485 52.47 29.15 33.62
C ARG C 485 53.47 30.19 33.14
N ARG C 486 54.68 29.75 32.77
CA ARG C 486 55.71 30.64 32.24
C ARG C 486 55.56 30.87 30.74
N SER C 487 55.06 29.86 30.01
CA SER C 487 54.84 29.96 28.57
C SER C 487 56.16 30.20 27.82
N GLY C 488 57.12 29.32 28.08
CA GLY C 488 58.40 29.42 27.41
C GLY C 488 59.26 28.21 27.70
N THR C 489 60.47 28.24 27.15
CA THR C 489 61.44 27.17 27.33
C THR C 489 62.20 27.39 28.63
N THR C 490 62.18 26.41 29.51
CA THR C 490 62.87 26.50 30.79
C THR C 490 63.11 25.10 31.33
N ASN C 491 64.10 24.99 32.22
CA ASN C 491 64.41 23.71 32.83
C ASN C 491 63.27 23.25 33.72
N THR C 492 62.93 21.97 33.62
CA THR C 492 61.77 21.41 34.31
C THR C 492 62.09 20.92 35.72
N TYR C 493 63.36 20.67 36.05
CA TYR C 493 63.70 20.26 37.40
C TYR C 493 63.47 21.39 38.40
N GLU C 494 63.72 22.64 38.00
CA GLU C 494 63.45 23.77 38.87
C GLU C 494 61.95 24.02 39.00
N GLU C 495 61.20 23.80 37.91
CA GLU C 495 59.74 23.93 37.92
C GLU C 495 59.04 22.73 38.56
N HIS C 496 59.77 21.68 38.95
CA HIS C 496 59.22 20.53 39.65
C HIS C 496 58.21 19.76 38.80
N ILE C 497 58.47 19.69 37.49
CA ILE C 497 57.69 18.86 36.56
C ILE C 497 58.46 17.54 36.41
N LEU C 498 57.91 16.48 37.00
CA LEU C 498 58.56 15.18 37.07
C LEU C 498 57.57 14.09 36.71
N GLN C 499 58.10 12.93 36.31
CA GLN C 499 57.30 11.75 36.03
C GLN C 499 58.17 10.51 36.20
N PRO C 500 57.58 9.33 36.38
CA PRO C 500 58.39 8.12 36.53
C PRO C 500 59.07 7.73 35.23
N VAL C 501 59.89 6.69 35.31
CA VAL C 501 60.64 6.20 34.14
C VAL C 501 59.86 5.17 33.34
N LEU C 502 59.01 4.36 33.99
CA LEU C 502 58.25 3.33 33.28
C LEU C 502 57.11 3.89 32.44
N VAL C 503 56.69 5.14 32.67
CA VAL C 503 55.63 5.73 31.86
C VAL C 503 56.12 5.95 30.44
N SER C 504 57.34 6.48 30.28
CA SER C 504 57.91 6.68 28.95
C SER C 504 58.39 5.38 28.34
N THR C 505 58.85 4.43 29.17
CA THR C 505 59.30 3.15 28.65
C THR C 505 58.13 2.35 28.08
N SER C 506 57.07 2.19 28.86
CA SER C 506 55.90 1.46 28.39
C SER C 506 55.20 2.19 27.24
N ALA C 507 55.26 3.53 27.24
CA ALA C 507 54.69 4.28 26.13
C ALA C 507 55.48 4.03 24.84
N ILE C 508 56.81 4.02 24.94
CA ILE C 508 57.64 3.79 23.76
C ILE C 508 57.66 2.30 23.41
N THR C 509 57.65 1.42 24.42
CA THR C 509 57.71 -0.01 24.17
C THR C 509 56.42 -0.51 23.52
N LEU C 510 55.27 -0.21 24.13
CA LEU C 510 54.00 -0.65 23.58
C LEU C 510 53.68 0.01 22.25
N ALA C 511 54.15 1.24 22.02
CA ALA C 511 53.95 1.88 20.73
C ALA C 511 54.75 1.18 19.64
N SER C 512 55.98 0.78 19.94
CA SER C 512 56.79 0.06 18.96
C SER C 512 56.22 -1.34 18.70
N GLU C 513 55.65 -1.97 19.74
CA GLU C 513 55.04 -3.29 19.55
C GLU C 513 53.69 -3.18 18.86
N CYS C 514 52.97 -2.08 19.06
CA CYS C 514 51.65 -1.94 18.43
C CYS C 514 51.78 -1.75 16.93
N VAL C 515 52.66 -0.85 16.49
CA VAL C 515 52.89 -0.67 15.06
C VAL C 515 53.57 -1.90 14.45
N LYS C 516 54.33 -2.66 15.24
CA LYS C 516 54.90 -3.91 14.75
C LYS C 516 53.80 -4.92 14.43
N SER C 517 52.70 -4.89 15.18
CA SER C 517 51.58 -5.78 14.90
C SER C 517 50.72 -5.25 13.75
N ILE C 518 50.58 -3.93 13.63
CA ILE C 518 49.69 -3.36 12.63
C ILE C 518 50.28 -3.52 11.23
N LEU C 519 51.58 -3.30 11.09
CA LEU C 519 52.23 -3.35 9.78
C LEU C 519 52.23 -4.75 9.17
N ARG C 520 52.09 -5.81 9.97
CA ARG C 520 52.02 -7.17 9.46
C ARG C 520 50.65 -7.53 8.87
N ILE C 521 49.65 -6.66 8.99
CA ILE C 521 48.33 -6.89 8.41
C ILE C 521 48.41 -6.55 6.93
N ASP C 522 47.80 -7.40 6.09
CA ASP C 522 47.85 -7.26 4.64
C ASP C 522 46.52 -7.47 3.93
N ASP C 523 45.49 -7.97 4.61
CA ASP C 523 44.21 -8.27 3.98
C ASP C 523 43.09 -8.09 5.00
N ILE C 524 41.97 -7.55 4.52
CA ILE C 524 40.74 -7.37 5.29
C ILE C 524 39.76 -8.46 4.87
N ALA C 525 39.39 -9.32 5.81
CA ALA C 525 38.53 -10.48 5.57
C ALA C 525 37.28 -10.38 6.43
N PHE C 526 36.13 -10.56 5.81
CA PHE C 526 34.84 -10.57 6.50
C PHE C 526 34.55 -11.98 6.98
N SER C 527 34.45 -12.14 8.31
CA SER C 527 34.23 -13.41 8.97
C SER C 527 32.92 -13.37 9.74
N ARG C 528 32.51 -14.53 10.25
CA ARG C 528 31.29 -14.65 11.02
C ARG C 528 31.52 -14.24 12.46
N GLU D 24 -20.20 -26.15 -17.92
CA GLU D 24 -20.13 -25.22 -16.81
C GLU D 24 -21.51 -24.63 -16.53
N MET D 25 -22.13 -24.09 -17.58
CA MET D 25 -23.45 -23.45 -17.51
C MET D 25 -23.48 -22.31 -16.48
N GLY D 26 -22.36 -21.59 -16.35
CA GLY D 26 -22.29 -20.42 -15.50
C GLY D 26 -21.99 -20.69 -14.04
N ARG D 27 -22.43 -21.85 -13.48
CA ARG D 27 -22.21 -22.13 -12.07
C ARG D 27 -20.78 -22.61 -11.84
N PRO D 28 -20.21 -22.49 -10.63
CA PRO D 28 -18.85 -23.00 -10.42
C PRO D 28 -18.81 -24.51 -10.41
N PHE D 29 -18.29 -25.10 -11.50
CA PHE D 29 -18.26 -26.55 -11.67
C PHE D 29 -16.98 -27.07 -11.02
N ILE D 30 -17.10 -27.47 -9.77
CA ILE D 30 -15.99 -27.98 -8.96
C ILE D 30 -16.38 -29.35 -8.43
N ILE D 31 -15.41 -30.26 -8.38
CA ILE D 31 -15.60 -31.64 -7.93
C ILE D 31 -14.71 -31.98 -6.75
N VAL D 32 -13.39 -31.87 -6.93
CA VAL D 32 -12.40 -32.20 -5.90
C VAL D 32 -11.99 -30.90 -5.22
N LYS D 33 -11.65 -31.01 -3.93
CA LYS D 33 -11.14 -29.86 -3.20
C LYS D 33 -9.83 -29.38 -3.81
N ASP D 34 -9.63 -28.07 -3.82
CA ASP D 34 -8.49 -27.42 -4.47
C ASP D 34 -8.46 -27.79 -5.97
N GLN D 35 -9.52 -27.38 -6.66
CA GLN D 35 -9.69 -27.73 -8.06
C GLN D 35 -8.64 -27.05 -8.93
N GLY D 36 -8.45 -25.74 -8.76
CA GLY D 36 -7.54 -25.00 -9.60
C GLY D 36 -6.07 -25.25 -9.34
N ASN D 37 -5.73 -25.81 -8.17
CA ASN D 37 -4.33 -26.03 -7.84
C ASN D 37 -3.75 -27.25 -8.56
N LYS D 38 -4.39 -28.40 -8.42
CA LYS D 38 -3.87 -29.62 -9.02
C LYS D 38 -4.20 -29.67 -10.51
N LYS D 39 -3.40 -30.45 -11.24
CA LYS D 39 -3.51 -30.61 -12.68
C LYS D 39 -3.68 -32.09 -13.01
N ARG D 40 -3.74 -32.39 -14.31
CA ARG D 40 -3.78 -33.75 -14.81
C ARG D 40 -2.92 -33.85 -16.06
N GLN D 41 -2.65 -35.09 -16.48
CA GLN D 41 -1.88 -35.37 -17.67
C GLN D 41 -2.22 -36.77 -18.15
N HIS D 42 -2.49 -36.91 -19.44
CA HIS D 42 -2.94 -38.18 -20.02
C HIS D 42 -2.39 -38.32 -21.42
N GLY D 43 -2.77 -39.41 -22.08
CA GLY D 43 -2.36 -39.63 -23.46
C GLY D 43 -0.88 -39.94 -23.58
N LEU D 44 -0.32 -39.59 -24.73
CA LEU D 44 1.10 -39.84 -24.98
C LEU D 44 2.00 -38.90 -24.18
N GLU D 45 1.53 -37.66 -23.91
CA GLU D 45 2.35 -36.69 -23.20
C GLU D 45 2.64 -37.12 -21.77
N ALA D 46 1.74 -37.90 -21.16
CA ALA D 46 2.00 -38.43 -19.82
C ALA D 46 3.15 -39.42 -19.84
N LYS D 47 3.27 -40.20 -20.93
CA LYS D 47 4.36 -41.17 -21.02
C LYS D 47 5.70 -40.48 -21.23
N LYS D 48 5.74 -39.45 -22.07
CA LYS D 48 7.00 -38.76 -22.35
C LYS D 48 7.54 -38.05 -21.12
N SER D 49 6.64 -37.60 -20.24
CA SER D 49 7.08 -37.04 -18.97
C SER D 49 7.72 -38.11 -18.09
N HIS D 50 7.27 -39.37 -18.21
CA HIS D 50 7.82 -40.44 -17.39
C HIS D 50 9.18 -40.90 -17.89
N ILE D 51 9.30 -41.13 -19.20
CA ILE D 51 10.55 -41.68 -19.74
C ILE D 51 11.65 -40.63 -19.68
N LEU D 52 11.35 -39.37 -19.99
CA LEU D 52 12.36 -38.33 -19.92
C LEU D 52 12.77 -38.05 -18.48
N ALA D 53 11.85 -38.22 -17.53
CA ALA D 53 12.22 -38.09 -16.11
C ALA D 53 13.18 -39.18 -15.69
N ALA D 54 13.05 -40.39 -16.27
CA ALA D 54 13.99 -41.45 -15.98
C ALA D 54 15.34 -41.19 -16.66
N ARG D 55 15.32 -40.61 -17.86
CA ARG D 55 16.56 -40.28 -18.53
C ARG D 55 17.30 -39.16 -17.81
N SER D 56 16.57 -38.23 -17.18
CA SER D 56 17.23 -37.20 -16.39
C SER D 56 17.94 -37.78 -15.18
N VAL D 57 17.36 -38.82 -14.57
CA VAL D 57 18.00 -39.50 -13.46
C VAL D 57 19.06 -40.48 -13.97
N ALA D 58 18.84 -41.07 -15.15
CA ALA D 58 19.81 -42.02 -15.69
C ALA D 58 21.11 -41.35 -16.09
N SER D 59 21.04 -40.10 -16.58
CA SER D 59 22.26 -39.37 -16.92
C SER D 59 23.11 -39.09 -15.69
N ILE D 60 22.46 -38.92 -14.52
CA ILE D 60 23.20 -38.73 -13.28
C ILE D 60 23.92 -40.03 -12.90
N ILE D 61 23.25 -41.17 -13.08
CA ILE D 61 23.80 -42.46 -12.65
C ILE D 61 24.73 -43.06 -13.71
N LYS D 62 24.51 -42.74 -15.00
CA LYS D 62 25.31 -43.35 -16.07
C LYS D 62 26.78 -42.95 -16.00
N THR D 63 27.07 -41.68 -15.69
CA THR D 63 28.45 -41.23 -15.53
C THR D 63 29.07 -41.59 -14.18
N SER D 64 28.34 -42.29 -13.30
CA SER D 64 28.83 -42.73 -12.00
C SER D 64 29.16 -44.21 -11.94
N LEU D 65 28.51 -45.03 -12.76
CA LEU D 65 28.66 -46.48 -12.67
C LEU D 65 30.01 -46.94 -13.23
N GLY D 66 30.49 -48.05 -12.69
CA GLY D 66 31.69 -48.69 -13.16
C GLY D 66 32.92 -48.25 -12.39
N PRO D 67 34.05 -48.94 -12.61
CA PRO D 67 35.27 -48.59 -11.86
C PRO D 67 35.84 -47.23 -12.23
N ARG D 68 35.61 -46.75 -13.45
CA ARG D 68 36.05 -45.43 -13.90
C ARG D 68 35.02 -44.33 -13.61
N GLY D 69 34.12 -44.55 -12.64
CA GLY D 69 33.13 -43.55 -12.33
C GLY D 69 33.70 -42.37 -11.59
N LEU D 70 32.81 -41.45 -11.21
CA LEU D 70 33.17 -40.21 -10.53
C LEU D 70 32.17 -39.94 -9.43
N ASP D 71 32.68 -39.47 -8.28
CA ASP D 71 31.84 -39.16 -7.14
C ASP D 71 30.97 -37.93 -7.43
N LYS D 72 30.07 -37.65 -6.50
CA LYS D 72 29.15 -36.51 -6.61
C LYS D 72 28.86 -35.97 -5.22
N ILE D 73 28.70 -34.65 -5.15
CA ILE D 73 28.50 -33.92 -3.90
C ILE D 73 27.01 -33.64 -3.75
N LEU D 74 26.46 -34.02 -2.60
CA LEU D 74 25.06 -33.77 -2.25
C LEU D 74 25.02 -32.80 -1.07
N ILE D 75 24.61 -31.56 -1.33
CA ILE D 75 24.55 -30.52 -0.32
C ILE D 75 23.19 -30.61 0.36
N SER D 76 23.20 -30.90 1.65
CA SER D 76 21.97 -30.94 2.42
C SER D 76 21.47 -29.52 2.70
N PRO D 77 20.23 -29.35 3.17
CA PRO D 77 19.78 -28.01 3.55
C PRO D 77 20.54 -27.43 4.73
N ASP D 78 21.07 -28.27 5.62
CA ASP D 78 21.78 -27.80 6.81
C ASP D 78 23.24 -27.43 6.55
N GLY D 79 23.69 -27.41 5.29
CA GLY D 79 25.05 -27.05 4.96
C GLY D 79 26.02 -28.22 4.88
N GLU D 80 25.69 -29.35 5.51
CA GLU D 80 26.57 -30.51 5.46
C GLU D 80 26.52 -31.14 4.07
N ILE D 81 27.67 -31.69 3.66
CA ILE D 81 27.84 -32.30 2.35
C ILE D 81 28.22 -33.76 2.54
N THR D 82 28.01 -34.56 1.50
CA THR D 82 28.39 -35.96 1.47
C THR D 82 28.89 -36.30 0.07
N ILE D 83 30.16 -36.70 -0.02
CA ILE D 83 30.80 -37.06 -1.28
C ILE D 83 30.57 -38.56 -1.48
N THR D 84 29.61 -38.89 -2.35
CA THR D 84 29.17 -40.26 -2.56
C THR D 84 29.05 -40.53 -4.06
N ASN D 85 29.33 -41.82 -4.34
CA ASN D 85 29.20 -42.36 -5.68
C ASN D 85 28.41 -43.63 -5.52
N ASP D 86 27.35 -43.61 -4.70
CA ASP D 86 26.46 -44.76 -4.51
C ASP D 86 25.08 -44.26 -4.87
N GLY D 87 24.29 -45.01 -5.65
CA GLY D 87 23.04 -44.46 -6.14
C GLY D 87 22.01 -44.19 -5.06
N ALA D 88 22.02 -44.98 -3.98
CA ALA D 88 20.99 -44.81 -2.95
C ALA D 88 21.24 -43.53 -2.14
N THR D 89 22.48 -43.29 -1.72
CA THR D 89 22.78 -42.10 -0.93
C THR D 89 22.64 -40.83 -1.77
N ILE D 90 22.90 -40.91 -3.07
CA ILE D 90 22.68 -39.76 -3.95
C ILE D 90 21.20 -39.45 -4.02
N LEU D 91 20.39 -40.43 -4.41
CA LEU D 91 18.96 -40.24 -4.55
C LEU D 91 18.25 -39.99 -3.22
N SER D 92 18.83 -40.45 -2.10
CA SER D 92 18.20 -40.23 -0.81
C SER D 92 18.26 -38.77 -0.39
N GLN D 93 19.41 -38.12 -0.57
CA GLN D 93 19.62 -36.73 -0.20
C GLN D 93 19.28 -35.75 -1.33
N MET D 94 18.49 -36.19 -2.33
CA MET D 94 18.15 -35.37 -3.48
C MET D 94 16.71 -34.89 -3.34
N GLU D 95 16.52 -33.57 -3.35
CA GLU D 95 15.20 -32.97 -3.28
C GLU D 95 14.59 -32.97 -4.67
N LEU D 96 13.53 -33.75 -4.85
CA LEU D 96 12.86 -33.96 -6.13
C LEU D 96 11.40 -33.55 -6.01
N ASP D 97 10.77 -33.39 -7.18
CA ASP D 97 9.36 -33.01 -7.31
C ASP D 97 8.60 -34.04 -8.13
N ASN D 98 9.22 -34.59 -9.17
CA ASN D 98 8.58 -35.58 -10.02
C ASN D 98 8.46 -36.90 -9.27
N GLU D 99 7.26 -37.49 -9.30
CA GLU D 99 7.02 -38.73 -8.59
C GLU D 99 7.74 -39.92 -9.22
N ILE D 100 8.03 -39.87 -10.53
CA ILE D 100 8.65 -40.99 -11.20
C ILE D 100 10.07 -41.20 -10.68
N ALA D 101 10.79 -40.10 -10.40
CA ALA D 101 12.11 -40.21 -9.81
C ALA D 101 12.03 -40.63 -8.34
N LYS D 102 10.94 -40.28 -7.65
CA LYS D 102 10.79 -40.68 -6.26
C LYS D 102 10.60 -42.18 -6.11
N LEU D 103 10.03 -42.84 -7.12
CA LEU D 103 9.99 -44.30 -7.12
C LEU D 103 11.37 -44.89 -7.39
N LEU D 104 12.19 -44.20 -8.20
CA LEU D 104 13.57 -44.63 -8.40
C LEU D 104 14.40 -44.36 -7.15
N VAL D 105 14.03 -43.37 -6.34
CA VAL D 105 14.71 -43.13 -5.07
C VAL D 105 14.51 -44.33 -4.14
N GLN D 106 13.29 -44.87 -4.12
CA GLN D 106 12.99 -46.02 -3.29
C GLN D 106 13.52 -47.33 -3.86
N LEU D 107 13.67 -47.42 -5.19
CA LEU D 107 14.23 -48.63 -5.78
C LEU D 107 15.70 -48.79 -5.42
N SER D 108 16.46 -47.69 -5.48
CA SER D 108 17.86 -47.73 -5.04
C SER D 108 17.96 -48.01 -3.54
N LYS D 109 17.02 -47.46 -2.76
CA LYS D 109 17.00 -47.74 -1.33
C LYS D 109 16.62 -49.19 -1.07
N SER D 110 15.78 -49.77 -1.91
CA SER D 110 15.43 -51.19 -1.77
C SER D 110 16.64 -52.08 -2.01
N GLN D 111 17.43 -51.79 -3.04
CA GLN D 111 18.65 -52.55 -3.29
C GLN D 111 19.69 -52.32 -2.21
N ASP D 112 19.69 -51.14 -1.59
CA ASP D 112 20.71 -50.82 -0.59
C ASP D 112 20.44 -51.53 0.73
N ASP D 113 19.17 -51.65 1.12
CA ASP D 113 18.84 -52.20 2.44
C ASP D 113 19.10 -53.70 2.53
N GLU D 114 18.62 -54.48 1.56
CA GLU D 114 18.67 -55.94 1.63
C GLU D 114 20.00 -56.50 1.13
N ILE D 115 20.33 -56.31 -0.15
CA ILE D 115 21.55 -56.82 -0.75
C ILE D 115 22.72 -55.89 -0.47
N GLY D 116 22.54 -54.59 -0.70
CA GLY D 116 23.61 -53.64 -0.53
C GLY D 116 24.61 -53.59 -1.66
N ASP D 117 24.21 -54.00 -2.87
CA ASP D 117 25.09 -54.01 -4.03
C ASP D 117 24.23 -53.82 -5.27
N GLY D 118 24.70 -52.97 -6.18
CA GLY D 118 23.98 -52.68 -7.40
C GLY D 118 22.98 -51.56 -7.30
N THR D 119 23.13 -50.65 -6.37
CA THR D 119 22.19 -49.61 -6.34
C THR D 119 22.23 -48.87 -7.65
N THR D 120 23.42 -48.52 -8.12
CA THR D 120 23.53 -47.75 -9.35
C THR D 120 23.00 -48.49 -10.51
N GLY D 121 23.16 -49.79 -10.54
CA GLY D 121 22.57 -50.58 -11.59
C GLY D 121 21.07 -50.61 -11.67
N VAL D 122 20.36 -50.72 -10.56
CA VAL D 122 18.94 -50.86 -10.66
C VAL D 122 18.29 -49.61 -11.15
N VAL D 123 18.99 -48.52 -11.32
CA VAL D 123 18.47 -47.27 -11.86
C VAL D 123 18.71 -47.20 -13.37
N VAL D 124 19.95 -47.46 -13.81
CA VAL D 124 20.26 -47.40 -15.22
C VAL D 124 19.60 -48.56 -15.96
N LEU D 125 19.45 -49.72 -15.31
CA LEU D 125 18.78 -50.85 -15.94
C LEU D 125 17.29 -50.62 -16.07
N ALA D 126 16.67 -50.06 -15.03
CA ALA D 126 15.25 -49.73 -15.11
C ALA D 126 15.01 -48.64 -16.15
N SER D 127 15.93 -47.68 -16.25
CA SER D 127 15.83 -46.67 -17.31
C SER D 127 16.06 -47.29 -18.68
N ALA D 128 16.91 -48.33 -18.77
CA ALA D 128 17.14 -48.98 -20.05
C ALA D 128 15.89 -49.71 -20.53
N LEU D 129 15.16 -50.36 -19.62
CA LEU D 129 13.87 -50.93 -19.97
C LEU D 129 12.87 -49.85 -20.35
N LEU D 130 12.94 -48.69 -19.67
CA LEU D 130 12.02 -47.61 -19.96
C LEU D 130 12.36 -46.93 -21.29
N ASP D 131 13.66 -46.78 -21.59
CA ASP D 131 14.05 -46.16 -22.85
C ASP D 131 13.67 -47.03 -24.05
N GLN D 132 13.87 -48.35 -23.95
CA GLN D 132 13.45 -49.24 -25.01
C GLN D 132 11.95 -49.37 -25.10
N ALA D 133 11.22 -49.18 -23.99
CA ALA D 133 9.76 -49.20 -24.03
C ALA D 133 9.18 -47.98 -24.75
N LEU D 134 9.94 -46.88 -24.82
CA LEU D 134 9.45 -45.69 -25.51
C LEU D 134 9.26 -45.97 -27.00
N GLU D 135 10.20 -46.70 -27.60
CA GLU D 135 10.08 -47.04 -29.02
C GLU D 135 8.92 -47.99 -29.28
N LEU D 136 8.63 -48.88 -28.33
CA LEU D 136 7.54 -49.84 -28.51
C LEU D 136 6.18 -49.21 -28.28
N ILE D 137 6.10 -48.16 -27.46
CA ILE D 137 4.84 -47.43 -27.30
C ILE D 137 4.50 -46.68 -28.58
N GLN D 138 5.52 -46.21 -29.32
CA GLN D 138 5.29 -45.57 -30.61
C GLN D 138 4.68 -46.53 -31.62
N LYS D 139 5.01 -47.83 -31.54
CA LYS D 139 4.45 -48.83 -32.43
C LYS D 139 3.01 -49.20 -32.10
N GLY D 140 2.54 -48.88 -30.90
CA GLY D 140 1.17 -49.15 -30.51
C GLY D 140 0.94 -50.47 -29.80
N ILE D 141 1.96 -50.98 -29.09
CA ILE D 141 1.80 -52.19 -28.29
C ILE D 141 1.19 -51.78 -26.95
N HIS D 142 0.26 -52.59 -26.45
CA HIS D 142 -0.37 -52.29 -25.18
C HIS D 142 0.66 -52.45 -24.06
N PRO D 143 0.60 -51.64 -22.98
CA PRO D 143 1.64 -51.75 -21.94
C PRO D 143 1.62 -53.07 -21.18
N ILE D 144 0.49 -53.76 -21.11
CA ILE D 144 0.44 -55.02 -20.37
C ILE D 144 1.20 -56.11 -21.13
N LYS D 145 1.11 -56.11 -22.46
CA LYS D 145 1.89 -57.04 -23.26
C LYS D 145 3.38 -56.72 -23.17
N ILE D 146 3.72 -55.44 -23.02
CA ILE D 146 5.11 -55.06 -22.78
C ILE D 146 5.57 -55.58 -21.42
N ALA D 147 4.74 -55.39 -20.39
CA ALA D 147 5.10 -55.82 -19.05
C ALA D 147 5.16 -57.33 -18.93
N ASN D 148 4.24 -58.05 -19.59
CA ASN D 148 4.27 -59.49 -19.56
C ASN D 148 5.48 -60.05 -20.30
N GLY D 149 5.96 -59.33 -21.32
CA GLY D 149 7.14 -59.79 -22.04
C GLY D 149 8.39 -59.76 -21.20
N PHE D 150 8.58 -58.70 -20.41
CA PHE D 150 9.75 -58.62 -19.54
C PHE D 150 9.66 -59.62 -18.39
N ASP D 151 8.44 -59.92 -17.93
CA ASP D 151 8.28 -60.90 -16.87
C ASP D 151 8.67 -62.30 -17.33
N GLU D 152 8.26 -62.68 -18.55
CA GLU D 152 8.67 -63.97 -19.09
C GLU D 152 10.15 -63.98 -19.45
N ALA D 153 10.67 -62.85 -19.94
CA ALA D 153 12.07 -62.77 -20.30
C ALA D 153 12.96 -62.74 -19.06
N ALA D 154 12.50 -62.11 -17.98
CA ALA D 154 13.31 -62.04 -16.76
C ALA D 154 13.43 -63.42 -16.11
N LYS D 155 12.34 -64.17 -16.03
CA LYS D 155 12.40 -65.51 -15.47
C LYS D 155 13.17 -66.46 -16.37
N LEU D 156 13.09 -66.27 -17.69
CA LEU D 156 13.85 -67.11 -18.60
C LEU D 156 15.34 -66.85 -18.47
N ALA D 157 15.73 -65.59 -18.28
CA ALA D 157 17.14 -65.27 -18.10
C ALA D 157 17.64 -65.77 -16.75
N ILE D 158 16.81 -65.71 -15.71
CA ILE D 158 17.20 -66.22 -14.40
C ILE D 158 17.33 -67.73 -14.46
N SER D 159 16.43 -68.39 -15.18
CA SER D 159 16.50 -69.85 -15.31
C SER D 159 17.73 -70.31 -16.07
N LYS D 160 18.21 -69.51 -17.03
CA LYS D 160 19.42 -69.86 -17.76
C LYS D 160 20.66 -69.59 -16.92
N LEU D 161 20.71 -68.43 -16.26
CA LEU D 161 21.89 -68.07 -15.47
C LEU D 161 22.05 -68.95 -14.24
N GLU D 162 20.95 -69.53 -13.73
CA GLU D 162 21.05 -70.46 -12.61
C GLU D 162 21.70 -71.77 -13.02
N GLU D 163 21.60 -72.15 -14.31
CA GLU D 163 22.19 -73.40 -14.77
C GLU D 163 23.68 -73.23 -15.06
N THR D 164 24.07 -72.10 -15.64
CA THR D 164 25.44 -71.92 -16.11
C THR D 164 26.43 -71.63 -14.99
N CYS D 165 25.99 -71.04 -13.87
CA CYS D 165 26.91 -70.72 -12.79
C CYS D 165 27.29 -71.98 -12.03
N ASP D 166 28.54 -72.00 -11.55
CA ASP D 166 29.13 -73.14 -10.85
C ASP D 166 29.07 -72.93 -9.34
N ASP D 167 29.14 -74.04 -8.62
CA ASP D 167 29.11 -74.07 -7.17
C ASP D 167 30.55 -74.06 -6.64
N ILE D 168 30.74 -73.42 -5.49
CA ILE D 168 32.05 -73.30 -4.83
C ILE D 168 32.10 -74.06 -3.50
N SER D 169 31.01 -74.70 -3.07
CA SER D 169 31.01 -75.39 -1.78
C SER D 169 31.89 -76.63 -1.77
N ALA D 170 32.20 -77.21 -2.93
CA ALA D 170 33.06 -78.39 -2.98
C ALA D 170 34.49 -78.09 -2.56
N SER D 171 34.95 -76.86 -2.75
CA SER D 171 36.31 -76.50 -2.36
C SER D 171 36.43 -76.40 -0.85
N ASN D 172 37.68 -76.44 -0.37
CA ASN D 172 37.96 -76.39 1.05
C ASN D 172 37.87 -74.95 1.55
N ASP D 173 38.19 -74.75 2.83
CA ASP D 173 38.10 -73.41 3.41
C ASP D 173 39.24 -72.51 2.93
N GLU D 174 40.38 -73.08 2.55
CA GLU D 174 41.50 -72.25 2.08
C GLU D 174 41.17 -71.54 0.78
N LEU D 175 40.51 -72.22 -0.15
CA LEU D 175 40.09 -71.61 -1.40
C LEU D 175 38.83 -70.78 -1.25
N PHE D 176 37.96 -71.12 -0.29
CA PHE D 176 36.75 -70.33 -0.07
C PHE D 176 37.09 -68.93 0.45
N ARG D 177 38.19 -68.79 1.18
CA ARG D 177 38.66 -67.47 1.58
C ARG D 177 39.07 -66.64 0.36
N ASP D 178 39.63 -67.29 -0.67
CA ASP D 178 40.05 -66.56 -1.86
C ASP D 178 38.85 -66.03 -2.63
N PHE D 179 37.73 -66.76 -2.62
CA PHE D 179 36.53 -66.29 -3.31
C PHE D 179 35.98 -65.02 -2.67
N LEU D 180 36.13 -64.89 -1.35
CA LEU D 180 35.74 -63.64 -0.70
C LEU D 180 36.70 -62.51 -1.09
N LEU D 181 37.98 -62.82 -1.25
CA LEU D 181 38.94 -61.82 -1.72
C LEU D 181 38.66 -61.41 -3.15
N ARG D 182 38.11 -62.32 -3.97
CA ARG D 182 37.70 -61.94 -5.32
C ARG D 182 36.56 -60.93 -5.29
N ALA D 183 35.57 -61.15 -4.42
CA ALA D 183 34.43 -60.25 -4.32
C ALA D 183 34.75 -59.02 -3.48
N ALA D 184 35.66 -59.14 -2.51
CA ALA D 184 36.04 -57.99 -1.68
C ALA D 184 36.74 -56.92 -2.50
N LYS D 185 37.70 -57.32 -3.33
CA LYS D 185 38.36 -56.37 -4.23
C LYS D 185 37.39 -55.81 -5.27
N THR D 186 36.33 -56.55 -5.62
CA THR D 186 35.36 -56.05 -6.57
C THR D 186 34.50 -54.95 -5.96
N SER D 187 34.12 -55.11 -4.69
CA SER D 187 33.24 -54.15 -4.03
C SER D 187 33.96 -52.90 -3.58
N LEU D 188 35.22 -53.01 -3.16
CA LEU D 188 35.98 -51.86 -2.70
C LEU D 188 36.36 -50.90 -3.82
N GLY D 189 36.54 -51.52 -4.99
CA GLY D 189 36.98 -50.78 -6.15
C GLY D 189 35.75 -50.15 -6.64
N SER D 190 35.88 -49.05 -7.35
CA SER D 190 34.75 -48.28 -7.83
C SER D 190 34.36 -47.39 -6.73
N LYS D 191 35.06 -47.47 -5.64
CA LYS D 191 34.79 -46.54 -4.58
C LYS D 191 36.15 -46.02 -4.26
N ILE D 192 36.21 -44.98 -3.45
CA ILE D 192 37.49 -44.50 -2.95
C ILE D 192 37.75 -45.56 -1.94
N VAL D 193 38.92 -45.64 -1.34
CA VAL D 193 39.29 -46.76 -0.47
C VAL D 193 39.69 -47.81 -1.45
N SER D 194 40.05 -47.38 -2.63
CA SER D 194 40.54 -48.30 -3.63
C SER D 194 42.04 -48.29 -3.75
N LYS D 195 42.73 -47.67 -2.80
CA LYS D 195 44.18 -47.71 -2.80
C LYS D 195 44.46 -48.84 -1.87
N ASP D 196 44.45 -48.58 -0.59
CA ASP D 196 44.51 -49.56 0.49
C ASP D 196 43.48 -50.69 0.32
N HIS D 197 42.96 -50.88 -0.90
CA HIS D 197 41.92 -51.87 -1.11
C HIS D 197 42.41 -53.30 -0.95
N ASP D 198 43.70 -53.55 -1.14
CA ASP D 198 44.23 -54.89 -0.92
C ASP D 198 44.19 -55.27 0.55
N ARG D 199 44.44 -54.30 1.43
CA ARG D 199 44.37 -54.53 2.88
C ARG D 199 42.94 -54.47 3.40
N PHE D 200 42.09 -53.62 2.82
CA PHE D 200 40.68 -53.62 3.18
C PHE D 200 40.00 -54.93 2.80
N ALA D 201 40.45 -55.56 1.71
CA ALA D 201 39.94 -56.87 1.36
C ALA D 201 40.34 -57.92 2.39
N GLU D 202 41.61 -57.90 2.80
CA GLU D 202 42.06 -58.80 3.86
C GLU D 202 41.41 -58.45 5.19
N MET D 203 41.24 -57.15 5.47
CA MET D 203 40.57 -56.74 6.69
C MET D 203 39.09 -57.11 6.66
N ALA D 204 38.45 -56.98 5.51
CA ALA D 204 37.04 -57.37 5.40
C ALA D 204 36.85 -58.86 5.54
N VAL D 205 37.77 -59.67 4.97
CA VAL D 205 37.67 -61.11 5.10
C VAL D 205 38.04 -61.55 6.51
N GLU D 206 39.01 -60.85 7.12
CA GLU D 206 39.41 -61.21 8.49
C GLU D 206 38.31 -60.90 9.50
N ALA D 207 37.43 -59.94 9.21
CA ALA D 207 36.31 -59.66 10.11
C ALA D 207 35.32 -60.81 10.14
N VAL D 208 35.10 -61.46 9.00
CA VAL D 208 34.15 -62.56 8.92
C VAL D 208 34.73 -63.89 9.41
N ILE D 209 36.05 -64.04 9.38
CA ILE D 209 36.66 -65.27 9.92
C ILE D 209 36.42 -65.35 11.43
N ASN D 210 36.44 -64.21 12.11
CA ASN D 210 36.17 -64.20 13.55
C ASN D 210 34.69 -64.42 13.84
N VAL D 211 33.82 -63.73 13.11
CA VAL D 211 32.38 -63.77 13.31
C VAL D 211 31.80 -64.65 12.20
N MET D 212 31.55 -65.92 12.51
CA MET D 212 30.95 -66.84 11.56
C MET D 212 30.43 -68.05 12.31
N ASP D 213 29.48 -68.73 11.68
CA ASP D 213 28.92 -69.98 12.19
C ASP D 213 29.79 -71.15 11.75
N LYS D 214 29.81 -72.19 12.57
CA LYS D 214 30.61 -73.37 12.25
C LYS D 214 30.11 -74.10 11.00
N ASP D 215 28.82 -74.01 10.70
CA ASP D 215 28.25 -74.61 9.50
C ASP D 215 28.34 -73.69 8.28
N ARG D 216 28.91 -72.48 8.41
CA ARG D 216 29.04 -71.53 7.31
C ARG D 216 27.67 -71.16 6.72
N LYS D 217 26.79 -70.68 7.60
CA LYS D 217 25.43 -70.35 7.18
C LYS D 217 24.81 -69.41 8.22
N ASP D 218 23.96 -68.51 7.71
CA ASP D 218 23.16 -67.53 8.47
C ASP D 218 23.97 -66.80 9.56
N VAL D 219 25.05 -66.16 9.13
CA VAL D 219 25.84 -65.35 10.04
C VAL D 219 25.05 -64.10 10.43
N ASP D 220 25.22 -63.67 11.67
CA ASP D 220 24.54 -62.50 12.20
C ASP D 220 25.32 -61.25 11.81
N PHE D 221 24.66 -60.35 11.06
CA PHE D 221 25.29 -59.11 10.63
C PHE D 221 25.26 -58.03 11.71
N ASP D 222 24.31 -58.10 12.64
CA ASP D 222 24.17 -57.08 13.68
C ASP D 222 25.31 -57.10 14.69
N LEU D 223 26.10 -58.18 14.75
CA LEU D 223 27.22 -58.23 15.69
C LEU D 223 28.33 -57.25 15.34
N ILE D 224 28.49 -56.90 14.06
CA ILE D 224 29.53 -56.00 13.59
C ILE D 224 28.88 -54.67 13.25
N LYS D 225 29.22 -53.64 14.03
CA LYS D 225 28.74 -52.28 13.84
C LYS D 225 29.80 -51.44 13.15
N MET D 226 29.37 -50.34 12.55
CA MET D 226 30.25 -49.39 11.87
C MET D 226 30.67 -48.31 12.84
N GLN D 227 31.93 -47.91 12.76
CA GLN D 227 32.48 -46.84 13.60
C GLN D 227 33.59 -46.15 12.85
N GLY D 228 33.44 -44.85 12.60
CA GLY D 228 34.43 -44.03 11.95
C GLY D 228 35.05 -43.04 12.91
N ARG D 229 36.25 -42.56 12.58
CA ARG D 229 36.99 -41.60 13.38
C ARG D 229 37.60 -40.56 12.45
N VAL D 230 37.31 -39.29 12.73
CA VAL D 230 37.80 -38.18 11.92
C VAL D 230 39.21 -37.85 12.39
N GLY D 231 40.21 -38.27 11.62
CA GLY D 231 41.60 -38.01 11.93
C GLY D 231 42.50 -39.07 11.33
N GLY D 232 43.81 -38.80 11.39
CA GLY D 232 44.79 -39.74 10.90
C GLY D 232 44.78 -39.86 9.39
N SER D 233 45.29 -41.00 8.92
CA SER D 233 45.35 -41.35 7.50
C SER D 233 44.77 -42.75 7.32
N ILE D 234 44.60 -43.14 6.05
CA ILE D 234 44.00 -44.44 5.76
C ILE D 234 44.93 -45.57 6.15
N SER D 235 46.25 -45.35 6.08
CA SER D 235 47.21 -46.38 6.45
C SER D 235 47.18 -46.72 7.93
N ASP D 236 46.74 -45.79 8.79
CA ASP D 236 46.69 -46.04 10.22
C ASP D 236 45.56 -46.96 10.65
N SER D 237 44.60 -47.26 9.77
CA SER D 237 43.50 -48.14 10.14
C SER D 237 44.01 -49.57 10.33
N LYS D 238 43.45 -50.26 11.32
CA LYS D 238 43.84 -51.64 11.61
C LYS D 238 42.65 -52.35 12.26
N LEU D 239 42.84 -53.64 12.54
CA LEU D 239 41.80 -54.48 13.14
C LEU D 239 41.97 -54.52 14.65
N ILE D 240 40.86 -54.34 15.37
CA ILE D 240 40.81 -54.52 16.81
C ILE D 240 39.47 -55.14 17.18
N ASN D 241 39.52 -56.17 18.03
CA ASN D 241 38.33 -56.92 18.45
C ASN D 241 37.91 -56.37 19.81
N GLY D 242 36.94 -55.46 19.81
CA GLY D 242 36.49 -54.86 21.05
C GLY D 242 35.45 -53.80 20.81
N VAL D 243 35.31 -52.91 21.80
CA VAL D 243 34.29 -51.88 21.83
C VAL D 243 34.97 -50.52 21.74
N ILE D 244 34.28 -49.56 21.14
CA ILE D 244 34.74 -48.17 21.02
C ILE D 244 33.84 -47.30 21.87
N LEU D 245 34.40 -46.74 22.94
CA LEU D 245 33.74 -45.76 23.79
C LEU D 245 34.42 -44.41 23.62
N ASP D 246 33.64 -43.35 23.53
CA ASP D 246 34.13 -42.00 23.22
C ASP D 246 34.42 -41.19 24.47
N LYS D 247 34.87 -41.83 25.55
CA LYS D 247 34.99 -41.22 26.87
C LYS D 247 36.28 -41.68 27.55
N ASP D 248 36.66 -40.95 28.59
CA ASP D 248 37.85 -41.21 29.37
C ASP D 248 37.49 -41.98 30.65
N PHE D 249 38.51 -42.44 31.37
CA PHE D 249 38.30 -43.02 32.68
C PHE D 249 37.94 -41.93 33.68
N SER D 250 37.40 -42.35 34.81
CA SER D 250 36.99 -41.41 35.85
C SER D 250 38.20 -40.95 36.65
N HIS D 251 38.37 -39.62 36.75
CA HIS D 251 39.41 -38.99 37.56
C HIS D 251 40.80 -39.45 37.11
N PRO D 252 41.28 -39.00 35.93
CA PRO D 252 42.50 -39.58 35.35
C PRO D 252 43.77 -39.21 36.12
N GLN D 253 43.98 -39.88 37.25
CA GLN D 253 45.25 -39.93 37.96
C GLN D 253 45.94 -41.28 37.85
N MET D 254 45.17 -42.35 37.66
CA MET D 254 45.70 -43.69 37.47
C MET D 254 46.49 -43.76 36.17
N PRO D 255 47.29 -44.82 35.95
CA PRO D 255 47.89 -45.00 34.63
C PRO D 255 46.84 -45.30 33.58
N LYS D 256 47.12 -44.86 32.35
CA LYS D 256 46.14 -44.98 31.27
C LYS D 256 45.98 -46.43 30.82
N CYS D 257 47.08 -47.16 30.68
CA CYS D 257 47.08 -48.53 30.19
C CYS D 257 47.22 -49.48 31.39
N VAL D 258 46.10 -50.10 31.76
CA VAL D 258 46.06 -51.09 32.82
C VAL D 258 46.38 -52.46 32.24
N LEU D 259 47.16 -53.24 32.99
CA LEU D 259 47.63 -54.57 32.61
C LEU D 259 46.98 -55.61 33.51
N PRO D 260 46.97 -56.89 33.11
CA PRO D 260 46.42 -57.92 33.98
C PRO D 260 47.42 -58.35 35.03
N LYS D 261 46.96 -59.23 35.92
CA LYS D 261 47.82 -59.79 36.96
C LYS D 261 48.81 -60.77 36.35
N GLU D 262 49.75 -61.25 37.15
CA GLU D 262 50.74 -62.21 36.67
C GLU D 262 50.08 -63.53 36.32
N GLY D 263 49.36 -64.12 37.28
CA GLY D 263 48.60 -65.35 37.08
C GLY D 263 47.11 -65.12 37.22
N SER D 264 46.38 -65.17 36.12
CA SER D 264 44.94 -64.94 36.12
C SER D 264 44.38 -65.32 34.77
N ASP D 265 43.07 -65.60 34.75
CA ASP D 265 42.37 -65.90 33.52
C ASP D 265 42.12 -64.66 32.66
N GLY D 266 42.12 -63.46 33.25
CA GLY D 266 41.89 -62.26 32.50
C GLY D 266 41.76 -61.08 33.43
N VAL D 267 41.35 -59.94 32.85
CA VAL D 267 41.16 -58.72 33.62
C VAL D 267 39.89 -58.71 34.45
N LYS D 268 38.96 -59.65 34.21
CA LYS D 268 37.72 -59.78 34.98
C LYS D 268 36.86 -58.51 34.86
N LEU D 269 36.41 -58.27 33.63
CA LEU D 269 35.55 -57.12 33.35
C LEU D 269 34.23 -57.24 34.11
N ALA D 270 33.78 -56.12 34.66
CA ALA D 270 32.51 -56.00 35.38
C ALA D 270 31.67 -54.91 34.75
N ILE D 271 30.37 -55.18 34.60
CA ILE D 271 29.39 -54.25 34.04
C ILE D 271 28.25 -54.15 35.02
N LEU D 272 27.72 -52.94 35.20
CA LEU D 272 26.65 -52.66 36.16
C LEU D 272 25.70 -51.64 35.56
N THR D 273 24.39 -51.94 35.65
CA THR D 273 23.32 -51.01 35.28
C THR D 273 22.72 -50.31 36.48
N CYS D 274 23.50 -50.13 37.58
CA CYS D 274 23.08 -49.49 38.82
C CYS D 274 24.06 -48.38 39.19
N PRO D 275 23.67 -47.12 39.38
CA PRO D 275 24.67 -46.11 39.76
C PRO D 275 25.13 -46.30 41.21
N PHE D 276 26.36 -45.89 41.47
CA PHE D 276 26.94 -45.97 42.82
C PHE D 276 26.28 -44.90 43.68
N GLU D 277 25.31 -45.32 44.48
CA GLU D 277 24.60 -44.44 45.40
C GLU D 277 23.99 -45.31 46.48
N PRO D 278 23.44 -44.72 47.55
CA PRO D 278 22.66 -45.52 48.48
C PRO D 278 21.41 -46.05 47.80
N PRO D 279 20.92 -47.22 48.20
CA PRO D 279 19.66 -47.70 47.59
C PRO D 279 18.49 -46.84 48.02
N LYS D 280 17.77 -46.25 47.04
CA LYS D 280 16.59 -45.43 47.21
C LYS D 280 15.40 -46.06 46.48
N PRO D 281 14.15 -45.80 46.89
CA PRO D 281 13.03 -46.36 46.13
C PRO D 281 12.89 -45.70 44.77
N LYS D 282 12.34 -46.45 43.82
CA LYS D 282 12.02 -45.88 42.51
C LYS D 282 10.88 -44.89 42.60
N THR D 283 9.91 -45.15 43.48
CA THR D 283 8.84 -44.21 43.75
C THR D 283 9.35 -43.05 44.60
N LYS D 284 8.63 -41.93 44.53
CA LYS D 284 8.95 -40.78 45.35
C LYS D 284 8.70 -41.11 46.82
N HIS D 285 9.67 -40.77 47.67
CA HIS D 285 9.70 -41.14 49.07
C HIS D 285 9.90 -39.91 49.95
N LYS D 286 9.65 -40.08 51.24
CA LYS D 286 9.83 -39.03 52.23
C LYS D 286 10.44 -39.65 53.48
N LEU D 287 11.77 -39.65 53.56
CA LEU D 287 12.48 -40.16 54.73
C LEU D 287 12.50 -39.07 55.80
N ASP D 288 11.75 -39.30 56.88
CA ASP D 288 11.60 -38.34 57.96
C ASP D 288 12.58 -38.68 59.07
N ILE D 289 13.36 -37.69 59.50
CA ILE D 289 14.31 -37.81 60.60
C ILE D 289 13.83 -36.89 61.72
N SER D 290 13.23 -37.49 62.74
CA SER D 290 12.64 -36.74 63.86
C SER D 290 13.55 -36.61 65.07
N SER D 291 14.84 -36.96 64.95
CA SER D 291 15.75 -36.93 66.08
C SER D 291 17.18 -36.81 65.58
N VAL D 292 18.04 -36.27 66.45
CA VAL D 292 19.45 -36.13 66.11
C VAL D 292 20.14 -37.49 66.09
N GLU D 293 19.68 -38.44 66.91
CA GLU D 293 20.27 -39.78 66.90
C GLU D 293 20.00 -40.48 65.57
N GLU D 294 18.79 -40.33 65.03
CA GLU D 294 18.49 -40.88 63.71
C GLU D 294 19.25 -40.15 62.61
N TYR D 295 19.58 -38.87 62.83
CA TYR D 295 20.33 -38.12 61.82
C TYR D 295 21.77 -38.60 61.74
N GLN D 296 22.36 -39.00 62.88
CA GLN D 296 23.70 -39.55 62.86
C GLN D 296 23.73 -40.95 62.26
N LYS D 297 22.64 -41.72 62.44
CA LYS D 297 22.55 -43.02 61.79
C LYS D 297 22.42 -42.88 60.28
N LEU D 298 21.83 -41.78 59.80
CA LEU D 298 21.80 -41.53 58.37
C LEU D 298 23.19 -41.26 57.84
N GLN D 299 24.03 -40.58 58.62
CA GLN D 299 25.42 -40.39 58.23
C GLN D 299 26.17 -41.72 58.22
N THR D 300 25.89 -42.57 59.22
CA THR D 300 26.49 -43.90 59.24
C THR D 300 25.96 -44.75 58.09
N TYR D 301 24.66 -44.66 57.81
CA TYR D 301 24.07 -45.38 56.68
C TYR D 301 24.62 -44.87 55.35
N GLU D 302 24.94 -43.57 55.29
CA GLU D 302 25.50 -43.01 54.06
C GLU D 302 26.88 -43.57 53.78
N GLN D 303 27.72 -43.69 54.81
CA GLN D 303 29.11 -44.12 54.62
C GLN D 303 29.21 -45.63 54.47
N ASP D 304 28.40 -46.40 55.21
CA ASP D 304 28.52 -47.85 55.16
C ASP D 304 28.09 -48.42 53.81
N LYS D 305 27.17 -47.75 53.11
CA LYS D 305 26.78 -48.24 51.80
C LYS D 305 27.92 -48.13 50.80
N PHE D 306 28.64 -47.00 50.79
CA PHE D 306 29.80 -46.89 49.94
C PHE D 306 30.92 -47.83 50.37
N LYS D 307 31.04 -48.07 51.68
CA LYS D 307 32.04 -49.03 52.15
C LYS D 307 31.66 -50.46 51.76
N GLU D 308 30.38 -50.81 51.90
CA GLU D 308 29.94 -52.14 51.49
C GLU D 308 30.01 -52.30 49.97
N MET D 309 29.80 -51.21 49.22
CA MET D 309 29.80 -51.30 47.77
C MET D 309 31.18 -51.63 47.22
N ILE D 310 32.20 -50.92 47.68
CA ILE D 310 33.56 -51.14 47.17
C ILE D 310 34.10 -52.48 47.68
N ASP D 311 33.61 -52.99 48.80
CA ASP D 311 34.01 -54.32 49.26
C ASP D 311 33.39 -55.43 48.43
N ASP D 312 32.21 -55.19 47.87
CA ASP D 312 31.58 -56.21 47.03
C ASP D 312 32.34 -56.40 45.73
N VAL D 313 32.66 -55.31 45.03
CA VAL D 313 33.45 -55.41 43.81
C VAL D 313 34.89 -55.82 44.10
N LYS D 314 35.40 -55.53 45.30
CA LYS D 314 36.73 -55.99 45.67
C LYS D 314 36.78 -57.50 45.78
N LYS D 315 35.85 -58.09 46.52
CA LYS D 315 35.81 -59.54 46.68
C LYS D 315 35.47 -60.26 45.38
N ALA D 316 34.78 -59.62 44.45
CA ALA D 316 34.48 -60.22 43.15
C ALA D 316 35.70 -60.30 42.25
N GLY D 317 36.78 -59.56 42.54
CA GLY D 317 37.99 -59.63 41.75
C GLY D 317 37.99 -58.80 40.49
N ALA D 318 37.03 -57.90 40.32
CA ALA D 318 36.98 -57.08 39.12
C ALA D 318 38.06 -56.00 39.16
N ASP D 319 38.60 -55.70 37.98
CA ASP D 319 39.63 -54.68 37.80
C ASP D 319 39.06 -53.43 37.14
N VAL D 320 38.28 -53.59 36.07
CA VAL D 320 37.63 -52.49 35.36
C VAL D 320 36.13 -52.65 35.52
N VAL D 321 35.44 -51.54 35.81
CA VAL D 321 34.01 -51.50 36.08
C VAL D 321 33.36 -50.57 35.08
N ILE D 322 32.22 -50.99 34.53
CA ILE D 322 31.45 -50.23 33.56
C ILE D 322 30.09 -49.94 34.17
N CYS D 323 29.78 -48.65 34.33
CA CYS D 323 28.54 -48.19 34.95
C CYS D 323 27.68 -47.49 33.90
N GLN D 324 26.39 -47.84 33.88
CA GLN D 324 25.48 -47.26 32.91
C GLN D 324 25.08 -45.83 33.28
N TRP D 325 24.52 -45.66 34.48
CA TRP D 325 23.90 -44.40 34.88
C TRP D 325 24.83 -43.50 35.67
N GLY D 326 26.15 -43.66 35.53
CA GLY D 326 27.09 -42.74 36.14
C GLY D 326 27.13 -42.85 37.65
N PHE D 327 27.96 -41.99 38.24
CA PHE D 327 28.05 -41.89 39.69
C PHE D 327 28.68 -40.54 40.05
N ASP D 328 28.60 -40.22 41.34
CA ASP D 328 29.08 -38.93 41.84
C ASP D 328 30.59 -38.99 42.05
N ASP D 329 31.16 -37.93 42.62
CA ASP D 329 32.60 -37.81 42.81
C ASP D 329 33.11 -38.52 44.06
N GLU D 330 32.23 -39.06 44.91
CA GLU D 330 32.69 -39.72 46.12
C GLU D 330 33.40 -41.03 45.81
N ALA D 331 32.92 -41.76 44.80
CA ALA D 331 33.50 -43.05 44.44
C ALA D 331 34.80 -42.94 43.64
N ASN D 332 35.26 -41.73 43.31
CA ASN D 332 36.50 -41.60 42.53
C ASN D 332 37.71 -42.01 43.36
N HIS D 333 37.78 -41.56 44.62
CA HIS D 333 38.94 -41.87 45.45
C HIS D 333 38.89 -43.32 45.94
N LEU D 334 37.70 -43.85 46.20
CA LEU D 334 37.59 -45.24 46.62
C LEU D 334 38.02 -46.18 45.49
N LEU D 335 37.69 -45.83 44.25
CA LEU D 335 38.09 -46.61 43.09
C LEU D 335 39.56 -46.42 42.73
N LEU D 336 40.15 -45.26 43.06
CA LEU D 336 41.53 -44.98 42.69
C LEU D 336 42.51 -45.70 43.61
N GLN D 337 42.21 -45.76 44.91
CA GLN D 337 43.13 -46.37 45.87
C GLN D 337 43.24 -47.88 45.65
N ASN D 338 42.14 -48.54 45.31
CA ASN D 338 42.13 -49.97 45.08
C ASN D 338 42.58 -50.36 43.67
N ASP D 339 43.04 -49.40 42.85
CA ASP D 339 43.51 -49.66 41.49
C ASP D 339 42.38 -50.25 40.63
N LEU D 340 41.29 -49.48 40.56
CA LEU D 340 40.07 -49.89 39.86
C LEU D 340 39.65 -48.78 38.90
N PRO D 341 40.02 -48.84 37.61
CA PRO D 341 39.49 -47.85 36.67
C PRO D 341 37.99 -48.02 36.46
N ALA D 342 37.36 -46.93 36.04
CA ALA D 342 35.92 -46.90 35.83
C ALA D 342 35.56 -45.79 34.84
N VAL D 343 34.32 -45.85 34.35
CA VAL D 343 33.79 -44.89 33.39
C VAL D 343 32.38 -44.50 33.82
N ARG D 344 31.82 -43.50 33.11
CA ARG D 344 30.48 -42.98 33.39
C ARG D 344 29.74 -42.72 32.09
N TRP D 345 28.42 -42.68 32.18
CA TRP D 345 27.53 -42.30 31.07
C TRP D 345 27.69 -43.23 29.86
N VAL D 346 27.82 -44.51 30.14
CA VAL D 346 27.89 -45.54 29.10
C VAL D 346 26.46 -45.90 28.70
N GLY D 347 26.14 -45.69 27.43
CA GLY D 347 24.78 -45.93 26.98
C GLY D 347 24.45 -47.41 26.93
N GLY D 348 23.16 -47.71 27.02
CA GLY D 348 22.69 -49.08 27.04
C GLY D 348 22.98 -49.86 25.77
N GLN D 349 23.08 -49.17 24.63
CA GLN D 349 23.40 -49.85 23.38
C GLN D 349 24.84 -50.37 23.40
N GLU D 350 25.75 -49.62 24.04
CA GLU D 350 27.14 -50.06 24.14
C GLU D 350 27.29 -51.25 25.07
N LEU D 351 26.47 -51.32 26.13
CA LEU D 351 26.53 -52.47 27.04
C LEU D 351 26.07 -53.74 26.35
N GLU D 352 25.15 -53.63 25.39
CA GLU D 352 24.80 -54.77 24.55
C GLU D 352 26.01 -55.25 23.76
N HIS D 353 26.87 -54.32 23.34
CA HIS D 353 28.07 -54.66 22.58
C HIS D 353 29.19 -55.16 23.48
N ILE D 354 29.22 -54.74 24.74
CA ILE D 354 30.30 -55.15 25.64
C ILE D 354 30.09 -56.58 26.12
N ALA D 355 28.84 -56.96 26.38
CA ALA D 355 28.56 -58.29 26.91
C ALA D 355 28.83 -59.38 25.88
N ILE D 356 28.55 -59.12 24.61
CA ILE D 356 28.75 -60.12 23.56
C ILE D 356 30.24 -60.25 23.23
N SER D 357 30.98 -59.14 23.29
CA SER D 357 32.40 -59.17 22.94
C SER D 357 33.21 -59.93 23.98
N THR D 358 33.12 -59.51 25.24
CA THR D 358 33.87 -60.13 26.33
C THR D 358 33.21 -61.38 26.90
N ASN D 359 32.07 -61.81 26.36
CA ASN D 359 31.39 -63.04 26.78
C ASN D 359 30.96 -62.99 28.25
N GLY D 360 30.62 -61.79 28.73
CA GLY D 360 30.21 -61.58 30.11
C GLY D 360 28.71 -61.38 30.24
N ARG D 361 28.24 -61.56 31.47
CA ARG D 361 26.85 -61.35 31.86
C ARG D 361 26.76 -60.10 32.70
N ILE D 362 25.82 -59.22 32.36
CA ILE D 362 25.65 -57.95 33.06
C ILE D 362 24.81 -58.22 34.31
N VAL D 363 25.39 -57.97 35.48
CA VAL D 363 24.69 -58.18 36.75
C VAL D 363 23.82 -56.96 37.00
N PRO D 364 22.57 -57.09 37.53
CA PRO D 364 21.80 -55.88 37.82
C PRO D 364 22.32 -55.10 39.02
N ARG D 365 22.63 -55.81 40.11
CA ARG D 365 22.98 -55.22 41.39
C ARG D 365 24.18 -55.94 41.98
N PHE D 366 24.63 -55.46 43.14
CA PHE D 366 25.79 -56.03 43.82
C PHE D 366 25.46 -57.28 44.62
N GLN D 367 24.22 -57.42 45.09
CA GLN D 367 23.85 -58.63 45.82
C GLN D 367 23.90 -59.88 44.94
N ASP D 368 23.56 -59.73 43.65
CA ASP D 368 23.69 -60.81 42.67
C ASP D 368 25.07 -60.86 42.03
N LEU D 369 26.06 -60.16 42.57
CA LEU D 369 27.40 -60.16 41.98
C LEU D 369 28.08 -61.50 42.23
N SER D 370 28.59 -62.11 41.17
CA SER D 370 29.32 -63.37 41.26
C SER D 370 30.41 -63.37 40.21
N LYS D 371 31.45 -64.17 40.46
CA LYS D 371 32.61 -64.22 39.58
C LYS D 371 32.32 -64.88 38.24
N ASP D 372 31.23 -65.65 38.12
CA ASP D 372 30.90 -66.30 36.86
C ASP D 372 30.34 -65.33 35.81
N LYS D 373 29.75 -64.22 36.24
CA LYS D 373 29.14 -63.27 35.31
C LYS D 373 30.13 -62.26 34.72
N LEU D 374 31.34 -62.16 35.26
CA LEU D 374 32.30 -61.18 34.77
C LEU D 374 32.90 -61.61 33.45
N GLY D 375 33.17 -60.64 32.59
CA GLY D 375 33.72 -60.90 31.28
C GLY D 375 35.22 -61.17 31.32
N THR D 376 35.81 -61.25 30.14
CA THR D 376 37.24 -61.52 29.98
C THR D 376 37.71 -60.90 28.68
N CYS D 377 38.78 -60.11 28.76
CA CYS D 377 39.41 -59.52 27.59
C CYS D 377 40.90 -59.35 27.87
N SER D 378 41.66 -59.06 26.81
CA SER D 378 43.12 -59.08 26.90
C SER D 378 43.65 -57.89 27.69
N ARG D 379 43.35 -56.68 27.26
CA ARG D 379 43.93 -55.48 27.86
C ARG D 379 43.07 -54.27 27.51
N ILE D 380 43.20 -53.22 28.34
CA ILE D 380 42.48 -51.96 28.18
C ILE D 380 43.53 -50.86 28.11
N TYR D 381 43.40 -49.96 27.13
CA TYR D 381 44.34 -48.86 26.99
C TYR D 381 43.68 -47.75 26.16
N GLU D 382 44.28 -46.56 26.23
CA GLU D 382 43.79 -45.37 25.55
C GLU D 382 44.96 -44.59 24.98
N GLN D 383 44.72 -43.95 23.84
CA GLN D 383 45.68 -43.07 23.18
C GLN D 383 45.00 -41.74 22.84
N GLU D 384 45.78 -40.82 22.28
CA GLU D 384 45.35 -39.44 22.07
C GLU D 384 44.80 -39.17 20.69
N PHE D 385 45.44 -39.71 19.64
CA PHE D 385 45.12 -39.47 18.21
C PHE D 385 45.48 -38.05 17.81
N GLY D 386 46.14 -37.25 18.65
CA GLY D 386 46.43 -35.87 18.33
C GLY D 386 46.57 -34.99 19.56
N THR D 387 46.07 -33.76 19.48
CA THR D 387 46.28 -32.79 20.55
C THR D 387 45.24 -32.90 21.65
N THR D 388 44.00 -32.50 21.32
CA THR D 388 42.97 -32.20 22.32
C THR D 388 41.61 -32.79 21.96
N LYS D 389 41.50 -33.60 20.90
CA LYS D 389 40.23 -34.03 20.32
C LYS D 389 39.26 -34.67 21.31
N ASP D 390 39.58 -35.88 21.78
CA ASP D 390 38.85 -36.56 22.83
C ASP D 390 39.57 -37.87 23.12
N ARG D 391 39.43 -38.34 24.35
CA ARG D 391 39.98 -39.64 24.75
C ARG D 391 38.97 -40.74 24.43
N MET D 392 39.29 -41.57 23.44
CA MET D 392 38.45 -42.67 22.99
C MET D 392 39.02 -43.98 23.51
N LEU D 393 38.17 -44.80 24.14
CA LEU D 393 38.60 -46.04 24.74
C LEU D 393 38.71 -47.15 23.69
N ILE D 394 39.67 -48.05 23.92
CA ILE D 394 39.97 -49.16 23.02
C ILE D 394 40.04 -50.43 23.85
N ILE D 395 39.49 -51.53 23.31
CA ILE D 395 39.53 -52.85 23.92
C ILE D 395 39.98 -53.82 22.86
N GLU D 396 40.75 -54.84 23.26
CA GLU D 396 41.27 -55.86 22.37
C GLU D 396 41.16 -57.23 23.03
N GLN D 397 40.94 -58.25 22.20
CA GLN D 397 40.80 -59.64 22.63
C GLN D 397 42.06 -60.42 22.27
N SER D 398 42.34 -61.46 23.06
CA SER D 398 43.49 -62.33 22.86
C SER D 398 43.18 -63.56 22.02
N LYS D 399 41.94 -63.75 21.56
CA LYS D 399 41.57 -64.92 20.77
C LYS D 399 40.38 -64.55 19.90
N GLU D 400 39.79 -65.56 19.26
CA GLU D 400 38.63 -65.36 18.42
C GLU D 400 37.40 -65.16 19.30
N THR D 401 36.60 -64.15 18.97
CA THR D 401 35.37 -63.81 19.67
C THR D 401 34.24 -63.56 18.65
N LYS D 402 33.05 -63.30 19.17
CA LYS D 402 31.85 -63.08 18.36
C LYS D 402 31.59 -61.60 18.08
N THR D 403 32.64 -60.79 18.01
CA THR D 403 32.49 -59.35 17.82
C THR D 403 33.74 -58.80 17.15
N VAL D 404 33.55 -58.02 16.10
CA VAL D 404 34.64 -57.32 15.40
C VAL D 404 34.16 -55.90 15.14
N THR D 405 34.97 -54.92 15.55
CA THR D 405 34.68 -53.50 15.40
C THR D 405 35.75 -52.89 14.50
N CYS D 406 35.37 -52.50 13.29
CA CYS D 406 36.32 -51.90 12.35
C CYS D 406 36.75 -50.53 12.84
N PHE D 407 38.07 -50.33 12.87
CA PHE D 407 38.70 -49.10 13.35
C PHE D 407 39.21 -48.34 12.12
N VAL D 408 38.32 -47.54 11.52
CA VAL D 408 38.58 -46.84 10.27
C VAL D 408 38.98 -45.42 10.60
N ARG D 409 40.08 -44.95 10.01
CA ARG D 409 40.56 -43.58 10.11
C ARG D 409 40.39 -42.88 8.78
N GLY D 410 40.53 -41.55 8.80
CA GLY D 410 40.39 -40.77 7.60
C GLY D 410 40.90 -39.34 7.74
N SER D 411 41.47 -38.81 6.65
CA SER D 411 41.98 -37.44 6.67
C SER D 411 40.88 -36.39 6.62
N ASN D 412 39.66 -36.75 6.18
CA ASN D 412 38.53 -35.84 6.10
C ASN D 412 37.28 -36.52 6.64
N LYS D 413 36.31 -35.70 7.02
CA LYS D 413 35.03 -36.22 7.51
C LYS D 413 34.24 -36.89 6.39
N MET D 414 34.38 -36.38 5.15
CA MET D 414 33.70 -37.01 4.02
C MET D 414 34.42 -38.29 3.58
N ILE D 415 35.74 -38.35 3.77
CA ILE D 415 36.47 -39.57 3.44
C ILE D 415 36.05 -40.71 4.36
N VAL D 416 36.11 -40.47 5.67
CA VAL D 416 35.74 -41.51 6.63
C VAL D 416 34.26 -41.82 6.60
N ASP D 417 33.42 -40.86 6.19
CA ASP D 417 31.99 -41.14 6.06
C ASP D 417 31.71 -42.03 4.86
N GLU D 418 32.39 -41.78 3.74
CA GLU D 418 32.25 -42.65 2.58
C GLU D 418 32.90 -44.01 2.81
N ALA D 419 33.97 -44.06 3.59
CA ALA D 419 34.61 -45.33 3.92
C ALA D 419 33.72 -46.22 4.78
N GLU D 420 32.81 -45.62 5.57
CA GLU D 420 31.88 -46.43 6.35
C GLU D 420 30.91 -47.17 5.44
N ARG D 421 30.16 -46.45 4.62
CA ARG D 421 29.19 -47.08 3.73
C ARG D 421 29.87 -47.93 2.66
N ALA D 422 31.11 -47.63 2.30
CA ALA D 422 31.84 -48.48 1.36
C ALA D 422 32.20 -49.82 1.99
N LEU D 423 32.71 -49.79 3.23
CA LEU D 423 33.04 -51.03 3.92
C LEU D 423 31.78 -51.78 4.35
N HIS D 424 30.68 -51.06 4.61
CA HIS D 424 29.41 -51.72 4.90
C HIS D 424 28.93 -52.52 3.71
N ASP D 425 29.03 -51.96 2.50
CA ASP D 425 28.68 -52.72 1.31
C ASP D 425 29.63 -53.88 1.08
N SER D 426 30.89 -53.75 1.50
CA SER D 426 31.84 -54.85 1.35
C SER D 426 31.45 -56.03 2.24
N LEU D 427 31.08 -55.77 3.50
CA LEU D 427 30.62 -56.84 4.38
C LEU D 427 29.31 -57.43 3.92
N CYS D 428 28.46 -56.62 3.28
CA CYS D 428 27.19 -57.15 2.76
C CYS D 428 27.41 -58.06 1.56
N VAL D 429 28.40 -57.76 0.73
CA VAL D 429 28.70 -58.62 -0.41
C VAL D 429 29.25 -59.96 0.08
N VAL D 430 30.09 -59.93 1.11
CA VAL D 430 30.56 -61.17 1.72
C VAL D 430 29.41 -61.88 2.41
N ARG D 431 28.45 -61.13 2.97
CA ARG D 431 27.29 -61.74 3.59
C ARG D 431 26.44 -62.49 2.57
N ASN D 432 26.39 -62.02 1.32
CA ASN D 432 25.65 -62.73 0.30
C ASN D 432 26.33 -64.06 -0.06
N LEU D 433 27.66 -64.07 -0.06
CA LEU D 433 28.40 -65.29 -0.35
C LEU D 433 28.34 -66.33 0.77
N VAL D 434 27.91 -65.94 1.98
CA VAL D 434 27.70 -66.91 3.04
C VAL D 434 26.58 -67.87 2.66
N LYS D 435 25.59 -67.39 1.92
CA LYS D 435 24.58 -68.27 1.34
C LYS D 435 25.24 -69.20 0.33
N ASP D 436 24.79 -70.45 0.31
CA ASP D 436 25.48 -71.50 -0.42
C ASP D 436 25.13 -71.46 -1.90
N SER D 437 26.15 -71.65 -2.74
CA SER D 437 26.00 -71.83 -4.18
C SER D 437 25.40 -70.61 -4.87
N ARG D 438 25.94 -69.42 -4.59
CA ARG D 438 25.53 -68.17 -5.23
C ARG D 438 26.80 -67.39 -5.60
N VAL D 439 27.32 -67.69 -6.80
CA VAL D 439 28.53 -67.03 -7.33
C VAL D 439 28.33 -66.87 -8.83
N VAL D 440 28.72 -65.71 -9.36
CA VAL D 440 28.70 -65.46 -10.80
C VAL D 440 29.77 -64.42 -11.13
N TYR D 441 30.37 -64.58 -12.30
CA TYR D 441 31.43 -63.70 -12.78
C TYR D 441 30.79 -62.53 -13.51
N GLY D 442 30.99 -61.33 -12.99
CA GLY D 442 30.41 -60.10 -13.54
C GLY D 442 31.32 -59.46 -14.56
N GLY D 443 31.39 -58.13 -14.51
CA GLY D 443 32.20 -57.38 -15.46
C GLY D 443 31.55 -57.22 -16.82
N GLY D 444 30.22 -57.11 -16.86
CA GLY D 444 29.49 -57.06 -18.11
C GLY D 444 29.21 -58.41 -18.75
N ALA D 445 29.78 -59.50 -18.21
CA ALA D 445 29.53 -60.82 -18.79
C ALA D 445 28.13 -61.32 -18.46
N ALA D 446 27.63 -61.00 -17.27
CA ALA D 446 26.31 -61.46 -16.87
C ALA D 446 25.21 -60.79 -17.70
N GLU D 447 25.44 -59.56 -18.15
CA GLU D 447 24.43 -58.86 -18.95
C GLU D 447 24.38 -59.39 -20.37
N VAL D 448 25.55 -59.56 -21.01
CA VAL D 448 25.56 -60.00 -22.40
C VAL D 448 25.16 -61.46 -22.53
N THR D 449 25.52 -62.31 -21.56
CA THR D 449 25.18 -63.72 -21.64
C THR D 449 23.68 -63.97 -21.44
N MET D 450 22.99 -63.09 -20.71
CA MET D 450 21.54 -63.14 -20.62
C MET D 450 20.82 -62.44 -21.77
N SER D 451 21.53 -61.69 -22.61
CA SER D 451 20.92 -60.91 -23.68
C SER D 451 20.77 -61.69 -24.97
N LEU D 452 21.80 -62.44 -25.38
CA LEU D 452 21.75 -63.13 -26.65
C LEU D 452 20.73 -64.28 -26.65
N ALA D 453 20.48 -64.88 -25.48
CA ALA D 453 19.50 -65.96 -25.40
C ALA D 453 18.08 -65.45 -25.56
N VAL D 454 17.80 -64.25 -25.06
CA VAL D 454 16.45 -63.68 -25.19
C VAL D 454 16.16 -63.38 -26.65
N SER D 455 17.14 -62.88 -27.39
CA SER D 455 16.95 -62.66 -28.82
C SER D 455 16.81 -63.97 -29.59
N GLU D 456 17.46 -65.03 -29.11
CA GLU D 456 17.32 -66.34 -29.75
C GLU D 456 15.94 -66.93 -29.53
N GLU D 457 15.38 -66.76 -28.32
CA GLU D 457 14.03 -67.25 -28.05
C GLU D 457 12.99 -66.50 -28.88
N ALA D 458 13.23 -65.22 -29.19
CA ALA D 458 12.26 -64.43 -29.94
C ALA D 458 12.10 -64.93 -31.37
N ASP D 459 13.14 -65.59 -31.91
CA ASP D 459 13.09 -66.04 -33.30
C ASP D 459 12.02 -67.09 -33.55
N LYS D 460 11.69 -67.91 -32.55
CA LYS D 460 10.64 -68.92 -32.64
C LYS D 460 9.43 -68.60 -31.77
N GLN D 461 9.58 -67.78 -30.74
CA GLN D 461 8.48 -67.31 -29.91
C GLN D 461 7.99 -65.93 -30.33
N ARG D 462 7.91 -65.70 -31.65
CA ARG D 462 7.69 -64.37 -32.28
C ARG D 462 6.41 -63.75 -31.72
N GLY D 463 5.23 -64.30 -32.06
CA GLY D 463 3.95 -63.77 -31.62
C GLY D 463 3.78 -62.29 -31.93
N ILE D 464 3.11 -61.61 -31.00
CA ILE D 464 3.08 -60.15 -30.96
C ILE D 464 4.22 -59.56 -30.13
N ASP D 465 4.75 -60.32 -29.16
CA ASP D 465 5.80 -59.85 -28.27
C ASP D 465 7.21 -60.09 -28.79
N GLN D 466 7.39 -60.17 -30.11
CA GLN D 466 8.73 -60.37 -30.66
C GLN D 466 9.61 -59.16 -30.38
N TYR D 467 9.08 -57.96 -30.56
CA TYR D 467 9.84 -56.75 -30.25
C TYR D 467 10.01 -56.53 -28.75
N ALA D 468 9.16 -57.13 -27.92
CA ALA D 468 9.31 -57.00 -26.47
C ALA D 468 10.57 -57.69 -25.98
N PHE D 469 10.87 -58.88 -26.51
CA PHE D 469 12.11 -59.57 -26.16
C PHE D 469 13.32 -58.81 -26.69
N ARG D 470 13.21 -58.25 -27.90
CA ARG D 470 14.31 -57.47 -28.45
C ARG D 470 14.59 -56.22 -27.65
N GLY D 471 13.56 -55.61 -27.05
CA GLY D 471 13.78 -54.46 -26.21
C GLY D 471 14.54 -54.80 -24.94
N PHE D 472 14.18 -55.92 -24.30
CA PHE D 472 14.89 -56.36 -23.11
C PHE D 472 16.29 -56.87 -23.44
N ALA D 473 16.47 -57.43 -24.64
CA ALA D 473 17.81 -57.86 -25.05
C ALA D 473 18.73 -56.66 -25.26
N GLN D 474 18.21 -55.59 -25.88
CA GLN D 474 18.99 -54.37 -26.05
C GLN D 474 19.15 -53.58 -24.76
N ALA D 475 18.20 -53.70 -23.82
CA ALA D 475 18.30 -52.96 -22.57
C ALA D 475 19.35 -53.55 -21.64
N LEU D 476 19.52 -54.88 -21.64
CA LEU D 476 20.57 -55.49 -20.83
C LEU D 476 21.96 -55.09 -21.29
N ASP D 477 22.18 -54.90 -22.58
CA ASP D 477 23.48 -54.57 -23.12
C ASP D 477 23.93 -53.14 -22.81
N THR D 478 23.05 -52.29 -22.29
CA THR D 478 23.41 -50.90 -22.05
C THR D 478 24.45 -50.74 -20.94
N ILE D 479 24.53 -51.67 -20.00
CA ILE D 479 25.46 -51.55 -18.87
C ILE D 479 26.88 -51.77 -19.39
N PRO D 480 27.15 -52.76 -20.26
CA PRO D 480 28.44 -52.78 -20.96
C PRO D 480 28.73 -51.51 -21.75
N MET D 481 27.72 -50.92 -22.41
CA MET D 481 27.94 -49.68 -23.13
C MET D 481 28.18 -48.52 -22.17
N THR D 482 27.57 -48.58 -20.97
CA THR D 482 27.87 -47.59 -19.94
C THR D 482 29.31 -47.70 -19.49
N LEU D 483 29.81 -48.93 -19.32
CA LEU D 483 31.21 -49.13 -18.99
C LEU D 483 32.12 -48.70 -20.12
N ALA D 484 31.67 -48.80 -21.37
CA ALA D 484 32.47 -48.35 -22.50
C ALA D 484 32.60 -46.84 -22.52
N GLU D 485 31.56 -46.11 -22.10
CA GLU D 485 31.63 -44.65 -22.07
C GLU D 485 32.58 -44.16 -20.99
N ASN D 486 32.47 -44.73 -19.78
CA ASN D 486 33.33 -44.31 -18.68
C ASN D 486 34.78 -44.69 -18.92
N SER D 487 35.03 -45.87 -19.51
CA SER D 487 36.39 -46.29 -19.83
C SER D 487 36.96 -45.58 -21.06
N GLY D 488 36.11 -44.99 -21.90
CA GLY D 488 36.58 -44.26 -23.06
C GLY D 488 36.87 -45.12 -24.28
N LEU D 489 36.27 -46.30 -24.38
CA LEU D 489 36.45 -47.20 -25.50
C LEU D 489 35.26 -47.11 -26.45
N ASP D 490 35.41 -47.69 -27.63
CA ASP D 490 34.34 -47.69 -28.62
C ASP D 490 33.24 -48.66 -28.16
N PRO D 491 31.95 -48.22 -27.97
CA PRO D 491 30.95 -49.19 -27.51
C PRO D 491 30.61 -50.25 -28.54
N ILE D 492 30.49 -49.86 -29.81
CA ILE D 492 30.06 -50.80 -30.85
C ILE D 492 31.10 -51.88 -31.07
N GLY D 493 32.38 -51.51 -31.06
CA GLY D 493 33.43 -52.52 -31.18
C GLY D 493 33.49 -53.43 -29.98
N THR D 494 33.18 -52.92 -28.80
CA THR D 494 33.19 -53.74 -27.60
C THR D 494 32.06 -54.77 -27.62
N LEU D 495 30.83 -54.30 -27.82
CA LEU D 495 29.69 -55.22 -27.85
C LEU D 495 29.73 -56.17 -29.04
N SER D 496 30.33 -55.73 -30.16
CA SER D 496 30.47 -56.62 -31.30
C SER D 496 31.45 -57.75 -31.00
N THR D 497 32.55 -57.45 -30.30
CA THR D 497 33.51 -58.49 -29.95
C THR D 497 32.95 -59.43 -28.89
N LEU D 498 32.24 -58.89 -27.89
CA LEU D 498 31.67 -59.74 -26.85
C LEU D 498 30.55 -60.62 -27.40
N LYS D 499 29.70 -60.06 -28.27
CA LYS D 499 28.63 -60.85 -28.85
C LYS D 499 29.16 -61.92 -29.78
N SER D 500 30.16 -61.60 -30.60
CA SER D 500 30.74 -62.60 -31.48
C SER D 500 31.50 -63.67 -30.71
N LYS D 501 32.13 -63.29 -29.59
CA LYS D 501 32.86 -64.27 -28.80
C LYS D 501 31.90 -65.21 -28.07
N GLN D 502 30.77 -64.70 -27.60
CA GLN D 502 29.77 -65.55 -26.96
C GLN D 502 29.13 -66.52 -27.94
N LEU D 503 28.95 -66.12 -29.20
CA LEU D 503 28.41 -67.01 -30.21
C LEU D 503 29.44 -68.03 -30.68
N LYS D 504 30.72 -67.66 -30.68
CA LYS D 504 31.76 -68.57 -31.13
C LYS D 504 32.00 -69.68 -30.12
N GLU D 505 32.09 -69.33 -28.84
CA GLU D 505 32.35 -70.25 -27.74
C GLU D 505 31.28 -70.08 -26.67
N LYS D 506 30.84 -71.20 -26.10
CA LYS D 506 29.82 -71.19 -25.06
C LYS D 506 30.37 -70.88 -23.68
N ILE D 507 31.64 -70.50 -23.53
CA ILE D 507 32.20 -70.14 -22.23
C ILE D 507 31.80 -68.70 -21.96
N SER D 508 31.05 -68.48 -20.88
CA SER D 508 30.35 -67.24 -20.62
C SER D 508 30.85 -66.52 -19.37
N ASN D 509 32.17 -66.42 -19.18
CA ASN D 509 32.79 -65.63 -18.12
C ASN D 509 33.70 -64.53 -18.66
N ILE D 510 33.49 -64.11 -19.92
CA ILE D 510 34.26 -63.05 -20.56
C ILE D 510 33.42 -61.79 -20.52
N GLY D 511 34.00 -60.68 -20.05
CA GLY D 511 33.31 -59.42 -19.93
C GLY D 511 34.18 -58.22 -20.25
N VAL D 512 33.64 -57.02 -20.08
CA VAL D 512 34.34 -55.79 -20.38
C VAL D 512 35.25 -55.43 -19.21
N ASP D 513 36.55 -55.46 -19.44
CA ASP D 513 37.55 -55.10 -18.43
C ASP D 513 37.98 -53.65 -18.66
N CYS D 514 37.65 -52.79 -17.75
CA CYS D 514 37.89 -51.41 -18.02
C CYS D 514 39.05 -50.93 -17.26
N LEU D 515 39.59 -51.75 -16.41
CA LEU D 515 40.64 -51.26 -15.59
C LEU D 515 41.94 -51.50 -16.33
N GLY D 516 41.85 -52.08 -17.53
CA GLY D 516 43.02 -52.24 -18.35
C GLY D 516 44.14 -53.17 -17.98
N TYR D 517 43.81 -54.40 -17.61
CA TYR D 517 44.83 -55.37 -17.36
C TYR D 517 44.98 -56.25 -18.54
N GLY D 518 44.33 -55.90 -19.63
CA GLY D 518 44.37 -56.76 -20.80
C GLY D 518 43.33 -57.80 -20.55
N SER D 519 43.11 -58.72 -21.47
CA SER D 519 42.20 -59.83 -21.21
C SER D 519 40.74 -59.58 -20.93
N ASN D 520 39.90 -59.84 -21.90
CA ASN D 520 38.48 -59.73 -21.69
C ASN D 520 38.08 -60.90 -20.87
N ASP D 521 38.89 -61.97 -20.87
CA ASP D 521 38.62 -63.17 -20.06
C ASP D 521 38.55 -62.61 -18.72
N MET D 522 38.14 -63.41 -17.78
CA MET D 522 37.94 -62.66 -16.55
C MET D 522 38.27 -63.46 -15.29
N LYS D 523 38.12 -64.77 -15.25
CA LYS D 523 38.34 -65.44 -14.00
C LYS D 523 39.74 -65.17 -13.73
N GLU D 524 40.48 -64.90 -14.77
CA GLU D 524 41.84 -64.55 -14.58
C GLU D 524 41.94 -63.27 -13.81
N LEU D 525 41.07 -62.32 -14.08
CA LEU D 525 41.19 -61.02 -13.44
C LEU D 525 40.57 -60.94 -12.05
N PHE D 526 40.38 -62.06 -11.38
CA PHE D 526 39.87 -62.18 -10.02
C PHE D 526 38.77 -61.17 -9.71
N VAL D 527 37.64 -61.29 -10.41
CA VAL D 527 36.44 -60.50 -10.13
C VAL D 527 35.27 -61.46 -9.99
N VAL D 528 34.45 -61.23 -8.97
CA VAL D 528 33.29 -62.06 -8.67
C VAL D 528 32.19 -61.16 -8.11
N ASP D 529 30.90 -61.41 -8.57
CA ASP D 529 29.69 -60.76 -8.08
C ASP D 529 28.79 -61.79 -7.41
N PRO D 530 27.92 -61.43 -6.45
CA PRO D 530 26.97 -62.42 -5.94
C PRO D 530 25.91 -62.74 -6.98
N PHE D 531 25.56 -64.03 -7.07
CA PHE D 531 24.50 -64.44 -7.99
C PHE D 531 23.15 -63.88 -7.55
N ILE D 532 22.91 -63.82 -6.25
CA ILE D 532 21.64 -63.29 -5.75
C ILE D 532 21.54 -61.79 -6.02
N GLY D 533 22.68 -61.10 -6.04
CA GLY D 533 22.65 -59.67 -6.34
C GLY D 533 22.37 -59.40 -7.80
N LYS D 534 22.88 -60.24 -8.69
CA LYS D 534 22.74 -60.00 -10.12
C LYS D 534 21.33 -60.25 -10.61
N LYS D 535 20.68 -61.33 -10.15
CA LYS D 535 19.29 -61.57 -10.55
C LYS D 535 18.35 -60.53 -9.95
N GLN D 536 18.71 -59.95 -8.81
CA GLN D 536 17.92 -58.87 -8.21
C GLN D 536 17.94 -57.60 -9.05
N GLN D 537 18.91 -57.43 -9.94
CA GLN D 537 18.95 -56.25 -10.81
C GLN D 537 17.75 -56.23 -11.75
N ILE D 538 17.56 -57.30 -12.52
CA ILE D 538 16.45 -57.35 -13.47
C ILE D 538 15.09 -57.49 -12.78
N LEU D 539 15.04 -58.04 -11.57
CA LEU D 539 13.77 -58.18 -10.87
C LEU D 539 13.22 -56.82 -10.46
N LEU D 540 14.02 -56.03 -9.73
CA LEU D 540 13.57 -54.69 -9.34
C LEU D 540 13.41 -53.78 -10.54
N ALA D 541 14.22 -53.98 -11.58
CA ALA D 541 14.06 -53.17 -12.80
C ALA D 541 12.77 -53.53 -13.53
N THR D 542 12.47 -54.82 -13.65
CA THR D 542 11.26 -55.25 -14.35
C THR D 542 10.02 -54.98 -13.51
N GLN D 543 10.13 -55.16 -12.18
CA GLN D 543 8.98 -54.94 -11.31
C GLN D 543 8.57 -53.47 -11.23
N LEU D 544 9.52 -52.55 -11.32
CA LEU D 544 9.20 -51.13 -11.38
C LEU D 544 8.69 -50.71 -12.74
N CYS D 545 9.28 -51.25 -13.83
CA CYS D 545 8.82 -50.94 -15.17
C CYS D 545 7.38 -51.41 -15.40
N ARG D 546 6.98 -52.51 -14.76
CA ARG D 546 5.60 -52.95 -14.84
C ARG D 546 4.66 -51.96 -14.16
N MET D 547 5.14 -51.28 -13.11
CA MET D 547 4.32 -50.31 -12.41
C MET D 547 4.24 -48.97 -13.13
N ILE D 548 5.35 -48.48 -13.68
CA ILE D 548 5.35 -47.17 -14.32
C ILE D 548 4.53 -47.21 -15.61
N LEU D 549 4.57 -48.32 -16.34
CA LEU D 549 3.81 -48.44 -17.57
C LEU D 549 2.30 -48.51 -17.34
N LYS D 550 1.85 -48.88 -16.13
CA LYS D 550 0.43 -48.88 -15.82
C LYS D 550 -0.16 -47.48 -15.66
N ILE D 551 0.67 -46.48 -15.36
CA ILE D 551 0.17 -45.14 -15.07
C ILE D 551 -0.31 -44.50 -16.36
N ASP D 552 -1.56 -43.99 -16.33
CA ASP D 552 -2.16 -43.24 -17.43
C ASP D 552 -2.44 -41.80 -17.04
N ASN D 553 -3.17 -41.59 -15.94
CA ASN D 553 -3.49 -40.27 -15.44
C ASN D 553 -2.50 -39.89 -14.34
N VAL D 554 -1.98 -38.66 -14.41
CA VAL D 554 -0.97 -38.15 -13.50
C VAL D 554 -1.55 -36.90 -12.84
N ILE D 555 -2.12 -37.07 -11.64
CA ILE D 555 -2.69 -36.00 -10.85
C ILE D 555 -1.65 -35.62 -9.80
N ILE D 556 -1.26 -34.34 -9.79
CA ILE D 556 -0.29 -33.81 -8.83
C ILE D 556 -0.81 -32.48 -8.31
N SER D 557 -0.66 -32.28 -6.99
CA SER D 557 -1.13 -31.10 -6.30
C SER D 557 0.02 -30.14 -6.04
N GLY D 558 -0.33 -28.86 -5.87
CA GLY D 558 0.66 -27.85 -5.62
C GLY D 558 1.11 -27.83 -4.17
N LYS D 559 2.39 -27.52 -3.98
CA LYS D 559 2.98 -27.45 -2.65
C LYS D 559 2.60 -26.14 -1.96
N VAL E 6 17.64 17.97 17.85
CA VAL E 6 16.64 18.77 18.54
C VAL E 6 16.97 18.82 20.03
N PHE E 7 16.10 19.49 20.80
CA PHE E 7 16.26 19.67 22.24
C PHE E 7 15.06 19.03 22.91
N MET E 8 14.92 19.25 24.23
CA MET E 8 13.92 18.58 25.07
C MET E 8 12.49 18.69 24.56
N ASN E 9 11.60 17.87 25.10
CA ASN E 9 10.23 17.73 24.62
C ASN E 9 9.46 18.98 25.04
N ALA E 10 9.64 20.05 24.28
CA ALA E 10 8.98 21.32 24.53
C ALA E 10 9.16 22.20 23.29
N SER E 11 8.79 23.48 23.41
CA SER E 11 9.01 24.47 22.36
C SER E 11 8.23 24.17 21.09
N GLN E 12 7.09 23.49 21.21
CA GLN E 12 6.20 23.33 20.07
C GLN E 12 5.69 24.69 19.62
N GLU E 13 4.92 25.36 20.47
CA GLU E 13 4.45 26.73 20.25
C GLU E 13 4.30 27.36 21.63
N ARG E 14 5.35 28.06 22.09
CA ARG E 14 5.33 28.67 23.41
C ARG E 14 4.49 29.95 23.37
N THR E 15 3.33 29.91 24.01
CA THR E 15 2.48 31.08 24.17
C THR E 15 3.06 31.90 25.32
N THR E 16 3.78 32.97 24.99
CA THR E 16 4.50 33.79 25.93
C THR E 16 4.06 35.24 25.81
N GLY E 17 4.29 36.01 26.87
CA GLY E 17 4.03 37.44 26.86
C GLY E 17 2.60 37.75 27.26
N ARG E 18 1.97 38.68 26.54
CA ARG E 18 0.63 39.13 26.88
C ARG E 18 -0.46 38.22 26.33
N GLN E 19 -0.21 37.58 25.18
CA GLN E 19 -1.22 36.73 24.56
C GLN E 19 -1.54 35.49 25.41
N ALA E 20 -0.60 35.05 26.25
CA ALA E 20 -0.88 33.90 27.11
C ALA E 20 -1.95 34.23 28.14
N GLN E 21 -1.83 35.39 28.80
CA GLN E 21 -2.84 35.80 29.76
C GLN E 21 -4.17 36.13 29.08
N ILE E 22 -4.13 36.58 27.83
CA ILE E 22 -5.37 36.90 27.10
C ILE E 22 -6.18 35.64 26.88
N SER E 23 -5.52 34.52 26.56
CA SER E 23 -6.24 33.27 26.37
C SER E 23 -6.82 32.75 27.68
N ASN E 24 -6.16 33.03 28.81
CA ASN E 24 -6.66 32.55 30.09
C ASN E 24 -7.90 33.32 30.53
N ILE E 25 -7.91 34.64 30.33
CA ILE E 25 -9.10 35.44 30.65
C ILE E 25 -10.24 35.05 29.73
N THR E 26 -9.94 34.78 28.45
CA THR E 26 -10.99 34.34 27.53
C THR E 26 -11.43 32.91 27.86
N ALA E 27 -10.50 32.07 28.30
CA ALA E 27 -10.86 30.71 28.70
C ALA E 27 -11.62 30.70 30.01
N ALA E 28 -11.23 31.54 30.97
CA ALA E 28 -11.94 31.62 32.24
C ALA E 28 -13.33 32.22 32.06
N LYS E 29 -13.46 33.20 31.15
CA LYS E 29 -14.78 33.76 30.85
C LYS E 29 -15.66 32.73 30.15
N ALA E 30 -15.07 31.85 29.35
CA ALA E 30 -15.85 30.85 28.62
C ALA E 30 -16.50 29.83 29.55
N VAL E 31 -15.89 29.54 30.70
CA VAL E 31 -16.47 28.58 31.63
C VAL E 31 -17.75 29.14 32.24
N ALA E 32 -17.75 30.45 32.56
CA ALA E 32 -18.94 31.07 33.12
C ALA E 32 -20.06 31.24 32.11
N ASP E 33 -19.72 31.40 30.82
CA ASP E 33 -20.73 31.57 29.80
C ASP E 33 -21.54 30.30 29.55
N VAL E 34 -21.00 29.12 29.88
CA VAL E 34 -21.73 27.88 29.69
C VAL E 34 -22.92 27.81 30.64
N ILE E 35 -22.73 28.26 31.89
CA ILE E 35 -23.74 28.21 32.95
C ILE E 35 -24.19 29.61 33.32
N ARG E 36 -24.19 30.53 32.36
CA ARG E 36 -24.70 31.88 32.62
C ARG E 36 -26.20 31.84 32.87
N THR E 37 -26.93 31.02 32.12
CA THR E 37 -28.38 30.89 32.28
C THR E 37 -28.79 29.97 33.42
N CYS E 38 -27.84 29.34 34.13
CA CYS E 38 -28.13 28.39 35.19
C CYS E 38 -28.15 29.04 36.57
N LEU E 39 -28.60 30.30 36.65
CA LEU E 39 -28.64 31.07 37.89
C LEU E 39 -29.99 31.77 38.00
N GLY E 40 -30.46 31.93 39.23
CA GLY E 40 -31.71 32.61 39.50
C GLY E 40 -32.88 31.65 39.59
N PRO E 41 -34.07 32.15 39.92
CA PRO E 41 -35.24 31.26 40.03
C PRO E 41 -35.75 30.76 38.70
N LYS E 42 -35.54 31.50 37.60
CA LYS E 42 -35.97 31.12 36.26
C LYS E 42 -34.83 30.49 35.48
N ALA E 43 -33.97 29.73 36.16
CA ALA E 43 -32.82 29.13 35.53
C ALA E 43 -33.22 27.92 34.69
N MET E 44 -32.50 27.74 33.58
CA MET E 44 -32.74 26.64 32.66
C MET E 44 -31.91 25.42 33.06
N LEU E 45 -32.40 24.25 32.68
CA LEU E 45 -31.74 22.98 32.98
C LEU E 45 -30.70 22.66 31.92
N LYS E 46 -29.87 21.65 32.22
CA LYS E 46 -28.76 21.25 31.36
C LYS E 46 -28.66 19.73 31.36
N MET E 47 -28.80 19.13 30.17
CA MET E 47 -28.62 17.70 29.95
C MET E 47 -27.26 17.47 29.30
N LEU E 48 -26.34 16.85 30.05
CA LEU E 48 -25.01 16.52 29.57
C LEU E 48 -24.93 15.02 29.28
N LEU E 49 -24.21 14.69 28.20
CA LEU E 49 -24.06 13.31 27.72
C LEU E 49 -22.65 12.84 28.06
N ASP E 50 -22.54 11.92 29.02
CA ASP E 50 -21.27 11.30 29.34
C ASP E 50 -20.96 10.21 28.32
N PRO E 51 -19.68 9.86 28.12
CA PRO E 51 -19.36 8.87 27.07
C PRO E 51 -19.65 7.43 27.47
N MET E 52 -19.93 7.14 28.75
CA MET E 52 -20.20 5.77 29.16
C MET E 52 -21.57 5.30 28.69
N GLY E 53 -22.59 6.15 28.79
CA GLY E 53 -23.94 5.84 28.35
C GLY E 53 -25.05 6.44 29.19
N GLY E 54 -24.76 7.04 30.34
CA GLY E 54 -25.78 7.63 31.19
C GLY E 54 -26.18 9.02 30.75
N LEU E 55 -26.81 9.74 31.67
CA LEU E 55 -27.25 11.11 31.41
C LEU E 55 -27.41 11.82 32.73
N VAL E 56 -27.01 13.09 32.75
CA VAL E 56 -27.05 13.95 33.94
C VAL E 56 -27.93 15.14 33.61
N LEU E 57 -29.11 15.21 34.22
CA LEU E 57 -30.08 16.28 34.06
C LEU E 57 -30.04 17.13 35.32
N THR E 58 -29.58 18.38 35.19
CA THR E 58 -29.46 19.25 36.35
C THR E 58 -29.23 20.68 35.87
N ASN E 59 -29.21 21.60 36.84
CA ASN E 59 -28.82 22.99 36.63
C ASN E 59 -27.73 23.45 37.59
N ASP E 60 -27.33 22.61 38.56
CA ASP E 60 -26.25 22.96 39.47
C ASP E 60 -24.94 23.05 38.70
N GLY E 61 -24.18 24.12 38.93
CA GLY E 61 -22.93 24.31 38.22
C GLY E 61 -21.89 23.26 38.56
N HIS E 62 -21.94 22.72 39.78
CA HIS E 62 -20.98 21.69 40.15
C HIS E 62 -21.21 20.40 39.38
N ALA E 63 -22.46 19.91 39.39
CA ALA E 63 -22.80 18.69 38.67
C ALA E 63 -22.63 18.82 37.16
N ILE E 64 -22.77 20.03 36.62
CA ILE E 64 -22.52 20.26 35.20
C ILE E 64 -21.03 20.14 34.90
N LEU E 65 -20.20 20.80 35.73
CA LEU E 65 -18.76 20.83 35.46
C LEU E 65 -18.05 19.53 35.83
N ARG E 66 -18.72 18.61 36.55
CA ARG E 66 -18.12 17.30 36.77
C ARG E 66 -18.01 16.52 35.46
N GLU E 67 -19.08 16.51 34.67
CA GLU E 67 -19.14 15.72 33.45
C GLU E 67 -18.36 16.34 32.29
N ILE E 68 -18.24 17.67 32.26
CA ILE E 68 -17.54 18.31 31.16
C ILE E 68 -16.04 18.04 31.27
N ASP E 69 -15.35 18.10 30.14
CA ASP E 69 -13.92 17.89 30.06
C ASP E 69 -13.34 18.91 29.10
N VAL E 70 -12.41 19.73 29.59
CA VAL E 70 -11.76 20.78 28.83
C VAL E 70 -10.26 20.49 28.79
N ALA E 71 -9.71 20.52 27.58
CA ALA E 71 -8.28 20.28 27.36
C ALA E 71 -7.52 21.61 27.36
N HIS E 72 -7.52 22.25 28.53
CA HIS E 72 -6.83 23.52 28.75
C HIS E 72 -6.46 23.63 30.22
N PRO E 73 -5.22 23.99 30.59
CA PRO E 73 -4.86 23.92 32.02
C PRO E 73 -5.41 25.07 32.85
N ALA E 74 -5.65 26.25 32.27
CA ALA E 74 -6.17 27.37 33.04
C ALA E 74 -7.65 27.20 33.36
N ALA E 75 -8.43 26.61 32.44
CA ALA E 75 -9.84 26.36 32.68
C ALA E 75 -10.07 25.24 33.69
N LYS E 76 -9.12 24.32 33.86
CA LYS E 76 -9.27 23.24 34.82
C LYS E 76 -9.15 23.72 36.25
N SER E 77 -8.36 24.77 36.50
CA SER E 77 -8.33 25.37 37.82
C SER E 77 -9.68 26.01 38.17
N MET E 78 -10.34 26.59 37.16
CA MET E 78 -11.71 27.07 37.38
C MET E 78 -12.68 25.91 37.57
N LEU E 79 -12.38 24.75 36.98
CA LEU E 79 -13.23 23.58 37.14
C LEU E 79 -13.22 23.05 38.57
N GLU E 80 -12.07 23.14 39.24
CA GLU E 80 -11.91 22.60 40.59
C GLU E 80 -12.55 23.47 41.67
N LEU E 81 -12.97 24.70 41.35
CA LEU E 81 -13.55 25.56 42.37
C LEU E 81 -14.92 25.07 42.81
N SER E 82 -15.64 24.34 41.95
CA SER E 82 -16.94 23.80 42.35
C SER E 82 -16.80 22.72 43.42
N ARG E 83 -15.72 21.93 43.36
CA ARG E 83 -15.46 20.97 44.42
C ARG E 83 -15.10 21.66 45.72
N THR E 84 -14.55 22.87 45.65
CA THR E 84 -14.29 23.63 46.87
C THR E 84 -15.59 24.03 47.56
N GLN E 85 -16.60 24.44 46.78
CA GLN E 85 -17.86 24.88 47.35
C GLN E 85 -18.75 23.71 47.76
N ASP E 86 -18.79 22.64 46.98
CA ASP E 86 -19.67 21.52 47.29
C ASP E 86 -19.23 20.78 48.54
N GLU E 87 -17.93 20.52 48.67
CA GLU E 87 -17.36 19.81 49.81
C GLU E 87 -16.92 20.77 50.93
N GLU E 88 -17.59 21.91 51.07
CA GLU E 88 -17.40 22.85 52.17
C GLU E 88 -18.73 23.20 52.83
N VAL E 89 -19.73 23.56 52.02
CA VAL E 89 -21.08 23.87 52.47
C VAL E 89 -22.05 22.94 51.77
N GLY E 90 -22.10 23.04 50.43
CA GLY E 90 -23.04 22.29 49.60
C GLY E 90 -24.05 23.15 48.87
N ASP E 91 -23.83 24.45 48.74
CA ASP E 91 -24.76 25.36 48.10
C ASP E 91 -24.00 26.56 47.55
N GLY E 92 -24.44 27.07 46.41
CA GLY E 92 -23.82 28.21 45.78
C GLY E 92 -22.64 27.88 44.89
N THR E 93 -22.64 26.71 44.25
CA THR E 93 -21.51 26.34 43.41
C THR E 93 -21.50 27.14 42.11
N THR E 94 -22.68 27.35 41.52
CA THR E 94 -22.77 28.20 40.33
C THR E 94 -22.43 29.65 40.65
N THR E 95 -22.71 30.09 41.88
CA THR E 95 -22.35 31.44 42.30
C THR E 95 -20.83 31.63 42.33
N VAL E 96 -20.10 30.58 42.68
CA VAL E 96 -18.64 30.67 42.73
C VAL E 96 -18.06 30.80 41.33
N ILE E 97 -18.57 29.99 40.40
CA ILE E 97 -18.01 29.96 39.05
C ILE E 97 -18.36 31.25 38.30
N ILE E 98 -19.60 31.70 38.42
CA ILE E 98 -20.00 32.92 37.73
C ILE E 98 -19.31 34.15 38.34
N LEU E 99 -18.94 34.22 39.61
CA LEU E 99 -18.31 35.46 40.11
C LEU E 99 -16.85 35.59 39.71
N ALA E 100 -16.15 34.49 39.69
CA ALA E 100 -14.74 34.54 39.40
C ALA E 100 -14.50 34.91 37.98
N GLY E 101 -15.42 34.53 37.13
CA GLY E 101 -15.21 34.82 35.75
C GLY E 101 -15.17 36.29 35.62
N GLU E 102 -16.10 36.95 36.26
CA GLU E 102 -16.10 38.36 36.19
C GLU E 102 -14.92 39.02 36.83
N ILE E 103 -14.45 38.54 37.95
CA ILE E 103 -13.27 39.14 38.52
C ILE E 103 -12.10 39.01 37.59
N LEU E 104 -11.94 37.91 36.89
CA LEU E 104 -10.76 37.81 36.07
C LEU E 104 -10.96 38.71 34.90
N ALA E 105 -12.18 38.92 34.51
CA ALA E 105 -12.48 39.73 33.34
C ALA E 105 -12.38 41.17 33.55
N GLN E 106 -12.85 41.65 34.67
CA GLN E 106 -12.66 43.03 34.92
C GLN E 106 -11.20 43.38 35.14
N CYS E 107 -10.42 42.54 35.75
CA CYS E 107 -9.05 42.92 35.98
C CYS E 107 -8.30 42.94 34.70
N ALA E 108 -8.86 42.35 33.67
CA ALA E 108 -8.13 42.24 32.42
C ALA E 108 -7.85 43.51 31.71
N PRO E 109 -8.90 44.38 31.53
CA PRO E 109 -8.55 45.66 30.93
C PRO E 109 -7.24 46.13 31.43
N TYR E 110 -7.06 46.26 32.74
CA TYR E 110 -5.82 46.83 33.26
C TYR E 110 -4.61 46.02 32.86
N LEU E 111 -4.68 44.70 32.96
CA LEU E 111 -3.51 43.89 32.66
C LEU E 111 -3.09 44.12 31.22
N ILE E 112 -4.07 44.10 30.33
CA ILE E 112 -3.80 44.30 28.91
C ILE E 112 -3.33 45.69 28.55
N GLU E 113 -3.90 46.72 29.18
CA GLU E 113 -3.60 48.09 28.74
C GLU E 113 -2.92 49.04 29.69
N LYS E 114 -3.38 49.09 30.96
CA LYS E 114 -2.73 50.07 31.76
C LYS E 114 -1.50 49.48 32.39
N ASN E 115 -1.13 48.27 32.03
CA ASN E 115 0.12 47.67 32.47
C ASN E 115 0.41 47.60 33.91
N ILE E 116 -0.56 47.24 34.71
CA ILE E 116 -0.32 47.07 36.08
C ILE E 116 0.14 45.66 36.20
N HIS E 117 1.23 45.43 36.88
CA HIS E 117 1.79 44.10 37.00
C HIS E 117 0.95 43.19 37.83
N PRO E 118 0.86 41.93 37.45
CA PRO E 118 0.01 41.00 38.16
C PRO E 118 0.18 40.79 39.65
N VAL E 119 1.07 41.41 40.37
CA VAL E 119 1.30 41.34 41.81
C VAL E 119 0.61 42.51 42.51
N ILE E 120 0.60 43.68 41.88
CA ILE E 120 -0.07 44.84 42.46
C ILE E 120 -1.58 44.61 42.50
N ILE E 121 -2.13 43.85 41.55
CA ILE E 121 -3.54 43.52 41.59
C ILE E 121 -3.83 42.60 42.77
N ILE E 122 -2.90 41.71 43.09
CA ILE E 122 -3.10 40.77 44.20
C ILE E 122 -3.13 41.53 45.52
N GLN E 123 -2.22 42.49 45.70
CA GLN E 123 -2.22 43.29 46.92
C GLN E 123 -3.50 44.12 47.05
N ALA E 124 -4.05 44.57 45.92
CA ALA E 124 -5.30 45.32 45.97
C ALA E 124 -6.48 44.42 46.37
N LEU E 125 -6.43 43.15 46.00
CA LEU E 125 -7.57 42.26 46.25
C LEU E 125 -7.65 41.78 47.70
N LYS E 126 -6.51 41.66 48.39
CA LYS E 126 -6.56 41.22 49.79
C LYS E 126 -7.19 42.28 50.67
N LYS E 127 -6.86 43.56 50.44
CA LYS E 127 -7.54 44.63 51.13
C LYS E 127 -9.02 44.70 50.75
N ALA E 128 -9.36 44.37 49.50
CA ALA E 128 -10.76 44.26 49.14
C ALA E 128 -11.40 43.03 49.78
N LEU E 129 -10.63 41.94 49.90
CA LEU E 129 -11.12 40.76 50.59
C LEU E 129 -11.32 41.04 52.08
N THR E 130 -10.40 41.79 52.68
CA THR E 130 -10.53 42.13 54.10
C THR E 130 -11.73 43.04 54.34
N ASP E 131 -11.98 43.98 53.41
CA ASP E 131 -13.15 44.85 53.53
C ASP E 131 -14.43 44.13 53.15
N ALA E 132 -14.35 43.10 52.30
CA ALA E 132 -15.54 42.37 51.91
C ALA E 132 -16.12 41.59 53.08
N LEU E 133 -15.25 40.97 53.89
CA LEU E 133 -15.74 40.27 55.08
C LEU E 133 -16.30 41.23 56.12
N GLU E 134 -15.80 42.47 56.17
CA GLU E 134 -16.31 43.43 57.14
C GLU E 134 -17.74 43.84 56.81
N VAL E 135 -18.00 44.23 55.55
CA VAL E 135 -19.33 44.67 55.17
C VAL E 135 -20.30 43.50 55.13
N ILE E 136 -19.84 42.30 54.79
CA ILE E 136 -20.71 41.13 54.82
C ILE E 136 -21.06 40.79 56.27
N LYS E 137 -20.14 41.05 57.21
CA LYS E 137 -20.46 40.85 58.62
C LYS E 137 -21.45 41.88 59.13
N GLN E 138 -21.37 43.13 58.64
CA GLN E 138 -22.27 44.18 59.08
C GLN E 138 -23.66 44.05 58.45
N VAL E 139 -23.72 43.68 57.16
CA VAL E 139 -25.02 43.61 56.49
C VAL E 139 -25.86 42.43 56.98
N SER E 140 -25.24 41.38 57.50
CA SER E 140 -25.97 40.20 57.97
C SER E 140 -26.57 40.46 59.34
N LYS E 141 -27.77 39.94 59.56
CA LYS E 141 -28.53 40.05 60.79
C LYS E 141 -28.64 38.67 61.43
N PRO E 142 -28.58 38.51 62.76
CA PRO E 142 -28.74 37.17 63.33
C PRO E 142 -30.19 36.71 63.26
N VAL E 143 -30.37 35.42 63.53
CA VAL E 143 -31.68 34.78 63.51
C VAL E 143 -31.69 33.65 64.52
N ASP E 144 -32.86 33.43 65.13
CA ASP E 144 -33.01 32.38 66.12
C ASP E 144 -32.99 31.01 65.44
N VAL E 145 -32.24 30.08 66.04
CA VAL E 145 -32.09 28.75 65.48
C VAL E 145 -33.26 27.83 65.81
N GLU E 146 -33.96 28.04 66.93
CA GLU E 146 -35.04 27.19 67.36
C GLU E 146 -36.39 27.53 66.72
N ASN E 147 -36.47 28.61 65.93
CA ASN E 147 -37.73 29.02 65.31
C ASN E 147 -37.96 28.15 64.08
N ASP E 148 -38.91 27.22 64.18
CA ASP E 148 -39.20 26.33 63.06
C ASP E 148 -39.91 27.05 61.93
N ALA E 149 -40.64 28.13 62.23
CA ALA E 149 -41.33 28.87 61.18
C ALA E 149 -40.34 29.58 60.26
N ALA E 150 -39.30 30.20 60.84
CA ALA E 150 -38.27 30.84 60.04
C ALA E 150 -37.31 29.83 59.42
N MET E 151 -37.12 28.68 60.07
CA MET E 151 -36.21 27.66 59.54
C MET E 151 -36.75 27.05 58.26
N LYS E 152 -38.08 26.89 58.16
CA LYS E 152 -38.67 26.36 56.93
C LYS E 152 -38.50 27.33 55.77
N LYS E 153 -38.65 28.63 56.02
CA LYS E 153 -38.41 29.63 54.99
C LYS E 153 -36.93 29.76 54.64
N LEU E 154 -36.05 29.48 55.59
CA LEU E 154 -34.61 29.52 55.31
C LEU E 154 -34.19 28.33 54.45
N ILE E 155 -34.76 27.16 54.70
CA ILE E 155 -34.38 25.97 53.96
C ILE E 155 -34.87 26.07 52.52
N GLN E 156 -36.07 26.60 52.30
CA GLN E 156 -36.66 26.67 50.97
C GLN E 156 -36.12 27.82 50.12
N ALA E 157 -35.13 28.58 50.59
CA ALA E 157 -34.54 29.63 49.77
C ALA E 157 -33.79 29.02 48.59
N SER E 158 -33.04 27.95 48.83
CA SER E 158 -32.31 27.26 47.76
C SER E 158 -33.23 26.38 46.93
N ILE E 159 -34.30 25.85 47.53
CA ILE E 159 -35.22 25.00 46.78
C ILE E 159 -35.97 25.82 45.73
N GLY E 160 -36.17 27.12 45.98
CA GLY E 160 -36.84 27.99 45.03
C GLY E 160 -36.19 28.10 43.67
N THR E 161 -34.87 27.87 43.59
CA THR E 161 -34.14 27.88 42.33
C THR E 161 -34.07 26.51 41.66
N LYS E 162 -34.92 25.55 42.07
CA LYS E 162 -34.90 24.18 41.59
C LYS E 162 -36.31 23.81 41.10
N TYR E 163 -36.48 22.55 40.71
CA TYR E 163 -37.75 22.09 40.17
C TYR E 163 -38.81 21.86 41.23
N VAL E 164 -38.41 21.60 42.48
CA VAL E 164 -39.34 21.14 43.52
C VAL E 164 -39.81 22.29 44.39
N ILE E 165 -39.80 23.51 43.87
CA ILE E 165 -40.40 24.65 44.58
C ILE E 165 -41.89 24.43 44.78
N HIS E 166 -42.56 23.74 43.85
CA HIS E 166 -43.98 23.44 44.01
C HIS E 166 -44.24 22.53 45.19
N TRP E 167 -43.33 21.61 45.49
CA TRP E 167 -43.39 20.74 46.67
C TRP E 167 -42.56 21.29 47.82
N SER E 168 -42.36 22.61 47.87
CA SER E 168 -41.52 23.20 48.92
C SER E 168 -42.13 23.05 50.30
N GLU E 169 -43.46 22.95 50.38
CA GLU E 169 -44.11 22.75 51.68
C GLU E 169 -43.75 21.41 52.29
N LYS E 170 -43.48 20.39 51.47
CA LYS E 170 -43.10 19.07 51.94
C LYS E 170 -41.59 18.91 52.08
N MET E 171 -40.80 19.55 51.21
CA MET E 171 -39.36 19.35 51.24
C MET E 171 -38.73 20.00 52.47
N CYS E 172 -39.27 21.15 52.90
CA CYS E 172 -38.74 21.78 54.11
C CYS E 172 -39.05 20.94 55.35
N GLU E 173 -40.25 20.37 55.42
CA GLU E 173 -40.57 19.44 56.49
C GLU E 173 -39.74 18.17 56.36
N LEU E 174 -39.45 17.73 55.14
CA LEU E 174 -38.62 16.54 54.94
C LEU E 174 -37.18 16.80 55.34
N ALA E 175 -36.64 17.96 54.96
CA ALA E 175 -35.25 18.27 55.27
C ALA E 175 -35.06 18.67 56.72
N LEU E 176 -36.05 19.33 57.33
CA LEU E 176 -35.91 19.77 58.71
C LEU E 176 -35.90 18.58 59.67
N ASP E 177 -36.77 17.60 59.42
CA ASP E 177 -36.80 16.42 60.28
C ASP E 177 -35.53 15.59 60.11
N ALA E 178 -34.97 15.56 58.91
CA ALA E 178 -33.76 14.78 58.66
C ALA E 178 -32.55 15.42 59.32
N VAL E 179 -32.46 16.75 59.29
CA VAL E 179 -31.29 17.43 59.84
C VAL E 179 -31.30 17.33 61.36
N LYS E 180 -32.46 17.47 61.99
CA LYS E 180 -32.55 17.34 63.45
C LYS E 180 -32.25 15.91 63.90
N THR E 181 -32.52 14.91 63.08
CA THR E 181 -32.19 13.53 63.43
C THR E 181 -30.69 13.33 63.46
N VAL E 182 -29.99 13.79 62.40
CA VAL E 182 -28.54 13.66 62.34
C VAL E 182 -27.84 14.62 63.30
N ARG E 183 -28.48 15.72 63.69
CA ARG E 183 -27.86 16.71 64.56
C ARG E 183 -27.56 16.12 65.93
N LYS E 184 -26.33 16.32 66.39
CA LYS E 184 -25.85 15.85 67.68
C LYS E 184 -25.77 17.02 68.64
N ASP E 185 -26.25 16.83 69.86
CA ASP E 185 -26.21 17.87 70.88
C ASP E 185 -24.80 17.97 71.47
N PHE E 196 -19.51 22.32 68.40
CA PHE E 196 -20.85 22.00 68.87
C PHE E 196 -21.83 21.96 67.70
N GLU E 197 -22.85 21.10 67.83
CA GLU E 197 -23.88 20.93 66.80
C GLU E 197 -23.25 20.50 65.47
N ILE E 198 -22.44 19.46 65.54
CA ILE E 198 -21.74 18.91 64.38
C ILE E 198 -22.62 17.82 63.78
N ASP E 199 -22.75 17.85 62.45
CA ASP E 199 -23.50 16.85 61.71
C ASP E 199 -22.75 16.52 60.42
N ILE E 200 -23.07 15.37 59.84
CA ILE E 200 -22.38 14.86 58.66
C ILE E 200 -23.37 14.02 57.84
N LYS E 201 -23.21 14.10 56.52
CA LYS E 201 -24.17 13.53 55.59
C LYS E 201 -23.85 12.09 55.17
N ARG E 202 -22.84 11.46 55.77
CA ARG E 202 -22.50 10.09 55.37
C ARG E 202 -23.55 9.08 55.81
N TYR E 203 -24.23 9.33 56.93
CA TYR E 203 -25.35 8.50 57.37
C TYR E 203 -26.66 8.86 56.68
N VAL E 204 -26.74 10.00 56.00
CA VAL E 204 -27.94 10.36 55.25
C VAL E 204 -28.06 9.42 54.06
N ARG E 205 -29.00 8.49 54.14
CA ARG E 205 -29.17 7.45 53.13
C ARG E 205 -29.92 8.03 51.92
N VAL E 206 -29.35 7.81 50.73
CA VAL E 206 -29.85 8.38 49.48
C VAL E 206 -30.53 7.28 48.66
N GLU E 207 -31.15 6.31 49.33
CA GLU E 207 -31.79 5.20 48.63
C GLU E 207 -32.97 5.71 47.83
N LYS E 208 -33.14 5.16 46.63
CA LYS E 208 -34.10 5.62 45.64
C LYS E 208 -35.13 4.53 45.37
N ILE E 209 -36.35 4.97 45.06
CA ILE E 209 -37.47 4.10 44.72
C ILE E 209 -38.09 4.67 43.44
N PRO E 210 -37.93 4.05 42.26
CA PRO E 210 -38.53 4.66 41.06
C PRO E 210 -40.04 4.55 41.07
N GLY E 211 -40.70 5.67 40.74
CA GLY E 211 -42.15 5.72 40.68
C GLY E 211 -42.77 6.18 41.98
N GLY E 212 -44.06 6.50 41.89
CA GLY E 212 -44.85 7.00 42.99
C GLY E 212 -45.00 8.50 42.94
N ASP E 213 -45.81 9.02 43.87
CA ASP E 213 -46.13 10.44 43.95
C ASP E 213 -45.31 11.08 45.07
N VAL E 214 -44.98 12.36 44.87
CA VAL E 214 -44.12 13.07 45.82
C VAL E 214 -44.86 13.37 47.12
N LEU E 215 -46.20 13.45 47.08
CA LEU E 215 -46.95 13.83 48.28
C LEU E 215 -46.87 12.76 49.36
N ASP E 216 -47.08 11.50 49.00
CA ASP E 216 -46.99 10.41 49.96
C ASP E 216 -45.56 10.09 50.37
N SER E 217 -44.55 10.59 49.65
CA SER E 217 -43.17 10.40 50.05
C SER E 217 -42.90 11.12 51.37
N ARG E 218 -42.28 10.40 52.31
CA ARG E 218 -42.05 10.91 53.65
C ARG E 218 -40.79 10.27 54.22
N VAL E 219 -40.17 10.97 55.15
CA VAL E 219 -39.06 10.41 55.93
C VAL E 219 -39.63 9.50 57.01
N LEU E 220 -38.96 8.38 57.25
CA LEU E 220 -39.31 7.44 58.31
C LEU E 220 -38.06 7.11 59.10
N LYS E 221 -38.19 7.13 60.42
CA LYS E 221 -37.05 6.92 61.30
C LYS E 221 -36.56 5.48 61.19
N GLY E 222 -35.30 5.32 60.77
CA GLY E 222 -34.65 4.03 60.63
C GLY E 222 -34.02 3.81 59.29
N VAL E 223 -33.93 2.54 58.88
CA VAL E 223 -33.23 2.12 57.66
C VAL E 223 -34.23 1.48 56.71
N LEU E 224 -33.77 1.23 55.49
CA LEU E 224 -34.55 0.57 54.44
C LEU E 224 -33.61 -0.32 53.64
N LEU E 225 -33.81 -1.63 53.76
CA LEU E 225 -33.01 -2.63 53.06
C LEU E 225 -33.63 -2.95 51.71
N ASN E 226 -32.80 -3.54 50.84
CA ASN E 226 -33.22 -4.01 49.52
C ASN E 226 -33.52 -5.51 49.46
N LYS E 227 -33.40 -6.22 50.59
CA LYS E 227 -33.46 -7.68 50.64
C LYS E 227 -34.63 -8.13 51.53
N ASP E 228 -34.96 -9.41 51.41
CA ASP E 228 -36.00 -10.07 52.19
C ASP E 228 -35.39 -11.14 53.09
N VAL E 229 -36.23 -11.80 53.88
CA VAL E 229 -35.79 -12.90 54.71
C VAL E 229 -35.47 -14.11 53.84
N VAL E 230 -34.69 -15.04 54.41
CA VAL E 230 -34.23 -16.20 53.65
C VAL E 230 -35.27 -17.32 53.69
N HIS E 231 -35.68 -17.74 54.92
CA HIS E 231 -36.60 -18.86 55.10
C HIS E 231 -38.05 -18.36 55.05
N PRO E 232 -39.03 -19.14 54.57
CA PRO E 232 -40.39 -18.57 54.47
C PRO E 232 -41.08 -18.43 55.82
N LYS E 233 -40.74 -19.26 56.80
CA LYS E 233 -41.40 -19.26 58.10
C LYS E 233 -40.99 -18.09 59.00
N MET E 234 -40.10 -17.22 58.56
CA MET E 234 -39.69 -16.09 59.38
C MET E 234 -40.86 -15.11 59.55
N SER E 235 -40.95 -14.53 60.74
CA SER E 235 -42.05 -13.62 61.06
C SER E 235 -41.91 -12.32 60.27
N ARG E 236 -42.89 -12.04 59.43
CA ARG E 236 -42.92 -10.82 58.63
C ARG E 236 -43.44 -9.59 59.38
N HIS E 237 -43.88 -9.76 60.64
CA HIS E 237 -44.42 -8.65 61.43
C HIS E 237 -44.11 -8.92 62.89
N ILE E 238 -43.14 -8.17 63.43
CA ILE E 238 -42.68 -8.31 64.81
C ILE E 238 -43.02 -7.01 65.54
N GLU E 239 -43.51 -7.14 66.77
CA GLU E 239 -43.93 -5.98 67.54
C GLU E 239 -42.72 -5.20 68.06
N ASN E 240 -41.79 -5.89 68.71
CA ASN E 240 -40.59 -5.29 69.31
C ASN E 240 -39.37 -6.07 68.84
N PRO E 241 -38.82 -5.77 67.66
CA PRO E 241 -37.61 -6.47 67.23
C PRO E 241 -36.42 -6.19 68.14
N ARG E 242 -35.53 -7.16 68.21
CA ARG E 242 -34.27 -7.07 68.96
C ARG E 242 -33.15 -7.45 68.01
N VAL E 243 -32.49 -6.44 67.43
CA VAL E 243 -31.53 -6.62 66.36
C VAL E 243 -30.17 -6.89 66.98
N VAL E 244 -29.41 -7.80 66.37
CA VAL E 244 -28.05 -8.13 66.77
C VAL E 244 -27.21 -8.22 65.50
N LEU E 245 -26.17 -7.40 65.42
CA LEU E 245 -25.30 -7.33 64.25
C LEU E 245 -24.20 -8.36 64.34
N LEU E 246 -23.95 -9.06 63.23
CA LEU E 246 -22.88 -10.04 63.11
C LEU E 246 -22.01 -9.69 61.91
N ASP E 247 -20.69 -9.85 62.07
CA ASP E 247 -19.73 -9.57 61.02
C ASP E 247 -19.25 -10.83 60.30
N CYS E 248 -19.06 -11.94 61.03
CA CYS E 248 -18.57 -13.16 60.42
C CYS E 248 -19.72 -13.87 59.69
N PRO E 249 -19.41 -14.78 58.76
CA PRO E 249 -20.48 -15.58 58.16
C PRO E 249 -20.86 -16.76 59.06
N LEU E 250 -22.10 -17.20 58.90
CA LEU E 250 -22.57 -18.40 59.59
C LEU E 250 -22.08 -19.69 58.96
N GLU E 251 -21.42 -19.63 57.80
CA GLU E 251 -20.82 -20.81 57.21
C GLU E 251 -19.67 -21.30 58.09
N TYR E 252 -19.23 -22.53 57.84
CA TYR E 252 -18.12 -23.12 58.58
C TYR E 252 -16.81 -22.49 58.12
N LYS E 253 -16.13 -21.80 59.03
CA LYS E 253 -14.89 -21.13 58.71
C LYS E 253 -13.80 -22.15 58.41
N LYS E 254 -13.19 -22.04 57.23
CA LYS E 254 -12.11 -22.93 56.86
C LYS E 254 -10.88 -22.73 57.75
N GLY E 255 -10.64 -21.49 58.17
CA GLY E 255 -9.51 -21.13 59.00
C GLY E 255 -8.41 -20.47 58.19
N GLU E 256 -7.54 -19.78 58.92
CA GLU E 256 -6.44 -19.03 58.31
C GLU E 256 -5.31 -19.91 57.79
N SER E 257 -5.25 -21.18 58.21
CA SER E 257 -4.26 -22.15 57.74
C SER E 257 -4.97 -23.41 57.29
N GLN E 258 -4.32 -24.13 56.37
CA GLN E 258 -4.87 -25.37 55.85
C GLN E 258 -4.98 -26.42 56.95
N THR E 259 -6.09 -27.15 56.95
CA THR E 259 -6.30 -28.19 57.95
C THR E 259 -5.44 -29.41 57.63
N ASN E 260 -5.69 -30.04 56.47
CA ASN E 260 -4.88 -31.16 55.97
C ASN E 260 -4.91 -32.34 56.94
N ILE E 261 -6.13 -32.85 57.13
CA ILE E 261 -6.37 -33.94 58.08
C ILE E 261 -5.94 -35.25 57.42
N GLU E 262 -5.00 -35.94 58.04
CA GLU E 262 -4.55 -37.25 57.57
C GLU E 262 -5.51 -38.31 58.12
N ILE E 263 -6.44 -38.75 57.28
CA ILE E 263 -7.47 -39.69 57.68
C ILE E 263 -6.89 -41.10 57.54
N GLU E 264 -7.07 -41.91 58.59
CA GLU E 264 -6.61 -43.30 58.64
C GLU E 264 -7.74 -44.31 58.85
N LYS E 265 -8.69 -44.01 59.73
CA LYS E 265 -9.81 -44.88 60.04
C LYS E 265 -11.05 -44.44 59.27
N GLU E 266 -11.99 -45.37 59.13
CA GLU E 266 -13.24 -45.07 58.43
C GLU E 266 -14.18 -44.18 59.24
N GLU E 267 -14.04 -44.15 60.56
CA GLU E 267 -14.90 -43.35 61.42
C GLU E 267 -14.44 -41.90 61.57
N ASP E 268 -13.51 -41.44 60.73
CA ASP E 268 -13.00 -40.07 60.78
C ASP E 268 -13.70 -39.13 59.81
N TRP E 269 -14.01 -39.59 58.60
CA TRP E 269 -14.61 -38.70 57.60
C TRP E 269 -16.02 -38.29 57.99
N ASN E 270 -16.82 -39.23 58.47
CA ASN E 270 -18.13 -38.88 58.99
C ASN E 270 -18.03 -38.01 60.24
N ARG E 271 -16.94 -38.16 61.01
CA ARG E 271 -16.72 -37.27 62.15
C ARG E 271 -16.34 -35.88 61.68
N ILE E 272 -15.57 -35.78 60.60
CA ILE E 272 -15.18 -34.48 60.07
C ILE E 272 -16.41 -33.74 59.54
N LEU E 273 -17.32 -34.46 58.88
CA LEU E 273 -18.55 -33.86 58.42
C LEU E 273 -19.56 -33.62 59.54
N GLN E 274 -19.46 -34.35 60.65
CA GLN E 274 -20.33 -34.13 61.79
C GLN E 274 -19.93 -32.93 62.63
N ILE E 275 -18.63 -32.68 62.80
CA ILE E 275 -18.20 -31.48 63.52
C ILE E 275 -18.52 -30.22 62.73
N GLU E 276 -18.60 -30.30 61.40
CA GLU E 276 -19.12 -29.18 60.62
C GLU E 276 -20.54 -28.82 61.00
N GLU E 277 -21.34 -29.81 61.42
CA GLU E 277 -22.70 -29.55 61.88
C GLU E 277 -22.71 -29.08 63.34
N GLU E 278 -21.78 -29.56 64.16
CA GLU E 278 -21.77 -29.21 65.58
C GLU E 278 -21.16 -27.83 65.83
N GLN E 279 -20.21 -27.39 65.00
CA GLN E 279 -19.64 -26.06 65.18
C GLN E 279 -20.66 -24.98 64.87
N VAL E 280 -21.44 -25.17 63.81
CA VAL E 280 -22.53 -24.22 63.51
C VAL E 280 -23.64 -24.31 64.55
N GLN E 281 -23.79 -25.44 65.22
CA GLN E 281 -24.71 -25.52 66.35
C GLN E 281 -24.19 -24.73 67.54
N LEU E 282 -22.87 -24.77 67.76
CA LEU E 282 -22.30 -24.11 68.93
C LEU E 282 -22.39 -22.60 68.81
N MET E 283 -22.13 -22.05 67.63
CA MET E 283 -22.26 -20.62 67.42
C MET E 283 -23.71 -20.16 67.37
N CYS E 284 -24.63 -21.03 66.96
CA CYS E 284 -26.05 -20.67 66.94
C CYS E 284 -26.65 -20.74 68.35
N GLU E 285 -26.27 -21.76 69.14
CA GLU E 285 -26.81 -21.91 70.48
C GLU E 285 -26.42 -20.77 71.40
N GLN E 286 -25.20 -20.25 71.29
CA GLN E 286 -24.79 -19.10 72.10
C GLN E 286 -25.43 -17.80 71.63
N ILE E 287 -25.86 -17.72 70.37
CA ILE E 287 -26.66 -16.58 69.92
C ILE E 287 -28.03 -16.62 70.56
N LEU E 288 -28.58 -17.82 70.77
CA LEU E 288 -29.88 -17.99 71.41
C LEU E 288 -29.83 -17.82 72.93
N ALA E 289 -28.68 -17.51 73.52
CA ALA E 289 -28.64 -17.21 74.95
C ALA E 289 -29.43 -15.94 75.26
N VAL E 290 -29.36 -14.94 74.39
CA VAL E 290 -30.14 -13.71 74.51
C VAL E 290 -31.47 -13.77 73.77
N ARG E 291 -31.68 -14.76 72.88
CA ARG E 291 -32.92 -14.97 72.14
C ARG E 291 -33.27 -13.74 71.29
N PRO E 292 -32.51 -13.44 70.25
CA PRO E 292 -32.85 -12.32 69.37
C PRO E 292 -33.97 -12.68 68.40
N THR E 293 -34.59 -11.64 67.84
CA THR E 293 -35.63 -11.77 66.84
C THR E 293 -35.11 -11.57 65.41
N LEU E 294 -34.07 -10.76 65.23
CA LEU E 294 -33.50 -10.46 63.93
C LEU E 294 -31.98 -10.47 64.04
N VAL E 295 -31.34 -11.34 63.25
CA VAL E 295 -29.89 -11.47 63.21
C VAL E 295 -29.44 -11.01 61.82
N ILE E 296 -28.72 -9.89 61.79
CA ILE E 296 -28.22 -9.27 60.56
C ILE E 296 -26.74 -9.60 60.46
N THR E 297 -26.38 -10.45 59.50
CA THR E 297 -25.01 -10.87 59.27
C THR E 297 -24.41 -10.04 58.13
N GLU E 298 -23.14 -9.67 58.30
CA GLU E 298 -22.46 -8.91 57.25
C GLU E 298 -22.18 -9.79 56.04
N LYS E 299 -21.46 -10.90 56.24
CA LYS E 299 -21.12 -11.83 55.19
C LYS E 299 -22.32 -12.77 54.96
N GLY E 300 -22.14 -13.77 54.08
CA GLY E 300 -23.22 -14.68 53.75
C GLY E 300 -23.62 -15.57 54.92
N VAL E 301 -24.66 -16.36 54.66
CA VAL E 301 -25.25 -17.28 55.63
C VAL E 301 -25.38 -18.65 54.99
N SER E 302 -25.31 -19.68 55.84
CA SER E 302 -25.45 -21.06 55.41
C SER E 302 -26.91 -21.51 55.48
N ASP E 303 -27.21 -22.59 54.76
CA ASP E 303 -28.55 -23.15 54.78
C ASP E 303 -28.83 -23.97 56.04
N LEU E 304 -27.80 -24.56 56.65
CA LEU E 304 -28.00 -25.40 57.82
C LEU E 304 -28.25 -24.56 59.08
N ALA E 305 -27.64 -23.37 59.17
CA ALA E 305 -27.72 -22.58 60.39
C ALA E 305 -29.02 -21.81 60.54
N GLN E 306 -29.71 -21.50 59.44
CA GLN E 306 -30.91 -20.68 59.53
C GLN E 306 -32.07 -21.40 60.20
N HIS E 307 -32.12 -22.74 60.10
CA HIS E 307 -33.26 -23.47 60.65
C HIS E 307 -33.27 -23.43 62.17
N TYR E 308 -32.12 -23.66 62.80
CA TYR E 308 -32.05 -23.71 64.25
C TYR E 308 -32.04 -22.32 64.89
N LEU E 309 -31.70 -21.28 64.13
CA LEU E 309 -32.00 -19.92 64.56
C LEU E 309 -33.49 -19.65 64.50
N LEU E 310 -34.20 -20.27 63.56
CA LEU E 310 -35.65 -20.15 63.50
C LEU E 310 -36.32 -20.93 64.62
N LYS E 311 -35.69 -22.01 65.08
CA LYS E 311 -36.23 -22.77 66.21
C LYS E 311 -36.29 -21.93 67.48
N GLY E 312 -35.33 -21.01 67.65
CA GLY E 312 -35.37 -20.07 68.75
C GLY E 312 -36.23 -18.85 68.51
N GLY E 313 -36.44 -18.48 67.25
CA GLY E 313 -37.28 -17.37 66.86
C GLY E 313 -36.57 -16.18 66.22
N CYS E 314 -35.35 -16.36 65.73
CA CYS E 314 -34.63 -15.29 65.07
C CYS E 314 -35.14 -15.10 63.64
N SER E 315 -34.54 -14.13 62.96
CA SER E 315 -34.76 -13.89 61.54
C SER E 315 -33.43 -13.64 60.85
N VAL E 316 -33.18 -14.38 59.76
CA VAL E 316 -31.92 -14.36 59.04
C VAL E 316 -32.12 -13.57 57.76
N LEU E 317 -31.09 -12.80 57.38
CA LEU E 317 -31.04 -12.03 56.14
C LEU E 317 -29.79 -12.43 55.35
N ARG E 318 -29.70 -11.90 54.13
CA ARG E 318 -28.57 -12.15 53.25
C ARG E 318 -27.39 -11.30 53.70
N ARG E 319 -26.30 -11.30 52.93
CA ARG E 319 -25.13 -10.49 53.27
C ARG E 319 -25.47 -9.00 53.14
N VAL E 320 -25.23 -8.26 54.22
CA VAL E 320 -25.48 -6.83 54.30
C VAL E 320 -24.14 -6.11 54.32
N LYS E 321 -23.95 -5.18 53.39
CA LYS E 321 -22.74 -4.37 53.37
C LYS E 321 -22.67 -3.51 54.63
N LYS E 322 -21.46 -3.36 55.16
CA LYS E 322 -21.29 -2.74 56.47
C LYS E 322 -21.53 -1.22 56.46
N SER E 323 -21.70 -0.60 55.29
CA SER E 323 -22.12 0.80 55.26
C SER E 323 -23.52 0.96 55.87
N ASP E 324 -24.39 -0.04 55.66
CA ASP E 324 -25.73 -0.02 56.24
C ASP E 324 -25.73 -0.51 57.68
N ASN E 325 -24.83 -1.43 58.03
CA ASN E 325 -24.79 -1.95 59.39
C ASN E 325 -24.36 -0.88 60.38
N ASN E 326 -23.49 0.05 59.96
CA ASN E 326 -23.13 1.16 60.82
C ASN E 326 -24.31 2.10 61.07
N ARG E 327 -25.22 2.22 60.11
CA ARG E 327 -26.45 2.96 60.34
C ARG E 327 -27.38 2.19 61.27
N ILE E 328 -27.42 0.86 61.14
CA ILE E 328 -28.26 0.05 62.01
C ILE E 328 -27.73 0.08 63.44
N ALA E 329 -26.41 0.20 63.60
CA ALA E 329 -25.81 0.28 64.94
C ALA E 329 -26.24 1.53 65.69
N ARG E 330 -26.41 2.65 64.99
CA ARG E 330 -26.85 3.89 65.62
C ARG E 330 -28.36 3.96 65.78
N VAL E 331 -29.11 3.33 64.88
CA VAL E 331 -30.56 3.29 65.00
C VAL E 331 -30.98 2.40 66.17
N THR E 332 -30.62 1.13 66.10
CA THR E 332 -30.98 0.17 67.14
C THR E 332 -30.12 0.27 68.39
N GLY E 333 -29.01 1.01 68.36
CA GLY E 333 -28.12 1.11 69.50
C GLY E 333 -27.20 -0.06 69.71
N ALA E 334 -27.14 -1.01 68.76
CA ALA E 334 -26.25 -2.14 68.87
C ALA E 334 -24.82 -1.73 68.50
N THR E 335 -23.89 -2.66 68.71
CA THR E 335 -22.47 -2.48 68.43
C THR E 335 -22.04 -3.47 67.34
N ILE E 336 -20.96 -3.12 66.64
CA ILE E 336 -20.39 -3.99 65.63
C ILE E 336 -19.73 -5.16 66.35
N VAL E 337 -20.24 -6.37 66.11
CA VAL E 337 -19.81 -7.58 66.80
C VAL E 337 -19.36 -8.59 65.75
N ASN E 338 -18.17 -9.14 65.93
CA ASN E 338 -17.61 -10.23 65.11
C ASN E 338 -17.44 -11.52 65.90
N ARG E 339 -16.75 -11.46 67.03
CA ARG E 339 -16.62 -12.62 67.91
C ARG E 339 -17.98 -12.92 68.52
N VAL E 340 -18.49 -14.12 68.26
CA VAL E 340 -19.82 -14.51 68.75
C VAL E 340 -19.76 -15.08 70.16
N GLU E 341 -18.63 -15.62 70.58
CA GLU E 341 -18.51 -16.15 71.93
C GLU E 341 -18.64 -15.08 73.01
N ASP E 342 -18.27 -13.84 72.71
CA ASP E 342 -18.37 -12.73 73.64
C ASP E 342 -19.69 -11.97 73.54
N LEU E 343 -20.74 -12.62 73.03
CA LEU E 343 -22.04 -11.95 72.88
C LEU E 343 -22.76 -11.91 74.22
N LYS E 344 -23.19 -10.72 74.61
CA LYS E 344 -23.86 -10.45 75.88
C LYS E 344 -25.26 -9.90 75.62
N GLU E 345 -25.95 -9.53 76.70
CA GLU E 345 -27.28 -8.93 76.64
C GLU E 345 -27.26 -7.41 76.53
N SER E 346 -26.16 -6.77 76.92
CA SER E 346 -26.10 -5.30 76.90
C SER E 346 -25.94 -4.75 75.49
N ASP E 347 -25.15 -5.42 74.65
CA ASP E 347 -24.88 -4.96 73.30
C ASP E 347 -25.99 -5.31 72.30
N VAL E 348 -27.09 -5.90 72.75
CA VAL E 348 -28.19 -6.25 71.85
C VAL E 348 -29.02 -5.00 71.58
N GLY E 349 -29.37 -4.80 70.31
CA GLY E 349 -30.21 -3.67 69.95
C GLY E 349 -31.62 -3.83 70.51
N THR E 350 -32.22 -2.70 70.85
CA THR E 350 -33.58 -2.68 71.40
C THR E 350 -34.29 -1.39 71.05
N ASN E 351 -35.52 -1.24 71.56
CA ASN E 351 -36.36 -0.06 71.29
C ASN E 351 -36.64 0.08 69.79
N CYS E 352 -36.84 -1.04 69.11
CA CYS E 352 -37.18 -1.05 67.69
C CYS E 352 -38.70 -0.96 67.54
N GLY E 353 -39.14 -0.03 66.71
CA GLY E 353 -40.55 0.26 66.56
C GLY E 353 -41.37 -0.84 65.92
N LEU E 354 -41.08 -1.16 64.66
CA LEU E 354 -41.92 -2.07 63.89
C LEU E 354 -41.10 -2.68 62.75
N PHE E 355 -41.53 -3.87 62.33
CA PHE E 355 -40.91 -4.61 61.23
C PHE E 355 -42.00 -4.99 60.24
N LYS E 356 -41.75 -4.74 58.96
CA LYS E 356 -42.75 -4.98 57.93
C LYS E 356 -42.06 -4.97 56.57
N VAL E 357 -42.57 -5.80 55.66
CA VAL E 357 -42.03 -5.98 54.32
C VAL E 357 -43.14 -5.67 53.31
N GLU E 358 -42.90 -4.71 52.44
CA GLU E 358 -43.81 -4.35 51.36
C GLU E 358 -43.39 -5.05 50.07
N MET E 359 -44.35 -5.18 49.16
CA MET E 359 -44.17 -5.81 47.86
C MET E 359 -44.08 -4.75 46.79
N ILE E 360 -42.91 -4.63 46.17
CA ILE E 360 -42.67 -3.76 45.02
C ILE E 360 -42.01 -4.60 43.94
N GLY E 361 -42.40 -4.40 42.69
CA GLY E 361 -41.97 -5.24 41.59
C GLY E 361 -40.48 -5.22 41.34
N ASP E 362 -39.80 -4.12 41.67
CA ASP E 362 -38.35 -4.04 41.49
C ASP E 362 -37.64 -5.05 42.38
N GLU E 363 -37.75 -4.87 43.70
CA GLU E 363 -37.15 -5.76 44.68
C GLU E 363 -37.97 -5.68 45.96
N TYR E 364 -37.69 -6.60 46.87
CA TYR E 364 -38.30 -6.54 48.20
C TYR E 364 -37.66 -5.44 49.02
N PHE E 365 -38.40 -4.98 50.04
CA PHE E 365 -37.95 -3.90 50.91
C PHE E 365 -38.40 -4.17 52.33
N SER E 366 -37.44 -4.33 53.25
CA SER E 366 -37.70 -4.55 54.65
C SER E 366 -37.60 -3.23 55.42
N PHE E 367 -38.65 -2.89 56.16
CA PHE E 367 -38.74 -1.63 56.90
C PHE E 367 -38.38 -1.88 58.35
N LEU E 368 -37.61 -0.96 58.93
CA LEU E 368 -37.27 -0.95 60.35
C LEU E 368 -37.63 0.41 60.92
N ASP E 369 -38.66 0.44 61.77
CA ASP E 369 -39.14 1.65 62.43
C ASP E 369 -38.61 1.70 63.85
N ASN E 370 -38.46 2.93 64.36
CA ASN E 370 -37.92 3.20 65.68
C ASN E 370 -39.05 3.62 66.62
N CYS E 371 -38.88 3.29 67.90
CA CYS E 371 -39.84 3.68 68.93
C CYS E 371 -39.82 5.18 69.24
N LYS E 372 -38.74 5.89 68.89
CA LYS E 372 -38.55 7.34 69.06
C LYS E 372 -38.29 7.76 70.51
N GLU E 373 -38.31 6.84 71.47
CA GLU E 373 -38.05 7.18 72.87
C GLU E 373 -37.65 5.94 73.64
N SER E 431 -27.61 13.03 75.42
CA SER E 431 -28.51 11.88 75.46
C SER E 431 -27.77 10.61 75.06
N GLY E 432 -26.99 10.69 74.00
CA GLY E 432 -26.24 9.54 73.52
C GLY E 432 -25.75 9.71 72.09
N LEU E 433 -25.64 8.60 71.36
CA LEU E 433 -25.18 8.66 69.99
C LEU E 433 -26.24 9.29 69.09
N GLN E 434 -25.78 9.88 67.99
CA GLN E 434 -26.67 10.53 67.05
C GLN E 434 -27.42 9.48 66.22
N LYS E 435 -28.70 9.73 66.00
CA LYS E 435 -29.57 8.80 65.29
C LYS E 435 -29.50 9.05 63.79
N ALA E 436 -29.62 7.95 63.04
CA ALA E 436 -29.63 7.97 61.58
C ALA E 436 -31.05 7.80 61.07
N CYS E 437 -31.22 8.01 59.77
CA CYS E 437 -32.53 7.89 59.15
C CYS E 437 -32.35 7.69 57.64
N THR E 438 -33.44 7.27 57.00
CA THR E 438 -33.50 7.08 55.55
C THR E 438 -34.66 7.87 54.99
N ILE E 439 -34.40 8.68 53.96
CA ILE E 439 -35.39 9.57 53.36
C ILE E 439 -35.94 8.86 52.13
N MET E 440 -37.26 8.67 52.11
CA MET E 440 -37.94 8.03 50.99
C MET E 440 -38.17 9.05 49.87
N LEU E 441 -37.77 8.70 48.66
CA LEU E 441 -38.01 9.48 47.45
C LEU E 441 -38.90 8.66 46.52
N ARG E 442 -40.03 9.26 46.12
CA ARG E 442 -40.97 8.65 45.17
C ARG E 442 -41.12 9.61 44.00
N GLY E 443 -40.22 9.49 43.03
CA GLY E 443 -40.21 10.34 41.87
C GLY E 443 -41.00 9.77 40.71
N GLY E 444 -40.76 10.33 39.52
CA GLY E 444 -41.43 9.90 38.31
C GLY E 444 -40.63 8.89 37.51
N SER E 445 -39.30 9.07 37.50
CA SER E 445 -38.40 8.21 36.75
C SER E 445 -37.06 8.17 37.48
N LYS E 446 -36.04 7.62 36.82
CA LYS E 446 -34.73 7.52 37.42
C LYS E 446 -34.04 8.88 37.49
N ASP E 447 -34.13 9.68 36.42
CA ASP E 447 -33.49 10.99 36.42
C ASP E 447 -34.17 11.95 37.39
N ILE E 448 -35.47 11.77 37.64
CA ILE E 448 -36.18 12.62 38.59
C ILE E 448 -35.69 12.33 40.01
N LEU E 449 -35.35 11.08 40.30
CA LEU E 449 -34.80 10.73 41.60
C LEU E 449 -33.44 11.38 41.81
N ASN E 450 -32.54 11.25 40.85
CA ASN E 450 -31.22 11.88 40.97
C ASN E 450 -31.32 13.40 40.97
N GLU E 451 -32.31 13.96 40.28
CA GLU E 451 -32.53 15.40 40.34
C GLU E 451 -32.98 15.83 41.73
N ILE E 452 -33.94 15.10 42.31
CA ILE E 452 -34.45 15.45 43.63
C ILE E 452 -33.43 15.17 44.72
N ASP E 453 -32.60 14.14 44.55
CA ASP E 453 -31.60 13.81 45.57
C ASP E 453 -30.56 14.91 45.72
N ARG E 454 -30.12 15.50 44.59
CA ARG E 454 -29.19 16.62 44.67
C ARG E 454 -29.85 17.86 45.26
N ASN E 455 -31.18 17.99 45.13
CA ASN E 455 -31.87 19.11 45.75
C ASN E 455 -31.86 18.98 47.27
N LEU E 456 -31.97 17.76 47.78
CA LEU E 456 -31.89 17.54 49.23
C LEU E 456 -30.50 17.85 49.76
N GLN E 457 -29.46 17.51 49.00
CA GLN E 457 -28.09 17.86 49.42
C GLN E 457 -27.90 19.37 49.39
N ASP E 458 -28.51 20.06 48.42
CA ASP E 458 -28.45 21.52 48.39
C ASP E 458 -29.36 22.15 49.44
N ALA E 459 -30.47 21.49 49.79
CA ALA E 459 -31.39 22.01 50.81
C ALA E 459 -30.89 21.73 52.22
N MET E 460 -30.43 20.51 52.47
CA MET E 460 -29.89 20.15 53.78
C MET E 460 -28.54 20.82 54.05
N ALA E 461 -27.81 21.22 53.01
CA ALA E 461 -26.57 21.97 53.22
C ALA E 461 -26.84 23.34 53.84
N VAL E 462 -27.99 23.94 53.52
CA VAL E 462 -28.33 25.25 54.09
C VAL E 462 -28.58 25.13 55.59
N ALA E 463 -29.13 24.01 56.04
CA ALA E 463 -29.48 23.84 57.45
C ALA E 463 -28.26 23.72 58.35
N ARG E 464 -27.09 23.35 57.80
CA ARG E 464 -25.89 23.22 58.64
C ARG E 464 -25.29 24.58 58.98
N ASN E 465 -25.36 25.55 58.07
CA ASN E 465 -24.68 26.82 58.28
C ASN E 465 -25.34 27.64 59.37
N VAL E 466 -26.67 27.58 59.48
CA VAL E 466 -27.36 28.37 60.50
C VAL E 466 -27.06 27.83 61.89
N MET E 467 -26.79 26.51 62.01
CA MET E 467 -26.44 25.93 63.30
C MET E 467 -24.98 26.21 63.67
N LEU E 468 -24.07 26.12 62.69
CA LEU E 468 -22.67 26.41 62.96
C LEU E 468 -22.44 27.91 63.14
N SER E 469 -23.21 28.74 62.43
CA SER E 469 -23.10 30.20 62.45
C SER E 469 -24.50 30.81 62.55
N PRO E 470 -24.91 31.42 63.66
CA PRO E 470 -26.26 32.01 63.70
C PRO E 470 -26.47 33.22 62.79
N SER E 471 -25.43 33.76 62.17
CA SER E 471 -25.59 34.90 61.28
C SER E 471 -26.40 34.52 60.05
N LEU E 472 -27.08 35.50 59.47
CA LEU E 472 -27.92 35.32 58.29
C LEU E 472 -27.78 36.54 57.41
N SER E 473 -27.24 36.34 56.17
CA SER E 473 -27.00 37.42 55.21
C SER E 473 -28.20 37.58 54.28
N PRO E 474 -28.49 38.78 53.76
CA PRO E 474 -29.60 38.89 52.81
C PRO E 474 -29.27 38.26 51.46
N GLY E 475 -30.31 37.76 50.80
CA GLY E 475 -30.18 37.10 49.51
C GLY E 475 -30.62 37.99 48.37
N GLY E 476 -30.78 37.42 47.18
CA GLY E 476 -31.20 38.19 46.02
C GLY E 476 -30.16 39.16 45.52
N GLY E 477 -28.87 38.88 45.73
CA GLY E 477 -27.81 39.77 45.32
C GLY E 477 -27.61 40.99 46.21
N ALA E 478 -28.37 41.13 47.29
CA ALA E 478 -28.22 42.30 48.15
C ALA E 478 -26.89 42.28 48.89
N THR E 479 -26.39 41.10 49.24
CA THR E 479 -25.11 41.01 49.94
C THR E 479 -23.97 41.42 49.03
N GLU E 480 -23.92 40.85 47.83
CA GLU E 480 -22.83 41.18 46.90
C GLU E 480 -22.95 42.62 46.40
N MET E 481 -24.17 43.13 46.25
CA MET E 481 -24.34 44.53 45.86
C MET E 481 -23.87 45.47 46.97
N ALA E 482 -24.05 45.07 48.23
CA ALA E 482 -23.52 45.86 49.34
C ALA E 482 -22.01 45.92 49.31
N VAL E 483 -21.36 44.84 48.87
CA VAL E 483 -19.92 44.85 48.69
C VAL E 483 -19.54 45.80 47.56
N SER E 484 -20.37 45.87 46.51
CA SER E 484 -20.07 46.72 45.37
C SER E 484 -20.14 48.19 45.74
N VAL E 485 -21.10 48.58 46.59
CA VAL E 485 -21.29 49.99 46.91
C VAL E 485 -20.18 50.48 47.83
N LYS E 486 -19.86 49.72 48.88
CA LYS E 486 -18.84 50.17 49.83
C LYS E 486 -17.45 50.18 49.21
N LEU E 487 -17.13 49.19 48.37
CA LEU E 487 -15.85 49.21 47.68
C LEU E 487 -15.77 50.35 46.68
N ALA E 488 -16.90 50.72 46.07
CA ALA E 488 -16.92 51.84 45.13
C ALA E 488 -16.77 53.18 45.85
N GLU E 489 -17.44 53.33 47.01
CA GLU E 489 -17.32 54.57 47.77
C GLU E 489 -15.92 54.73 48.35
N LYS E 490 -15.37 53.66 48.91
CA LYS E 490 -14.05 53.71 49.53
C LYS E 490 -12.92 53.78 48.51
N ALA E 491 -13.18 53.45 47.24
CA ALA E 491 -12.13 53.53 46.23
C ALA E 491 -11.67 54.96 45.97
N LYS E 492 -12.54 55.95 46.19
CA LYS E 492 -12.13 57.35 45.99
C LYS E 492 -11.14 57.79 47.04
N GLN E 493 -11.35 57.37 48.30
CA GLN E 493 -10.47 57.73 49.40
C GLN E 493 -9.21 56.87 49.47
N LEU E 494 -9.01 55.95 48.52
CA LEU E 494 -7.88 55.03 48.52
C LEU E 494 -6.84 55.44 47.47
N GLU E 495 -6.60 56.74 47.35
CA GLU E 495 -5.83 57.38 46.25
C GLU E 495 -4.43 56.77 46.18
N GLY E 496 -3.95 56.43 44.98
CA GLY E 496 -2.68 55.76 44.79
C GLY E 496 -2.70 54.90 43.54
N ILE E 497 -1.81 53.91 43.53
CA ILE E 497 -1.71 52.96 42.42
C ILE E 497 -2.67 51.78 42.58
N GLN E 498 -3.09 51.45 43.80
CA GLN E 498 -4.05 50.37 44.04
C GLN E 498 -5.49 50.77 43.73
N GLN E 499 -5.76 52.00 43.29
CA GLN E 499 -7.14 52.45 43.12
C GLN E 499 -7.82 51.76 41.94
N TRP E 500 -7.08 51.49 40.86
CA TRP E 500 -7.73 50.95 39.67
C TRP E 500 -8.16 49.49 39.83
N PRO E 501 -7.33 48.57 40.38
CA PRO E 501 -7.87 47.22 40.63
C PRO E 501 -8.86 47.17 41.78
N TYR E 502 -8.75 48.06 42.77
CA TYR E 502 -9.68 48.08 43.88
C TYR E 502 -11.07 48.50 43.44
N GLN E 503 -11.16 49.47 42.52
CA GLN E 503 -12.44 49.89 42.00
C GLN E 503 -13.05 48.86 41.06
N ALA E 504 -12.23 48.05 40.40
CA ALA E 504 -12.73 47.01 39.50
C ALA E 504 -13.35 45.82 40.23
N VAL E 505 -13.23 45.74 41.56
CA VAL E 505 -13.86 44.65 42.30
C VAL E 505 -15.37 44.89 42.37
N ALA E 506 -15.78 46.16 42.46
CA ALA E 506 -17.21 46.48 42.50
C ALA E 506 -17.88 46.23 41.16
N ASP E 507 -17.13 46.29 40.06
CA ASP E 507 -17.73 46.08 38.74
C ASP E 507 -18.22 44.66 38.53
N ALA E 508 -17.58 43.67 39.16
CA ALA E 508 -17.99 42.27 39.07
C ALA E 508 -19.03 41.89 40.11
N MET E 509 -19.01 42.51 41.28
CA MET E 509 -19.98 42.20 42.31
C MET E 509 -21.39 42.66 41.94
N GLU E 510 -21.51 43.69 41.09
CA GLU E 510 -22.80 44.13 40.59
C GLU E 510 -23.29 43.31 39.39
N CYS E 511 -22.58 42.25 38.99
CA CYS E 511 -23.02 41.40 37.88
C CYS E 511 -23.92 40.27 38.34
N ILE E 512 -23.75 39.77 39.56
CA ILE E 512 -24.58 38.67 40.05
C ILE E 512 -26.04 39.11 40.26
N PRO E 513 -26.38 40.39 40.49
CA PRO E 513 -27.77 40.81 40.22
C PRO E 513 -28.08 41.05 38.75
N ARG E 514 -27.08 41.40 37.95
CA ARG E 514 -27.30 41.62 36.52
C ARG E 514 -27.71 40.32 35.82
N THR E 515 -27.16 39.19 36.26
CA THR E 515 -27.54 37.91 35.68
C THR E 515 -28.99 37.55 36.00
N LEU E 516 -29.47 37.93 37.19
CA LEU E 516 -30.85 37.67 37.54
C LEU E 516 -31.81 38.48 36.68
N ILE E 517 -31.46 39.71 36.36
CA ILE E 517 -32.32 40.55 35.54
C ILE E 517 -32.34 40.06 34.10
N GLN E 518 -31.21 39.54 33.61
CA GLN E 518 -31.16 39.02 32.25
C GLN E 518 -32.02 37.76 32.11
N ASN E 519 -31.96 36.87 33.10
CA ASN E 519 -32.80 35.67 33.08
C ASN E 519 -34.27 36.02 33.27
N ALA E 520 -34.58 37.06 34.03
CA ALA E 520 -35.96 37.50 34.20
C ALA E 520 -36.52 38.22 32.98
N GLY E 521 -35.66 38.69 32.07
CA GLY E 521 -36.09 39.37 30.87
C GLY E 521 -36.17 40.87 30.96
N GLY E 522 -35.85 41.47 32.11
CA GLY E 522 -35.88 42.91 32.27
C GLY E 522 -34.63 43.58 31.76
N ASP E 523 -34.65 44.91 31.78
CA ASP E 523 -33.54 45.73 31.33
C ASP E 523 -32.61 46.00 32.50
N PRO E 524 -31.39 45.46 32.57
CA PRO E 524 -30.54 45.74 33.74
C PRO E 524 -29.94 47.15 33.76
N ILE E 525 -30.15 47.97 32.74
CA ILE E 525 -29.62 49.33 32.73
C ILE E 525 -30.31 50.16 33.80
N ARG E 526 -31.64 50.30 33.69
CA ARG E 526 -32.39 51.15 34.61
C ARG E 526 -32.63 50.49 35.96
N LEU E 527 -32.66 49.15 36.02
CA LEU E 527 -32.85 48.48 37.30
C LEU E 527 -31.65 48.67 38.22
N LEU E 528 -30.45 48.46 37.69
CA LEU E 528 -29.25 48.68 38.50
C LEU E 528 -29.06 50.15 38.84
N SER E 529 -29.46 51.05 37.93
CA SER E 529 -29.42 52.48 38.24
C SER E 529 -30.43 52.82 39.34
N GLN E 530 -31.63 52.23 39.28
CA GLN E 530 -32.59 52.40 40.36
C GLN E 530 -32.14 51.67 41.62
N LEU E 531 -31.36 50.59 41.49
CA LEU E 531 -30.90 49.85 42.65
C LEU E 531 -29.90 50.68 43.46
N ARG E 532 -28.88 51.25 42.80
CA ARG E 532 -27.89 52.04 43.50
C ARG E 532 -28.46 53.33 44.09
N ALA E 533 -29.52 53.87 43.49
CA ALA E 533 -30.12 55.09 44.02
C ALA E 533 -30.86 54.82 45.31
N LYS E 534 -31.52 53.66 45.41
CA LYS E 534 -32.28 53.27 46.60
C LYS E 534 -31.45 52.50 47.62
N HIS E 535 -30.30 51.93 47.22
CA HIS E 535 -29.51 51.16 48.16
C HIS E 535 -28.86 52.04 49.22
N ALA E 536 -28.42 53.24 48.85
CA ALA E 536 -27.81 54.16 49.82
C ALA E 536 -28.85 54.84 50.69
N GLN E 537 -30.02 55.17 50.12
CA GLN E 537 -31.07 55.89 50.82
C GLN E 537 -32.08 54.96 51.50
N GLY E 538 -32.62 53.99 50.77
CA GLY E 538 -33.68 53.16 51.28
C GLY E 538 -33.27 52.24 52.43
N ASN E 539 -32.44 51.25 52.12
CA ASN E 539 -32.03 50.27 53.12
C ASN E 539 -30.95 49.39 52.53
N PHE E 540 -30.34 48.57 53.38
CA PHE E 540 -29.30 47.61 52.98
C PHE E 540 -29.85 46.26 52.54
N THR E 541 -31.16 46.03 52.64
CA THR E 541 -31.79 44.76 52.29
C THR E 541 -32.53 44.80 50.96
N THR E 542 -32.23 45.78 50.11
CA THR E 542 -32.92 45.89 48.82
C THR E 542 -32.37 44.87 47.83
N GLY E 543 -33.26 44.38 46.97
CA GLY E 543 -32.86 43.41 45.98
C GLY E 543 -33.87 43.32 44.87
N ILE E 544 -33.58 42.42 43.92
CA ILE E 544 -34.37 42.24 42.71
C ILE E 544 -35.21 40.99 42.88
N ASP E 545 -36.52 41.12 42.62
CA ASP E 545 -37.40 39.96 42.57
C ASP E 545 -37.18 39.21 41.27
N GLY E 546 -36.72 37.97 41.36
CA GLY E 546 -36.38 37.22 40.16
C GLY E 546 -37.58 36.84 39.32
N ASP E 547 -38.74 36.62 39.95
CA ASP E 547 -39.93 36.23 39.21
C ASP E 547 -40.55 37.42 38.48
N LYS E 548 -40.82 38.50 39.21
CA LYS E 548 -41.47 39.68 38.64
C LYS E 548 -40.49 40.64 37.97
N GLY E 549 -39.24 40.68 38.44
CA GLY E 549 -38.24 41.56 37.86
C GLY E 549 -38.32 42.99 38.32
N LYS E 550 -38.84 43.25 39.52
CA LYS E 550 -38.95 44.57 40.12
C LYS E 550 -38.13 44.60 41.41
N ILE E 551 -37.86 45.81 41.89
CA ILE E 551 -37.09 46.02 43.11
C ILE E 551 -38.03 45.76 44.29
N VAL E 552 -37.69 44.74 45.09
CA VAL E 552 -38.46 44.35 46.26
C VAL E 552 -37.48 44.07 47.39
N ASP E 553 -37.73 44.67 48.55
CA ASP E 553 -36.86 44.47 49.70
C ASP E 553 -36.95 43.04 50.22
N MET E 554 -35.82 42.53 50.72
CA MET E 554 -35.77 41.15 51.21
C MET E 554 -36.55 40.95 52.50
N VAL E 555 -36.81 42.01 53.26
CA VAL E 555 -37.57 41.87 54.50
C VAL E 555 -39.01 41.46 54.20
N SER E 556 -39.66 42.16 53.28
CA SER E 556 -41.02 41.82 52.89
C SER E 556 -41.06 40.58 52.00
N TYR E 557 -40.03 40.37 51.19
CA TYR E 557 -39.99 39.20 50.31
C TYR E 557 -39.89 37.89 51.09
N GLY E 558 -39.28 37.90 52.27
CA GLY E 558 -39.28 36.75 53.14
C GLY E 558 -38.40 35.60 52.72
N ILE E 559 -37.37 35.84 51.91
CA ILE E 559 -36.41 34.83 51.48
C ILE E 559 -35.03 35.28 51.92
N TRP E 560 -34.33 34.40 52.65
CA TRP E 560 -33.01 34.66 53.20
C TRP E 560 -32.13 33.44 53.00
N GLU E 561 -30.83 33.67 52.87
CA GLU E 561 -29.80 32.63 52.74
C GLU E 561 -28.76 32.80 53.84
N PRO E 562 -27.95 31.76 54.13
CA PRO E 562 -26.91 31.93 55.15
C PRO E 562 -25.81 32.87 54.70
N GLU E 563 -25.06 33.36 55.67
CA GLU E 563 -23.89 34.20 55.41
C GLU E 563 -22.63 33.39 55.11
N VAL E 564 -22.61 32.10 55.44
CA VAL E 564 -21.43 31.28 55.19
C VAL E 564 -21.21 31.07 53.69
N ILE E 565 -22.29 30.96 52.91
CA ILE E 565 -22.16 30.78 51.47
C ILE E 565 -21.59 32.03 50.84
N LYS E 566 -21.93 33.20 51.38
CA LYS E 566 -21.38 34.45 50.85
C LYS E 566 -19.89 34.56 51.12
N GLN E 567 -19.42 34.01 52.24
CA GLN E 567 -17.99 34.06 52.55
C GLN E 567 -17.19 33.19 51.61
N GLN E 568 -17.65 31.95 51.38
CA GLN E 568 -16.92 31.04 50.49
C GLN E 568 -16.95 31.53 49.05
N SER E 569 -18.01 32.23 48.64
CA SER E 569 -18.08 32.76 47.29
C SER E 569 -17.04 33.87 47.08
N VAL E 570 -16.91 34.77 48.06
CA VAL E 570 -15.98 35.88 47.94
C VAL E 570 -14.54 35.40 48.11
N LYS E 571 -14.33 34.45 49.04
CA LYS E 571 -12.98 33.96 49.30
C LYS E 571 -12.47 33.10 48.15
N THR E 572 -13.28 32.14 47.70
CA THR E 572 -12.84 31.22 46.66
C THR E 572 -12.68 31.93 45.32
N ALA E 573 -13.52 32.93 45.04
CA ALA E 573 -13.44 33.62 43.76
C ALA E 573 -12.20 34.50 43.69
N ILE E 574 -11.88 35.21 44.78
CA ILE E 574 -10.72 36.10 44.78
C ILE E 574 -9.44 35.27 44.85
N GLU E 575 -9.42 34.24 45.69
CA GLU E 575 -8.24 33.38 45.79
C GLU E 575 -7.94 32.63 44.50
N SER E 576 -8.97 32.34 43.69
CA SER E 576 -8.74 31.73 42.39
C SER E 576 -8.08 32.72 41.42
N ALA E 577 -8.44 33.99 41.52
CA ALA E 577 -7.86 34.99 40.62
C ALA E 577 -6.39 35.23 40.95
N CYS E 578 -6.02 35.17 42.22
CA CYS E 578 -4.63 35.35 42.62
C CYS E 578 -3.73 34.24 42.09
N LEU E 579 -4.26 33.03 41.91
CA LEU E 579 -3.47 31.94 41.35
C LEU E 579 -3.29 32.11 39.85
N LEU E 580 -4.40 32.31 39.12
CA LEU E 580 -4.36 32.36 37.67
C LEU E 580 -3.69 33.61 37.13
N LEU E 581 -3.71 34.72 37.88
CA LEU E 581 -3.08 35.94 37.40
C LEU E 581 -1.56 35.83 37.33
N ARG E 582 -0.95 34.96 38.12
CA ARG E 582 0.50 34.76 38.11
C ARG E 582 0.99 33.89 36.96
N VAL E 583 0.11 33.43 36.07
CA VAL E 583 0.51 32.57 34.96
C VAL E 583 1.18 33.43 33.91
N ASP E 584 2.41 33.05 33.51
CA ASP E 584 3.19 33.76 32.51
C ASP E 584 3.14 33.08 31.15
N ASP E 585 3.53 31.81 31.09
CA ASP E 585 3.61 31.01 29.87
C ASP E 585 2.86 29.70 30.05
N ILE E 586 2.58 29.06 28.91
CA ILE E 586 1.93 27.75 28.86
C ILE E 586 2.76 26.88 27.93
N VAL E 587 3.23 25.74 28.43
CA VAL E 587 4.02 24.77 27.67
C VAL E 587 3.37 23.41 27.86
N SER E 588 2.89 22.82 26.77
CA SER E 588 2.16 21.56 26.77
C SER E 588 2.99 20.47 26.11
N GLY E 589 2.81 19.24 26.61
CA GLY E 589 3.47 18.08 26.03
C GLY E 589 4.89 17.90 26.49
N VAL E 590 5.10 17.80 27.81
CA VAL E 590 6.42 17.64 28.38
C VAL E 590 6.70 16.15 28.61
N ARG E 591 5.91 15.52 29.48
CA ARG E 591 6.04 14.11 29.79
C ARG E 591 4.86 13.70 30.67
N LYS E 592 4.77 12.41 30.94
CA LYS E 592 3.74 11.88 31.84
C LYS E 592 4.21 11.99 33.29
N ASN F 2 -39.29 2.66 7.64
CA ASN F 2 -39.67 3.93 8.25
C ASN F 2 -38.52 4.49 9.08
N PHE F 3 -37.78 3.62 9.74
CA PHE F 3 -36.60 4.03 10.50
C PHE F 3 -35.38 4.33 9.63
N GLY F 4 -35.46 4.14 8.31
CA GLY F 4 -34.33 4.38 7.44
C GLY F 4 -34.80 4.70 6.04
N SER F 5 -34.04 5.58 5.39
CA SER F 5 -34.36 5.98 4.02
C SER F 5 -34.12 4.88 3.00
N GLN F 6 -33.30 3.88 3.33
CA GLN F 6 -32.97 2.84 2.35
C GLN F 6 -34.13 1.87 2.15
N THR F 7 -34.68 1.34 3.26
CA THR F 7 -35.69 0.29 3.25
C THR F 7 -35.18 -0.92 2.44
N PRO F 8 -34.23 -1.68 2.97
CA PRO F 8 -33.69 -2.80 2.19
C PRO F 8 -34.72 -3.90 1.96
N THR F 9 -34.71 -4.47 0.77
CA THR F 9 -35.59 -5.58 0.44
C THR F 9 -35.09 -6.84 1.11
N ILE F 10 -36.00 -7.59 1.75
CA ILE F 10 -35.62 -8.75 2.54
C ILE F 10 -35.40 -9.92 1.59
N VAL F 11 -34.16 -10.41 1.53
CA VAL F 11 -33.84 -11.63 0.78
C VAL F 11 -34.29 -12.83 1.60
N VAL F 12 -34.75 -13.88 0.92
CA VAL F 12 -35.26 -15.04 1.63
C VAL F 12 -34.10 -15.82 2.26
N LEU F 13 -33.11 -16.21 1.46
CA LEU F 13 -31.98 -17.00 1.89
C LEU F 13 -30.80 -16.10 2.22
N LYS F 14 -29.73 -16.70 2.72
CA LYS F 14 -28.53 -15.95 3.06
C LYS F 14 -27.79 -15.52 1.79
N GLU F 15 -26.88 -14.57 1.96
CA GLU F 15 -26.03 -14.15 0.86
C GLU F 15 -25.00 -15.23 0.55
N GLY F 16 -24.79 -15.49 -0.74
CA GLY F 16 -23.86 -16.51 -1.20
C GLY F 16 -24.47 -17.86 -1.48
N THR F 17 -25.75 -18.06 -1.18
CA THR F 17 -26.39 -19.35 -1.44
C THR F 17 -26.48 -19.59 -2.95
N ASP F 18 -26.28 -20.85 -3.35
CA ASP F 18 -26.27 -21.22 -4.75
C ASP F 18 -27.64 -20.99 -5.39
N ALA F 19 -27.68 -21.10 -6.71
CA ALA F 19 -28.89 -20.91 -7.50
C ALA F 19 -29.88 -22.05 -7.26
N SER F 20 -30.98 -22.01 -8.00
CA SER F 20 -32.17 -22.82 -7.74
C SER F 20 -32.79 -23.21 -9.08
N GLN F 21 -34.06 -23.59 -9.07
CA GLN F 21 -34.80 -24.33 -10.14
C GLN F 21 -34.62 -23.63 -11.49
N GLY F 22 -34.73 -24.37 -12.60
CA GLY F 22 -34.48 -23.83 -13.91
C GLY F 22 -34.43 -24.94 -14.95
N LYS F 23 -33.40 -24.90 -15.80
CA LYS F 23 -33.10 -25.96 -16.75
C LYS F 23 -31.61 -26.24 -16.72
N GLY F 24 -31.26 -27.46 -16.31
CA GLY F 24 -29.89 -27.91 -16.22
C GLY F 24 -29.38 -28.18 -14.82
N GLN F 25 -30.26 -28.19 -13.80
CA GLN F 25 -29.81 -28.46 -12.44
C GLN F 25 -29.46 -29.93 -12.27
N ILE F 26 -30.42 -30.82 -12.53
CA ILE F 26 -30.15 -32.27 -12.46
C ILE F 26 -29.18 -32.72 -13.53
N ILE F 27 -29.12 -32.02 -14.67
CA ILE F 27 -28.19 -32.39 -15.72
C ILE F 27 -26.76 -32.12 -15.28
N SER F 28 -26.55 -31.07 -14.47
CA SER F 28 -25.21 -30.80 -13.95
C SER F 28 -24.75 -31.89 -12.99
N ASN F 29 -25.68 -32.44 -12.20
CA ASN F 29 -25.33 -33.55 -11.32
C ASN F 29 -24.97 -34.80 -12.11
N ILE F 30 -25.67 -35.02 -13.22
CA ILE F 30 -25.34 -36.16 -14.07
C ILE F 30 -23.98 -35.95 -14.74
N ASN F 31 -23.74 -34.74 -15.25
CA ASN F 31 -22.45 -34.43 -15.85
C ASN F 31 -21.33 -34.45 -14.83
N ALA F 32 -21.64 -34.11 -13.56
CA ALA F 32 -20.64 -34.24 -12.51
C ALA F 32 -20.30 -35.70 -12.25
N CYS F 33 -21.31 -36.57 -12.28
CA CYS F 33 -21.05 -38.00 -12.12
C CYS F 33 -20.36 -38.58 -13.35
N VAL F 34 -20.71 -38.11 -14.54
CA VAL F 34 -20.03 -38.56 -15.75
C VAL F 34 -18.58 -38.10 -15.76
N ALA F 35 -18.28 -36.95 -15.15
CA ALA F 35 -16.90 -36.50 -15.05
C ALA F 35 -16.08 -37.41 -14.16
N VAL F 36 -16.60 -37.75 -12.97
CA VAL F 36 -15.90 -38.69 -12.10
C VAL F 36 -15.87 -40.08 -12.72
N GLN F 37 -16.92 -40.43 -13.47
CA GLN F 37 -16.96 -41.72 -14.15
C GLN F 37 -15.92 -41.82 -15.26
N GLU F 38 -15.52 -40.69 -15.85
CA GLU F 38 -14.52 -40.73 -16.91
C GLU F 38 -13.13 -41.08 -16.36
N ALA F 39 -12.84 -40.67 -15.13
CA ALA F 39 -11.53 -40.99 -14.55
C ALA F 39 -11.39 -42.47 -14.27
N LEU F 40 -12.44 -43.10 -13.74
CA LEU F 40 -12.47 -44.54 -13.49
C LEU F 40 -12.81 -45.37 -14.73
N LYS F 41 -12.99 -44.73 -15.89
CA LYS F 41 -13.37 -45.48 -17.09
C LYS F 41 -12.28 -46.40 -17.60
N PRO F 42 -11.05 -45.95 -17.88
CA PRO F 42 -10.07 -46.87 -18.48
C PRO F 42 -9.46 -47.89 -17.53
N THR F 43 -9.82 -47.88 -16.25
CA THR F 43 -9.25 -48.79 -15.27
C THR F 43 -9.97 -50.14 -15.21
N LEU F 44 -10.84 -50.45 -16.18
CA LEU F 44 -11.64 -51.66 -16.15
C LEU F 44 -10.89 -52.80 -16.82
N GLY F 45 -10.95 -53.98 -16.21
CA GLY F 45 -10.44 -55.19 -16.83
C GLY F 45 -8.95 -55.37 -16.63
N PRO F 46 -8.42 -56.51 -17.10
CA PRO F 46 -6.97 -56.75 -16.94
C PRO F 46 -6.10 -55.92 -17.87
N LEU F 47 -6.60 -55.53 -19.03
CA LEU F 47 -5.87 -54.71 -20.00
C LEU F 47 -6.12 -53.22 -19.81
N GLY F 48 -6.45 -52.78 -18.59
CA GLY F 48 -6.71 -51.39 -18.30
C GLY F 48 -5.43 -50.64 -17.94
N SER F 49 -5.59 -49.66 -17.05
CA SER F 49 -4.50 -48.83 -16.56
C SER F 49 -4.74 -48.49 -15.10
N ASP F 50 -3.82 -47.72 -14.53
CA ASP F 50 -3.85 -47.24 -13.15
C ASP F 50 -3.85 -45.73 -13.13
N ILE F 51 -4.11 -45.17 -11.95
CA ILE F 51 -4.28 -43.73 -11.74
C ILE F 51 -3.31 -43.30 -10.64
N LEU F 52 -2.49 -42.30 -10.94
CA LEU F 52 -1.51 -41.73 -10.01
C LEU F 52 -2.06 -40.42 -9.45
N ILE F 53 -2.17 -40.34 -8.12
CA ILE F 53 -2.73 -39.20 -7.41
C ILE F 53 -1.75 -38.80 -6.31
N VAL F 54 -1.58 -37.49 -6.11
CA VAL F 54 -0.79 -36.93 -5.03
C VAL F 54 -1.62 -35.83 -4.38
N THR F 55 -1.97 -36.04 -3.11
CA THR F 55 -2.80 -35.08 -2.39
C THR F 55 -1.95 -33.90 -1.93
N SER F 56 -2.53 -33.01 -1.12
CA SER F 56 -1.83 -31.82 -0.66
C SER F 56 -0.64 -32.13 0.23
N ASN F 57 -0.68 -33.24 0.98
CA ASN F 57 0.40 -33.61 1.89
C ASN F 57 1.55 -34.36 1.19
N GLN F 58 1.56 -34.41 -0.14
CA GLN F 58 2.65 -35.01 -0.91
C GLN F 58 2.83 -36.50 -0.58
N LYS F 59 1.71 -37.21 -0.48
CA LYS F 59 1.69 -38.66 -0.27
C LYS F 59 1.39 -39.33 -1.61
N THR F 60 2.37 -40.03 -2.16
CA THR F 60 2.22 -40.69 -3.44
C THR F 60 1.41 -41.97 -3.25
N THR F 61 0.56 -42.28 -4.23
CA THR F 61 -0.26 -43.48 -4.22
C THR F 61 -0.55 -43.91 -5.65
N ILE F 62 -0.51 -45.23 -5.86
CA ILE F 62 -0.78 -45.86 -7.16
C ILE F 62 -1.81 -46.95 -6.92
N SER F 63 -2.94 -46.87 -7.62
CA SER F 63 -4.00 -47.85 -7.47
C SER F 63 -4.98 -47.70 -8.62
N ASN F 64 -5.79 -48.78 -8.71
CA ASN F 64 -6.82 -48.86 -9.72
C ASN F 64 -8.07 -49.42 -9.04
N ASP F 65 -8.41 -48.98 -7.84
CA ASP F 65 -9.60 -49.44 -7.12
C ASP F 65 -10.66 -48.34 -6.90
N GLY F 66 -11.93 -48.58 -7.22
CA GLY F 66 -12.90 -47.49 -7.15
C GLY F 66 -13.01 -46.86 -5.77
N ALA F 67 -12.74 -47.63 -4.71
CA ALA F 67 -12.82 -47.08 -3.35
C ALA F 67 -11.58 -46.27 -3.01
N THR F 68 -10.40 -46.78 -3.35
CA THR F 68 -9.16 -46.12 -2.96
C THR F 68 -8.94 -44.81 -3.72
N ILE F 69 -9.29 -44.78 -5.01
CA ILE F 69 -9.11 -43.58 -5.80
C ILE F 69 -10.04 -42.47 -5.31
N LEU F 70 -11.30 -42.79 -5.05
CA LEU F 70 -12.25 -41.81 -4.55
C LEU F 70 -12.06 -41.48 -3.07
N LYS F 71 -11.34 -42.31 -2.32
CA LYS F 71 -11.08 -42.02 -0.91
C LYS F 71 -10.09 -40.86 -0.77
N LEU F 72 -8.97 -40.93 -1.48
CA LEU F 72 -7.96 -39.88 -1.39
C LEU F 72 -8.45 -38.57 -2.00
N LEU F 73 -9.25 -38.63 -3.05
CA LEU F 73 -9.82 -37.44 -3.65
C LEU F 73 -10.94 -36.89 -2.76
N ASP F 74 -10.73 -35.71 -2.20
CA ASP F 74 -11.72 -35.07 -1.34
C ASP F 74 -12.79 -34.46 -2.24
N VAL F 75 -13.86 -35.22 -2.47
CA VAL F 75 -14.94 -34.79 -3.35
C VAL F 75 -15.87 -33.88 -2.55
N VAL F 76 -16.00 -32.63 -3.00
CA VAL F 76 -16.88 -31.65 -2.37
C VAL F 76 -18.25 -31.56 -3.05
N HIS F 77 -18.39 -32.04 -4.28
CA HIS F 77 -19.67 -31.98 -4.96
C HIS F 77 -20.66 -32.94 -4.26
N PRO F 78 -21.91 -32.52 -4.01
CA PRO F 78 -22.78 -33.40 -3.20
C PRO F 78 -23.26 -34.62 -3.96
N ALA F 79 -23.66 -34.47 -5.22
CA ALA F 79 -24.17 -35.60 -6.00
C ALA F 79 -23.08 -36.59 -6.38
N ALA F 80 -21.83 -36.14 -6.49
CA ALA F 80 -20.73 -37.02 -6.85
C ALA F 80 -20.29 -37.95 -5.72
N LYS F 81 -20.59 -37.60 -4.47
CA LYS F 81 -20.23 -38.45 -3.34
C LYS F 81 -21.11 -39.70 -3.22
N THR F 82 -22.19 -39.79 -4.00
CA THR F 82 -22.93 -41.05 -4.05
C THR F 82 -22.06 -42.18 -4.62
N LEU F 83 -21.19 -41.86 -5.59
CA LEU F 83 -20.25 -42.85 -6.10
C LEU F 83 -19.23 -43.24 -5.04
N VAL F 84 -18.88 -42.30 -4.15
CA VAL F 84 -17.94 -42.62 -3.08
C VAL F 84 -18.58 -43.57 -2.07
N ASP F 85 -19.88 -43.40 -1.81
CA ASP F 85 -20.54 -44.22 -0.80
C ASP F 85 -20.70 -45.66 -1.27
N ILE F 86 -21.15 -45.86 -2.51
CA ILE F 86 -21.32 -47.22 -3.03
C ILE F 86 -19.98 -47.93 -3.20
N SER F 87 -18.90 -47.19 -3.47
CA SER F 87 -17.58 -47.81 -3.55
C SER F 87 -17.14 -48.31 -2.19
N ARG F 88 -17.31 -47.49 -1.14
CA ARG F 88 -16.99 -47.94 0.21
C ARG F 88 -17.95 -49.04 0.67
N ALA F 89 -19.22 -48.95 0.27
CA ALA F 89 -20.17 -50.01 0.62
C ALA F 89 -19.84 -51.31 -0.09
N GLN F 90 -19.43 -51.22 -1.36
CA GLN F 90 -19.02 -52.42 -2.09
C GLN F 90 -17.66 -52.92 -1.60
N ASP F 91 -16.76 -51.99 -1.24
CA ASP F 91 -15.45 -52.38 -0.74
C ASP F 91 -15.50 -52.97 0.65
N ALA F 92 -16.41 -52.49 1.49
CA ALA F 92 -16.47 -52.96 2.87
C ALA F 92 -16.97 -54.40 2.97
N GLU F 93 -17.94 -54.77 2.12
CA GLU F 93 -18.58 -56.09 2.20
C GLU F 93 -17.86 -57.11 1.31
N VAL F 94 -17.83 -56.83 0.01
CA VAL F 94 -17.36 -57.79 -0.98
C VAL F 94 -15.88 -57.59 -1.30
N GLY F 95 -15.47 -56.35 -1.54
CA GLY F 95 -14.08 -56.03 -1.79
C GLY F 95 -13.59 -56.23 -3.20
N ASP F 96 -14.49 -56.40 -4.18
CA ASP F 96 -14.12 -56.59 -5.57
C ASP F 96 -15.21 -56.03 -6.45
N GLY F 97 -14.82 -55.58 -7.65
CA GLY F 97 -15.76 -55.02 -8.59
C GLY F 97 -16.30 -53.66 -8.23
N THR F 98 -15.59 -52.98 -7.36
CA THR F 98 -15.95 -51.68 -6.96
C THR F 98 -16.11 -50.82 -8.15
N THR F 99 -15.23 -50.92 -9.10
CA THR F 99 -15.36 -50.16 -10.32
C THR F 99 -16.55 -50.52 -11.15
N SER F 100 -16.86 -51.78 -11.26
CA SER F 100 -17.92 -52.16 -12.12
C SER F 100 -19.19 -51.66 -11.57
N VAL F 101 -19.22 -51.24 -10.33
CA VAL F 101 -20.38 -50.62 -9.78
C VAL F 101 -20.37 -49.21 -10.17
N THR F 102 -19.24 -48.53 -10.06
CA THR F 102 -19.27 -47.18 -10.60
C THR F 102 -19.45 -46.95 -12.12
N ILE F 103 -18.85 -47.73 -13.03
CA ILE F 103 -19.00 -47.43 -14.45
C ILE F 103 -20.32 -47.84 -14.93
N LEU F 104 -21.09 -48.45 -14.07
CA LEU F 104 -22.44 -48.90 -14.42
C LEU F 104 -23.49 -47.91 -13.97
N ALA F 105 -23.34 -47.36 -12.76
CA ALA F 105 -24.27 -46.35 -12.28
C ALA F 105 -24.20 -45.08 -13.11
N GLY F 106 -22.99 -44.71 -13.55
CA GLY F 106 -22.84 -43.55 -14.40
C GLY F 106 -23.52 -43.70 -15.75
N GLU F 107 -23.54 -44.91 -16.29
CA GLU F 107 -24.20 -45.14 -17.57
C GLU F 107 -25.72 -45.05 -17.43
N LEU F 108 -26.26 -45.54 -16.31
CA LEU F 108 -27.69 -45.41 -16.08
C LEU F 108 -28.10 -43.94 -15.92
N MET F 109 -27.28 -43.15 -15.22
CA MET F 109 -27.56 -41.73 -15.10
C MET F 109 -27.29 -41.00 -16.42
N LYS F 110 -26.25 -41.41 -17.15
CA LYS F 110 -26.01 -40.84 -18.47
C LYS F 110 -27.09 -41.23 -19.46
N GLU F 111 -27.67 -42.42 -19.30
CA GLU F 111 -28.78 -42.84 -20.16
C GLU F 111 -30.08 -42.17 -19.75
N ALA F 112 -30.23 -41.78 -18.47
CA ALA F 112 -31.37 -41.01 -18.03
C ALA F 112 -31.28 -39.53 -18.40
N LYS F 113 -30.15 -39.07 -18.93
CA LYS F 113 -30.02 -37.66 -19.32
C LYS F 113 -30.99 -37.25 -20.42
N PRO F 114 -31.06 -37.92 -21.58
CA PRO F 114 -32.00 -37.46 -22.61
C PRO F 114 -33.46 -37.65 -22.25
N PHE F 115 -33.80 -38.62 -21.40
CA PHE F 115 -35.18 -38.76 -20.97
C PHE F 115 -35.60 -37.61 -20.06
N LEU F 116 -34.68 -37.07 -19.26
CA LEU F 116 -34.97 -35.89 -18.47
C LEU F 116 -35.09 -34.64 -19.32
N GLU F 117 -34.34 -34.56 -20.44
CA GLU F 117 -34.54 -33.49 -21.39
C GLU F 117 -35.92 -33.55 -22.04
N GLU F 118 -36.47 -34.74 -22.22
CA GLU F 118 -37.82 -34.92 -22.71
C GLU F 118 -38.80 -34.66 -21.56
N GLY F 119 -40.08 -34.87 -21.80
CA GLY F 119 -41.10 -34.65 -20.79
C GLY F 119 -41.36 -35.83 -19.87
N ILE F 120 -40.42 -36.76 -19.77
CA ILE F 120 -40.56 -37.91 -18.89
C ILE F 120 -40.28 -37.44 -17.45
N SER F 121 -41.17 -37.82 -16.53
CA SER F 121 -41.00 -37.44 -15.14
C SER F 121 -39.90 -38.29 -14.50
N SER F 122 -39.55 -37.92 -13.27
CA SER F 122 -38.48 -38.60 -12.54
C SER F 122 -38.90 -39.97 -12.04
N HIS F 123 -40.11 -40.07 -11.49
CA HIS F 123 -40.60 -41.34 -10.94
C HIS F 123 -40.75 -42.43 -12.00
N LEU F 124 -40.99 -42.06 -13.26
CA LEU F 124 -41.15 -43.07 -14.30
C LEU F 124 -39.83 -43.78 -14.60
N ILE F 125 -38.71 -43.05 -14.57
CA ILE F 125 -37.42 -43.66 -14.85
C ILE F 125 -37.00 -44.56 -13.69
N MET F 126 -37.29 -44.14 -12.45
CA MET F 126 -36.92 -44.94 -11.30
C MET F 126 -37.76 -46.21 -11.20
N LYS F 127 -39.03 -46.14 -11.61
CA LYS F 127 -39.89 -47.33 -11.58
C LYS F 127 -39.39 -48.38 -12.57
N GLY F 128 -38.79 -47.96 -13.68
CA GLY F 128 -38.27 -48.91 -14.64
C GLY F 128 -37.08 -49.68 -14.13
N TYR F 129 -36.11 -48.98 -13.54
CA TYR F 129 -34.91 -49.66 -13.03
C TYR F 129 -35.24 -50.50 -11.81
N ARG F 130 -36.12 -50.01 -10.93
CA ARG F 130 -36.44 -50.75 -9.72
C ARG F 130 -37.28 -51.99 -10.02
N LYS F 131 -38.08 -51.95 -11.10
CA LYS F 131 -38.80 -53.14 -11.55
C LYS F 131 -37.94 -54.05 -12.39
N ALA F 132 -36.95 -53.50 -13.11
CA ALA F 132 -36.06 -54.32 -13.92
C ALA F 132 -34.97 -54.98 -13.08
N VAL F 133 -34.50 -54.30 -12.02
CA VAL F 133 -33.44 -54.88 -11.19
C VAL F 133 -33.96 -56.09 -10.41
N SER F 134 -35.26 -56.13 -10.10
CA SER F 134 -35.82 -57.30 -9.44
C SER F 134 -35.74 -58.54 -10.32
N LEU F 135 -35.92 -58.37 -11.63
CA LEU F 135 -35.77 -59.49 -12.56
C LEU F 135 -34.31 -59.82 -12.81
N ALA F 136 -33.42 -58.83 -12.74
CA ALA F 136 -32.00 -59.09 -12.94
C ALA F 136 -31.42 -59.90 -11.80
N VAL F 137 -31.87 -59.65 -10.56
CA VAL F 137 -31.42 -60.44 -9.42
C VAL F 137 -31.92 -61.88 -9.55
N GLU F 138 -33.18 -62.06 -9.96
CA GLU F 138 -33.70 -63.40 -10.15
C GLU F 138 -33.05 -64.09 -11.34
N LYS F 139 -32.72 -63.33 -12.40
CA LYS F 139 -32.07 -63.92 -13.55
C LYS F 139 -30.63 -64.33 -13.23
N ILE F 140 -29.95 -63.57 -12.37
CA ILE F 140 -28.58 -63.93 -11.98
C ILE F 140 -28.60 -65.19 -11.12
N ASN F 141 -29.67 -65.43 -10.37
CA ASN F 141 -29.79 -66.67 -9.62
C ASN F 141 -29.91 -67.87 -10.54
N GLU F 142 -30.51 -67.70 -11.71
CA GLU F 142 -30.57 -68.77 -12.71
C GLU F 142 -29.27 -68.89 -13.49
N LEU F 143 -28.57 -67.78 -13.72
CA LEU F 143 -27.26 -67.84 -14.35
C LEU F 143 -26.24 -68.53 -13.46
N ALA F 144 -26.32 -68.28 -12.15
CA ALA F 144 -25.43 -68.92 -11.20
C ALA F 144 -25.78 -70.40 -11.06
N VAL F 145 -24.78 -71.18 -10.64
CA VAL F 145 -24.87 -72.64 -10.57
C VAL F 145 -24.88 -73.07 -9.11
N ASP F 146 -25.33 -74.31 -8.89
CA ASP F 146 -25.44 -74.91 -7.56
C ASP F 146 -24.25 -75.83 -7.31
N ILE F 147 -23.07 -75.48 -7.83
CA ILE F 147 -21.92 -76.36 -7.94
C ILE F 147 -21.47 -76.89 -6.58
N THR F 148 -21.31 -78.21 -6.48
CA THR F 148 -20.80 -78.88 -5.28
C THR F 148 -19.70 -79.89 -5.58
N SER F 149 -19.66 -80.46 -6.80
CA SER F 149 -18.65 -81.43 -7.16
C SER F 149 -17.29 -80.74 -7.30
N GLU F 150 -16.25 -81.55 -7.46
CA GLU F 150 -14.86 -81.11 -7.63
C GLU F 150 -14.27 -80.39 -6.40
N LYS F 151 -14.95 -80.45 -5.25
CA LYS F 151 -14.47 -79.83 -4.00
C LYS F 151 -14.17 -78.34 -4.14
N LEU F 158 -12.10 -71.75 -5.35
CA LEU F 158 -10.99 -71.28 -4.52
C LEU F 158 -9.78 -70.94 -5.38
N GLU F 159 -9.30 -71.92 -6.15
CA GLU F 159 -8.13 -71.70 -6.98
C GLU F 159 -8.45 -70.81 -8.18
N ARG F 160 -9.59 -71.06 -8.85
CA ARG F 160 -9.94 -70.31 -10.04
C ARG F 160 -10.55 -68.95 -9.70
N CYS F 161 -11.27 -68.84 -8.59
CA CYS F 161 -11.89 -67.58 -8.20
C CYS F 161 -10.84 -66.53 -7.82
N ALA F 162 -9.70 -66.96 -7.27
CA ALA F 162 -8.66 -66.02 -6.88
C ALA F 162 -7.92 -65.43 -8.06
N ARG F 163 -7.83 -66.15 -9.19
CA ARG F 163 -7.11 -65.64 -10.34
C ARG F 163 -7.84 -64.45 -10.98
N THR F 164 -9.16 -64.47 -10.97
CA THR F 164 -9.95 -63.38 -11.56
C THR F 164 -10.03 -62.16 -10.66
N ALA F 165 -10.05 -62.34 -9.34
CA ALA F 165 -10.07 -61.23 -8.40
C ALA F 165 -8.77 -60.42 -8.40
N MET F 166 -7.66 -61.05 -8.75
CA MET F 166 -6.37 -60.36 -8.84
C MET F 166 -6.17 -59.59 -10.14
N SER F 167 -7.16 -59.57 -11.03
CA SER F 167 -7.02 -58.91 -12.32
C SER F 167 -6.98 -57.39 -12.16
N SER F 168 -6.57 -56.72 -13.23
CA SER F 168 -6.54 -55.26 -13.34
C SER F 168 -5.52 -54.61 -12.40
N LYS F 169 -4.53 -55.35 -11.93
CA LYS F 169 -3.53 -54.80 -11.03
C LYS F 169 -2.29 -55.70 -11.11
N LEU F 170 -1.39 -55.57 -10.13
CA LEU F 170 -0.02 -56.01 -10.27
C LEU F 170 0.09 -57.54 -10.37
N ILE F 171 -0.44 -58.23 -9.37
CA ILE F 171 -0.15 -59.66 -9.17
C ILE F 171 -0.93 -60.60 -10.09
N HIS F 172 -1.68 -60.05 -11.05
CA HIS F 172 -2.40 -60.90 -12.00
C HIS F 172 -1.45 -61.78 -12.81
N ASN F 173 -0.33 -61.24 -13.28
CA ASN F 173 0.64 -62.03 -14.02
C ASN F 173 1.38 -63.04 -13.14
N ASN F 174 1.56 -62.74 -11.85
CA ASN F 174 2.18 -63.65 -10.89
C ASN F 174 1.14 -64.50 -10.16
N ALA F 175 -0.02 -64.75 -10.77
CA ALA F 175 -1.07 -65.54 -10.15
C ALA F 175 -0.69 -67.01 -9.97
N ASP F 176 0.30 -67.51 -10.72
CA ASP F 176 0.71 -68.90 -10.57
C ASP F 176 1.34 -69.20 -9.22
N PHE F 177 1.94 -68.20 -8.57
CA PHE F 177 2.63 -68.34 -7.29
C PHE F 177 1.82 -67.82 -6.12
N PHE F 178 1.08 -66.73 -6.31
CA PHE F 178 0.34 -66.11 -5.21
C PHE F 178 -0.97 -66.84 -4.92
N VAL F 179 -1.61 -67.42 -5.94
CA VAL F 179 -2.89 -68.10 -5.72
C VAL F 179 -2.68 -69.43 -5.00
N LYS F 180 -1.50 -70.06 -5.17
CA LYS F 180 -1.25 -71.34 -4.52
C LYS F 180 -1.22 -71.20 -3.00
N MET F 181 -0.65 -70.10 -2.49
CA MET F 181 -0.59 -69.82 -1.06
C MET F 181 -1.75 -68.97 -0.56
N CYS F 182 -2.41 -68.20 -1.44
CA CYS F 182 -3.55 -67.40 -1.02
C CYS F 182 -4.77 -68.28 -0.69
N VAL F 183 -4.93 -69.41 -1.39
CA VAL F 183 -6.02 -70.31 -1.08
C VAL F 183 -5.83 -70.93 0.30
N ASP F 184 -4.58 -71.20 0.68
CA ASP F 184 -4.29 -71.72 2.00
C ASP F 184 -4.51 -70.70 3.12
N ALA F 185 -4.66 -69.42 2.80
CA ALA F 185 -4.88 -68.41 3.84
C ALA F 185 -6.24 -68.58 4.49
N VAL F 186 -7.29 -68.79 3.69
CA VAL F 186 -8.66 -68.91 4.23
C VAL F 186 -8.97 -70.30 4.73
N LEU F 187 -8.29 -71.34 4.25
CA LEU F 187 -8.51 -72.68 4.74
C LEU F 187 -8.12 -72.84 6.21
N SER F 188 -7.18 -72.03 6.69
CA SER F 188 -6.86 -72.03 8.12
C SER F 188 -8.02 -71.53 8.96
N LEU F 189 -8.85 -70.63 8.42
CA LEU F 189 -10.00 -70.12 9.14
C LEU F 189 -11.14 -71.13 9.07
N ASP F 190 -11.78 -71.37 10.21
CA ASP F 190 -12.89 -72.31 10.31
C ASP F 190 -14.19 -71.60 9.93
N ARG F 191 -15.29 -72.35 9.94
CA ARG F 191 -16.58 -71.82 9.54
C ARG F 191 -17.18 -70.94 10.63
N ASN F 192 -17.93 -69.92 10.20
CA ASN F 192 -18.76 -69.04 11.02
C ASN F 192 -17.98 -68.02 11.84
N ASP F 193 -16.64 -68.03 11.82
CA ASP F 193 -15.82 -67.02 12.50
C ASP F 193 -15.33 -65.95 11.52
N LEU F 194 -14.51 -66.35 10.55
CA LEU F 194 -14.04 -65.52 9.44
C LEU F 194 -13.44 -64.19 9.93
N ASP F 195 -12.46 -64.29 10.82
CA ASP F 195 -11.86 -63.10 11.42
C ASP F 195 -10.91 -62.45 10.42
N ASP F 196 -11.14 -61.18 10.11
CA ASP F 196 -10.32 -60.44 9.16
C ASP F 196 -9.00 -59.97 9.76
N LYS F 197 -8.95 -59.70 11.06
CA LYS F 197 -7.72 -59.25 11.70
C LYS F 197 -6.65 -60.32 11.74
N LEU F 198 -7.01 -61.59 11.64
CA LEU F 198 -6.00 -62.65 11.57
C LEU F 198 -5.21 -62.64 10.27
N ILE F 199 -5.75 -62.02 9.21
CA ILE F 199 -5.06 -61.89 7.93
C ILE F 199 -4.32 -60.55 7.85
N GLY F 200 -3.98 -59.95 9.00
CA GLY F 200 -3.22 -58.72 9.02
C GLY F 200 -1.81 -58.93 8.51
N ILE F 201 -1.41 -58.13 7.52
CA ILE F 201 -0.09 -58.19 6.89
C ILE F 201 0.52 -56.79 6.95
N LYS F 202 1.83 -56.76 7.13
CA LYS F 202 2.59 -55.54 7.43
C LYS F 202 3.42 -55.13 6.22
N LYS F 203 4.09 -53.99 6.34
CA LYS F 203 4.88 -53.39 5.28
C LYS F 203 6.36 -53.65 5.53
N ILE F 204 7.10 -53.93 4.44
CA ILE F 204 8.53 -54.14 4.48
C ILE F 204 9.11 -53.39 3.29
N PRO F 205 9.53 -52.13 3.44
CA PRO F 205 10.19 -51.46 2.30
C PRO F 205 11.55 -52.08 2.02
N GLY F 206 11.70 -52.62 0.81
CA GLY F 206 12.91 -53.32 0.38
C GLY F 206 12.65 -54.77 0.03
N GLY F 207 13.32 -55.25 -1.01
CA GLY F 207 13.22 -56.63 -1.45
C GLY F 207 12.50 -56.76 -2.77
N ALA F 208 12.36 -58.01 -3.21
CA ALA F 208 11.67 -58.39 -4.43
C ALA F 208 10.50 -59.30 -4.10
N MET F 209 9.38 -59.07 -4.79
CA MET F 209 8.13 -59.78 -4.49
C MET F 209 8.22 -61.29 -4.72
N GLU F 210 9.13 -61.75 -5.58
CA GLU F 210 9.23 -63.17 -5.88
C GLU F 210 9.75 -64.00 -4.71
N GLU F 211 10.55 -63.41 -3.82
CA GLU F 211 11.18 -64.12 -2.72
C GLU F 211 10.26 -64.29 -1.50
N SER F 212 8.98 -63.94 -1.61
CA SER F 212 8.06 -64.14 -0.50
C SER F 212 7.82 -65.63 -0.27
N LEU F 213 7.26 -65.96 0.89
CA LEU F 213 6.98 -67.33 1.27
C LEU F 213 5.78 -67.38 2.20
N PHE F 214 5.22 -68.58 2.35
CA PHE F 214 4.03 -68.80 3.16
C PHE F 214 4.46 -69.08 4.60
N ILE F 215 3.71 -68.53 5.55
CA ILE F 215 4.02 -68.59 6.98
C ILE F 215 2.78 -69.10 7.70
N ASN F 216 2.97 -70.10 8.56
CA ASN F 216 1.88 -70.68 9.35
C ASN F 216 1.59 -69.90 10.64
N GLY F 217 2.22 -68.75 10.86
CA GLY F 217 2.04 -67.98 12.08
C GLY F 217 2.15 -66.48 11.87
N VAL F 218 2.78 -65.80 12.83
CA VAL F 218 2.86 -64.34 12.86
C VAL F 218 4.32 -63.92 12.73
N ALA F 219 4.52 -62.68 12.28
CA ALA F 219 5.84 -62.07 12.17
C ALA F 219 5.70 -60.58 12.44
N PHE F 220 6.15 -60.14 13.61
CA PHE F 220 5.93 -58.79 14.11
C PHE F 220 7.25 -58.11 14.40
N LYS F 221 7.29 -56.80 14.14
CA LYS F 221 8.49 -56.00 14.35
C LYS F 221 8.66 -55.72 15.84
N LYS F 222 9.91 -55.82 16.31
CA LYS F 222 10.21 -55.54 17.71
C LYS F 222 10.07 -54.06 18.05
N THR F 223 10.50 -53.17 17.15
CA THR F 223 10.38 -51.72 17.30
C THR F 223 11.17 -51.16 18.48
N PHE F 224 12.13 -51.90 19.02
CA PHE F 224 12.94 -51.41 20.12
C PHE F 224 14.14 -52.33 20.30
N SER F 225 15.29 -51.72 20.57
CA SER F 225 16.55 -52.43 20.80
C SER F 225 16.83 -52.46 22.29
N TYR F 226 16.79 -53.65 22.88
CA TYR F 226 17.03 -53.85 24.30
C TYR F 226 18.53 -54.04 24.56
N ALA F 227 18.91 -53.90 25.82
CA ALA F 227 20.31 -54.02 26.21
C ALA F 227 20.83 -55.45 26.16
N GLY F 228 19.96 -56.43 26.43
CA GLY F 228 20.32 -57.84 26.43
C GLY F 228 19.61 -58.63 25.34
N PHE F 229 19.44 -58.02 24.18
CA PHE F 229 18.73 -58.68 23.08
C PHE F 229 19.63 -59.69 22.38
N GLU F 230 20.89 -59.34 22.13
CA GLU F 230 21.80 -60.23 21.43
C GLU F 230 22.22 -61.45 22.25
N GLN F 231 22.17 -61.36 23.58
CA GLN F 231 22.57 -62.49 24.42
C GLN F 231 21.64 -63.68 24.29
N GLN F 232 20.37 -63.47 23.97
CA GLN F 232 19.41 -64.56 23.90
C GLN F 232 19.68 -65.41 22.65
N PRO F 233 19.38 -66.72 22.67
CA PRO F 233 19.50 -67.49 21.43
C PRO F 233 18.36 -67.17 20.47
N LYS F 234 18.69 -67.21 19.18
CA LYS F 234 17.71 -66.98 18.12
C LYS F 234 17.00 -68.25 17.66
N LYS F 235 17.42 -69.43 18.11
CA LYS F 235 16.91 -70.71 17.62
C LYS F 235 16.58 -71.60 18.81
N PHE F 236 15.28 -71.90 18.98
CA PHE F 236 14.78 -72.83 19.97
C PHE F 236 14.17 -74.02 19.26
N ASN F 237 14.50 -75.23 19.72
CA ASN F 237 13.99 -76.44 19.09
C ASN F 237 12.53 -76.69 19.47
N ASN F 238 12.19 -76.49 20.75
CA ASN F 238 10.84 -76.74 21.28
C ASN F 238 10.42 -75.50 22.08
N PRO F 239 10.14 -74.39 21.41
CA PRO F 239 9.75 -73.18 22.14
C PRO F 239 8.36 -73.28 22.73
N LYS F 240 8.11 -72.45 23.75
CA LYS F 240 6.84 -72.35 24.43
C LYS F 240 6.48 -70.89 24.60
N ILE F 241 5.28 -70.51 24.12
CA ILE F 241 4.85 -69.12 24.08
C ILE F 241 3.92 -68.87 25.26
N LEU F 242 4.13 -67.74 25.93
CA LEU F 242 3.27 -67.28 27.02
C LEU F 242 3.06 -65.78 26.88
N SER F 243 1.80 -65.37 26.78
CA SER F 243 1.44 -63.97 26.62
C SER F 243 1.21 -63.33 27.98
N LEU F 244 1.82 -62.17 28.18
CA LEU F 244 1.73 -61.40 29.42
C LEU F 244 1.09 -60.06 29.13
N ASN F 245 0.67 -59.38 30.21
CA ASN F 245 0.17 -58.02 30.16
C ASN F 245 0.74 -57.12 31.25
N VAL F 246 1.33 -57.68 32.30
CA VAL F 246 1.91 -56.88 33.37
C VAL F 246 3.19 -56.22 32.89
N GLU F 247 3.47 -55.02 33.39
CA GLU F 247 4.65 -54.26 33.00
C GLU F 247 5.83 -54.72 33.84
N LEU F 248 6.84 -55.30 33.19
CA LEU F 248 7.99 -55.90 33.86
C LEU F 248 9.13 -54.87 33.88
N GLU F 249 9.04 -53.94 34.82
CA GLU F 249 10.13 -53.00 35.06
C GLU F 249 9.93 -52.39 36.44
N LEU F 250 11.00 -51.76 36.94
CA LEU F 250 10.99 -51.14 38.27
C LEU F 250 10.38 -49.75 38.12
N LYS F 251 9.18 -49.57 38.67
CA LYS F 251 8.47 -48.30 38.62
C LYS F 251 7.39 -48.32 39.69
N ALA F 252 6.49 -47.34 39.64
CA ALA F 252 5.35 -47.31 40.54
C ALA F 252 4.43 -48.51 40.29
N GLU F 253 3.83 -49.01 41.35
CA GLU F 253 3.07 -50.26 41.26
C GLU F 253 1.69 -50.03 40.63
N LYS F 254 0.86 -49.22 41.28
CA LYS F 254 -0.55 -49.02 40.87
C LYS F 254 -0.87 -47.52 40.91
N ASP F 255 -0.55 -46.83 39.80
CA ASP F 255 -0.95 -45.46 39.48
C ASP F 255 -0.69 -44.40 40.56
N ASN F 256 0.20 -44.67 41.50
CA ASN F 256 0.48 -43.74 42.59
C ASN F 256 1.88 -43.99 43.12
N ALA F 257 2.41 -42.99 43.83
CA ALA F 257 3.77 -43.05 44.36
C ALA F 257 3.83 -42.17 45.60
N GLU F 258 3.80 -42.80 46.77
CA GLU F 258 3.97 -42.07 48.04
C GLU F 258 4.33 -43.11 49.10
N VAL F 259 5.52 -42.97 49.68
CA VAL F 259 6.07 -43.92 50.65
C VAL F 259 6.69 -43.13 51.78
N ARG F 260 6.10 -43.25 52.98
CA ARG F 260 6.63 -42.65 54.19
C ARG F 260 7.53 -43.66 54.89
N VAL F 261 8.70 -43.19 55.34
CA VAL F 261 9.66 -44.01 56.08
C VAL F 261 10.20 -43.16 57.22
N GLU F 262 10.10 -43.65 58.45
CA GLU F 262 10.57 -42.96 59.64
C GLU F 262 11.98 -43.35 60.04
N HIS F 263 12.26 -44.64 60.16
CA HIS F 263 13.56 -45.15 60.58
C HIS F 263 14.43 -45.39 59.35
N VAL F 264 15.73 -45.10 59.48
CA VAL F 264 16.65 -45.31 58.37
C VAL F 264 16.98 -46.78 58.16
N GLU F 265 16.83 -47.61 59.20
CA GLU F 265 17.07 -49.05 59.03
C GLU F 265 16.02 -49.68 58.12
N ASP F 266 14.78 -49.23 58.24
CA ASP F 266 13.71 -49.70 57.35
C ASP F 266 13.81 -49.09 55.96
N TYR F 267 14.52 -47.97 55.80
CA TYR F 267 14.70 -47.37 54.48
C TYR F 267 15.51 -48.28 53.57
N GLN F 268 16.43 -49.08 54.12
CA GLN F 268 17.15 -50.06 53.33
C GLN F 268 16.25 -51.24 52.98
N ALA F 269 15.34 -51.62 53.88
CA ALA F 269 14.50 -52.79 53.66
C ALA F 269 13.40 -52.52 52.63
N ILE F 270 12.83 -51.31 52.60
CA ILE F 270 11.76 -51.02 51.66
C ILE F 270 12.30 -51.00 50.22
N VAL F 271 13.58 -50.62 50.04
CA VAL F 271 14.16 -50.67 48.71
C VAL F 271 14.44 -52.11 48.31
N ASP F 272 14.95 -52.91 49.24
CA ASP F 272 15.18 -54.33 48.95
C ASP F 272 13.87 -55.07 48.72
N ALA F 273 12.77 -54.63 49.34
CA ALA F 273 11.48 -55.24 49.08
C ALA F 273 11.04 -55.01 47.63
N GLU F 274 11.29 -53.80 47.10
CA GLU F 274 10.97 -53.55 45.70
C GLU F 274 11.83 -54.40 44.78
N TRP F 275 13.10 -54.57 45.13
CA TRP F 275 13.95 -55.49 44.37
C TRP F 275 13.55 -56.94 44.61
N GLN F 276 12.94 -57.24 45.77
CA GLN F 276 12.52 -58.61 46.04
C GLN F 276 11.28 -58.98 45.24
N LEU F 277 10.29 -58.09 45.19
CA LEU F 277 9.03 -58.41 44.51
C LEU F 277 9.18 -58.41 43.00
N ILE F 278 10.09 -57.60 42.45
CA ILE F 278 10.23 -57.55 40.99
C ILE F 278 10.88 -58.83 40.47
N PHE F 279 11.84 -59.39 41.21
CA PHE F 279 12.36 -60.71 40.86
C PHE F 279 11.37 -61.82 41.21
N GLU F 280 10.54 -61.61 42.24
CA GLU F 280 9.46 -62.55 42.50
C GLU F 280 8.45 -62.54 41.37
N LYS F 281 8.22 -61.37 40.77
CA LYS F 281 7.36 -61.30 39.59
C LYS F 281 8.01 -61.97 38.39
N LEU F 282 9.33 -61.84 38.25
CA LEU F 282 10.04 -62.47 37.13
C LEU F 282 10.30 -63.96 37.38
N ARG F 283 10.51 -64.35 38.64
CA ARG F 283 10.78 -65.76 38.92
C ARG F 283 9.56 -66.64 38.68
N GLN F 284 8.36 -66.11 38.92
CA GLN F 284 7.15 -66.85 38.58
C GLN F 284 7.02 -67.07 37.08
N VAL F 285 7.53 -66.15 36.27
CA VAL F 285 7.57 -66.35 34.82
C VAL F 285 8.66 -67.35 34.45
N GLU F 286 9.74 -67.42 35.24
CA GLU F 286 10.85 -68.32 34.93
C GLU F 286 10.50 -69.76 35.31
N GLU F 287 9.78 -69.96 36.41
CA GLU F 287 9.53 -71.31 36.93
C GLU F 287 8.65 -72.14 36.02
N THR F 288 7.74 -71.52 35.26
CA THR F 288 6.86 -72.25 34.36
C THR F 288 7.54 -72.65 33.05
N GLY F 289 8.73 -72.13 32.76
CA GLY F 289 9.45 -72.50 31.56
C GLY F 289 8.98 -71.79 30.31
N ALA F 290 8.57 -70.54 30.42
CA ALA F 290 8.15 -69.75 29.27
C ALA F 290 9.37 -69.20 28.56
N ASN F 291 9.66 -69.72 27.37
CA ASN F 291 10.83 -69.30 26.62
C ASN F 291 10.61 -67.98 25.89
N ILE F 292 9.40 -67.74 25.38
CA ILE F 292 9.02 -66.51 24.69
C ILE F 292 8.11 -65.73 25.63
N VAL F 293 8.44 -64.45 25.84
CA VAL F 293 7.67 -63.53 26.68
C VAL F 293 7.23 -62.38 25.79
N LEU F 294 5.94 -62.03 25.86
CA LEU F 294 5.36 -60.96 25.08
C LEU F 294 4.41 -60.15 25.95
N SER F 295 4.43 -58.83 25.78
CA SER F 295 3.62 -57.93 26.58
C SER F 295 3.31 -56.68 25.76
N LYS F 296 2.07 -56.19 25.88
CA LYS F 296 1.70 -54.95 25.22
C LYS F 296 2.46 -53.78 25.80
N LEU F 297 2.55 -53.69 27.12
CA LEU F 297 3.25 -52.59 27.76
C LEU F 297 4.76 -52.74 27.58
N PRO F 298 5.55 -51.69 27.85
CA PRO F 298 7.00 -51.83 27.70
C PRO F 298 7.59 -52.80 28.72
N ILE F 299 8.78 -53.31 28.38
CA ILE F 299 9.57 -54.19 29.25
C ILE F 299 10.89 -53.48 29.50
N GLY F 300 11.26 -53.36 30.78
CA GLY F 300 12.44 -52.62 31.15
C GLY F 300 13.73 -53.39 30.90
N ASP F 301 14.85 -52.68 31.11
CA ASP F 301 16.15 -53.30 30.94
C ASP F 301 16.46 -54.29 32.04
N LEU F 302 15.86 -54.12 33.23
CA LEU F 302 16.10 -55.04 34.32
C LEU F 302 15.53 -56.42 34.02
N ALA F 303 14.35 -56.47 33.41
CA ALA F 303 13.71 -57.75 33.15
C ALA F 303 14.37 -58.49 31.99
N THR F 304 14.64 -57.78 30.89
CA THR F 304 15.19 -58.44 29.70
C THR F 304 16.60 -58.97 29.92
N GLN F 305 17.37 -58.37 30.84
CA GLN F 305 18.68 -58.91 31.19
C GLN F 305 18.57 -60.10 32.12
N PHE F 306 17.55 -60.14 32.99
CA PHE F 306 17.32 -61.33 33.80
C PHE F 306 16.93 -62.52 32.92
N PHE F 307 16.09 -62.29 31.91
CA PHE F 307 15.75 -63.32 30.95
C PHE F 307 16.92 -63.66 30.01
N ALA F 308 17.84 -62.73 29.80
CA ALA F 308 18.93 -62.95 28.84
C ALA F 308 19.97 -63.93 29.35
N ASP F 309 20.09 -64.13 30.66
CA ASP F 309 21.14 -64.99 31.19
C ASP F 309 20.86 -66.46 30.91
N ARG F 310 19.64 -66.92 31.20
CA ARG F 310 19.27 -68.33 31.15
C ARG F 310 18.46 -68.68 29.90
N ASN F 311 18.75 -68.01 28.77
CA ASN F 311 18.22 -68.38 27.45
C ASN F 311 16.69 -68.28 27.41
N ILE F 312 16.18 -67.07 27.61
CA ILE F 312 14.74 -66.78 27.58
C ILE F 312 14.55 -65.52 26.75
N PHE F 313 13.91 -65.67 25.59
CA PHE F 313 13.66 -64.55 24.70
C PHE F 313 12.45 -63.75 25.18
N CYS F 314 12.50 -62.44 24.96
CA CYS F 314 11.41 -61.55 25.33
C CYS F 314 11.30 -60.43 24.30
N ALA F 315 10.13 -59.82 24.23
CA ALA F 315 9.87 -58.72 23.31
C ALA F 315 8.69 -57.92 23.82
N GLY F 316 8.58 -56.68 23.34
CA GLY F 316 7.51 -55.79 23.72
C GLY F 316 7.21 -54.74 22.66
N ARG F 317 6.47 -53.70 23.04
CA ARG F 317 6.07 -52.61 22.14
C ARG F 317 5.28 -53.14 20.96
N VAL F 318 4.23 -53.91 21.24
CA VAL F 318 3.34 -54.47 20.23
C VAL F 318 1.91 -54.02 20.52
N SER F 319 1.11 -53.96 19.47
CA SER F 319 -0.26 -53.46 19.57
C SER F 319 -1.20 -54.58 20.05
N ALA F 320 -2.42 -54.18 20.40
CA ALA F 320 -3.41 -55.14 20.85
C ALA F 320 -3.92 -56.00 19.71
N ASP F 321 -4.03 -55.43 18.51
CA ASP F 321 -4.42 -56.22 17.35
C ASP F 321 -3.38 -57.28 17.01
N ASP F 322 -2.09 -56.99 17.24
CA ASP F 322 -1.05 -57.97 17.03
C ASP F 322 -1.08 -59.04 18.12
N MET F 323 -1.42 -58.64 19.35
CA MET F 323 -1.47 -59.60 20.45
C MET F 323 -2.61 -60.59 20.27
N ASN F 324 -3.77 -60.12 19.80
CA ASN F 324 -4.89 -61.01 19.53
C ASN F 324 -4.58 -62.00 18.42
N ARG F 325 -3.73 -61.62 17.47
CA ARG F 325 -3.31 -62.56 16.43
C ARG F 325 -2.31 -63.59 16.96
N VAL F 326 -1.56 -63.24 18.02
CA VAL F 326 -0.59 -64.17 18.58
C VAL F 326 -1.30 -65.30 19.34
N ILE F 327 -2.41 -64.98 20.01
CA ILE F 327 -3.10 -65.99 20.81
C ILE F 327 -3.74 -67.04 19.90
N GLN F 328 -4.43 -66.60 18.85
CA GLN F 328 -5.08 -67.54 17.95
C GLN F 328 -4.09 -68.34 17.12
N ALA F 329 -2.87 -67.84 16.92
CA ALA F 329 -1.85 -68.60 16.21
C ALA F 329 -1.29 -69.73 17.08
N VAL F 330 -0.85 -69.40 18.30
CA VAL F 330 -0.30 -70.39 19.22
C VAL F 330 -1.39 -71.16 19.96
N GLY F 331 -2.60 -70.63 20.06
CA GLY F 331 -3.67 -71.31 20.77
C GLY F 331 -3.60 -71.22 22.27
N GLY F 332 -2.97 -70.18 22.81
CA GLY F 332 -2.85 -69.96 24.24
C GLY F 332 -3.93 -69.06 24.79
N SER F 333 -3.54 -68.21 25.73
CA SER F 333 -4.46 -67.26 26.34
C SER F 333 -3.66 -66.10 26.89
N ILE F 334 -4.37 -65.06 27.32
CA ILE F 334 -3.78 -63.86 27.91
C ILE F 334 -3.80 -64.04 29.42
N GLN F 335 -2.67 -63.71 30.07
CA GLN F 335 -2.53 -63.77 31.53
C GLN F 335 -1.89 -62.47 32.00
N SER F 336 -2.68 -61.62 32.63
CA SER F 336 -2.21 -60.34 33.16
C SER F 336 -1.73 -60.44 34.61
N THR F 337 -1.39 -61.63 35.09
CA THR F 337 -0.91 -61.84 36.45
C THR F 337 0.04 -63.03 36.47
N THR F 338 1.19 -62.86 37.11
CA THR F 338 2.21 -63.90 37.11
C THR F 338 1.90 -65.03 38.07
N SER F 339 1.09 -64.80 39.10
CA SER F 339 0.79 -65.83 40.08
C SER F 339 -0.16 -66.90 39.56
N ASP F 340 -1.06 -66.55 38.63
CA ASP F 340 -2.06 -67.48 38.12
C ASP F 340 -1.60 -68.20 36.85
N ILE F 341 -0.29 -68.29 36.63
CA ILE F 341 0.26 -68.97 35.45
C ILE F 341 0.28 -70.47 35.74
N LYS F 342 -0.19 -71.26 34.77
CA LYS F 342 -0.22 -72.71 34.81
C LYS F 342 0.46 -73.27 33.56
N PRO F 343 0.87 -74.55 33.55
CA PRO F 343 1.54 -75.06 32.35
C PRO F 343 0.61 -75.26 31.15
N GLU F 344 -0.67 -75.54 31.38
CA GLU F 344 -1.56 -75.91 30.28
C GLU F 344 -1.87 -74.76 29.32
N HIS F 345 -1.84 -73.52 29.78
CA HIS F 345 -2.20 -72.38 28.95
C HIS F 345 -1.07 -71.88 28.05
N LEU F 346 0.07 -72.57 28.02
CA LEU F 346 1.21 -72.15 27.21
C LEU F 346 1.06 -72.71 25.80
N GLY F 347 1.23 -71.84 24.80
CA GLY F 347 1.21 -72.26 23.41
C GLY F 347 2.56 -72.81 22.98
N THR F 348 2.53 -73.60 21.91
CA THR F 348 3.71 -74.25 21.35
C THR F 348 3.66 -74.21 19.84
N CYS F 349 4.83 -74.41 19.23
CA CYS F 349 4.95 -74.50 17.78
C CYS F 349 6.15 -75.41 17.47
N ALA F 350 6.49 -75.51 16.19
CA ALA F 350 7.55 -76.42 15.77
C ALA F 350 8.93 -75.87 16.10
N LEU F 351 9.24 -74.66 15.63
CA LEU F 351 10.55 -74.08 15.78
C LEU F 351 10.45 -72.57 15.75
N PHE F 352 11.59 -71.92 16.01
CA PHE F 352 11.68 -70.47 16.09
C PHE F 352 12.99 -70.03 15.44
N GLU F 353 12.95 -68.95 14.67
CA GLU F 353 14.14 -68.44 14.00
C GLU F 353 13.90 -66.99 13.59
N GLU F 354 14.75 -66.10 14.08
CA GLU F 354 14.69 -64.68 13.74
C GLU F 354 15.60 -64.44 12.53
N MET F 355 15.02 -63.90 11.46
CA MET F 355 15.68 -63.77 10.16
C MET F 355 15.73 -62.31 9.75
N GLN F 356 16.77 -61.96 9.00
CA GLN F 356 16.95 -60.60 8.50
C GLN F 356 16.06 -60.40 7.28
N ILE F 357 15.13 -59.43 7.38
CA ILE F 357 14.14 -59.15 6.36
C ILE F 357 14.09 -57.63 6.18
N GLY F 358 14.73 -57.14 5.12
CA GLY F 358 14.66 -55.73 4.78
C GLY F 358 15.23 -54.79 5.82
N SER F 359 16.34 -55.17 6.44
CA SER F 359 16.96 -54.40 7.54
C SER F 359 16.00 -54.24 8.71
N GLU F 360 15.18 -55.26 8.97
CA GLU F 360 14.24 -55.26 10.07
C GLU F 360 14.09 -56.68 10.59
N ARG F 361 14.10 -56.82 11.92
CA ARG F 361 14.04 -58.11 12.58
C ARG F 361 12.58 -58.47 12.83
N TYR F 362 12.23 -59.73 12.56
CA TYR F 362 10.89 -60.25 12.78
C TYR F 362 10.97 -61.61 13.46
N ASN F 363 10.13 -61.81 14.47
CA ASN F 363 10.07 -63.06 15.23
C ASN F 363 9.07 -64.00 14.54
N LEU F 364 9.58 -65.05 13.93
CA LEU F 364 8.78 -65.97 13.13
C LEU F 364 8.28 -67.13 14.00
N PHE F 365 6.99 -67.45 13.86
CA PHE F 365 6.40 -68.67 14.40
C PHE F 365 5.81 -69.45 13.23
N GLN F 366 6.05 -70.76 13.21
CA GLN F 366 5.55 -71.60 12.13
C GLN F 366 5.58 -73.06 12.56
N GLY F 367 4.86 -73.88 11.80
CA GLY F 367 4.83 -75.32 12.04
C GLY F 367 3.86 -75.77 13.11
N CYS F 368 2.85 -74.96 13.44
CA CYS F 368 1.89 -75.37 14.45
C CYS F 368 0.99 -76.48 13.89
N PRO F 369 0.52 -77.42 14.71
CA PRO F 369 -0.42 -78.42 14.16
C PRO F 369 -1.76 -77.82 13.75
N GLN F 370 -2.24 -76.80 14.46
CA GLN F 370 -3.52 -76.16 14.19
C GLN F 370 -3.34 -74.66 14.37
N ALA F 371 -3.23 -73.94 13.25
CA ALA F 371 -3.01 -72.49 13.23
C ALA F 371 -4.22 -71.82 12.61
N LYS F 372 -4.74 -70.80 13.29
CA LYS F 372 -5.82 -69.96 12.78
C LYS F 372 -5.34 -68.76 11.97
N THR F 373 -4.02 -68.54 11.87
CA THR F 373 -3.45 -67.31 11.35
C THR F 373 -2.73 -67.58 10.05
N CYS F 374 -2.86 -66.65 9.10
CA CYS F 374 -2.03 -66.58 7.92
C CYS F 374 -1.54 -65.13 7.78
N THR F 375 -0.23 -64.95 7.81
CA THR F 375 0.39 -63.63 7.77
C THR F 375 1.68 -63.72 6.97
N LEU F 376 1.69 -63.11 5.78
CA LEU F 376 2.82 -63.13 4.87
C LEU F 376 3.50 -61.77 4.84
N LEU F 377 4.82 -61.78 4.67
CA LEU F 377 5.62 -60.57 4.60
C LEU F 377 5.65 -60.06 3.16
N LEU F 378 5.23 -58.81 2.97
CA LEU F 378 5.15 -58.19 1.65
C LEU F 378 6.40 -57.34 1.43
N ARG F 379 7.31 -57.84 0.61
CA ARG F 379 8.55 -57.16 0.24
C ARG F 379 8.47 -56.66 -1.19
N GLY F 380 8.98 -55.47 -1.43
CA GLY F 380 8.92 -54.87 -2.74
C GLY F 380 9.88 -53.69 -2.83
N GLY F 381 10.00 -53.17 -4.05
CA GLY F 381 10.93 -52.08 -4.30
C GLY F 381 10.45 -50.76 -3.74
N ALA F 382 9.36 -50.23 -4.29
CA ALA F 382 8.76 -48.99 -3.83
C ALA F 382 7.71 -49.28 -2.76
N GLU F 383 7.31 -48.24 -2.03
CA GLU F 383 6.26 -48.37 -1.02
C GLU F 383 4.88 -48.61 -1.64
N GLN F 384 4.68 -48.22 -2.90
CA GLN F 384 3.44 -48.51 -3.61
C GLN F 384 3.36 -49.94 -4.12
N VAL F 385 4.50 -50.59 -4.35
CA VAL F 385 4.49 -51.99 -4.78
C VAL F 385 3.96 -52.88 -3.66
N ILE F 386 4.51 -52.73 -2.46
CA ILE F 386 4.01 -53.47 -1.30
C ILE F 386 2.57 -53.10 -0.98
N ALA F 387 2.16 -51.85 -1.26
CA ALA F 387 0.78 -51.44 -1.03
C ALA F 387 -0.15 -52.08 -2.05
N GLU F 388 0.25 -52.12 -3.32
CA GLU F 388 -0.58 -52.73 -4.35
C GLU F 388 -0.71 -54.23 -4.15
N VAL F 389 0.36 -54.89 -3.68
CA VAL F 389 0.27 -56.31 -3.40
C VAL F 389 -0.65 -56.56 -2.21
N GLU F 390 -0.72 -55.61 -1.27
CA GLU F 390 -1.64 -55.76 -0.15
C GLU F 390 -3.09 -55.62 -0.60
N ARG F 391 -3.41 -54.56 -1.34
CA ARG F 391 -4.80 -54.33 -1.75
C ARG F 391 -5.28 -55.40 -2.73
N SER F 392 -4.38 -55.89 -3.59
CA SER F 392 -4.76 -56.96 -4.51
C SER F 392 -5.08 -58.25 -3.75
N LEU F 393 -4.28 -58.57 -2.74
CA LEU F 393 -4.55 -59.74 -1.92
C LEU F 393 -5.77 -59.53 -1.01
N HIS F 394 -5.95 -58.32 -0.50
CA HIS F 394 -7.11 -58.04 0.36
C HIS F 394 -8.41 -58.13 -0.42
N ASP F 395 -8.39 -57.79 -1.71
CA ASP F 395 -9.58 -57.96 -2.55
C ASP F 395 -9.79 -59.41 -2.94
N ALA F 396 -8.70 -60.16 -3.18
CA ALA F 396 -8.84 -61.56 -3.57
C ALA F 396 -9.21 -62.43 -2.38
N ILE F 397 -8.70 -62.10 -1.18
CA ILE F 397 -8.97 -62.93 -0.01
C ILE F 397 -10.43 -62.83 0.39
N MET F 398 -11.08 -61.69 0.14
CA MET F 398 -12.51 -61.58 0.44
C MET F 398 -13.34 -62.44 -0.49
N ILE F 399 -12.92 -62.59 -1.75
CA ILE F 399 -13.68 -63.39 -2.71
C ILE F 399 -13.65 -64.86 -2.33
N VAL F 400 -12.44 -65.41 -2.12
CA VAL F 400 -12.32 -66.80 -1.69
C VAL F 400 -12.82 -67.01 -0.26
N LYS F 401 -12.87 -65.96 0.55
CA LYS F 401 -13.52 -66.05 1.86
C LYS F 401 -15.01 -66.33 1.70
N ARG F 402 -15.71 -65.46 0.97
CA ARG F 402 -17.16 -65.61 0.81
C ARG F 402 -17.52 -66.73 -0.16
N ALA F 403 -16.58 -67.23 -0.96
CA ALA F 403 -16.84 -68.42 -1.75
C ALA F 403 -17.05 -69.65 -0.87
N LEU F 404 -16.38 -69.69 0.29
CA LEU F 404 -16.62 -70.76 1.25
C LEU F 404 -17.98 -70.63 1.92
N GLN F 405 -18.48 -69.41 2.07
CA GLN F 405 -19.80 -69.21 2.69
C GLN F 405 -20.90 -69.78 1.81
N ASN F 406 -20.79 -69.60 0.50
CA ASN F 406 -21.78 -70.11 -0.45
C ASN F 406 -21.12 -70.35 -1.79
N LYS F 407 -21.57 -71.40 -2.47
CA LYS F 407 -20.98 -71.87 -3.73
C LYS F 407 -21.90 -71.43 -4.88
N LEU F 408 -21.65 -70.21 -5.38
CA LEU F 408 -22.31 -69.68 -6.56
C LEU F 408 -21.24 -69.17 -7.52
N ILE F 409 -21.37 -69.53 -8.80
CA ILE F 409 -20.37 -69.23 -9.82
C ILE F 409 -21.11 -68.76 -11.06
N VAL F 410 -20.69 -67.62 -11.61
CA VAL F 410 -21.23 -67.08 -12.85
C VAL F 410 -20.08 -66.80 -13.81
N ALA F 411 -20.42 -66.68 -15.10
CA ALA F 411 -19.42 -66.46 -16.13
C ALA F 411 -18.94 -65.02 -16.12
N GLY F 412 -17.62 -64.85 -16.15
CA GLY F 412 -17.02 -63.54 -16.18
C GLY F 412 -16.85 -63.02 -17.60
N GLY F 413 -15.99 -62.01 -17.73
CA GLY F 413 -15.74 -61.39 -19.03
C GLY F 413 -16.95 -60.70 -19.61
N GLY F 414 -17.77 -60.07 -18.77
CA GLY F 414 -18.95 -59.39 -19.23
C GLY F 414 -20.06 -60.29 -19.74
N ALA F 415 -20.03 -61.59 -19.41
CA ALA F 415 -21.06 -62.51 -19.88
C ALA F 415 -22.37 -62.38 -19.12
N THR F 416 -22.32 -61.93 -17.86
CA THR F 416 -23.55 -61.82 -17.07
C THR F 416 -24.43 -60.68 -17.59
N GLU F 417 -23.82 -59.59 -18.05
CA GLU F 417 -24.60 -58.43 -18.48
C GLU F 417 -25.35 -58.71 -19.78
N MET F 418 -24.78 -59.50 -20.68
CA MET F 418 -25.43 -59.74 -21.96
C MET F 418 -26.62 -60.68 -21.82
N GLU F 419 -26.48 -61.72 -21.00
CA GLU F 419 -27.58 -62.68 -20.83
C GLU F 419 -28.76 -62.04 -20.11
N VAL F 420 -28.50 -61.16 -19.15
CA VAL F 420 -29.57 -60.45 -18.46
C VAL F 420 -30.23 -59.45 -19.40
N SER F 421 -29.44 -58.82 -20.28
CA SER F 421 -29.98 -57.81 -21.17
C SER F 421 -30.90 -58.40 -22.23
N LYS F 422 -30.65 -59.66 -22.64
CA LYS F 422 -31.48 -60.26 -23.67
C LYS F 422 -32.89 -60.54 -23.15
N CYS F 423 -33.01 -61.03 -21.92
CA CYS F 423 -34.33 -61.28 -21.35
C CYS F 423 -35.07 -60.00 -21.04
N LEU F 424 -34.35 -58.93 -20.69
CA LEU F 424 -35.00 -57.64 -20.49
C LEU F 424 -35.56 -57.09 -21.80
N ARG F 425 -34.85 -57.32 -22.91
CA ARG F 425 -35.39 -56.94 -24.22
C ARG F 425 -36.63 -57.75 -24.57
N ASP F 426 -36.66 -59.02 -24.17
CA ASP F 426 -37.86 -59.82 -24.38
C ASP F 426 -38.98 -59.39 -23.45
N TYR F 427 -38.64 -59.05 -22.20
CA TYR F 427 -39.65 -58.58 -21.25
C TYR F 427 -40.21 -57.22 -21.66
N SER F 428 -39.37 -56.35 -22.23
CA SER F 428 -39.84 -55.05 -22.70
C SER F 428 -40.64 -55.17 -24.00
N LYS F 429 -40.32 -56.17 -24.82
CA LYS F 429 -41.04 -56.38 -26.07
C LYS F 429 -42.50 -56.75 -25.83
N THR F 430 -42.80 -57.38 -24.69
CA THR F 430 -44.12 -57.95 -24.48
C THR F 430 -45.15 -56.91 -24.06
N ILE F 431 -44.88 -56.20 -22.95
CA ILE F 431 -45.94 -55.57 -22.16
C ILE F 431 -45.76 -54.06 -21.99
N ALA F 432 -46.90 -53.36 -21.87
CA ALA F 432 -47.04 -52.05 -21.24
C ALA F 432 -46.58 -50.86 -22.06
N GLY F 433 -45.88 -51.07 -23.19
CA GLY F 433 -45.69 -50.00 -24.14
C GLY F 433 -44.77 -48.87 -23.69
N LYS F 434 -45.24 -48.09 -22.70
CA LYS F 434 -44.55 -46.90 -22.22
C LYS F 434 -43.15 -47.22 -21.70
N GLN F 435 -43.04 -48.21 -20.81
CA GLN F 435 -41.75 -48.58 -20.23
C GLN F 435 -40.88 -49.44 -21.15
N GLN F 436 -41.30 -49.66 -22.41
CA GLN F 436 -40.47 -50.41 -23.35
C GLN F 436 -39.18 -49.65 -23.66
N MET F 437 -39.28 -48.32 -23.78
CA MET F 437 -38.08 -47.51 -24.04
C MET F 437 -37.16 -47.49 -22.83
N ILE F 438 -37.73 -47.46 -21.63
CA ILE F 438 -36.91 -47.34 -20.43
C ILE F 438 -36.16 -48.64 -20.16
N ILE F 439 -36.83 -49.78 -20.31
CA ILE F 439 -36.20 -51.06 -20.00
C ILE F 439 -35.14 -51.38 -21.06
N ASN F 440 -35.44 -51.12 -22.33
CA ASN F 440 -34.44 -51.30 -23.38
C ASN F 440 -33.28 -50.32 -23.21
N ALA F 441 -33.56 -49.13 -22.69
CA ALA F 441 -32.48 -48.20 -22.36
C ALA F 441 -31.65 -48.74 -21.21
N PHE F 442 -32.28 -49.36 -20.23
CA PHE F 442 -31.54 -50.04 -19.17
C PHE F 442 -30.79 -51.25 -19.70
N ALA F 443 -31.30 -51.89 -20.76
CA ALA F 443 -30.64 -53.08 -21.29
C ALA F 443 -29.31 -52.72 -21.95
N LYS F 444 -29.33 -51.81 -22.92
CA LYS F 444 -28.10 -51.40 -23.59
C LYS F 444 -27.17 -50.60 -22.69
N ALA F 445 -27.70 -49.94 -21.66
CA ALA F 445 -26.85 -49.28 -20.67
C ALA F 445 -26.15 -50.28 -19.76
N LEU F 446 -26.77 -51.44 -19.50
CA LEU F 446 -26.14 -52.48 -18.70
C LEU F 446 -24.96 -53.14 -19.42
N GLU F 447 -24.86 -53.00 -20.74
CA GLU F 447 -23.78 -53.60 -21.53
C GLU F 447 -22.51 -52.75 -21.54
N VAL F 448 -22.37 -51.77 -20.65
CA VAL F 448 -21.16 -50.94 -20.63
C VAL F 448 -19.94 -51.71 -20.13
N ILE F 449 -20.12 -52.78 -19.38
CA ILE F 449 -18.99 -53.53 -18.83
C ILE F 449 -18.25 -54.25 -19.95
N PRO F 450 -18.89 -55.05 -20.82
CA PRO F 450 -18.14 -55.60 -21.97
C PRO F 450 -17.81 -54.56 -23.03
N ARG F 451 -18.48 -53.40 -23.01
CA ARG F 451 -18.17 -52.33 -23.97
C ARG F 451 -16.75 -51.81 -23.76
N GLN F 452 -16.47 -51.29 -22.55
CA GLN F 452 -15.16 -50.74 -22.26
C GLN F 452 -14.11 -51.82 -22.03
N LEU F 453 -14.51 -53.04 -21.67
CA LEU F 453 -13.56 -54.12 -21.47
C LEU F 453 -12.80 -54.47 -22.74
N CYS F 454 -13.44 -54.32 -23.90
CA CYS F 454 -12.80 -54.57 -25.20
C CYS F 454 -12.14 -53.34 -25.79
N GLU F 455 -12.60 -52.14 -25.43
CA GLU F 455 -11.96 -50.92 -25.93
C GLU F 455 -10.55 -50.78 -25.37
N ASN F 456 -10.35 -51.13 -24.11
CA ASN F 456 -9.01 -51.15 -23.54
C ASN F 456 -8.11 -52.20 -24.16
N ALA F 457 -8.69 -53.30 -24.67
CA ALA F 457 -7.92 -54.32 -25.36
C ALA F 457 -7.48 -53.90 -26.77
N GLY F 458 -7.97 -52.77 -27.29
CA GLY F 458 -7.62 -52.32 -28.62
C GLY F 458 -8.46 -52.89 -29.74
N PHE F 459 -9.44 -53.75 -29.45
CA PHE F 459 -10.30 -54.32 -30.46
C PHE F 459 -11.46 -53.37 -30.76
N ASP F 460 -12.03 -53.52 -31.96
CA ASP F 460 -13.19 -52.73 -32.37
C ASP F 460 -14.43 -53.25 -31.67
N ALA F 461 -15.26 -52.33 -31.16
CA ALA F 461 -16.43 -52.72 -30.37
C ALA F 461 -17.59 -53.20 -31.24
N ILE F 462 -17.66 -52.78 -32.50
CA ILE F 462 -18.82 -53.12 -33.32
C ILE F 462 -18.79 -54.60 -33.68
N GLU F 463 -17.61 -55.12 -34.06
CA GLU F 463 -17.52 -56.53 -34.43
C GLU F 463 -17.73 -57.44 -33.22
N ILE F 464 -17.34 -56.97 -32.03
CA ILE F 464 -17.57 -57.74 -30.81
C ILE F 464 -19.05 -57.76 -30.48
N LEU F 465 -19.65 -56.58 -30.32
CA LEU F 465 -21.04 -56.46 -29.86
C LEU F 465 -22.04 -57.06 -30.84
N ASN F 466 -21.74 -57.09 -32.14
CA ASN F 466 -22.60 -57.78 -33.09
C ASN F 466 -22.50 -59.29 -32.96
N LYS F 467 -21.33 -59.79 -32.54
CA LYS F 467 -21.15 -61.23 -32.37
C LYS F 467 -21.79 -61.75 -31.09
N LEU F 468 -21.88 -60.91 -30.05
CA LEU F 468 -22.47 -61.37 -28.79
C LEU F 468 -23.96 -61.61 -28.92
N ARG F 469 -24.68 -60.69 -29.57
CA ARG F 469 -26.14 -60.76 -29.58
C ARG F 469 -26.65 -61.93 -30.42
N LEU F 470 -26.11 -62.11 -31.63
CA LEU F 470 -26.62 -63.13 -32.54
C LEU F 470 -26.16 -64.55 -32.21
N ALA F 471 -25.33 -64.74 -31.17
CA ALA F 471 -24.75 -66.03 -30.82
C ALA F 471 -25.11 -66.47 -29.40
N HIS F 472 -26.20 -65.94 -28.82
CA HIS F 472 -26.64 -66.35 -27.50
C HIS F 472 -27.45 -67.65 -27.52
N SER F 473 -27.92 -68.09 -28.69
CA SER F 473 -28.75 -69.29 -28.75
C SER F 473 -27.94 -70.55 -28.42
N LYS F 474 -26.81 -70.73 -29.08
CA LYS F 474 -25.88 -71.80 -28.74
C LYS F 474 -25.00 -71.44 -27.55
N GLY F 475 -24.67 -70.16 -27.38
CA GLY F 475 -24.07 -69.66 -26.17
C GLY F 475 -25.13 -69.30 -25.15
N GLU F 476 -25.76 -70.32 -24.57
CA GLU F 476 -26.94 -70.22 -23.68
C GLU F 476 -26.63 -69.26 -22.53
N LYS F 477 -25.55 -69.48 -21.77
CA LYS F 477 -25.25 -68.72 -20.56
C LYS F 477 -23.76 -68.41 -20.37
N TRP F 478 -22.87 -69.29 -20.81
CA TRP F 478 -21.43 -69.17 -20.58
C TRP F 478 -20.72 -68.53 -21.77
N TYR F 479 -21.38 -67.60 -22.45
CA TYR F 479 -20.87 -66.94 -23.65
C TYR F 479 -20.27 -65.59 -23.25
N GLY F 480 -18.98 -65.40 -23.52
CA GLY F 480 -18.31 -64.18 -23.16
C GLY F 480 -17.04 -63.96 -23.97
N VAL F 481 -16.31 -62.92 -23.58
CA VAL F 481 -15.14 -62.47 -24.33
C VAL F 481 -13.92 -63.27 -23.89
N VAL F 482 -13.00 -63.50 -24.82
CA VAL F 482 -11.72 -64.16 -24.56
C VAL F 482 -10.62 -63.29 -25.14
N PHE F 483 -9.65 -62.92 -24.30
CA PHE F 483 -8.58 -62.01 -24.71
C PHE F 483 -7.36 -62.72 -25.28
N GLU F 484 -7.16 -64.01 -24.96
CA GLU F 484 -5.95 -64.70 -25.38
C GLU F 484 -5.94 -64.94 -26.89
N THR F 485 -6.93 -65.66 -27.40
CA THR F 485 -6.99 -66.02 -28.82
C THR F 485 -7.51 -64.90 -29.72
N GLU F 486 -7.83 -63.72 -29.17
CA GLU F 486 -8.38 -62.59 -29.93
C GLU F 486 -9.69 -62.99 -30.62
N ASN F 487 -10.50 -63.81 -29.96
CA ASN F 487 -11.76 -64.32 -30.49
C ASN F 487 -12.76 -64.40 -29.34
N ILE F 488 -13.98 -64.82 -29.68
CA ILE F 488 -15.09 -64.94 -28.74
C ILE F 488 -15.48 -66.42 -28.69
N GLY F 489 -15.56 -66.98 -27.48
CA GLY F 489 -15.94 -68.36 -27.31
C GLY F 489 -16.53 -68.67 -25.96
N ASP F 490 -16.66 -69.96 -25.64
CA ASP F 490 -17.24 -70.38 -24.38
C ASP F 490 -16.21 -70.21 -23.26
N ASN F 491 -16.64 -69.60 -22.16
CA ASN F 491 -15.78 -69.35 -21.00
C ASN F 491 -15.66 -70.56 -20.07
N PHE F 492 -16.55 -71.55 -20.19
CA PHE F 492 -16.47 -72.73 -19.33
C PHE F 492 -15.22 -73.56 -19.62
N ALA F 493 -14.77 -73.59 -20.87
CA ALA F 493 -13.55 -74.31 -21.22
C ALA F 493 -12.29 -73.58 -20.78
N LYS F 494 -12.33 -72.25 -20.67
CA LYS F 494 -11.18 -71.47 -20.25
C LYS F 494 -11.00 -71.41 -18.73
N PHE F 495 -11.93 -71.97 -17.95
CA PHE F 495 -11.82 -72.07 -16.49
C PHE F 495 -11.76 -70.69 -15.82
N VAL F 496 -12.42 -69.70 -16.41
CA VAL F 496 -12.57 -68.38 -15.80
C VAL F 496 -13.91 -68.35 -15.06
N TRP F 497 -13.85 -68.11 -13.75
CA TRP F 497 -15.01 -68.11 -12.86
C TRP F 497 -15.02 -66.83 -12.03
N GLU F 498 -16.20 -66.51 -11.50
CA GLU F 498 -16.39 -65.33 -10.69
C GLU F 498 -17.66 -65.54 -9.87
N PRO F 499 -17.73 -65.15 -8.60
CA PRO F 499 -18.97 -65.37 -7.85
C PRO F 499 -20.08 -64.43 -8.31
N ALA F 500 -21.29 -64.71 -7.83
CA ALA F 500 -22.48 -63.93 -8.17
C ALA F 500 -22.72 -62.77 -7.22
N LEU F 501 -22.11 -62.77 -6.03
CA LEU F 501 -22.37 -61.71 -5.05
C LEU F 501 -21.87 -60.35 -5.52
N VAL F 502 -20.82 -60.31 -6.34
CA VAL F 502 -20.39 -59.04 -6.93
C VAL F 502 -21.47 -58.48 -7.86
N LYS F 503 -22.17 -59.37 -8.57
CA LYS F 503 -23.16 -58.92 -9.55
C LYS F 503 -24.43 -58.39 -8.87
N ILE F 504 -24.87 -59.06 -7.80
CA ILE F 504 -26.10 -58.65 -7.14
C ILE F 504 -25.91 -57.32 -6.42
N ASN F 505 -24.81 -57.20 -5.67
CA ASN F 505 -24.55 -55.95 -4.95
C ASN F 505 -24.22 -54.80 -5.90
N ALA F 506 -23.68 -55.11 -7.08
CA ALA F 506 -23.38 -54.06 -8.04
C ALA F 506 -24.66 -53.44 -8.59
N LEU F 507 -25.62 -54.28 -9.00
CA LEU F 507 -26.86 -53.77 -9.56
C LEU F 507 -27.71 -53.09 -8.49
N ASN F 508 -27.73 -53.65 -7.28
CA ASN F 508 -28.51 -53.05 -6.20
C ASN F 508 -27.91 -51.72 -5.77
N SER F 509 -26.57 -51.65 -5.70
CA SER F 509 -25.92 -50.40 -5.34
C SER F 509 -26.01 -49.39 -6.48
N ALA F 510 -25.88 -49.85 -7.73
CA ALA F 510 -25.99 -48.96 -8.87
C ALA F 510 -27.43 -48.48 -9.06
N THR F 511 -28.41 -49.35 -8.85
CA THR F 511 -29.80 -48.94 -8.96
C THR F 511 -30.17 -47.99 -7.82
N GLU F 512 -29.62 -48.22 -6.62
CA GLU F 512 -29.86 -47.31 -5.51
C GLU F 512 -29.13 -45.98 -5.70
N ALA F 513 -27.96 -46.00 -6.34
CA ALA F 513 -27.22 -44.77 -6.56
C ALA F 513 -27.91 -43.87 -7.57
N THR F 514 -28.32 -44.42 -8.72
CA THR F 514 -28.96 -43.60 -9.74
C THR F 514 -30.34 -43.12 -9.31
N ASN F 515 -31.09 -43.94 -8.57
CA ASN F 515 -32.41 -43.53 -8.09
C ASN F 515 -32.36 -42.52 -6.96
N LEU F 516 -31.21 -42.36 -6.30
CA LEU F 516 -31.12 -41.42 -5.19
C LEU F 516 -31.21 -39.98 -5.69
N ILE F 517 -30.36 -39.60 -6.64
CA ILE F 517 -30.31 -38.24 -7.16
C ILE F 517 -31.30 -38.03 -8.31
N LEU F 518 -31.82 -39.11 -8.90
CA LEU F 518 -32.93 -38.97 -9.84
C LEU F 518 -34.20 -38.49 -9.18
N SER F 519 -34.36 -38.72 -7.87
CA SER F 519 -35.41 -38.13 -7.06
C SER F 519 -35.00 -36.78 -6.46
N VAL F 520 -34.08 -36.06 -7.09
CA VAL F 520 -33.59 -34.77 -6.63
C VAL F 520 -33.58 -33.82 -7.83
N ASP F 521 -34.17 -32.63 -7.64
CA ASP F 521 -34.12 -31.54 -8.60
C ASP F 521 -33.74 -30.22 -7.95
N GLU F 522 -32.93 -30.25 -6.89
CA GLU F 522 -32.56 -29.06 -6.13
C GLU F 522 -31.10 -29.18 -5.70
N THR F 523 -30.52 -28.03 -5.36
CA THR F 523 -29.16 -27.97 -4.82
C THR F 523 -29.04 -26.71 -3.99
N ILE F 524 -28.88 -26.88 -2.68
CA ILE F 524 -28.76 -25.78 -1.72
C ILE F 524 -27.39 -25.89 -1.07
N THR F 525 -26.64 -24.78 -1.08
CA THR F 525 -25.28 -24.73 -0.54
C THR F 525 -25.15 -23.46 0.28
N ASN F 526 -25.23 -23.59 1.60
CA ASN F 526 -25.07 -22.46 2.51
C ASN F 526 -23.60 -22.11 2.64
N LYS F 527 -23.33 -20.80 2.76
CA LYS F 527 -21.98 -20.27 2.88
C LYS F 527 -21.13 -20.64 1.66
N ALA G 49 -20.82 -3.41 26.76
CA ALA G 49 -20.88 -4.84 26.48
C ALA G 49 -20.15 -5.64 27.56
N LYS G 50 -19.00 -5.14 27.99
CA LYS G 50 -18.21 -5.82 29.01
C LYS G 50 -18.87 -5.75 30.39
N GLN G 51 -19.78 -4.80 30.63
CA GLN G 51 -20.41 -4.68 31.94
C GLN G 51 -21.27 -5.89 32.26
N HIS G 52 -21.88 -6.51 31.25
CA HIS G 52 -22.65 -7.73 31.47
C HIS G 52 -21.75 -8.94 31.67
N GLU G 53 -20.58 -8.97 31.03
CA GLU G 53 -19.67 -10.10 31.14
C GLU G 53 -18.87 -10.09 32.44
N ASN G 54 -18.64 -8.90 33.02
CA ASN G 54 -17.90 -8.82 34.27
C ASN G 54 -18.65 -9.40 35.46
N ARG G 55 -19.98 -9.56 35.36
CA ARG G 55 -20.73 -10.15 36.47
C ARG G 55 -20.33 -11.60 36.70
N LEU G 56 -20.12 -12.36 35.62
CA LEU G 56 -19.79 -13.78 35.67
C LEU G 56 -18.32 -14.06 35.48
N GLU G 57 -17.65 -13.35 34.56
CA GLU G 57 -16.26 -13.68 34.23
C GLU G 57 -15.32 -13.29 35.37
N ASP G 58 -15.56 -12.14 36.00
CA ASP G 58 -14.67 -11.59 37.02
C ASP G 58 -15.08 -11.97 38.44
N LYS G 59 -15.67 -13.16 38.62
CA LYS G 59 -16.08 -13.64 39.94
C LYS G 59 -15.95 -15.15 39.98
N ASP G 60 -15.27 -15.66 41.00
CA ASP G 60 -15.10 -17.08 41.21
C ASP G 60 -16.37 -17.64 41.86
N LEU G 61 -16.33 -18.93 42.21
CA LEU G 61 -17.47 -19.55 42.89
C LEU G 61 -17.73 -18.92 44.26
N SER G 62 -16.67 -18.47 44.94
CA SER G 62 -16.83 -17.76 46.20
C SER G 62 -17.35 -16.35 46.01
N ASP G 63 -16.97 -15.67 44.91
CA ASP G 63 -17.44 -14.32 44.62
C ASP G 63 -18.77 -14.29 43.88
N LEU G 64 -19.13 -15.36 43.18
CA LEU G 64 -20.43 -15.40 42.49
C LEU G 64 -21.59 -15.40 43.47
N GLU G 65 -21.38 -15.88 44.70
CA GLU G 65 -22.44 -15.87 45.70
C GLU G 65 -22.86 -14.47 46.11
N GLU G 66 -22.01 -13.46 45.89
CA GLU G 66 -22.36 -12.09 46.25
C GLU G 66 -23.54 -11.57 45.43
N LEU G 67 -23.68 -12.04 44.18
CA LEU G 67 -24.76 -11.61 43.30
C LEU G 67 -26.03 -12.46 43.47
N GLU G 68 -26.17 -13.17 44.58
CA GLU G 68 -27.36 -13.99 44.79
C GLU G 68 -28.60 -13.12 45.00
N ASP G 69 -28.44 -11.95 45.63
CA ASP G 69 -29.56 -11.08 45.93
C ASP G 69 -29.93 -10.16 44.77
N ASP G 70 -28.95 -9.68 44.00
CA ASP G 70 -29.20 -8.73 42.93
C ASP G 70 -29.62 -9.42 41.64
N GLU G 71 -28.82 -10.36 41.16
CA GLU G 71 -29.06 -10.99 39.87
C GLU G 71 -30.07 -12.14 40.00
N ASP G 72 -30.55 -12.60 38.86
CA ASP G 72 -31.53 -13.67 38.82
C ASP G 72 -30.90 -14.99 39.24
N GLU G 73 -31.73 -15.88 39.82
CA GLU G 73 -31.25 -17.19 40.25
C GLU G 73 -30.83 -18.03 39.05
N ASP G 74 -31.66 -18.09 38.02
CA ASP G 74 -31.35 -18.92 36.86
C ASP G 74 -30.14 -18.38 36.09
N PHE G 75 -29.98 -17.05 36.05
CA PHE G 75 -28.82 -16.47 35.39
C PHE G 75 -27.54 -16.76 36.16
N LEU G 76 -27.61 -16.73 37.50
CA LEU G 76 -26.42 -16.93 38.32
C LEU G 76 -26.12 -18.41 38.50
N GLU G 77 -27.14 -19.21 38.82
CA GLU G 77 -26.91 -20.63 39.09
C GLU G 77 -26.49 -21.39 37.84
N ALA G 78 -26.85 -20.91 36.65
CA ALA G 78 -26.41 -21.54 35.42
C ALA G 78 -24.91 -21.45 35.24
N TYR G 79 -24.32 -20.30 35.60
CA TYR G 79 -22.88 -20.11 35.49
C TYR G 79 -22.13 -20.73 36.65
N LYS G 80 -22.74 -20.78 37.84
CA LYS G 80 -22.09 -21.41 38.99
C LYS G 80 -21.88 -22.90 38.77
N ILE G 81 -22.84 -23.55 38.08
CA ILE G 81 -22.67 -24.95 37.73
C ILE G 81 -21.52 -25.12 36.74
N LYS G 82 -21.35 -24.14 35.84
CA LYS G 82 -20.24 -24.20 34.89
C LYS G 82 -18.91 -24.04 35.60
N ARG G 83 -18.80 -23.03 36.46
CA ARG G 83 -17.55 -22.81 37.19
C ARG G 83 -17.28 -23.94 38.18
N LEU G 84 -18.33 -24.54 38.73
CA LEU G 84 -18.14 -25.67 39.63
C LEU G 84 -17.55 -26.87 38.90
N ASN G 85 -17.97 -27.09 37.66
CA ASN G 85 -17.41 -28.19 36.87
C ASN G 85 -15.94 -27.95 36.55
N GLU G 86 -15.56 -26.70 36.31
CA GLU G 86 -14.16 -26.38 36.03
C GLU G 86 -13.29 -26.61 37.26
N ILE G 87 -13.83 -26.36 38.45
CA ILE G 87 -13.08 -26.60 39.68
C ILE G 87 -12.86 -28.09 39.88
N ARG G 88 -13.85 -28.91 39.52
CA ARG G 88 -13.71 -30.35 39.66
C ARG G 88 -12.66 -30.91 38.70
N LYS G 89 -12.51 -30.31 37.52
CA LYS G 89 -11.50 -30.78 36.57
C LYS G 89 -10.10 -30.52 37.10
N LEU G 90 -9.89 -29.38 37.77
CA LEU G 90 -8.58 -29.08 38.32
C LEU G 90 -8.22 -30.01 39.46
N GLN G 91 -9.21 -30.46 40.24
CA GLN G 91 -8.94 -31.40 41.33
C GLN G 91 -8.52 -32.75 40.78
N GLU G 92 -9.16 -33.21 39.71
CA GLU G 92 -8.78 -34.48 39.09
C GLU G 92 -7.40 -34.38 38.45
N ARG G 93 -7.07 -33.22 37.88
CA ARG G 93 -5.75 -33.00 37.29
C ARG G 93 -4.65 -32.79 38.32
N SER G 94 -4.99 -32.57 39.60
CA SER G 94 -3.98 -32.33 40.63
C SER G 94 -3.38 -33.66 41.09
N LYS G 95 -2.58 -34.24 40.20
CA LYS G 95 -1.83 -35.47 40.47
C LYS G 95 -0.47 -35.22 41.09
N PHE G 96 -0.09 -33.96 41.36
CA PHE G 96 1.23 -33.60 41.86
C PHE G 96 1.07 -32.68 43.07
N GLY G 97 2.13 -31.93 43.43
CA GLY G 97 2.11 -31.02 44.56
C GLY G 97 3.39 -30.94 45.37
N GLU G 98 4.41 -31.72 45.02
CA GLU G 98 5.72 -31.66 45.65
C GLU G 98 6.79 -31.96 44.62
N VAL G 99 8.02 -31.58 44.93
CA VAL G 99 9.13 -31.67 43.98
C VAL G 99 9.47 -33.13 43.76
N PHE G 100 9.53 -33.54 42.48
CA PHE G 100 9.86 -34.90 42.09
C PHE G 100 11.37 -35.01 41.89
N HIS G 101 12.08 -35.44 42.94
CA HIS G 101 13.52 -35.65 42.88
C HIS G 101 13.77 -37.01 42.24
N ILE G 102 14.24 -37.00 41.00
CA ILE G 102 14.36 -38.20 40.17
C ILE G 102 15.84 -38.54 39.98
N ASN G 103 16.09 -39.76 39.51
CA ASN G 103 17.40 -40.25 39.13
C ASN G 103 17.55 -40.17 37.61
N LYS G 104 18.70 -40.47 37.03
CA LYS G 104 18.86 -40.33 35.57
C LYS G 104 18.10 -41.33 34.74
N PRO G 105 17.98 -42.58 35.23
CA PRO G 105 17.17 -43.54 34.51
C PRO G 105 15.73 -43.12 34.44
N GLU G 106 15.23 -42.57 35.51
CA GLU G 106 13.86 -42.17 35.57
C GLU G 106 13.62 -40.94 34.74
N TYR G 107 14.67 -40.30 34.29
CA TYR G 107 14.53 -39.07 33.56
C TYR G 107 13.69 -39.30 32.40
N ASN G 108 13.75 -40.44 31.77
CA ASN G 108 12.79 -40.64 30.72
C ASN G 108 11.58 -41.05 31.42
N LYS G 109 11.77 -41.89 32.43
CA LYS G 109 10.51 -42.40 32.96
C LYS G 109 9.50 -41.33 33.40
N GLU G 110 9.96 -40.25 34.02
CA GLU G 110 9.05 -39.26 34.55
C GLU G 110 8.93 -37.98 33.79
N VAL G 111 9.78 -37.78 32.82
CA VAL G 111 9.70 -36.48 32.20
C VAL G 111 9.05 -36.52 30.85
N THR G 112 9.76 -37.02 29.87
CA THR G 112 9.19 -36.98 28.54
C THR G 112 7.89 -37.71 28.41
N LEU G 113 7.84 -38.90 28.94
CA LEU G 113 6.65 -39.69 28.81
C LEU G 113 5.52 -39.06 29.55
N ALA G 114 5.82 -38.53 30.71
CA ALA G 114 4.79 -37.92 31.51
C ALA G 114 4.22 -36.76 30.79
N SER G 115 5.06 -36.03 30.09
CA SER G 115 4.54 -34.85 29.48
C SER G 115 3.47 -35.20 28.50
N GLN G 116 3.36 -36.46 28.09
CA GLN G 116 2.26 -36.86 27.24
C GLN G 116 0.95 -36.95 28.02
N GLY G 117 1.02 -37.35 29.29
CA GLY G 117 -0.17 -37.42 30.13
C GLY G 117 -1.13 -38.52 29.73
N LYS G 118 -2.30 -38.14 29.23
CA LYS G 118 -3.31 -39.13 28.86
C LYS G 118 -2.87 -39.95 27.66
N LYS G 119 -2.14 -39.36 26.73
CA LYS G 119 -1.64 -40.08 25.57
C LYS G 119 -0.62 -41.14 25.98
N ASP G 132 -8.57 -36.70 23.40
CA ASP G 132 -8.37 -35.93 24.63
C ASP G 132 -6.88 -35.70 24.86
N ASP G 133 -6.38 -34.58 24.35
CA ASP G 133 -4.96 -34.22 24.47
C ASP G 133 -4.69 -33.65 25.86
N GLY G 134 -4.61 -34.56 26.83
CA GLY G 134 -4.35 -34.19 28.21
C GLY G 134 -2.88 -33.96 28.48
N GLY G 135 -2.32 -32.91 27.86
CA GLY G 135 -0.91 -32.61 28.07
C GLY G 135 -0.65 -32.14 29.49
N VAL G 136 0.61 -32.29 29.91
CA VAL G 136 1.07 -31.91 31.25
C VAL G 136 2.42 -31.24 31.10
N TYR G 137 2.56 -30.05 31.69
CA TYR G 137 3.82 -29.33 31.69
C TYR G 137 4.73 -29.86 32.78
N VAL G 138 5.99 -30.09 32.44
CA VAL G 138 6.99 -30.69 33.32
C VAL G 138 8.18 -29.75 33.38
N PHE G 139 8.32 -29.02 34.49
CA PHE G 139 9.44 -28.12 34.70
C PHE G 139 10.59 -28.89 35.36
N VAL G 140 11.68 -29.06 34.62
CA VAL G 140 12.87 -29.77 35.10
C VAL G 140 13.85 -28.73 35.60
N HIS G 141 14.64 -29.11 36.61
CA HIS G 141 15.65 -28.26 37.22
C HIS G 141 16.97 -29.03 37.31
N LEU G 142 17.97 -28.59 36.55
CA LEU G 142 19.32 -29.15 36.63
C LEU G 142 20.03 -28.45 37.78
N SER G 143 19.91 -29.03 38.98
CA SER G 143 20.40 -28.38 40.18
C SER G 143 21.91 -28.52 40.33
N LEU G 144 22.51 -27.57 41.05
CA LEU G 144 23.93 -27.61 41.35
C LEU G 144 24.12 -26.87 42.67
N GLN G 145 24.56 -27.59 43.71
CA GLN G 145 24.61 -27.02 45.05
C GLN G 145 25.61 -25.86 45.18
N SER G 146 26.64 -25.82 44.34
CA SER G 146 27.65 -24.78 44.45
C SER G 146 27.15 -23.42 43.99
N LYS G 147 26.31 -23.36 42.97
CA LYS G 147 25.86 -22.09 42.40
C LYS G 147 24.81 -21.44 43.29
N LEU G 148 24.75 -20.10 43.23
CA LEU G 148 23.82 -19.35 44.06
C LEU G 148 22.40 -19.40 43.53
N GLN G 149 22.23 -19.29 42.21
CA GLN G 149 20.89 -19.25 41.63
C GLN G 149 20.17 -20.59 41.72
N SER G 150 20.92 -21.70 41.85
CA SER G 150 20.29 -23.01 41.88
C SER G 150 19.45 -23.20 43.15
N ARG G 151 19.99 -22.83 44.31
CA ARG G 151 19.22 -22.95 45.54
C ARG G 151 18.04 -21.98 45.56
N ILE G 152 18.18 -20.83 44.90
CA ILE G 152 17.04 -19.91 44.77
C ILE G 152 15.94 -20.54 43.94
N LEU G 153 16.31 -21.15 42.80
CA LEU G 153 15.31 -21.78 41.94
C LEU G 153 14.72 -23.02 42.59
N SER G 154 15.48 -23.70 43.44
CA SER G 154 14.93 -24.86 44.16
C SER G 154 13.84 -24.42 45.14
N HIS G 155 14.01 -23.25 45.76
CA HIS G 155 13.00 -22.75 46.68
C HIS G 155 11.72 -22.38 45.93
N LEU G 156 11.86 -21.84 44.72
CA LEU G 156 10.68 -21.47 43.94
C LEU G 156 9.90 -22.70 43.51
N PHE G 157 10.58 -23.82 43.27
CA PHE G 157 9.90 -25.06 42.92
C PHE G 157 9.06 -25.58 44.09
N GLN G 158 9.59 -25.45 45.31
CA GLN G 158 8.84 -25.91 46.48
C GLN G 158 7.62 -25.04 46.73
N SER G 159 7.74 -23.73 46.54
CA SER G 159 6.61 -22.83 46.75
C SER G 159 5.58 -23.00 45.64
N ALA G 160 6.03 -23.08 44.39
CA ALA G 160 5.11 -23.23 43.27
C ALA G 160 4.44 -24.60 43.26
N ALA G 161 5.09 -25.62 43.85
CA ALA G 161 4.49 -26.95 43.87
C ALA G 161 3.27 -26.99 44.78
N CYS G 162 3.31 -26.27 45.91
CA CYS G 162 2.18 -26.25 46.82
C CYS G 162 0.96 -25.56 46.24
N LYS G 163 1.14 -24.62 45.31
CA LYS G 163 0.04 -23.88 44.69
C LYS G 163 -0.48 -24.56 43.43
N PHE G 164 0.38 -24.75 42.44
CA PHE G 164 0.01 -25.33 41.15
C PHE G 164 0.21 -26.84 41.25
N ARG G 165 -0.86 -27.55 41.63
CA ARG G 165 -0.81 -29.00 41.78
C ARG G 165 -0.92 -29.76 40.48
N GLU G 166 -1.43 -29.13 39.41
CA GLU G 166 -1.55 -29.79 38.11
C GLU G 166 -0.24 -29.85 37.34
N ILE G 167 0.69 -28.93 37.61
CA ILE G 167 1.97 -28.87 36.92
C ILE G 167 2.98 -29.70 37.70
N LYS G 168 3.72 -30.56 37.00
CA LYS G 168 4.73 -31.41 37.61
C LYS G 168 6.04 -30.64 37.72
N PHE G 169 6.60 -30.59 38.93
CA PHE G 169 7.87 -29.95 39.21
C PHE G 169 8.92 -31.02 39.45
N VAL G 170 9.98 -30.99 38.64
CA VAL G 170 11.01 -32.03 38.60
C VAL G 170 12.36 -31.36 38.89
N GLU G 171 13.21 -32.07 39.63
CA GLU G 171 14.55 -31.61 39.97
C GLU G 171 15.52 -32.78 39.84
N ILE G 172 16.74 -32.47 39.42
CA ILE G 172 17.79 -33.47 39.24
C ILE G 172 19.13 -32.75 39.29
N PRO G 173 20.24 -33.38 39.72
CA PRO G 173 21.53 -32.67 39.65
C PRO G 173 21.98 -32.45 38.22
N ALA G 174 22.66 -31.32 38.01
CA ALA G 174 23.16 -31.00 36.68
C ALA G 174 24.30 -31.93 36.26
N ASN G 175 25.10 -32.41 37.22
CA ASN G 175 26.14 -33.37 36.89
C ASN G 175 25.56 -34.69 36.40
N ARG G 176 24.37 -35.06 36.90
CA ARG G 176 23.67 -36.26 36.46
C ARG G 176 22.70 -36.00 35.30
N ALA G 177 22.74 -34.80 34.69
CA ALA G 177 21.73 -34.42 33.70
C ALA G 177 22.26 -34.58 32.28
N ILE G 178 23.44 -34.01 32.01
CA ILE G 178 24.05 -33.98 30.68
C ILE G 178 25.50 -34.41 30.85
N GLU G 179 26.03 -35.13 29.84
CA GLU G 179 27.40 -35.61 29.89
C GLU G 179 28.39 -34.45 29.96
N ASN G 180 29.00 -34.28 31.13
CA ASN G 180 30.02 -33.24 31.37
C ASN G 180 29.47 -31.85 31.08
N TYR G 181 28.39 -31.48 31.75
CA TYR G 181 27.72 -30.22 31.47
C TYR G 181 28.60 -29.06 31.93
N PRO G 182 28.56 -27.90 31.26
CA PRO G 182 29.30 -26.74 31.79
C PRO G 182 28.66 -26.24 33.08
N GLU G 183 29.48 -26.13 34.13
CA GLU G 183 28.97 -25.65 35.42
C GLU G 183 28.57 -24.18 35.34
N SER G 184 29.21 -23.40 34.46
CA SER G 184 28.86 -21.99 34.32
C SER G 184 27.44 -21.80 33.79
N ASN G 185 26.96 -22.72 32.96
CA ASN G 185 25.60 -22.64 32.44
C ASN G 185 24.54 -23.04 33.46
N CYS G 186 24.92 -23.64 34.60
CA CYS G 186 23.96 -24.00 35.62
C CYS G 186 23.54 -22.76 36.42
N PRO G 187 22.30 -22.71 36.94
CA PRO G 187 21.17 -23.64 36.87
C PRO G 187 20.47 -23.57 35.51
N THR G 188 19.82 -24.67 35.11
CA THR G 188 19.11 -24.78 33.84
C THR G 188 17.68 -25.24 34.10
N LEU G 189 16.74 -24.58 33.42
CA LEU G 189 15.31 -24.84 33.55
C LEU G 189 14.77 -25.26 32.18
N ILE G 190 14.24 -26.48 32.10
CA ILE G 190 13.65 -27.03 30.89
C ILE G 190 12.17 -27.24 31.15
N VAL G 191 11.36 -27.03 30.11
CA VAL G 191 9.91 -27.15 30.16
C VAL G 191 9.48 -28.08 29.04
N TYR G 192 9.04 -29.28 29.40
CA TYR G 192 8.53 -30.27 28.46
C TYR G 192 7.01 -30.20 28.39
N TYR G 193 6.47 -30.56 27.23
CA TYR G 193 5.02 -30.62 27.05
C TYR G 193 4.72 -31.48 25.84
N ARG G 194 4.06 -32.62 26.07
CA ARG G 194 3.74 -33.60 25.03
C ARG G 194 5.00 -34.11 24.35
N GLY G 195 6.06 -34.31 25.14
CA GLY G 195 7.33 -34.80 24.63
C GLY G 195 8.24 -33.77 23.99
N GLU G 196 7.74 -32.57 23.69
CA GLU G 196 8.50 -31.53 23.02
C GLU G 196 8.97 -30.48 24.03
N VAL G 197 10.17 -29.96 23.79
CA VAL G 197 10.75 -28.94 24.65
C VAL G 197 10.19 -27.58 24.26
N ILE G 198 9.45 -26.95 25.17
CA ILE G 198 8.82 -25.66 24.91
C ILE G 198 9.79 -24.51 25.15
N LYS G 199 10.68 -24.65 26.14
CA LYS G 199 11.59 -23.58 26.51
C LYS G 199 12.83 -24.19 27.15
N ASN G 200 14.00 -23.87 26.58
CA ASN G 200 15.30 -24.25 27.12
C ASN G 200 15.90 -22.97 27.71
N MET G 201 15.57 -22.71 28.97
CA MET G 201 15.94 -21.47 29.63
C MET G 201 17.38 -21.55 30.15
N ILE G 202 18.05 -20.40 30.12
CA ILE G 202 19.45 -20.24 30.52
C ILE G 202 19.37 -19.62 31.91
N THR G 203 20.53 -19.46 32.59
CA THR G 203 20.65 -18.90 33.94
C THR G 203 19.85 -17.62 34.15
N LEU G 204 19.51 -17.33 35.40
CA LEU G 204 18.39 -16.47 35.75
C LEU G 204 18.67 -14.96 35.63
N LEU G 205 19.70 -14.54 34.87
CA LEU G 205 19.91 -13.12 34.61
C LEU G 205 18.70 -12.50 33.90
N GLU G 206 17.99 -13.28 33.07
CA GLU G 206 16.76 -12.79 32.48
C GLU G 206 15.69 -12.52 33.53
N LEU G 207 15.62 -13.36 34.57
CA LEU G 207 14.63 -13.24 35.64
C LEU G 207 15.19 -12.51 36.86
N GLY G 208 16.07 -11.54 36.64
CA GLY G 208 16.63 -10.74 37.72
C GLY G 208 17.92 -11.27 38.30
N GLY G 209 18.24 -12.54 38.10
CA GLY G 209 19.49 -13.08 38.61
C GLY G 209 19.38 -13.43 40.08
N ASN G 210 20.31 -12.92 40.88
CA ASN G 210 20.32 -13.19 42.31
C ASN G 210 19.10 -12.60 43.02
N ASN G 211 18.52 -11.53 42.49
CA ASN G 211 17.36 -10.87 43.07
C ASN G 211 16.04 -11.41 42.53
N SER G 212 16.01 -12.67 42.08
CA SER G 212 14.78 -13.26 41.56
C SER G 212 13.77 -13.44 42.69
N LYS G 213 12.50 -13.19 42.38
CA LYS G 213 11.39 -13.24 43.33
C LYS G 213 10.34 -14.22 42.83
N MET G 214 9.38 -14.53 43.70
CA MET G 214 8.30 -15.43 43.34
C MET G 214 7.39 -14.83 42.28
N GLU G 215 7.24 -13.51 42.27
CA GLU G 215 6.37 -12.86 41.28
C GLU G 215 6.94 -13.02 39.87
N ASP G 216 8.27 -12.95 39.73
CA ASP G 216 8.88 -13.12 38.41
C ASP G 216 8.74 -14.55 37.90
N PHE G 217 8.80 -15.54 38.80
CA PHE G 217 8.68 -16.93 38.38
C PHE G 217 7.27 -17.25 37.91
N GLU G 218 6.25 -16.74 38.63
CA GLU G 218 4.87 -16.96 38.23
C GLU G 218 4.55 -16.30 36.91
N ASP G 219 5.18 -15.15 36.62
CA ASP G 219 4.97 -14.50 35.34
C ASP G 219 5.56 -15.32 34.19
N PHE G 220 6.65 -16.03 34.43
CA PHE G 220 7.23 -16.87 33.40
C PHE G 220 6.33 -18.06 33.07
N MET G 221 5.63 -18.59 34.08
CA MET G 221 4.73 -19.72 33.84
C MET G 221 3.55 -19.34 32.96
N VAL G 222 3.14 -18.07 32.98
CA VAL G 222 2.05 -17.62 32.13
C VAL G 222 2.52 -17.49 30.67
N LYS G 223 3.79 -17.15 30.45
CA LYS G 223 4.27 -16.96 29.08
C LYS G 223 4.33 -18.27 28.32
N VAL G 224 4.75 -19.35 28.98
CA VAL G 224 4.86 -20.66 28.31
C VAL G 224 3.54 -21.39 28.19
N GLY G 225 2.41 -20.78 28.61
CA GLY G 225 1.13 -21.45 28.51
C GLY G 225 0.84 -22.46 29.59
N ALA G 226 1.56 -22.42 30.71
CA ALA G 226 1.33 -23.34 31.81
C ALA G 226 0.20 -22.92 32.72
N VAL G 227 -0.02 -21.60 32.87
CA VAL G 227 -1.05 -21.05 33.74
C VAL G 227 -1.74 -19.92 32.98
N ALA G 228 -3.06 -19.83 33.15
CA ALA G 228 -3.83 -18.79 32.47
C ALA G 228 -3.48 -17.42 33.05
N GLU G 229 -3.79 -16.38 32.26
CA GLU G 229 -3.49 -15.01 32.68
C GLU G 229 -4.36 -14.59 33.86
N GLY G 230 -5.66 -14.87 33.79
CA GLY G 230 -6.61 -14.47 34.81
C GLY G 230 -6.80 -15.49 35.91
N ASP G 231 -5.80 -16.31 36.18
CA ASP G 231 -5.90 -17.31 37.24
C ASP G 231 -5.91 -16.62 38.60
N ASN G 232 -6.80 -17.09 39.48
CA ASN G 232 -6.92 -16.51 40.82
C ASN G 232 -5.76 -16.86 41.74
N ARG G 233 -4.94 -17.87 41.39
CA ARG G 233 -3.81 -18.26 42.23
C ARG G 233 -2.58 -17.39 42.02
N LEU G 234 -2.46 -16.74 40.86
CA LEU G 234 -1.31 -15.89 40.60
C LEU G 234 -1.32 -14.67 41.51
N ILE G 235 -0.13 -14.28 41.97
CA ILE G 235 -0.02 -13.15 42.89
C ILE G 235 -0.38 -11.84 42.20
N MET G 236 -0.22 -11.76 40.88
CA MET G 236 -0.61 -10.55 40.16
C MET G 236 -2.11 -10.32 40.22
N ASN G 237 -2.91 -11.39 40.10
CA ASN G 237 -4.36 -11.32 40.17
C ASN G 237 -4.89 -11.52 41.58
N ARG G 238 -4.18 -12.26 42.44
CA ARG G 238 -4.64 -12.55 43.80
C ARG G 238 -4.42 -11.32 44.66
N ASP G 239 -5.33 -10.36 44.53
CA ASP G 239 -5.27 -9.15 45.35
C ASP G 239 -5.57 -9.50 46.81
N ASP G 240 -4.93 -8.77 47.71
CA ASP G 240 -5.12 -9.01 49.14
C ASP G 240 -6.54 -8.61 49.55
N GLU G 241 -6.99 -9.19 50.67
CA GLU G 241 -8.31 -8.85 51.20
C GLU G 241 -8.36 -7.39 51.66
N GLU G 242 -7.24 -6.87 52.16
CA GLU G 242 -7.20 -5.46 52.55
C GLU G 242 -7.32 -4.55 51.33
N SER G 243 -6.84 -4.98 50.17
CA SER G 243 -6.98 -4.18 48.96
C SER G 243 -8.44 -4.08 48.54
N ARG G 244 -9.14 -5.22 48.47
CA ARG G 244 -10.55 -5.19 48.10
C ARG G 244 -11.41 -4.52 49.16
N GLU G 245 -10.99 -4.56 50.42
CA GLU G 245 -11.74 -3.89 51.48
C GLU G 245 -11.71 -2.38 51.30
N GLU G 246 -10.54 -1.84 50.92
CA GLU G 246 -10.44 -0.40 50.71
C GLU G 246 -11.21 0.04 49.47
N ARG G 247 -11.27 -0.81 48.44
CA ARG G 247 -11.99 -0.45 47.21
C ARG G 247 -13.49 -0.33 47.47
N LYS G 248 -14.05 -1.23 48.28
CA LYS G 248 -15.49 -1.18 48.57
C LYS G 248 -15.83 0.05 49.40
N LEU G 249 -14.92 0.47 50.29
CA LEU G 249 -15.20 1.64 51.11
C LEU G 249 -15.16 2.92 50.29
N HIS G 250 -14.15 3.08 49.44
CA HIS G 250 -14.02 4.27 48.61
C HIS G 250 -14.95 4.27 47.40
N TYR G 251 -15.65 3.17 47.12
CA TYR G 251 -16.56 3.11 45.99
C TYR G 251 -17.75 4.03 46.22
N SER H 2 -31.91 19.46 -3.67
CA SER H 2 -32.21 18.97 -5.01
C SER H 2 -31.22 17.89 -5.42
N LEU H 3 -29.94 18.10 -5.09
CA LEU H 3 -28.91 17.12 -5.40
C LEU H 3 -29.00 15.90 -4.49
N ARG H 4 -29.46 16.07 -3.25
CA ARG H 4 -29.55 15.01 -2.27
C ARG H 4 -30.73 15.26 -1.36
N LEU H 5 -31.42 14.19 -0.98
CA LEU H 5 -32.55 14.31 -0.06
C LEU H 5 -32.03 14.61 1.35
N PRO H 6 -32.93 14.93 2.29
CA PRO H 6 -32.52 14.94 3.71
C PRO H 6 -32.31 13.57 4.35
N GLN H 7 -32.52 12.48 3.59
CA GLN H 7 -32.28 11.08 3.99
C GLN H 7 -32.91 10.73 5.35
N ASN H 8 -34.25 10.85 5.40
CA ASN H 8 -35.07 10.44 6.54
C ASN H 8 -34.64 11.10 7.84
N PRO H 9 -34.98 12.36 8.08
CA PRO H 9 -34.64 12.98 9.38
C PRO H 9 -35.32 12.27 10.54
N ASN H 10 -34.90 12.66 11.74
CA ASN H 10 -35.14 11.97 13.03
C ASN H 10 -34.97 10.45 12.92
N ALA H 11 -33.95 10.02 12.18
CA ALA H 11 -33.55 8.62 12.09
C ALA H 11 -32.55 8.21 13.16
N GLY H 12 -31.93 9.18 13.86
CA GLY H 12 -31.07 8.87 14.99
C GLY H 12 -31.78 8.47 16.26
N LEU H 13 -33.11 8.37 16.25
CA LEU H 13 -33.84 7.82 17.39
C LEU H 13 -33.41 6.38 17.65
N PHE H 14 -33.23 5.60 16.59
CA PHE H 14 -32.77 4.22 16.63
C PHE H 14 -31.42 4.14 15.92
N LYS H 15 -30.82 2.95 15.94
CA LYS H 15 -29.55 2.72 15.28
C LYS H 15 -29.73 2.70 13.77
N GLN H 16 -28.61 2.83 13.06
CA GLN H 16 -28.65 2.82 11.60
C GLN H 16 -29.02 1.46 11.05
N GLY H 17 -28.65 0.38 11.74
CA GLY H 17 -28.95 -0.96 11.29
C GLY H 17 -30.40 -1.38 11.42
N TYR H 18 -31.17 -0.72 12.29
CA TYR H 18 -32.56 -1.08 12.48
C TYR H 18 -33.40 -0.54 11.33
N ASN H 19 -34.36 -1.34 10.88
CA ASN H 19 -35.27 -1.01 9.79
C ASN H 19 -36.69 -1.41 10.16
N SER H 20 -37.64 -0.60 9.73
CA SER H 20 -39.06 -0.85 9.92
C SER H 20 -39.68 -1.31 8.62
N TYR H 21 -40.73 -2.12 8.72
CA TYR H 21 -41.42 -2.68 7.56
C TYR H 21 -42.91 -2.72 7.87
N SER H 22 -43.64 -1.70 7.41
CA SER H 22 -45.06 -1.57 7.68
C SER H 22 -45.86 -2.34 6.63
N ASN H 23 -47.17 -2.43 6.84
CA ASN H 23 -48.04 -3.13 5.90
C ASN H 23 -48.14 -2.43 4.56
N ALA H 24 -47.94 -1.11 4.51
CA ALA H 24 -48.03 -0.36 3.28
C ALA H 24 -46.84 -0.67 2.37
N ASP H 25 -46.83 -0.04 1.18
CA ASP H 25 -45.78 -0.23 0.18
C ASP H 25 -45.72 -1.66 -0.33
N GLY H 26 -46.84 -2.39 -0.27
CA GLY H 26 -46.88 -3.76 -0.74
C GLY H 26 -45.94 -4.71 -0.04
N GLN H 27 -45.56 -4.42 1.22
CA GLN H 27 -44.60 -5.28 1.91
C GLN H 27 -45.24 -6.57 2.40
N ILE H 28 -46.53 -6.54 2.74
CA ILE H 28 -47.23 -7.78 3.06
C ILE H 28 -47.33 -8.67 1.82
N ILE H 29 -47.39 -8.07 0.63
CA ILE H 29 -47.36 -8.85 -0.59
C ILE H 29 -45.96 -9.45 -0.79
N LYS H 30 -44.92 -8.70 -0.39
CA LYS H 30 -43.56 -9.23 -0.47
C LYS H 30 -43.34 -10.38 0.50
N SER H 31 -43.91 -10.29 1.71
CA SER H 31 -43.81 -11.39 2.67
C SER H 31 -44.53 -12.63 2.15
N ILE H 32 -45.62 -12.43 1.42
CA ILE H 32 -46.29 -13.55 0.75
C ILE H 32 -45.40 -14.08 -0.37
N ALA H 33 -44.69 -13.18 -1.07
CA ALA H 33 -43.77 -13.61 -2.10
C ALA H 33 -42.54 -14.28 -1.51
N ALA H 34 -42.10 -13.84 -0.32
CA ALA H 34 -40.99 -14.50 0.35
C ALA H 34 -41.37 -15.92 0.77
N ILE H 35 -42.62 -16.12 1.20
CA ILE H 35 -43.11 -17.47 1.44
C ILE H 35 -43.17 -18.25 0.13
N ARG H 36 -43.51 -17.57 -0.97
CA ARG H 36 -43.66 -18.25 -2.26
C ARG H 36 -42.33 -18.78 -2.79
N GLU H 37 -41.20 -18.24 -2.33
CA GLU H 37 -39.91 -18.73 -2.79
C GLU H 37 -39.66 -20.17 -2.34
N LEU H 38 -39.74 -20.41 -1.03
CA LEU H 38 -39.54 -21.74 -0.47
C LEU H 38 -40.79 -22.61 -0.50
N HIS H 39 -41.98 -22.02 -0.70
CA HIS H 39 -43.19 -22.83 -0.81
C HIS H 39 -43.17 -23.65 -2.09
N GLN H 40 -42.70 -23.06 -3.20
CA GLN H 40 -42.57 -23.80 -4.45
C GLN H 40 -41.56 -24.93 -4.34
N MET H 41 -40.57 -24.81 -3.47
CA MET H 41 -39.67 -25.94 -3.19
C MET H 41 -40.44 -27.08 -2.55
N CYS H 42 -41.45 -26.78 -1.74
CA CYS H 42 -42.28 -27.82 -1.12
C CYS H 42 -43.27 -28.46 -2.09
N LEU H 43 -43.59 -27.80 -3.21
CA LEU H 43 -44.47 -28.40 -4.20
C LEU H 43 -43.87 -29.66 -4.80
N THR H 44 -42.60 -29.69 -5.02
CA THR H 44 -42.06 -30.84 -5.60
C THR H 44 -41.60 -31.78 -4.54
N SER H 45 -42.11 -31.69 -3.35
CA SER H 45 -41.77 -32.62 -2.32
C SER H 45 -42.93 -33.13 -1.51
N MET H 46 -44.09 -33.21 -2.08
CA MET H 46 -45.18 -33.76 -1.35
C MET H 46 -45.73 -34.83 -2.14
N GLY H 47 -45.98 -35.93 -1.49
CA GLY H 47 -46.61 -36.97 -2.20
C GLY H 47 -45.69 -38.15 -2.35
N PRO H 48 -46.12 -39.21 -2.99
CA PRO H 48 -45.18 -40.33 -3.22
C PRO H 48 -44.18 -40.06 -4.33
N CYS H 49 -44.55 -39.24 -5.32
CA CYS H 49 -43.65 -38.83 -6.38
C CYS H 49 -42.82 -37.60 -6.03
N GLY H 50 -42.76 -37.22 -4.75
CA GLY H 50 -41.98 -36.07 -4.36
C GLY H 50 -40.49 -36.31 -4.48
N ARG H 51 -39.77 -35.23 -4.75
CA ARG H 51 -38.34 -35.26 -5.01
C ARG H 51 -37.58 -34.74 -3.79
N ASN H 52 -36.52 -35.44 -3.41
CA ASN H 52 -35.71 -35.04 -2.28
C ASN H 52 -34.89 -33.80 -2.62
N LYS H 53 -34.15 -33.30 -1.63
CA LYS H 53 -33.44 -32.03 -1.71
C LYS H 53 -32.04 -32.18 -1.12
N ILE H 54 -31.07 -31.61 -1.84
CA ILE H 54 -29.68 -31.55 -1.38
C ILE H 54 -29.53 -30.27 -0.55
N ILE H 55 -28.96 -30.41 0.64
CA ILE H 55 -28.68 -29.29 1.54
C ILE H 55 -27.26 -29.47 2.04
N VAL H 56 -26.33 -28.68 1.49
CA VAL H 56 -24.92 -28.70 1.87
C VAL H 56 -24.72 -27.61 2.91
N ASN H 57 -24.40 -28.02 4.14
CA ASN H 57 -24.15 -27.10 5.23
C ASN H 57 -22.73 -26.54 5.12
N HIS H 58 -22.43 -25.51 5.91
CA HIS H 58 -21.09 -24.94 5.97
C HIS H 58 -20.05 -25.94 6.47
N LEU H 59 -20.44 -26.90 7.33
CA LEU H 59 -19.55 -27.96 7.75
C LEU H 59 -19.34 -29.03 6.69
N GLY H 60 -20.29 -29.16 5.75
CA GLY H 60 -20.25 -30.18 4.71
C GLY H 60 -21.14 -31.38 4.94
N LYS H 61 -21.76 -31.50 6.12
CA LYS H 61 -22.68 -32.59 6.38
C LYS H 61 -23.92 -32.40 5.52
N ILE H 62 -24.21 -33.41 4.69
CA ILE H 62 -25.31 -33.38 3.72
C ILE H 62 -26.41 -34.29 4.23
N ILE H 63 -27.66 -33.86 4.09
CA ILE H 63 -28.83 -34.68 4.35
C ILE H 63 -29.77 -34.58 3.16
N ILE H 64 -30.18 -35.68 2.52
CA ILE H 64 -31.03 -35.63 1.29
C ILE H 64 -32.41 -35.99 1.70
N THR H 65 -33.39 -35.13 1.50
CA THR H 65 -34.70 -35.41 2.06
C THR H 65 -35.97 -34.89 1.46
N ASN H 66 -37.08 -35.55 1.74
CA ASN H 66 -38.37 -35.11 1.25
C ASN H 66 -39.25 -34.54 2.27
N ASP H 67 -38.74 -34.28 3.44
CA ASP H 67 -39.60 -33.82 4.52
C ASP H 67 -39.35 -32.40 4.86
N ALA H 68 -40.40 -31.64 4.97
CA ALA H 68 -40.24 -30.29 5.34
C ALA H 68 -39.59 -30.06 6.64
N ALA H 69 -40.18 -30.50 7.72
CA ALA H 69 -39.61 -30.12 9.00
C ALA H 69 -38.11 -30.37 9.06
N THR H 70 -37.62 -31.40 8.36
CA THR H 70 -36.21 -31.75 8.43
C THR H 70 -35.34 -30.80 7.62
N MET H 71 -35.77 -30.48 6.40
CA MET H 71 -34.98 -29.61 5.53
C MET H 71 -34.85 -28.19 6.05
N LEU H 72 -35.87 -27.68 6.73
CA LEU H 72 -35.87 -26.30 7.21
C LEU H 72 -34.98 -26.08 8.44
N ARG H 73 -34.49 -27.15 9.08
CA ARG H 73 -33.62 -26.98 10.24
C ARG H 73 -32.27 -26.38 9.84
N GLU H 74 -31.70 -26.84 8.73
CA GLU H 74 -30.35 -26.44 8.35
C GLU H 74 -30.30 -25.08 7.66
N LEU H 75 -31.33 -24.72 6.91
CA LEU H 75 -31.33 -23.46 6.18
C LEU H 75 -31.45 -22.29 7.14
N ASP H 76 -30.48 -21.39 7.09
CA ASP H 76 -30.51 -20.14 7.84
C ASP H 76 -31.39 -19.15 7.09
N ILE H 77 -32.46 -18.68 7.76
CA ILE H 77 -33.49 -17.86 7.14
C ILE H 77 -33.34 -16.44 7.66
N VAL H 78 -33.59 -15.47 6.78
CA VAL H 78 -33.56 -14.05 7.13
C VAL H 78 -34.96 -13.53 7.43
N HIS H 79 -35.94 -13.90 6.61
CA HIS H 79 -37.29 -13.39 6.77
C HIS H 79 -37.93 -13.98 8.04
N PRO H 80 -38.44 -13.17 8.98
CA PRO H 80 -39.07 -13.78 10.16
C PRO H 80 -40.37 -14.52 9.88
N ALA H 81 -41.17 -14.05 8.92
CA ALA H 81 -42.43 -14.71 8.59
C ALA H 81 -42.23 -16.12 8.04
N VAL H 82 -41.09 -16.38 7.40
CA VAL H 82 -40.79 -17.73 6.95
C VAL H 82 -40.37 -18.62 8.12
N LYS H 83 -39.72 -18.04 9.14
CA LYS H 83 -39.35 -18.80 10.32
C LYS H 83 -40.55 -19.29 11.12
N VAL H 84 -41.71 -18.63 10.97
CA VAL H 84 -42.93 -19.13 11.59
C VAL H 84 -43.30 -20.49 11.03
N LEU H 85 -43.09 -20.68 9.72
CA LEU H 85 -43.34 -21.98 9.11
C LEU H 85 -42.32 -23.02 9.55
N VAL H 86 -41.08 -22.60 9.84
CA VAL H 86 -40.06 -23.53 10.29
C VAL H 86 -40.41 -24.08 11.67
N MET H 87 -40.73 -23.18 12.60
CA MET H 87 -41.13 -23.62 13.94
C MET H 87 -42.50 -24.25 13.97
N ALA H 88 -43.38 -23.91 13.03
CA ALA H 88 -44.68 -24.57 12.95
C ALA H 88 -44.53 -26.01 12.50
N THR H 89 -43.66 -26.26 11.52
CA THR H 89 -43.37 -27.63 11.10
C THR H 89 -42.54 -28.37 12.14
N GLU H 90 -41.69 -27.66 12.88
CA GLU H 90 -40.94 -28.28 13.96
C GLU H 90 -41.87 -28.75 15.07
N GLN H 91 -42.91 -27.98 15.36
CA GLN H 91 -43.93 -28.42 16.31
C GLN H 91 -44.67 -29.64 15.80
N GLN H 92 -44.91 -29.71 14.48
CA GLN H 92 -45.60 -30.86 13.91
C GLN H 92 -44.77 -32.12 14.04
N LYS H 93 -43.45 -32.02 13.86
CA LYS H 93 -42.59 -33.19 13.92
C LYS H 93 -42.45 -33.70 15.35
N ILE H 94 -42.40 -32.78 16.33
CA ILE H 94 -42.16 -33.19 17.72
C ILE H 94 -43.39 -33.86 18.30
N ASP H 95 -44.57 -33.27 18.09
CA ASP H 95 -45.77 -33.78 18.74
C ASP H 95 -46.27 -35.05 18.07
N MET H 96 -46.68 -34.96 16.81
CA MET H 96 -47.29 -36.07 16.08
C MET H 96 -46.33 -36.80 15.15
N GLY H 97 -45.32 -36.12 14.61
CA GLY H 97 -44.39 -36.76 13.71
C GLY H 97 -45.01 -37.19 12.39
N ASP H 98 -45.98 -36.44 11.90
CA ASP H 98 -46.68 -36.80 10.66
C ASP H 98 -47.41 -35.58 10.13
N GLY H 99 -47.31 -35.36 8.82
CA GLY H 99 -48.05 -34.29 8.17
C GLY H 99 -47.39 -32.93 8.25
N THR H 100 -46.10 -32.90 7.93
CA THR H 100 -45.36 -31.66 7.93
C THR H 100 -45.39 -30.92 6.63
N ASN H 101 -45.43 -31.59 5.51
CA ASN H 101 -45.54 -30.89 4.27
C ASN H 101 -46.87 -30.20 4.32
N LEU H 102 -47.90 -30.83 4.87
CA LEU H 102 -49.20 -30.22 4.84
C LEU H 102 -49.15 -28.91 5.61
N VAL H 103 -48.50 -28.89 6.76
CA VAL H 103 -48.39 -27.67 7.48
C VAL H 103 -47.79 -26.62 6.61
N MET H 104 -46.89 -26.97 5.74
CA MET H 104 -46.18 -25.99 4.93
C MET H 104 -46.99 -25.61 3.70
N ILE H 105 -47.60 -26.58 3.03
CA ILE H 105 -48.28 -26.32 1.77
C ILE H 105 -49.64 -25.67 2.00
N LEU H 106 -50.31 -25.95 3.13
CA LEU H 106 -51.61 -25.36 3.42
C LEU H 106 -51.46 -23.93 3.92
N ALA H 107 -50.60 -23.71 4.91
CA ALA H 107 -50.39 -22.38 5.46
C ALA H 107 -49.77 -21.42 4.46
N GLY H 108 -49.01 -21.91 3.49
CA GLY H 108 -48.47 -21.07 2.45
C GLY H 108 -49.54 -20.65 1.46
N GLU H 109 -50.48 -21.55 1.18
CA GLU H 109 -51.58 -21.25 0.27
C GLU H 109 -52.66 -20.38 0.93
N LEU H 110 -52.82 -20.46 2.25
CA LEU H 110 -53.70 -19.53 2.94
C LEU H 110 -53.17 -18.11 2.83
N LEU H 111 -51.85 -17.95 2.85
CA LEU H 111 -51.25 -16.64 2.58
C LEU H 111 -51.34 -16.28 1.11
N ASN H 112 -51.38 -17.28 0.22
CA ASN H 112 -51.52 -17.00 -1.21
C ASN H 112 -52.91 -16.45 -1.52
N VAL H 113 -53.96 -17.14 -1.06
CA VAL H 113 -55.32 -16.64 -1.28
C VAL H 113 -55.60 -15.39 -0.47
N SER H 114 -54.89 -15.17 0.64
CA SER H 114 -54.99 -13.92 1.37
C SER H 114 -54.39 -12.75 0.60
N GLU H 115 -53.49 -13.02 -0.34
CA GLU H 115 -52.97 -11.96 -1.22
C GLU H 115 -54.10 -11.35 -2.04
N LYS H 116 -55.08 -12.16 -2.45
CA LYS H 116 -56.24 -11.64 -3.16
C LYS H 116 -57.21 -10.93 -2.23
N LEU H 117 -57.33 -11.39 -0.99
CA LEU H 117 -58.29 -10.80 -0.05
C LEU H 117 -57.83 -9.43 0.43
N ILE H 118 -56.54 -9.28 0.76
CA ILE H 118 -56.03 -7.99 1.20
C ILE H 118 -56.04 -6.99 0.06
N SER H 119 -55.78 -7.46 -1.17
CA SER H 119 -55.85 -6.58 -2.33
C SER H 119 -57.27 -6.11 -2.63
N MET H 120 -58.28 -6.90 -2.25
CA MET H 120 -59.66 -6.49 -2.49
C MET H 120 -60.07 -5.37 -1.54
N GLY H 121 -59.58 -5.41 -0.30
CA GLY H 121 -59.83 -4.39 0.71
C GLY H 121 -60.38 -4.93 2.03
N LEU H 122 -60.21 -6.23 2.29
CA LEU H 122 -60.68 -6.82 3.54
C LEU H 122 -59.72 -6.48 4.67
N SER H 123 -60.27 -6.05 5.79
CA SER H 123 -59.47 -5.72 6.95
C SER H 123 -58.86 -6.99 7.55
N ALA H 124 -57.68 -6.82 8.16
CA ALA H 124 -56.96 -7.98 8.70
C ALA H 124 -57.68 -8.61 9.88
N VAL H 125 -58.47 -7.83 10.62
CA VAL H 125 -59.19 -8.38 11.76
C VAL H 125 -60.27 -9.34 11.30
N GLU H 126 -60.96 -9.02 10.20
CA GLU H 126 -61.99 -9.90 9.68
C GLU H 126 -61.40 -11.16 9.06
N ILE H 127 -60.16 -11.11 8.57
CA ILE H 127 -59.54 -12.28 7.96
C ILE H 127 -59.29 -13.34 9.01
N ILE H 128 -58.86 -12.94 10.21
CA ILE H 128 -58.62 -13.92 11.27
C ILE H 128 -59.93 -14.51 11.76
N GLN H 129 -60.98 -13.68 11.83
CA GLN H 129 -62.29 -14.20 12.23
C GLN H 129 -62.85 -15.15 11.19
N GLY H 130 -62.51 -14.94 9.92
CA GLY H 130 -63.01 -15.83 8.87
C GLY H 130 -62.42 -17.23 8.96
N TYR H 131 -61.10 -17.32 9.11
CA TYR H 131 -60.46 -18.63 9.17
C TYR H 131 -60.75 -19.34 10.49
N ASN H 132 -60.93 -18.60 11.58
CA ASN H 132 -61.27 -19.22 12.85
C ASN H 132 -62.65 -19.87 12.78
N MET H 133 -63.63 -19.15 12.22
CA MET H 133 -64.95 -19.73 12.01
C MET H 133 -64.92 -20.88 11.01
N ALA H 134 -64.00 -20.82 10.03
CA ALA H 134 -63.81 -21.95 9.12
C ALA H 134 -63.12 -23.12 9.83
N ARG H 135 -62.20 -22.81 10.74
CA ARG H 135 -61.50 -23.86 11.48
C ARG H 135 -62.43 -24.65 12.38
N LYS H 136 -63.36 -23.97 13.06
CA LYS H 136 -64.30 -24.68 13.93
C LYS H 136 -65.20 -25.60 13.13
N PHE H 137 -65.59 -25.19 11.91
CA PHE H 137 -66.38 -26.05 11.04
C PHE H 137 -65.53 -27.13 10.39
N THR H 138 -64.25 -26.85 10.12
CA THR H 138 -63.38 -27.84 9.51
C THR H 138 -63.11 -29.00 10.46
N LEU H 139 -62.72 -28.68 11.70
CA LEU H 139 -62.46 -29.73 12.69
C LEU H 139 -63.73 -30.48 13.08
N LYS H 140 -64.90 -29.84 12.97
CA LYS H 140 -66.15 -30.52 13.29
C LYS H 140 -66.47 -31.58 12.24
N GLU H 141 -66.30 -31.25 10.96
CA GLU H 141 -66.66 -32.17 9.88
C GLU H 141 -65.66 -33.31 9.71
N LEU H 142 -64.42 -33.15 10.18
CA LEU H 142 -63.47 -34.25 10.12
C LEU H 142 -63.91 -35.43 10.98
N ASP H 143 -64.58 -35.16 12.10
CA ASP H 143 -65.13 -36.22 12.92
C ASP H 143 -66.38 -36.85 12.33
N GLU H 144 -67.11 -36.12 11.47
CA GLU H 144 -68.36 -36.61 10.91
C GLU H 144 -68.15 -37.58 9.74
N MET H 145 -67.23 -37.26 8.83
CA MET H 145 -67.01 -38.06 7.63
C MET H 145 -65.94 -39.15 7.83
N VAL H 146 -65.70 -39.57 9.07
CA VAL H 146 -64.72 -40.61 9.36
C VAL H 146 -65.36 -41.96 9.13
N VAL H 147 -64.58 -42.90 8.59
CA VAL H 147 -65.04 -44.26 8.31
C VAL H 147 -63.92 -45.22 8.68
N GLY H 148 -64.28 -46.33 9.31
CA GLY H 148 -63.33 -47.38 9.63
C GLY H 148 -62.64 -47.17 10.97
N GLU H 149 -62.15 -48.28 11.51
CA GLU H 149 -61.43 -48.27 12.77
C GLU H 149 -60.58 -49.53 12.86
N ILE H 150 -59.55 -49.46 13.69
CA ILE H 150 -58.60 -50.56 13.84
C ILE H 150 -59.13 -51.61 14.82
N THR H 151 -59.36 -51.20 16.08
CA THR H 151 -59.99 -52.04 17.11
C THR H 151 -59.13 -53.22 17.58
N ASP H 152 -57.88 -53.33 17.11
CA ASP H 152 -56.98 -54.39 17.52
C ASP H 152 -55.54 -53.89 17.45
N LYS H 153 -54.84 -53.99 18.58
CA LYS H 153 -53.50 -53.43 18.67
C LYS H 153 -52.49 -54.20 17.82
N ASN H 154 -52.69 -55.51 17.66
CA ASN H 154 -51.74 -56.39 16.98
C ASN H 154 -52.49 -57.21 15.94
N ASP H 155 -52.14 -57.01 14.66
CA ASP H 155 -52.68 -57.79 13.57
C ASP H 155 -51.78 -57.64 12.36
N LYS H 156 -51.66 -58.70 11.57
CA LYS H 156 -50.76 -58.67 10.42
C LYS H 156 -51.31 -57.80 9.30
N ASN H 157 -52.62 -57.90 9.02
CA ASN H 157 -53.23 -57.19 7.90
C ASN H 157 -53.57 -55.75 8.24
N GLU H 158 -53.91 -55.44 9.49
CA GLU H 158 -54.29 -54.08 9.85
C GLU H 158 -53.12 -53.13 9.83
N LEU H 159 -51.93 -53.57 10.22
CA LEU H 159 -50.76 -52.69 10.20
C LEU H 159 -50.34 -52.32 8.78
N LEU H 160 -50.66 -53.15 7.79
CA LEU H 160 -50.39 -52.78 6.41
C LEU H 160 -51.21 -51.57 5.96
N LYS H 161 -52.40 -51.37 6.53
CA LYS H 161 -53.19 -50.18 6.26
C LYS H 161 -52.65 -48.94 6.97
N MET H 162 -51.88 -49.09 8.05
CA MET H 162 -51.36 -47.99 8.83
C MET H 162 -49.98 -47.53 8.34
N ILE H 163 -49.01 -48.43 8.29
CA ILE H 163 -47.63 -48.04 8.02
C ILE H 163 -47.45 -47.67 6.56
N LYS H 164 -48.03 -48.45 5.65
CA LYS H 164 -47.82 -48.32 4.20
C LYS H 164 -48.20 -46.95 3.65
N PRO H 165 -49.35 -46.34 3.98
CA PRO H 165 -49.59 -44.97 3.48
C PRO H 165 -48.71 -43.92 4.11
N VAL H 166 -48.08 -44.20 5.25
CA VAL H 166 -47.20 -43.22 5.89
C VAL H 166 -45.84 -43.20 5.19
N ILE H 167 -45.18 -44.35 5.09
CA ILE H 167 -43.86 -44.42 4.45
C ILE H 167 -43.92 -44.32 2.93
N SER H 168 -45.12 -44.32 2.32
CA SER H 168 -45.24 -44.17 0.88
C SER H 168 -44.76 -42.80 0.41
N SER H 169 -44.81 -41.77 1.25
CA SER H 169 -44.31 -40.46 0.87
C SER H 169 -42.79 -40.40 0.90
N LYS H 170 -42.18 -40.85 1.99
CA LYS H 170 -40.73 -40.82 2.17
C LYS H 170 -40.14 -42.15 1.72
N LYS H 171 -39.47 -42.14 0.56
CA LYS H 171 -38.75 -43.30 0.03
C LYS H 171 -39.71 -44.47 -0.20
N TYR H 172 -40.58 -44.28 -1.18
CA TYR H 172 -41.58 -45.28 -1.54
C TYR H 172 -40.94 -46.63 -1.88
N GLY H 173 -40.19 -46.67 -2.97
CA GLY H 173 -39.46 -47.89 -3.33
C GLY H 173 -40.40 -49.04 -3.63
N SER H 174 -40.19 -50.15 -2.92
CA SER H 174 -41.10 -51.28 -2.89
C SER H 174 -41.90 -51.23 -1.58
N GLU H 175 -43.15 -51.69 -1.66
CA GLU H 175 -44.08 -51.51 -0.53
C GLU H 175 -43.91 -52.60 0.51
N ASP H 176 -43.80 -53.86 0.07
CA ASP H 176 -43.85 -54.98 1.02
C ASP H 176 -42.58 -55.08 1.86
N ILE H 177 -41.40 -54.97 1.23
CA ILE H 177 -40.14 -55.15 1.96
C ILE H 177 -39.90 -54.10 3.03
N LEU H 178 -40.43 -52.88 2.85
CA LEU H 178 -40.29 -51.83 3.84
C LEU H 178 -41.37 -51.85 4.90
N SER H 179 -42.58 -52.29 4.56
CA SER H 179 -43.68 -52.30 5.52
C SER H 179 -43.56 -53.46 6.51
N GLU H 180 -43.07 -54.61 6.04
CA GLU H 180 -42.95 -55.78 6.91
C GLU H 180 -41.90 -55.59 8.00
N LEU H 181 -40.87 -54.77 7.76
CA LEU H 181 -39.87 -54.53 8.79
C LEU H 181 -40.46 -53.77 9.98
N VAL H 182 -41.44 -52.91 9.74
CA VAL H 182 -42.04 -52.10 10.81
C VAL H 182 -43.14 -52.87 11.53
N SER H 183 -44.03 -53.53 10.77
CA SER H 183 -45.12 -54.29 11.37
C SER H 183 -44.63 -55.46 12.21
N GLU H 184 -43.49 -56.05 11.86
CA GLU H 184 -42.91 -57.11 12.67
C GLU H 184 -42.30 -56.55 13.95
N ALA H 185 -41.66 -55.38 13.88
CA ALA H 185 -41.03 -54.78 15.04
C ALA H 185 -42.04 -54.14 15.99
N VAL H 186 -43.19 -53.68 15.49
CA VAL H 186 -44.19 -53.07 16.37
C VAL H 186 -44.80 -54.14 17.27
N SER H 187 -45.03 -55.34 16.74
CA SER H 187 -45.61 -56.43 17.52
C SER H 187 -44.68 -56.92 18.63
N HIS H 188 -43.37 -56.74 18.47
CA HIS H 188 -42.44 -57.24 19.49
C HIS H 188 -42.48 -56.37 20.73
N VAL H 189 -42.51 -55.04 20.55
CA VAL H 189 -42.36 -54.10 21.66
C VAL H 189 -43.67 -53.82 22.38
N LEU H 190 -44.81 -54.05 21.75
CA LEU H 190 -46.09 -53.70 22.37
C LEU H 190 -46.39 -54.64 23.54
N PRO H 191 -46.80 -54.15 24.71
CA PRO H 191 -47.40 -55.05 25.72
C PRO H 191 -48.83 -55.43 25.42
N VAL H 192 -49.05 -56.54 24.72
CA VAL H 192 -50.35 -56.94 24.20
C VAL H 192 -51.37 -57.08 25.33
N ALA H 193 -51.20 -58.12 26.16
CA ALA H 193 -51.95 -58.33 27.42
C ALA H 193 -53.47 -58.24 27.23
N GLN H 194 -53.98 -59.01 26.27
CA GLN H 194 -55.41 -58.97 25.98
C GLN H 194 -56.21 -59.57 27.13
N GLN H 195 -57.43 -59.04 27.31
CA GLN H 195 -58.36 -59.49 28.35
C GLN H 195 -57.78 -59.31 29.75
N ALA H 196 -57.24 -58.11 30.01
CA ALA H 196 -56.71 -57.74 31.32
C ALA H 196 -57.18 -56.36 31.80
N GLY H 197 -57.58 -55.47 30.89
CA GLY H 197 -58.02 -54.16 31.28
C GLY H 197 -56.92 -53.18 31.61
N GLU H 198 -55.67 -53.48 31.25
CA GLU H 198 -54.55 -52.60 31.52
C GLU H 198 -54.48 -51.50 30.47
N ILE H 199 -53.84 -50.39 30.84
CA ILE H 199 -53.68 -49.26 29.93
C ILE H 199 -52.55 -49.57 28.95
N PRO H 200 -52.72 -49.41 27.64
CA PRO H 200 -51.58 -49.62 26.74
C PRO H 200 -50.51 -48.55 26.93
N TYR H 201 -49.30 -48.88 26.50
CA TYR H 201 -48.15 -47.99 26.61
C TYR H 201 -47.19 -48.26 25.46
N PHE H 202 -46.64 -47.18 24.90
CA PHE H 202 -45.71 -47.28 23.78
C PHE H 202 -44.79 -46.08 23.82
N ASN H 203 -43.51 -46.32 23.52
CA ASN H 203 -42.46 -45.31 23.54
C ASN H 203 -41.86 -45.16 22.15
N VAL H 204 -41.62 -43.91 21.75
CA VAL H 204 -41.01 -43.65 20.46
C VAL H 204 -39.56 -44.12 20.46
N ASP H 205 -38.87 -44.01 21.59
CA ASP H 205 -37.47 -44.40 21.72
C ASP H 205 -37.26 -45.91 21.79
N SER H 206 -38.31 -46.72 21.79
CA SER H 206 -38.15 -48.16 21.84
C SER H 206 -37.56 -48.69 20.53
N ILE H 207 -38.21 -48.42 19.41
CA ILE H 207 -37.75 -48.85 18.09
C ILE H 207 -36.68 -47.86 17.64
N ARG H 208 -35.47 -48.37 17.39
CA ARG H 208 -34.35 -47.58 16.92
C ARG H 208 -33.61 -48.34 15.84
N VAL H 209 -33.16 -47.62 14.81
CA VAL H 209 -32.55 -48.18 13.61
C VAL H 209 -31.06 -47.89 13.67
N VAL H 210 -30.25 -48.93 13.52
CA VAL H 210 -28.79 -48.82 13.46
C VAL H 210 -28.38 -48.90 11.99
N LYS H 211 -27.64 -47.90 11.53
CA LYS H 211 -27.23 -47.81 10.14
C LYS H 211 -25.97 -48.63 9.92
N ILE H 212 -26.01 -49.55 8.95
CA ILE H 212 -24.86 -50.36 8.55
C ILE H 212 -24.76 -50.28 7.03
N MET H 213 -23.58 -49.93 6.54
CA MET H 213 -23.36 -49.82 5.11
C MET H 213 -23.29 -51.20 4.48
N GLY H 214 -23.40 -51.23 3.14
CA GLY H 214 -23.32 -52.47 2.39
C GLY H 214 -24.64 -53.19 2.29
N GLY H 215 -24.65 -54.23 1.46
CA GLY H 215 -25.83 -55.04 1.26
C GLY H 215 -26.84 -54.38 0.34
N SER H 216 -28.10 -54.79 0.52
CA SER H 216 -29.22 -54.27 -0.26
C SER H 216 -30.44 -54.19 0.64
N LEU H 217 -31.46 -53.48 0.17
CA LEU H 217 -32.67 -53.28 0.96
C LEU H 217 -33.44 -54.56 1.18
N SER H 218 -33.32 -55.54 0.28
CA SER H 218 -34.01 -56.82 0.45
C SER H 218 -33.39 -57.68 1.55
N ASN H 219 -32.10 -57.52 1.84
CA ASN H 219 -31.42 -58.29 2.87
C ASN H 219 -31.64 -57.77 4.27
N SER H 220 -32.49 -56.75 4.47
CA SER H 220 -32.74 -56.23 5.80
C SER H 220 -33.58 -57.21 6.60
N THR H 221 -33.20 -57.40 7.87
CA THR H 221 -33.86 -58.31 8.80
C THR H 221 -34.31 -57.53 10.04
N VAL H 222 -35.20 -58.16 10.80
CA VAL H 222 -35.77 -57.59 12.02
C VAL H 222 -35.16 -58.33 13.20
N ILE H 223 -34.38 -57.62 14.00
CA ILE H 223 -33.67 -58.19 15.15
C ILE H 223 -34.56 -58.03 16.38
N LYS H 224 -34.63 -59.09 17.19
CA LYS H 224 -35.40 -59.03 18.41
C LYS H 224 -34.77 -58.08 19.43
N GLY H 225 -33.46 -58.17 19.60
CA GLY H 225 -32.71 -57.40 20.58
C GLY H 225 -32.20 -56.10 20.00
N MET H 226 -30.89 -55.88 20.17
CA MET H 226 -30.22 -54.66 19.74
C MET H 226 -28.82 -55.01 19.22
N VAL H 227 -28.04 -53.99 18.90
CA VAL H 227 -26.73 -54.18 18.29
C VAL H 227 -25.89 -52.93 18.52
N PHE H 228 -24.59 -53.15 18.72
CA PHE H 228 -23.57 -52.10 18.71
C PHE H 228 -22.38 -52.57 17.89
N ASN H 229 -21.50 -51.64 17.56
CA ASN H 229 -20.25 -51.93 16.83
C ASN H 229 -19.08 -52.03 17.82
N ARG H 230 -19.19 -53.01 18.71
CA ARG H 230 -18.23 -53.25 19.79
C ARG H 230 -17.37 -54.47 19.46
N GLU H 231 -16.29 -54.60 20.22
CA GLU H 231 -15.34 -55.70 20.15
C GLU H 231 -15.18 -56.31 21.53
N PRO H 232 -15.42 -57.62 21.73
CA PRO H 232 -15.06 -58.22 23.02
C PRO H 232 -13.56 -58.17 23.27
N GLU H 233 -13.20 -57.91 24.53
CA GLU H 233 -11.81 -57.70 24.89
C GLU H 233 -11.07 -59.03 25.04
N GLY H 234 -11.54 -59.88 25.94
CA GLY H 234 -10.83 -61.11 26.24
C GLY H 234 -10.89 -62.13 25.14
N HIS H 235 -12.09 -62.66 24.87
CA HIS H 235 -12.28 -63.67 23.85
C HIS H 235 -13.68 -63.54 23.28
N VAL H 236 -13.86 -64.11 22.09
CA VAL H 236 -15.15 -64.19 21.42
C VAL H 236 -15.71 -65.60 21.61
N LYS H 237 -17.03 -65.70 21.68
CA LYS H 237 -17.72 -66.96 21.92
C LYS H 237 -19.01 -66.98 21.11
N SER H 238 -19.17 -68.05 20.33
CA SER H 238 -20.45 -68.29 19.64
C SER H 238 -21.56 -68.63 20.63
N LEU H 239 -21.21 -69.24 21.77
CA LEU H 239 -22.17 -69.62 22.80
C LEU H 239 -23.23 -70.59 22.26
N SER H 240 -22.75 -71.77 21.85
CA SER H 240 -23.62 -72.85 21.42
C SER H 240 -24.25 -73.62 22.57
N GLU H 241 -23.99 -73.22 23.83
CA GLU H 241 -24.57 -73.86 25.00
C GLU H 241 -25.98 -73.34 25.29
N ASP H 242 -27.00 -74.20 25.25
CA ASP H 242 -28.38 -73.83 25.57
C ASP H 242 -28.51 -73.72 27.09
N LYS H 243 -29.75 -73.79 27.61
CA LYS H 243 -30.00 -73.62 29.04
C LYS H 243 -29.58 -72.22 29.50
N LYS H 244 -30.40 -71.24 29.11
CA LYS H 244 -30.08 -69.82 28.91
C LYS H 244 -29.17 -69.20 29.97
N HIS H 245 -28.32 -68.27 29.52
CA HIS H 245 -27.37 -67.61 30.40
C HIS H 245 -28.11 -66.54 31.20
N LYS H 246 -27.37 -65.91 32.11
CA LYS H 246 -27.87 -64.83 32.95
C LYS H 246 -27.12 -63.55 32.62
N VAL H 247 -27.74 -62.42 32.96
CA VAL H 247 -27.24 -61.09 32.63
C VAL H 247 -27.21 -60.26 33.91
N ALA H 248 -26.10 -59.54 34.12
CA ALA H 248 -25.92 -58.64 35.25
C ALA H 248 -25.39 -57.31 34.73
N VAL H 249 -26.11 -56.23 35.04
CA VAL H 249 -25.80 -54.89 34.54
C VAL H 249 -25.27 -54.07 35.71
N PHE H 250 -24.10 -53.46 35.52
CA PHE H 250 -23.47 -52.56 36.48
C PHE H 250 -23.20 -51.23 35.81
N THR H 251 -23.65 -50.14 36.43
CA THR H 251 -23.44 -48.80 35.89
C THR H 251 -22.07 -48.24 36.24
N CYS H 252 -21.42 -48.70 37.34
CA CYS H 252 -20.10 -48.25 37.72
C CYS H 252 -19.03 -49.04 36.96
N PRO H 253 -17.79 -48.56 36.87
CA PRO H 253 -16.76 -49.36 36.19
C PRO H 253 -16.39 -50.59 36.99
N LEU H 254 -16.02 -51.65 36.27
CA LEU H 254 -15.63 -52.92 36.88
C LEU H 254 -14.18 -52.78 37.34
N ASP H 255 -13.99 -52.11 38.47
CA ASP H 255 -12.66 -51.86 39.02
C ASP H 255 -12.82 -51.56 40.50
N ILE H 256 -11.68 -51.42 41.18
CA ILE H 256 -11.69 -51.08 42.60
C ILE H 256 -12.25 -49.68 42.76
N ALA H 257 -13.21 -49.53 43.67
CA ALA H 257 -13.84 -48.23 43.93
C ALA H 257 -12.82 -47.33 44.61
N ASN H 258 -12.16 -46.49 43.83
CA ASN H 258 -11.14 -45.61 44.38
C ASN H 258 -11.77 -44.50 45.21
N THR H 259 -10.99 -44.00 46.17
CA THR H 259 -11.47 -42.90 47.01
C THR H 259 -11.55 -41.62 46.18
N GLU H 260 -12.67 -40.91 46.32
CA GLU H 260 -12.89 -39.69 45.54
C GLU H 260 -11.93 -38.56 45.93
N THR H 261 -11.38 -38.57 47.14
CA THR H 261 -10.53 -37.50 47.67
C THR H 261 -9.14 -38.03 47.92
N LYS H 262 -8.24 -37.83 46.95
CA LYS H 262 -6.80 -38.07 47.08
C LYS H 262 -6.50 -39.53 47.45
N GLY H 263 -6.81 -40.41 46.50
CA GLY H 263 -6.48 -41.82 46.65
C GLY H 263 -5.03 -42.08 46.32
N THR H 264 -4.21 -42.25 47.37
CA THR H 264 -2.76 -42.40 47.24
C THR H 264 -2.28 -43.51 48.18
N VAL H 265 -1.32 -44.29 47.69
CA VAL H 265 -0.78 -45.39 48.46
C VAL H 265 0.00 -44.87 49.66
N LEU H 266 0.12 -45.70 50.69
CA LEU H 266 0.90 -45.40 51.88
C LEU H 266 1.43 -46.71 52.43
N LEU H 267 2.75 -46.87 52.45
CA LEU H 267 3.42 -48.11 52.84
C LEU H 267 4.56 -47.75 53.79
N HIS H 268 4.36 -48.02 55.09
CA HIS H 268 5.32 -47.60 56.10
C HIS H 268 6.51 -48.54 56.21
N ASN H 269 6.34 -49.83 55.88
CA ASN H 269 7.38 -50.83 56.05
C ASN H 269 7.28 -51.86 54.93
N ALA H 270 8.26 -52.75 54.89
CA ALA H 270 8.34 -53.74 53.82
C ALA H 270 7.23 -54.79 53.92
N GLN H 271 6.66 -55.00 55.12
CA GLN H 271 5.60 -55.99 55.26
C GLN H 271 4.36 -55.57 54.48
N GLU H 272 4.07 -54.27 54.42
CA GLU H 272 2.96 -53.78 53.63
C GLU H 272 3.31 -53.73 52.14
N MET H 273 4.58 -53.54 51.81
CA MET H 273 5.00 -53.55 50.40
C MET H 273 4.81 -54.93 49.78
N LEU H 274 5.06 -55.99 50.54
CA LEU H 274 4.93 -57.33 49.99
C LEU H 274 3.47 -57.72 49.78
N ASP H 275 2.59 -57.33 50.71
CA ASP H 275 1.18 -57.72 50.66
C ASP H 275 0.31 -56.77 49.85
N PHE H 276 0.79 -55.56 49.54
CA PHE H 276 -0.04 -54.61 48.80
C PHE H 276 -0.22 -55.05 47.35
N SER H 277 0.78 -55.69 46.76
CA SER H 277 0.63 -56.17 45.39
C SER H 277 -0.31 -57.36 45.29
N LYS H 278 -0.21 -58.30 46.22
CA LYS H 278 -1.10 -59.45 46.25
C LYS H 278 -2.47 -59.13 46.83
N GLY H 279 -2.58 -58.10 47.66
CA GLY H 279 -3.88 -57.73 48.21
C GLY H 279 -4.87 -57.27 47.16
N GLU H 280 -4.39 -56.53 46.16
CA GLU H 280 -5.27 -56.09 45.09
C GLU H 280 -5.74 -57.26 44.22
N GLU H 281 -4.88 -58.27 44.04
CA GLU H 281 -5.28 -59.43 43.26
C GLU H 281 -6.31 -60.27 43.99
N LYS H 282 -6.07 -60.53 45.28
CA LYS H 282 -7.01 -61.33 46.06
C LYS H 282 -8.32 -60.59 46.31
N GLN H 283 -8.26 -59.26 46.42
CA GLN H 283 -9.50 -58.50 46.64
C GLN H 283 -10.37 -58.50 45.40
N ILE H 284 -9.77 -58.31 44.22
CA ILE H 284 -10.54 -58.31 42.98
C ILE H 284 -11.06 -59.72 42.69
N ASP H 285 -10.26 -60.74 43.02
CA ASP H 285 -10.70 -62.12 42.80
C ASP H 285 -11.86 -62.47 43.73
N ALA H 286 -11.81 -62.01 44.97
CA ALA H 286 -12.86 -62.35 45.93
C ALA H 286 -14.21 -61.74 45.55
N MET H 287 -14.19 -60.56 44.93
CA MET H 287 -15.45 -59.96 44.48
C MET H 287 -16.04 -60.71 43.28
N MET H 288 -15.18 -61.28 42.43
CA MET H 288 -15.67 -62.06 41.30
C MET H 288 -16.23 -63.42 41.70
N LYS H 289 -15.89 -63.93 42.89
CA LYS H 289 -16.41 -65.23 43.30
C LYS H 289 -17.91 -65.16 43.55
N GLU H 290 -18.37 -64.13 44.27
CA GLU H 290 -19.80 -63.96 44.50
C GLU H 290 -20.54 -63.66 43.20
N ILE H 291 -19.89 -63.02 42.23
CA ILE H 291 -20.54 -62.74 40.95
C ILE H 291 -20.55 -63.99 40.08
N ALA H 292 -19.46 -64.76 40.10
CA ALA H 292 -19.34 -65.94 39.25
C ALA H 292 -20.19 -67.10 39.71
N ASP H 293 -20.44 -67.24 41.01
CA ASP H 293 -21.23 -68.36 41.52
C ASP H 293 -22.71 -68.26 41.16
N MET H 294 -23.20 -67.07 40.80
CA MET H 294 -24.59 -66.90 40.40
C MET H 294 -24.87 -67.39 38.97
N GLY H 295 -23.86 -67.83 38.23
CA GLY H 295 -24.08 -68.37 36.90
C GLY H 295 -24.18 -67.35 35.80
N VAL H 296 -23.62 -66.15 36.00
CA VAL H 296 -23.62 -65.10 34.99
C VAL H 296 -22.44 -65.33 34.05
N GLU H 297 -22.66 -65.03 32.76
CA GLU H 297 -21.67 -65.20 31.71
C GLU H 297 -21.48 -63.97 30.83
N CYS H 298 -22.10 -62.84 31.16
CA CYS H 298 -21.88 -61.60 30.42
C CYS H 298 -22.29 -60.43 31.30
N ILE H 299 -21.43 -59.42 31.37
CA ILE H 299 -21.64 -58.24 32.21
C ILE H 299 -21.44 -57.02 31.33
N VAL H 300 -22.42 -56.12 31.35
CA VAL H 300 -22.38 -54.88 30.58
C VAL H 300 -21.83 -53.78 31.49
N ALA H 301 -20.67 -53.24 31.13
CA ALA H 301 -20.00 -52.21 31.91
C ALA H 301 -20.44 -50.83 31.43
N GLY H 302 -20.41 -49.87 32.35
CA GLY H 302 -20.84 -48.51 32.09
C GLY H 302 -19.71 -47.54 31.75
N ALA H 303 -18.48 -47.88 32.12
CA ALA H 303 -17.33 -47.02 31.89
C ALA H 303 -16.11 -47.92 31.67
N GLY H 304 -14.92 -47.33 31.75
CA GLY H 304 -13.71 -48.10 31.49
C GLY H 304 -13.47 -49.15 32.56
N VAL H 305 -13.08 -50.34 32.10
CA VAL H 305 -12.82 -51.50 32.95
C VAL H 305 -11.33 -51.69 33.06
N GLY H 306 -10.85 -51.99 34.26
CA GLY H 306 -9.44 -52.23 34.47
C GLY H 306 -9.00 -53.56 33.91
N GLU H 307 -7.68 -53.72 33.80
CA GLU H 307 -7.10 -54.95 33.25
C GLU H 307 -7.12 -56.08 34.26
N LEU H 308 -6.87 -55.79 35.54
CA LEU H 308 -6.90 -56.84 36.57
C LEU H 308 -8.31 -57.42 36.73
N ALA H 309 -9.33 -56.57 36.68
CA ALA H 309 -10.70 -57.08 36.72
C ALA H 309 -11.04 -57.87 35.47
N LEU H 310 -10.46 -57.48 34.33
CA LEU H 310 -10.71 -58.21 33.09
C LEU H 310 -10.07 -59.59 33.10
N HIS H 311 -8.96 -59.76 33.83
CA HIS H 311 -8.26 -61.04 33.83
C HIS H 311 -9.07 -62.13 34.52
N TYR H 312 -9.82 -61.76 35.57
CA TYR H 312 -10.68 -62.71 36.27
C TYR H 312 -12.05 -62.90 35.62
N LEU H 313 -12.49 -61.95 34.79
CA LEU H 313 -13.76 -62.11 34.10
C LEU H 313 -13.67 -63.13 32.98
N ASN H 314 -12.68 -63.00 32.11
CA ASN H 314 -12.48 -63.94 31.01
C ASN H 314 -11.88 -65.28 31.46
N ARG H 315 -11.49 -65.39 32.74
CA ARG H 315 -11.11 -66.70 33.28
C ARG H 315 -12.28 -67.66 33.24
N TYR H 316 -13.43 -67.24 33.79
CA TYR H 316 -14.66 -68.02 33.76
C TYR H 316 -15.48 -67.79 32.50
N GLY H 317 -14.96 -67.09 31.50
CA GLY H 317 -15.68 -66.89 30.26
C GLY H 317 -16.83 -65.91 30.35
N ILE H 318 -16.65 -64.81 31.08
CA ILE H 318 -17.67 -63.76 31.23
C ILE H 318 -17.41 -62.71 30.16
N LEU H 319 -18.41 -62.45 29.34
CA LEU H 319 -18.27 -61.46 28.28
C LEU H 319 -18.36 -60.05 28.87
N VAL H 320 -17.62 -59.12 28.26
CA VAL H 320 -17.58 -57.71 28.68
C VAL H 320 -18.11 -56.87 27.51
N LEU H 321 -18.95 -55.90 27.83
CA LEU H 321 -19.56 -54.99 26.86
C LEU H 321 -19.41 -53.55 27.36
N LYS H 322 -18.99 -52.67 26.46
CA LYS H 322 -18.82 -51.24 26.77
C LYS H 322 -20.08 -50.48 26.36
N VAL H 323 -20.54 -49.60 27.23
CA VAL H 323 -21.65 -48.70 26.96
C VAL H 323 -21.34 -47.37 27.62
N PRO H 324 -20.36 -46.61 27.10
CA PRO H 324 -19.92 -45.39 27.80
C PRO H 324 -20.83 -44.20 27.50
N SER H 325 -22.05 -44.27 28.05
CA SER H 325 -23.05 -43.20 27.97
C SER H 325 -24.23 -43.63 28.85
N LYS H 326 -25.14 -42.73 29.19
CA LYS H 326 -26.28 -43.04 30.04
C LYS H 326 -27.41 -43.73 29.28
N PHE H 327 -27.78 -43.19 28.11
CA PHE H 327 -28.94 -43.73 27.40
C PHE H 327 -28.62 -45.07 26.76
N GLU H 328 -27.37 -45.28 26.32
CA GLU H 328 -27.00 -46.58 25.76
C GLU H 328 -27.06 -47.69 26.79
N LEU H 329 -26.86 -47.38 28.07
CA LEU H 329 -26.96 -48.37 29.14
C LEU H 329 -28.41 -48.60 29.57
N ARG H 330 -29.26 -47.58 29.49
CA ARG H 330 -30.65 -47.73 29.92
C ARG H 330 -31.48 -48.50 28.91
N ARG H 331 -31.21 -48.34 27.61
CA ARG H 331 -31.95 -49.04 26.58
C ARG H 331 -31.74 -50.56 26.64
N LEU H 332 -30.58 -51.02 27.11
CA LEU H 332 -30.29 -52.44 27.17
C LEU H 332 -31.00 -53.14 28.32
N CYS H 333 -31.24 -52.43 29.42
CA CYS H 333 -31.95 -53.03 30.55
C CYS H 333 -33.40 -53.35 30.21
N ARG H 334 -34.02 -52.58 29.31
CA ARG H 334 -35.41 -52.84 28.93
C ARG H 334 -35.57 -54.12 28.14
N VAL H 335 -34.52 -54.58 27.46
CA VAL H 335 -34.60 -55.82 26.68
C VAL H 335 -34.70 -57.02 27.62
N CYS H 336 -33.67 -57.22 28.44
CA CYS H 336 -33.65 -58.34 29.37
C CYS H 336 -34.47 -58.08 30.63
N GLY H 337 -34.83 -56.84 30.93
CA GLY H 337 -35.63 -56.55 32.11
C GLY H 337 -34.86 -56.61 33.41
N ALA H 338 -33.61 -56.16 33.41
CA ALA H 338 -32.74 -56.18 34.58
C ALA H 338 -32.78 -54.84 35.30
N THR H 339 -32.52 -54.89 36.60
CA THR H 339 -32.46 -53.73 37.47
C THR H 339 -31.00 -53.49 37.86
N PRO H 340 -30.29 -52.49 37.31
CA PRO H 340 -28.89 -52.31 37.71
C PRO H 340 -28.74 -51.83 39.14
N LEU H 341 -27.57 -52.15 39.72
CA LEU H 341 -27.15 -51.68 41.04
C LEU H 341 -25.69 -51.26 40.93
N PRO H 342 -25.28 -50.08 41.41
CA PRO H 342 -23.88 -49.69 41.25
C PRO H 342 -22.89 -50.48 42.10
N ARG H 343 -23.34 -51.25 43.09
CA ARG H 343 -22.42 -51.99 43.94
C ARG H 343 -21.76 -53.12 43.16
N LEU H 344 -20.56 -53.50 43.62
CA LEU H 344 -19.78 -54.57 43.03
C LEU H 344 -20.03 -55.92 43.71
N GLY H 345 -21.16 -56.07 44.39
CA GLY H 345 -21.47 -57.29 45.14
C GLY H 345 -22.15 -58.34 44.31
N ALA H 346 -23.00 -59.13 44.95
CA ALA H 346 -23.76 -60.17 44.27
C ALA H 346 -24.99 -59.55 43.61
N PRO H 347 -25.19 -59.69 42.30
CA PRO H 347 -26.51 -59.39 41.74
C PRO H 347 -27.61 -60.23 42.36
N THR H 348 -28.77 -59.60 42.53
CA THR H 348 -29.92 -60.30 43.08
C THR H 348 -30.45 -61.26 42.01
N PRO H 349 -30.93 -62.46 42.37
CA PRO H 349 -31.44 -63.37 41.32
C PRO H 349 -32.68 -62.85 40.60
N GLU H 350 -33.56 -62.13 41.29
CA GLU H 350 -34.73 -61.56 40.63
C GLU H 350 -34.34 -60.49 39.62
N GLU H 351 -33.26 -59.76 39.87
CA GLU H 351 -32.81 -58.68 39.00
C GLU H 351 -31.98 -59.15 37.81
N LEU H 352 -31.51 -60.39 37.81
CA LEU H 352 -30.71 -60.88 36.69
C LEU H 352 -31.56 -61.01 35.44
N GLY H 353 -31.00 -60.58 34.30
CA GLY H 353 -31.69 -60.65 33.04
C GLY H 353 -31.54 -62.00 32.36
N LEU H 354 -32.34 -62.19 31.30
CA LEU H 354 -32.42 -63.44 30.55
C LEU H 354 -32.09 -63.16 29.09
N VAL H 355 -30.96 -63.67 28.63
CA VAL H 355 -30.56 -63.61 27.22
C VAL H 355 -30.01 -64.99 26.85
N GLU H 356 -30.53 -65.56 25.77
CA GLU H 356 -30.17 -66.94 25.41
C GLU H 356 -28.81 -67.01 24.73
N THR H 357 -28.59 -66.15 23.72
CA THR H 357 -27.39 -66.21 22.88
C THR H 357 -26.88 -64.80 22.60
N VAL H 358 -25.56 -64.70 22.43
CA VAL H 358 -24.89 -63.45 22.06
C VAL H 358 -23.89 -63.80 20.98
N LYS H 359 -24.24 -63.50 19.73
CA LYS H 359 -23.46 -63.86 18.55
C LYS H 359 -22.61 -62.67 18.11
N THR H 360 -21.52 -62.98 17.41
CA THR H 360 -20.62 -61.98 16.80
C THR H 360 -20.33 -62.44 15.38
N MET H 361 -20.86 -61.70 14.41
CA MET H 361 -20.77 -62.04 12.99
C MET H 361 -20.40 -60.79 12.21
N GLU H 362 -20.05 -61.00 10.93
CA GLU H 362 -19.65 -59.93 10.03
C GLU H 362 -20.85 -59.52 9.17
N ILE H 363 -21.27 -58.26 9.31
CA ILE H 363 -22.40 -57.71 8.56
C ILE H 363 -21.85 -56.60 7.65
N GLY H 364 -21.28 -55.57 8.26
CA GLY H 364 -20.69 -54.45 7.55
C GLY H 364 -19.18 -54.44 7.51
N GLY H 365 -18.53 -55.58 7.71
CA GLY H 365 -17.08 -55.66 7.76
C GLY H 365 -16.45 -55.41 9.11
N ASP H 366 -17.18 -54.76 10.03
CA ASP H 366 -16.70 -54.47 11.37
C ASP H 366 -17.32 -55.44 12.36
N ARG H 367 -16.77 -55.46 13.57
CA ARG H 367 -17.24 -56.35 14.62
C ARG H 367 -18.52 -55.78 15.23
N VAL H 368 -19.55 -56.61 15.32
CA VAL H 368 -20.82 -56.26 15.95
C VAL H 368 -21.26 -57.39 16.87
N THR H 369 -21.97 -57.03 17.92
CA THR H 369 -22.50 -57.96 18.92
C THR H 369 -24.01 -57.92 18.89
N VAL H 370 -24.63 -59.10 18.81
CA VAL H 370 -26.07 -59.27 18.63
C VAL H 370 -26.64 -59.87 19.89
N PHE H 371 -27.90 -59.56 20.18
CA PHE H 371 -28.62 -60.04 21.37
C PHE H 371 -30.00 -60.56 21.00
N LYS H 372 -30.07 -61.40 19.97
CA LYS H 372 -31.36 -61.95 19.54
C LYS H 372 -31.98 -62.83 20.61
N GLN H 373 -33.22 -62.51 20.98
CA GLN H 373 -34.03 -63.35 21.84
C GLN H 373 -34.78 -64.37 20.98
N GLU H 374 -35.66 -65.15 21.63
CA GLU H 374 -36.47 -66.18 20.97
C GLU H 374 -37.94 -65.88 21.23
N GLN H 375 -38.84 -66.74 20.73
CA GLN H 375 -40.27 -66.53 20.92
C GLN H 375 -40.64 -66.58 22.40
N GLY H 376 -39.97 -67.44 23.17
CA GLY H 376 -40.18 -67.47 24.61
C GLY H 376 -39.45 -66.35 25.31
N GLU H 377 -40.10 -65.78 26.33
CA GLU H 377 -39.59 -64.65 27.10
C GLU H 377 -39.29 -63.46 26.18
N ILE H 378 -40.38 -62.94 25.59
CA ILE H 378 -40.28 -61.82 24.67
C ILE H 378 -39.72 -60.58 25.37
N SER H 379 -39.21 -59.65 24.57
CA SER H 379 -38.59 -58.42 25.05
C SER H 379 -39.10 -57.25 24.21
N ARG H 380 -38.72 -56.04 24.63
CA ARG H 380 -39.11 -54.79 24.00
C ARG H 380 -37.86 -54.01 23.60
N THR H 381 -38.08 -52.87 22.94
CA THR H 381 -37.00 -52.02 22.40
C THR H 381 -36.17 -52.80 21.38
N SER H 382 -36.88 -53.36 20.39
CA SER H 382 -36.24 -54.07 19.30
C SER H 382 -35.65 -53.09 18.30
N THR H 383 -34.71 -53.59 17.49
CA THR H 383 -34.03 -52.82 16.46
C THR H 383 -34.28 -53.44 15.09
N ILE H 384 -33.93 -52.67 14.06
CA ILE H 384 -34.12 -53.06 12.65
C ILE H 384 -32.79 -52.85 11.94
N ILE H 385 -32.21 -53.94 11.45
CA ILE H 385 -30.97 -53.87 10.67
C ILE H 385 -31.32 -53.34 9.29
N LEU H 386 -30.91 -52.11 9.00
CA LEU H 386 -31.20 -51.42 7.75
C LEU H 386 -29.94 -51.40 6.89
N ARG H 387 -29.97 -52.16 5.80
CA ARG H 387 -28.84 -52.29 4.89
C ARG H 387 -29.09 -51.42 3.66
N GLY H 388 -28.03 -50.73 3.22
CA GLY H 388 -28.13 -49.88 2.05
C GLY H 388 -26.75 -49.54 1.54
N ALA H 389 -26.73 -48.94 0.34
CA ALA H 389 -25.49 -48.63 -0.35
C ALA H 389 -24.99 -47.22 -0.06
N THR H 390 -25.90 -46.24 -0.03
CA THR H 390 -25.57 -44.83 0.16
C THR H 390 -25.95 -44.40 1.57
N GLN H 391 -25.00 -43.77 2.27
CA GLN H 391 -25.25 -43.32 3.64
C GLN H 391 -26.34 -42.26 3.70
N ASN H 392 -26.48 -41.45 2.65
CA ASN H 392 -27.54 -40.45 2.62
C ASN H 392 -28.92 -41.10 2.58
N ASN H 393 -29.07 -42.23 1.89
CA ASN H 393 -30.35 -42.91 1.84
C ASN H 393 -30.67 -43.58 3.17
N LEU H 394 -29.65 -43.98 3.93
CA LEU H 394 -29.88 -44.53 5.26
C LEU H 394 -30.50 -43.50 6.20
N ASP H 395 -30.11 -42.23 6.03
CA ASP H 395 -30.61 -41.19 6.93
C ASP H 395 -32.10 -40.93 6.70
N ASP H 396 -32.53 -40.87 5.44
CA ASP H 396 -33.92 -40.56 5.15
C ASP H 396 -34.82 -41.76 5.41
N ILE H 397 -34.35 -42.98 5.15
CA ILE H 397 -35.16 -44.15 5.46
C ILE H 397 -35.27 -44.32 6.98
N GLU H 398 -34.23 -43.95 7.73
CA GLU H 398 -34.28 -44.06 9.18
C GLU H 398 -35.32 -43.12 9.76
N ARG H 399 -35.40 -41.89 9.24
CA ARG H 399 -36.44 -40.97 9.69
C ARG H 399 -37.83 -41.37 9.20
N ALA H 400 -37.92 -42.19 8.15
CA ALA H 400 -39.22 -42.72 7.76
C ALA H 400 -39.73 -43.73 8.78
N ILE H 401 -38.83 -44.50 9.39
CA ILE H 401 -39.23 -45.38 10.48
C ILE H 401 -39.67 -44.57 11.69
N ASP H 402 -39.02 -43.43 11.93
CA ASP H 402 -39.44 -42.55 13.01
C ASP H 402 -40.82 -41.98 12.75
N ASP H 403 -41.12 -41.67 11.48
CA ASP H 403 -42.47 -41.23 11.13
C ASP H 403 -43.48 -42.37 11.25
N GLY H 404 -43.08 -43.59 10.88
CA GLY H 404 -43.96 -44.73 11.05
C GLY H 404 -44.16 -45.08 12.51
N VAL H 405 -43.08 -45.04 13.30
CA VAL H 405 -43.19 -45.27 14.73
C VAL H 405 -44.00 -44.15 15.38
N ALA H 406 -43.86 -42.92 14.88
CA ALA H 406 -44.68 -41.82 15.38
C ALA H 406 -46.15 -41.99 15.03
N ALA H 407 -46.46 -42.67 13.93
CA ALA H 407 -47.85 -42.94 13.59
C ALA H 407 -48.47 -43.99 14.51
N VAL H 408 -47.65 -44.94 15.00
CA VAL H 408 -48.14 -45.92 15.95
C VAL H 408 -48.50 -45.26 17.28
N LYS H 409 -47.84 -44.15 17.62
CA LYS H 409 -48.18 -43.41 18.83
C LYS H 409 -49.59 -42.84 18.76
N GLY H 410 -50.07 -42.54 17.55
CA GLY H 410 -51.40 -41.99 17.36
C GLY H 410 -52.55 -42.90 17.74
N LEU H 411 -52.31 -44.20 17.94
CA LEU H 411 -53.34 -45.15 18.33
C LEU H 411 -53.52 -45.25 19.85
N MET H 412 -52.51 -44.91 20.63
CA MET H 412 -52.55 -45.12 22.08
C MET H 412 -53.41 -44.09 22.79
N LYS H 413 -53.16 -42.80 22.53
CA LYS H 413 -53.83 -41.76 23.29
C LYS H 413 -55.32 -41.66 22.97
N PRO H 414 -55.77 -41.49 21.70
CA PRO H 414 -57.22 -41.41 21.47
C PRO H 414 -57.92 -42.74 21.64
N SER H 415 -59.24 -42.76 21.46
CA SER H 415 -60.02 -43.97 21.68
C SER H 415 -59.75 -45.06 20.65
N GLY H 416 -59.32 -44.69 19.45
CA GLY H 416 -59.06 -45.70 18.43
C GLY H 416 -58.31 -45.13 17.26
N GLY H 417 -58.43 -45.82 16.12
CA GLY H 417 -57.73 -45.43 14.92
C GLY H 417 -58.34 -44.22 14.24
N LYS H 418 -59.61 -44.35 13.84
CA LYS H 418 -60.36 -43.28 13.18
C LYS H 418 -59.67 -42.83 11.89
N LEU H 419 -59.57 -43.77 10.96
CA LEU H 419 -58.93 -43.52 9.67
C LEU H 419 -59.86 -42.73 8.76
N LEU H 420 -59.25 -41.97 7.83
CA LEU H 420 -59.92 -41.14 6.84
C LEU H 420 -59.53 -41.57 5.43
N PRO H 421 -60.32 -41.26 4.39
CA PRO H 421 -59.88 -41.57 3.03
C PRO H 421 -58.78 -40.62 2.59
N GLY H 422 -57.70 -41.19 2.03
CA GLY H 422 -56.56 -40.43 1.55
C GLY H 422 -56.66 -40.10 0.08
N ALA H 423 -55.51 -39.73 -0.49
CA ALA H 423 -55.37 -39.44 -1.92
C ALA H 423 -56.25 -38.26 -2.34
N GLY H 424 -56.25 -37.21 -1.52
CA GLY H 424 -57.00 -36.00 -1.82
C GLY H 424 -58.48 -36.07 -1.53
N ALA H 425 -59.01 -37.23 -1.15
CA ALA H 425 -60.44 -37.34 -0.92
C ALA H 425 -60.88 -36.57 0.32
N THR H 426 -60.04 -36.56 1.36
CA THR H 426 -60.37 -35.80 2.57
C THR H 426 -60.29 -34.29 2.35
N GLU H 427 -59.43 -33.82 1.44
CA GLU H 427 -59.35 -32.40 1.13
C GLU H 427 -60.48 -31.95 0.22
N ILE H 428 -60.77 -32.71 -0.83
CA ILE H 428 -61.79 -32.30 -1.79
C ILE H 428 -63.19 -32.35 -1.18
N GLU H 429 -63.42 -33.20 -0.19
CA GLU H 429 -64.73 -33.25 0.47
C GLU H 429 -64.98 -32.01 1.31
N LEU H 430 -63.94 -31.49 1.98
CA LEU H 430 -64.09 -30.27 2.77
C LEU H 430 -64.37 -29.04 1.91
N ILE H 431 -64.00 -29.07 0.63
CA ILE H 431 -64.25 -27.92 -0.24
C ILE H 431 -65.74 -27.72 -0.45
N SER H 432 -66.49 -28.80 -0.64
CA SER H 432 -67.94 -28.68 -0.82
C SER H 432 -68.62 -28.34 0.50
N ARG H 433 -68.16 -28.93 1.61
CA ARG H 433 -68.78 -28.67 2.90
C ARG H 433 -68.51 -27.25 3.36
N ILE H 434 -67.27 -26.76 3.19
CA ILE H 434 -66.96 -25.40 3.60
C ILE H 434 -67.62 -24.40 2.66
N THR H 435 -67.75 -24.74 1.38
CA THR H 435 -68.44 -23.85 0.44
C THR H 435 -69.91 -23.72 0.79
N LYS H 436 -70.56 -24.81 1.18
CA LYS H 436 -71.94 -24.74 1.65
C LYS H 436 -72.03 -23.94 2.95
N TYR H 437 -71.01 -24.02 3.80
CA TYR H 437 -71.03 -23.26 5.05
C TYR H 437 -70.95 -21.77 4.79
N GLY H 438 -70.25 -21.35 3.73
CA GLY H 438 -70.21 -19.94 3.39
C GLY H 438 -71.55 -19.41 2.95
N GLU H 439 -72.35 -20.24 2.28
CA GLU H 439 -73.67 -19.83 1.84
C GLU H 439 -74.66 -19.71 2.99
N ARG H 440 -74.48 -20.48 4.07
CA ARG H 440 -75.37 -20.41 5.21
C ARG H 440 -75.13 -19.20 6.08
N THR H 441 -73.87 -18.76 6.22
CA THR H 441 -73.54 -17.61 7.07
C THR H 441 -73.69 -16.31 6.27
N PRO H 442 -74.30 -15.22 6.84
CA PRO H 442 -74.26 -13.93 6.15
C PRO H 442 -73.03 -13.10 6.53
N GLY H 443 -72.91 -11.92 5.94
CA GLY H 443 -71.87 -10.96 6.29
C GLY H 443 -70.75 -10.95 5.27
N LEU H 444 -69.82 -10.01 5.48
CA LEU H 444 -68.66 -9.85 4.62
C LEU H 444 -67.59 -10.91 4.85
N LEU H 445 -67.74 -11.78 5.85
CA LEU H 445 -66.80 -12.87 6.08
C LEU H 445 -66.99 -14.04 5.11
N GLN H 446 -68.00 -14.00 4.23
CA GLN H 446 -68.25 -15.12 3.34
C GLN H 446 -67.12 -15.32 2.35
N LEU H 447 -66.48 -14.23 1.93
CA LEU H 447 -65.34 -14.36 1.01
C LEU H 447 -64.14 -15.01 1.70
N ALA H 448 -63.97 -14.78 3.01
CA ALA H 448 -62.92 -15.47 3.74
C ALA H 448 -63.20 -16.96 3.84
N ILE H 449 -64.47 -17.33 4.03
CA ILE H 449 -64.85 -18.74 4.05
C ILE H 449 -64.68 -19.35 2.66
N LYS H 450 -64.95 -18.56 1.61
CA LYS H 450 -64.82 -19.07 0.25
C LYS H 450 -63.36 -19.34 -0.11
N GLN H 451 -62.48 -18.38 0.15
CA GLN H 451 -61.07 -18.56 -0.15
C GLN H 451 -60.42 -19.63 0.71
N PHE H 452 -60.95 -19.90 1.90
CA PHE H 452 -60.44 -20.98 2.73
C PHE H 452 -60.66 -22.33 2.04
N ALA H 453 -61.76 -22.48 1.31
CA ALA H 453 -61.99 -23.71 0.55
C ALA H 453 -61.09 -23.79 -0.66
N VAL H 454 -60.81 -22.65 -1.30
CA VAL H 454 -59.97 -22.65 -2.49
C VAL H 454 -58.54 -23.04 -2.13
N ALA H 455 -58.10 -22.72 -0.91
CA ALA H 455 -56.75 -23.09 -0.47
C ALA H 455 -56.55 -24.59 -0.34
N PHE H 456 -57.62 -25.37 -0.12
CA PHE H 456 -57.51 -26.82 0.03
C PHE H 456 -57.33 -27.56 -1.30
N GLU H 457 -57.39 -26.85 -2.44
CA GLU H 457 -57.16 -27.51 -3.73
C GLU H 457 -55.71 -27.88 -3.99
N VAL H 458 -54.77 -27.43 -3.15
CA VAL H 458 -53.35 -27.64 -3.45
C VAL H 458 -52.93 -29.08 -3.32
N VAL H 459 -53.58 -29.88 -2.48
CA VAL H 459 -53.22 -31.29 -2.32
C VAL H 459 -53.54 -32.05 -3.60
N PRO H 460 -54.75 -31.99 -4.16
CA PRO H 460 -54.95 -32.67 -5.46
C PRO H 460 -54.20 -32.01 -6.61
N ARG H 461 -53.99 -30.70 -6.56
CA ARG H 461 -53.23 -30.04 -7.63
C ARG H 461 -51.76 -30.41 -7.57
N THR H 462 -51.22 -30.61 -6.36
CA THR H 462 -49.81 -30.96 -6.23
C THR H 462 -49.57 -32.41 -6.66
N LEU H 463 -50.42 -33.33 -6.22
CA LEU H 463 -50.27 -34.74 -6.59
C LEU H 463 -50.48 -34.97 -8.09
N ALA H 464 -51.29 -34.13 -8.74
CA ALA H 464 -51.46 -34.22 -10.18
C ALA H 464 -50.30 -33.61 -10.95
N GLU H 465 -49.65 -32.59 -10.39
CA GLU H 465 -48.50 -31.98 -11.04
C GLU H 465 -47.26 -32.86 -10.90
N THR H 466 -47.01 -33.38 -9.71
CA THR H 466 -45.86 -34.26 -9.49
C THR H 466 -45.99 -35.60 -10.20
N ALA H 467 -47.21 -36.04 -10.51
CA ALA H 467 -47.43 -37.31 -11.20
C ALA H 467 -47.27 -37.21 -12.71
N GLY H 468 -46.82 -36.08 -13.24
CA GLY H 468 -46.63 -35.96 -14.68
C GLY H 468 -47.90 -35.87 -15.49
N LEU H 469 -49.00 -35.43 -14.89
CA LEU H 469 -50.30 -35.29 -15.55
C LEU H 469 -50.68 -33.81 -15.62
N ASP H 470 -51.56 -33.49 -16.57
CA ASP H 470 -52.06 -32.13 -16.74
C ASP H 470 -53.14 -31.87 -15.71
N VAL H 471 -52.93 -30.89 -14.84
CA VAL H 471 -53.87 -30.61 -13.77
C VAL H 471 -55.17 -30.01 -14.27
N ASN H 472 -55.16 -29.37 -15.44
CA ASN H 472 -56.38 -28.75 -15.97
C ASN H 472 -57.44 -29.78 -16.35
N GLU H 473 -57.05 -31.01 -16.69
CA GLU H 473 -57.96 -32.08 -17.05
C GLU H 473 -58.24 -33.05 -15.90
N VAL H 474 -57.27 -33.26 -15.00
CA VAL H 474 -57.43 -34.24 -13.94
C VAL H 474 -58.27 -33.67 -12.80
N LEU H 475 -58.11 -32.38 -12.51
CA LEU H 475 -58.84 -31.78 -11.39
C LEU H 475 -60.34 -31.69 -11.65
N PRO H 476 -60.83 -31.06 -12.73
CA PRO H 476 -62.30 -30.97 -12.90
C PRO H 476 -62.96 -32.31 -13.21
N ASN H 477 -62.21 -33.30 -13.68
CA ASN H 477 -62.78 -34.64 -13.85
C ASN H 477 -63.12 -35.25 -12.49
N LEU H 478 -62.33 -34.93 -11.45
CA LEU H 478 -62.60 -35.42 -10.11
C LEU H 478 -63.76 -34.70 -9.45
N TYR H 479 -64.04 -33.45 -9.82
CA TYR H 479 -65.18 -32.73 -9.25
C TYR H 479 -66.51 -33.34 -9.66
N ALA H 480 -66.57 -34.08 -10.77
CA ALA H 480 -67.83 -34.68 -11.21
C ALA H 480 -68.32 -35.75 -10.25
N ALA H 481 -67.43 -36.38 -9.47
CA ALA H 481 -67.86 -37.39 -8.50
C ALA H 481 -68.59 -36.76 -7.32
N HIS H 482 -68.28 -35.49 -6.99
CA HIS H 482 -68.90 -34.78 -5.89
C HIS H 482 -69.99 -33.80 -6.32
N ASN H 483 -70.07 -33.47 -7.62
CA ASN H 483 -71.19 -32.69 -8.16
C ASN H 483 -72.44 -33.53 -8.44
N VAL H 484 -72.46 -34.80 -8.05
CA VAL H 484 -73.56 -35.74 -8.26
C VAL H 484 -74.08 -36.14 -6.89
N THR H 485 -74.16 -35.17 -5.99
CA THR H 485 -74.28 -35.35 -4.53
C THR H 485 -75.38 -36.29 -4.08
N GLU H 486 -75.31 -36.68 -2.79
CA GLU H 486 -75.90 -37.88 -2.19
C GLU H 486 -77.36 -38.07 -2.59
N PRO H 487 -77.70 -39.01 -3.52
CA PRO H 487 -79.11 -39.21 -3.85
C PRO H 487 -79.88 -39.94 -2.76
N GLY H 488 -81.12 -40.32 -3.04
CA GLY H 488 -81.94 -41.00 -2.05
C GLY H 488 -81.50 -42.39 -1.65
N ALA H 489 -80.54 -42.99 -2.33
CA ALA H 489 -80.07 -44.34 -2.02
C ALA H 489 -78.96 -44.27 -0.97
N VAL H 490 -79.04 -45.21 -0.02
CA VAL H 490 -78.07 -45.29 1.07
C VAL H 490 -76.81 -46.00 0.58
N LYS H 491 -75.75 -45.92 1.39
CA LYS H 491 -74.46 -46.56 1.10
C LYS H 491 -73.86 -46.03 -0.21
N THR H 492 -73.63 -44.72 -0.23
CA THR H 492 -72.99 -44.07 -1.37
C THR H 492 -71.48 -44.19 -1.24
N ASP H 493 -70.82 -44.53 -2.36
CA ASP H 493 -69.39 -44.83 -2.41
C ASP H 493 -68.61 -43.81 -3.23
N HIS H 494 -69.12 -42.58 -3.34
CA HIS H 494 -68.40 -41.51 -4.05
C HIS H 494 -67.39 -40.77 -3.16
N LEU H 495 -67.30 -41.11 -1.86
CA LEU H 495 -66.36 -40.43 -0.98
C LEU H 495 -64.93 -40.93 -1.16
N TYR H 496 -64.75 -42.18 -1.58
CA TYR H 496 -63.42 -42.77 -1.74
C TYR H 496 -62.73 -42.38 -3.05
N LYS H 497 -63.33 -41.50 -3.86
CA LYS H 497 -62.70 -41.08 -5.10
C LYS H 497 -61.56 -40.11 -4.79
N GLY H 498 -60.41 -40.33 -5.42
CA GLY H 498 -59.25 -39.50 -5.21
C GLY H 498 -58.34 -39.51 -6.43
N VAL H 499 -57.26 -38.74 -6.34
CA VAL H 499 -56.30 -38.66 -7.43
C VAL H 499 -55.53 -39.97 -7.52
N ASP H 500 -54.80 -40.13 -8.63
CA ASP H 500 -53.98 -41.31 -8.89
C ASP H 500 -52.67 -40.89 -9.55
N ILE H 501 -51.63 -41.50 -9.05
CA ILE H 501 -50.35 -41.15 -9.51
C ILE H 501 -50.10 -41.96 -10.72
N ASP H 502 -50.38 -43.24 -10.68
CA ASP H 502 -50.04 -44.02 -11.84
C ASP H 502 -51.13 -44.85 -12.39
N GLY H 503 -51.39 -44.73 -13.67
CA GLY H 503 -52.36 -45.64 -14.22
C GLY H 503 -53.41 -45.20 -15.18
N GLU H 504 -54.64 -45.57 -14.88
CA GLU H 504 -55.77 -45.19 -15.70
C GLU H 504 -55.91 -43.73 -16.01
N SER H 505 -56.56 -43.46 -17.13
CA SER H 505 -56.73 -42.10 -17.57
C SER H 505 -57.87 -41.55 -16.83
N ASP H 506 -58.03 -40.22 -16.85
CA ASP H 506 -59.08 -39.52 -16.13
C ASP H 506 -58.64 -39.27 -14.72
N GLU H 507 -58.17 -40.29 -14.01
CA GLU H 507 -57.62 -40.22 -12.65
C GLU H 507 -58.41 -40.50 -11.40
N GLY H 508 -59.71 -40.40 -11.39
CA GLY H 508 -60.37 -40.67 -10.16
C GLY H 508 -59.87 -42.05 -9.88
N VAL H 509 -59.32 -42.29 -8.70
CA VAL H 509 -58.70 -43.56 -8.40
C VAL H 509 -59.69 -44.56 -8.11
N LYS H 510 -59.32 -45.80 -8.36
CA LYS H 510 -60.22 -46.90 -8.11
C LYS H 510 -60.40 -47.02 -6.66
N ASP H 511 -60.83 -45.97 -5.97
CA ASP H 511 -61.12 -45.91 -4.61
C ASP H 511 -59.82 -45.86 -4.02
N ILE H 512 -59.78 -45.43 -2.78
CA ILE H 512 -58.57 -45.50 -2.13
C ILE H 512 -58.76 -46.81 -1.44
N ARG H 513 -59.85 -47.53 -1.70
CA ARG H 513 -60.16 -48.73 -0.93
C ARG H 513 -59.24 -49.89 -1.12
N GLU H 514 -59.61 -50.90 -1.87
CA GLU H 514 -58.73 -52.00 -2.26
C GLU H 514 -57.26 -51.59 -2.21
N GLU H 515 -56.97 -50.32 -2.47
CA GLU H 515 -55.60 -49.82 -2.42
C GLU H 515 -55.04 -49.80 -1.00
N ASN H 516 -55.90 -49.70 0.03
CA ASN H 516 -55.50 -49.74 1.43
C ASN H 516 -54.56 -48.58 1.79
N ILE H 517 -54.98 -47.36 1.44
CA ILE H 517 -54.29 -46.13 1.82
C ILE H 517 -55.29 -45.21 2.52
N TYR H 518 -54.91 -44.73 3.71
CA TYR H 518 -55.77 -43.91 4.54
C TYR H 518 -54.91 -42.88 5.26
N ASP H 519 -55.56 -41.96 5.97
CA ASP H 519 -54.92 -40.92 6.76
C ASP H 519 -55.47 -40.96 8.18
N MET H 520 -54.69 -40.41 9.11
CA MET H 520 -55.01 -40.40 10.53
C MET H 520 -55.77 -39.13 10.87
N LEU H 521 -56.74 -39.26 11.78
CA LEU H 521 -57.51 -38.09 12.22
C LEU H 521 -56.65 -37.15 13.07
N ALA H 522 -55.82 -37.72 13.97
CA ALA H 522 -55.02 -36.91 14.86
C ALA H 522 -54.00 -36.06 14.13
N THR H 523 -53.53 -36.51 12.95
CA THR H 523 -52.62 -35.70 12.16
C THR H 523 -53.34 -34.51 11.53
N LYS H 524 -54.54 -34.74 11.00
CA LYS H 524 -55.28 -33.68 10.33
C LYS H 524 -55.79 -32.62 11.31
N LYS H 525 -56.05 -33.00 12.56
CA LYS H 525 -56.56 -32.04 13.54
C LYS H 525 -55.52 -30.98 13.87
N PHE H 526 -54.34 -31.42 14.32
CA PHE H 526 -53.30 -30.47 14.72
C PHE H 526 -52.64 -29.81 13.51
N ALA H 527 -52.66 -30.46 12.34
CA ALA H 527 -52.06 -29.86 11.15
C ALA H 527 -52.85 -28.65 10.69
N ILE H 528 -54.19 -28.78 10.62
CA ILE H 528 -55.01 -27.63 10.25
C ILE H 528 -55.00 -26.59 11.36
N ASN H 529 -54.85 -27.01 12.62
CA ASN H 529 -54.79 -26.06 13.73
C ASN H 529 -53.50 -25.25 13.66
N VAL H 530 -52.35 -25.92 13.53
CA VAL H 530 -51.07 -25.22 13.51
C VAL H 530 -50.84 -24.50 12.19
N ALA H 531 -51.42 -24.98 11.09
CA ALA H 531 -51.31 -24.27 9.81
C ALA H 531 -52.09 -22.97 9.84
N THR H 532 -53.29 -23.00 10.45
CA THR H 532 -54.06 -21.77 10.59
C THR H 532 -53.38 -20.79 11.54
N GLU H 533 -52.71 -21.29 12.58
CA GLU H 533 -51.95 -20.41 13.46
C GLU H 533 -50.76 -19.81 12.72
N ALA H 534 -50.16 -20.54 11.78
CA ALA H 534 -49.08 -19.98 10.99
C ALA H 534 -49.56 -18.85 10.09
N ALA H 535 -50.76 -18.99 9.51
CA ALA H 535 -51.33 -17.91 8.71
C ALA H 535 -51.90 -16.80 9.58
N THR H 536 -52.36 -17.13 10.79
CA THR H 536 -52.93 -16.12 11.68
C THR H 536 -51.85 -15.15 12.16
N THR H 537 -50.71 -15.67 12.63
CA THR H 537 -49.65 -14.81 13.15
C THR H 537 -48.99 -13.97 12.07
N VAL H 538 -48.97 -14.44 10.83
CA VAL H 538 -48.37 -13.69 9.72
C VAL H 538 -49.32 -12.61 9.20
N LEU H 539 -50.63 -12.92 9.15
CA LEU H 539 -51.61 -11.96 8.67
C LEU H 539 -52.03 -10.96 9.74
N SER H 540 -52.01 -11.33 11.02
CA SER H 540 -52.40 -10.44 12.10
C SER H 540 -51.40 -9.31 12.32
N ILE H 541 -50.12 -9.53 12.04
CA ILE H 541 -49.10 -8.50 12.20
C ILE H 541 -49.07 -7.63 10.96
N ASP H 542 -49.08 -6.30 11.17
CA ASP H 542 -49.06 -5.31 10.11
C ASP H 542 -47.77 -4.49 10.06
N GLN H 543 -46.85 -4.67 11.02
CA GLN H 543 -45.57 -3.98 11.03
C GLN H 543 -44.49 -4.94 11.52
N ILE H 544 -43.34 -4.93 10.85
CA ILE H 544 -42.21 -5.79 11.14
C ILE H 544 -40.98 -4.91 11.30
N ILE H 545 -40.16 -5.22 12.31
CA ILE H 545 -38.93 -4.49 12.61
C ILE H 545 -37.80 -5.49 12.68
N MET H 546 -36.69 -5.18 12.01
CA MET H 546 -35.49 -6.01 11.98
C MET H 546 -34.28 -5.17 12.40
N ALA H 547 -33.13 -5.85 12.48
CA ALA H 547 -31.87 -5.25 12.91
C ALA H 547 -30.71 -5.87 12.15
N LYS H 548 -29.74 -5.03 11.80
CA LYS H 548 -28.46 -5.42 11.21
C LYS H 548 -28.55 -5.92 9.77
N LYS H 549 -29.74 -5.94 9.18
CA LYS H 549 -29.91 -6.41 7.80
C LYS H 549 -31.33 -6.14 7.32
N SER I 2 -18.09 29.30 23.18
CA SER I 2 -17.53 29.12 24.51
C SER I 2 -16.95 27.71 24.73
N LEU I 3 -17.51 26.72 24.04
CA LEU I 3 -17.09 25.33 24.17
C LEU I 3 -16.04 24.90 23.16
N GLN I 4 -15.91 25.60 22.03
CA GLN I 4 -14.97 25.19 20.99
C GLN I 4 -13.52 25.53 21.33
N LEU I 5 -13.28 26.70 21.92
CA LEU I 5 -11.92 27.04 22.35
C LEU I 5 -11.50 26.22 23.58
N LEU I 6 -12.46 25.80 24.41
CA LEU I 6 -12.13 24.95 25.56
C LEU I 6 -11.83 23.53 25.13
N ASN I 7 -12.82 22.85 24.52
CA ASN I 7 -12.69 21.47 24.04
C ASN I 7 -12.31 21.49 22.56
N PRO I 8 -11.24 20.81 22.10
CA PRO I 8 -10.95 20.86 20.65
C PRO I 8 -11.99 20.16 19.79
N LYS I 9 -12.77 19.23 20.36
CA LYS I 9 -13.83 18.52 19.63
C LYS I 9 -15.04 18.42 20.54
N ALA I 10 -16.19 18.86 20.05
CA ALA I 10 -17.43 18.84 20.83
C ALA I 10 -18.59 19.19 19.92
N GLU I 11 -19.81 18.96 20.42
CA GLU I 11 -21.05 19.31 19.74
C GLU I 11 -21.93 20.07 20.73
N SER I 12 -22.58 21.12 20.24
CA SER I 12 -23.37 22.02 21.08
C SER I 12 -24.59 22.51 20.33
N LEU I 13 -25.76 22.32 20.93
CA LEU I 13 -27.03 22.85 20.45
C LEU I 13 -27.60 23.71 21.58
N ARG I 14 -28.18 24.86 21.25
CA ARG I 14 -28.63 25.80 22.27
C ARG I 14 -29.69 26.75 21.73
N ARG I 15 -30.77 26.86 22.51
CA ARG I 15 -31.80 27.90 22.45
C ARG I 15 -32.78 27.83 21.28
N ASP I 16 -32.50 27.01 20.26
CA ASP I 16 -33.55 26.62 19.31
C ASP I 16 -33.47 25.15 18.92
N ALA I 17 -32.27 24.57 18.86
CA ALA I 17 -32.14 23.18 18.45
C ALA I 17 -32.40 22.22 19.60
N ALA I 18 -32.08 22.62 20.83
CA ALA I 18 -32.41 21.82 21.99
C ALA I 18 -33.90 21.69 22.20
N LEU I 19 -34.67 22.72 21.85
CA LEU I 19 -36.13 22.63 21.89
C LEU I 19 -36.67 21.80 20.73
N LYS I 20 -36.11 21.98 19.53
CA LYS I 20 -36.56 21.19 18.38
C LYS I 20 -36.19 19.72 18.53
N VAL I 21 -35.06 19.42 19.17
CA VAL I 21 -34.64 18.04 19.36
C VAL I 21 -35.60 17.31 20.30
N ASN I 22 -35.95 17.94 21.42
CA ASN I 22 -36.82 17.30 22.39
C ASN I 22 -38.22 17.08 21.84
N VAL I 23 -38.68 17.98 20.96
CA VAL I 23 -40.01 17.84 20.36
C VAL I 23 -39.96 16.88 19.18
N THR I 24 -38.92 16.97 18.35
CA THR I 24 -38.82 16.10 17.18
C THR I 24 -38.57 14.66 17.60
N SER I 25 -37.72 14.44 18.60
CA SER I 25 -37.52 13.09 19.13
C SER I 25 -38.78 12.58 19.82
N ALA I 26 -39.55 13.48 20.45
CA ALA I 26 -40.79 13.07 21.08
C ALA I 26 -41.85 12.69 20.05
N GLU I 27 -41.99 13.49 18.99
CA GLU I 27 -42.94 13.16 17.94
C GLU I 27 -42.50 11.92 17.17
N GLY I 28 -41.19 11.71 17.04
CA GLY I 28 -40.70 10.51 16.38
C GLY I 28 -41.00 9.25 17.18
N LEU I 29 -40.70 9.27 18.47
CA LEU I 29 -40.98 8.11 19.32
C LEU I 29 -42.47 7.93 19.53
N GLN I 30 -43.26 9.02 19.49
CA GLN I 30 -44.70 8.90 19.59
C GLN I 30 -45.29 8.17 18.40
N SER I 31 -44.78 8.44 17.19
CA SER I 31 -45.29 7.79 15.99
C SER I 31 -45.04 6.29 15.99
N VAL I 32 -44.00 5.83 16.68
CA VAL I 32 -43.72 4.40 16.78
C VAL I 32 -44.81 3.71 17.58
N LEU I 33 -45.11 4.23 18.77
CA LEU I 33 -46.08 3.64 19.69
C LEU I 33 -47.50 4.19 19.52
N GLU I 34 -47.74 5.06 18.54
CA GLU I 34 -49.09 5.56 18.33
C GLU I 34 -50.00 4.46 17.79
N THR I 35 -49.52 3.68 16.83
CA THR I 35 -50.32 2.63 16.21
C THR I 35 -50.57 1.44 17.13
N ASN I 36 -49.69 1.18 18.10
CA ASN I 36 -49.86 0.06 19.01
C ASN I 36 -50.94 0.31 20.05
N LEU I 37 -51.22 1.57 20.40
CA LEU I 37 -52.17 1.88 21.44
C LEU I 37 -53.59 1.54 20.99
N GLY I 38 -54.29 0.76 21.82
CA GLY I 38 -55.68 0.42 21.60
C GLY I 38 -55.87 -1.04 21.27
N PRO I 39 -57.14 -1.48 21.16
CA PRO I 39 -57.39 -2.90 20.93
C PRO I 39 -57.13 -3.34 19.50
N LYS I 40 -57.43 -2.48 18.52
CA LYS I 40 -57.22 -2.79 17.11
C LYS I 40 -55.86 -2.32 16.61
N GLY I 41 -54.87 -2.20 17.51
CA GLY I 41 -53.54 -1.78 17.11
C GLY I 41 -52.77 -2.90 16.43
N THR I 42 -51.66 -2.51 15.81
CA THR I 42 -50.83 -3.43 15.05
C THR I 42 -49.81 -4.10 15.97
N LEU I 43 -49.53 -5.37 15.69
CA LEU I 43 -48.50 -6.09 16.40
C LEU I 43 -47.12 -5.61 15.96
N LYS I 44 -46.10 -5.95 16.74
CA LYS I 44 -44.72 -5.56 16.46
C LYS I 44 -43.78 -6.66 16.92
N MET I 45 -43.05 -7.24 15.96
CA MET I 45 -41.99 -8.21 16.25
C MET I 45 -40.65 -7.49 16.38
N LEU I 46 -39.71 -8.17 17.04
CA LEU I 46 -38.35 -7.68 17.24
C LEU I 46 -37.40 -8.83 17.02
N VAL I 47 -36.60 -8.75 15.96
CA VAL I 47 -35.59 -9.76 15.62
C VAL I 47 -34.23 -9.07 15.59
N ASP I 48 -33.29 -9.62 16.34
CA ASP I 48 -31.92 -9.13 16.41
C ASP I 48 -31.06 -9.88 15.40
N GLY I 49 -29.74 -9.70 15.47
CA GLY I 49 -28.84 -10.45 14.61
C GLY I 49 -28.74 -11.92 14.91
N ALA I 50 -29.13 -12.35 16.12
CA ALA I 50 -29.11 -13.77 16.46
C ALA I 50 -30.15 -14.54 15.66
N GLY I 51 -31.28 -13.89 15.32
CA GLY I 51 -32.35 -14.49 14.55
C GLY I 51 -33.56 -14.92 15.35
N ASN I 52 -33.49 -14.87 16.68
CA ASN I 52 -34.66 -15.19 17.51
C ASN I 52 -35.79 -14.20 17.26
N ILE I 53 -37.01 -14.62 17.59
CA ILE I 53 -38.23 -13.86 17.35
C ILE I 53 -38.97 -13.73 18.68
N LYS I 54 -39.49 -12.53 18.94
CA LYS I 54 -40.29 -12.26 20.13
C LYS I 54 -41.33 -11.21 19.78
N LEU I 55 -42.60 -11.52 20.04
CA LEU I 55 -43.75 -10.75 19.58
C LEU I 55 -44.54 -10.25 20.79
N THR I 56 -44.80 -8.95 20.82
CA THR I 56 -45.61 -8.33 21.86
C THR I 56 -45.95 -6.91 21.44
N LYS I 57 -46.98 -6.35 22.08
CA LYS I 57 -47.40 -4.96 21.90
C LYS I 57 -46.94 -4.04 23.03
N ASP I 58 -46.26 -4.57 24.04
CA ASP I 58 -45.87 -3.76 25.18
C ASP I 58 -44.77 -2.79 24.78
N GLY I 59 -44.97 -1.50 25.11
CA GLY I 59 -43.98 -0.50 24.81
C GLY I 59 -42.66 -0.68 25.55
N LYS I 60 -42.70 -1.33 26.72
CA LYS I 60 -41.46 -1.57 27.47
C LYS I 60 -40.55 -2.53 26.72
N VAL I 61 -41.12 -3.57 26.11
CA VAL I 61 -40.31 -4.54 25.37
C VAL I 61 -39.72 -3.89 24.13
N LEU I 62 -40.47 -2.98 23.50
CA LEU I 62 -39.95 -2.27 22.32
C LEU I 62 -38.82 -1.33 22.72
N LEU I 63 -38.94 -0.68 23.88
CA LEU I 63 -37.94 0.30 24.31
C LEU I 63 -36.70 -0.37 24.89
N THR I 64 -36.88 -1.43 25.68
CA THR I 64 -35.78 -2.11 26.36
C THR I 64 -35.19 -3.26 25.53
N GLU I 65 -35.39 -3.24 24.20
CA GLU I 65 -34.73 -4.18 23.28
C GLU I 65 -34.11 -3.51 22.07
N MET I 66 -34.64 -2.36 21.62
CA MET I 66 -34.08 -1.60 20.52
C MET I 66 -33.20 -0.49 21.08
N GLN I 67 -31.90 -0.57 20.78
CA GLN I 67 -30.96 0.45 21.22
C GLN I 67 -31.28 1.79 20.59
N ILE I 68 -31.19 2.85 21.39
CA ILE I 68 -31.57 4.21 21.00
C ILE I 68 -30.44 5.16 21.33
N GLN I 69 -30.15 6.06 20.40
CA GLN I 69 -29.04 7.01 20.50
C GLN I 69 -29.43 8.39 21.00
N SER I 70 -30.70 8.78 20.86
CA SER I 70 -31.10 10.14 21.18
C SER I 70 -31.07 10.36 22.69
N PRO I 71 -30.72 11.56 23.19
CA PRO I 71 -30.71 11.76 24.65
C PRO I 71 -32.09 11.99 25.25
N THR I 72 -33.08 12.37 24.44
CA THR I 72 -34.42 12.57 24.98
C THR I 72 -35.14 11.24 25.19
N ALA I 73 -35.05 10.34 24.20
CA ALA I 73 -35.80 9.10 24.23
C ALA I 73 -35.35 8.15 25.35
N VAL I 74 -34.09 8.23 25.78
CA VAL I 74 -33.64 7.36 26.86
C VAL I 74 -34.31 7.74 28.17
N LEU I 75 -34.67 9.01 28.35
CA LEU I 75 -35.46 9.43 29.51
C LEU I 75 -36.91 8.99 29.38
N ILE I 76 -37.45 8.97 28.16
CA ILE I 76 -38.78 8.41 27.94
C ILE I 76 -38.74 6.90 28.12
N ALA I 77 -37.62 6.27 27.79
CA ALA I 77 -37.49 4.83 27.99
C ALA I 77 -37.46 4.48 29.47
N ARG I 78 -36.68 5.22 30.27
CA ARG I 78 -36.68 4.98 31.72
C ARG I 78 -38.00 5.35 32.35
N ALA I 79 -38.68 6.38 31.83
CA ALA I 79 -39.97 6.78 32.40
C ALA I 79 -41.04 5.77 32.05
N ALA I 80 -41.09 5.33 30.79
CA ALA I 80 -42.05 4.31 30.40
C ALA I 80 -41.76 2.97 31.07
N ALA I 81 -40.48 2.66 31.28
CA ALA I 81 -40.10 1.40 31.93
C ALA I 81 -40.36 1.45 33.43
N ALA I 82 -39.95 2.53 34.10
CA ALA I 82 -40.10 2.62 35.55
C ALA I 82 -41.56 2.65 35.99
N GLN I 83 -42.44 3.28 35.20
CA GLN I 83 -43.85 3.31 35.53
C GLN I 83 -44.46 1.91 35.40
N ASP I 84 -44.01 1.16 34.38
CA ASP I 84 -44.55 -0.18 34.15
C ASP I 84 -43.94 -1.23 35.07
N GLU I 85 -42.70 -1.02 35.54
CA GLU I 85 -42.01 -2.03 36.32
C GLU I 85 -42.65 -2.24 37.69
N ILE I 86 -43.26 -1.20 38.26
CA ILE I 86 -43.92 -1.31 39.57
C ILE I 86 -45.44 -1.43 39.44
N THR I 87 -46.05 -0.83 38.41
CA THR I 87 -47.50 -0.82 38.22
C THR I 87 -47.97 -1.90 37.27
N GLY I 88 -47.21 -2.17 36.21
CA GLY I 88 -47.56 -3.19 35.25
C GLY I 88 -48.52 -2.76 34.16
N ASP I 89 -48.89 -1.48 34.10
CA ASP I 89 -49.82 -1.00 33.09
C ASP I 89 -49.64 0.50 32.95
N GLY I 90 -49.92 1.02 31.76
CA GLY I 90 -49.76 2.42 31.45
C GLY I 90 -48.46 2.79 30.77
N THR I 91 -47.85 1.89 30.00
CA THR I 91 -46.54 2.17 29.41
C THR I 91 -46.65 3.18 28.28
N THR I 92 -47.44 2.86 27.25
CA THR I 92 -47.59 3.77 26.11
C THR I 92 -48.33 5.05 26.48
N THR I 93 -49.13 5.03 27.56
CA THR I 93 -49.83 6.24 27.97
C THR I 93 -48.84 7.31 28.44
N VAL I 94 -47.75 6.90 29.08
CA VAL I 94 -46.73 7.87 29.50
C VAL I 94 -46.03 8.45 28.28
N VAL I 95 -45.79 7.63 27.26
CA VAL I 95 -45.09 8.10 26.07
C VAL I 95 -45.99 9.05 25.27
N CYS I 96 -47.30 8.78 25.25
CA CYS I 96 -48.22 9.65 24.52
C CYS I 96 -48.40 10.98 25.21
N LEU I 97 -48.40 11.01 26.54
CA LEU I 97 -48.54 12.27 27.26
C LEU I 97 -47.31 13.15 27.07
N VAL I 98 -46.12 12.60 27.33
CA VAL I 98 -44.89 13.36 27.07
C VAL I 98 -44.69 13.57 25.58
N GLY I 99 -45.16 12.62 24.75
CA GLY I 99 -45.11 12.81 23.32
C GLY I 99 -46.02 13.89 22.78
N GLU I 100 -47.12 14.18 23.48
CA GLU I 100 -48.09 15.19 23.07
C GLU I 100 -47.95 16.50 23.83
N LEU I 101 -47.58 16.44 25.12
CA LEU I 101 -47.50 17.67 25.91
C LEU I 101 -46.35 18.56 25.48
N LEU I 102 -45.29 17.99 24.92
CA LEU I 102 -44.17 18.81 24.45
C LEU I 102 -44.54 19.57 23.18
N ARG I 103 -45.12 18.87 22.19
CA ARG I 103 -45.53 19.53 20.95
C ARG I 103 -46.67 20.51 21.19
N GLN I 104 -47.55 20.23 22.14
CA GLN I 104 -48.66 21.13 22.43
C GLN I 104 -48.23 22.38 23.17
N ALA I 105 -47.11 22.33 23.90
CA ALA I 105 -46.51 23.51 24.51
C ALA I 105 -45.52 24.21 23.59
N HIS I 106 -44.93 23.50 22.64
CA HIS I 106 -43.91 24.09 21.78
C HIS I 106 -44.47 25.17 20.87
N ARG I 107 -45.75 25.05 20.48
CA ARG I 107 -46.37 26.09 19.66
C ARG I 107 -46.43 27.42 20.39
N PHE I 108 -46.60 27.40 21.71
CA PHE I 108 -46.62 28.61 22.51
C PHE I 108 -45.23 29.11 22.88
N ILE I 109 -44.23 28.22 22.89
CA ILE I 109 -42.84 28.68 23.02
C ILE I 109 -42.45 29.48 21.79
N GLN I 110 -42.93 29.08 20.61
CA GLN I 110 -42.70 29.85 19.40
C GLN I 110 -43.40 31.20 19.47
N GLU I 111 -44.57 31.26 20.12
CA GLU I 111 -45.26 32.53 20.33
C GLU I 111 -44.50 33.46 21.27
N GLY I 112 -43.64 32.91 22.14
CA GLY I 112 -42.79 33.70 23.01
C GLY I 112 -43.10 33.59 24.49
N VAL I 113 -43.86 32.59 24.92
CA VAL I 113 -44.16 32.39 26.34
C VAL I 113 -42.99 31.67 26.97
N HIS I 114 -42.73 31.98 28.24
CA HIS I 114 -41.55 31.43 28.91
C HIS I 114 -41.78 29.95 29.24
N PRO I 115 -40.73 29.11 29.26
CA PRO I 115 -40.96 27.72 29.69
C PRO I 115 -41.25 27.58 31.18
N ARG I 116 -40.77 28.51 32.01
CA ARG I 116 -40.96 28.39 33.45
C ARG I 116 -42.43 28.53 33.84
N ILE I 117 -43.10 29.58 33.35
CA ILE I 117 -44.50 29.79 33.69
C ILE I 117 -45.41 28.77 33.03
N ILE I 118 -44.98 28.17 31.90
CA ILE I 118 -45.78 27.12 31.28
C ILE I 118 -45.78 25.88 32.16
N THR I 119 -44.61 25.44 32.61
CA THR I 119 -44.52 24.30 33.51
C THR I 119 -45.14 24.58 34.88
N ASP I 120 -45.19 25.85 35.29
CA ASP I 120 -45.92 26.19 36.51
C ASP I 120 -47.41 25.93 36.33
N GLY I 121 -47.93 26.10 35.10
CA GLY I 121 -49.32 25.79 34.83
C GLY I 121 -49.61 24.31 34.82
N PHE I 122 -48.64 23.49 34.40
CA PHE I 122 -48.83 22.04 34.42
C PHE I 122 -48.87 21.52 35.84
N GLU I 123 -48.04 22.08 36.73
CA GLU I 123 -48.00 21.61 38.11
C GLU I 123 -49.28 21.95 38.86
N ILE I 124 -49.74 23.20 38.78
CA ILE I 124 -50.98 23.58 39.43
C ILE I 124 -52.19 22.92 38.77
N ALA I 125 -52.10 22.60 37.47
CA ALA I 125 -53.15 21.83 36.82
C ALA I 125 -53.11 20.36 37.27
N ARG I 126 -51.93 19.85 37.59
CA ARG I 126 -51.82 18.47 38.06
C ARG I 126 -52.48 18.32 39.42
N LYS I 127 -52.35 19.32 40.29
CA LYS I 127 -52.99 19.26 41.60
C LYS I 127 -54.51 19.27 41.47
N GLU I 128 -55.05 19.92 40.44
CA GLU I 128 -56.49 19.86 40.20
C GLU I 128 -56.93 18.47 39.78
N SER I 129 -56.08 17.73 39.07
CA SER I 129 -56.44 16.38 38.65
C SER I 129 -56.43 15.42 39.84
N MET I 130 -55.52 15.63 40.80
CA MET I 130 -55.51 14.81 42.01
C MET I 130 -56.76 15.06 42.85
N LYS I 131 -57.21 16.31 42.94
CA LYS I 131 -58.47 16.60 43.60
C LYS I 131 -59.64 16.01 42.82
N PHE I 132 -59.53 15.93 41.49
CA PHE I 132 -60.58 15.36 40.66
C PHE I 132 -60.64 13.84 40.73
N LEU I 133 -59.52 13.18 41.07
CA LEU I 133 -59.53 11.73 41.22
C LEU I 133 -60.40 11.29 42.40
N ASP I 134 -60.45 12.11 43.45
CA ASP I 134 -61.25 11.76 44.62
C ASP I 134 -62.74 11.78 44.28
N GLU I 135 -63.19 12.77 43.52
CA GLU I 135 -64.59 12.86 43.12
C GLU I 135 -64.92 11.95 41.94
N PHE I 136 -63.94 11.64 41.08
CA PHE I 136 -64.22 10.86 39.88
C PHE I 136 -64.27 9.37 40.17
N LYS I 137 -63.50 8.90 41.13
CA LYS I 137 -63.49 7.48 41.47
C LYS I 137 -64.80 7.09 42.16
N ILE I 138 -65.01 5.78 42.28
CA ILE I 138 -66.20 5.21 42.90
C ILE I 138 -65.76 4.11 43.86
N SER I 139 -66.43 4.05 45.01
CA SER I 139 -66.11 3.07 46.05
C SER I 139 -66.69 1.72 45.69
N LYS I 140 -65.95 0.66 46.01
CA LYS I 140 -66.38 -0.72 45.79
C LYS I 140 -65.97 -1.56 46.98
N THR I 141 -66.92 -2.29 47.55
CA THR I 141 -66.70 -3.12 48.73
C THR I 141 -66.26 -4.51 48.29
N ASN I 142 -65.16 -4.99 48.85
CA ASN I 142 -64.62 -6.29 48.51
C ASN I 142 -65.33 -7.45 49.21
N LEU I 143 -66.13 -7.18 50.25
CA LEU I 143 -66.83 -8.25 50.95
C LEU I 143 -67.86 -8.97 50.08
N SER I 144 -68.36 -8.32 49.03
CA SER I 144 -69.33 -8.97 48.15
C SER I 144 -68.71 -10.14 47.40
N ASN I 145 -67.43 -10.05 47.04
CA ASN I 145 -66.71 -11.09 46.31
C ASN I 145 -67.38 -11.36 44.95
N ASP I 146 -67.53 -10.30 44.18
CA ASP I 146 -68.16 -10.38 42.86
C ASP I 146 -67.15 -10.90 41.85
N ARG I 147 -67.41 -12.10 41.33
CA ARG I 147 -66.52 -12.70 40.33
C ARG I 147 -66.75 -12.09 38.96
N GLU I 148 -67.96 -11.60 38.67
CA GLU I 148 -68.21 -10.94 37.40
C GLU I 148 -67.46 -9.62 37.29
N PHE I 149 -67.25 -8.92 38.41
CA PHE I 149 -66.50 -7.67 38.38
C PHE I 149 -65.03 -7.92 38.05
N LEU I 150 -64.47 -9.03 38.54
CA LEU I 150 -63.09 -9.37 38.23
C LEU I 150 -62.93 -9.85 36.80
N LEU I 151 -63.96 -10.49 36.24
CA LEU I 151 -63.89 -10.95 34.84
C LEU I 151 -63.82 -9.77 33.89
N GLN I 152 -64.59 -8.71 34.17
CA GLN I 152 -64.58 -7.54 33.30
C GLN I 152 -63.26 -6.78 33.38
N VAL I 153 -62.64 -6.75 34.55
CA VAL I 153 -61.35 -6.08 34.68
C VAL I 153 -60.27 -6.85 33.93
N ALA I 154 -60.33 -8.18 33.96
CA ALA I 154 -59.35 -9.00 33.26
C ALA I 154 -59.45 -8.87 31.74
N ARG I 155 -60.66 -8.67 31.21
CA ARG I 155 -60.82 -8.51 29.77
C ARG I 155 -60.38 -7.13 29.27
N SER I 156 -60.17 -6.16 30.16
CA SER I 156 -59.73 -4.84 29.73
C SER I 156 -58.33 -4.89 29.16
N SER I 157 -57.40 -5.55 29.85
CA SER I 157 -56.02 -5.64 29.41
C SER I 157 -55.80 -6.76 28.39
N LEU I 158 -56.51 -7.88 28.54
CA LEU I 158 -56.29 -9.02 27.66
C LEU I 158 -56.84 -8.77 26.25
N LEU I 159 -57.95 -8.03 26.13
CA LEU I 159 -58.43 -7.66 24.81
C LEU I 159 -57.47 -6.74 24.08
N THR I 160 -56.67 -5.96 24.80
CA THR I 160 -55.74 -5.04 24.16
C THR I 160 -54.58 -5.81 23.53
N LYS I 161 -54.07 -6.82 24.23
CA LYS I 161 -52.89 -7.55 23.76
C LYS I 161 -53.26 -8.61 22.74
N VAL I 162 -54.16 -9.53 23.12
CA VAL I 162 -54.54 -10.68 22.31
C VAL I 162 -55.98 -10.52 21.83
N ASP I 163 -56.41 -11.38 20.92
CA ASP I 163 -57.74 -11.32 20.34
C ASP I 163 -58.76 -11.93 21.29
N ALA I 164 -60.01 -12.00 20.83
CA ALA I 164 -61.10 -12.52 21.66
C ALA I 164 -60.99 -14.03 21.86
N ASP I 165 -60.36 -14.76 20.94
CA ASP I 165 -60.21 -16.20 21.10
C ASP I 165 -59.30 -16.54 22.28
N LEU I 166 -58.19 -15.83 22.41
CA LEU I 166 -57.28 -16.02 23.53
C LEU I 166 -57.78 -15.37 24.81
N THR I 167 -58.58 -14.30 24.70
CA THR I 167 -59.04 -13.60 25.90
C THR I 167 -60.07 -14.44 26.65
N GLU I 168 -61.00 -15.07 25.94
CA GLU I 168 -62.07 -15.83 26.59
C GLU I 168 -61.54 -17.06 27.33
N VAL I 169 -60.54 -17.74 26.79
CA VAL I 169 -59.99 -18.93 27.43
C VAL I 169 -58.98 -18.59 28.52
N LEU I 170 -58.26 -17.47 28.42
CA LEU I 170 -57.25 -17.06 29.38
C LEU I 170 -57.79 -16.15 30.48
N THR I 171 -58.97 -15.54 30.28
CA THR I 171 -59.57 -14.70 31.32
C THR I 171 -59.89 -15.48 32.60
N PRO I 172 -60.63 -16.60 32.58
CA PRO I 172 -60.90 -17.30 33.84
C PRO I 172 -59.68 -17.97 34.46
N ILE I 173 -58.58 -18.12 33.71
CA ILE I 173 -57.34 -18.59 34.30
C ILE I 173 -56.81 -17.57 35.30
N VAL I 174 -56.94 -16.28 34.98
CA VAL I 174 -56.50 -15.22 35.87
C VAL I 174 -57.48 -15.06 37.02
N THR I 175 -58.79 -15.20 36.75
CA THR I 175 -59.79 -14.97 37.78
C THR I 175 -59.73 -16.05 38.87
N ASP I 176 -59.50 -17.31 38.48
CA ASP I 176 -59.34 -18.36 39.47
C ASP I 176 -58.07 -18.19 40.29
N ALA I 177 -57.02 -17.62 39.70
CA ALA I 177 -55.80 -17.37 40.46
C ALA I 177 -55.97 -16.18 41.41
N VAL I 178 -56.70 -15.15 40.97
CA VAL I 178 -56.92 -13.96 41.80
C VAL I 178 -58.00 -14.17 42.85
N LEU I 179 -58.94 -15.10 42.62
CA LEU I 179 -59.99 -15.38 43.60
C LEU I 179 -59.43 -15.91 44.91
N SER I 180 -58.31 -16.64 44.85
CA SER I 180 -57.64 -17.15 46.04
C SER I 180 -56.73 -16.13 46.71
N VAL I 181 -56.45 -15.00 46.07
CA VAL I 181 -55.56 -14.00 46.66
C VAL I 181 -56.22 -13.35 47.87
N TYR I 182 -57.50 -13.01 47.75
CA TYR I 182 -58.21 -12.34 48.84
C TYR I 182 -58.41 -13.31 50.00
N ASP I 183 -58.10 -12.85 51.21
CA ASP I 183 -58.21 -13.65 52.42
C ASP I 183 -58.54 -12.72 53.58
N ALA I 184 -58.57 -13.28 54.79
CA ALA I 184 -58.89 -12.49 55.98
C ALA I 184 -57.80 -11.46 56.29
N GLN I 185 -56.53 -11.81 56.09
CA GLN I 185 -55.45 -10.86 56.32
C GLN I 185 -55.46 -9.74 55.28
N ALA I 186 -55.95 -10.02 54.07
CA ALA I 186 -56.05 -9.03 52.99
C ALA I 186 -54.67 -8.51 52.57
N ASP I 187 -53.64 -9.35 52.68
CA ASP I 187 -52.28 -9.03 52.25
C ASP I 187 -52.06 -9.58 50.85
N ASN I 188 -51.76 -8.70 49.91
CA ASN I 188 -51.57 -9.07 48.51
C ASN I 188 -50.17 -9.63 48.32
N LEU I 189 -50.06 -10.69 47.52
CA LEU I 189 -48.79 -11.35 47.23
C LEU I 189 -48.86 -11.88 45.81
N ASP I 190 -48.13 -11.23 44.90
CA ASP I 190 -48.17 -11.52 43.47
C ASP I 190 -46.99 -12.37 43.01
N LEU I 191 -45.77 -11.98 43.38
CA LEU I 191 -44.58 -12.65 42.85
C LEU I 191 -44.42 -14.06 43.40
N HIS I 192 -44.63 -14.24 44.70
CA HIS I 192 -44.50 -15.57 45.30
C HIS I 192 -45.67 -16.48 44.93
N MET I 193 -46.88 -15.93 44.89
CA MET I 193 -48.08 -16.75 44.66
C MET I 193 -48.26 -17.11 43.19
N VAL I 194 -48.36 -16.11 42.31
CA VAL I 194 -48.59 -16.32 40.89
C VAL I 194 -47.24 -16.41 40.20
N GLU I 195 -47.10 -17.40 39.31
CA GLU I 195 -45.89 -17.62 38.53
C GLU I 195 -46.26 -17.91 37.09
N ILE I 196 -45.25 -17.92 36.23
CA ILE I 196 -45.37 -18.25 34.81
C ILE I 196 -44.28 -19.27 34.49
N MET I 197 -44.62 -20.27 33.68
CA MET I 197 -43.67 -21.29 33.24
C MET I 197 -43.90 -21.59 31.76
N GLN I 198 -42.80 -21.75 31.04
CA GLN I 198 -42.83 -22.02 29.61
C GLN I 198 -42.98 -23.52 29.37
N MET I 199 -43.75 -23.88 28.34
CA MET I 199 -43.94 -25.27 27.97
C MET I 199 -44.43 -25.31 26.53
N GLN I 200 -43.64 -25.92 25.65
CA GLN I 200 -44.01 -26.08 24.24
C GLN I 200 -44.94 -27.28 24.14
N HIS I 201 -46.18 -27.02 23.73
CA HIS I 201 -47.25 -28.01 23.77
C HIS I 201 -48.19 -27.72 22.61
N LEU I 202 -49.42 -28.28 22.66
CA LEU I 202 -50.35 -28.39 21.53
C LEU I 202 -50.64 -27.02 20.93
N SER I 203 -51.12 -26.05 21.69
CA SER I 203 -51.42 -24.73 21.16
C SER I 203 -51.58 -23.71 22.27
N PRO I 204 -51.60 -22.41 21.95
CA PRO I 204 -51.87 -21.42 23.01
C PRO I 204 -53.27 -21.52 23.61
N LYS I 205 -54.24 -22.00 22.84
CA LYS I 205 -55.62 -22.08 23.32
C LYS I 205 -55.82 -23.12 24.42
N ASP I 206 -54.89 -24.07 24.59
CA ASP I 206 -55.03 -25.13 25.57
C ASP I 206 -54.44 -24.78 26.94
N THR I 207 -54.38 -23.49 27.28
CA THR I 207 -53.91 -23.08 28.60
C THR I 207 -54.97 -23.41 29.64
N THR I 208 -54.56 -24.12 30.69
CA THR I 208 -55.43 -24.57 31.77
C THR I 208 -54.87 -24.11 33.11
N PHE I 209 -55.76 -24.09 34.10
CA PHE I 209 -55.44 -23.62 35.46
C PHE I 209 -55.21 -24.83 36.36
N ILE I 210 -54.12 -24.78 37.13
CA ILE I 210 -53.74 -25.82 38.07
C ILE I 210 -53.70 -25.18 39.45
N LYS I 211 -54.48 -25.74 40.39
CA LYS I 211 -54.57 -25.17 41.73
C LYS I 211 -53.30 -25.36 42.56
N GLY I 212 -52.48 -26.36 42.24
CA GLY I 212 -51.28 -26.66 42.98
C GLY I 212 -50.04 -26.17 42.26
N LEU I 213 -48.89 -26.48 42.87
CA LEU I 213 -47.60 -26.09 42.31
C LEU I 213 -47.11 -27.13 41.31
N VAL I 214 -46.86 -26.69 40.08
CA VAL I 214 -46.30 -27.54 39.02
C VAL I 214 -44.79 -27.39 39.04
N LEU I 215 -44.08 -28.49 38.79
CA LEU I 215 -42.63 -28.56 38.76
C LEU I 215 -42.16 -29.04 37.39
N ASP I 216 -40.99 -28.53 36.98
CA ASP I 216 -40.43 -28.83 35.67
C ASP I 216 -39.52 -30.05 35.66
N HIS I 217 -39.60 -30.92 36.67
CA HIS I 217 -38.77 -32.12 36.76
C HIS I 217 -39.63 -33.28 37.26
N GLY I 218 -39.09 -34.49 37.12
CA GLY I 218 -39.79 -35.70 37.53
C GLY I 218 -38.86 -36.78 38.05
N GLY I 219 -39.34 -38.02 38.05
CA GLY I 219 -38.56 -39.12 38.57
C GLY I 219 -37.53 -39.61 37.57
N ARG I 220 -36.27 -39.72 38.02
CA ARG I 220 -35.19 -40.11 37.11
C ARG I 220 -35.23 -41.61 36.83
N HIS I 221 -35.41 -42.43 37.86
CA HIS I 221 -35.35 -43.88 37.70
C HIS I 221 -36.67 -44.39 37.10
N PRO I 222 -36.67 -45.48 36.31
CA PRO I 222 -37.96 -46.00 35.84
C PRO I 222 -38.81 -46.64 36.91
N ASP I 223 -38.21 -47.41 37.82
CA ASP I 223 -38.98 -48.14 38.83
C ASP I 223 -39.65 -47.25 39.86
N MET I 224 -39.22 -45.98 39.99
CA MET I 224 -39.83 -45.08 40.94
C MET I 224 -41.27 -44.77 40.50
N PRO I 225 -42.22 -44.55 41.42
CA PRO I 225 -43.62 -44.41 41.00
C PRO I 225 -43.88 -43.13 40.23
N THR I 226 -44.74 -43.24 39.21
CA THR I 226 -45.12 -42.09 38.39
C THR I 226 -46.27 -41.32 39.03
N ARG I 227 -47.38 -42.00 39.29
CA ARG I 227 -48.59 -41.41 39.87
C ARG I 227 -48.68 -41.84 41.33
N VAL I 228 -49.08 -40.91 42.19
CA VAL I 228 -49.28 -41.15 43.62
C VAL I 228 -50.60 -40.50 44.02
N LYS I 229 -51.45 -41.26 44.73
CA LYS I 229 -52.76 -40.75 45.12
C LYS I 229 -52.64 -39.73 46.25
N ASN I 230 -52.14 -40.17 47.41
CA ASN I 230 -51.96 -39.33 48.59
C ASN I 230 -50.45 -39.26 48.90
N ALA I 231 -49.84 -38.15 48.49
CA ALA I 231 -48.41 -37.91 48.65
C ALA I 231 -48.20 -36.83 49.69
N TYR I 232 -47.55 -37.19 50.80
CA TYR I 232 -47.17 -36.25 51.86
C TYR I 232 -45.77 -35.73 51.56
N VAL I 233 -45.67 -34.45 51.25
CA VAL I 233 -44.39 -33.87 50.83
C VAL I 233 -43.46 -33.71 52.03
N LEU I 234 -42.17 -33.55 51.73
CA LEU I 234 -41.15 -33.27 52.74
C LEU I 234 -40.17 -32.29 52.13
N ILE I 235 -39.92 -31.18 52.84
CA ILE I 235 -38.99 -30.15 52.41
C ILE I 235 -37.68 -30.37 53.15
N LEU I 236 -36.58 -30.47 52.40
CA LEU I 236 -35.25 -30.61 52.97
C LEU I 236 -34.24 -29.88 52.09
N ASN I 237 -33.63 -28.83 52.64
CA ASN I 237 -32.61 -28.05 51.97
C ASN I 237 -31.20 -28.64 52.13
N VAL I 238 -31.08 -29.88 52.68
CA VAL I 238 -29.79 -30.52 52.86
C VAL I 238 -29.40 -31.21 51.56
N SER I 239 -28.11 -31.16 51.26
CA SER I 239 -27.56 -31.74 50.03
C SER I 239 -27.05 -33.16 50.32
N LEU I 240 -27.67 -34.08 49.60
CA LEU I 240 -27.43 -35.50 49.81
C LEU I 240 -26.58 -36.15 48.82
N GLU I 241 -25.60 -35.46 48.28
CA GLU I 241 -24.66 -36.07 47.40
C GLU I 241 -23.37 -36.03 48.15
N TYR I 242 -22.22 -36.08 47.49
CA TYR I 242 -21.00 -35.96 48.27
C TYR I 242 -20.62 -34.52 48.60
N GLU I 243 -19.78 -34.34 49.60
CA GLU I 243 -19.33 -33.03 49.96
C GLU I 243 -17.84 -33.12 50.09
N LYS I 244 -17.09 -32.13 49.65
CA LYS I 244 -15.65 -32.23 49.64
C LYS I 244 -14.97 -31.99 50.97
N THR I 245 -15.69 -31.44 51.94
CA THR I 245 -15.17 -31.34 53.32
C THR I 245 -14.04 -30.38 53.71
N GLU I 246 -14.09 -29.10 53.40
CA GLU I 246 -13.08 -28.16 53.89
C GLU I 246 -11.59 -28.54 54.13
N VAL I 247 -10.82 -28.77 53.06
CA VAL I 247 -9.34 -29.05 53.08
C VAL I 247 -9.03 -30.46 53.37
N ASN I 248 -10.02 -31.20 53.88
CA ASN I 248 -9.82 -32.63 54.09
C ASN I 248 -9.19 -33.23 52.84
N SER I 249 -8.17 -34.05 53.02
CA SER I 249 -7.47 -34.55 51.84
C SER I 249 -7.53 -36.06 51.68
N GLY I 250 -6.38 -36.70 51.65
CA GLY I 250 -6.34 -38.14 51.38
C GLY I 250 -6.84 -39.16 52.37
N PHE I 251 -7.51 -40.19 51.86
CA PHE I 251 -7.90 -41.30 52.71
C PHE I 251 -6.68 -42.18 52.65
N PHE I 252 -5.58 -41.77 53.27
CA PHE I 252 -4.33 -42.53 53.18
C PHE I 252 -4.55 -43.99 53.48
N TYR I 253 -4.57 -44.83 52.45
CA TYR I 253 -4.83 -46.21 52.67
C TYR I 253 -3.60 -46.97 52.58
N SER I 254 -3.49 -47.98 53.39
CA SER I 254 -2.27 -48.72 53.42
C SER I 254 -2.38 -50.01 52.74
N SER I 255 -3.28 -50.84 53.20
CA SER I 255 -3.39 -52.08 52.45
C SER I 255 -4.57 -51.97 51.49
N ALA I 256 -4.69 -52.97 50.63
CA ALA I 256 -5.76 -52.97 49.64
C ALA I 256 -7.13 -53.14 50.29
N ASP I 257 -7.21 -53.94 51.36
CA ASP I 257 -8.48 -54.12 52.06
C ASP I 257 -8.90 -52.84 52.77
N GLN I 258 -7.93 -52.08 53.30
CA GLN I 258 -8.24 -50.81 53.95
C GLN I 258 -8.66 -49.74 52.94
N ARG I 259 -8.33 -49.91 51.66
CA ARG I 259 -8.72 -48.93 50.65
C ARG I 259 -10.23 -48.89 50.48
N ASP I 260 -10.85 -50.03 50.17
CA ASP I 260 -12.29 -50.11 50.05
C ASP I 260 -13.01 -49.97 51.38
N LYS I 261 -12.33 -50.28 52.49
CA LYS I 261 -12.93 -50.06 53.81
C LYS I 261 -13.14 -48.58 54.09
N LEU I 262 -12.26 -47.72 53.58
CA LEU I 262 -12.41 -46.28 53.70
C LEU I 262 -13.32 -45.69 52.62
N ALA I 263 -13.38 -46.33 51.45
CA ALA I 263 -14.33 -45.92 50.43
C ALA I 263 -15.77 -46.15 50.84
N ALA I 264 -16.03 -47.13 51.70
CA ALA I 264 -17.37 -47.38 52.21
C ALA I 264 -17.87 -46.30 53.16
N SER I 265 -16.97 -45.48 53.71
CA SER I 265 -17.38 -44.37 54.57
C SER I 265 -18.07 -43.24 53.79
N GLU I 266 -17.96 -43.22 52.46
CA GLU I 266 -18.70 -42.24 51.67
C GLU I 266 -20.20 -42.44 51.83
N ARG I 267 -20.64 -43.69 51.94
CA ARG I 267 -22.06 -43.98 52.12
C ARG I 267 -22.56 -43.70 53.53
N LYS I 268 -21.67 -43.72 54.54
CA LYS I 268 -22.11 -43.59 55.92
C LYS I 268 -22.67 -42.21 56.22
N PHE I 269 -22.11 -41.16 55.63
CA PHE I 269 -22.66 -39.83 55.82
C PHE I 269 -24.01 -39.69 55.13
N VAL I 270 -24.17 -40.30 53.95
CA VAL I 270 -25.44 -40.24 53.24
C VAL I 270 -26.47 -41.14 53.92
N ASP I 271 -26.06 -42.35 54.32
CA ASP I 271 -26.98 -43.27 54.98
C ASP I 271 -27.42 -42.77 56.35
N ALA I 272 -26.61 -41.92 57.01
CA ALA I 272 -27.03 -41.34 58.28
C ALA I 272 -28.25 -40.43 58.11
N LYS I 273 -28.34 -39.74 56.97
CA LYS I 273 -29.48 -38.90 56.68
C LYS I 273 -30.65 -39.67 56.08
N LEU I 274 -30.38 -40.71 55.29
CA LEU I 274 -31.45 -41.54 54.75
C LEU I 274 -32.18 -42.31 55.83
N LYS I 275 -31.46 -42.71 56.89
CA LYS I 275 -32.10 -43.45 57.98
C LYS I 275 -33.14 -42.60 58.71
N LYS I 276 -32.92 -41.28 58.78
CA LYS I 276 -33.93 -40.41 59.38
C LYS I 276 -35.20 -40.37 58.53
N ILE I 277 -35.06 -40.50 57.21
CA ILE I 277 -36.23 -40.56 56.34
C ILE I 277 -36.94 -41.89 56.51
N ILE I 278 -36.19 -42.97 56.70
CA ILE I 278 -36.80 -44.27 56.92
C ILE I 278 -37.50 -44.31 58.27
N ASP I 279 -36.91 -43.67 59.29
CA ASP I 279 -37.56 -43.57 60.59
C ASP I 279 -38.84 -42.74 60.50
N LEU I 280 -38.84 -41.72 59.63
CA LEU I 280 -40.05 -40.93 59.44
C LEU I 280 -41.11 -41.72 58.68
N LYS I 281 -40.67 -42.55 57.72
CA LYS I 281 -41.62 -43.37 56.96
C LYS I 281 -42.25 -44.45 57.83
N ASN I 282 -41.53 -44.92 58.87
CA ASN I 282 -42.10 -45.91 59.78
C ASN I 282 -43.28 -45.37 60.57
N GLU I 283 -43.31 -44.06 60.85
CA GLU I 283 -44.43 -43.47 61.56
C GLU I 283 -45.67 -43.37 60.68
N VAL I 284 -45.48 -43.17 59.37
CA VAL I 284 -46.57 -43.01 58.39
C VAL I 284 -46.59 -44.22 57.48
N CYS I 285 -46.24 -45.40 58.02
CA CYS I 285 -46.20 -46.62 57.21
C CYS I 285 -47.58 -47.21 56.94
N GLY I 286 -48.63 -46.79 57.66
CA GLY I 286 -49.95 -47.35 57.45
C GLY I 286 -50.53 -46.92 56.11
N MET I 287 -51.22 -47.87 55.47
CA MET I 287 -51.83 -47.66 54.15
C MET I 287 -50.78 -47.29 53.12
N ASP I 288 -49.68 -48.04 53.14
CA ASP I 288 -48.55 -47.79 52.24
C ASP I 288 -48.89 -48.00 50.76
N PRO I 289 -49.65 -49.02 50.34
CA PRO I 289 -50.01 -49.07 48.91
C PRO I 289 -50.96 -47.96 48.48
N ASP I 290 -51.91 -47.57 49.35
CA ASP I 290 -52.83 -46.50 48.99
C ASP I 290 -52.16 -45.13 49.05
N LYS I 291 -51.48 -44.84 50.15
CA LYS I 291 -50.80 -43.56 50.35
C LYS I 291 -49.41 -43.62 49.70
N GLY I 292 -48.65 -42.55 49.86
CA GLY I 292 -47.31 -42.46 49.28
C GLY I 292 -46.50 -41.40 49.99
N PHE I 293 -45.28 -41.22 49.50
CA PHE I 293 -44.33 -40.26 50.07
C PHE I 293 -43.45 -39.72 48.97
N VAL I 294 -43.17 -38.42 49.02
CA VAL I 294 -42.36 -37.72 48.02
C VAL I 294 -41.42 -36.77 48.76
N ILE I 295 -40.19 -36.66 48.27
CA ILE I 295 -39.15 -35.81 48.83
C ILE I 295 -38.73 -34.82 47.75
N ILE I 296 -38.69 -33.54 48.10
CA ILE I 296 -38.30 -32.45 47.21
C ILE I 296 -37.10 -31.75 47.83
N ASN I 297 -35.98 -31.76 47.12
CA ASN I 297 -34.72 -31.17 47.57
C ASN I 297 -34.40 -29.94 46.74
N GLN I 298 -33.81 -28.93 47.39
CA GLN I 298 -33.39 -27.71 46.71
C GLN I 298 -32.06 -27.84 46.01
N LYS I 299 -31.18 -28.73 46.49
CA LYS I 299 -29.87 -29.00 45.92
C LYS I 299 -29.87 -30.42 45.34
N GLY I 300 -28.77 -30.77 44.68
CA GLY I 300 -28.70 -32.04 43.97
C GLY I 300 -28.62 -33.23 44.91
N ILE I 301 -29.09 -34.37 44.39
CA ILE I 301 -29.06 -35.65 45.09
C ILE I 301 -28.12 -36.57 44.33
N ASP I 302 -27.31 -37.32 45.07
CA ASP I 302 -26.36 -38.23 44.44
C ASP I 302 -27.11 -39.35 43.72
N PRO I 303 -26.64 -39.83 42.55
CA PRO I 303 -27.35 -40.96 41.92
C PRO I 303 -27.24 -42.27 42.68
N MET I 304 -26.24 -42.42 43.56
CA MET I 304 -26.15 -43.63 44.37
C MET I 304 -27.33 -43.73 45.34
N SER I 305 -27.78 -42.60 45.87
CA SER I 305 -28.87 -42.57 46.83
C SER I 305 -30.26 -42.61 46.18
N LEU I 306 -30.36 -42.41 44.85
CA LEU I 306 -31.66 -42.50 44.20
C LEU I 306 -32.22 -43.92 44.23
N ASP I 307 -31.35 -44.93 44.21
CA ASP I 307 -31.81 -46.31 44.31
C ASP I 307 -32.41 -46.62 45.67
N VAL I 308 -32.01 -45.90 46.72
CA VAL I 308 -32.60 -46.11 48.03
C VAL I 308 -34.07 -45.68 48.03
N PHE I 309 -34.35 -44.52 47.44
CA PHE I 309 -35.74 -44.06 47.35
C PHE I 309 -36.56 -44.92 46.40
N ALA I 310 -35.94 -45.44 45.34
CA ALA I 310 -36.67 -46.26 44.37
C ALA I 310 -37.11 -47.59 44.97
N LYS I 311 -36.33 -48.16 45.89
CA LYS I 311 -36.71 -49.43 46.49
C LYS I 311 -37.91 -49.28 47.41
N HIS I 312 -37.97 -48.20 48.18
CA HIS I 312 -39.10 -47.90 49.06
C HIS I 312 -40.26 -47.20 48.34
N ASN I 313 -40.18 -47.04 47.02
CA ASN I 313 -41.24 -46.40 46.22
C ASN I 313 -41.50 -44.96 46.67
N ILE I 314 -40.42 -44.25 46.99
CA ILE I 314 -40.46 -42.84 47.38
C ILE I 314 -40.05 -42.02 46.17
N LEU I 315 -40.91 -41.08 45.77
CA LEU I 315 -40.62 -40.22 44.63
C LEU I 315 -39.59 -39.17 45.01
N ALA I 316 -38.60 -38.97 44.13
CA ALA I 316 -37.47 -38.07 44.37
C ALA I 316 -37.50 -36.95 43.35
N LEU I 317 -37.32 -35.72 43.82
CA LEU I 317 -37.22 -34.52 42.98
C LEU I 317 -36.10 -33.65 43.54
N ARG I 318 -35.16 -33.28 42.67
CA ARG I 318 -33.94 -32.57 43.04
C ARG I 318 -33.81 -31.24 42.31
N ARG I 319 -33.03 -30.34 42.91
CA ARG I 319 -32.60 -29.09 42.28
C ARG I 319 -33.81 -28.18 41.99
N ALA I 320 -34.58 -27.94 43.04
CA ALA I 320 -35.73 -27.06 42.98
C ALA I 320 -35.27 -25.61 43.11
N LYS I 321 -36.18 -24.68 42.79
CA LYS I 321 -35.86 -23.27 42.84
C LYS I 321 -36.03 -22.72 44.25
N ARG I 322 -35.51 -21.51 44.46
CA ARG I 322 -35.73 -20.82 45.73
C ARG I 322 -37.20 -20.47 45.90
N ARG I 323 -37.89 -20.12 44.81
CA ARG I 323 -39.28 -19.70 44.91
C ARG I 323 -40.21 -20.86 45.19
N ASN I 324 -39.93 -22.05 44.64
CA ASN I 324 -40.78 -23.21 44.87
C ASN I 324 -40.73 -23.70 46.31
N MET I 325 -39.57 -23.59 46.98
CA MET I 325 -39.50 -23.92 48.40
C MET I 325 -40.32 -22.94 49.24
N GLU I 326 -40.46 -21.70 48.80
CA GLU I 326 -41.29 -20.71 49.46
C GLU I 326 -42.77 -20.80 49.08
N ARG I 327 -43.18 -21.84 48.34
CA ARG I 327 -44.55 -22.04 47.89
C ARG I 327 -45.15 -23.39 48.27
N LEU I 328 -44.32 -24.38 48.65
CA LEU I 328 -44.86 -25.67 49.03
C LEU I 328 -45.67 -25.60 50.31
N GLN I 329 -45.30 -24.70 51.23
CA GLN I 329 -46.08 -24.54 52.45
C GLN I 329 -47.46 -23.97 52.16
N LEU I 330 -47.57 -23.10 51.17
CA LEU I 330 -48.86 -22.50 50.82
C LEU I 330 -49.77 -23.50 50.12
N VAL I 331 -49.21 -24.36 49.28
CA VAL I 331 -50.03 -25.32 48.53
C VAL I 331 -50.39 -26.51 49.40
N THR I 332 -49.39 -27.25 49.87
CA THR I 332 -49.63 -28.48 50.62
C THR I 332 -50.05 -28.23 52.07
N GLY I 333 -49.75 -27.05 52.62
CA GLY I 333 -50.12 -26.72 53.98
C GLY I 333 -49.15 -27.19 55.05
N GLY I 334 -48.07 -27.88 54.68
CA GLY I 334 -47.10 -28.34 55.64
C GLY I 334 -46.18 -27.23 56.12
N GLU I 335 -45.05 -27.63 56.68
CA GLU I 335 -44.01 -26.73 57.16
C GLU I 335 -42.66 -27.19 56.63
N ALA I 336 -41.74 -26.23 56.52
CA ALA I 336 -40.43 -26.47 55.94
C ALA I 336 -39.47 -27.01 56.98
N GLN I 337 -38.47 -27.75 56.51
CA GLN I 337 -37.43 -28.34 57.35
C GLN I 337 -36.12 -28.31 56.57
N ASN I 338 -35.01 -28.16 57.30
CA ASN I 338 -33.67 -28.11 56.73
C ASN I 338 -32.82 -29.29 57.19
N SER I 339 -32.68 -29.48 58.50
CA SER I 339 -31.87 -30.55 59.07
C SER I 339 -32.71 -31.80 59.27
N VAL I 340 -32.03 -32.95 59.26
CA VAL I 340 -32.68 -34.25 59.39
C VAL I 340 -32.75 -34.72 60.85
N GLU I 341 -32.32 -33.89 61.80
CA GLU I 341 -32.28 -34.33 63.20
C GLU I 341 -33.67 -34.35 63.82
N ASP I 342 -34.38 -33.21 63.76
CA ASP I 342 -35.69 -33.04 64.38
C ASP I 342 -36.76 -33.13 63.29
N LEU I 343 -37.53 -34.22 63.33
CA LEU I 343 -38.64 -34.46 62.42
C LEU I 343 -39.91 -34.69 63.22
N SER I 344 -41.04 -34.50 62.57
CA SER I 344 -42.35 -34.69 63.17
C SER I 344 -43.36 -34.93 62.05
N PRO I 345 -44.53 -35.49 62.35
CA PRO I 345 -45.56 -35.65 61.30
C PRO I 345 -46.34 -34.38 61.02
N GLN I 346 -46.23 -33.34 61.85
CA GLN I 346 -47.01 -32.12 61.63
C GLN I 346 -46.51 -31.34 60.42
N ILE I 347 -45.19 -31.31 60.20
CA ILE I 347 -44.63 -30.53 59.09
C ILE I 347 -44.97 -31.12 57.73
N LEU I 348 -45.33 -32.39 57.65
CA LEU I 348 -45.68 -33.00 56.37
C LEU I 348 -46.97 -32.40 55.83
N GLY I 349 -46.96 -32.09 54.53
CA GLY I 349 -48.11 -31.53 53.86
C GLY I 349 -49.13 -32.58 53.49
N PHE I 350 -50.00 -32.20 52.57
CA PHE I 350 -51.05 -33.06 52.06
C PHE I 350 -51.30 -32.75 50.59
N SER I 351 -51.55 -33.79 49.80
CA SER I 351 -51.85 -33.66 48.38
C SER I 351 -52.83 -34.75 47.98
N GLY I 352 -53.85 -34.36 47.22
CA GLY I 352 -54.88 -35.29 46.79
C GLY I 352 -54.58 -36.02 45.49
N LEU I 353 -53.68 -35.48 44.68
CA LEU I 353 -53.34 -36.10 43.39
C LEU I 353 -51.97 -35.61 42.96
N VAL I 354 -51.08 -36.54 42.64
CA VAL I 354 -49.75 -36.24 42.12
C VAL I 354 -49.49 -37.19 40.96
N TYR I 355 -49.27 -36.64 39.77
CA TYR I 355 -49.00 -37.40 38.56
C TYR I 355 -47.99 -36.66 37.71
N GLN I 356 -47.34 -37.42 36.82
CA GLN I 356 -46.30 -36.91 35.94
C GLN I 356 -46.66 -37.21 34.49
N GLU I 357 -46.35 -36.26 33.60
CA GLU I 357 -46.53 -36.42 32.17
C GLU I 357 -45.29 -35.85 31.47
N THR I 358 -44.80 -36.59 30.48
CA THR I 358 -43.54 -36.30 29.79
C THR I 358 -43.77 -36.16 28.30
N ILE I 359 -42.97 -35.31 27.66
CA ILE I 359 -43.00 -35.08 26.23
C ILE I 359 -41.57 -34.89 25.74
N GLY I 360 -41.15 -35.73 24.80
CA GLY I 360 -39.77 -35.69 24.35
C GLY I 360 -38.84 -36.13 25.47
N GLU I 361 -37.78 -35.34 25.69
CA GLU I 361 -36.81 -35.63 26.74
C GLU I 361 -37.21 -35.06 28.10
N GLU I 362 -37.93 -33.94 28.13
CA GLU I 362 -38.31 -33.31 29.38
C GLU I 362 -39.50 -34.02 30.02
N LYS I 363 -39.66 -33.80 31.33
CA LYS I 363 -40.73 -34.41 32.11
C LYS I 363 -41.19 -33.42 33.18
N PHE I 364 -42.51 -33.30 33.32
CA PHE I 364 -43.16 -32.36 34.24
C PHE I 364 -43.91 -33.13 35.31
N THR I 365 -43.89 -32.61 36.54
CA THR I 365 -44.61 -33.18 37.67
C THR I 365 -45.75 -32.24 38.06
N TYR I 366 -46.97 -32.79 38.13
CA TYR I 366 -48.19 -32.04 38.42
C TYR I 366 -48.66 -32.38 39.83
N VAL I 367 -49.03 -31.35 40.58
CA VAL I 367 -49.61 -31.48 41.92
C VAL I 367 -50.89 -30.67 41.94
N THR I 368 -51.95 -31.24 42.51
CA THR I 368 -53.24 -30.57 42.54
C THR I 368 -54.14 -31.28 43.54
N GLU I 369 -55.41 -30.87 43.59
CA GLU I 369 -56.43 -31.42 44.48
C GLU I 369 -56.01 -31.28 45.94
N ASN I 370 -55.77 -30.03 46.34
CA ASN I 370 -55.38 -29.69 47.69
C ASN I 370 -56.62 -29.42 48.55
N THR I 371 -56.44 -29.53 49.86
CA THR I 371 -57.54 -29.33 50.79
C THR I 371 -57.87 -27.85 50.97
N ASP I 372 -56.84 -27.04 51.23
CA ASP I 372 -56.99 -25.59 51.45
C ASP I 372 -55.75 -24.92 50.88
N PRO I 373 -55.60 -24.88 49.56
CA PRO I 373 -54.38 -24.28 48.98
C PRO I 373 -54.38 -22.77 49.10
N LYS I 374 -53.32 -22.25 49.71
CA LYS I 374 -53.10 -20.82 49.86
C LYS I 374 -52.41 -20.18 48.65
N SER I 375 -51.97 -20.99 47.66
CA SER I 375 -51.34 -20.47 46.47
C SER I 375 -51.63 -21.42 45.32
N CYS I 376 -51.25 -21.00 44.12
CA CYS I 376 -51.52 -21.77 42.90
C CYS I 376 -50.54 -21.31 41.82
N THR I 377 -50.74 -21.78 40.60
CA THR I 377 -49.88 -21.48 39.46
C THR I 377 -50.73 -21.32 38.21
N ILE I 378 -50.11 -20.75 37.17
CA ILE I 378 -50.73 -20.55 35.87
C ILE I 378 -49.78 -21.13 34.83
N LEU I 379 -50.01 -22.38 34.45
CA LEU I 379 -49.19 -23.08 33.46
C LEU I 379 -49.70 -22.70 32.08
N ILE I 380 -48.94 -21.85 31.38
CA ILE I 380 -49.33 -21.35 30.06
C ILE I 380 -48.76 -22.29 29.00
N LYS I 381 -49.59 -22.63 28.02
CA LYS I 381 -49.21 -23.45 26.88
C LYS I 381 -48.92 -22.54 25.69
N GLY I 382 -48.05 -23.00 24.79
CA GLY I 382 -47.72 -22.23 23.61
C GLY I 382 -47.05 -23.09 22.56
N SER I 383 -47.01 -22.54 21.34
CA SER I 383 -46.42 -23.22 20.19
C SER I 383 -44.96 -22.84 20.00
N THR I 384 -44.70 -21.55 19.79
CA THR I 384 -43.39 -21.00 19.47
C THR I 384 -42.86 -20.20 20.66
N HIS I 385 -41.59 -19.81 20.58
CA HIS I 385 -40.99 -19.02 21.64
C HIS I 385 -41.61 -17.64 21.76
N TYR I 386 -41.91 -17.00 20.61
CA TYR I 386 -42.56 -15.70 20.66
C TYR I 386 -43.99 -15.80 21.17
N ALA I 387 -44.65 -16.95 20.98
CA ALA I 387 -45.98 -17.15 21.55
C ALA I 387 -45.92 -17.16 23.07
N LEU I 388 -44.86 -17.74 23.64
CA LEU I 388 -44.69 -17.67 25.09
C LEU I 388 -44.35 -16.25 25.54
N ALA I 389 -43.55 -15.53 24.76
CA ALA I 389 -43.19 -14.16 25.12
C ALA I 389 -44.41 -13.24 25.04
N GLN I 390 -45.30 -13.48 24.06
CA GLN I 390 -46.53 -12.70 23.98
C GLN I 390 -47.43 -12.99 25.17
N THR I 391 -47.53 -14.27 25.56
CA THR I 391 -48.31 -14.63 26.74
C THR I 391 -47.62 -14.21 28.03
N LYS I 392 -46.28 -14.10 28.01
CA LYS I 392 -45.57 -13.59 29.17
C LYS I 392 -45.96 -12.16 29.48
N ASP I 393 -45.90 -11.28 28.46
CA ASP I 393 -46.22 -9.88 28.68
C ASP I 393 -47.71 -9.69 28.95
N ALA I 394 -48.57 -10.52 28.34
CA ALA I 394 -50.00 -10.39 28.56
C ALA I 394 -50.37 -10.79 29.99
N VAL I 395 -49.83 -11.91 30.47
CA VAL I 395 -50.13 -12.37 31.82
C VAL I 395 -49.42 -11.49 32.85
N ARG I 396 -48.23 -11.00 32.52
CA ARG I 396 -47.50 -10.13 33.45
C ARG I 396 -48.22 -8.79 33.63
N ASP I 397 -48.76 -8.23 32.54
CA ASP I 397 -49.49 -6.97 32.62
C ASP I 397 -50.93 -7.15 33.09
N GLY I 398 -51.51 -8.33 32.90
CA GLY I 398 -52.89 -8.57 33.31
C GLY I 398 -53.02 -8.83 34.79
N LEU I 399 -52.06 -9.57 35.36
CA LEU I 399 -52.09 -9.85 36.79
C LEU I 399 -51.84 -8.59 37.61
N ARG I 400 -50.94 -7.72 37.15
CA ARG I 400 -50.64 -6.50 37.89
C ARG I 400 -51.79 -5.52 37.82
N ALA I 401 -52.51 -5.48 36.70
CA ALA I 401 -53.62 -4.55 36.56
C ALA I 401 -54.80 -4.95 37.44
N VAL I 402 -55.17 -6.24 37.43
CA VAL I 402 -56.27 -6.71 38.27
C VAL I 402 -55.90 -6.78 39.75
N ALA I 403 -54.63 -6.99 40.07
CA ALA I 403 -54.22 -7.07 41.47
C ALA I 403 -54.33 -5.71 42.17
N ASN I 404 -54.06 -4.62 41.46
CA ASN I 404 -54.16 -3.29 42.05
C ASN I 404 -55.59 -2.91 42.43
N VAL I 405 -56.60 -3.53 41.82
CA VAL I 405 -57.98 -3.22 42.19
C VAL I 405 -58.27 -3.71 43.60
N LEU I 406 -57.72 -4.85 43.98
CA LEU I 406 -57.90 -5.39 45.32
C LEU I 406 -57.02 -4.69 46.37
N LYS I 407 -55.97 -3.97 45.95
CA LYS I 407 -55.16 -3.24 46.91
C LYS I 407 -55.94 -2.09 47.53
N ASP I 408 -56.64 -1.31 46.70
CA ASP I 408 -57.44 -0.17 47.12
C ASP I 408 -58.92 -0.54 47.07
N LYS I 409 -59.76 0.41 47.49
CA LYS I 409 -61.21 0.27 47.48
C LYS I 409 -61.87 1.11 46.39
N ASN I 410 -61.15 1.40 45.31
CA ASN I 410 -61.63 2.27 44.23
C ASN I 410 -61.16 1.73 42.88
N ILE I 411 -61.83 2.18 41.82
CA ILE I 411 -61.47 1.82 40.46
C ILE I 411 -61.91 2.96 39.55
N ILE I 412 -61.09 3.21 38.52
CA ILE I 412 -61.27 4.32 37.60
C ILE I 412 -61.87 3.76 36.31
N PRO I 413 -63.01 4.25 35.82
CA PRO I 413 -63.45 3.84 34.48
C PRO I 413 -62.61 4.51 33.40
N GLY I 414 -62.39 3.77 32.32
CA GLY I 414 -61.54 4.19 31.21
C GLY I 414 -62.32 4.56 29.98
N ALA I 415 -61.76 4.22 28.82
CA ALA I 415 -62.37 4.50 27.51
C ALA I 415 -62.53 6.00 27.29
N GLY I 416 -61.52 6.77 27.69
CA GLY I 416 -61.52 8.21 27.51
C GLY I 416 -62.39 8.99 28.46
N ALA I 417 -63.06 8.33 29.41
CA ALA I 417 -63.90 9.05 30.36
C ALA I 417 -63.06 9.93 31.29
N PHE I 418 -61.87 9.44 31.68
CA PHE I 418 -61.02 10.21 32.57
C PHE I 418 -60.42 11.41 31.87
N TYR I 419 -60.03 11.26 30.61
CA TYR I 419 -59.41 12.36 29.87
C TYR I 419 -60.45 13.38 29.43
N ILE I 420 -61.62 12.90 28.99
CA ILE I 420 -62.67 13.81 28.55
C ILE I 420 -63.23 14.59 29.75
N ALA I 421 -63.29 13.94 30.92
CA ALA I 421 -63.79 14.62 32.11
C ALA I 421 -62.83 15.72 32.56
N LEU I 422 -61.53 15.46 32.49
CA LEU I 422 -60.54 16.49 32.86
C LEU I 422 -60.53 17.63 31.86
N SER I 423 -60.92 17.37 30.61
CA SER I 423 -60.95 18.44 29.60
C SER I 423 -62.00 19.49 29.98
N ARG I 424 -63.23 19.06 30.25
CA ARG I 424 -64.27 20.00 30.65
C ARG I 424 -63.98 20.62 32.01
N TYR I 425 -63.30 19.89 32.90
CA TYR I 425 -63.03 20.43 34.23
C TYR I 425 -62.01 21.57 34.16
N LEU I 426 -60.93 21.38 33.41
CA LEU I 426 -59.90 22.41 33.31
C LEU I 426 -60.32 23.58 32.43
N ARG I 427 -61.20 23.36 31.45
CA ARG I 427 -61.64 24.42 30.55
C ARG I 427 -62.84 25.20 31.06
N SER I 428 -63.56 24.68 32.06
CA SER I 428 -64.74 25.34 32.63
C SER I 428 -64.55 25.81 34.07
N ALA I 429 -63.47 25.41 34.74
CA ALA I 429 -63.27 25.80 36.13
C ALA I 429 -62.91 27.28 36.21
N ASN I 430 -63.45 27.95 37.22
CA ASN I 430 -63.16 29.36 37.44
C ASN I 430 -61.70 29.53 37.86
N MET I 431 -61.01 30.46 37.18
CA MET I 431 -59.59 30.68 37.42
C MET I 431 -59.32 31.49 38.68
N ASN I 432 -60.30 32.27 39.15
CA ASN I 432 -60.12 33.04 40.38
C ASN I 432 -59.93 32.14 41.60
N LYS I 433 -60.51 30.94 41.58
CA LYS I 433 -60.26 29.99 42.66
C LYS I 433 -58.81 29.52 42.68
N LEU I 434 -58.19 29.40 41.50
CA LEU I 434 -56.80 29.00 41.41
C LEU I 434 -55.87 30.16 41.78
N GLY I 435 -54.66 29.81 42.19
CA GLY I 435 -53.64 30.77 42.55
C GLY I 435 -52.71 31.20 41.42
N ALA I 436 -52.88 30.67 40.21
CA ALA I 436 -52.03 31.00 39.08
C ALA I 436 -52.56 32.24 38.38
N LYS I 437 -51.64 33.13 38.00
CA LYS I 437 -51.97 34.37 37.31
C LYS I 437 -50.86 34.70 36.33
N GLY I 438 -51.12 35.69 35.48
CA GLY I 438 -50.17 36.12 34.47
C GLY I 438 -50.37 35.36 33.16
N LYS I 439 -49.28 34.78 32.64
CA LYS I 439 -49.30 34.03 31.39
C LYS I 439 -49.54 32.53 31.61
N THR I 440 -50.24 32.15 32.69
CA THR I 440 -50.68 30.78 32.91
C THR I 440 -52.01 30.47 32.23
N LYS I 441 -52.49 31.34 31.33
CA LYS I 441 -53.76 31.09 30.65
C LYS I 441 -53.65 29.92 29.69
N THR I 442 -52.58 29.88 28.90
CA THR I 442 -52.38 28.83 27.90
C THR I 442 -51.84 27.54 28.49
N GLY I 443 -51.18 27.58 29.64
CA GLY I 443 -50.70 26.36 30.25
C GLY I 443 -51.84 25.44 30.69
N ILE I 444 -52.94 26.03 31.15
CA ILE I 444 -54.12 25.23 31.47
C ILE I 444 -54.72 24.64 30.20
N GLU I 445 -54.77 25.45 29.13
CA GLU I 445 -55.35 24.99 27.87
C GLU I 445 -54.44 23.99 27.16
N ALA I 446 -53.12 24.12 27.32
CA ALA I 446 -52.21 23.21 26.63
C ALA I 446 -52.30 21.80 27.21
N PHE I 447 -52.23 21.68 28.54
CA PHE I 447 -52.31 20.37 29.16
C PHE I 447 -53.72 19.80 29.08
N ALA I 448 -54.75 20.65 29.12
CA ALA I 448 -56.12 20.16 29.00
C ALA I 448 -56.39 19.64 27.60
N GLU I 449 -55.85 20.31 26.59
CA GLU I 449 -56.04 19.88 25.21
C GLU I 449 -55.15 18.69 24.83
N ALA I 450 -54.02 18.51 25.51
CA ALA I 450 -53.15 17.38 25.21
C ALA I 450 -53.76 16.04 25.60
N LEU I 451 -54.62 16.01 26.62
CA LEU I 451 -55.28 14.78 27.03
C LEU I 451 -56.27 14.27 26.00
N LEU I 452 -56.77 15.13 25.11
CA LEU I 452 -57.74 14.69 24.12
C LEU I 452 -57.13 13.79 23.04
N VAL I 453 -55.82 13.86 22.83
CA VAL I 453 -55.20 13.11 21.73
C VAL I 453 -55.14 11.62 22.03
N ILE I 454 -55.18 11.22 23.32
CA ILE I 454 -55.13 9.80 23.64
C ILE I 454 -56.38 9.05 23.20
N PRO I 455 -57.61 9.46 23.56
CA PRO I 455 -58.78 8.65 23.15
C PRO I 455 -59.04 8.62 21.65
N LYS I 456 -58.57 9.61 20.89
CA LYS I 456 -58.69 9.56 19.43
C LYS I 456 -57.58 8.73 18.78
N THR I 457 -56.46 8.52 19.48
CA THR I 457 -55.46 7.57 18.99
C THR I 457 -56.03 6.16 18.94
N LEU I 458 -56.96 5.83 19.84
CA LEU I 458 -57.71 4.59 19.73
C LEU I 458 -58.52 4.55 18.43
N VAL I 459 -59.07 5.70 18.03
CA VAL I 459 -59.87 5.77 16.81
C VAL I 459 -58.99 5.70 15.57
N LYS I 460 -57.76 6.20 15.65
CA LYS I 460 -56.87 6.21 14.50
C LYS I 460 -56.48 4.81 14.04
N ASN I 461 -56.52 3.82 14.93
CA ASN I 461 -56.28 2.43 14.55
C ASN I 461 -57.49 1.78 13.89
N SER I 462 -58.70 2.26 14.18
CA SER I 462 -59.92 1.74 13.56
C SER I 462 -60.20 2.34 12.18
N GLY I 463 -59.63 3.50 11.87
CA GLY I 463 -59.76 4.12 10.56
C GLY I 463 -60.86 5.15 10.43
N PHE I 464 -61.69 5.34 11.47
CA PHE I 464 -62.74 6.33 11.40
C PHE I 464 -62.17 7.75 11.57
N ASP I 465 -63.02 8.74 11.32
CA ASP I 465 -62.62 10.14 11.44
C ASP I 465 -62.53 10.47 12.93
N PRO I 466 -61.36 10.85 13.47
CA PRO I 466 -61.30 11.07 14.93
C PRO I 466 -62.06 12.29 15.41
N LEU I 467 -62.15 13.35 14.61
CA LEU I 467 -62.81 14.58 15.06
C LEU I 467 -64.33 14.46 15.03
N ASP I 468 -64.89 13.63 14.14
CA ASP I 468 -66.34 13.50 14.00
C ASP I 468 -66.97 12.62 15.07
N VAL I 469 -66.27 11.57 15.54
CA VAL I 469 -66.81 10.68 16.56
C VAL I 469 -66.80 11.29 17.96
N LEU I 470 -66.18 12.48 18.15
CA LEU I 470 -66.29 13.24 19.38
C LEU I 470 -67.39 14.30 19.35
N ALA I 471 -68.08 14.48 18.22
CA ALA I 471 -69.14 15.48 18.15
C ALA I 471 -70.32 15.11 19.04
N MET I 472 -70.86 13.90 18.87
CA MET I 472 -71.94 13.44 19.73
C MET I 472 -71.49 13.21 21.17
N VAL I 473 -70.19 12.95 21.39
CA VAL I 473 -69.68 12.85 22.75
C VAL I 473 -69.76 14.19 23.45
N GLU I 474 -69.39 15.27 22.74
CA GLU I 474 -69.50 16.60 23.32
C GLU I 474 -70.95 16.99 23.53
N ASP I 475 -71.82 16.66 22.58
CA ASP I 475 -73.24 16.97 22.72
C ASP I 475 -73.91 16.17 23.83
N GLU I 476 -73.40 14.98 24.13
CA GLU I 476 -73.99 14.17 25.20
C GLU I 476 -73.73 14.79 26.56
N LEU I 477 -72.49 15.23 26.81
CA LEU I 477 -72.14 15.83 28.10
C LEU I 477 -72.75 17.21 28.29
N ASP I 478 -73.09 17.92 27.21
CA ASP I 478 -73.76 19.21 27.37
C ASP I 478 -75.16 19.05 27.95
N ASP I 479 -75.87 17.99 27.55
CA ASP I 479 -77.21 17.70 28.06
C ASP I 479 -77.20 16.82 29.29
N ALA I 480 -76.12 16.07 29.54
CA ALA I 480 -76.08 15.18 30.69
C ALA I 480 -76.03 15.95 32.00
N GLN I 481 -75.36 17.12 32.01
CA GLN I 481 -75.30 17.92 33.24
C GLN I 481 -76.65 18.52 33.58
N ASP I 482 -77.39 18.98 32.58
CA ASP I 482 -78.72 19.55 32.80
C ASP I 482 -79.81 18.50 32.97
N SER I 483 -79.60 17.29 32.45
CA SER I 483 -80.59 16.22 32.56
C SER I 483 -80.67 15.60 33.96
N ASP I 484 -79.76 15.93 34.86
CA ASP I 484 -79.76 15.39 36.23
C ASP I 484 -79.60 13.87 36.22
N GLU I 485 -78.56 13.40 35.53
CA GLU I 485 -78.25 11.98 35.44
C GLU I 485 -76.75 11.83 35.32
N THR I 486 -76.13 11.21 36.31
CA THR I 486 -74.67 11.03 36.35
C THR I 486 -74.33 9.79 35.56
N ARG I 487 -73.75 9.99 34.37
CA ARG I 487 -73.29 8.92 33.51
C ARG I 487 -71.93 9.28 32.93
N TYR I 488 -71.15 8.25 32.59
CA TYR I 488 -69.81 8.39 32.04
C TYR I 488 -69.80 7.77 30.65
N VAL I 489 -69.38 8.55 29.67
CA VAL I 489 -69.39 8.13 28.27
C VAL I 489 -68.11 7.33 28.00
N GLY I 490 -68.10 6.67 26.84
CA GLY I 490 -66.95 5.91 26.40
C GLY I 490 -66.75 6.08 24.90
N VAL I 491 -65.79 5.31 24.38
CA VAL I 491 -65.41 5.33 22.98
C VAL I 491 -65.39 3.88 22.49
N ASP I 492 -66.45 3.47 21.79
CA ASP I 492 -66.55 2.15 21.21
C ASP I 492 -66.07 2.19 19.77
N LEU I 493 -65.02 1.42 19.48
CA LEU I 493 -64.41 1.41 18.16
C LEU I 493 -65.09 0.47 17.17
N ASN I 494 -66.03 -0.37 17.62
CA ASN I 494 -66.68 -1.30 16.71
C ASN I 494 -67.61 -0.57 15.74
N ILE I 495 -68.50 0.26 16.27
CA ILE I 495 -69.49 1.00 15.49
C ILE I 495 -69.13 2.47 15.29
N GLY I 496 -68.13 2.99 16.00
CA GLY I 496 -67.78 4.40 15.88
C GLY I 496 -68.72 5.34 16.59
N ASP I 497 -69.26 4.93 17.74
CA ASP I 497 -70.20 5.72 18.54
C ASP I 497 -69.83 5.60 20.01
N SER I 498 -70.39 6.50 20.82
CA SER I 498 -70.13 6.53 22.24
C SER I 498 -70.71 5.30 22.92
N CYS I 499 -70.28 5.07 24.16
CA CYS I 499 -70.75 3.95 24.96
C CYS I 499 -70.58 4.29 26.43
N ASP I 500 -70.98 3.36 27.30
CA ASP I 500 -70.90 3.49 28.75
C ASP I 500 -69.95 2.42 29.28
N PRO I 501 -68.77 2.75 29.85
CA PRO I 501 -67.90 1.68 30.35
C PRO I 501 -68.44 0.94 31.57
N THR I 502 -69.47 1.47 32.24
CA THR I 502 -70.00 0.79 33.43
C THR I 502 -70.66 -0.53 33.08
N ILE I 503 -71.40 -0.60 31.96
CA ILE I 503 -72.07 -1.82 31.53
C ILE I 503 -71.22 -2.66 30.58
N GLU I 504 -70.34 -2.03 29.80
CA GLU I 504 -69.48 -2.75 28.87
C GLU I 504 -68.33 -3.48 29.55
N GLY I 505 -67.96 -3.09 30.76
CA GLY I 505 -66.91 -3.75 31.50
C GLY I 505 -65.51 -3.22 31.28
N ILE I 506 -65.35 -2.11 30.56
CA ILE I 506 -64.05 -1.49 30.37
C ILE I 506 -63.70 -0.70 31.62
N TRP I 507 -62.56 -1.02 32.23
CA TRP I 507 -62.10 -0.38 33.46
C TRP I 507 -60.59 -0.20 33.40
N ASP I 508 -60.08 0.60 34.34
CA ASP I 508 -58.65 0.86 34.47
C ASP I 508 -58.30 1.03 35.95
N SER I 509 -57.07 0.68 36.29
CA SER I 509 -56.64 0.75 37.67
C SER I 509 -56.49 2.21 38.12
N TYR I 510 -56.32 2.38 39.43
CA TYR I 510 -56.26 3.71 40.02
C TYR I 510 -54.86 4.31 39.93
N ARG I 511 -53.84 3.57 40.37
CA ARG I 511 -52.47 4.10 40.39
C ARG I 511 -51.83 4.20 39.01
N VAL I 512 -52.43 3.62 37.97
CA VAL I 512 -51.86 3.72 36.62
C VAL I 512 -51.97 5.16 36.12
N LEU I 513 -53.18 5.72 36.12
CA LEU I 513 -53.37 7.07 35.62
C LEU I 513 -52.77 8.11 36.56
N ARG I 514 -52.72 7.82 37.86
CA ARG I 514 -52.10 8.74 38.81
C ARG I 514 -50.60 8.83 38.58
N ASN I 515 -49.92 7.68 38.56
CA ASN I 515 -48.47 7.67 38.35
C ASN I 515 -48.09 8.06 36.93
N ALA I 516 -48.98 7.85 35.96
CA ALA I 516 -48.66 8.19 34.58
C ALA I 516 -48.54 9.69 34.38
N ILE I 517 -49.52 10.46 34.86
CA ILE I 517 -49.48 11.90 34.70
C ILE I 517 -48.39 12.51 35.57
N THR I 518 -48.15 11.92 36.74
CA THR I 518 -47.09 12.42 37.63
C THR I 518 -45.72 12.18 37.01
N GLY I 519 -45.50 11.00 36.45
CA GLY I 519 -44.23 10.72 35.79
C GLY I 519 -44.09 11.46 34.47
N ALA I 520 -45.21 11.63 33.75
CA ALA I 520 -45.15 12.32 32.47
C ALA I 520 -44.97 13.82 32.64
N THR I 521 -45.64 14.41 33.64
CA THR I 521 -45.50 15.84 33.87
C THR I 521 -44.11 16.20 34.35
N GLY I 522 -43.49 15.31 35.14
CA GLY I 522 -42.12 15.56 35.58
C GLY I 522 -41.11 15.50 34.45
N ILE I 523 -41.28 14.52 33.56
CA ILE I 523 -40.34 14.36 32.45
C ILE I 523 -40.55 15.47 31.42
N ALA I 524 -41.81 15.76 31.08
CA ALA I 524 -42.10 16.78 30.09
C ALA I 524 -41.71 18.18 30.57
N SER I 525 -41.85 18.45 31.88
CA SER I 525 -41.44 19.74 32.40
C SER I 525 -39.93 19.89 32.36
N ASN I 526 -39.20 18.86 32.76
CA ASN I 526 -37.74 18.91 32.75
C ASN I 526 -37.16 19.03 31.35
N LEU I 527 -37.83 18.47 30.34
CA LEU I 527 -37.35 18.59 28.97
C LEU I 527 -37.62 19.98 28.39
N LEU I 528 -38.67 20.66 28.88
CA LEU I 528 -38.97 22.00 28.38
C LEU I 528 -37.99 23.03 28.93
N LEU I 529 -37.65 22.95 30.20
CA LEU I 529 -36.73 23.91 30.82
C LEU I 529 -35.30 23.78 30.30
N CYS I 530 -34.92 22.64 29.75
CA CYS I 530 -33.58 22.45 29.20
C CYS I 530 -33.48 23.20 27.88
N ASP I 531 -32.49 24.10 27.79
CA ASP I 531 -32.27 24.94 26.62
C ASP I 531 -30.89 24.76 26.01
N GLU I 532 -30.18 23.68 26.31
CA GLU I 532 -28.85 23.46 25.76
C GLU I 532 -28.48 21.99 25.90
N LEU I 533 -27.91 21.43 24.83
CA LEU I 533 -27.42 20.06 24.79
C LEU I 533 -25.93 20.08 24.42
N LEU I 534 -25.17 19.19 25.05
CA LEU I 534 -23.74 19.12 24.80
C LEU I 534 -23.23 17.75 25.22
N ARG I 535 -22.09 17.36 24.65
CA ARG I 535 -21.41 16.10 24.96
C ARG I 535 -19.95 16.41 25.25
N ALA I 536 -19.46 15.89 26.38
CA ALA I 536 -18.06 16.10 26.76
C ALA I 536 -17.67 15.07 27.81
N GLY I 537 -16.46 14.56 27.68
CA GLY I 537 -15.94 13.61 28.63
C GLY I 537 -14.72 12.90 28.06
N ARG I 538 -14.06 12.15 28.94
CA ARG I 538 -12.84 11.43 28.62
C ARG I 538 -13.19 10.02 28.16
N SER I 539 -12.59 9.60 27.06
CA SER I 539 -12.84 8.26 26.50
C SER I 539 -11.69 7.85 25.58
N GLN J 3 -12.23 -31.07 -18.67
CA GLN J 3 -13.40 -31.03 -17.80
C GLN J 3 -13.00 -31.19 -16.34
N LEU J 4 -12.33 -32.30 -16.03
CA LEU J 4 -11.91 -32.62 -14.66
C LEU J 4 -10.90 -31.56 -14.20
N PHE J 5 -9.70 -31.51 -14.79
CA PHE J 5 -8.65 -30.57 -14.40
C PHE J 5 -7.94 -30.04 -15.65
N ASN J 6 -7.14 -29.00 -15.45
CA ASN J 6 -6.35 -28.43 -16.53
C ASN J 6 -5.12 -29.29 -16.81
N ASN J 7 -4.78 -29.41 -18.10
CA ASN J 7 -3.67 -30.25 -18.52
C ASN J 7 -2.34 -29.53 -18.31
N SER J 8 -1.25 -30.28 -18.50
CA SER J 8 0.09 -29.71 -18.34
C SER J 8 0.37 -28.69 -19.43
N ARG J 9 1.06 -27.61 -19.05
CA ARG J 9 1.30 -26.47 -19.93
C ARG J 9 2.66 -26.64 -20.60
N SER J 10 2.65 -27.22 -21.80
CA SER J 10 3.82 -27.30 -22.68
C SER J 10 4.97 -28.08 -22.01
N ASP J 11 4.72 -29.36 -21.75
CA ASP J 11 5.73 -30.24 -21.17
C ASP J 11 6.69 -30.68 -22.28
N THR J 12 7.88 -30.07 -22.30
CA THR J 12 8.92 -30.37 -23.29
C THR J 12 8.45 -30.10 -24.72
N LEU J 13 7.60 -29.08 -24.89
CA LEU J 13 7.09 -28.65 -26.19
C LEU J 13 7.45 -27.21 -26.53
N PHE J 14 7.54 -26.34 -25.54
CA PHE J 14 8.02 -24.96 -25.71
C PHE J 14 7.12 -24.16 -26.66
N LEU J 15 5.86 -24.02 -26.24
CA LEU J 15 4.90 -23.13 -26.87
C LEU J 15 4.51 -22.04 -25.88
N GLY J 16 4.42 -20.80 -26.37
CA GLY J 16 4.03 -19.69 -25.52
C GLY J 16 2.60 -19.75 -25.02
N GLY J 17 1.71 -20.41 -25.75
CA GLY J 17 0.31 -20.52 -25.38
C GLY J 17 -0.02 -21.83 -24.70
N GLU J 18 -1.28 -22.24 -24.78
CA GLU J 18 -1.78 -23.46 -24.13
C GLU J 18 -1.83 -24.59 -25.15
N LYS J 19 -1.68 -25.83 -24.66
CA LYS J 19 -1.75 -27.03 -25.47
C LYS J 19 -2.69 -28.03 -24.81
N ILE J 20 -3.63 -28.55 -25.59
CA ILE J 20 -4.56 -29.57 -25.12
C ILE J 20 -4.86 -30.51 -26.28
N SER J 21 -5.13 -31.77 -25.94
CA SER J 21 -5.34 -32.80 -26.95
C SER J 21 -6.18 -33.92 -26.34
N GLY J 22 -6.58 -34.87 -27.20
CA GLY J 22 -7.35 -36.01 -26.79
C GLY J 22 -8.84 -35.76 -26.86
N ASP J 23 -9.63 -36.60 -26.17
CA ASP J 23 -11.08 -36.46 -26.16
C ASP J 23 -11.59 -35.36 -25.24
N ASP J 24 -10.71 -34.68 -24.50
CA ASP J 24 -11.18 -33.61 -23.60
C ASP J 24 -11.70 -32.42 -24.40
N ILE J 25 -10.93 -31.94 -25.38
CA ILE J 25 -11.39 -30.84 -26.23
C ILE J 25 -12.59 -31.24 -27.07
N ARG J 26 -12.70 -32.51 -27.46
CA ARG J 26 -13.87 -32.96 -28.19
C ARG J 26 -15.12 -32.89 -27.31
N ASN J 27 -14.97 -33.15 -26.01
CA ASN J 27 -16.08 -32.98 -25.07
C ASN J 27 -16.40 -31.51 -24.86
N GLN J 28 -15.36 -30.65 -24.82
CA GLN J 28 -15.58 -29.22 -24.63
C GLN J 28 -16.31 -28.61 -25.81
N ASN J 29 -16.09 -29.13 -27.02
CA ASN J 29 -16.83 -28.64 -28.18
C ASN J 29 -18.30 -29.04 -28.10
N VAL J 30 -18.59 -30.22 -27.54
CA VAL J 30 -19.98 -30.65 -27.38
C VAL J 30 -20.68 -29.76 -26.36
N LEU J 31 -20.04 -29.53 -25.21
CA LEU J 31 -20.63 -28.62 -24.21
C LEU J 31 -20.66 -27.19 -24.72
N ALA J 32 -19.73 -26.80 -25.58
CA ALA J 32 -19.75 -25.46 -26.16
C ALA J 32 -20.93 -25.28 -27.11
N THR J 33 -21.20 -26.29 -27.94
CA THR J 33 -22.33 -26.22 -28.85
C THR J 33 -23.66 -26.37 -28.11
N MET J 34 -23.65 -27.13 -27.00
CA MET J 34 -24.86 -27.26 -26.19
C MET J 34 -25.08 -26.03 -25.32
N ALA J 35 -24.00 -25.35 -24.89
CA ALA J 35 -24.15 -24.17 -24.07
C ALA J 35 -24.79 -23.02 -24.83
N VAL J 36 -24.40 -22.82 -26.09
CA VAL J 36 -25.01 -21.80 -26.93
C VAL J 36 -26.35 -22.24 -27.51
N ALA J 37 -26.64 -23.54 -27.54
CA ALA J 37 -27.91 -24.04 -28.07
C ALA J 37 -29.04 -24.03 -27.05
N ASN J 38 -28.73 -23.95 -25.75
CA ASN J 38 -29.78 -23.95 -24.74
C ASN J 38 -30.65 -22.70 -24.80
N VAL J 39 -30.07 -21.54 -25.12
CA VAL J 39 -30.88 -20.34 -25.31
C VAL J 39 -31.75 -20.42 -26.56
N VAL J 40 -31.35 -21.22 -27.55
CA VAL J 40 -32.15 -21.42 -28.75
C VAL J 40 -33.22 -22.50 -28.57
N LYS J 41 -33.12 -23.35 -27.55
CA LYS J 41 -34.09 -24.43 -27.34
C LYS J 41 -35.47 -23.88 -27.03
N SER J 42 -35.56 -22.98 -26.06
CA SER J 42 -36.85 -22.47 -25.60
C SER J 42 -37.53 -21.55 -26.61
N SER J 43 -36.82 -21.08 -27.64
CA SER J 43 -37.38 -20.19 -28.66
C SER J 43 -37.93 -20.92 -29.87
N LEU J 44 -37.95 -22.25 -29.89
CA LEU J 44 -38.35 -23.02 -31.05
C LEU J 44 -39.84 -23.32 -30.99
N GLY J 45 -40.53 -23.17 -32.13
CA GLY J 45 -41.91 -23.54 -32.26
C GLY J 45 -42.85 -22.47 -31.75
N PRO J 46 -44.16 -22.60 -32.03
CA PRO J 46 -45.11 -21.60 -31.51
C PRO J 46 -45.19 -21.55 -29.99
N VAL J 47 -44.92 -22.66 -29.31
CA VAL J 47 -44.95 -22.68 -27.85
C VAL J 47 -43.73 -22.01 -27.21
N GLY J 48 -42.71 -21.64 -28.00
CA GLY J 48 -41.56 -20.99 -27.44
C GLY J 48 -41.83 -19.57 -27.00
N LEU J 49 -41.04 -19.12 -26.03
CA LEU J 49 -41.15 -17.79 -25.44
C LEU J 49 -39.94 -16.96 -25.84
N ASP J 50 -40.14 -15.64 -25.82
CA ASP J 50 -39.10 -14.69 -26.22
C ASP J 50 -38.09 -14.50 -25.09
N LYS J 51 -37.04 -13.75 -25.40
CA LYS J 51 -35.99 -13.39 -24.45
C LYS J 51 -35.60 -11.94 -24.66
N MET J 52 -34.85 -11.41 -23.70
CA MET J 52 -34.37 -10.04 -23.72
C MET J 52 -32.89 -9.99 -23.34
N LEU J 53 -32.13 -9.21 -24.10
CA LEU J 53 -30.69 -9.04 -23.92
C LEU J 53 -30.41 -7.61 -23.47
N VAL J 54 -29.73 -7.47 -22.34
CA VAL J 54 -29.42 -6.18 -21.73
C VAL J 54 -27.98 -5.82 -22.07
N ASP J 55 -27.76 -4.58 -22.48
CA ASP J 55 -26.44 -4.09 -22.90
C ASP J 55 -25.66 -3.40 -21.78
N ASP J 56 -26.09 -3.55 -20.52
CA ASP J 56 -25.47 -2.89 -19.36
C ASP J 56 -25.45 -1.37 -19.47
N ILE J 57 -26.40 -0.78 -20.21
CA ILE J 57 -26.60 0.66 -20.30
C ILE J 57 -28.06 1.05 -20.16
N GLY J 58 -28.92 0.14 -19.69
CA GLY J 58 -30.35 0.33 -19.65
C GLY J 58 -31.08 -0.15 -20.89
N ASP J 59 -30.45 -0.03 -22.06
CA ASP J 59 -31.06 -0.44 -23.31
C ASP J 59 -31.23 -1.95 -23.34
N PHE J 60 -32.37 -2.40 -23.85
CA PHE J 60 -32.69 -3.81 -24.01
C PHE J 60 -33.49 -4.00 -25.29
N THR J 61 -33.50 -5.23 -25.79
CA THR J 61 -34.20 -5.59 -27.01
C THR J 61 -34.78 -6.99 -26.88
N VAL J 62 -36.06 -7.13 -27.25
CA VAL J 62 -36.77 -8.40 -27.21
C VAL J 62 -36.56 -9.07 -28.56
N THR J 63 -36.16 -10.35 -28.53
CA THR J 63 -35.87 -11.11 -29.73
C THR J 63 -36.21 -12.57 -29.50
N ASN J 64 -36.84 -13.20 -30.49
CA ASN J 64 -37.19 -14.62 -30.47
C ASN J 64 -36.25 -15.44 -31.34
N ASP J 65 -35.98 -14.97 -32.55
CA ASP J 65 -35.11 -15.70 -33.48
C ASP J 65 -33.66 -15.64 -33.02
N GLY J 66 -32.94 -16.74 -33.22
CA GLY J 66 -31.54 -16.83 -32.84
C GLY J 66 -30.57 -16.19 -33.81
N ALA J 67 -31.05 -15.45 -34.82
CA ALA J 67 -30.14 -14.80 -35.75
C ALA J 67 -29.35 -13.69 -35.07
N THR J 68 -30.05 -12.69 -34.54
CA THR J 68 -29.42 -11.55 -33.89
C THR J 68 -29.10 -11.78 -32.43
N ILE J 69 -29.69 -12.80 -31.79
CA ILE J 69 -29.37 -13.10 -30.40
C ILE J 69 -27.92 -13.57 -30.29
N LEU J 70 -27.56 -14.58 -31.07
CA LEU J 70 -26.19 -15.08 -31.06
C LEU J 70 -25.19 -14.09 -31.62
N SER J 71 -25.62 -13.20 -32.52
CA SER J 71 -24.73 -12.16 -33.01
C SER J 71 -24.42 -11.15 -31.90
N LEU J 72 -25.39 -10.87 -31.03
CA LEU J 72 -25.16 -9.96 -29.92
C LEU J 72 -24.37 -10.63 -28.80
N LEU J 73 -24.62 -11.91 -28.53
CA LEU J 73 -23.87 -12.64 -27.53
C LEU J 73 -22.43 -12.81 -28.00
N ASP J 74 -21.51 -12.06 -27.41
CA ASP J 74 -20.11 -12.11 -27.80
C ASP J 74 -19.46 -13.32 -27.15
N VAL J 75 -19.28 -14.39 -27.92
CA VAL J 75 -18.64 -15.61 -27.46
C VAL J 75 -17.18 -15.59 -27.88
N GLN J 76 -16.30 -16.06 -26.99
CA GLN J 76 -14.87 -16.12 -27.22
C GLN J 76 -14.38 -17.50 -27.65
N HIS J 77 -15.15 -18.55 -27.43
CA HIS J 77 -14.74 -19.88 -27.85
C HIS J 77 -14.92 -19.99 -29.36
N PRO J 78 -13.89 -20.36 -30.15
CA PRO J 78 -14.07 -20.31 -31.61
C PRO J 78 -14.99 -21.39 -32.16
N ALA J 79 -15.16 -22.52 -31.45
CA ALA J 79 -16.08 -23.55 -31.93
C ALA J 79 -17.52 -23.06 -31.90
N GLY J 80 -17.86 -22.19 -30.95
CA GLY J 80 -19.19 -21.60 -30.93
C GLY J 80 -19.41 -20.52 -31.96
N LYS J 81 -18.33 -19.89 -32.44
CA LYS J 81 -18.45 -18.86 -33.47
C LYS J 81 -18.99 -19.41 -34.78
N ILE J 82 -18.77 -20.68 -35.07
CA ILE J 82 -19.27 -21.25 -36.31
C ILE J 82 -20.79 -21.34 -36.27
N LEU J 83 -21.36 -21.69 -35.11
CA LEU J 83 -22.81 -21.66 -34.98
C LEU J 83 -23.34 -20.23 -34.96
N VAL J 84 -22.55 -19.28 -34.46
CA VAL J 84 -22.95 -17.87 -34.51
C VAL J 84 -23.03 -17.41 -35.96
N GLU J 85 -22.01 -17.72 -36.75
CA GLU J 85 -22.03 -17.37 -38.17
C GLU J 85 -23.02 -18.22 -38.96
N LEU J 86 -23.31 -19.44 -38.51
CA LEU J 86 -24.34 -20.25 -39.17
C LEU J 86 -25.70 -19.62 -39.02
N ALA J 87 -25.98 -19.02 -37.86
CA ALA J 87 -27.24 -18.31 -37.67
C ALA J 87 -27.33 -17.07 -38.56
N GLN J 88 -26.19 -16.38 -38.74
CA GLN J 88 -26.17 -15.23 -39.63
C GLN J 88 -26.19 -15.65 -41.09
N GLN J 89 -25.57 -16.78 -41.42
CA GLN J 89 -25.57 -17.26 -42.80
C GLN J 89 -26.98 -17.63 -43.25
N GLN J 90 -27.71 -18.39 -42.43
CA GLN J 90 -29.05 -18.81 -42.78
C GLN J 90 -30.04 -17.65 -42.89
N ASP J 91 -29.76 -16.53 -42.20
CA ASP J 91 -30.62 -15.35 -42.33
C ASP J 91 -30.44 -14.67 -43.67
N ARG J 92 -29.24 -14.75 -44.26
CA ARG J 92 -29.00 -14.07 -45.53
C ARG J 92 -29.66 -14.79 -46.69
N GLU J 93 -29.41 -16.09 -46.85
CA GLU J 93 -29.92 -16.80 -48.01
C GLU J 93 -31.41 -17.10 -47.87
N ILE J 94 -31.79 -17.87 -46.86
CA ILE J 94 -33.17 -18.32 -46.70
C ILE J 94 -34.01 -17.30 -45.95
N GLY J 95 -33.47 -16.75 -44.86
CA GLY J 95 -34.19 -15.80 -44.04
C GLY J 95 -35.12 -16.41 -43.00
N ASP J 96 -35.11 -17.73 -42.84
CA ASP J 96 -35.94 -18.41 -41.86
C ASP J 96 -35.26 -19.70 -41.44
N GLY J 97 -35.52 -20.12 -40.20
CA GLY J 97 -34.96 -21.33 -39.65
C GLY J 97 -33.61 -21.17 -39.00
N THR J 98 -33.26 -19.97 -38.53
CA THR J 98 -31.99 -19.79 -37.83
C THR J 98 -31.99 -20.52 -36.50
N THR J 99 -33.15 -20.63 -35.85
CA THR J 99 -33.27 -21.37 -34.59
C THR J 99 -33.12 -22.87 -34.77
N SER J 100 -33.42 -23.41 -35.96
CA SER J 100 -33.42 -24.85 -36.18
C SER J 100 -32.04 -25.41 -36.52
N VAL J 101 -31.24 -24.66 -37.28
CA VAL J 101 -29.92 -25.14 -37.66
C VAL J 101 -29.00 -25.23 -36.45
N VAL J 102 -29.17 -24.35 -35.47
CA VAL J 102 -28.32 -24.40 -34.28
C VAL J 102 -28.68 -25.64 -33.45
N ILE J 103 -29.96 -25.96 -33.36
CA ILE J 103 -30.38 -27.14 -32.59
C ILE J 103 -30.02 -28.41 -33.34
N ILE J 104 -30.18 -28.41 -34.67
CA ILE J 104 -29.87 -29.60 -35.45
C ILE J 104 -28.37 -29.84 -35.48
N ALA J 105 -27.58 -28.77 -35.65
CA ALA J 105 -26.13 -28.94 -35.72
C ALA J 105 -25.55 -29.35 -34.37
N SER J 106 -26.15 -28.86 -33.27
CA SER J 106 -25.64 -29.20 -31.95
C SER J 106 -25.94 -30.66 -31.61
N GLU J 107 -27.14 -31.14 -31.96
CA GLU J 107 -27.50 -32.52 -31.66
C GLU J 107 -26.75 -33.51 -32.54
N LEU J 108 -26.44 -33.15 -33.79
CA LEU J 108 -25.63 -34.02 -34.63
C LEU J 108 -24.24 -34.20 -34.06
N LEU J 109 -23.67 -33.15 -33.47
CA LEU J 109 -22.40 -33.28 -32.76
C LEU J 109 -22.57 -34.00 -31.43
N LYS J 110 -23.68 -33.75 -30.74
CA LYS J 110 -23.91 -34.41 -29.46
C LYS J 110 -24.16 -35.89 -29.64
N ARG J 111 -25.00 -36.28 -30.59
CA ARG J 111 -25.27 -37.69 -30.86
C ARG J 111 -24.08 -38.41 -31.47
N ALA J 112 -23.24 -37.70 -32.23
CA ALA J 112 -22.02 -38.27 -32.77
C ALA J 112 -20.91 -38.37 -31.73
N ASN J 113 -21.03 -37.72 -30.58
CA ASN J 113 -20.02 -37.82 -29.54
C ASN J 113 -19.93 -39.25 -29.00
N GLU J 114 -21.05 -39.97 -28.97
CA GLU J 114 -21.02 -41.36 -28.57
C GLU J 114 -20.27 -42.22 -29.60
N LEU J 115 -20.33 -41.85 -30.88
CA LEU J 115 -19.63 -42.59 -31.91
C LEU J 115 -18.12 -42.37 -31.87
N VAL J 116 -17.64 -41.30 -31.23
CA VAL J 116 -16.21 -41.03 -31.19
C VAL J 116 -15.51 -42.06 -30.31
N LYS J 117 -16.04 -42.29 -29.10
CA LYS J 117 -15.42 -43.24 -28.17
C LYS J 117 -15.69 -44.70 -28.53
N ASN J 118 -16.47 -44.98 -29.57
CA ASN J 118 -16.59 -46.32 -30.14
C ASN J 118 -15.46 -46.66 -31.11
N LYS J 119 -14.44 -45.81 -31.24
CA LYS J 119 -13.36 -45.97 -32.22
C LYS J 119 -13.88 -46.01 -33.66
N ILE J 120 -14.98 -45.31 -33.92
CA ILE J 120 -15.39 -45.00 -35.29
C ILE J 120 -14.73 -43.69 -35.68
N HIS J 121 -14.04 -43.69 -36.81
CA HIS J 121 -13.32 -42.50 -37.22
C HIS J 121 -14.32 -41.43 -37.67
N PRO J 122 -14.01 -40.12 -37.54
CA PRO J 122 -14.95 -39.12 -38.05
C PRO J 122 -15.13 -39.16 -39.56
N THR J 123 -14.13 -39.63 -40.31
CA THR J 123 -14.27 -39.73 -41.76
C THR J 123 -15.35 -40.75 -42.14
N THR J 124 -15.45 -41.84 -41.39
CA THR J 124 -16.51 -42.81 -41.63
C THR J 124 -17.86 -42.30 -41.14
N ILE J 125 -17.86 -41.46 -40.09
CA ILE J 125 -19.12 -40.97 -39.54
C ILE J 125 -19.75 -39.97 -40.50
N ILE J 126 -18.96 -39.01 -40.99
CA ILE J 126 -19.49 -38.03 -41.94
C ILE J 126 -19.89 -38.68 -43.26
N THR J 127 -19.21 -39.76 -43.67
CA THR J 127 -19.61 -40.47 -44.88
C THR J 127 -20.98 -41.12 -44.69
N GLY J 128 -21.23 -41.69 -43.51
CA GLY J 128 -22.55 -42.22 -43.22
C GLY J 128 -23.59 -41.14 -43.10
N PHE J 129 -23.19 -39.95 -42.65
CA PHE J 129 -24.11 -38.82 -42.60
C PHE J 129 -24.41 -38.29 -44.00
N ARG J 130 -23.43 -38.31 -44.88
CA ARG J 130 -23.59 -37.72 -46.21
C ARG J 130 -24.43 -38.59 -47.12
N VAL J 131 -24.26 -39.92 -47.04
CA VAL J 131 -25.13 -40.82 -47.80
C VAL J 131 -26.56 -40.75 -47.27
N ALA J 132 -26.71 -40.50 -45.96
CA ALA J 132 -28.04 -40.25 -45.41
C ALA J 132 -28.58 -38.90 -45.88
N LEU J 133 -27.70 -37.94 -46.13
CA LEU J 133 -28.15 -36.62 -46.57
C LEU J 133 -28.73 -36.67 -47.98
N ARG J 134 -27.96 -37.18 -48.95
CA ARG J 134 -28.43 -37.21 -50.33
C ARG J 134 -29.61 -38.18 -50.50
N GLU J 135 -29.68 -39.22 -49.67
CA GLU J 135 -30.89 -40.04 -49.64
C GLU J 135 -32.06 -39.28 -49.05
N ALA J 136 -31.80 -38.38 -48.10
CA ALA J 136 -32.88 -37.59 -47.52
C ALA J 136 -33.36 -36.50 -48.48
N ILE J 137 -32.44 -35.93 -49.27
CA ILE J 137 -32.83 -34.89 -50.22
C ILE J 137 -33.69 -35.47 -51.33
N ARG J 138 -33.37 -36.68 -51.80
CA ARG J 138 -34.20 -37.30 -52.82
C ARG J 138 -35.57 -37.68 -52.27
N PHE J 139 -35.62 -38.12 -51.01
CA PHE J 139 -36.90 -38.42 -50.38
C PHE J 139 -37.71 -37.14 -50.17
N ILE J 140 -37.04 -36.03 -49.86
CA ILE J 140 -37.73 -34.74 -49.78
C ILE J 140 -38.22 -34.32 -51.16
N ASN J 141 -37.45 -34.63 -52.21
CA ASN J 141 -37.87 -34.32 -53.57
C ASN J 141 -39.00 -35.22 -54.05
N GLU J 142 -39.22 -36.37 -53.40
CA GLU J 142 -40.34 -37.24 -53.75
C GLU J 142 -41.62 -36.85 -53.00
N VAL J 143 -41.50 -36.48 -51.73
CA VAL J 143 -42.64 -36.23 -50.86
C VAL J 143 -43.23 -34.82 -51.04
N LEU J 144 -42.55 -33.94 -51.78
CA LEU J 144 -43.07 -32.59 -51.99
C LEU J 144 -44.36 -32.63 -52.80
N SER J 145 -45.18 -31.60 -52.61
CA SER J 145 -46.51 -31.48 -53.19
C SER J 145 -46.59 -30.26 -54.10
N THR J 146 -47.56 -30.28 -55.00
CA THR J 146 -47.81 -29.17 -55.90
C THR J 146 -48.46 -28.02 -55.13
N SER J 147 -48.55 -26.86 -55.79
CA SER J 147 -48.98 -25.61 -55.17
C SER J 147 -50.43 -25.24 -55.49
N VAL J 148 -51.15 -26.04 -56.27
CA VAL J 148 -52.53 -25.70 -56.62
C VAL J 148 -53.48 -26.16 -55.53
N ASP J 149 -53.64 -27.48 -55.37
CA ASP J 149 -54.32 -28.14 -54.25
C ASP J 149 -55.84 -27.96 -54.28
N THR J 150 -56.41 -27.10 -55.13
CA THR J 150 -57.84 -26.81 -55.13
C THR J 150 -58.17 -25.91 -56.32
N LEU J 151 -59.41 -25.42 -56.39
CA LEU J 151 -59.77 -24.47 -57.44
C LEU J 151 -59.06 -23.13 -57.23
N GLY J 152 -59.17 -22.55 -56.04
CA GLY J 152 -58.53 -21.30 -55.71
C GLY J 152 -57.08 -21.49 -55.31
N LYS J 153 -56.44 -20.37 -54.97
CA LYS J 153 -55.06 -20.41 -54.50
C LYS J 153 -54.96 -21.16 -53.19
N GLU J 154 -55.50 -20.57 -52.11
CA GLU J 154 -55.61 -21.19 -50.78
C GLU J 154 -54.27 -21.68 -50.22
N THR J 155 -53.16 -21.06 -50.64
CA THR J 155 -51.80 -21.43 -50.24
C THR J 155 -51.06 -20.32 -49.52
N LEU J 156 -51.00 -19.12 -50.11
CA LEU J 156 -50.15 -18.07 -49.58
C LEU J 156 -50.62 -17.55 -48.23
N ILE J 157 -51.92 -17.68 -47.93
CA ILE J 157 -52.41 -17.29 -46.62
C ILE J 157 -51.90 -18.27 -45.56
N ASN J 158 -51.79 -19.55 -45.92
CA ASN J 158 -51.30 -20.55 -44.98
C ASN J 158 -49.78 -20.52 -44.84
N ILE J 159 -49.05 -20.08 -45.86
CA ILE J 159 -47.59 -20.00 -45.76
C ILE J 159 -47.19 -18.95 -44.74
N ALA J 160 -47.94 -17.85 -44.67
CA ALA J 160 -47.60 -16.77 -43.73
C ALA J 160 -47.76 -17.21 -42.28
N LYS J 161 -48.67 -18.15 -42.00
CA LYS J 161 -48.88 -18.58 -40.62
C LYS J 161 -47.67 -19.30 -40.05
N THR J 162 -46.92 -20.04 -40.89
CA THR J 162 -45.74 -20.73 -40.40
C THR J 162 -44.64 -19.74 -40.03
N SER J 163 -44.41 -18.74 -40.88
CA SER J 163 -43.41 -17.71 -40.56
C SER J 163 -43.86 -16.81 -39.42
N MET J 164 -45.16 -16.54 -39.33
CA MET J 164 -45.71 -15.68 -38.29
C MET J 164 -45.89 -16.37 -36.94
N SER J 165 -45.79 -17.70 -36.89
CA SER J 165 -45.90 -18.40 -35.63
C SER J 165 -44.68 -18.11 -34.75
N SER J 166 -44.84 -18.34 -33.45
CA SER J 166 -43.79 -18.14 -32.45
C SER J 166 -43.40 -16.67 -32.29
N LYS J 167 -44.29 -15.74 -32.64
CA LYS J 167 -44.07 -14.30 -32.53
C LYS J 167 -45.13 -13.70 -31.61
N ILE J 168 -44.91 -12.44 -31.23
CA ILE J 168 -45.86 -11.71 -30.41
C ILE J 168 -47.19 -11.52 -31.17
N ILE J 169 -47.13 -11.38 -32.48
CA ILE J 169 -48.31 -11.14 -33.33
C ILE J 169 -48.76 -12.42 -34.03
N GLY J 170 -48.43 -13.59 -33.49
CA GLY J 170 -48.93 -14.83 -34.05
C GLY J 170 -50.43 -14.98 -33.95
N ALA J 171 -51.05 -14.38 -32.93
CA ALA J 171 -52.50 -14.39 -32.84
C ALA J 171 -53.14 -13.52 -33.91
N ASP J 172 -52.49 -12.41 -34.26
CA ASP J 172 -52.95 -11.53 -35.33
C ASP J 172 -52.47 -11.95 -36.71
N SER J 173 -51.98 -13.19 -36.87
CA SER J 173 -51.49 -13.63 -38.18
C SER J 173 -52.62 -13.74 -39.20
N ASP J 174 -53.86 -13.96 -38.74
CA ASP J 174 -54.99 -13.99 -39.66
C ASP J 174 -55.19 -12.65 -40.36
N PHE J 175 -54.93 -11.54 -39.65
CA PHE J 175 -55.04 -10.22 -40.26
C PHE J 175 -53.81 -9.89 -41.09
N PHE J 176 -52.62 -10.22 -40.58
CA PHE J 176 -51.38 -9.94 -41.29
C PHE J 176 -51.08 -10.89 -42.44
N SER J 177 -51.78 -12.04 -42.52
CA SER J 177 -51.57 -12.94 -43.64
C SER J 177 -52.01 -12.31 -44.95
N ASN J 178 -53.15 -11.63 -44.95
CA ASN J 178 -53.57 -10.88 -46.14
C ASN J 178 -52.67 -9.70 -46.42
N MET J 179 -52.01 -9.15 -45.39
CA MET J 179 -51.17 -7.98 -45.59
C MET J 179 -49.89 -8.33 -46.35
N VAL J 180 -49.21 -9.40 -45.94
CA VAL J 180 -47.92 -9.73 -46.54
C VAL J 180 -48.08 -10.22 -47.99
N VAL J 181 -49.15 -10.97 -48.27
CA VAL J 181 -49.35 -11.44 -49.63
C VAL J 181 -49.72 -10.29 -50.56
N ASP J 182 -50.52 -9.33 -50.09
CA ASP J 182 -50.83 -8.15 -50.89
C ASP J 182 -49.63 -7.23 -51.05
N ALA J 183 -48.65 -7.30 -50.15
CA ALA J 183 -47.48 -6.42 -50.24
C ALA J 183 -46.50 -6.91 -51.29
N LEU J 184 -46.13 -8.19 -51.25
CA LEU J 184 -45.12 -8.72 -52.15
C LEU J 184 -45.62 -8.89 -53.58
N LEU J 185 -46.92 -9.09 -53.79
CA LEU J 185 -47.49 -9.11 -55.12
C LEU J 185 -47.52 -7.74 -55.79
N ALA J 186 -47.38 -6.66 -55.01
CA ALA J 186 -47.36 -5.30 -55.56
C ALA J 186 -45.97 -4.85 -55.99
N VAL J 187 -44.92 -5.33 -55.31
CA VAL J 187 -43.55 -4.87 -55.54
C VAL J 187 -42.75 -5.86 -56.41
N LYS J 188 -43.43 -6.67 -57.21
CA LYS J 188 -42.71 -7.56 -58.12
C LYS J 188 -42.03 -6.76 -59.23
N THR J 189 -41.11 -7.42 -59.93
CA THR J 189 -40.35 -6.81 -61.01
C THR J 189 -40.13 -7.84 -62.11
N GLN J 190 -39.37 -7.45 -63.13
CA GLN J 190 -39.09 -8.28 -64.29
C GLN J 190 -37.60 -8.18 -64.62
N ASN J 191 -36.95 -9.33 -64.81
CA ASN J 191 -35.54 -9.37 -65.14
C ASN J 191 -35.22 -10.71 -65.78
N SER J 192 -34.13 -10.73 -66.54
CA SER J 192 -33.60 -11.95 -67.17
C SER J 192 -34.58 -12.55 -68.17
N LYS J 193 -35.40 -11.71 -68.81
CA LYS J 193 -36.33 -12.13 -69.87
C LYS J 193 -37.33 -13.18 -69.38
N GLY J 194 -38.16 -12.76 -68.42
CA GLY J 194 -39.27 -13.55 -67.92
C GLY J 194 -39.13 -14.04 -66.49
N GLU J 195 -37.97 -13.89 -65.85
CA GLU J 195 -37.78 -14.33 -64.47
C GLU J 195 -38.28 -13.24 -63.53
N ILE J 196 -39.25 -13.59 -62.68
CA ILE J 196 -39.85 -12.67 -61.73
C ILE J 196 -39.03 -12.72 -60.45
N LYS J 197 -38.75 -11.53 -59.88
CA LYS J 197 -38.01 -11.38 -58.64
C LYS J 197 -38.86 -10.60 -57.63
N TYR J 198 -38.52 -10.76 -56.36
CA TYR J 198 -39.25 -10.16 -55.23
C TYR J 198 -38.23 -9.56 -54.28
N PRO J 199 -37.83 -8.28 -54.44
CA PRO J 199 -36.78 -7.72 -53.58
C PRO J 199 -37.24 -7.59 -52.13
N VAL J 200 -36.59 -8.33 -51.24
CA VAL J 200 -36.89 -8.24 -49.82
C VAL J 200 -36.35 -6.90 -49.29
N LYS J 201 -37.05 -6.35 -48.29
CA LYS J 201 -36.79 -5.07 -47.63
C LYS J 201 -37.16 -3.87 -48.49
N ALA J 202 -37.67 -4.06 -49.71
CA ALA J 202 -38.11 -2.93 -50.53
C ALA J 202 -39.31 -2.21 -49.94
N VAL J 203 -40.16 -2.92 -49.21
CA VAL J 203 -41.29 -2.29 -48.52
C VAL J 203 -40.76 -1.58 -47.28
N ASN J 204 -41.43 -0.51 -46.87
CA ASN J 204 -40.98 0.34 -45.77
C ASN J 204 -41.71 -0.07 -44.50
N VAL J 205 -40.93 -0.50 -43.50
CA VAL J 205 -41.45 -0.89 -42.20
C VAL J 205 -41.24 0.27 -41.25
N LEU J 206 -42.34 0.94 -40.87
CA LEU J 206 -42.32 2.13 -40.04
C LEU J 206 -42.59 1.76 -38.58
N LYS J 207 -41.83 2.40 -37.69
CA LYS J 207 -41.96 2.20 -36.25
C LYS J 207 -42.95 3.25 -35.72
N ALA J 208 -44.24 2.96 -35.85
CA ALA J 208 -45.31 3.84 -35.40
C ALA J 208 -45.82 3.35 -34.05
N HIS J 209 -46.42 4.27 -33.30
CA HIS J 209 -47.08 3.98 -32.03
C HIS J 209 -48.50 4.50 -32.10
N GLY J 210 -49.41 3.80 -31.42
CA GLY J 210 -50.82 4.16 -31.47
C GLY J 210 -51.74 3.01 -31.09
N LYS J 211 -52.70 2.78 -31.99
CA LYS J 211 -53.93 2.02 -31.72
C LYS J 211 -53.58 0.58 -31.34
N SER J 212 -53.11 -0.24 -32.27
CA SER J 212 -52.84 -1.65 -32.01
C SER J 212 -52.24 -2.28 -33.26
N ALA J 213 -51.72 -3.50 -33.11
CA ALA J 213 -51.25 -4.26 -34.25
C ALA J 213 -52.39 -4.78 -35.12
N THR J 214 -53.59 -4.94 -34.57
CA THR J 214 -54.73 -5.41 -35.35
C THR J 214 -55.22 -4.36 -36.33
N GLU J 215 -55.18 -3.08 -35.97
CA GLU J 215 -55.68 -1.98 -36.79
C GLU J 215 -54.57 -1.34 -37.61
N SER J 216 -53.56 -2.12 -38.00
CA SER J 216 -52.47 -1.60 -38.83
C SER J 216 -52.95 -1.51 -40.27
N LEU J 217 -53.02 -0.30 -40.80
CA LEU J 217 -53.54 -0.06 -42.14
C LEU J 217 -52.45 -0.31 -43.17
N LEU J 218 -52.77 -1.15 -44.16
CA LEU J 218 -51.86 -1.40 -45.26
C LEU J 218 -51.91 -0.23 -46.24
N VAL J 219 -50.74 0.33 -46.54
CA VAL J 219 -50.66 1.47 -47.45
C VAL J 219 -50.68 0.94 -48.89
N PRO J 220 -51.59 1.46 -49.80
CA PRO J 220 -51.48 1.04 -51.21
C PRO J 220 -50.48 1.93 -51.96
N GLY J 221 -49.22 1.80 -51.57
CA GLY J 221 -48.15 2.63 -52.10
C GLY J 221 -47.01 2.78 -51.10
N TYR J 222 -45.95 3.46 -51.50
CA TYR J 222 -44.77 3.62 -50.67
C TYR J 222 -44.95 4.79 -49.70
N ALA J 223 -44.39 4.63 -48.51
CA ALA J 223 -44.44 5.64 -47.45
C ALA J 223 -43.03 6.06 -47.10
N LEU J 224 -42.71 7.34 -47.33
CA LEU J 224 -41.40 7.90 -47.05
C LEU J 224 -41.37 8.42 -45.62
N ASN J 225 -40.33 8.02 -44.87
CA ASN J 225 -40.18 8.39 -43.45
C ASN J 225 -39.21 9.55 -43.36
N CYS J 226 -39.75 10.76 -43.47
CA CYS J 226 -38.95 11.98 -43.36
C CYS J 226 -39.87 13.14 -43.03
N THR J 227 -39.28 14.18 -42.44
CA THR J 227 -40.00 15.37 -42.02
C THR J 227 -39.98 16.44 -43.12
N VAL J 228 -40.93 17.35 -43.04
CA VAL J 228 -41.00 18.47 -43.97
C VAL J 228 -39.97 19.50 -43.57
N ALA J 229 -39.47 20.25 -44.57
CA ALA J 229 -38.44 21.25 -44.30
C ALA J 229 -39.01 22.43 -43.51
N SER J 230 -39.97 23.15 -44.10
CA SER J 230 -40.60 24.31 -43.51
C SER J 230 -42.04 24.00 -43.13
N GLN J 231 -42.54 24.73 -42.13
CA GLN J 231 -43.89 24.55 -41.62
C GLN J 231 -44.93 25.35 -42.40
N ALA J 232 -44.52 26.39 -43.14
CA ALA J 232 -45.45 27.19 -43.93
C ALA J 232 -45.76 26.57 -45.29
N MET J 233 -45.30 25.35 -45.58
CA MET J 233 -45.53 24.71 -46.86
C MET J 233 -46.89 24.00 -46.86
N PRO J 234 -47.44 23.69 -48.04
CA PRO J 234 -48.68 22.89 -48.05
C PRO J 234 -48.38 21.43 -47.72
N LYS J 235 -49.17 20.88 -46.80
CA LYS J 235 -48.97 19.52 -46.33
C LYS J 235 -49.64 18.49 -47.23
N ARG J 236 -50.85 18.80 -47.71
CA ARG J 236 -51.66 17.90 -48.53
C ARG J 236 -51.74 18.45 -49.94
N ILE J 237 -51.45 17.58 -50.92
CA ILE J 237 -51.51 17.91 -52.35
C ILE J 237 -52.48 16.93 -53.00
N ALA J 238 -53.61 17.44 -53.48
CA ALA J 238 -54.65 16.66 -54.11
C ALA J 238 -54.53 16.75 -55.62
N GLY J 239 -55.46 16.12 -56.31
CA GLY J 239 -55.49 16.13 -57.77
C GLY J 239 -54.67 14.99 -58.37
N GLY J 240 -55.09 14.55 -59.55
CA GLY J 240 -54.41 13.48 -60.23
C GLY J 240 -53.16 13.94 -60.97
N ASN J 241 -52.32 12.96 -61.28
CA ASN J 241 -51.08 13.18 -62.03
C ASN J 241 -50.14 14.13 -61.31
N VAL J 242 -49.82 13.76 -60.06
CA VAL J 242 -48.87 14.51 -59.26
C VAL J 242 -47.46 14.10 -59.69
N LYS J 243 -46.66 15.07 -60.13
CA LYS J 243 -45.34 14.79 -60.65
C LYS J 243 -44.34 14.65 -59.51
N ILE J 244 -43.46 13.66 -59.63
CA ILE J 244 -42.45 13.33 -58.63
C ILE J 244 -41.08 13.56 -59.27
N ALA J 245 -40.27 14.40 -58.64
CA ALA J 245 -38.91 14.71 -59.06
C ALA J 245 -37.92 14.13 -58.06
N CYS J 246 -36.98 13.33 -58.53
CA CYS J 246 -35.98 12.66 -57.71
C CYS J 246 -34.61 13.18 -58.10
N LEU J 247 -34.07 14.08 -57.28
CA LEU J 247 -32.76 14.69 -57.49
C LEU J 247 -31.79 14.18 -56.43
N ASP J 248 -30.50 14.25 -56.74
CA ASP J 248 -29.42 13.87 -55.84
C ASP J 248 -28.27 14.87 -55.79
N LEU J 249 -28.20 15.82 -56.73
CA LEU J 249 -27.11 16.77 -56.75
C LEU J 249 -27.19 17.70 -55.55
N ASN J 250 -26.10 18.42 -55.32
CA ASN J 250 -25.97 19.31 -54.17
C ASN J 250 -26.72 20.61 -54.46
N LEU J 251 -27.80 20.84 -53.71
CA LEU J 251 -28.69 21.98 -53.93
C LEU J 251 -28.43 23.16 -53.00
N GLN J 252 -27.83 22.94 -51.83
CA GLN J 252 -27.47 24.05 -50.97
C GLN J 252 -26.27 24.81 -51.56
N LYS J 253 -26.07 26.03 -51.08
CA LYS J 253 -24.98 26.85 -51.56
C LYS J 253 -23.66 26.26 -51.08
N ALA J 254 -22.78 25.96 -52.03
CA ALA J 254 -21.48 25.35 -51.79
C ALA J 254 -20.37 26.26 -52.34
N ARG J 255 -19.16 26.01 -51.87
CA ARG J 255 -18.01 26.79 -52.28
C ARG J 255 -17.56 26.37 -53.69
N MET J 256 -16.42 26.91 -54.12
CA MET J 256 -15.85 26.60 -55.42
C MET J 256 -15.17 25.24 -55.37
N ALA J 257 -14.35 24.92 -56.38
CA ALA J 257 -13.69 23.61 -56.56
C ALA J 257 -12.81 23.31 -55.35
N MET J 258 -12.44 22.04 -55.15
CA MET J 258 -11.91 21.56 -53.87
C MET J 258 -10.59 22.16 -53.42
N GLY J 259 -9.83 22.83 -54.29
CA GLY J 259 -8.53 23.39 -53.93
C GLY J 259 -8.18 24.71 -54.59
N VAL J 260 -9.15 25.38 -55.21
CA VAL J 260 -8.92 26.65 -55.89
C VAL J 260 -9.08 27.79 -54.89
N GLN J 261 -8.56 28.97 -55.24
CA GLN J 261 -8.65 30.18 -54.44
C GLN J 261 -9.17 31.31 -55.30
N ILE J 262 -10.21 31.99 -54.82
CA ILE J 262 -10.80 33.11 -55.53
C ILE J 262 -9.92 34.34 -55.29
N ASN J 263 -9.47 34.96 -56.38
CA ASN J 263 -8.59 36.13 -56.33
C ASN J 263 -9.04 37.11 -57.41
N ILE J 264 -9.17 38.38 -57.03
CA ILE J 264 -9.66 39.42 -57.93
C ILE J 264 -9.01 40.74 -57.54
N ASP J 265 -8.64 41.53 -58.54
CA ASP J 265 -8.02 42.84 -58.35
C ASP J 265 -9.05 43.95 -58.31
N ASP J 266 -9.98 43.97 -59.28
CA ASP J 266 -11.00 45.00 -59.34
C ASP J 266 -12.05 44.73 -58.27
N PRO J 267 -12.24 45.62 -57.27
CA PRO J 267 -13.29 45.35 -56.27
C PRO J 267 -14.71 45.59 -56.78
N GLU J 268 -14.90 46.11 -57.98
CA GLU J 268 -16.25 46.35 -58.49
C GLU J 268 -16.99 45.04 -58.74
N GLN J 269 -16.31 44.03 -59.28
CA GLN J 269 -16.90 42.74 -59.58
C GLN J 269 -16.90 41.78 -58.38
N LEU J 270 -16.47 42.25 -57.20
CA LEU J 270 -16.47 41.37 -56.03
C LEU J 270 -17.89 41.04 -55.59
N GLU J 271 -18.82 41.99 -55.74
CA GLU J 271 -20.21 41.72 -55.42
C GLU J 271 -20.89 40.89 -56.50
N GLN J 272 -20.47 41.06 -57.76
CA GLN J 272 -21.09 40.34 -58.86
C GLN J 272 -20.79 38.84 -58.80
N ILE J 273 -19.56 38.47 -58.44
CA ILE J 273 -19.24 37.05 -58.29
C ILE J 273 -20.01 36.45 -57.10
N ARG J 274 -20.25 37.24 -56.06
CA ARG J 274 -21.11 36.78 -54.97
C ARG J 274 -22.53 36.57 -55.44
N LYS J 275 -23.03 37.41 -56.34
CA LYS J 275 -24.41 37.29 -56.80
C LYS J 275 -24.60 36.06 -57.66
N ARG J 276 -23.67 35.79 -58.58
CA ARG J 276 -23.83 34.67 -59.50
C ARG J 276 -23.66 33.33 -58.80
N GLU J 277 -22.84 33.28 -57.74
CA GLU J 277 -22.79 32.07 -56.92
C GLU J 277 -24.11 31.83 -56.21
N ALA J 278 -24.79 32.90 -55.80
CA ALA J 278 -26.14 32.79 -55.27
C ALA J 278 -27.19 32.64 -56.37
N GLY J 279 -26.89 33.09 -57.59
CA GLY J 279 -27.82 32.98 -58.70
C GLY J 279 -27.73 31.66 -59.44
N ILE J 280 -26.52 31.09 -59.53
CA ILE J 280 -26.34 29.84 -60.27
C ILE J 280 -27.08 28.68 -59.60
N VAL J 281 -27.24 28.71 -58.28
CA VAL J 281 -28.01 27.67 -57.59
C VAL J 281 -29.51 27.86 -57.73
N LEU J 282 -29.98 29.10 -57.92
CA LEU J 282 -31.40 29.38 -58.13
C LEU J 282 -31.84 29.16 -59.57
N GLU J 283 -30.91 29.18 -60.53
CA GLU J 283 -31.26 28.86 -61.91
C GLU J 283 -31.71 27.41 -62.05
N ARG J 284 -31.15 26.51 -61.23
CA ARG J 284 -31.61 25.13 -61.23
C ARG J 284 -33.03 25.03 -60.68
N VAL J 285 -33.33 25.78 -59.63
CA VAL J 285 -34.67 25.78 -59.05
C VAL J 285 -35.67 26.45 -59.99
N LYS J 286 -35.20 27.38 -60.84
CA LYS J 286 -36.11 28.08 -61.74
C LYS J 286 -36.70 27.13 -62.79
N LYS J 287 -35.87 26.25 -63.35
CA LYS J 287 -36.33 25.35 -64.39
C LYS J 287 -37.20 24.21 -63.86
N ILE J 288 -37.03 23.83 -62.59
CA ILE J 288 -37.92 22.83 -61.99
C ILE J 288 -39.32 23.40 -61.85
N ILE J 289 -39.43 24.69 -61.52
CA ILE J 289 -40.74 25.33 -61.45
C ILE J 289 -41.34 25.43 -62.85
N ASP J 290 -40.51 25.66 -63.86
CA ASP J 290 -41.00 25.66 -65.24
C ASP J 290 -41.48 24.27 -65.66
N ALA J 291 -40.84 23.22 -65.15
CA ALA J 291 -41.31 21.87 -65.41
C ALA J 291 -42.62 21.58 -64.68
N GLY J 292 -42.82 22.21 -63.52
CA GLY J 292 -44.06 22.06 -62.79
C GLY J 292 -44.10 20.85 -61.88
N ALA J 293 -42.98 20.53 -61.22
CA ALA J 293 -42.93 19.40 -60.31
C ALA J 293 -43.55 19.78 -58.97
N GLN J 294 -44.68 19.16 -58.63
CA GLN J 294 -45.35 19.47 -57.38
C GLN J 294 -44.53 18.98 -56.18
N VAL J 295 -43.94 17.79 -56.28
CA VAL J 295 -43.17 17.16 -55.22
C VAL J 295 -41.75 16.94 -55.74
N VAL J 296 -40.76 17.38 -54.96
CA VAL J 296 -39.35 17.18 -55.26
C VAL J 296 -38.68 16.60 -54.03
N LEU J 297 -37.81 15.61 -54.26
CA LEU J 297 -37.07 14.90 -53.21
C LEU J 297 -35.58 15.01 -53.51
N THR J 298 -34.79 15.26 -52.47
CA THR J 298 -33.35 15.49 -52.59
C THR J 298 -32.61 14.67 -51.55
N THR J 299 -31.50 14.06 -51.98
CA THR J 299 -30.68 13.28 -51.06
C THR J 299 -29.95 14.20 -50.07
N LYS J 300 -29.38 15.30 -50.58
CA LYS J 300 -28.60 16.21 -49.77
C LYS J 300 -29.53 17.20 -49.07
N GLY J 301 -28.96 18.24 -48.46
CA GLY J 301 -29.75 19.24 -47.79
C GLY J 301 -30.44 20.19 -48.74
N ILE J 302 -31.21 21.11 -48.16
CA ILE J 302 -31.89 22.17 -48.88
C ILE J 302 -31.72 23.46 -48.08
N ASP J 303 -31.04 24.43 -48.68
CA ASP J 303 -30.79 25.70 -48.02
C ASP J 303 -32.04 26.59 -48.08
N ASP J 304 -32.04 27.62 -47.23
CA ASP J 304 -33.17 28.55 -47.17
C ASP J 304 -33.33 29.36 -48.46
N LEU J 305 -32.26 29.52 -49.25
CA LEU J 305 -32.37 30.21 -50.52
C LEU J 305 -33.27 29.47 -51.49
N CYS J 306 -33.33 28.14 -51.39
CA CYS J 306 -34.21 27.33 -52.21
C CYS J 306 -35.61 27.16 -51.61
N LEU J 307 -35.74 27.24 -50.29
CA LEU J 307 -37.04 27.02 -49.66
C LEU J 307 -38.03 28.13 -49.98
N LYS J 308 -37.55 29.35 -50.22
CA LYS J 308 -38.46 30.45 -50.51
C LYS J 308 -39.17 30.25 -51.85
N GLU J 309 -38.50 29.63 -52.82
CA GLU J 309 -39.12 29.39 -54.12
C GLU J 309 -40.15 28.27 -54.04
N PHE J 310 -39.90 27.24 -53.22
CA PHE J 310 -40.86 26.16 -53.08
C PHE J 310 -42.09 26.60 -52.29
N VAL J 311 -41.91 27.46 -51.28
CA VAL J 311 -43.05 27.96 -50.53
C VAL J 311 -43.90 28.87 -51.40
N GLU J 312 -43.28 29.66 -52.26
CA GLU J 312 -44.02 30.58 -53.12
C GLU J 312 -44.79 29.82 -54.20
N ALA J 313 -44.13 28.91 -54.91
CA ALA J 313 -44.74 28.14 -55.98
C ALA J 313 -45.50 26.91 -55.50
N LYS J 314 -45.60 26.69 -54.18
CA LYS J 314 -46.33 25.55 -53.61
C LYS J 314 -45.75 24.22 -54.06
N ILE J 315 -44.44 24.06 -53.84
CA ILE J 315 -43.69 22.84 -54.15
C ILE J 315 -43.30 22.19 -52.84
N MET J 316 -43.33 20.86 -52.80
CA MET J 316 -43.00 20.09 -51.60
C MET J 316 -41.55 19.64 -51.68
N GLY J 317 -40.66 20.42 -51.06
CA GLY J 317 -39.25 20.09 -50.96
C GLY J 317 -38.90 19.38 -49.67
N VAL J 318 -38.26 18.22 -49.77
CA VAL J 318 -37.92 17.37 -48.63
C VAL J 318 -36.43 17.08 -48.69
N ARG J 319 -35.72 17.45 -47.62
CA ARG J 319 -34.29 17.19 -47.49
C ARG J 319 -34.06 15.85 -46.78
N ARG J 320 -32.78 15.45 -46.72
CA ARG J 320 -32.34 14.33 -45.87
C ARG J 320 -32.97 13.00 -46.29
N CYS J 321 -33.10 12.80 -47.60
CA CYS J 321 -33.43 11.48 -48.13
C CYS J 321 -32.16 10.64 -48.25
N LYS J 322 -32.35 9.32 -48.32
CA LYS J 322 -31.27 8.35 -48.41
C LYS J 322 -31.22 7.77 -49.82
N LYS J 323 -30.09 7.16 -50.15
CA LYS J 323 -29.83 6.72 -51.52
C LYS J 323 -30.72 5.54 -51.90
N GLU J 324 -30.82 4.54 -51.03
CA GLU J 324 -31.57 3.33 -51.35
C GLU J 324 -33.06 3.57 -51.48
N ASP J 325 -33.60 4.62 -50.85
CA ASP J 325 -35.03 4.88 -50.91
C ASP J 325 -35.42 5.49 -52.25
N LEU J 326 -34.66 6.46 -52.74
CA LEU J 326 -35.04 7.20 -53.94
C LEU J 326 -35.02 6.33 -55.20
N ARG J 327 -34.23 5.26 -55.22
CA ARG J 327 -34.30 4.33 -56.35
C ARG J 327 -35.65 3.63 -56.39
N ARG J 328 -36.23 3.31 -55.23
CA ARG J 328 -37.54 2.68 -55.19
C ARG J 328 -38.66 3.69 -55.47
N ILE J 329 -38.46 4.96 -55.12
CA ILE J 329 -39.43 5.98 -55.47
C ILE J 329 -39.48 6.17 -56.98
N ALA J 330 -38.30 6.29 -57.60
CA ALA J 330 -38.24 6.44 -59.05
C ALA J 330 -38.72 5.18 -59.77
N ARG J 331 -38.44 4.01 -59.20
CA ARG J 331 -38.90 2.76 -59.79
C ARG J 331 -40.41 2.62 -59.68
N ALA J 332 -40.99 3.06 -58.57
CA ALA J 332 -42.44 2.92 -58.37
C ALA J 332 -43.21 4.01 -59.11
N THR J 333 -42.84 5.27 -58.90
CA THR J 333 -43.54 6.39 -59.51
C THR J 333 -43.27 6.54 -61.01
N GLY J 334 -42.29 5.82 -61.56
CA GLY J 334 -41.96 5.88 -62.97
C GLY J 334 -40.90 6.89 -63.36
N ALA J 335 -40.35 7.64 -62.40
CA ALA J 335 -39.28 8.58 -62.69
C ALA J 335 -37.96 7.85 -62.86
N THR J 336 -36.91 8.62 -63.15
CA THR J 336 -35.54 8.14 -63.27
C THR J 336 -34.64 8.94 -62.35
N LEU J 337 -33.63 8.27 -61.80
CA LEU J 337 -32.72 8.89 -60.86
C LEU J 337 -31.83 9.89 -61.57
N VAL J 338 -31.82 11.13 -61.08
CA VAL J 338 -31.08 12.24 -61.67
C VAL J 338 -29.95 12.61 -60.71
N SER J 339 -28.73 12.20 -61.06
CA SER J 339 -27.54 12.60 -60.31
C SER J 339 -27.08 14.00 -60.66
N SER J 340 -27.31 14.44 -61.89
CA SER J 340 -26.98 15.79 -62.31
C SER J 340 -27.79 16.12 -63.55
N MET J 341 -27.98 17.41 -63.79
CA MET J 341 -28.79 17.91 -64.90
C MET J 341 -27.86 18.26 -66.06
N SER J 342 -27.87 17.42 -67.09
CA SER J 342 -27.05 17.61 -68.28
C SER J 342 -27.52 16.63 -69.35
N ASN J 343 -26.92 16.75 -70.52
CA ASN J 343 -27.25 15.89 -71.65
C ASN J 343 -26.02 15.77 -72.54
N LEU J 344 -26.16 15.04 -73.66
CA LEU J 344 -25.05 14.86 -74.58
C LEU J 344 -24.63 16.17 -75.23
N GLU J 345 -25.56 17.11 -75.41
CA GLU J 345 -25.23 18.42 -75.94
C GLU J 345 -24.57 19.28 -74.87
N GLY J 346 -23.98 20.40 -75.31
CA GLY J 346 -23.31 21.30 -74.38
C GLY J 346 -24.26 22.11 -73.51
N GLU J 347 -25.49 22.31 -73.95
CA GLU J 347 -26.44 23.09 -73.18
C GLU J 347 -26.88 22.33 -71.93
N GLU J 348 -27.46 23.07 -70.99
CA GLU J 348 -27.97 22.55 -69.73
C GLU J 348 -29.45 22.85 -69.63
N THR J 349 -30.27 21.81 -69.45
CA THR J 349 -31.71 21.97 -69.37
C THR J 349 -32.30 20.77 -68.63
N PHE J 350 -33.61 20.82 -68.43
CA PHE J 350 -34.37 19.78 -67.75
C PHE J 350 -35.60 19.43 -68.58
N GLU J 351 -35.79 18.14 -68.83
CA GLU J 351 -36.88 17.63 -69.65
C GLU J 351 -37.98 17.07 -68.75
N SER J 352 -39.21 17.15 -69.23
CA SER J 352 -40.36 16.69 -68.45
C SER J 352 -40.41 15.16 -68.33
N SER J 353 -39.70 14.42 -69.16
CA SER J 353 -39.71 12.96 -69.09
C SER J 353 -39.07 12.42 -67.82
N TYR J 354 -38.20 13.19 -67.16
CA TYR J 354 -37.57 12.75 -65.93
C TYR J 354 -38.54 12.67 -64.75
N LEU J 355 -39.71 13.31 -64.83
CA LEU J 355 -40.65 13.37 -63.73
C LEU J 355 -41.53 12.13 -63.70
N GLY J 356 -41.89 11.71 -62.49
CA GLY J 356 -42.78 10.57 -62.30
C GLY J 356 -44.24 10.98 -62.30
N LEU J 357 -45.08 10.07 -61.80
CA LEU J 357 -46.51 10.29 -61.73
C LEU J 357 -47.08 9.49 -60.56
N CYS J 358 -47.95 10.15 -59.79
CA CYS J 358 -48.70 9.48 -58.73
C CYS J 358 -50.01 10.23 -58.54
N ASP J 359 -50.95 9.56 -57.88
CA ASP J 359 -52.32 10.07 -57.76
C ASP J 359 -52.49 11.01 -56.58
N GLU J 360 -51.84 10.74 -55.45
CA GLU J 360 -52.05 11.49 -54.22
C GLU J 360 -50.81 11.41 -53.35
N VAL J 361 -50.50 12.52 -52.67
CA VAL J 361 -49.40 12.62 -51.72
C VAL J 361 -49.91 13.38 -50.49
N VAL J 362 -49.83 12.75 -49.32
CA VAL J 362 -50.33 13.31 -48.07
C VAL J 362 -49.30 13.05 -46.98
N GLN J 363 -48.98 14.09 -46.21
CA GLN J 363 -48.12 13.98 -45.04
C GLN J 363 -48.99 13.70 -43.81
N ALA J 364 -48.67 12.63 -43.10
CA ALA J 364 -49.38 12.21 -41.89
C ALA J 364 -48.41 12.13 -40.72
N LYS J 365 -48.93 12.43 -39.54
CA LYS J 365 -48.16 12.42 -38.29
C LYS J 365 -48.91 11.55 -37.29
N PHE J 366 -48.20 10.62 -36.64
CA PHE J 366 -48.79 9.71 -35.66
C PHE J 366 -47.75 9.44 -34.58
N SER J 367 -47.93 10.05 -33.40
CA SER J 367 -47.09 9.83 -32.23
C SER J 367 -45.64 10.24 -32.52
N ASP J 368 -45.49 11.48 -33.01
CA ASP J 368 -44.18 12.08 -33.28
C ASP J 368 -43.44 11.28 -34.35
N ASP J 369 -44.14 10.95 -35.43
CA ASP J 369 -43.57 10.21 -36.56
C ASP J 369 -44.23 10.76 -37.83
N GLU J 370 -43.57 11.74 -38.46
CA GLU J 370 -44.06 12.32 -39.70
C GLU J 370 -43.67 11.42 -40.87
N CYS J 371 -44.65 11.02 -41.66
CA CYS J 371 -44.46 10.12 -42.81
C CYS J 371 -45.26 10.63 -43.99
N ILE J 372 -44.60 10.70 -45.15
CA ILE J 372 -45.21 11.17 -46.38
C ILE J 372 -45.79 9.95 -47.10
N LEU J 373 -47.11 9.91 -47.21
CA LEU J 373 -47.83 8.78 -47.79
C LEU J 373 -48.01 9.04 -49.29
N ILE J 374 -47.25 8.32 -50.10
CA ILE J 374 -47.34 8.39 -51.57
C ILE J 374 -48.09 7.14 -52.02
N LYS J 375 -49.27 7.36 -52.60
CA LYS J 375 -50.16 6.29 -53.05
C LYS J 375 -50.60 6.54 -54.49
N GLY J 376 -50.94 5.45 -55.17
CA GLY J 376 -51.47 5.53 -56.51
C GLY J 376 -50.40 5.74 -57.59
N THR J 377 -49.36 4.91 -57.57
CA THR J 377 -48.35 4.96 -58.61
C THR J 377 -48.89 4.33 -59.89
N SER J 378 -48.76 5.06 -61.00
CA SER J 378 -49.39 4.63 -62.25
C SER J 378 -48.59 3.55 -62.96
N LYS J 379 -47.26 3.70 -63.04
CA LYS J 379 -46.45 2.77 -63.83
C LYS J 379 -46.34 1.41 -63.15
N HIS J 380 -45.97 1.40 -61.88
CA HIS J 380 -45.82 0.18 -61.10
C HIS J 380 -46.28 0.42 -59.67
N SER J 381 -46.90 -0.59 -59.07
CA SER J 381 -47.43 -0.48 -57.72
C SER J 381 -46.31 -0.62 -56.69
N SER J 382 -46.61 -0.18 -55.47
CA SER J 382 -45.71 -0.31 -54.33
C SER J 382 -46.54 -0.51 -53.08
N SER J 383 -45.85 -0.76 -51.97
CA SER J 383 -46.53 -1.09 -50.72
C SER J 383 -45.62 -0.77 -49.54
N SER J 384 -46.26 -0.48 -48.41
CA SER J 384 -45.57 -0.26 -47.14
C SER J 384 -46.50 -0.67 -46.02
N ILE J 385 -45.90 -1.10 -44.90
CA ILE J 385 -46.61 -1.64 -43.74
C ILE J 385 -46.27 -0.76 -42.55
N ILE J 386 -47.30 -0.18 -41.93
CA ILE J 386 -47.16 0.69 -40.77
C ILE J 386 -47.46 -0.18 -39.55
N LEU J 387 -46.40 -0.69 -38.91
CA LEU J 387 -46.54 -1.49 -37.70
C LEU J 387 -46.79 -0.58 -36.51
N ARG J 388 -47.64 -1.04 -35.59
CA ARG J 388 -48.05 -0.27 -34.42
C ARG J 388 -48.02 -1.19 -33.20
N GLY J 389 -47.46 -0.70 -32.11
CA GLY J 389 -47.31 -1.50 -30.92
C GLY J 389 -47.07 -0.64 -29.69
N ALA J 390 -46.37 -1.23 -28.72
CA ALA J 390 -46.14 -0.55 -27.45
C ALA J 390 -45.01 0.47 -27.56
N ASN J 391 -43.81 0.01 -27.94
CA ASN J 391 -42.63 0.85 -28.01
C ASN J 391 -41.76 0.38 -29.18
N ASP J 392 -40.62 1.03 -29.35
CA ASP J 392 -39.72 0.71 -30.46
C ASP J 392 -39.09 -0.66 -30.31
N TYR J 393 -38.76 -1.06 -29.08
CA TYR J 393 -38.10 -2.35 -28.86
C TYR J 393 -39.04 -3.53 -29.07
N SER J 394 -40.34 -3.35 -28.82
CA SER J 394 -41.30 -4.38 -29.15
C SER J 394 -41.53 -4.46 -30.66
N LEU J 395 -41.47 -3.33 -31.36
CA LEU J 395 -41.61 -3.32 -32.80
C LEU J 395 -40.40 -3.91 -33.53
N ASP J 396 -39.24 -3.97 -32.88
CA ASP J 396 -38.08 -4.61 -33.49
C ASP J 396 -38.32 -6.10 -33.67
N GLU J 397 -39.03 -6.73 -32.72
CA GLU J 397 -39.44 -8.12 -32.91
C GLU J 397 -40.45 -8.24 -34.03
N MET J 398 -41.38 -7.28 -34.13
CA MET J 398 -42.34 -7.28 -35.22
C MET J 398 -41.67 -6.98 -36.55
N GLU J 399 -40.64 -6.12 -36.54
CA GLU J 399 -39.90 -5.83 -37.76
C GLU J 399 -39.17 -7.07 -38.25
N ARG J 400 -38.53 -7.80 -37.34
CA ARG J 400 -37.90 -9.07 -37.73
C ARG J 400 -38.93 -10.13 -38.07
N SER J 401 -40.10 -10.08 -37.43
CA SER J 401 -41.16 -11.04 -37.76
C SER J 401 -41.68 -10.82 -39.17
N LEU J 402 -41.90 -9.55 -39.55
CA LEU J 402 -42.34 -9.26 -40.90
C LEU J 402 -41.24 -9.52 -41.92
N HIS J 403 -40.00 -9.15 -41.58
CA HIS J 403 -38.88 -9.32 -42.51
C HIS J 403 -38.61 -10.79 -42.81
N ASP J 404 -38.78 -11.66 -41.81
CA ASP J 404 -38.67 -13.10 -42.07
C ASP J 404 -39.87 -13.63 -42.84
N SER J 405 -41.04 -13.02 -42.68
CA SER J 405 -42.22 -13.46 -43.41
C SER J 405 -42.09 -13.19 -44.90
N LEU J 406 -41.45 -12.08 -45.28
CA LEU J 406 -41.27 -11.78 -46.70
C LEU J 406 -40.33 -12.79 -47.35
N SER J 407 -39.32 -13.25 -46.63
CA SER J 407 -38.37 -14.21 -47.20
C SER J 407 -39.01 -15.56 -47.40
N VAL J 408 -39.93 -15.96 -46.52
CA VAL J 408 -40.60 -17.26 -46.66
C VAL J 408 -41.60 -17.21 -47.80
N VAL J 409 -42.38 -16.14 -47.89
CA VAL J 409 -43.34 -16.00 -48.99
C VAL J 409 -42.60 -15.74 -50.30
N LYS J 410 -41.37 -15.22 -50.25
CA LYS J 410 -40.57 -15.09 -51.46
C LYS J 410 -40.24 -16.48 -52.03
N ARG J 411 -39.90 -17.44 -51.16
CA ARG J 411 -39.40 -18.72 -51.65
C ARG J 411 -40.51 -19.60 -52.18
N THR J 412 -41.71 -19.53 -51.60
CA THR J 412 -42.81 -20.36 -52.08
C THR J 412 -43.32 -19.92 -53.44
N LEU J 413 -43.14 -18.65 -53.81
CA LEU J 413 -43.46 -18.18 -55.15
C LEU J 413 -42.33 -18.44 -56.14
N GLU J 414 -41.07 -18.33 -55.71
CA GLU J 414 -39.96 -18.68 -56.60
C GLU J 414 -39.90 -20.17 -56.85
N SER J 415 -40.24 -20.97 -55.84
CA SER J 415 -40.31 -22.44 -55.93
C SER J 415 -41.64 -22.87 -55.34
N GLY J 416 -42.54 -23.36 -56.19
CA GLY J 416 -43.87 -23.76 -55.74
C GLY J 416 -43.91 -24.99 -54.85
N ASN J 417 -42.84 -25.77 -54.79
CA ASN J 417 -42.81 -26.97 -53.97
C ASN J 417 -42.80 -26.59 -52.49
N VAL J 418 -43.67 -27.22 -51.71
CA VAL J 418 -43.76 -27.01 -50.26
C VAL J 418 -43.92 -28.36 -49.59
N VAL J 419 -43.79 -28.35 -48.26
CA VAL J 419 -43.95 -29.54 -47.43
C VAL J 419 -44.61 -29.12 -46.12
N PRO J 420 -45.27 -30.02 -45.38
CA PRO J 420 -45.94 -29.61 -44.15
C PRO J 420 -44.97 -29.47 -42.99
N GLY J 421 -45.38 -28.66 -42.02
CA GLY J 421 -44.62 -28.43 -40.81
C GLY J 421 -44.91 -29.46 -39.74
N GLY J 422 -44.64 -29.07 -38.50
CA GLY J 422 -44.90 -29.93 -37.37
C GLY J 422 -43.98 -31.14 -37.27
N GLY J 423 -42.78 -31.06 -37.83
CA GLY J 423 -41.85 -32.18 -37.77
C GLY J 423 -42.25 -33.36 -38.62
N CYS J 424 -42.99 -33.14 -39.71
CA CYS J 424 -43.41 -34.25 -40.55
C CYS J 424 -42.24 -34.88 -41.29
N VAL J 425 -41.49 -34.07 -42.04
CA VAL J 425 -40.36 -34.60 -42.80
C VAL J 425 -39.24 -35.05 -41.89
N GLU J 426 -39.10 -34.43 -40.71
CA GLU J 426 -38.09 -34.87 -39.75
C GLU J 426 -38.40 -36.27 -39.21
N ALA J 427 -39.67 -36.61 -39.05
CA ALA J 427 -40.07 -37.95 -38.62
C ALA J 427 -40.14 -38.94 -39.79
N ALA J 428 -40.39 -38.45 -41.00
CA ALA J 428 -40.48 -39.35 -42.15
C ALA J 428 -39.11 -39.86 -42.58
N LEU J 429 -38.07 -39.04 -42.45
CA LEU J 429 -36.72 -39.48 -42.83
C LEU J 429 -36.19 -40.58 -41.93
N ASN J 430 -36.67 -40.67 -40.69
CA ASN J 430 -36.20 -41.71 -39.78
C ASN J 430 -36.66 -43.09 -40.26
N ILE J 431 -37.92 -43.20 -40.69
CA ILE J 431 -38.42 -44.48 -41.19
C ILE J 431 -37.77 -44.83 -42.51
N TYR J 432 -37.42 -43.83 -43.33
CA TYR J 432 -36.78 -44.09 -44.61
C TYR J 432 -35.33 -44.52 -44.43
N LEU J 433 -34.63 -43.93 -43.47
CA LEU J 433 -33.21 -44.21 -43.27
C LEU J 433 -32.95 -45.49 -42.46
N ASP J 434 -33.91 -45.93 -41.64
CA ASP J 434 -33.72 -47.17 -40.90
C ASP J 434 -33.67 -48.38 -41.83
N ASN J 435 -34.54 -48.44 -42.83
CA ASN J 435 -34.49 -49.52 -43.81
C ASN J 435 -33.27 -49.39 -44.72
N PHE J 436 -32.82 -48.17 -44.99
CA PHE J 436 -31.61 -47.97 -45.77
C PHE J 436 -30.35 -48.26 -44.96
N ALA J 437 -30.40 -48.08 -43.64
CA ALA J 437 -29.24 -48.34 -42.81
C ALA J 437 -28.89 -49.83 -42.78
N THR J 438 -29.90 -50.70 -42.84
CA THR J 438 -29.63 -52.14 -42.85
C THR J 438 -29.10 -52.63 -44.19
N THR J 439 -29.39 -51.91 -45.28
CA THR J 439 -28.96 -52.37 -46.60
C THR J 439 -27.45 -52.19 -46.78
N VAL J 440 -26.89 -51.11 -46.25
CA VAL J 440 -25.49 -50.80 -46.52
C VAL J 440 -24.56 -51.75 -45.77
N GLY J 441 -25.01 -52.36 -44.68
CA GLY J 441 -24.22 -53.40 -44.04
C GLY J 441 -23.29 -52.88 -42.96
N SER J 442 -22.09 -52.50 -43.38
CA SER J 442 -20.90 -52.30 -42.52
C SER J 442 -21.09 -51.02 -41.68
N ARG J 443 -20.02 -50.55 -41.01
CA ARG J 443 -19.99 -49.58 -39.92
C ARG J 443 -20.85 -48.33 -40.11
N GLU J 444 -21.18 -47.94 -41.35
CA GLU J 444 -22.02 -46.79 -41.60
C GLU J 444 -23.48 -46.95 -41.14
N GLN J 445 -23.89 -48.15 -40.71
CA GLN J 445 -25.23 -48.33 -40.17
C GLN J 445 -25.46 -47.47 -38.93
N LEU J 446 -24.50 -47.46 -38.01
CA LEU J 446 -24.65 -46.65 -36.80
C LEU J 446 -24.61 -45.16 -37.12
N ALA J 447 -23.84 -44.75 -38.12
CA ALA J 447 -23.78 -43.34 -38.49
C ALA J 447 -25.09 -42.90 -39.11
N ILE J 448 -25.66 -43.71 -39.99
CA ILE J 448 -26.95 -43.37 -40.60
C ILE J 448 -28.07 -43.46 -39.57
N ALA J 449 -27.97 -44.43 -38.64
CA ALA J 449 -29.01 -44.59 -37.64
C ALA J 449 -29.02 -43.43 -36.65
N GLU J 450 -27.85 -43.07 -36.11
CA GLU J 450 -27.77 -41.96 -35.18
C GLU J 450 -28.03 -40.62 -35.87
N PHE J 451 -27.77 -40.51 -37.17
CA PHE J 451 -28.18 -39.33 -37.92
C PHE J 451 -29.68 -39.19 -37.93
N ALA J 452 -30.39 -40.31 -38.10
CA ALA J 452 -31.86 -40.29 -38.08
C ALA J 452 -32.39 -39.97 -36.69
N ALA J 453 -31.73 -40.46 -35.65
CA ALA J 453 -32.19 -40.18 -34.28
C ALA J 453 -32.02 -38.72 -33.92
N ALA J 454 -31.01 -38.05 -34.49
CA ALA J 454 -30.81 -36.62 -34.23
C ALA J 454 -31.86 -35.76 -34.91
N LEU J 455 -32.44 -36.21 -36.03
CA LEU J 455 -33.47 -35.45 -36.72
C LEU J 455 -34.77 -35.37 -35.94
N LEU J 456 -35.03 -36.29 -35.01
CA LEU J 456 -36.25 -36.28 -34.22
C LEU J 456 -36.29 -35.17 -33.17
N ILE J 457 -35.19 -34.45 -32.95
CA ILE J 457 -35.16 -33.42 -31.92
C ILE J 457 -36.09 -32.24 -32.23
N ILE J 458 -36.43 -32.01 -33.50
CA ILE J 458 -37.30 -30.90 -33.87
C ILE J 458 -38.71 -31.17 -33.34
N PRO J 459 -39.37 -32.31 -33.64
CA PRO J 459 -40.69 -32.55 -33.05
C PRO J 459 -40.67 -32.79 -31.55
N LYS J 460 -39.57 -33.26 -30.98
CA LYS J 460 -39.50 -33.43 -29.54
C LYS J 460 -39.47 -32.10 -28.81
N THR J 461 -38.75 -31.11 -29.34
CA THR J 461 -38.66 -29.81 -28.68
C THR J 461 -39.99 -29.07 -28.69
N LEU J 462 -40.86 -29.35 -29.66
CA LEU J 462 -42.19 -28.74 -29.66
C LEU J 462 -43.01 -29.19 -28.47
N ALA J 463 -42.86 -30.44 -28.05
CA ALA J 463 -43.60 -30.98 -26.90
C ALA J 463 -42.96 -30.64 -25.57
N VAL J 464 -41.63 -30.54 -25.51
CA VAL J 464 -40.95 -30.21 -24.26
C VAL J 464 -41.27 -28.77 -23.85
N ASN J 465 -41.18 -27.84 -24.79
CA ASN J 465 -41.52 -26.45 -24.50
C ASN J 465 -43.01 -26.24 -24.26
N ALA J 466 -43.86 -27.14 -24.74
CA ALA J 466 -45.29 -27.06 -24.50
C ALA J 466 -45.70 -27.46 -23.08
N ALA J 467 -44.80 -28.06 -22.30
CA ALA J 467 -45.09 -28.52 -20.94
C ALA J 467 -46.19 -29.57 -20.95
N LYS J 468 -46.06 -30.54 -21.86
CA LYS J 468 -46.98 -31.66 -22.03
C LYS J 468 -46.17 -32.95 -22.11
N ASP J 469 -46.87 -34.07 -22.19
CA ASP J 469 -46.23 -35.36 -22.34
C ASP J 469 -45.76 -35.52 -23.78
N SER J 470 -44.46 -35.75 -23.96
CA SER J 470 -43.83 -35.74 -25.29
C SER J 470 -43.79 -37.12 -25.93
N SER J 471 -43.58 -38.18 -25.13
CA SER J 471 -43.41 -39.51 -25.70
C SER J 471 -44.70 -40.02 -26.34
N GLU J 472 -45.86 -39.63 -25.80
CA GLU J 472 -47.12 -40.06 -26.39
C GLU J 472 -47.32 -39.44 -27.77
N LEU J 473 -46.99 -38.16 -27.92
CA LEU J 473 -47.10 -37.51 -29.22
C LEU J 473 -46.07 -38.04 -30.20
N VAL J 474 -44.85 -38.29 -29.73
CA VAL J 474 -43.81 -38.83 -30.59
C VAL J 474 -44.11 -40.27 -30.96
N ALA J 475 -44.65 -41.05 -30.01
CA ALA J 475 -45.00 -42.43 -30.31
C ALA J 475 -46.15 -42.52 -31.30
N LYS J 476 -47.13 -41.62 -31.18
CA LYS J 476 -48.23 -41.60 -32.15
C LYS J 476 -47.77 -41.08 -33.51
N LEU J 477 -46.89 -40.08 -33.52
CA LEU J 477 -46.32 -39.61 -34.78
C LEU J 477 -45.41 -40.68 -35.39
N ARG J 478 -44.74 -41.45 -34.55
CA ARG J 478 -43.92 -42.57 -35.03
C ARG J 478 -44.79 -43.66 -35.63
N SER J 479 -45.98 -43.90 -35.07
CA SER J 479 -46.83 -44.99 -35.55
C SER J 479 -47.38 -44.70 -36.94
N TYR J 480 -47.84 -43.46 -37.17
CA TYR J 480 -48.38 -43.11 -38.47
C TYR J 480 -47.29 -43.08 -39.55
N HIS J 481 -46.12 -42.51 -39.23
CA HIS J 481 -45.02 -42.50 -40.19
C HIS J 481 -44.45 -43.89 -40.42
N ALA J 482 -44.54 -44.79 -39.44
CA ALA J 482 -44.07 -46.16 -39.63
C ALA J 482 -44.89 -46.89 -40.69
N ALA J 483 -46.19 -46.61 -40.76
CA ALA J 483 -47.04 -47.23 -41.77
C ALA J 483 -46.94 -46.56 -43.14
N SER J 484 -46.31 -45.38 -43.23
CA SER J 484 -46.22 -44.69 -44.51
C SER J 484 -45.29 -45.41 -45.48
N GLN J 485 -44.18 -45.96 -44.97
CA GLN J 485 -43.26 -46.70 -45.83
C GLN J 485 -43.88 -48.03 -46.28
N MET J 486 -44.70 -48.64 -45.42
CA MET J 486 -45.41 -49.88 -45.73
C MET J 486 -46.83 -49.62 -46.20
N ALA J 487 -47.04 -48.52 -46.94
CA ALA J 487 -48.39 -48.09 -47.30
C ALA J 487 -49.10 -49.07 -48.24
N LYS J 488 -48.35 -49.94 -48.95
CA LYS J 488 -48.92 -50.89 -49.91
C LYS J 488 -49.74 -50.17 -50.98
N PRO J 489 -49.11 -49.48 -51.93
CA PRO J 489 -49.88 -48.81 -52.99
C PRO J 489 -50.70 -49.78 -53.82
N GLU J 490 -51.79 -49.25 -54.37
CA GLU J 490 -52.72 -50.06 -55.17
C GLU J 490 -52.06 -50.59 -56.43
N LYS J 493 -57.25 -42.70 -53.34
CA LYS J 493 -55.80 -42.74 -53.19
C LYS J 493 -55.41 -43.75 -52.12
N ARG J 494 -56.06 -43.65 -50.95
CA ARG J 494 -55.88 -44.50 -49.76
C ARG J 494 -54.41 -44.74 -49.42
N ARG J 495 -53.60 -43.68 -49.54
CA ARG J 495 -52.19 -43.68 -49.16
C ARG J 495 -51.99 -42.93 -47.85
N SER J 496 -52.94 -43.07 -46.93
CA SER J 496 -53.02 -42.22 -45.74
C SER J 496 -51.89 -42.56 -44.77
N TYR J 497 -51.91 -41.90 -43.61
CA TYR J 497 -50.85 -41.94 -42.58
C TYR J 497 -49.60 -41.18 -43.02
N ARG J 498 -49.77 -40.07 -43.74
CA ARG J 498 -48.67 -39.21 -44.14
C ARG J 498 -49.14 -37.76 -44.08
N ASN J 499 -48.17 -36.84 -44.08
CA ASN J 499 -48.44 -35.40 -44.03
C ASN J 499 -49.19 -35.02 -42.76
N TYR J 500 -48.77 -35.59 -41.63
CA TYR J 500 -49.31 -35.32 -40.30
C TYR J 500 -48.19 -34.83 -39.40
N GLY J 501 -48.57 -34.04 -38.39
CA GLY J 501 -47.64 -33.51 -37.43
C GLY J 501 -48.34 -33.24 -36.12
N LEU J 502 -47.66 -32.49 -35.25
CA LEU J 502 -48.19 -32.17 -33.93
C LEU J 502 -49.06 -30.92 -33.99
N ASP J 503 -50.14 -30.94 -33.19
CA ASP J 503 -51.00 -29.79 -32.96
C ASP J 503 -50.89 -29.46 -31.47
N LEU J 504 -50.15 -28.40 -31.15
CA LEU J 504 -49.78 -28.13 -29.77
C LEU J 504 -50.87 -27.45 -28.98
N ILE J 505 -51.69 -26.61 -29.62
CA ILE J 505 -52.76 -25.92 -28.90
C ILE J 505 -53.82 -26.88 -28.38
N ARG J 506 -54.03 -28.02 -29.05
CA ARG J 506 -54.97 -29.06 -28.63
C ARG J 506 -54.30 -30.36 -28.21
N GLY J 507 -53.08 -30.64 -28.65
CA GLY J 507 -52.39 -31.85 -28.26
C GLY J 507 -52.85 -33.09 -28.99
N LYS J 508 -53.08 -32.99 -30.30
CA LYS J 508 -53.50 -34.11 -31.14
C LYS J 508 -52.73 -34.10 -32.45
N ILE J 509 -52.82 -35.23 -33.16
CA ILE J 509 -52.21 -35.40 -34.47
C ILE J 509 -53.32 -35.27 -35.50
N VAL J 510 -53.24 -34.23 -36.34
CA VAL J 510 -54.23 -33.94 -37.37
C VAL J 510 -53.51 -33.63 -38.67
N ASP J 511 -54.26 -33.45 -39.75
CA ASP J 511 -53.68 -33.18 -41.06
C ASP J 511 -53.21 -31.73 -41.13
N GLU J 512 -51.94 -31.53 -41.47
CA GLU J 512 -51.37 -30.20 -41.57
C GLU J 512 -51.85 -29.45 -42.81
N ILE J 513 -52.35 -30.15 -43.82
CA ILE J 513 -52.88 -29.46 -45.00
C ILE J 513 -54.16 -28.72 -44.64
N HIS J 514 -55.06 -29.37 -43.90
CA HIS J 514 -56.28 -28.73 -43.46
C HIS J 514 -56.04 -27.72 -42.33
N ALA J 515 -55.04 -27.98 -41.48
CA ALA J 515 -54.74 -27.05 -40.40
C ALA J 515 -54.21 -25.72 -40.93
N GLY J 516 -53.52 -25.73 -42.08
CA GLY J 516 -53.07 -24.52 -42.72
C GLY J 516 -51.68 -24.09 -42.29
N VAL J 517 -50.72 -25.01 -42.34
CA VAL J 517 -49.32 -24.73 -42.04
C VAL J 517 -48.46 -25.45 -43.07
N LEU J 518 -47.56 -24.71 -43.72
CA LEU J 518 -46.66 -25.24 -44.73
C LEU J 518 -45.35 -24.48 -44.65
N GLU J 519 -44.33 -25.01 -45.33
CA GLU J 519 -43.00 -24.41 -45.39
C GLU J 519 -42.37 -24.80 -46.73
N PRO J 520 -41.60 -23.93 -47.39
CA PRO J 520 -40.99 -24.35 -48.66
C PRO J 520 -39.91 -25.40 -48.46
N THR J 521 -39.76 -26.25 -49.47
CA THR J 521 -38.78 -27.33 -49.41
C THR J 521 -37.35 -26.84 -49.53
N ILE J 522 -37.12 -25.70 -50.16
CA ILE J 522 -35.77 -25.19 -50.33
C ILE J 522 -35.16 -24.79 -48.99
N SER J 523 -35.99 -24.37 -48.03
CA SER J 523 -35.49 -24.08 -46.69
C SER J 523 -34.98 -25.34 -46.02
N LYS J 524 -35.65 -26.48 -46.24
CA LYS J 524 -35.19 -27.73 -45.68
C LYS J 524 -33.89 -28.19 -46.33
N VAL J 525 -33.72 -27.89 -47.63
CA VAL J 525 -32.52 -28.33 -48.34
C VAL J 525 -31.30 -27.59 -47.82
N LYS J 526 -31.35 -26.25 -47.83
CA LYS J 526 -30.18 -25.46 -47.44
C LYS J 526 -29.88 -25.59 -45.95
N SER J 527 -30.91 -25.80 -45.12
CA SER J 527 -30.68 -25.95 -43.69
C SER J 527 -29.95 -27.24 -43.36
N LEU J 528 -30.25 -28.31 -44.10
CA LEU J 528 -29.61 -29.59 -43.83
C LEU J 528 -28.15 -29.58 -44.26
N LYS J 529 -27.86 -29.02 -45.43
CA LYS J 529 -26.47 -28.95 -45.90
C LYS J 529 -25.64 -28.02 -45.03
N SER J 530 -26.17 -26.83 -44.70
CA SER J 530 -25.44 -25.90 -43.86
C SER J 530 -25.27 -26.42 -42.44
N ALA J 531 -26.21 -27.24 -41.95
CA ALA J 531 -26.07 -27.83 -40.63
C ALA J 531 -25.02 -28.94 -40.63
N LEU J 532 -24.96 -29.72 -41.71
CA LEU J 532 -23.97 -30.79 -41.82
C LEU J 532 -22.57 -30.26 -42.11
N GLU J 533 -22.46 -29.21 -42.92
CA GLU J 533 -21.15 -28.60 -43.16
C GLU J 533 -20.58 -27.99 -41.88
N ALA J 534 -21.44 -27.46 -41.01
CA ALA J 534 -20.99 -27.01 -39.70
C ALA J 534 -20.61 -28.18 -38.81
N CYS J 535 -21.32 -29.30 -38.93
CA CYS J 535 -20.97 -30.49 -38.15
C CYS J 535 -19.65 -31.08 -38.61
N VAL J 536 -19.36 -30.99 -39.91
CA VAL J 536 -18.08 -31.48 -40.43
C VAL J 536 -16.93 -30.62 -39.90
N ALA J 537 -17.18 -29.32 -39.72
CA ALA J 537 -16.13 -28.42 -39.27
C ALA J 537 -15.70 -28.67 -37.83
N ILE J 538 -16.62 -29.10 -36.96
CA ILE J 538 -16.33 -29.30 -35.55
C ILE J 538 -15.77 -30.70 -35.27
N LEU J 539 -16.28 -31.70 -35.99
CA LEU J 539 -15.84 -33.08 -35.75
C LEU J 539 -14.40 -33.32 -36.14
N ARG J 540 -13.91 -32.64 -37.18
CA ARG J 540 -12.57 -32.90 -37.70
C ARG J 540 -11.45 -32.25 -36.89
N ILE J 541 -11.77 -31.44 -35.87
CA ILE J 541 -10.76 -30.80 -35.05
C ILE J 541 -10.30 -31.80 -33.99
N ASP J 542 -8.98 -31.86 -33.78
CA ASP J 542 -8.34 -32.77 -32.82
C ASP J 542 -7.70 -32.07 -31.64
N THR J 543 -6.89 -31.03 -31.88
CA THR J 543 -6.13 -30.33 -30.85
C THR J 543 -6.20 -28.84 -31.07
N MET J 544 -6.31 -28.10 -29.97
CA MET J 544 -6.39 -26.64 -30.01
C MET J 544 -5.04 -26.02 -29.63
N ILE J 545 -4.76 -24.88 -30.24
CA ILE J 545 -3.54 -24.11 -29.98
C ILE J 545 -3.94 -22.65 -29.81
N THR J 546 -4.17 -22.25 -28.56
CA THR J 546 -4.57 -20.89 -28.23
C THR J 546 -3.34 -20.06 -27.89
N VAL J 547 -3.06 -19.05 -28.71
CA VAL J 547 -1.93 -18.16 -28.53
C VAL J 547 -2.40 -16.90 -27.83
N ASP J 548 -1.73 -16.54 -26.75
CA ASP J 548 -2.13 -15.36 -25.98
C ASP J 548 -1.77 -14.10 -26.75
N PRO J 549 -2.45 -12.97 -26.51
CA PRO J 549 -2.13 -11.76 -27.28
C PRO J 549 -0.88 -11.07 -26.74
N GLU J 550 -0.10 -10.53 -27.67
CA GLU J 550 1.14 -9.83 -27.32
C GLU J 550 0.83 -8.41 -26.85
N VAL K 3 37.89 7.43 1.28
CA VAL K 3 36.99 8.41 0.68
C VAL K 3 36.29 7.78 -0.53
N GLN K 4 35.26 8.48 -1.03
CA GLN K 4 34.49 8.05 -2.19
C GLN K 4 34.29 9.25 -3.10
N ILE K 5 35.14 9.36 -4.12
CA ILE K 5 35.09 10.46 -5.08
C ILE K 5 34.23 10.02 -6.27
N PHE K 6 34.33 8.74 -6.65
CA PHE K 6 33.63 8.25 -7.84
C PHE K 6 32.13 8.29 -7.67
N GLY K 7 31.62 8.16 -6.46
CA GLY K 7 30.21 8.28 -6.15
C GLY K 7 29.56 6.93 -5.97
N ASP K 8 28.23 6.95 -5.96
CA ASP K 8 27.44 5.76 -5.74
C ASP K 8 27.26 4.97 -7.03
N GLN K 9 27.25 3.65 -6.90
CA GLN K 9 27.05 2.73 -8.02
C GLN K 9 28.15 2.89 -9.08
N VAL K 10 29.40 2.81 -8.64
CA VAL K 10 30.57 2.87 -9.51
C VAL K 10 31.55 1.78 -9.06
N THR K 11 31.75 0.78 -9.92
CA THR K 11 32.64 -0.32 -9.61
C THR K 11 34.08 0.07 -9.96
N GLU K 12 34.98 -0.09 -9.00
CA GLU K 12 36.41 0.21 -9.17
C GLU K 12 37.21 -1.01 -8.72
N GLU K 13 38.34 -1.23 -9.38
CA GLU K 13 39.22 -2.37 -9.13
C GLU K 13 40.67 -1.90 -9.19
N ARG K 14 41.55 -2.53 -8.41
CA ARG K 14 42.92 -2.05 -8.22
C ARG K 14 43.91 -3.20 -8.12
N ALA K 15 44.45 -3.61 -9.28
CA ALA K 15 45.73 -4.32 -9.39
C ALA K 15 45.72 -5.79 -8.98
N GLU K 16 44.63 -6.28 -8.38
CA GLU K 16 44.37 -7.71 -8.26
C GLU K 16 42.96 -8.10 -8.64
N ASN K 17 42.01 -7.16 -8.60
CA ASN K 17 40.69 -7.35 -9.18
C ASN K 17 40.63 -6.82 -10.60
N ALA K 18 41.44 -5.82 -10.94
CA ALA K 18 41.51 -5.31 -12.30
C ALA K 18 42.11 -6.37 -13.22
N ARG K 19 43.37 -6.74 -12.97
CA ARG K 19 43.92 -7.94 -13.58
C ARG K 19 43.28 -9.17 -12.95
N LEU K 20 43.22 -10.25 -13.74
CA LEU K 20 42.52 -11.51 -13.48
C LEU K 20 41.00 -11.41 -13.72
N SER K 21 40.48 -10.19 -13.98
CA SER K 21 39.13 -10.01 -14.49
C SER K 21 39.11 -9.91 -16.01
N ALA K 22 40.20 -9.37 -16.59
CA ALA K 22 40.35 -9.36 -18.04
C ALA K 22 40.83 -10.71 -18.55
N PHE K 23 41.69 -11.39 -17.80
CA PHE K 23 42.18 -12.70 -18.21
C PHE K 23 41.08 -13.74 -18.17
N VAL K 24 40.27 -13.74 -17.11
CA VAL K 24 39.12 -14.63 -17.05
C VAL K 24 38.07 -14.22 -18.09
N GLY K 25 38.00 -12.94 -18.44
CA GLY K 25 37.17 -12.54 -19.57
C GLY K 25 37.74 -12.99 -20.90
N ALA K 26 39.07 -12.95 -21.03
CA ALA K 26 39.72 -13.50 -22.22
C ALA K 26 39.55 -15.01 -22.28
N ILE K 27 39.49 -15.68 -21.13
CA ILE K 27 39.22 -17.10 -21.09
C ILE K 27 37.74 -17.35 -21.41
N ALA K 28 36.85 -16.49 -20.94
CA ALA K 28 35.42 -16.67 -21.18
C ALA K 28 35.08 -16.47 -22.65
N VAL K 29 35.63 -15.45 -23.29
CA VAL K 29 35.39 -15.22 -24.71
C VAL K 29 36.13 -16.22 -25.59
N GLY K 30 37.23 -16.80 -25.12
CA GLY K 30 37.97 -17.75 -25.92
C GLY K 30 37.39 -19.15 -25.92
N ASP K 31 36.84 -19.59 -24.78
CA ASP K 31 36.24 -20.91 -24.70
C ASP K 31 34.99 -21.06 -25.55
N LEU K 32 34.28 -19.96 -25.81
CA LEU K 32 33.10 -20.03 -26.68
C LEU K 32 33.49 -20.38 -28.11
N VAL K 33 34.48 -19.67 -28.66
CA VAL K 33 34.90 -19.86 -30.05
C VAL K 33 35.92 -21.00 -30.21
N LYS K 34 36.18 -21.76 -29.15
CA LYS K 34 37.12 -22.88 -29.27
C LYS K 34 36.53 -24.00 -30.12
N SER K 35 35.24 -24.28 -29.95
CA SER K 35 34.58 -25.35 -30.70
C SER K 35 34.39 -25.03 -32.16
N THR K 36 34.36 -23.75 -32.55
CA THR K 36 34.12 -23.34 -33.92
C THR K 36 35.37 -23.40 -34.80
N LEU K 37 36.56 -23.58 -34.22
CA LEU K 37 37.80 -23.57 -34.98
C LEU K 37 38.04 -24.95 -35.59
N GLY K 38 38.42 -24.98 -36.87
CA GLY K 38 38.82 -26.20 -37.53
C GLY K 38 37.74 -26.74 -38.45
N PRO K 39 38.05 -27.82 -39.18
CA PRO K 39 37.06 -28.40 -40.09
C PRO K 39 35.97 -29.18 -39.37
N LYS K 40 36.27 -29.83 -38.25
CA LYS K 40 35.31 -30.61 -37.48
C LYS K 40 34.64 -29.79 -36.39
N GLY K 41 34.59 -28.46 -36.54
CA GLY K 41 34.00 -27.61 -35.52
C GLY K 41 32.49 -27.59 -35.58
N MET K 42 31.89 -27.43 -34.40
CA MET K 42 30.44 -27.39 -34.25
C MET K 42 29.97 -25.94 -34.34
N ASP K 43 28.85 -25.73 -35.03
CA ASP K 43 28.28 -24.41 -35.18
C ASP K 43 27.50 -24.01 -33.93
N LYS K 44 27.58 -22.74 -33.57
CA LYS K 44 26.89 -22.18 -32.41
C LYS K 44 25.61 -21.49 -32.86
N LEU K 45 24.53 -21.73 -32.11
CA LEU K 45 23.22 -21.14 -32.38
C LEU K 45 22.98 -20.00 -31.39
N LEU K 46 22.55 -18.86 -31.92
CA LEU K 46 22.29 -17.65 -31.15
C LEU K 46 20.81 -17.36 -31.13
N GLN K 47 20.24 -17.26 -29.93
CA GLN K 47 18.83 -16.92 -29.71
C GLN K 47 18.75 -15.47 -29.26
N SER K 48 18.00 -14.67 -30.00
CA SER K 48 17.82 -13.27 -29.66
C SER K 48 16.88 -13.12 -28.48
N ALA K 49 17.05 -12.02 -27.74
CA ALA K 49 16.19 -11.74 -26.60
C ALA K 49 14.82 -11.18 -27.00
N SER K 50 14.70 -10.62 -28.21
CA SER K 50 13.46 -10.00 -28.69
C SER K 50 13.15 -10.52 -30.08
N SER K 51 11.84 -10.60 -30.39
CA SER K 51 11.32 -10.97 -31.71
C SER K 51 11.62 -12.41 -32.10
N ASN K 52 12.01 -13.26 -31.14
CA ASN K 52 12.36 -14.69 -31.29
C ASN K 52 13.19 -15.00 -32.54
N THR K 53 14.17 -14.14 -32.79
CA THR K 53 15.02 -14.25 -33.98
C THR K 53 16.21 -15.14 -33.64
N CYS K 54 16.34 -16.24 -34.37
CA CYS K 54 17.46 -17.19 -34.25
C CYS K 54 18.46 -16.92 -35.36
N MET K 55 19.71 -17.32 -35.12
CA MET K 55 20.80 -17.13 -36.07
C MET K 55 21.81 -18.26 -35.92
N VAL K 56 21.91 -19.10 -36.95
CA VAL K 56 22.93 -20.14 -37.03
C VAL K 56 24.13 -19.53 -37.74
N THR K 57 25.29 -19.54 -37.09
CA THR K 57 26.49 -18.94 -37.65
C THR K 57 27.74 -19.56 -37.03
N ASN K 58 28.77 -19.72 -37.87
CA ASN K 58 30.07 -20.25 -37.46
C ASN K 58 31.13 -19.17 -37.29
N ASP K 59 30.97 -18.01 -37.92
CA ASP K 59 31.99 -16.97 -37.87
C ASP K 59 32.08 -16.40 -36.46
N GLY K 60 33.30 -16.29 -35.94
CA GLY K 60 33.50 -15.77 -34.60
C GLY K 60 33.10 -14.32 -34.46
N ALA K 61 33.21 -13.54 -35.53
CA ALA K 61 32.81 -12.14 -35.47
C ALA K 61 31.30 -12.00 -35.28
N THR K 62 30.52 -12.75 -36.05
CA THR K 62 29.07 -12.71 -35.93
C THR K 62 28.58 -13.26 -34.60
N ILE K 63 29.30 -14.20 -34.01
CA ILE K 63 28.93 -14.71 -32.69
C ILE K 63 29.09 -13.60 -31.64
N LEU K 64 30.17 -12.82 -31.75
CA LEU K 64 30.42 -11.72 -30.83
C LEU K 64 29.63 -10.47 -31.15
N LYS K 65 29.12 -10.32 -32.39
CA LYS K 65 28.29 -9.18 -32.72
C LYS K 65 26.98 -9.22 -31.95
N SER K 66 26.35 -10.38 -31.86
CA SER K 66 25.00 -10.50 -31.33
C SER K 66 24.99 -10.66 -29.81
N ILE K 67 25.94 -11.40 -29.24
CA ILE K 67 25.94 -11.70 -27.82
C ILE K 67 26.28 -10.42 -27.07
N PRO K 68 25.51 -9.97 -26.06
CA PRO K 68 25.95 -8.80 -25.29
C PRO K 68 27.05 -9.20 -24.30
N LEU K 69 28.04 -8.33 -24.15
CA LEU K 69 29.18 -8.57 -23.27
C LEU K 69 29.53 -7.25 -22.57
N ASP K 70 29.18 -7.16 -21.29
CA ASP K 70 29.47 -5.99 -20.48
C ASP K 70 30.91 -5.94 -20.00
N ASN K 71 31.68 -7.01 -20.14
CA ASN K 71 33.08 -7.02 -19.71
C ASN K 71 33.88 -6.07 -20.61
N PRO K 72 34.68 -5.14 -20.07
CA PRO K 72 35.45 -4.27 -20.98
C PRO K 72 36.54 -5.00 -21.73
N ALA K 73 37.16 -6.01 -21.11
CA ALA K 73 38.20 -6.77 -21.80
C ALA K 73 37.65 -7.59 -22.96
N ALA K 74 36.41 -8.09 -22.82
CA ALA K 74 35.79 -8.82 -23.91
C ALA K 74 35.39 -7.91 -25.07
N LYS K 75 35.13 -6.62 -24.78
CA LYS K 75 34.82 -5.68 -25.84
C LYS K 75 36.01 -5.46 -26.77
N VAL K 76 37.23 -5.61 -26.27
CA VAL K 76 38.41 -5.53 -27.13
C VAL K 76 38.40 -6.68 -28.13
N LEU K 77 38.04 -7.88 -27.67
CA LEU K 77 37.95 -9.02 -28.57
C LEU K 77 36.75 -8.90 -29.50
N VAL K 78 35.71 -8.18 -29.09
CA VAL K 78 34.56 -7.96 -29.96
C VAL K 78 34.95 -7.04 -31.12
N ASN K 79 35.73 -6.01 -30.83
CA ASN K 79 36.08 -5.02 -31.85
C ASN K 79 37.13 -5.55 -32.81
N ILE K 80 38.09 -6.34 -32.32
CA ILE K 80 39.15 -6.84 -33.18
C ILE K 80 38.64 -7.91 -34.13
N SER K 81 37.58 -8.64 -33.77
CA SER K 81 36.93 -9.56 -34.70
C SER K 81 36.09 -8.81 -35.73
N LYS K 82 35.53 -7.65 -35.35
CA LYS K 82 34.77 -6.83 -36.28
C LYS K 82 35.67 -6.29 -37.39
N VAL K 83 36.78 -5.66 -37.00
CA VAL K 83 37.68 -5.07 -37.98
C VAL K 83 38.40 -6.15 -38.78
N GLN K 84 38.65 -7.32 -38.19
CA GLN K 84 39.25 -8.42 -38.93
C GLN K 84 38.28 -8.92 -40.00
N ASP K 85 36.98 -8.96 -39.68
CA ASP K 85 35.98 -9.28 -40.69
C ASP K 85 35.90 -8.19 -41.75
N ASP K 86 36.17 -6.95 -41.38
CA ASP K 86 36.15 -5.85 -42.34
C ASP K 86 37.36 -5.90 -43.28
N GLU K 87 38.51 -6.32 -42.76
CA GLU K 87 39.73 -6.32 -43.57
C GLU K 87 39.77 -7.49 -44.54
N VAL K 88 39.78 -8.72 -44.01
CA VAL K 88 39.95 -9.94 -44.79
C VAL K 88 38.63 -10.68 -44.95
N GLY K 89 37.84 -10.76 -43.88
CA GLY K 89 36.57 -11.48 -43.86
C GLY K 89 36.67 -12.87 -43.26
N ASP K 90 37.85 -13.49 -43.29
CA ASP K 90 38.09 -14.82 -42.76
C ASP K 90 39.22 -14.76 -41.74
N GLY K 91 39.16 -15.68 -40.76
CA GLY K 91 40.18 -15.79 -39.75
C GLY K 91 39.90 -15.02 -38.47
N THR K 92 38.66 -14.61 -38.23
CA THR K 92 38.34 -13.87 -37.01
C THR K 92 38.41 -14.78 -35.78
N THR K 93 38.09 -16.06 -35.93
CA THR K 93 38.15 -16.97 -34.80
C THR K 93 39.59 -17.21 -34.36
N SER K 94 40.52 -17.26 -35.32
CA SER K 94 41.93 -17.48 -34.99
C SER K 94 42.50 -16.30 -34.22
N VAL K 95 42.01 -15.08 -34.46
CA VAL K 95 42.47 -13.93 -33.71
C VAL K 95 42.01 -14.02 -32.27
N THR K 96 40.74 -14.39 -32.06
CA THR K 96 40.20 -14.48 -30.70
C THR K 96 40.83 -15.61 -29.92
N VAL K 97 41.11 -16.74 -30.58
CA VAL K 97 41.74 -17.87 -29.90
C VAL K 97 43.19 -17.54 -29.58
N LEU K 98 43.93 -17.02 -30.56
CA LEU K 98 45.34 -16.71 -30.34
C LEU K 98 45.51 -15.56 -29.35
N SER K 99 44.59 -14.58 -29.36
CA SER K 99 44.67 -13.50 -28.39
C SER K 99 44.38 -13.98 -26.98
N ALA K 100 43.45 -14.94 -26.84
CA ALA K 100 43.11 -15.44 -25.51
C ALA K 100 44.22 -16.33 -24.95
N GLU K 101 44.83 -17.15 -25.80
CA GLU K 101 45.89 -18.05 -25.36
C GLU K 101 47.18 -17.30 -25.08
N LEU K 102 47.43 -16.19 -25.77
CA LEU K 102 48.57 -15.36 -25.43
C LEU K 102 48.42 -14.77 -24.03
N LEU K 103 47.20 -14.37 -23.67
CA LEU K 103 46.94 -13.88 -22.32
C LEU K 103 46.91 -15.00 -21.30
N ARG K 104 46.48 -16.20 -21.72
CA ARG K 104 46.52 -17.35 -20.82
C ARG K 104 47.96 -17.71 -20.45
N GLU K 105 48.87 -17.67 -21.42
CA GLU K 105 50.27 -17.91 -21.13
C GLU K 105 50.86 -16.79 -20.27
N ALA K 106 50.55 -15.54 -20.62
CA ALA K 106 51.08 -14.40 -19.88
C ALA K 106 50.56 -14.34 -18.45
N GLU K 107 49.38 -14.94 -18.19
CA GLU K 107 48.90 -15.06 -16.82
C GLU K 107 49.85 -15.92 -15.99
N LYS K 108 50.41 -16.96 -16.58
CA LYS K 108 51.34 -17.83 -15.86
C LYS K 108 52.70 -17.19 -15.71
N LEU K 109 53.17 -16.45 -16.72
CA LEU K 109 54.47 -15.78 -16.60
C LEU K 109 54.44 -14.70 -15.54
N ILE K 110 53.31 -14.04 -15.34
CA ILE K 110 53.20 -13.02 -14.30
C ILE K 110 53.11 -13.68 -12.92
N ASP K 111 52.40 -14.79 -12.82
CA ASP K 111 52.21 -15.46 -11.54
C ASP K 111 53.39 -16.38 -11.20
N GLN K 112 53.74 -17.29 -12.10
CA GLN K 112 54.75 -18.29 -11.80
C GLN K 112 56.16 -17.68 -11.81
N SER K 113 56.58 -17.14 -12.95
CA SER K 113 57.93 -16.62 -13.11
C SER K 113 58.12 -15.23 -12.49
N LYS K 114 57.04 -14.48 -12.27
CA LYS K 114 57.10 -13.16 -11.63
C LYS K 114 57.93 -12.19 -12.47
N ILE K 115 57.46 -11.97 -13.70
CA ILE K 115 58.09 -11.08 -14.68
C ILE K 115 57.17 -9.88 -14.87
N HIS K 116 57.76 -8.70 -15.05
CA HIS K 116 56.99 -7.48 -15.23
C HIS K 116 56.16 -7.56 -16.51
N PRO K 117 55.01 -6.89 -16.60
CA PRO K 117 54.26 -6.92 -17.87
C PRO K 117 54.98 -6.26 -19.03
N GLN K 118 55.69 -5.16 -18.78
CA GLN K 118 56.43 -4.50 -19.86
C GLN K 118 57.54 -5.38 -20.41
N THR K 119 58.15 -6.22 -19.56
CA THR K 119 59.16 -7.14 -20.03
C THR K 119 58.56 -8.23 -20.91
N ILE K 120 57.32 -8.62 -20.66
CA ILE K 120 56.66 -9.62 -21.50
C ILE K 120 56.39 -9.06 -22.89
N ILE K 121 56.04 -7.78 -22.97
CA ILE K 121 55.75 -7.17 -24.26
C ILE K 121 57.03 -7.06 -25.09
N GLU K 122 58.15 -6.73 -24.46
CA GLU K 122 59.41 -6.61 -25.18
C GLU K 122 59.86 -7.96 -25.76
N GLY K 123 59.50 -9.06 -25.10
CA GLY K 123 59.73 -10.37 -25.70
C GLY K 123 58.80 -10.64 -26.87
N TYR K 124 57.55 -10.15 -26.77
CA TYR K 124 56.60 -10.35 -27.87
C TYR K 124 56.95 -9.48 -29.08
N ARG K 125 57.58 -8.33 -28.88
CA ARG K 125 57.98 -7.50 -30.01
C ARG K 125 59.07 -8.19 -30.83
N LEU K 126 60.08 -8.74 -30.15
CA LEU K 126 61.12 -9.48 -30.86
C LEU K 126 60.60 -10.81 -31.38
N ALA K 127 59.71 -11.46 -30.63
CA ALA K 127 59.15 -12.72 -31.07
C ALA K 127 58.22 -12.52 -32.27
N SER K 128 57.43 -11.45 -32.26
CA SER K 128 56.55 -11.17 -33.39
C SER K 128 57.35 -10.77 -34.62
N ALA K 129 58.47 -10.05 -34.44
CA ALA K 129 59.31 -9.70 -35.57
C ALA K 129 59.95 -10.93 -36.19
N ALA K 130 60.41 -11.87 -35.36
CA ALA K 130 60.98 -13.10 -35.87
C ALA K 130 59.91 -13.97 -36.53
N ALA K 131 58.68 -13.92 -36.02
CA ALA K 131 57.60 -14.71 -36.61
C ALA K 131 57.22 -14.19 -37.99
N LEU K 132 57.10 -12.87 -38.14
CA LEU K 132 56.75 -12.30 -39.43
C LEU K 132 57.87 -12.44 -40.45
N ASP K 133 59.13 -12.42 -40.00
CA ASP K 133 60.24 -12.65 -40.92
C ASP K 133 60.24 -14.08 -41.43
N ALA K 134 59.93 -15.05 -40.55
CA ALA K 134 59.81 -16.43 -41.00
C ALA K 134 58.58 -16.62 -41.87
N LEU K 135 57.50 -15.89 -41.59
CA LEU K 135 56.30 -15.96 -42.40
C LEU K 135 56.53 -15.35 -43.78
N THR K 136 57.37 -14.32 -43.87
CA THR K 136 57.68 -13.71 -45.16
C THR K 136 58.57 -14.63 -46.00
N LYS K 137 59.57 -15.24 -45.38
CA LYS K 137 60.47 -16.15 -46.10
C LYS K 137 59.81 -17.47 -46.44
N ALA K 138 58.83 -17.93 -45.65
CA ALA K 138 58.12 -19.17 -45.92
C ALA K 138 57.10 -19.04 -47.04
N ALA K 139 56.77 -17.83 -47.48
CA ALA K 139 55.81 -17.65 -48.56
C ALA K 139 56.42 -18.07 -49.90
N VAL K 140 55.58 -18.05 -50.93
CA VAL K 140 55.97 -18.42 -52.29
C VAL K 140 55.24 -17.53 -53.28
N ASP K 141 55.93 -17.18 -54.36
CA ASP K 141 55.36 -16.33 -55.38
C ASP K 141 54.31 -17.09 -56.19
N ASN K 142 53.49 -16.34 -56.90
CA ASN K 142 52.40 -16.90 -57.70
C ASN K 142 52.07 -15.91 -58.81
N SER K 143 51.05 -16.24 -59.61
CA SER K 143 50.47 -15.41 -60.67
C SER K 143 51.31 -15.33 -61.93
N HIS K 144 52.51 -15.92 -61.96
CA HIS K 144 53.28 -15.94 -63.19
C HIS K 144 52.67 -16.89 -64.22
N ASP K 145 52.08 -17.99 -63.76
CA ASP K 145 51.34 -18.94 -64.58
C ASP K 145 49.88 -18.92 -64.16
N LYS K 146 49.00 -18.66 -65.13
CA LYS K 146 47.57 -18.58 -64.82
C LYS K 146 47.01 -19.94 -64.39
N THR K 147 47.60 -21.04 -64.85
CA THR K 147 47.14 -22.35 -64.44
C THR K 147 47.42 -22.60 -62.95
N MET K 148 48.62 -22.24 -62.50
CA MET K 148 48.94 -22.36 -61.08
C MET K 148 48.12 -21.39 -60.24
N PHE K 149 47.88 -20.18 -60.76
CA PHE K 149 47.04 -19.24 -60.04
C PHE K 149 45.60 -19.73 -59.95
N ARG K 150 45.13 -20.43 -60.98
CA ARG K 150 43.80 -21.02 -60.95
C ARG K 150 43.74 -22.14 -59.91
N GLU K 151 44.81 -22.94 -59.81
CA GLU K 151 44.81 -24.07 -58.89
C GLU K 151 44.92 -23.61 -57.44
N ASP K 152 45.69 -22.55 -57.18
CA ASP K 152 45.86 -22.08 -55.81
C ASP K 152 44.59 -21.45 -55.27
N LEU K 153 43.82 -20.77 -56.12
CA LEU K 153 42.53 -20.24 -55.68
C LEU K 153 41.55 -21.37 -55.37
N ILE K 154 41.65 -22.48 -56.09
CA ILE K 154 40.80 -23.63 -55.79
C ILE K 154 41.16 -24.22 -54.43
N HIS K 155 42.47 -24.27 -54.13
CA HIS K 155 42.90 -24.78 -52.84
C HIS K 155 42.54 -23.83 -51.70
N ILE K 156 42.60 -22.52 -51.95
CA ILE K 156 42.24 -21.55 -50.92
C ILE K 156 40.73 -21.61 -50.66
N ALA K 157 39.93 -21.82 -51.69
CA ALA K 157 38.49 -21.96 -51.52
C ALA K 157 38.15 -23.22 -50.76
N LYS K 158 38.88 -24.31 -51.02
CA LYS K 158 38.67 -25.55 -50.27
C LYS K 158 39.07 -25.39 -48.81
N THR K 159 40.16 -24.68 -48.55
CA THR K 159 40.62 -24.48 -47.18
C THR K 159 39.66 -23.58 -46.41
N THR K 160 39.06 -22.59 -47.09
CA THR K 160 38.17 -21.66 -46.41
C THR K 160 36.83 -22.31 -46.09
N LEU K 161 36.23 -23.00 -47.06
CA LEU K 161 34.93 -23.63 -46.90
C LEU K 161 34.99 -24.98 -46.18
N SER K 162 36.17 -25.41 -45.71
CA SER K 162 36.25 -26.69 -45.00
C SER K 162 35.61 -26.59 -43.62
N SER K 163 35.63 -25.42 -42.99
CA SER K 163 35.03 -25.20 -41.69
C SER K 163 33.55 -24.83 -41.74
N LYS K 164 33.08 -24.30 -42.87
CA LYS K 164 31.71 -23.82 -42.99
C LYS K 164 30.79 -25.00 -43.30
N ILE K 165 29.52 -24.72 -43.61
CA ILE K 165 28.55 -25.79 -43.92
C ILE K 165 28.83 -26.44 -45.27
N LEU K 166 29.62 -25.79 -46.15
CA LEU K 166 29.92 -26.33 -47.47
C LEU K 166 31.14 -27.27 -47.48
N SER K 167 31.47 -27.87 -46.34
CA SER K 167 32.67 -28.70 -46.26
C SER K 167 32.54 -29.98 -47.10
N GLN K 168 31.32 -30.54 -47.19
CA GLN K 168 31.12 -31.75 -47.96
C GLN K 168 31.07 -31.49 -49.46
N ASP K 169 30.50 -30.36 -49.87
CA ASP K 169 30.35 -29.99 -51.29
C ASP K 169 31.38 -28.96 -51.73
N LYS K 170 32.51 -28.83 -51.02
CA LYS K 170 33.51 -27.84 -51.41
C LYS K 170 34.19 -28.18 -52.73
N ASP K 171 34.17 -29.45 -53.15
CA ASP K 171 34.73 -29.79 -54.46
C ASP K 171 33.94 -29.14 -55.59
N HIS K 172 32.63 -28.99 -55.43
CA HIS K 172 31.79 -28.32 -56.42
C HIS K 172 31.75 -26.81 -56.23
N PHE K 173 31.65 -26.35 -54.99
CA PHE K 173 31.62 -24.91 -54.72
C PHE K 173 32.96 -24.22 -54.97
N ALA K 174 34.06 -24.98 -54.99
CA ALA K 174 35.36 -24.37 -55.32
C ALA K 174 35.39 -23.88 -56.75
N GLU K 175 34.77 -24.62 -57.67
CA GLU K 175 34.66 -24.16 -59.05
C GLU K 175 33.76 -22.93 -59.13
N LEU K 176 32.66 -22.93 -58.37
CA LEU K 176 31.76 -21.79 -58.36
C LEU K 176 32.40 -20.55 -57.74
N ALA K 177 33.27 -20.76 -56.74
CA ALA K 177 33.90 -19.62 -56.07
C ALA K 177 35.03 -19.02 -56.91
N THR K 178 35.87 -19.87 -57.50
CA THR K 178 37.03 -19.39 -58.24
C THR K 178 36.67 -18.88 -59.64
N ASN K 179 35.62 -19.42 -60.26
CA ASN K 179 35.24 -18.95 -61.58
C ASN K 179 34.66 -17.54 -61.55
N ALA K 180 33.96 -17.19 -60.48
CA ALA K 180 33.40 -15.84 -60.37
C ALA K 180 34.50 -14.79 -60.17
N ILE K 181 35.57 -15.15 -59.48
CA ILE K 181 36.62 -14.18 -59.19
C ILE K 181 37.42 -13.86 -60.44
N LEU K 182 37.74 -14.88 -61.24
CA LEU K 182 38.42 -14.65 -62.50
C LEU K 182 37.59 -13.85 -63.50
N ARG K 183 36.26 -13.92 -63.41
CA ARG K 183 35.39 -13.12 -64.25
C ARG K 183 35.40 -11.64 -63.89
N LEU K 184 35.88 -11.27 -62.71
CA LEU K 184 35.94 -9.87 -62.30
C LEU K 184 36.95 -9.05 -63.11
N LYS K 185 37.93 -9.71 -63.75
CA LYS K 185 38.97 -9.03 -64.54
C LYS K 185 39.79 -8.07 -63.67
N GLY K 186 40.15 -8.52 -62.48
CA GLY K 186 41.00 -7.77 -61.58
C GLY K 186 40.27 -6.82 -60.64
N SER K 187 39.02 -6.47 -60.95
CA SER K 187 38.27 -5.54 -60.11
C SER K 187 37.94 -6.19 -58.78
N THR K 188 38.50 -5.64 -57.70
CA THR K 188 38.31 -6.16 -56.34
C THR K 188 37.15 -5.42 -55.71
N ASN K 189 35.98 -6.06 -55.72
CA ASN K 189 34.79 -5.48 -55.11
C ASN K 189 33.73 -6.57 -54.96
N LEU K 190 33.12 -6.64 -53.79
CA LEU K 190 32.11 -7.65 -53.47
C LEU K 190 30.69 -7.20 -53.81
N GLU K 191 30.48 -5.90 -54.11
CA GLU K 191 29.16 -5.43 -54.49
C GLU K 191 28.69 -5.97 -55.85
N HIS K 192 29.59 -6.46 -56.68
CA HIS K 192 29.25 -6.98 -58.00
C HIS K 192 28.79 -8.44 -57.97
N ILE K 193 28.51 -9.02 -56.80
CA ILE K 193 28.10 -10.41 -56.64
C ILE K 193 26.81 -10.41 -55.82
N GLN K 194 25.76 -11.00 -56.38
CA GLN K 194 24.44 -11.06 -55.75
C GLN K 194 24.23 -12.43 -55.12
N ILE K 195 23.45 -12.44 -54.03
CA ILE K 195 23.08 -13.65 -53.32
C ILE K 195 21.57 -13.74 -53.30
N ILE K 196 21.02 -14.58 -54.17
CA ILE K 196 19.57 -14.75 -54.33
C ILE K 196 19.16 -15.93 -53.45
N LYS K 197 18.20 -15.68 -52.55
CA LYS K 197 17.71 -16.68 -51.61
C LYS K 197 16.59 -17.46 -52.27
N ILE K 198 16.76 -18.78 -52.38
CA ILE K 198 15.76 -19.69 -52.94
C ILE K 198 15.58 -20.84 -51.97
N LEU K 199 14.34 -21.08 -51.56
CA LEU K 199 13.99 -22.21 -50.72
C LEU K 199 13.71 -23.43 -51.60
N GLY K 200 14.21 -24.58 -51.15
CA GLY K 200 14.05 -25.85 -51.84
C GLY K 200 15.38 -26.40 -52.34
N GLY K 201 15.32 -27.66 -52.77
CA GLY K 201 16.51 -28.32 -53.25
C GLY K 201 17.41 -28.78 -52.13
N LYS K 202 18.66 -29.08 -52.49
CA LYS K 202 19.71 -29.48 -51.57
C LYS K 202 20.92 -28.57 -51.77
N LEU K 203 21.95 -28.80 -50.95
CA LEU K 203 23.08 -27.88 -50.89
C LEU K 203 23.93 -27.91 -52.17
N SER K 204 24.06 -29.08 -52.80
CA SER K 204 24.87 -29.23 -54.00
C SER K 204 24.15 -28.81 -55.28
N ASP K 205 22.90 -28.35 -55.20
CA ASP K 205 22.17 -27.89 -56.37
C ASP K 205 22.57 -26.49 -56.83
N SER K 206 23.45 -25.80 -56.11
CA SER K 206 23.92 -24.49 -56.54
C SER K 206 24.73 -24.63 -57.84
N PHE K 207 24.26 -23.95 -58.89
CA PHE K 207 24.82 -24.04 -60.23
C PHE K 207 25.42 -22.70 -60.64
N LEU K 208 26.44 -22.77 -61.50
CA LEU K 208 27.07 -21.58 -62.03
C LEU K 208 26.22 -20.98 -63.13
N ASP K 209 25.97 -19.68 -63.03
CA ASP K 209 25.12 -18.95 -63.97
C ASP K 209 25.99 -18.29 -65.03
N GLU K 210 25.54 -18.35 -66.28
CA GLU K 210 26.20 -17.72 -67.42
C GLU K 210 25.51 -16.38 -67.65
N GLY K 211 26.24 -15.30 -67.42
CA GLY K 211 25.72 -13.95 -67.56
C GLY K 211 25.38 -13.33 -66.23
N PHE K 212 24.13 -12.87 -66.09
CA PHE K 212 23.65 -12.21 -64.89
C PHE K 212 22.16 -12.50 -64.71
N ILE K 213 21.77 -12.81 -63.47
CA ILE K 213 20.39 -13.12 -63.12
C ILE K 213 20.00 -12.26 -61.92
N LEU K 214 18.75 -11.80 -61.91
CA LEU K 214 18.24 -10.96 -60.83
C LEU K 214 16.74 -11.21 -60.68
N ALA K 215 16.19 -10.73 -59.57
CA ALA K 215 14.79 -10.94 -59.22
C ALA K 215 14.00 -9.69 -59.57
N LYS K 216 13.59 -9.59 -60.83
CA LYS K 216 12.76 -8.51 -61.33
C LYS K 216 11.70 -9.12 -62.24
N LYS K 217 10.90 -8.28 -62.89
CA LYS K 217 9.78 -8.72 -63.69
C LYS K 217 9.53 -7.73 -64.82
N PHE K 218 8.95 -8.24 -65.91
CA PHE K 218 8.54 -7.40 -67.02
C PHE K 218 7.28 -6.62 -66.64
N GLY K 219 6.80 -5.79 -67.56
CA GLY K 219 5.61 -5.01 -67.36
C GLY K 219 4.35 -5.82 -67.52
N ASN K 220 3.24 -5.12 -67.74
CA ASN K 220 1.94 -5.78 -67.88
C ASN K 220 1.73 -6.37 -69.27
N ASN K 221 2.17 -5.64 -70.31
CA ASN K 221 1.91 -5.99 -71.69
C ASN K 221 3.13 -6.47 -72.46
N GLN K 222 4.29 -6.63 -71.81
CA GLN K 222 5.51 -6.90 -72.54
C GLN K 222 5.59 -8.38 -72.94
N PRO K 223 6.36 -8.72 -73.97
CA PRO K 223 6.43 -10.12 -74.40
C PRO K 223 7.41 -10.92 -73.53
N LYS K 224 7.42 -12.24 -73.79
CA LYS K 224 8.23 -13.15 -72.99
C LYS K 224 9.67 -13.22 -73.49
N ARG K 225 9.86 -13.25 -74.81
CA ARG K 225 11.16 -13.50 -75.43
C ARG K 225 11.42 -12.48 -76.53
N ILE K 226 12.63 -11.93 -76.54
CA ILE K 226 13.10 -11.03 -77.60
C ILE K 226 14.53 -11.44 -77.92
N GLU K 227 14.80 -11.73 -79.19
CA GLU K 227 16.11 -12.19 -79.63
C GLU K 227 17.01 -11.00 -79.94
N ASN K 228 18.23 -11.03 -79.39
CA ASN K 228 19.23 -9.99 -79.59
C ASN K 228 18.71 -8.62 -79.13
N ALA K 229 18.40 -8.55 -77.83
CA ALA K 229 17.86 -7.34 -77.24
C ALA K 229 18.97 -6.39 -76.83
N LYS K 230 18.82 -5.12 -77.20
CA LYS K 230 19.71 -4.05 -76.76
C LYS K 230 19.24 -3.56 -75.40
N ILE K 231 20.18 -3.50 -74.45
CA ILE K 231 19.89 -3.17 -73.06
C ILE K 231 20.30 -1.73 -72.81
N LEU K 232 19.44 -0.98 -72.13
CA LEU K 232 19.71 0.39 -71.69
C LEU K 232 19.34 0.51 -70.22
N ILE K 233 20.06 1.40 -69.53
CA ILE K 233 19.88 1.66 -68.10
C ILE K 233 19.71 3.16 -67.93
N ALA K 234 18.59 3.56 -67.32
CA ALA K 234 18.23 4.96 -67.11
C ALA K 234 18.20 5.27 -65.62
N ASN K 235 18.94 6.21 -65.10
CA ASN K 235 18.77 6.56 -63.71
C ASN K 235 17.74 7.63 -63.81
N THR K 236 16.91 7.59 -64.84
CA THR K 236 15.93 8.64 -65.08
C THR K 236 14.67 8.62 -64.34
N THR K 237 13.89 9.68 -64.52
CA THR K 237 12.61 9.78 -63.89
C THR K 237 11.63 9.72 -65.00
N LEU K 238 10.99 8.59 -65.20
CA LEU K 238 10.01 8.43 -66.21
C LEU K 238 8.77 8.52 -65.45
N ASP K 239 8.90 8.93 -64.21
CA ASP K 239 7.74 9.15 -63.39
C ASP K 239 7.18 10.54 -63.69
N THR K 240 6.40 11.16 -62.82
CA THR K 240 5.80 12.45 -63.09
C THR K 240 6.96 13.30 -62.92
N ASP K 241 7.53 13.71 -64.03
CA ASP K 241 8.77 14.41 -63.92
C ASP K 241 8.81 15.70 -63.23
N LYS K 242 7.77 16.48 -63.31
CA LYS K 242 7.84 17.81 -62.79
C LYS K 242 8.97 18.43 -63.62
N VAL K 243 9.43 19.62 -63.32
CA VAL K 243 10.44 20.16 -64.19
C VAL K 243 11.68 20.59 -63.48
N LYS K 244 11.69 20.49 -62.17
CA LYS K 244 12.85 20.83 -61.34
C LYS K 244 13.09 22.23 -60.90
N ILE K 245 12.37 23.21 -61.41
CA ILE K 245 12.53 24.51 -60.87
C ILE K 245 11.39 24.47 -59.92
N PHE K 246 11.55 23.81 -58.79
CA PHE K 246 10.45 23.65 -57.87
C PHE K 246 10.09 25.03 -57.56
N GLY K 247 8.82 25.31 -57.53
CA GLY K 247 8.44 26.68 -57.38
C GLY K 247 7.69 27.03 -58.62
N THR K 248 7.36 26.07 -59.45
CA THR K 248 6.52 26.34 -60.58
C THR K 248 5.13 26.03 -60.15
N LYS K 249 4.16 26.84 -60.51
CA LYS K 249 2.78 26.60 -60.18
C LYS K 249 2.05 26.93 -61.43
N PHE K 250 0.79 26.55 -61.55
CA PHE K 250 0.04 26.92 -62.71
C PHE K 250 -1.10 27.89 -62.48
N LYS K 251 -0.96 29.15 -62.83
CA LYS K 251 -2.02 30.15 -62.78
C LYS K 251 -2.93 29.93 -63.99
N VAL K 252 -4.24 29.87 -63.73
CA VAL K 252 -5.24 29.49 -64.73
C VAL K 252 -6.37 30.51 -64.66
N ASP K 253 -6.60 31.21 -65.77
CA ASP K 253 -7.73 32.13 -65.90
C ASP K 253 -8.98 31.41 -66.40
N SER K 254 -8.81 30.39 -67.24
CA SER K 254 -9.92 29.59 -67.74
C SER K 254 -9.42 28.17 -67.98
N THR K 255 -10.33 27.21 -67.81
CA THR K 255 -9.96 25.80 -67.93
C THR K 255 -9.83 25.31 -69.37
N ALA K 256 -10.02 26.19 -70.37
CA ALA K 256 -9.79 25.78 -71.76
C ALA K 256 -8.32 25.48 -71.99
N LYS K 257 -7.44 26.39 -71.58
CA LYS K 257 -6.00 26.18 -71.72
C LYS K 257 -5.45 25.18 -70.70
N LEU K 258 -6.16 24.96 -69.59
CA LEU K 258 -5.73 23.95 -68.63
C LEU K 258 -5.85 22.54 -69.20
N ALA K 259 -6.88 22.29 -70.02
CA ALA K 259 -6.96 21.02 -70.72
C ALA K 259 -5.83 20.89 -71.74
N GLN K 260 -5.49 22.00 -72.42
CA GLN K 260 -4.33 22.01 -73.30
C GLN K 260 -3.02 22.02 -72.53
N LEU K 261 -3.02 22.48 -71.28
CA LEU K 261 -1.83 22.38 -70.44
C LEU K 261 -1.55 20.93 -70.07
N GLU K 262 -2.59 20.18 -69.68
CA GLU K 262 -2.43 18.76 -69.43
C GLU K 262 -2.07 18.01 -70.70
N LYS K 263 -2.56 18.49 -71.85
CA LYS K 263 -2.13 17.93 -73.14
C LYS K 263 -0.63 18.13 -73.33
N ALA K 264 -0.10 19.28 -72.91
CA ALA K 264 1.33 19.53 -73.04
C ALA K 264 2.14 18.65 -72.10
N GLU K 265 1.59 18.32 -70.93
CA GLU K 265 2.29 17.42 -70.02
C GLU K 265 2.39 16.02 -70.59
N ARG K 266 1.31 15.53 -71.22
CA ARG K 266 1.36 14.24 -71.87
C ARG K 266 2.24 14.29 -73.11
N GLU K 267 2.20 15.41 -73.85
CA GLU K 267 3.09 15.59 -74.99
C GLU K 267 4.54 15.75 -74.56
N LYS K 268 4.78 16.27 -73.35
CA LYS K 268 6.15 16.40 -72.86
C LYS K 268 6.78 15.03 -72.63
N MET K 269 6.04 14.13 -71.99
CA MET K 269 6.56 12.80 -71.71
C MET K 269 6.54 11.91 -72.95
N LYS K 270 5.59 12.13 -73.86
CA LYS K 270 5.59 11.45 -75.15
C LYS K 270 6.86 11.76 -75.93
N ASN K 271 7.25 13.04 -75.97
CA ASN K 271 8.49 13.43 -76.64
C ASN K 271 9.71 12.85 -75.94
N LYS K 272 9.63 12.62 -74.62
CA LYS K 272 10.74 12.00 -73.91
C LYS K 272 10.86 10.52 -74.24
N ILE K 273 9.73 9.81 -74.31
CA ILE K 273 9.75 8.42 -74.76
C ILE K 273 10.10 8.33 -76.24
N ALA K 274 9.71 9.33 -77.04
CA ALA K 274 10.15 9.37 -78.44
C ALA K 274 11.65 9.55 -78.54
N LYS K 275 12.27 10.24 -77.57
CA LYS K 275 13.72 10.35 -77.54
C LYS K 275 14.38 9.01 -77.26
N ILE K 276 13.71 8.14 -76.51
CA ILE K 276 14.25 6.80 -76.24
C ILE K 276 14.26 5.97 -77.52
N SER K 277 13.22 6.09 -78.34
CA SER K 277 13.08 5.29 -79.54
C SER K 277 14.05 5.67 -80.65
N LYS K 278 14.75 6.80 -80.53
CA LYS K 278 15.73 7.16 -81.54
C LYS K 278 16.91 6.18 -81.57
N PHE K 279 17.27 5.62 -80.40
CA PHE K 279 18.33 4.63 -80.36
C PHE K 279 17.86 3.30 -80.93
N GLY K 280 16.59 2.95 -80.71
CA GLY K 280 16.05 1.70 -81.18
C GLY K 280 16.36 0.55 -80.25
N ILE K 281 16.27 0.80 -78.94
CA ILE K 281 16.57 -0.23 -77.95
C ILE K 281 15.44 -1.24 -77.91
N ASN K 282 15.68 -2.38 -77.25
CA ASN K 282 14.71 -3.44 -77.07
C ASN K 282 14.25 -3.63 -75.64
N THR K 283 15.00 -3.11 -74.65
CA THR K 283 14.60 -3.10 -73.25
C THR K 283 14.93 -1.74 -72.66
N PHE K 284 14.27 -1.41 -71.54
CA PHE K 284 14.48 -0.17 -70.81
C PHE K 284 14.45 -0.47 -69.32
N ILE K 285 15.57 -0.22 -68.65
CA ILE K 285 15.74 -0.46 -67.22
C ILE K 285 15.80 0.90 -66.53
N ASN K 286 14.93 1.10 -65.54
CA ASN K 286 14.83 2.32 -64.78
C ASN K 286 15.11 2.02 -63.31
N ARG K 287 15.65 3.02 -62.60
CA ARG K 287 16.02 2.82 -61.20
C ARG K 287 14.77 2.75 -60.31
N GLN K 288 13.82 3.65 -60.54
CA GLN K 288 12.64 3.82 -59.70
C GLN K 288 11.40 3.36 -60.46
N LEU K 289 10.23 3.53 -59.84
CA LEU K 289 8.98 3.03 -60.39
C LEU K 289 8.61 3.76 -61.68
N ILE K 290 8.07 3.01 -62.63
CA ILE K 290 7.59 3.53 -63.90
C ILE K 290 6.07 3.60 -63.84
N TYR K 291 5.52 4.77 -64.16
CA TYR K 291 4.07 4.92 -64.19
C TYR K 291 3.49 4.21 -65.42
N ASP K 292 2.17 4.12 -65.44
CA ASP K 292 1.49 3.33 -66.46
C ASP K 292 1.56 3.98 -67.85
N TYR K 293 1.59 5.31 -67.91
CA TYR K 293 1.53 5.99 -69.20
C TYR K 293 2.84 5.82 -69.98
N PRO K 294 4.02 5.91 -69.34
CA PRO K 294 5.24 5.41 -70.01
C PRO K 294 5.18 3.92 -70.33
N GLU K 295 4.52 3.11 -69.49
CA GLU K 295 4.51 1.68 -69.70
C GLU K 295 3.73 1.30 -70.95
N GLN K 296 2.64 2.02 -71.23
CA GLN K 296 1.84 1.74 -72.42
C GLN K 296 2.57 2.15 -73.70
N LEU K 297 3.44 3.15 -73.63
CA LEU K 297 4.14 3.62 -74.81
C LEU K 297 5.24 2.66 -75.28
N PHE K 298 5.80 1.84 -74.39
CA PHE K 298 6.77 0.83 -74.78
C PHE K 298 6.15 -0.37 -75.48
N THR K 299 4.82 -0.48 -75.53
CA THR K 299 4.18 -1.65 -76.12
C THR K 299 4.30 -1.65 -77.64
N ASP K 300 3.80 -0.60 -78.29
CA ASP K 300 3.81 -0.52 -79.74
C ASP K 300 5.22 -0.39 -80.31
N LEU K 301 6.15 0.21 -79.56
CA LEU K 301 7.53 0.36 -80.01
C LEU K 301 8.36 -0.90 -79.84
N GLY K 302 7.84 -1.95 -79.20
CA GLY K 302 8.61 -3.16 -79.03
C GLY K 302 9.78 -3.03 -78.08
N ILE K 303 9.54 -2.48 -76.88
CA ILE K 303 10.56 -2.25 -75.87
C ILE K 303 10.12 -2.91 -74.58
N ASN K 304 11.01 -3.68 -73.96
CA ASN K 304 10.74 -4.24 -72.65
C ASN K 304 10.98 -3.20 -71.56
N SER K 305 10.42 -3.46 -70.38
CA SER K 305 10.43 -2.52 -69.26
C SER K 305 10.72 -3.27 -67.97
N ILE K 306 11.70 -2.77 -67.21
CA ILE K 306 12.05 -3.27 -65.88
C ILE K 306 12.15 -2.06 -64.97
N GLU K 307 11.46 -2.11 -63.82
CA GLU K 307 11.32 -0.99 -62.90
C GLU K 307 11.78 -1.40 -61.50
N HIS K 308 12.06 -0.38 -60.70
CA HIS K 308 12.44 -0.54 -59.29
C HIS K 308 13.72 -1.35 -59.15
N ALA K 309 14.79 -0.86 -59.77
CA ALA K 309 16.11 -1.44 -59.67
C ALA K 309 16.89 -0.79 -58.53
N ASP K 310 17.55 -1.62 -57.73
CA ASP K 310 18.33 -1.15 -56.61
C ASP K 310 19.56 -0.38 -57.11
N PHE K 311 20.14 0.42 -56.23
CA PHE K 311 21.36 1.17 -56.57
C PHE K 311 22.50 0.23 -56.92
N GLU K 312 22.68 -0.83 -56.13
CA GLU K 312 23.70 -1.81 -56.46
C GLU K 312 23.38 -2.56 -57.76
N GLY K 313 22.09 -2.78 -58.03
CA GLY K 313 21.71 -3.49 -59.24
C GLY K 313 22.02 -2.74 -60.52
N VAL K 314 22.11 -1.42 -60.44
CA VAL K 314 22.45 -0.63 -61.62
C VAL K 314 23.88 -0.93 -62.07
N GLU K 315 24.83 -0.84 -61.14
CA GLU K 315 26.22 -1.15 -61.46
C GLU K 315 26.40 -2.64 -61.73
N ARG K 316 25.65 -3.50 -61.04
CA ARG K 316 25.78 -4.93 -61.25
C ARG K 316 25.30 -5.37 -62.62
N LEU K 317 24.28 -4.70 -63.17
CA LEU K 317 23.77 -5.00 -64.50
C LEU K 317 24.51 -4.23 -65.59
N ALA K 318 24.98 -3.01 -65.29
CA ALA K 318 25.65 -2.21 -66.30
C ALA K 318 27.00 -2.79 -66.68
N LEU K 319 27.75 -3.31 -65.70
CA LEU K 319 29.05 -3.90 -65.97
C LEU K 319 28.95 -5.17 -66.82
N VAL K 320 27.88 -5.95 -66.62
CA VAL K 320 27.67 -7.14 -67.44
C VAL K 320 27.25 -6.73 -68.85
N THR K 321 26.41 -5.71 -68.95
CA THR K 321 26.00 -5.21 -70.26
C THR K 321 27.18 -4.58 -71.00
N GLY K 322 28.07 -3.91 -70.27
CA GLY K 322 29.20 -3.21 -70.84
C GLY K 322 28.95 -1.74 -71.12
N GLY K 323 27.69 -1.35 -71.32
CA GLY K 323 27.34 0.03 -71.54
C GLY K 323 27.41 0.86 -70.27
N GLU K 324 27.11 2.15 -70.43
CA GLU K 324 27.13 3.13 -69.36
C GLU K 324 25.72 3.66 -69.12
N VAL K 325 25.49 4.16 -67.91
CA VAL K 325 24.19 4.68 -67.51
C VAL K 325 23.99 6.02 -68.21
N VAL K 326 22.86 6.16 -68.91
CA VAL K 326 22.52 7.35 -69.69
C VAL K 326 21.19 7.91 -69.16
N SER K 327 21.14 9.24 -69.03
CA SER K 327 19.98 9.98 -68.52
C SER K 327 19.53 11.09 -69.46
N THR K 328 20.45 11.74 -70.17
CA THR K 328 20.10 12.84 -71.05
C THR K 328 19.44 12.39 -72.34
N PHE K 329 19.96 11.33 -72.97
CA PHE K 329 19.43 10.77 -74.21
C PHE K 329 19.51 11.76 -75.38
N ASP K 330 20.42 12.72 -75.32
CA ASP K 330 20.49 13.79 -76.33
C ASP K 330 21.27 13.36 -77.57
N GLU K 331 22.54 12.98 -77.40
CA GLU K 331 23.46 12.67 -78.48
C GLU K 331 23.52 11.15 -78.69
N PRO K 332 23.00 10.58 -79.80
CA PRO K 332 23.13 9.13 -79.99
C PRO K 332 24.50 8.64 -80.43
N SER K 333 25.47 9.54 -80.64
CA SER K 333 26.78 9.11 -81.14
C SER K 333 27.54 8.31 -80.08
N LYS K 334 27.74 8.89 -78.90
CA LYS K 334 28.47 8.23 -77.83
C LYS K 334 27.53 7.23 -77.13
N CYS K 335 28.02 6.62 -76.05
CA CYS K 335 27.25 5.70 -75.21
C CYS K 335 26.82 4.47 -76.00
N LYS K 336 27.82 3.74 -76.51
CA LYS K 336 27.56 2.50 -77.22
C LYS K 336 27.08 1.43 -76.24
N LEU K 337 25.93 0.83 -76.54
CA LEU K 337 25.31 -0.16 -75.68
C LEU K 337 25.78 -1.56 -76.02
N GLY K 338 25.53 -2.49 -75.10
CA GLY K 338 25.90 -3.88 -75.29
C GLY K 338 24.84 -4.65 -76.06
N GLU K 339 24.88 -5.97 -75.89
CA GLU K 339 23.94 -6.88 -76.53
C GLU K 339 23.84 -8.15 -75.72
N CYS K 340 22.63 -8.70 -75.64
CA CYS K 340 22.34 -9.95 -74.94
C CYS K 340 21.53 -10.86 -75.84
N ASP K 341 21.87 -12.14 -75.85
CA ASP K 341 21.21 -13.10 -76.75
C ASP K 341 19.86 -13.54 -76.20
N VAL K 342 19.86 -14.15 -75.01
CA VAL K 342 18.67 -14.73 -74.40
C VAL K 342 18.23 -13.82 -73.26
N ILE K 343 17.09 -13.17 -73.44
CA ILE K 343 16.46 -12.35 -72.41
C ILE K 343 15.28 -13.06 -71.74
N GLU K 344 15.15 -14.38 -71.91
CA GLU K 344 14.00 -15.10 -71.39
C GLU K 344 14.16 -15.34 -69.89
N GLU K 345 13.11 -15.08 -69.13
CA GLU K 345 13.12 -15.31 -67.69
C GLU K 345 12.88 -16.78 -67.39
N ILE K 346 13.28 -17.20 -66.18
CA ILE K 346 13.04 -18.53 -65.68
C ILE K 346 12.48 -18.42 -64.26
N MET K 347 12.05 -19.56 -63.71
CA MET K 347 11.49 -19.67 -62.37
C MET K 347 12.28 -20.70 -61.57
N LEU K 348 12.75 -20.27 -60.40
CA LEU K 348 13.42 -21.13 -59.43
C LEU K 348 12.67 -20.97 -58.11
N GLY K 349 11.76 -21.91 -57.83
CA GLY K 349 10.85 -21.79 -56.72
C GLY K 349 9.56 -21.10 -57.11
N GLU K 350 9.05 -20.24 -56.24
CA GLU K 350 7.78 -19.54 -56.44
C GLU K 350 7.93 -18.13 -56.99
N GLN K 351 9.15 -17.66 -57.27
CA GLN K 351 9.45 -16.29 -57.69
C GLN K 351 10.14 -16.33 -59.05
N PRO K 352 9.62 -15.69 -60.12
CA PRO K 352 10.39 -15.65 -61.37
C PRO K 352 11.56 -14.69 -61.28
N PHE K 353 12.64 -15.05 -61.97
CA PHE K 353 13.88 -14.28 -62.05
C PHE K 353 14.24 -14.06 -63.51
N LEU K 354 14.67 -12.84 -63.82
CA LEU K 354 15.11 -12.50 -65.17
C LEU K 354 16.54 -13.00 -65.37
N LYS K 355 16.69 -14.03 -66.19
CA LYS K 355 17.99 -14.62 -66.50
C LYS K 355 18.49 -14.09 -67.84
N PHE K 356 19.73 -13.61 -67.85
CA PHE K 356 20.42 -13.16 -69.05
C PHE K 356 21.52 -14.17 -69.40
N SER K 357 21.90 -14.18 -70.67
CA SER K 357 22.93 -15.10 -71.15
C SER K 357 23.50 -14.58 -72.46
N GLY K 358 24.81 -14.71 -72.63
CA GLY K 358 25.48 -14.28 -73.85
C GLY K 358 25.71 -12.79 -73.89
N CYS K 359 26.33 -12.26 -72.84
CA CYS K 359 26.63 -10.85 -72.72
C CYS K 359 28.05 -10.57 -73.21
N LYS K 360 28.37 -9.28 -73.33
CA LYS K 360 29.70 -8.89 -73.79
C LYS K 360 30.76 -9.21 -72.73
N ALA K 361 30.53 -8.78 -71.49
CA ALA K 361 31.44 -8.98 -70.38
C ALA K 361 30.67 -9.55 -69.18
N GLY K 362 31.41 -10.21 -68.30
CA GLY K 362 30.88 -10.79 -67.08
C GLY K 362 31.55 -10.27 -65.83
N GLU K 363 31.84 -8.96 -65.81
CA GLU K 363 32.54 -8.34 -64.68
C GLU K 363 31.75 -8.39 -63.38
N ALA K 364 30.43 -8.58 -63.43
CA ALA K 364 29.59 -8.83 -62.27
C ALA K 364 28.92 -10.18 -62.43
N CYS K 365 28.68 -10.84 -61.30
CA CYS K 365 28.21 -12.22 -61.25
C CYS K 365 27.04 -12.32 -60.26
N THR K 366 26.55 -13.54 -60.11
CA THR K 366 25.44 -13.83 -59.21
C THR K 366 25.51 -15.30 -58.80
N ILE K 367 25.54 -15.55 -57.50
CA ILE K 367 25.67 -16.89 -56.95
C ILE K 367 24.27 -17.37 -56.57
N VAL K 368 23.74 -18.32 -57.33
CA VAL K 368 22.45 -18.93 -57.04
C VAL K 368 22.67 -20.04 -56.02
N LEU K 369 21.89 -20.00 -54.94
CA LEU K 369 22.00 -20.95 -53.83
C LEU K 369 20.68 -21.68 -53.65
N ARG K 370 20.77 -22.93 -53.19
CA ARG K 370 19.62 -23.76 -52.90
C ARG K 370 19.81 -24.44 -51.55
N GLY K 371 18.75 -24.51 -50.77
CA GLY K 371 18.85 -25.11 -49.46
C GLY K 371 17.48 -25.35 -48.86
N ALA K 372 17.48 -25.90 -47.64
CA ALA K 372 16.26 -26.27 -46.93
C ALA K 372 15.75 -25.14 -46.03
N THR K 373 16.57 -24.72 -45.06
CA THR K 373 16.21 -23.70 -44.09
C THR K 373 16.94 -22.40 -44.40
N ASP K 374 16.29 -21.28 -44.05
CA ASP K 374 16.92 -19.98 -44.20
C ASP K 374 18.15 -19.83 -43.31
N GLN K 375 18.19 -20.54 -42.18
CA GLN K 375 19.39 -20.53 -41.35
C GLN K 375 20.57 -21.13 -42.10
N THR K 376 20.32 -22.14 -42.94
CA THR K 376 21.38 -22.71 -43.77
C THR K 376 21.77 -21.76 -44.90
N LEU K 377 20.79 -21.06 -45.49
CA LEU K 377 21.10 -20.08 -46.52
C LEU K 377 21.88 -18.90 -45.95
N ASP K 378 21.56 -18.49 -44.72
CA ASP K 378 22.34 -17.44 -44.06
C ASP K 378 23.76 -17.91 -43.81
N GLU K 379 23.93 -19.18 -43.43
CA GLU K 379 25.27 -19.76 -43.33
C GLU K 379 25.93 -19.87 -44.69
N ALA K 380 25.14 -20.17 -45.73
CA ALA K 380 25.69 -20.22 -47.08
C ALA K 380 26.15 -18.83 -47.54
N GLU K 381 25.42 -17.79 -47.13
CA GLU K 381 25.81 -16.43 -47.49
C GLU K 381 27.10 -16.02 -46.79
N ARG K 382 27.17 -16.27 -45.48
CA ARG K 382 28.37 -15.88 -44.73
C ARG K 382 29.56 -16.75 -45.10
N SER K 383 29.33 -18.01 -45.48
CA SER K 383 30.43 -18.89 -45.84
C SER K 383 31.10 -18.44 -47.13
N LEU K 384 30.32 -18.28 -48.20
CA LEU K 384 30.88 -17.85 -49.48
C LEU K 384 31.33 -16.40 -49.46
N HIS K 385 30.74 -15.56 -48.60
CA HIS K 385 31.21 -14.19 -48.46
C HIS K 385 32.63 -14.16 -47.90
N ASP K 386 32.94 -15.07 -46.98
CA ASP K 386 34.31 -15.20 -46.49
C ASP K 386 35.23 -15.79 -47.54
N ALA K 387 34.73 -16.74 -48.34
CA ALA K 387 35.54 -17.32 -49.41
C ALA K 387 35.83 -16.31 -50.50
N LEU K 388 34.78 -15.65 -51.01
CA LEU K 388 34.96 -14.64 -52.05
C LEU K 388 35.76 -13.44 -51.57
N SER K 389 35.69 -13.12 -50.27
CA SER K 389 36.48 -12.00 -49.76
C SER K 389 37.96 -12.35 -49.71
N VAL K 390 38.29 -13.60 -49.34
CA VAL K 390 39.69 -14.01 -49.28
C VAL K 390 40.25 -14.14 -50.69
N LEU K 391 39.50 -14.79 -51.60
CA LEU K 391 39.98 -14.96 -52.96
C LEU K 391 40.05 -13.65 -53.73
N SER K 392 39.21 -12.67 -53.39
CA SER K 392 39.26 -11.38 -54.06
C SER K 392 40.52 -10.60 -53.66
N GLN K 393 40.87 -10.62 -52.38
CA GLN K 393 42.11 -10.00 -51.92
C GLN K 393 43.35 -10.79 -52.32
N THR K 394 43.20 -12.07 -52.69
CA THR K 394 44.34 -12.82 -53.20
C THR K 394 44.74 -12.35 -54.60
N THR K 395 43.82 -11.71 -55.33
CA THR K 395 44.16 -11.18 -56.65
C THR K 395 45.16 -10.04 -56.54
N LYS K 396 44.94 -9.12 -55.60
CA LYS K 396 45.84 -7.98 -55.41
C LYS K 396 47.11 -8.34 -54.65
N GLU K 397 47.01 -9.23 -53.66
CA GLU K 397 48.16 -9.69 -52.87
C GLU K 397 48.46 -11.12 -53.31
N THR K 398 49.59 -11.31 -53.97
CA THR K 398 49.88 -12.57 -54.65
C THR K 398 50.50 -13.63 -53.73
N ARG K 399 51.23 -13.22 -52.70
CA ARG K 399 51.94 -14.19 -51.87
C ARG K 399 50.97 -15.00 -51.02
N THR K 400 51.28 -16.28 -50.87
CA THR K 400 50.49 -17.24 -50.11
C THR K 400 51.41 -18.02 -49.18
N VAL K 401 50.80 -18.80 -48.29
CA VAL K 401 51.52 -19.62 -47.31
C VAL K 401 50.76 -20.91 -47.09
N LEU K 402 51.51 -21.97 -46.80
CA LEU K 402 50.91 -23.28 -46.57
C LEU K 402 50.09 -23.28 -45.29
N GLY K 403 48.92 -23.94 -45.34
CA GLY K 403 48.03 -24.05 -44.22
C GLY K 403 48.19 -25.35 -43.47
N GLY K 404 47.08 -25.81 -42.90
CA GLY K 404 47.07 -27.07 -42.17
C GLY K 404 47.90 -27.05 -40.90
N GLY K 405 48.03 -25.89 -40.26
CA GLY K 405 48.79 -25.78 -39.04
C GLY K 405 50.30 -25.66 -39.21
N CYS K 406 50.81 -25.79 -40.44
CA CYS K 406 52.24 -25.69 -40.67
C CYS K 406 52.73 -24.25 -40.57
N ALA K 407 51.87 -23.27 -40.87
CA ALA K 407 52.26 -21.87 -40.75
C ALA K 407 52.52 -21.48 -39.30
N GLU K 408 51.76 -22.07 -38.37
CA GLU K 408 51.95 -21.74 -36.96
C GLU K 408 53.26 -22.31 -36.43
N MET K 409 53.59 -23.55 -36.80
CA MET K 409 54.80 -24.20 -36.28
C MET K 409 56.06 -23.69 -36.97
N VAL K 410 56.00 -23.41 -38.27
CA VAL K 410 57.16 -22.87 -38.96
C VAL K 410 57.49 -21.46 -38.50
N MET K 411 56.48 -20.69 -38.06
CA MET K 411 56.76 -19.39 -37.47
C MET K 411 57.41 -19.53 -36.09
N SER K 412 56.95 -20.49 -35.30
CA SER K 412 57.52 -20.71 -33.98
C SER K 412 58.93 -21.29 -34.03
N LYS K 413 59.35 -21.87 -35.16
CA LYS K 413 60.71 -22.37 -35.29
C LYS K 413 61.73 -21.24 -35.20
N ALA K 414 61.52 -20.16 -35.95
CA ALA K 414 62.42 -19.03 -35.86
C ALA K 414 62.32 -18.31 -34.52
N VAL K 415 61.13 -18.34 -33.90
CA VAL K 415 60.99 -17.74 -32.57
C VAL K 415 61.78 -18.53 -31.54
N ASP K 416 61.69 -19.86 -31.59
CA ASP K 416 62.49 -20.70 -30.69
C ASP K 416 63.97 -20.59 -30.99
N THR K 417 64.34 -20.37 -32.26
CA THR K 417 65.76 -20.21 -32.60
C THR K 417 66.30 -18.91 -32.01
N GLU K 418 65.51 -17.83 -32.10
CA GLU K 418 65.88 -16.55 -31.53
C GLU K 418 65.63 -16.45 -30.03
N ALA K 419 65.12 -17.51 -29.39
CA ALA K 419 64.87 -17.47 -27.95
C ALA K 419 66.15 -17.66 -27.14
N GLN K 420 67.12 -18.39 -27.68
CA GLN K 420 68.32 -18.73 -26.92
C GLN K 420 69.29 -17.56 -26.79
N ASN K 421 69.47 -16.78 -27.86
CA ASN K 421 70.46 -15.71 -27.88
C ASN K 421 69.99 -14.42 -27.20
N ILE K 422 68.78 -14.40 -26.63
CA ILE K 422 68.24 -13.24 -25.94
C ILE K 422 68.43 -13.46 -24.44
N ASP K 423 69.24 -12.61 -23.81
CA ASP K 423 69.47 -12.68 -22.38
C ASP K 423 68.36 -11.96 -21.63
N GLY K 424 68.26 -12.27 -20.34
CA GLY K 424 67.28 -11.66 -19.45
C GLY K 424 66.06 -12.54 -19.27
N LYS K 425 65.07 -11.97 -18.58
CA LYS K 425 63.83 -12.68 -18.29
C LYS K 425 62.83 -12.64 -19.44
N LYS K 426 63.00 -11.76 -20.41
CA LYS K 426 62.07 -11.70 -21.54
C LYS K 426 62.18 -12.90 -22.47
N SER K 427 63.25 -13.70 -22.38
CA SER K 427 63.36 -14.90 -23.20
C SER K 427 62.27 -15.91 -22.87
N LEU K 428 61.82 -15.96 -21.61
CA LEU K 428 60.70 -16.82 -21.26
C LEU K 428 59.41 -16.34 -21.93
N ALA K 429 59.23 -15.02 -22.05
CA ALA K 429 58.08 -14.50 -22.77
C ALA K 429 58.19 -14.78 -24.27
N VAL K 430 59.41 -14.82 -24.80
CA VAL K 430 59.60 -15.21 -26.20
C VAL K 430 59.17 -16.66 -26.41
N GLU K 431 59.46 -17.52 -25.43
CA GLU K 431 58.99 -18.91 -25.50
C GLU K 431 57.50 -19.01 -25.24
N ALA K 432 56.93 -18.09 -24.45
CA ALA K 432 55.49 -18.07 -24.25
C ALA K 432 54.75 -17.75 -25.54
N PHE K 433 55.34 -16.88 -26.38
CA PHE K 433 54.76 -16.62 -27.69
C PHE K 433 54.81 -17.85 -28.57
N ALA K 434 55.87 -18.66 -28.45
CA ALA K 434 55.97 -19.89 -29.22
C ALA K 434 54.90 -20.89 -28.82
N ARG K 435 54.67 -21.06 -27.52
CA ARG K 435 53.63 -21.97 -27.06
C ARG K 435 52.25 -21.51 -27.47
N ALA K 436 52.05 -20.19 -27.63
CA ALA K 436 50.78 -19.69 -28.12
C ALA K 436 50.55 -20.10 -29.57
N LEU K 437 51.59 -20.06 -30.41
CA LEU K 437 51.47 -20.52 -31.78
C LEU K 437 51.26 -22.04 -31.83
N ARG K 438 51.90 -22.78 -30.93
CA ARG K 438 51.71 -24.22 -30.84
C ARG K 438 50.30 -24.61 -30.39
N GLN K 439 49.59 -23.74 -29.69
CA GLN K 439 48.28 -24.09 -29.15
C GLN K 439 47.19 -24.11 -30.22
N LEU K 440 47.39 -23.46 -31.36
CA LEU K 440 46.40 -23.50 -32.43
C LEU K 440 46.28 -24.91 -33.01
N PRO K 441 47.36 -25.57 -33.48
CA PRO K 441 47.22 -26.96 -33.92
C PRO K 441 46.87 -27.93 -32.79
N THR K 442 47.16 -27.58 -31.54
CA THR K 442 46.67 -28.38 -30.42
C THR K 442 45.15 -28.38 -30.36
N ILE K 443 44.53 -27.24 -30.72
CA ILE K 443 43.07 -27.13 -30.69
C ILE K 443 42.47 -27.80 -31.93
N LEU K 444 43.18 -27.81 -33.06
CA LEU K 444 42.69 -28.47 -34.26
C LEU K 444 42.52 -29.97 -34.05
N ALA K 445 43.40 -30.58 -33.26
CA ALA K 445 43.28 -31.99 -32.92
C ALA K 445 42.20 -32.27 -31.88
N ASP K 446 41.90 -31.29 -31.01
CA ASP K 446 40.87 -31.50 -30.01
C ASP K 446 39.48 -31.50 -30.63
N ASN K 447 39.22 -30.58 -31.56
CA ASN K 447 37.92 -30.52 -32.23
C ASN K 447 37.68 -31.74 -33.10
N ALA K 448 38.73 -32.33 -33.67
CA ALA K 448 38.60 -33.54 -34.48
C ALA K 448 38.47 -34.82 -33.65
N GLY K 449 38.69 -34.76 -32.34
CA GLY K 449 38.55 -35.92 -31.48
C GLY K 449 39.75 -36.84 -31.43
N PHE K 450 40.88 -36.44 -31.99
CA PHE K 450 42.12 -37.23 -31.97
C PHE K 450 43.05 -36.73 -30.87
N ASP K 451 44.08 -37.51 -30.60
CA ASP K 451 45.07 -37.13 -29.60
C ASP K 451 45.86 -35.92 -30.09
N SER K 452 45.97 -34.90 -29.24
CA SER K 452 46.63 -33.66 -29.60
C SER K 452 48.12 -33.66 -29.25
N SER K 453 48.50 -34.30 -28.14
CA SER K 453 49.89 -34.27 -27.72
C SER K 453 50.78 -35.07 -28.65
N GLU K 454 50.26 -36.15 -29.25
CA GLU K 454 51.08 -36.96 -30.14
C GLU K 454 51.31 -36.28 -31.48
N LEU K 455 50.24 -35.76 -32.09
CA LEU K 455 50.37 -35.11 -33.39
C LEU K 455 51.17 -33.81 -33.29
N VAL K 456 51.02 -33.08 -32.20
CA VAL K 456 51.81 -31.86 -32.02
C VAL K 456 53.27 -32.23 -31.77
N SER K 457 53.52 -33.31 -31.02
CA SER K 457 54.89 -33.74 -30.79
C SER K 457 55.52 -34.29 -32.05
N LYS K 458 54.75 -35.04 -32.84
CA LYS K 458 55.28 -35.57 -34.10
C LYS K 458 55.48 -34.46 -35.11
N LEU K 459 54.57 -33.50 -35.17
CA LEU K 459 54.72 -32.37 -36.08
C LEU K 459 55.88 -31.48 -35.66
N ARG K 460 56.05 -31.27 -34.36
CA ARG K 460 57.11 -30.40 -33.88
C ARG K 460 58.48 -31.03 -34.09
N SER K 461 58.61 -32.33 -33.82
CA SER K 461 59.88 -33.02 -34.04
C SER K 461 60.19 -33.18 -35.52
N SER K 462 59.15 -33.27 -36.36
CA SER K 462 59.38 -33.48 -37.79
C SER K 462 59.93 -32.24 -38.47
N ILE K 463 59.41 -31.06 -38.09
CA ILE K 463 59.78 -29.83 -38.80
C ILE K 463 61.18 -29.38 -38.38
N TYR K 464 61.59 -29.64 -37.14
CA TYR K 464 62.95 -29.30 -36.73
C TYR K 464 64.02 -30.18 -37.39
N ASN K 465 63.64 -31.32 -37.97
CA ASN K 465 64.61 -32.16 -38.65
C ASN K 465 65.21 -31.49 -39.88
N GLY K 466 64.46 -30.60 -40.54
CA GLY K 466 64.93 -29.88 -41.72
C GLY K 466 63.84 -29.65 -42.76
N ILE K 467 62.84 -30.51 -42.80
CA ILE K 467 61.74 -30.40 -43.75
C ILE K 467 60.74 -29.37 -43.23
N SER K 468 60.04 -28.71 -44.15
CA SER K 468 59.07 -27.67 -43.81
C SER K 468 57.80 -27.73 -44.66
N THR K 469 57.40 -28.92 -45.12
CA THR K 469 56.17 -29.15 -45.86
C THR K 469 55.17 -30.05 -45.14
N SER K 470 55.48 -30.51 -43.94
CA SER K 470 54.58 -31.41 -43.22
C SER K 470 53.43 -30.65 -42.58
N GLY K 471 52.34 -31.36 -42.34
CA GLY K 471 51.18 -30.78 -41.68
C GLY K 471 50.27 -31.82 -41.07
N LEU K 472 49.16 -31.37 -40.49
CA LEU K 472 48.19 -32.24 -39.84
C LEU K 472 47.13 -32.68 -40.85
N ASP K 473 46.87 -33.99 -40.90
CA ASP K 473 45.80 -34.58 -41.70
C ASP K 473 44.76 -35.14 -40.73
N LEU K 474 43.71 -34.37 -40.50
CA LEU K 474 42.69 -34.73 -39.52
C LEU K 474 41.74 -35.82 -40.02
N ASN K 475 41.68 -36.07 -41.32
CA ASN K 475 40.85 -37.17 -41.82
C ASN K 475 41.41 -38.52 -41.41
N ASN K 476 42.71 -38.74 -41.64
CA ASN K 476 43.40 -39.96 -41.25
C ASN K 476 43.95 -39.92 -39.84
N GLY K 477 44.22 -38.73 -39.30
CA GLY K 477 44.77 -38.62 -37.96
C GLY K 477 46.27 -38.88 -37.90
N THR K 478 47.04 -38.30 -38.81
CA THR K 478 48.48 -38.48 -38.85
C THR K 478 49.09 -37.33 -39.63
N ILE K 479 50.42 -37.34 -39.69
CA ILE K 479 51.17 -36.32 -40.42
C ILE K 479 51.18 -36.69 -41.90
N ALA K 480 51.03 -35.70 -42.76
CA ALA K 480 51.02 -35.90 -44.21
C ALA K 480 51.57 -34.66 -44.90
N ASP K 481 51.73 -34.76 -46.21
CA ASP K 481 52.25 -33.68 -47.03
C ASP K 481 51.13 -32.75 -47.44
N MET K 482 51.26 -31.47 -47.08
CA MET K 482 50.22 -30.50 -47.39
C MET K 482 50.15 -30.19 -48.88
N ARG K 483 51.27 -30.28 -49.59
CA ARG K 483 51.26 -30.02 -51.02
C ARG K 483 50.46 -31.09 -51.77
N GLN K 484 50.42 -32.32 -51.27
CA GLN K 484 49.62 -33.36 -51.89
C GLN K 484 48.13 -33.09 -51.69
N LEU K 485 47.72 -32.83 -50.45
CA LEU K 485 46.32 -32.54 -50.16
C LEU K 485 45.85 -31.22 -50.78
N GLY K 486 46.76 -30.27 -50.99
CA GLY K 486 46.41 -29.00 -51.58
C GLY K 486 45.74 -28.06 -50.59
N ILE K 487 46.45 -27.77 -49.50
CA ILE K 487 45.99 -26.86 -48.45
C ILE K 487 46.94 -25.67 -48.44
N VAL K 488 46.42 -24.49 -48.74
CA VAL K 488 47.21 -23.27 -48.79
C VAL K 488 46.29 -22.09 -48.51
N GLU K 489 46.85 -21.07 -47.85
CA GLU K 489 46.13 -19.86 -47.47
C GLU K 489 46.96 -18.64 -47.85
N SER K 490 46.32 -17.48 -47.80
CA SER K 490 46.94 -16.24 -48.22
C SER K 490 47.95 -15.75 -47.19
N TYR K 491 48.93 -14.97 -47.66
CA TYR K 491 49.96 -14.43 -46.78
C TYR K 491 49.45 -13.29 -45.93
N LYS K 492 48.54 -12.47 -46.47
CA LYS K 492 48.01 -11.34 -45.70
C LYS K 492 47.06 -11.79 -44.61
N LEU K 493 46.45 -12.96 -44.75
CA LEU K 493 45.56 -13.47 -43.71
C LEU K 493 46.34 -13.78 -42.43
N LYS K 494 47.36 -14.63 -42.53
CA LYS K 494 48.13 -14.99 -41.34
C LYS K 494 48.95 -13.81 -40.83
N ARG K 495 49.37 -12.90 -41.72
CA ARG K 495 50.05 -11.70 -41.26
C ARG K 495 49.11 -10.82 -40.45
N ALA K 496 47.86 -10.70 -40.87
CA ALA K 496 46.89 -9.91 -40.12
C ALA K 496 46.53 -10.58 -38.80
N VAL K 497 46.52 -11.92 -38.78
CA VAL K 497 46.15 -12.63 -37.55
C VAL K 497 47.25 -12.48 -36.50
N VAL K 498 48.51 -12.67 -36.90
CA VAL K 498 49.60 -12.56 -35.94
C VAL K 498 49.79 -11.11 -35.50
N SER K 499 49.59 -10.16 -36.41
CA SER K 499 49.74 -8.75 -36.06
C SER K 499 48.59 -8.29 -35.17
N SER K 500 47.37 -8.75 -35.46
CA SER K 500 46.21 -8.38 -34.64
C SER K 500 46.28 -9.04 -33.27
N ALA K 501 46.71 -10.30 -33.22
CA ALA K 501 46.83 -10.98 -31.94
C ALA K 501 47.94 -10.40 -31.07
N SER K 502 49.03 -9.94 -31.69
CA SER K 502 50.08 -9.29 -30.94
C SER K 502 49.62 -7.97 -30.34
N GLU K 503 48.86 -7.19 -31.12
CA GLU K 503 48.29 -5.95 -30.60
C GLU K 503 47.19 -6.22 -29.59
N ALA K 504 46.48 -7.35 -29.73
CA ALA K 504 45.42 -7.67 -28.77
C ALA K 504 45.98 -7.94 -27.38
N ALA K 505 47.03 -8.76 -27.29
CA ALA K 505 47.66 -9.00 -26.00
C ALA K 505 48.33 -7.75 -25.45
N GLU K 506 48.83 -6.87 -26.31
CA GLU K 506 49.51 -5.68 -25.86
C GLU K 506 48.58 -4.70 -25.16
N VAL K 507 47.33 -4.59 -25.64
CA VAL K 507 46.39 -3.64 -25.05
C VAL K 507 45.96 -4.10 -23.66
N LEU K 508 45.62 -5.37 -23.52
CA LEU K 508 45.09 -5.88 -22.25
C LEU K 508 46.18 -6.14 -21.21
N LEU K 509 47.44 -6.27 -21.62
CA LEU K 509 48.54 -6.46 -20.67
C LEU K 509 49.04 -5.14 -20.07
N ARG K 510 48.69 -3.99 -20.65
CA ARG K 510 49.08 -2.69 -20.13
C ARG K 510 47.99 -2.07 -19.24
N VAL K 511 47.23 -2.91 -18.54
CA VAL K 511 46.11 -2.50 -17.69
C VAL K 511 46.50 -2.73 -16.24
N ASP K 512 46.06 -1.81 -15.37
CA ASP K 512 46.24 -1.91 -13.93
C ASP K 512 44.99 -1.55 -13.12
N ASN K 513 44.05 -0.78 -13.66
CA ASN K 513 42.83 -0.38 -12.97
C ASN K 513 41.67 -0.42 -13.93
N ILE K 514 40.47 -0.56 -13.37
CA ILE K 514 39.21 -0.58 -14.12
C ILE K 514 38.29 0.46 -13.49
N ILE K 515 37.74 1.33 -14.34
CA ILE K 515 36.82 2.39 -13.93
C ILE K 515 35.55 2.23 -14.75
N ARG K 516 34.49 1.76 -14.09
CA ARG K 516 33.19 1.50 -14.73
C ARG K 516 32.20 2.53 -14.22
N ALA K 517 31.94 3.55 -15.02
CA ALA K 517 31.04 4.61 -14.63
C ALA K 517 29.60 4.09 -14.57
N ARG K 518 28.70 4.92 -14.07
CA ARG K 518 27.32 4.51 -13.90
C ARG K 518 26.65 4.40 -15.27
N PRO K 519 25.84 3.37 -15.54
CA PRO K 519 25.19 3.30 -16.86
C PRO K 519 24.00 4.25 -16.94
N ARG K 520 23.68 4.67 -18.16
CA ARG K 520 22.54 5.55 -18.39
C ARG K 520 21.24 4.76 -18.23
N VAL L 5 45.31 -50.63 -22.88
CA VAL L 5 44.07 -50.29 -23.59
C VAL L 5 43.48 -48.95 -23.10
N PRO L 6 43.11 -48.82 -21.80
CA PRO L 6 42.35 -47.63 -21.40
C PRO L 6 43.25 -46.47 -21.05
N SER L 7 42.67 -45.31 -20.74
CA SER L 7 43.39 -44.13 -20.27
C SER L 7 44.42 -43.64 -21.27
N ASN L 8 44.05 -43.53 -22.54
CA ASN L 8 44.98 -43.17 -23.60
C ASN L 8 44.32 -42.42 -24.74
N ALA L 9 45.04 -41.42 -25.28
CA ALA L 9 44.79 -40.78 -26.58
C ALA L 9 43.64 -39.78 -26.51
N THR L 10 42.87 -39.69 -25.43
CA THR L 10 41.76 -38.73 -25.34
C THR L 10 41.08 -38.80 -23.98
N PHE L 11 40.28 -37.78 -23.71
CA PHE L 11 39.27 -37.78 -22.67
C PHE L 11 38.20 -36.78 -23.05
N LYS L 12 36.95 -37.23 -23.14
CA LYS L 12 35.87 -36.41 -23.64
C LYS L 12 35.42 -35.45 -22.55
N ASN L 13 35.93 -34.22 -22.58
CA ASN L 13 35.46 -33.13 -21.76
C ASN L 13 34.32 -32.43 -22.48
N LYS L 14 33.70 -31.46 -21.80
CA LYS L 14 32.59 -30.62 -22.28
C LYS L 14 31.47 -31.47 -22.91
N GLU L 15 30.82 -32.25 -22.05
CA GLU L 15 29.67 -33.04 -22.45
C GLU L 15 28.37 -32.24 -22.55
N LYS L 16 28.41 -30.91 -22.41
CA LYS L 16 27.19 -30.12 -22.55
C LYS L 16 26.66 -30.10 -23.99
N PRO L 17 27.49 -30.07 -25.04
CA PRO L 17 26.96 -30.35 -26.40
C PRO L 17 26.18 -31.65 -26.52
N GLN L 18 26.59 -32.71 -25.83
CA GLN L 18 25.79 -33.94 -25.85
C GLN L 18 24.45 -33.73 -25.16
N GLU L 19 24.43 -32.98 -24.05
CA GLU L 19 23.19 -32.68 -23.37
C GLU L 19 22.31 -31.75 -24.19
N VAL L 20 22.93 -30.80 -24.91
CA VAL L 20 22.17 -29.86 -25.72
C VAL L 20 21.57 -30.56 -26.93
N ARG L 21 22.32 -31.48 -27.53
CA ARG L 21 21.81 -32.21 -28.70
C ARG L 21 20.65 -33.12 -28.31
N LYS L 22 20.70 -33.70 -27.12
CA LYS L 22 19.57 -34.50 -26.64
C LYS L 22 18.35 -33.64 -26.39
N ALA L 23 18.55 -32.43 -25.84
CA ALA L 23 17.43 -31.54 -25.58
C ALA L 23 16.79 -31.05 -26.88
N ASN L 24 17.60 -30.84 -27.92
CA ASN L 24 17.05 -30.39 -29.20
C ASN L 24 16.31 -31.51 -29.92
N ILE L 25 16.77 -32.76 -29.74
CA ILE L 25 16.12 -33.89 -30.42
C ILE L 25 14.75 -34.15 -29.80
N ILE L 26 14.68 -34.24 -28.47
CA ILE L 26 13.39 -34.46 -27.80
C ILE L 26 12.47 -33.26 -27.98
N ALA L 27 13.02 -32.05 -28.10
CA ALA L 27 12.19 -30.89 -28.38
C ALA L 27 11.60 -30.93 -29.77
N ALA L 28 12.37 -31.42 -30.76
CA ALA L 28 11.86 -31.52 -32.12
C ALA L 28 10.88 -32.68 -32.25
N ARG L 29 11.15 -33.80 -31.55
CA ARG L 29 10.25 -34.95 -31.62
C ARG L 29 8.93 -34.66 -30.91
N SER L 30 8.96 -33.87 -29.84
CA SER L 30 7.73 -33.53 -29.13
C SER L 30 6.82 -32.67 -30.01
N VAL L 31 7.40 -31.78 -30.81
CA VAL L 31 6.61 -31.01 -31.76
C VAL L 31 6.10 -31.92 -32.88
N ALA L 32 6.91 -32.89 -33.30
CA ALA L 32 6.50 -33.82 -34.34
C ALA L 32 5.37 -34.74 -33.90
N ASP L 33 5.22 -34.99 -32.60
CA ASP L 33 4.14 -35.84 -32.11
C ASP L 33 2.78 -35.19 -32.34
N ALA L 34 2.70 -33.87 -32.24
CA ALA L 34 1.46 -33.17 -32.53
C ALA L 34 1.14 -33.15 -34.02
N ILE L 35 2.16 -33.06 -34.87
CA ILE L 35 1.96 -33.11 -36.31
C ILE L 35 1.77 -34.54 -36.82
N ARG L 36 2.20 -35.55 -36.06
CA ARG L 36 2.10 -36.94 -36.52
C ARG L 36 0.64 -37.39 -36.67
N THR L 37 -0.26 -36.84 -35.86
CA THR L 37 -1.66 -37.26 -35.91
C THR L 37 -2.36 -36.87 -37.20
N SER L 38 -1.89 -35.84 -37.91
CA SER L 38 -2.54 -35.33 -39.11
C SER L 38 -2.11 -36.04 -40.39
N LEU L 39 -1.38 -37.15 -40.29
CA LEU L 39 -0.88 -37.84 -41.47
C LEU L 39 -1.94 -38.78 -42.04
N GLY L 40 -1.92 -38.93 -43.36
CA GLY L 40 -2.70 -39.94 -44.04
C GLY L 40 -4.15 -39.55 -44.21
N PRO L 41 -4.95 -40.44 -44.83
CA PRO L 41 -6.39 -40.15 -44.95
C PRO L 41 -7.11 -40.14 -43.61
N LYS L 42 -6.71 -41.00 -42.67
CA LYS L 42 -7.31 -41.04 -41.34
C LYS L 42 -6.71 -40.01 -40.38
N GLY L 43 -5.96 -39.02 -40.87
CA GLY L 43 -5.54 -37.92 -40.04
C GLY L 43 -6.70 -36.99 -39.72
N MET L 44 -6.40 -35.99 -38.90
CA MET L 44 -7.37 -35.01 -38.42
C MET L 44 -6.88 -33.60 -38.73
N ASP L 45 -7.80 -32.65 -38.62
CA ASP L 45 -7.55 -31.25 -38.87
C ASP L 45 -7.19 -30.56 -37.57
N LYS L 46 -6.53 -29.41 -37.69
CA LYS L 46 -6.05 -28.62 -36.55
C LYS L 46 -6.58 -27.20 -36.67
N MET L 47 -7.11 -26.68 -35.57
CA MET L 47 -7.59 -25.30 -35.47
C MET L 47 -6.65 -24.55 -34.53
N ILE L 48 -6.19 -23.39 -34.98
CA ILE L 48 -5.17 -22.59 -34.29
C ILE L 48 -5.69 -21.18 -34.16
N LYS L 49 -5.64 -20.63 -32.94
CA LYS L 49 -6.02 -19.25 -32.67
C LYS L 49 -4.76 -18.40 -32.54
N THR L 50 -4.71 -17.32 -33.30
CA THR L 50 -3.53 -16.47 -33.37
C THR L 50 -3.58 -15.41 -32.26
N SER L 51 -2.50 -14.63 -32.15
CA SER L 51 -2.43 -13.58 -31.14
C SER L 51 -3.39 -12.44 -31.45
N ARG L 52 -3.60 -12.13 -32.73
CA ARG L 52 -4.48 -11.04 -33.14
C ARG L 52 -5.96 -11.44 -33.18
N GLY L 53 -6.32 -12.62 -32.67
CA GLY L 53 -7.70 -13.08 -32.67
C GLY L 53 -8.16 -13.75 -33.94
N GLU L 54 -7.37 -13.72 -35.01
CA GLU L 54 -7.76 -14.34 -36.26
C GLU L 54 -7.75 -15.86 -36.12
N ILE L 55 -8.95 -16.45 -36.10
CA ILE L 55 -9.12 -17.89 -36.02
C ILE L 55 -8.96 -18.46 -37.42
N ILE L 56 -8.34 -19.64 -37.51
CA ILE L 56 -8.06 -20.27 -38.80
C ILE L 56 -7.98 -21.78 -38.61
N ILE L 57 -8.60 -22.52 -39.53
CA ILE L 57 -8.48 -23.97 -39.62
C ILE L 57 -7.38 -24.27 -40.63
N SER L 58 -6.63 -25.33 -40.37
CA SER L 58 -5.49 -25.69 -41.20
C SER L 58 -5.16 -27.16 -41.04
N ASN L 59 -5.36 -28.01 -42.02
CA ASN L 59 -4.92 -29.42 -41.88
C ASN L 59 -3.52 -29.60 -42.42
N ASP L 60 -3.11 -28.69 -43.31
CA ASP L 60 -1.76 -28.72 -43.90
C ASP L 60 -0.68 -28.42 -42.88
N GLY L 61 0.39 -29.21 -42.86
CA GLY L 61 1.39 -29.05 -41.82
C GLY L 61 2.23 -27.80 -41.93
N HIS L 62 2.37 -27.25 -43.14
CA HIS L 62 3.14 -26.03 -43.32
C HIS L 62 2.43 -24.84 -42.68
N THR L 63 1.14 -24.66 -42.96
CA THR L 63 0.40 -23.53 -42.41
C THR L 63 0.18 -23.70 -40.91
N ILE L 64 0.15 -24.95 -40.41
CA ILE L 64 0.06 -25.17 -38.98
C ILE L 64 1.31 -24.62 -38.28
N LEU L 65 2.47 -24.79 -38.89
CA LEU L 65 3.72 -24.40 -38.25
C LEU L 65 3.92 -22.88 -38.21
N LYS L 66 3.35 -22.14 -39.16
CA LYS L 66 3.47 -20.68 -39.12
C LYS L 66 2.73 -20.09 -37.93
N GLN L 67 1.50 -20.56 -37.69
CA GLN L 67 0.69 -20.02 -36.61
C GLN L 67 1.17 -20.44 -35.23
N MET L 68 1.87 -21.58 -35.12
CA MET L 68 2.40 -22.02 -33.84
C MET L 68 3.59 -21.15 -33.45
N ALA L 69 3.45 -20.41 -32.36
CA ALA L 69 4.52 -19.56 -31.83
C ALA L 69 5.40 -20.41 -30.93
N ILE L 70 6.43 -21.02 -31.51
CA ILE L 70 7.31 -21.95 -30.81
C ILE L 70 8.46 -21.15 -30.23
N LEU L 71 8.72 -21.35 -28.93
CA LEU L 71 9.80 -20.64 -28.25
C LEU L 71 11.16 -21.28 -28.50
N HIS L 72 11.22 -22.59 -28.69
CA HIS L 72 12.50 -23.26 -28.87
C HIS L 72 13.06 -22.92 -30.25
N PRO L 73 14.38 -22.58 -30.38
CA PRO L 73 14.86 -22.14 -31.69
C PRO L 73 15.04 -23.27 -32.69
N VAL L 74 15.47 -24.44 -32.21
CA VAL L 74 15.72 -25.56 -33.10
C VAL L 74 14.41 -26.11 -33.65
N ALA L 75 13.34 -26.07 -32.85
CA ALA L 75 12.03 -26.49 -33.32
C ALA L 75 11.45 -25.59 -34.40
N ARG L 76 11.88 -24.33 -34.47
CA ARG L 76 11.44 -23.43 -35.51
C ARG L 76 12.08 -23.71 -36.87
N MET L 77 13.11 -24.57 -36.93
CA MET L 77 13.66 -24.96 -38.22
C MET L 77 12.69 -25.80 -39.03
N LEU L 78 11.76 -26.51 -38.38
CA LEU L 78 10.74 -27.26 -39.11
C LEU L 78 9.78 -26.36 -39.86
N VAL L 79 9.63 -25.10 -39.43
CA VAL L 79 8.79 -24.15 -40.14
C VAL L 79 9.33 -23.90 -41.54
N GLU L 80 10.64 -23.76 -41.65
CA GLU L 80 11.28 -23.42 -42.93
C GLU L 80 11.46 -24.64 -43.83
N VAL L 81 11.59 -25.83 -43.26
CA VAL L 81 11.66 -27.03 -44.08
C VAL L 81 10.33 -27.28 -44.78
N SER L 82 9.23 -27.04 -44.07
CA SER L 82 7.91 -27.13 -44.70
C SER L 82 7.74 -26.06 -45.77
N ALA L 83 8.36 -24.89 -45.58
CA ALA L 83 8.33 -23.86 -46.61
C ALA L 83 9.11 -24.30 -47.84
N ALA L 84 10.27 -24.94 -47.63
CA ALA L 84 11.03 -25.48 -48.75
C ALA L 84 10.29 -26.65 -49.39
N GLN L 85 9.66 -27.50 -48.58
CA GLN L 85 8.83 -28.56 -49.14
C GLN L 85 7.60 -27.99 -49.84
N ASP L 86 7.07 -26.87 -49.35
CA ASP L 86 5.92 -26.24 -49.99
C ASP L 86 6.34 -25.48 -51.25
N SER L 87 7.48 -24.80 -51.20
CA SER L 87 7.91 -23.99 -52.34
C SER L 87 8.37 -24.84 -53.51
N GLU L 88 9.11 -25.93 -53.25
CA GLU L 88 9.64 -26.75 -54.33
C GLU L 88 8.54 -27.58 -54.98
N ALA L 89 7.90 -28.47 -54.20
CA ALA L 89 6.89 -29.39 -54.69
C ALA L 89 5.47 -28.90 -54.42
N GLY L 90 5.17 -28.56 -53.17
CA GLY L 90 3.84 -28.15 -52.76
C GLY L 90 2.98 -29.29 -52.23
N ASP L 91 3.58 -30.39 -51.77
CA ASP L 91 2.86 -31.53 -51.25
C ASP L 91 3.75 -32.30 -50.30
N GLY L 92 3.15 -32.85 -49.25
CA GLY L 92 3.90 -33.61 -48.26
C GLY L 92 4.59 -32.77 -47.22
N THR L 93 4.02 -31.62 -46.89
CA THR L 93 4.59 -30.79 -45.85
C THR L 93 4.60 -31.57 -44.53
N THR L 94 3.47 -32.19 -44.19
CA THR L 94 3.39 -32.96 -42.95
C THR L 94 4.35 -34.17 -42.94
N SER L 95 4.47 -34.86 -44.07
CA SER L 95 5.35 -36.03 -44.15
C SER L 95 6.77 -35.64 -43.79
N VAL L 96 7.27 -34.56 -44.38
CA VAL L 96 8.59 -34.08 -44.05
C VAL L 96 8.69 -33.74 -42.59
N VAL L 97 7.69 -33.13 -41.97
CA VAL L 97 7.89 -32.86 -40.54
C VAL L 97 7.86 -34.09 -39.66
N ILE L 98 7.57 -35.27 -40.19
CA ILE L 98 7.49 -36.51 -39.43
C ILE L 98 8.72 -37.37 -39.69
N LEU L 99 9.17 -37.42 -40.94
CA LEU L 99 10.40 -38.15 -41.25
C LEU L 99 11.62 -37.48 -40.64
N THR L 100 11.61 -36.15 -40.50
CA THR L 100 12.70 -35.47 -39.84
C THR L 100 12.79 -35.85 -38.37
N GLY L 101 11.65 -35.85 -37.67
CA GLY L 101 11.65 -36.28 -36.29
C GLY L 101 12.01 -37.74 -36.11
N ALA L 102 11.67 -38.57 -37.10
CA ALA L 102 12.03 -39.99 -37.02
C ALA L 102 13.53 -40.20 -37.15
N LEU L 103 14.17 -39.49 -38.08
CA LEU L 103 15.62 -39.60 -38.23
C LEU L 103 16.35 -39.00 -37.03
N LEU L 104 15.78 -37.97 -36.41
CA LEU L 104 16.35 -37.47 -35.17
C LEU L 104 16.22 -38.50 -34.04
N GLY L 105 15.14 -39.26 -34.05
CA GLY L 105 15.02 -40.36 -33.10
C GLY L 105 16.02 -41.47 -33.36
N ALA L 106 16.37 -41.70 -34.63
CA ALA L 106 17.44 -42.62 -34.95
C ALA L 106 18.78 -42.09 -34.48
N ALA L 107 19.03 -40.79 -34.69
CA ALA L 107 20.25 -40.16 -34.22
C ALA L 107 20.30 -40.01 -32.71
N GLU L 108 19.16 -40.11 -32.01
CA GLU L 108 19.17 -40.00 -30.56
C GLU L 108 19.93 -41.14 -29.91
N ARG L 109 19.59 -42.38 -30.27
CA ARG L 109 20.28 -43.54 -29.70
C ARG L 109 21.69 -43.68 -30.25
N LEU L 110 21.95 -43.18 -31.46
CA LEU L 110 23.29 -43.27 -32.05
C LEU L 110 24.29 -42.33 -31.38
N LEU L 111 23.82 -41.25 -30.74
CA LEU L 111 24.75 -40.38 -30.03
C LEU L 111 25.31 -41.06 -28.79
N ASN L 112 24.52 -41.87 -28.10
CA ASN L 112 25.00 -42.64 -26.97
C ASN L 112 25.99 -43.74 -27.36
N LYS L 113 25.99 -44.18 -28.61
CA LYS L 113 26.81 -45.30 -29.05
C LYS L 113 28.21 -44.87 -29.52
N GLY L 114 28.67 -43.69 -29.11
CA GLY L 114 30.03 -43.30 -29.37
C GLY L 114 30.37 -43.01 -30.81
N ILE L 115 29.40 -42.55 -31.61
CA ILE L 115 29.58 -42.20 -33.01
C ILE L 115 29.55 -40.68 -33.11
N HIS L 116 30.37 -40.12 -33.99
CA HIS L 116 30.43 -38.67 -34.12
C HIS L 116 29.16 -38.17 -34.82
N PRO L 117 28.74 -36.92 -34.58
CA PRO L 117 27.58 -36.40 -35.34
C PRO L 117 27.86 -36.20 -36.82
N THR L 118 29.09 -35.84 -37.20
CA THR L 118 29.40 -35.62 -38.61
C THR L 118 29.34 -36.93 -39.39
N ILE L 119 29.74 -38.03 -38.76
CA ILE L 119 29.63 -39.34 -39.41
C ILE L 119 28.15 -39.73 -39.55
N ILE L 120 27.34 -39.39 -38.55
CA ILE L 120 25.91 -39.65 -38.65
C ILE L 120 25.28 -38.78 -39.72
N ALA L 121 25.73 -37.53 -39.84
CA ALA L 121 25.16 -36.62 -40.84
C ALA L 121 25.50 -37.06 -42.25
N ASP L 122 26.77 -37.40 -42.50
CA ASP L 122 27.18 -37.81 -43.85
C ASP L 122 26.54 -39.14 -44.25
N SER L 123 26.20 -39.99 -43.27
CA SER L 123 25.56 -41.26 -43.59
C SER L 123 24.17 -41.05 -44.17
N PHE L 124 23.43 -40.06 -43.66
CA PHE L 124 22.09 -39.79 -44.20
C PHE L 124 22.17 -39.14 -45.57
N GLN L 125 23.17 -38.30 -45.81
CA GLN L 125 23.31 -37.68 -47.12
C GLN L 125 23.67 -38.72 -48.18
N SER L 126 24.54 -39.67 -47.83
CA SER L 126 24.84 -40.76 -48.75
C SER L 126 23.65 -41.71 -48.89
N ALA L 127 22.96 -41.98 -47.78
CA ALA L 127 21.77 -42.84 -47.83
C ALA L 127 20.63 -42.16 -48.58
N ALA L 128 20.47 -40.85 -48.41
CA ALA L 128 19.42 -40.13 -49.12
C ALA L 128 19.75 -40.04 -50.61
N LYS L 129 21.02 -39.86 -50.95
CA LYS L 129 21.43 -39.82 -52.35
C LYS L 129 21.18 -41.15 -53.05
N ARG L 130 21.36 -42.26 -52.33
CA ARG L 130 21.03 -43.57 -52.88
C ARG L 130 19.52 -43.77 -52.96
N SER L 131 18.77 -43.15 -52.05
CA SER L 131 17.32 -43.28 -52.08
C SER L 131 16.71 -42.64 -53.32
N VAL L 132 17.33 -41.58 -53.84
CA VAL L 132 16.82 -40.94 -55.05
C VAL L 132 17.00 -41.87 -56.25
N ASP L 133 18.16 -42.53 -56.33
CA ASP L 133 18.43 -43.44 -57.45
C ASP L 133 17.50 -44.64 -57.46
N ILE L 134 17.03 -45.08 -56.28
CA ILE L 134 16.11 -46.23 -56.24
C ILE L 134 14.75 -45.84 -56.79
N LEU L 135 14.26 -44.64 -56.43
CA LEU L 135 12.95 -44.21 -56.90
C LEU L 135 12.98 -43.84 -58.38
N LEU L 136 14.12 -43.41 -58.91
CA LEU L 136 14.22 -43.11 -60.33
C LEU L 136 14.08 -44.37 -61.18
N GLU L 137 14.46 -45.54 -60.63
CA GLU L 137 14.22 -46.80 -61.32
C GLU L 137 12.77 -47.26 -61.19
N MET L 138 12.11 -46.91 -60.08
CA MET L 138 10.76 -47.40 -59.81
C MET L 138 9.69 -46.55 -60.49
N CYS L 139 9.91 -45.24 -60.61
CA CYS L 139 8.89 -44.36 -61.15
C CYS L 139 8.70 -44.60 -62.64
N HIS L 140 7.45 -44.49 -63.09
CA HIS L 140 7.05 -44.73 -64.47
C HIS L 140 6.65 -43.41 -65.12
N LYS L 141 7.06 -43.23 -66.38
CA LYS L 141 6.72 -42.04 -67.13
C LYS L 141 5.28 -42.09 -67.62
N VAL L 142 4.72 -40.90 -67.86
CA VAL L 142 3.34 -40.75 -68.32
C VAL L 142 3.34 -39.85 -69.55
N SER L 143 2.17 -39.73 -70.21
CA SER L 143 2.04 -38.93 -71.41
C SER L 143 1.86 -37.46 -71.03
N LEU L 144 1.70 -36.60 -72.03
CA LEU L 144 1.50 -35.18 -71.77
C LEU L 144 0.15 -34.92 -71.11
N SER L 145 -0.87 -35.69 -71.50
CA SER L 145 -2.22 -35.56 -70.95
C SER L 145 -2.85 -36.93 -70.86
N ASP L 146 -3.32 -37.31 -69.67
CA ASP L 146 -3.97 -38.60 -69.46
C ASP L 146 -4.98 -38.44 -68.34
N ARG L 147 -6.26 -38.43 -68.70
CA ARG L 147 -7.32 -38.24 -67.71
C ARG L 147 -7.43 -39.41 -66.74
N GLU L 148 -7.01 -40.61 -67.13
CA GLU L 148 -7.11 -41.76 -66.24
C GLU L 148 -6.13 -41.65 -65.07
N GLN L 149 -4.94 -41.10 -65.30
CA GLN L 149 -3.90 -41.01 -64.29
C GLN L 149 -3.94 -39.69 -63.53
N LEU L 150 -4.15 -38.57 -64.23
CA LEU L 150 -4.08 -37.26 -63.60
C LEU L 150 -5.28 -37.01 -62.69
N VAL L 151 -6.48 -37.41 -63.13
CA VAL L 151 -7.67 -37.18 -62.32
C VAL L 151 -7.65 -38.07 -61.08
N ARG L 152 -7.26 -39.34 -61.24
CA ARG L 152 -7.17 -40.23 -60.10
C ARG L 152 -6.04 -39.82 -59.16
N ALA L 153 -4.93 -39.32 -59.72
CA ALA L 153 -3.82 -38.88 -58.89
C ALA L 153 -4.19 -37.63 -58.08
N ALA L 154 -4.92 -36.70 -58.69
CA ALA L 154 -5.30 -35.48 -57.99
C ALA L 154 -6.30 -35.77 -56.88
N SER L 155 -7.21 -36.72 -57.11
CA SER L 155 -8.20 -37.06 -56.09
C SER L 155 -7.59 -37.79 -54.92
N THR L 156 -6.71 -38.77 -55.18
CA THR L 156 -6.11 -39.56 -54.12
C THR L 156 -4.95 -38.85 -53.43
N SER L 157 -4.50 -37.70 -53.94
CA SER L 157 -3.42 -36.93 -53.32
C SER L 157 -3.92 -35.92 -52.29
N LEU L 158 -5.11 -35.35 -52.48
CA LEU L 158 -5.67 -34.48 -51.45
C LEU L 158 -5.94 -35.27 -50.17
N SER L 159 -6.96 -36.13 -50.19
CA SER L 159 -7.09 -37.29 -49.31
C SER L 159 -7.37 -37.01 -47.84
N SER L 160 -7.29 -35.76 -47.39
CA SER L 160 -7.44 -35.39 -45.97
C SER L 160 -8.34 -34.17 -45.75
N LYS L 161 -8.69 -33.43 -46.79
CA LYS L 161 -9.38 -32.16 -46.64
C LYS L 161 -10.89 -32.39 -46.63
N ILE L 162 -11.63 -31.28 -46.50
CA ILE L 162 -13.09 -31.34 -46.49
C ILE L 162 -13.63 -31.65 -47.88
N VAL L 163 -12.92 -31.19 -48.93
CA VAL L 163 -13.35 -31.35 -50.31
C VAL L 163 -12.82 -32.64 -50.92
N SER L 164 -12.33 -33.57 -50.10
CA SER L 164 -11.88 -34.85 -50.64
C SER L 164 -13.06 -35.68 -51.16
N GLN L 165 -14.17 -35.67 -50.43
CA GLN L 165 -15.39 -36.32 -50.90
C GLN L 165 -16.09 -35.54 -52.00
N TYR L 166 -15.85 -34.23 -52.10
CA TYR L 166 -16.25 -33.42 -53.24
C TYR L 166 -15.26 -33.51 -54.41
N SER L 167 -14.27 -34.40 -54.34
CA SER L 167 -13.25 -34.47 -55.39
C SER L 167 -13.74 -35.14 -56.67
N SER L 168 -14.99 -35.62 -56.71
CA SER L 168 -15.52 -36.22 -57.92
C SER L 168 -15.62 -35.23 -59.08
N PHE L 169 -15.76 -33.92 -58.78
CA PHE L 169 -15.85 -32.86 -59.79
C PHE L 169 -14.74 -31.83 -59.68
N LEU L 170 -14.03 -31.75 -58.56
CA LEU L 170 -12.92 -30.81 -58.39
C LEU L 170 -11.59 -31.35 -58.89
N ALA L 171 -11.43 -32.67 -58.97
CA ALA L 171 -10.19 -33.23 -59.49
C ALA L 171 -10.09 -33.02 -61.00
N PRO L 172 -11.16 -33.24 -61.78
CA PRO L 172 -11.13 -32.74 -63.17
C PRO L 172 -10.94 -31.24 -63.28
N LEU L 173 -11.43 -30.46 -62.31
CA LEU L 173 -11.26 -29.01 -62.37
C LEU L 173 -9.80 -28.62 -62.22
N ALA L 174 -9.04 -29.36 -61.40
CA ALA L 174 -7.62 -29.09 -61.25
C ALA L 174 -6.83 -29.56 -62.45
N VAL L 175 -7.23 -30.67 -63.07
CA VAL L 175 -6.52 -31.18 -64.24
C VAL L 175 -6.76 -30.27 -65.44
N ASP L 176 -8.01 -29.86 -65.66
CA ASP L 176 -8.33 -28.96 -66.75
C ASP L 176 -7.73 -27.58 -66.58
N SER L 177 -7.41 -27.16 -65.35
CA SER L 177 -6.79 -25.86 -65.14
C SER L 177 -5.33 -25.86 -65.59
N VAL L 178 -4.60 -26.93 -65.31
CA VAL L 178 -3.18 -26.99 -65.63
C VAL L 178 -2.94 -27.39 -67.08
N LEU L 179 -3.81 -28.21 -67.67
CA LEU L 179 -3.61 -28.68 -69.03
C LEU L 179 -3.70 -27.57 -70.08
N LYS L 180 -4.35 -26.44 -69.77
CA LYS L 180 -4.39 -25.33 -70.70
C LYS L 180 -3.01 -24.72 -70.93
N ILE L 181 -2.13 -24.77 -69.92
CA ILE L 181 -0.73 -24.34 -70.04
C ILE L 181 0.09 -25.60 -70.23
N SER L 182 0.66 -25.75 -71.44
CA SER L 182 1.42 -26.93 -71.82
C SER L 182 2.71 -26.51 -72.50
N ASP L 183 3.79 -27.25 -72.24
CA ASP L 183 5.08 -26.97 -72.82
C ASP L 183 5.91 -28.25 -72.81
N GLU L 184 6.75 -28.41 -73.83
CA GLU L 184 7.60 -29.59 -73.97
C GLU L 184 8.86 -29.52 -73.12
N ASN L 185 9.31 -28.32 -72.74
CA ASN L 185 10.53 -28.16 -71.96
C ASN L 185 10.35 -28.46 -70.48
N SER L 186 9.14 -28.81 -70.02
CA SER L 186 8.86 -29.12 -68.62
C SER L 186 9.17 -27.91 -67.73
N LYS L 187 8.53 -26.79 -68.06
CA LYS L 187 8.72 -25.55 -67.32
C LYS L 187 8.01 -25.61 -65.98
N ASN L 188 8.44 -24.74 -65.06
CA ASN L 188 7.74 -24.54 -63.80
C ASN L 188 6.48 -23.68 -63.97
N VAL L 189 5.32 -24.31 -64.13
CA VAL L 189 4.08 -23.60 -64.45
C VAL L 189 3.71 -22.65 -63.32
N ASP L 190 3.57 -21.37 -63.65
CA ASP L 190 3.23 -20.37 -62.65
C ASP L 190 1.74 -20.43 -62.33
N LEU L 191 1.42 -20.36 -61.03
CA LEU L 191 0.04 -20.40 -60.56
C LEU L 191 -0.60 -19.02 -60.48
N ASN L 192 0.07 -17.96 -60.94
CA ASN L 192 -0.55 -16.65 -61.00
C ASN L 192 -1.68 -16.59 -62.01
N ASP L 193 -1.62 -17.40 -63.07
CA ASP L 193 -2.70 -17.48 -64.03
C ASP L 193 -3.94 -18.17 -63.47
N ILE L 194 -3.80 -18.96 -62.39
CA ILE L 194 -4.90 -19.66 -61.74
C ILE L 194 -5.21 -18.90 -60.46
N ARG L 195 -6.19 -18.00 -60.53
CA ARG L 195 -6.61 -17.18 -59.39
C ARG L 195 -7.75 -17.86 -58.66
N LEU L 196 -7.65 -17.91 -57.33
CA LEU L 196 -8.66 -18.51 -56.45
C LEU L 196 -9.39 -17.38 -55.74
N VAL L 197 -10.60 -17.08 -56.19
CA VAL L 197 -11.41 -15.99 -55.64
C VAL L 197 -12.25 -16.56 -54.51
N LYS L 198 -12.17 -15.91 -53.33
CA LYS L 198 -12.89 -16.33 -52.13
C LYS L 198 -14.12 -15.45 -51.98
N LYS L 199 -15.30 -16.07 -52.04
CA LYS L 199 -16.58 -15.39 -51.83
C LYS L 199 -17.34 -16.12 -50.72
N VAL L 200 -17.68 -15.38 -49.66
CA VAL L 200 -18.38 -15.96 -48.52
C VAL L 200 -19.85 -16.08 -48.87
N GLY L 201 -20.36 -17.31 -48.85
CA GLY L 201 -21.75 -17.60 -49.16
C GLY L 201 -21.92 -18.90 -49.93
N GLY L 202 -23.10 -19.48 -49.87
CA GLY L 202 -23.38 -20.70 -50.59
C GLY L 202 -22.75 -21.92 -49.96
N THR L 203 -22.45 -22.90 -50.82
CA THR L 203 -21.83 -24.17 -50.43
C THR L 203 -20.69 -24.49 -51.39
N ILE L 204 -19.87 -25.47 -50.98
CA ILE L 204 -18.74 -25.90 -51.79
C ILE L 204 -19.17 -26.64 -53.06
N ASP L 205 -20.34 -27.31 -53.02
CA ASP L 205 -20.83 -28.03 -54.18
C ASP L 205 -21.13 -27.11 -55.36
N ASP L 206 -21.46 -25.85 -55.10
CA ASP L 206 -21.68 -24.88 -56.17
C ASP L 206 -20.40 -24.40 -56.86
N THR L 207 -19.23 -24.80 -56.37
CA THR L 207 -17.97 -24.40 -57.00
C THR L 207 -17.84 -25.04 -58.37
N GLU L 208 -17.52 -24.23 -59.37
CA GLU L 208 -17.35 -24.71 -60.73
C GLU L 208 -16.44 -23.76 -61.49
N MET L 209 -15.77 -24.28 -62.51
CA MET L 209 -14.86 -23.49 -63.31
C MET L 209 -15.65 -22.49 -64.17
N ILE L 210 -15.36 -21.21 -63.99
CA ILE L 210 -15.94 -20.14 -64.78
C ILE L 210 -15.15 -20.06 -66.08
N ASP L 211 -15.86 -19.91 -67.21
CA ASP L 211 -15.19 -19.90 -68.51
C ASP L 211 -14.34 -18.64 -68.67
N GLY L 212 -14.85 -17.48 -68.27
CA GLY L 212 -14.16 -16.22 -68.44
C GLY L 212 -13.47 -15.74 -67.17
N VAL L 213 -13.01 -14.50 -67.17
CA VAL L 213 -12.33 -13.91 -66.02
C VAL L 213 -13.38 -13.36 -65.07
N VAL L 214 -13.44 -13.93 -63.86
CA VAL L 214 -14.36 -13.48 -62.82
C VAL L 214 -13.71 -12.34 -62.05
N LEU L 215 -14.48 -11.29 -61.80
CA LEU L 215 -14.05 -10.12 -61.06
C LEU L 215 -14.57 -10.21 -59.63
N THR L 216 -13.72 -9.86 -58.66
CA THR L 216 -14.11 -9.97 -57.26
C THR L 216 -14.92 -8.77 -56.81
N GLN L 217 -14.53 -7.57 -57.24
CA GLN L 217 -15.21 -6.36 -56.79
C GLN L 217 -16.61 -6.26 -57.39
N THR L 218 -17.46 -5.49 -56.69
CA THR L 218 -18.83 -5.23 -57.11
C THR L 218 -18.90 -3.92 -57.87
N ALA L 219 -20.07 -3.64 -58.45
CA ALA L 219 -20.28 -2.42 -59.20
C ALA L 219 -20.49 -1.24 -58.25
N ILE L 220 -20.44 -0.04 -58.81
CA ILE L 220 -20.52 1.18 -58.00
C ILE L 220 -21.95 1.48 -57.62
N LYS L 221 -22.87 1.39 -58.59
CA LYS L 221 -24.30 1.66 -58.41
C LYS L 221 -24.58 3.06 -57.89
N SER L 222 -23.74 4.04 -58.25
CA SER L 222 -24.04 5.43 -57.94
C SER L 222 -25.12 6.00 -58.85
N ALA L 223 -25.05 5.68 -60.14
CA ALA L 223 -26.08 6.03 -61.12
C ALA L 223 -27.02 4.86 -61.35
N GLY L 224 -26.47 3.68 -61.62
CA GLY L 224 -27.27 2.47 -61.78
C GLY L 224 -28.07 2.44 -63.06
N GLY L 225 -27.50 2.90 -64.17
CA GLY L 225 -28.18 2.90 -65.44
C GLY L 225 -28.36 1.51 -66.02
N PRO L 226 -27.26 0.86 -66.40
CA PRO L 226 -27.37 -0.48 -67.00
C PRO L 226 -27.53 -1.56 -65.95
N THR L 227 -28.20 -2.66 -66.37
CA THR L 227 -28.48 -3.82 -65.54
C THR L 227 -27.76 -5.06 -66.03
N ARG L 228 -27.90 -5.40 -67.31
CA ARG L 228 -27.31 -6.59 -67.91
C ARG L 228 -26.84 -6.26 -69.31
N LYS L 229 -25.57 -6.58 -69.61
CA LYS L 229 -24.94 -6.26 -70.88
C LYS L 229 -24.84 -7.52 -71.72
N GLU L 230 -24.86 -7.36 -73.05
CA GLU L 230 -24.68 -8.45 -73.99
C GLU L 230 -23.90 -7.95 -75.20
N LYS L 231 -22.88 -8.71 -75.60
CA LYS L 231 -21.94 -8.34 -76.65
C LYS L 231 -21.29 -6.98 -76.34
N ALA L 232 -20.56 -6.96 -75.22
CA ALA L 232 -19.90 -5.78 -74.71
C ALA L 232 -18.41 -5.81 -75.02
N LYS L 233 -17.86 -4.63 -75.28
CA LYS L 233 -16.44 -4.43 -75.52
C LYS L 233 -15.78 -3.91 -74.26
N ILE L 234 -14.82 -4.66 -73.73
CA ILE L 234 -14.20 -4.38 -72.45
C ILE L 234 -12.94 -3.58 -72.68
N GLY L 235 -12.74 -2.55 -71.86
CA GLY L 235 -11.53 -1.73 -71.88
C GLY L 235 -10.99 -1.55 -70.48
N LEU L 236 -9.66 -1.43 -70.39
CA LEU L 236 -8.93 -1.29 -69.13
C LEU L 236 -8.35 0.11 -69.06
N ILE L 237 -8.95 0.96 -68.22
CA ILE L 237 -8.50 2.33 -68.02
C ILE L 237 -7.52 2.33 -66.85
N GLN L 238 -6.34 2.92 -67.06
CA GLN L 238 -5.33 3.11 -66.02
C GLN L 238 -5.24 4.56 -65.53
N PHE L 239 -5.68 5.52 -66.33
CA PHE L 239 -5.72 6.91 -65.91
C PHE L 239 -6.97 7.14 -65.06
N GLN L 240 -7.21 8.41 -64.70
CA GLN L 240 -8.31 8.81 -63.85
C GLN L 240 -9.24 9.74 -64.62
N ILE L 241 -10.55 9.52 -64.44
CA ILE L 241 -11.59 10.33 -65.06
C ILE L 241 -11.97 11.40 -64.05
N SER L 242 -11.56 12.64 -64.33
CA SER L 242 -11.76 13.75 -63.40
C SER L 242 -11.78 15.03 -64.22
N PRO L 243 -12.12 16.16 -63.59
CA PRO L 243 -11.93 17.45 -64.28
C PRO L 243 -10.47 17.71 -64.58
N PRO L 244 -10.15 18.63 -65.50
CA PRO L 244 -8.76 18.77 -65.94
C PRO L 244 -7.87 19.34 -64.85
N LYS L 245 -6.83 18.60 -64.49
CA LYS L 245 -5.80 19.09 -63.58
C LYS L 245 -4.57 18.20 -63.75
N PRO L 246 -3.36 18.74 -63.59
CA PRO L 246 -2.19 17.85 -63.42
C PRO L 246 -2.25 17.10 -62.10
N ASP L 247 -1.28 16.19 -61.94
CA ASP L 247 -1.18 15.42 -60.70
C ASP L 247 -0.85 16.28 -59.49
N THR L 248 -0.15 17.40 -59.68
CA THR L 248 0.24 18.29 -58.60
C THR L 248 -0.88 19.28 -58.33
N GLU L 249 -0.74 20.02 -57.22
CA GLU L 249 -1.74 21.02 -56.85
C GLU L 249 -1.63 22.24 -57.75
N ASN L 250 -2.76 22.89 -57.99
CA ASN L 250 -2.88 24.05 -58.87
C ASN L 250 -3.72 25.12 -58.20
N ASN L 251 -3.70 26.31 -58.81
CA ASN L 251 -4.49 27.45 -58.37
C ASN L 251 -5.24 28.02 -59.55
N ILE L 252 -6.57 28.12 -59.42
CA ILE L 252 -7.45 28.68 -60.44
C ILE L 252 -8.10 29.92 -59.84
N ILE L 253 -8.00 31.03 -60.56
CA ILE L 253 -8.52 32.33 -60.12
C ILE L 253 -9.72 32.70 -60.98
N VAL L 254 -10.55 33.60 -60.46
CA VAL L 254 -11.76 34.07 -61.12
C VAL L 254 -11.80 35.58 -60.97
N ASN L 255 -11.53 36.30 -62.06
CA ASN L 255 -11.54 37.75 -62.08
C ASN L 255 -12.86 38.35 -62.58
N ASP L 256 -13.82 37.54 -63.02
CA ASP L 256 -15.09 38.04 -63.53
C ASP L 256 -16.14 36.95 -63.38
N TYR L 257 -17.38 37.38 -63.18
CA TYR L 257 -18.49 36.45 -62.99
C TYR L 257 -18.77 35.61 -64.22
N ARG L 258 -18.42 36.08 -65.42
CA ARG L 258 -18.62 35.30 -66.64
C ARG L 258 -17.64 34.15 -66.79
N GLN L 259 -16.53 34.16 -66.06
CA GLN L 259 -15.57 33.07 -66.16
C GLN L 259 -16.09 31.78 -65.54
N MET L 260 -16.98 31.88 -64.54
CA MET L 260 -17.52 30.69 -63.91
C MET L 260 -18.39 29.88 -64.87
N ASP L 261 -19.09 30.55 -65.78
CA ASP L 261 -19.90 29.83 -66.77
C ASP L 261 -19.03 29.01 -67.70
N LYS L 262 -17.86 29.55 -68.08
CA LYS L 262 -16.95 28.79 -68.94
C LYS L 262 -16.28 27.66 -68.17
N ILE L 263 -16.02 27.86 -66.87
CA ILE L 263 -15.33 26.84 -66.08
C ILE L 263 -16.26 25.65 -65.87
N LEU L 264 -17.51 25.90 -65.47
CA LEU L 264 -18.45 24.81 -65.23
C LEU L 264 -18.83 24.06 -66.50
N LYS L 265 -18.83 24.74 -67.65
CA LYS L 265 -19.13 24.10 -68.92
C LYS L 265 -17.94 23.31 -69.46
N GLU L 266 -16.73 23.85 -69.32
CA GLU L 266 -15.55 23.19 -69.86
C GLU L 266 -15.10 22.02 -68.99
N GLU L 267 -15.41 22.03 -67.69
CA GLU L 267 -15.06 20.90 -66.84
C GLU L 267 -15.84 19.65 -67.22
N ARG L 268 -17.13 19.78 -67.51
CA ARG L 268 -17.92 18.66 -68.00
C ARG L 268 -17.65 18.36 -69.48
N ALA L 269 -17.20 19.36 -70.25
CA ALA L 269 -16.82 19.11 -71.63
C ALA L 269 -15.61 18.20 -71.73
N TYR L 270 -14.67 18.31 -70.79
CA TYR L 270 -13.54 17.39 -70.75
C TYR L 270 -14.00 15.97 -70.44
N LEU L 271 -15.07 15.85 -69.63
CA LEU L 271 -15.70 14.55 -69.41
C LEU L 271 -16.58 14.15 -70.60
N LEU L 272 -17.14 15.12 -71.32
CA LEU L 272 -18.06 14.80 -72.41
C LEU L 272 -17.30 14.21 -73.61
N ASN L 273 -16.23 14.87 -74.06
CA ASN L 273 -15.51 14.37 -75.22
C ASN L 273 -14.80 13.04 -74.95
N ILE L 274 -14.49 12.73 -73.69
CA ILE L 274 -13.99 11.40 -73.35
C ILE L 274 -15.10 10.37 -73.58
N CYS L 275 -16.34 10.71 -73.20
CA CYS L 275 -17.45 9.81 -73.45
C CYS L 275 -17.77 9.70 -74.94
N LYS L 276 -17.51 10.76 -75.71
CA LYS L 276 -17.69 10.67 -77.16
C LYS L 276 -16.68 9.73 -77.78
N LYS L 277 -15.41 9.81 -77.36
CA LYS L 277 -14.41 8.88 -77.86
C LYS L 277 -14.70 7.46 -77.38
N ILE L 278 -15.27 7.30 -76.19
CA ILE L 278 -15.70 5.99 -75.73
C ILE L 278 -16.86 5.50 -76.58
N LYS L 279 -17.76 6.40 -76.98
CA LYS L 279 -18.87 6.02 -77.85
C LYS L 279 -18.40 5.75 -79.27
N LYS L 280 -17.40 6.49 -79.75
CA LYS L 280 -16.86 6.23 -81.08
C LYS L 280 -16.16 4.87 -81.14
N ALA L 281 -15.44 4.51 -80.09
CA ALA L 281 -14.80 3.20 -79.99
C ALA L 281 -15.75 2.10 -79.51
N LYS L 282 -17.03 2.43 -79.23
CA LYS L 282 -18.09 1.50 -78.80
C LYS L 282 -17.64 0.59 -77.65
N CYS L 283 -16.90 1.17 -76.70
CA CYS L 283 -16.45 0.46 -75.51
C CYS L 283 -17.56 0.51 -74.46
N ASN L 284 -18.13 -0.67 -74.16
CA ASN L 284 -19.30 -0.77 -73.30
C ASN L 284 -18.98 -1.06 -71.83
N VAL L 285 -17.79 -1.57 -71.52
CA VAL L 285 -17.37 -1.91 -70.16
C VAL L 285 -16.00 -1.29 -69.93
N LEU L 286 -15.88 -0.57 -68.81
CA LEU L 286 -14.66 0.14 -68.43
C LEU L 286 -14.21 -0.34 -67.06
N LEU L 287 -12.90 -0.48 -66.88
CA LEU L 287 -12.28 -0.90 -65.63
C LEU L 287 -11.26 0.15 -65.22
N ILE L 288 -11.52 0.81 -64.09
CA ILE L 288 -10.71 1.93 -63.61
C ILE L 288 -9.94 1.46 -62.38
N GLN L 289 -8.67 1.84 -62.30
CA GLN L 289 -7.81 1.42 -61.20
C GLN L 289 -8.21 2.13 -59.91
N LYS L 290 -7.49 1.82 -58.83
CA LYS L 290 -7.80 2.38 -57.52
C LYS L 290 -7.61 3.89 -57.50
N SER L 291 -6.37 4.35 -57.75
CA SER L 291 -6.03 5.77 -57.88
C SER L 291 -6.38 6.55 -56.60
N ILE L 292 -5.66 6.22 -55.53
CA ILE L 292 -5.86 6.92 -54.27
C ILE L 292 -5.47 8.39 -54.36
N LEU L 293 -4.47 8.73 -55.19
CA LEU L 293 -3.96 10.10 -55.24
C LEU L 293 -4.88 11.06 -55.96
N ARG L 294 -5.57 10.60 -57.02
CA ARG L 294 -6.46 11.42 -57.84
C ARG L 294 -7.80 10.72 -57.96
N ASP L 295 -8.88 11.52 -57.93
CA ASP L 295 -10.23 10.96 -57.87
C ASP L 295 -10.54 10.18 -59.14
N ALA L 296 -11.02 8.95 -58.95
CA ALA L 296 -11.24 8.04 -60.07
C ALA L 296 -12.46 8.47 -60.89
N VAL L 297 -13.60 8.67 -60.23
CA VAL L 297 -14.85 9.09 -60.86
C VAL L 297 -15.54 10.07 -59.95
N ASN L 298 -16.61 10.68 -60.48
CA ASN L 298 -17.44 11.62 -59.74
C ASN L 298 -18.87 11.51 -60.26
N ASP L 299 -19.78 12.24 -59.62
CA ASP L 299 -21.19 12.19 -60.00
C ASP L 299 -21.42 12.72 -61.41
N LEU L 300 -20.59 13.67 -61.86
CA LEU L 300 -20.74 14.19 -63.22
C LEU L 300 -20.36 13.13 -64.25
N ALA L 301 -19.20 12.50 -64.09
CA ALA L 301 -18.74 11.51 -65.06
C ALA L 301 -19.63 10.27 -65.06
N LEU L 302 -20.16 9.89 -63.89
CA LEU L 302 -21.07 8.76 -63.82
C LEU L 302 -22.38 9.04 -64.55
N HIS L 303 -22.81 10.31 -64.58
CA HIS L 303 -24.07 10.65 -65.24
C HIS L 303 -23.99 10.52 -66.76
N PHE L 304 -22.87 10.94 -67.36
CA PHE L 304 -22.73 10.82 -68.82
C PHE L 304 -22.63 9.36 -69.23
N LEU L 305 -21.90 8.55 -68.46
CA LEU L 305 -21.82 7.13 -68.73
C LEU L 305 -23.11 6.39 -68.44
N SER L 306 -23.98 6.93 -67.58
CA SER L 306 -25.26 6.29 -67.31
C SER L 306 -26.18 6.34 -68.52
N LYS L 307 -26.09 7.40 -69.33
CA LYS L 307 -26.92 7.48 -70.53
C LYS L 307 -26.45 6.52 -71.61
N LEU L 308 -25.15 6.31 -71.72
CA LEU L 308 -24.58 5.40 -72.71
C LEU L 308 -24.67 3.92 -72.31
N ASN L 309 -25.17 3.61 -71.11
CA ASN L 309 -25.31 2.23 -70.64
C ASN L 309 -23.94 1.54 -70.55
N ILE L 310 -23.07 2.13 -69.73
CA ILE L 310 -21.70 1.67 -69.53
C ILE L 310 -21.49 1.46 -68.04
N MET L 311 -21.13 0.24 -67.66
CA MET L 311 -20.81 -0.06 -66.26
C MET L 311 -19.39 0.39 -65.94
N VAL L 312 -19.13 0.60 -64.65
CA VAL L 312 -17.81 1.03 -64.17
C VAL L 312 -17.56 0.38 -62.81
N VAL L 313 -16.28 0.19 -62.50
CA VAL L 313 -15.83 -0.41 -61.25
C VAL L 313 -14.57 0.30 -60.77
N LYS L 314 -14.24 0.09 -59.50
CA LYS L 314 -13.05 0.65 -58.85
C LYS L 314 -12.41 -0.41 -57.97
N ASP L 315 -11.31 -0.03 -57.31
CA ASP L 315 -10.59 -0.88 -56.36
C ASP L 315 -10.06 -2.15 -57.04
N ILE L 316 -9.21 -1.92 -58.05
CA ILE L 316 -8.50 -2.98 -58.76
C ILE L 316 -7.05 -2.96 -58.29
N GLU L 317 -6.54 -4.13 -57.91
CA GLU L 317 -5.16 -4.23 -57.46
C GLU L 317 -4.21 -4.06 -58.64
N ARG L 318 -3.07 -3.41 -58.38
CA ARG L 318 -2.07 -3.18 -59.41
C ARG L 318 -1.44 -4.46 -59.92
N GLU L 319 -1.37 -5.51 -59.10
CA GLU L 319 -0.78 -6.77 -59.49
C GLU L 319 -1.69 -7.61 -60.38
N GLU L 320 -3.01 -7.39 -60.34
CA GLU L 320 -3.95 -8.16 -61.13
C GLU L 320 -4.09 -7.66 -62.56
N ILE L 321 -3.32 -6.64 -62.97
CA ILE L 321 -3.44 -6.12 -64.33
C ILE L 321 -2.93 -7.15 -65.34
N GLU L 322 -1.93 -7.94 -64.96
CA GLU L 322 -1.45 -8.99 -65.84
C GLU L 322 -2.51 -10.06 -66.05
N PHE L 323 -3.29 -10.37 -65.01
CA PHE L 323 -4.30 -11.42 -65.12
C PHE L 323 -5.47 -10.97 -65.98
N LEU L 324 -5.92 -9.72 -65.81
CA LEU L 324 -7.06 -9.23 -66.58
C LEU L 324 -6.68 -9.02 -68.04
N SER L 325 -5.48 -8.48 -68.30
CA SER L 325 -5.08 -8.21 -69.67
C SER L 325 -4.81 -9.50 -70.44
N LYS L 326 -4.07 -10.43 -69.84
CA LYS L 326 -3.77 -11.69 -70.52
C LYS L 326 -4.99 -12.60 -70.60
N GLY L 327 -5.91 -12.50 -69.62
CA GLY L 327 -7.10 -13.32 -69.63
C GLY L 327 -8.15 -12.84 -70.59
N LEU L 328 -8.62 -11.61 -70.42
CA LEU L 328 -9.62 -11.03 -71.31
C LEU L 328 -9.05 -10.61 -72.66
N GLY L 329 -7.74 -10.58 -72.83
CA GLY L 329 -7.16 -10.14 -74.08
C GLY L 329 -7.29 -8.66 -74.37
N CYS L 330 -7.50 -7.84 -73.34
CA CYS L 330 -7.67 -6.40 -73.48
C CYS L 330 -6.39 -5.71 -73.01
N LYS L 331 -5.78 -4.95 -73.91
CA LYS L 331 -4.58 -4.21 -73.53
C LYS L 331 -4.99 -3.05 -72.62
N PRO L 332 -4.17 -2.65 -71.64
CA PRO L 332 -4.54 -1.48 -70.83
C PRO L 332 -4.53 -0.20 -71.63
N ILE L 333 -5.09 0.85 -71.04
CA ILE L 333 -5.16 2.19 -71.63
C ILE L 333 -4.75 3.18 -70.56
N ALA L 334 -3.81 4.07 -70.90
CA ALA L 334 -3.33 5.13 -70.02
C ALA L 334 -3.35 6.51 -70.68
N ASP L 335 -3.99 6.68 -71.82
CA ASP L 335 -4.07 7.97 -72.49
C ASP L 335 -5.29 7.96 -73.41
N ILE L 336 -5.99 9.09 -73.46
CA ILE L 336 -7.21 9.17 -74.25
C ILE L 336 -6.91 9.24 -75.75
N GLU L 337 -5.76 9.78 -76.15
CA GLU L 337 -5.46 9.89 -77.57
C GLU L 337 -5.18 8.54 -78.20
N LEU L 338 -4.49 7.65 -77.47
CA LEU L 338 -4.17 6.31 -77.95
C LEU L 338 -5.31 5.31 -77.74
N PHE L 339 -6.49 5.76 -77.30
CA PHE L 339 -7.62 4.86 -77.10
C PHE L 339 -8.26 4.56 -78.45
N THR L 340 -8.40 3.27 -78.76
CA THR L 340 -8.93 2.83 -80.04
C THR L 340 -9.57 1.46 -79.87
N GLU L 341 -10.15 0.95 -80.97
CA GLU L 341 -10.88 -0.31 -80.93
C GLU L 341 -9.96 -1.52 -81.02
N ASP L 342 -8.80 -1.39 -81.65
CA ASP L 342 -7.88 -2.52 -81.82
C ASP L 342 -7.34 -3.04 -80.49
N ARG L 343 -7.23 -2.19 -79.48
CA ARG L 343 -6.71 -2.59 -78.17
C ARG L 343 -7.75 -3.20 -77.25
N LEU L 344 -9.02 -3.22 -77.65
CA LEU L 344 -10.11 -3.73 -76.81
C LEU L 344 -10.39 -5.19 -77.13
N GLY L 345 -10.88 -5.92 -76.14
CA GLY L 345 -11.27 -7.31 -76.29
C GLY L 345 -12.73 -7.44 -76.70
N SER L 346 -13.29 -8.61 -76.41
CA SER L 346 -14.67 -8.91 -76.71
C SER L 346 -15.17 -10.02 -75.80
N ALA L 347 -16.49 -10.04 -75.59
CA ALA L 347 -17.13 -11.07 -74.80
C ALA L 347 -18.60 -11.16 -75.19
N ASP L 348 -19.20 -12.32 -74.94
CA ASP L 348 -20.59 -12.56 -75.27
C ASP L 348 -21.55 -12.05 -74.20
N LEU L 349 -21.23 -12.29 -72.92
CA LEU L 349 -22.10 -11.97 -71.80
C LEU L 349 -21.24 -11.46 -70.65
N VAL L 350 -21.55 -10.24 -70.19
CA VAL L 350 -20.93 -9.65 -69.01
C VAL L 350 -22.07 -9.15 -68.12
N GLU L 351 -22.19 -9.72 -66.92
CA GLU L 351 -23.29 -9.45 -66.02
C GLU L 351 -22.82 -9.51 -64.58
N GLU L 352 -23.70 -9.13 -63.67
CA GLU L 352 -23.43 -9.13 -62.23
C GLU L 352 -24.67 -9.69 -61.53
N ILE L 353 -24.55 -10.93 -61.04
CA ILE L 353 -25.65 -11.62 -60.39
C ILE L 353 -25.56 -11.41 -58.89
N ASP L 354 -26.70 -11.56 -58.22
CA ASP L 354 -26.83 -11.48 -56.76
C ASP L 354 -27.42 -12.81 -56.31
N SER L 355 -26.56 -13.79 -56.07
CA SER L 355 -26.97 -15.16 -55.75
C SER L 355 -27.03 -15.28 -54.22
N ASP L 356 -28.17 -14.89 -53.65
CA ASP L 356 -28.45 -15.04 -52.23
C ASP L 356 -27.46 -14.25 -51.38
N GLY L 357 -27.38 -12.94 -51.64
CA GLY L 357 -26.53 -12.04 -50.89
C GLY L 357 -25.12 -11.89 -51.42
N SER L 358 -24.53 -12.97 -51.93
CA SER L 358 -23.17 -12.93 -52.46
C SER L 358 -23.19 -12.29 -53.84
N LYS L 359 -22.65 -11.09 -53.94
CA LYS L 359 -22.64 -10.31 -55.17
C LYS L 359 -21.31 -10.54 -55.88
N ILE L 360 -21.37 -10.85 -57.17
CA ILE L 360 -20.20 -11.22 -57.96
C ILE L 360 -20.41 -10.75 -59.40
N VAL L 361 -19.33 -10.26 -60.01
CA VAL L 361 -19.30 -9.90 -61.42
C VAL L 361 -18.65 -11.04 -62.17
N ARG L 362 -19.28 -11.48 -63.25
CA ARG L 362 -18.84 -12.63 -64.05
C ARG L 362 -18.80 -12.26 -65.53
N VAL L 363 -17.75 -12.72 -66.20
CA VAL L 363 -17.57 -12.58 -67.64
C VAL L 363 -17.55 -13.98 -68.24
N THR L 364 -18.15 -14.13 -69.42
CA THR L 364 -18.32 -15.42 -70.09
C THR L 364 -17.70 -15.34 -71.48
N GLY L 365 -16.65 -16.12 -71.69
CA GLY L 365 -16.06 -16.28 -73.02
C GLY L 365 -15.13 -15.14 -73.39
N ILE L 366 -14.10 -15.49 -74.18
CA ILE L 366 -13.14 -14.55 -74.73
C ILE L 366 -12.95 -14.90 -76.19
N ARG L 367 -13.18 -13.92 -77.08
CA ARG L 367 -13.08 -14.11 -78.52
C ARG L 367 -11.69 -13.75 -79.07
N ASN L 368 -10.77 -13.25 -78.24
CA ASN L 368 -9.43 -12.93 -78.73
C ASN L 368 -8.66 -14.18 -79.11
N ASN L 369 -8.73 -15.22 -78.27
CA ASN L 369 -8.03 -16.49 -78.48
C ASN L 369 -6.52 -16.26 -78.59
N ASN L 370 -5.96 -15.81 -77.47
CA ASN L 370 -4.53 -15.51 -77.39
C ASN L 370 -3.75 -16.82 -77.29
N ALA L 371 -2.43 -16.71 -77.09
CA ALA L 371 -1.57 -17.89 -77.07
C ALA L 371 -1.83 -18.74 -75.83
N ARG L 372 -1.68 -18.14 -74.64
CA ARG L 372 -1.82 -18.83 -73.37
C ARG L 372 -3.03 -18.27 -72.64
N PRO L 373 -4.18 -18.94 -72.63
CA PRO L 373 -5.31 -18.44 -71.83
C PRO L 373 -5.03 -18.56 -70.34
N THR L 374 -5.98 -18.04 -69.56
CA THR L 374 -5.95 -18.02 -68.11
C THR L 374 -7.13 -18.79 -67.54
N VAL L 375 -7.08 -19.07 -66.24
CA VAL L 375 -8.09 -19.85 -65.53
C VAL L 375 -8.59 -19.00 -64.37
N SER L 376 -9.90 -19.03 -64.16
CA SER L 376 -10.55 -18.32 -63.05
C SER L 376 -11.66 -19.22 -62.50
N VAL L 377 -11.62 -19.47 -61.19
CA VAL L 377 -12.59 -20.29 -60.50
C VAL L 377 -12.91 -19.63 -59.15
N VAL L 378 -14.20 -19.47 -58.87
CA VAL L 378 -14.67 -18.90 -57.61
C VAL L 378 -14.91 -20.04 -56.63
N ILE L 379 -14.53 -19.81 -55.38
CA ILE L 379 -14.69 -20.78 -54.29
C ILE L 379 -15.80 -20.26 -53.39
N ARG L 380 -16.85 -21.06 -53.24
CA ARG L 380 -17.99 -20.76 -52.37
C ARG L 380 -17.98 -21.72 -51.19
N GLY L 381 -18.57 -21.27 -50.09
CA GLY L 381 -18.61 -22.08 -48.89
C GLY L 381 -19.53 -21.48 -47.85
N ALA L 382 -19.93 -22.33 -46.90
CA ALA L 382 -20.81 -21.89 -45.83
C ALA L 382 -20.09 -20.97 -44.84
N ASN L 383 -18.84 -21.33 -44.50
CA ASN L 383 -18.04 -20.63 -43.50
C ASN L 383 -16.81 -20.05 -44.17
N ASN L 384 -16.31 -18.94 -43.62
CA ASN L 384 -15.11 -18.32 -44.16
C ASN L 384 -13.86 -19.16 -43.87
N MET L 385 -13.87 -19.95 -42.81
CA MET L 385 -12.71 -20.76 -42.46
C MET L 385 -12.48 -21.86 -43.48
N ILE L 386 -13.54 -22.62 -43.81
CA ILE L 386 -13.40 -23.69 -44.79
C ILE L 386 -13.10 -23.16 -46.19
N ILE L 387 -13.51 -21.92 -46.50
CA ILE L 387 -13.16 -21.32 -47.77
C ILE L 387 -11.66 -21.08 -47.83
N ASP L 388 -11.05 -20.72 -46.71
CA ASP L 388 -9.59 -20.61 -46.66
C ASP L 388 -8.93 -21.97 -46.76
N GLU L 389 -9.55 -23.00 -46.20
CA GLU L 389 -9.03 -24.36 -46.33
C GLU L 389 -9.21 -24.87 -47.76
N THR L 390 -10.32 -24.50 -48.40
CA THR L 390 -10.55 -24.92 -49.78
C THR L 390 -9.57 -24.25 -50.74
N GLU L 391 -9.09 -23.06 -50.40
CA GLU L 391 -8.10 -22.39 -51.24
C GLU L 391 -6.77 -23.16 -51.22
N ARG L 392 -6.21 -23.38 -50.04
CA ARG L 392 -4.97 -24.13 -49.93
C ARG L 392 -5.14 -25.60 -50.27
N SER L 393 -6.36 -26.13 -50.17
CA SER L 393 -6.60 -27.50 -50.61
C SER L 393 -6.43 -27.63 -52.12
N LEU L 394 -7.08 -26.75 -52.89
CA LEU L 394 -6.92 -26.76 -54.34
C LEU L 394 -5.50 -26.38 -54.75
N HIS L 395 -4.81 -25.59 -53.93
CA HIS L 395 -3.40 -25.29 -54.19
C HIS L 395 -2.56 -26.57 -54.16
N ASP L 396 -2.90 -27.51 -53.28
CA ASP L 396 -2.19 -28.79 -53.25
C ASP L 396 -2.49 -29.60 -54.50
N ALA L 397 -3.73 -29.54 -54.99
CA ALA L 397 -4.08 -30.28 -56.21
C ALA L 397 -3.35 -29.72 -57.43
N LEU L 398 -3.25 -28.41 -57.54
CA LEU L 398 -2.50 -27.81 -58.64
C LEU L 398 -1.00 -28.08 -58.49
N CYS L 399 -0.49 -28.05 -57.26
CA CYS L 399 0.92 -28.28 -57.04
C CYS L 399 1.29 -29.74 -57.28
N VAL L 400 0.41 -30.67 -56.92
CA VAL L 400 0.68 -32.09 -57.19
C VAL L 400 0.70 -32.34 -58.69
N ILE L 401 -0.20 -31.70 -59.43
CA ILE L 401 -0.18 -31.82 -60.88
C ILE L 401 1.00 -31.04 -61.46
N ARG L 402 1.43 -29.96 -60.79
CA ARG L 402 2.63 -29.25 -61.20
C ARG L 402 3.87 -30.13 -61.07
N CYS L 403 3.88 -31.03 -60.08
CA CYS L 403 4.99 -31.95 -59.94
C CYS L 403 5.03 -32.97 -61.07
N LEU L 404 3.88 -33.34 -61.62
CA LEU L 404 3.83 -34.33 -62.68
C LEU L 404 4.18 -33.76 -64.06
N VAL L 405 3.83 -32.50 -64.32
CA VAL L 405 4.13 -31.90 -65.61
C VAL L 405 5.60 -31.48 -65.71
N LYS L 406 6.23 -31.12 -64.58
CA LYS L 406 7.65 -30.79 -64.56
C LYS L 406 8.54 -32.02 -64.48
N GLU L 407 8.04 -33.12 -63.90
CA GLU L 407 8.77 -34.38 -63.82
C GLU L 407 7.78 -35.51 -64.09
N ARG L 408 8.09 -36.33 -65.09
CA ARG L 408 7.16 -37.36 -65.55
C ARG L 408 7.05 -38.56 -64.60
N GLY L 409 7.86 -38.62 -63.54
CA GLY L 409 7.82 -39.77 -62.64
C GLY L 409 6.50 -39.84 -61.88
N LEU L 410 6.08 -41.07 -61.60
CA LEU L 410 4.83 -41.33 -60.88
C LEU L 410 5.00 -42.65 -60.14
N ILE L 411 4.84 -42.61 -58.81
CA ILE L 411 5.01 -43.78 -57.94
C ILE L 411 3.75 -43.98 -57.12
N ALA L 412 3.66 -45.12 -56.44
CA ALA L 412 2.51 -45.47 -55.62
C ALA L 412 2.63 -44.82 -54.23
N GLY L 413 1.52 -44.86 -53.50
CA GLY L 413 1.43 -44.33 -52.15
C GLY L 413 0.89 -45.36 -51.16
N GLY L 414 0.48 -44.89 -49.98
CA GLY L 414 -0.04 -45.77 -48.95
C GLY L 414 1.04 -46.62 -48.32
N GLY L 415 2.14 -45.98 -47.91
CA GLY L 415 3.26 -46.70 -47.33
C GLY L 415 4.07 -47.53 -48.29
N ALA L 416 3.86 -47.38 -49.61
CA ALA L 416 4.59 -48.20 -50.57
C ALA L 416 6.06 -47.83 -50.66
N PRO L 417 6.45 -46.60 -51.03
CA PRO L 417 7.88 -46.33 -51.25
C PRO L 417 8.72 -46.32 -49.98
N GLU L 418 8.12 -46.12 -48.80
CA GLU L 418 8.91 -46.11 -47.57
C GLU L 418 9.45 -47.50 -47.26
N ILE L 419 8.62 -48.53 -47.42
CA ILE L 419 9.07 -49.90 -47.17
C ILE L 419 10.05 -50.35 -48.23
N GLU L 420 9.91 -49.85 -49.47
CA GLU L 420 10.81 -50.26 -50.53
C GLU L 420 12.23 -49.75 -50.31
N ILE L 421 12.36 -48.50 -49.86
CA ILE L 421 13.70 -47.95 -49.60
C ILE L 421 14.32 -48.65 -48.40
N SER L 422 13.52 -48.95 -47.37
CA SER L 422 14.04 -49.67 -46.22
C SER L 422 14.41 -51.10 -46.57
N ARG L 423 13.69 -51.72 -47.51
CA ARG L 423 13.98 -53.09 -47.90
C ARG L 423 15.23 -53.16 -48.77
N ARG L 424 15.35 -52.27 -49.76
CA ARG L 424 16.50 -52.28 -50.66
C ARG L 424 17.80 -51.90 -49.96
N LEU L 425 17.75 -50.99 -48.99
CA LEU L 425 18.94 -50.62 -48.24
C LEU L 425 19.34 -51.64 -47.19
N SER L 426 18.41 -52.50 -46.75
CA SER L 426 18.75 -53.54 -45.79
C SER L 426 19.68 -54.58 -46.39
N LYS L 427 19.49 -54.93 -47.66
CA LYS L 427 20.39 -55.86 -48.33
C LYS L 427 21.75 -55.23 -48.60
N GLU L 428 21.77 -53.95 -48.93
CA GLU L 428 23.03 -53.25 -49.20
C GLU L 428 23.78 -52.88 -47.93
N ALA L 429 23.11 -52.79 -46.78
CA ALA L 429 23.78 -52.40 -45.55
C ALA L 429 24.64 -53.52 -44.98
N ARG L 430 24.12 -54.76 -44.95
CA ARG L 430 24.84 -55.87 -44.35
C ARG L 430 26.12 -56.23 -45.09
N SER L 431 26.25 -55.88 -46.37
CA SER L 431 27.44 -56.18 -47.16
C SER L 431 28.55 -55.15 -46.99
N MET L 432 28.29 -54.00 -46.36
CA MET L 432 29.29 -52.95 -46.22
C MET L 432 30.27 -53.21 -45.08
N GLU L 433 29.76 -53.68 -43.93
CA GLU L 433 30.59 -54.03 -42.77
C GLU L 433 31.38 -52.81 -42.28
N GLY L 434 30.62 -51.83 -41.77
CA GLY L 434 31.22 -50.64 -41.20
C GLY L 434 30.25 -49.95 -40.28
N VAL L 435 30.77 -48.94 -39.56
CA VAL L 435 29.92 -48.16 -38.67
C VAL L 435 28.92 -47.33 -39.47
N GLN L 436 29.28 -46.95 -40.70
CA GLN L 436 28.31 -46.29 -41.58
C GLN L 436 27.15 -47.22 -41.90
N ALA L 437 27.41 -48.52 -42.00
CA ALA L 437 26.35 -49.48 -42.25
C ALA L 437 25.40 -49.59 -41.07
N PHE L 438 25.92 -49.48 -39.85
CA PHE L 438 25.06 -49.54 -38.66
C PHE L 438 24.11 -48.34 -38.59
N ILE L 439 24.55 -47.18 -39.11
CA ILE L 439 23.66 -46.03 -39.17
C ILE L 439 22.59 -46.24 -40.23
N TRP L 440 22.93 -46.92 -41.32
CA TRP L 440 21.95 -47.17 -42.38
C TRP L 440 20.87 -48.14 -41.92
N GLN L 441 21.18 -49.03 -40.98
CA GLN L 441 20.14 -49.90 -40.42
C GLN L 441 19.13 -49.09 -39.64
N GLU L 442 19.58 -48.11 -38.86
CA GLU L 442 18.66 -47.22 -38.16
C GLU L 442 17.94 -46.29 -39.13
N PHE L 443 18.59 -45.95 -40.24
CA PHE L 443 17.92 -45.16 -41.28
C PHE L 443 16.76 -45.93 -41.89
N ALA L 444 16.94 -47.25 -42.09
CA ALA L 444 15.87 -48.07 -42.65
C ALA L 444 14.77 -48.33 -41.62
N SER L 445 15.13 -48.46 -40.34
CA SER L 445 14.15 -48.73 -39.30
C SER L 445 13.29 -47.52 -39.00
N ALA L 446 13.88 -46.32 -38.97
CA ALA L 446 13.13 -45.11 -38.67
C ALA L 446 12.26 -44.66 -39.84
N LEU L 447 12.58 -45.07 -41.07
CA LEU L 447 11.77 -44.72 -42.22
C LEU L 447 10.42 -45.45 -42.27
N GLU L 448 10.23 -46.49 -41.46
CA GLU L 448 8.98 -47.26 -41.44
C GLU L 448 7.89 -46.62 -40.58
N VAL L 449 8.07 -45.37 -40.12
CA VAL L 449 7.08 -44.73 -39.28
C VAL L 449 5.83 -44.31 -40.06
N ILE L 450 5.94 -44.11 -41.37
CA ILE L 450 4.83 -43.62 -42.19
C ILE L 450 3.73 -44.68 -42.25
N PRO L 451 3.99 -45.95 -42.59
CA PRO L 451 2.90 -46.95 -42.50
C PRO L 451 2.51 -47.27 -41.07
N THR L 452 3.41 -47.08 -40.09
CA THR L 452 3.04 -47.27 -38.70
C THR L 452 2.04 -46.21 -38.26
N THR L 453 2.23 -44.96 -38.69
CA THR L 453 1.30 -43.90 -38.34
C THR L 453 -0.05 -44.10 -39.01
N LEU L 454 -0.05 -44.66 -40.24
CA LEU L 454 -1.29 -44.96 -40.92
C LEU L 454 -2.08 -46.05 -40.20
N ALA L 455 -1.36 -47.00 -39.59
CA ALA L 455 -2.04 -48.07 -38.86
C ALA L 455 -2.71 -47.55 -37.60
N GLU L 456 -2.07 -46.63 -36.89
CA GLU L 456 -2.64 -46.09 -35.66
C GLU L 456 -3.81 -45.16 -35.94
N ASN L 457 -3.74 -44.37 -37.01
CA ASN L 457 -4.86 -43.50 -37.37
C ASN L 457 -6.06 -44.31 -37.83
N ALA L 458 -5.84 -45.41 -38.54
CA ALA L 458 -6.91 -46.30 -38.98
C ALA L 458 -7.38 -47.27 -37.89
N GLY L 459 -6.66 -47.37 -36.76
CA GLY L 459 -7.04 -48.25 -35.69
C GLY L 459 -6.51 -49.67 -35.80
N LEU L 460 -5.90 -50.03 -36.93
CA LEU L 460 -5.37 -51.38 -37.09
C LEU L 460 -4.08 -51.55 -36.29
N ASN L 461 -3.77 -52.80 -35.96
CA ASN L 461 -2.55 -53.13 -35.24
C ASN L 461 -1.37 -52.92 -36.17
N SER L 462 -0.38 -52.15 -35.70
CA SER L 462 0.74 -51.80 -36.56
C SER L 462 1.62 -53.00 -36.88
N ILE L 463 1.83 -53.89 -35.90
CA ILE L 463 2.73 -55.02 -36.12
C ILE L 463 2.08 -56.02 -37.07
N LYS L 464 0.77 -56.23 -36.96
CA LYS L 464 0.08 -57.13 -37.87
C LYS L 464 0.06 -56.57 -39.28
N VAL L 465 -0.11 -55.27 -39.43
CA VAL L 465 -0.10 -54.65 -40.75
C VAL L 465 1.32 -54.63 -41.32
N VAL L 466 2.29 -54.19 -40.51
CA VAL L 466 3.67 -54.10 -40.98
C VAL L 466 4.24 -55.49 -41.24
N THR L 467 3.75 -56.51 -40.54
CA THR L 467 4.16 -57.89 -40.85
C THR L 467 3.69 -58.30 -42.24
N GLU L 468 2.53 -57.80 -42.67
CA GLU L 468 2.07 -58.07 -44.03
C GLU L 468 2.86 -57.27 -45.06
N LEU L 469 3.35 -56.09 -44.69
CA LEU L 469 4.22 -55.34 -45.59
C LEU L 469 5.51 -56.10 -45.88
N ARG L 470 6.04 -56.80 -44.87
CA ARG L 470 7.23 -57.63 -45.07
C ARG L 470 6.92 -58.92 -45.82
N SER L 471 5.72 -59.46 -45.67
CA SER L 471 5.38 -60.75 -46.26
C SER L 471 5.10 -60.66 -47.76
N LYS L 472 4.64 -59.51 -48.25
CA LYS L 472 4.21 -59.35 -49.63
C LYS L 472 5.25 -58.65 -50.51
N HIS L 473 6.28 -58.02 -49.93
CA HIS L 473 7.19 -57.16 -50.68
C HIS L 473 8.37 -57.92 -51.28
N GLU L 474 8.74 -59.09 -50.76
CA GLU L 474 9.85 -59.85 -51.35
C GLU L 474 9.51 -60.33 -52.75
N ASN L 475 8.23 -60.62 -53.03
CA ASN L 475 7.74 -60.95 -54.36
C ASN L 475 7.22 -59.74 -55.10
N GLY L 476 6.37 -58.94 -54.46
CA GLY L 476 5.87 -57.71 -55.05
C GLY L 476 6.88 -56.60 -54.98
N GLU L 477 7.46 -56.24 -56.13
CA GLU L 477 8.53 -55.25 -56.16
C GLU L 477 8.02 -53.81 -56.12
N LEU L 478 6.76 -53.57 -56.46
CA LEU L 478 6.22 -52.20 -56.42
C LEU L 478 4.70 -52.29 -56.45
N ASN L 479 4.07 -51.14 -56.15
CA ASN L 479 2.62 -50.96 -56.11
C ASN L 479 1.93 -51.77 -55.02
N ASP L 480 2.66 -52.25 -54.01
CA ASP L 480 2.09 -52.95 -52.86
C ASP L 480 2.09 -52.01 -51.66
N GLY L 481 0.92 -51.78 -51.10
CA GLY L 481 0.80 -50.86 -49.99
C GLY L 481 -0.50 -51.01 -49.25
N ILE L 482 -0.83 -49.99 -48.45
CA ILE L 482 -1.98 -49.98 -47.57
C ILE L 482 -3.10 -49.20 -48.24
N SER L 483 -4.33 -49.70 -48.14
CA SER L 483 -5.54 -49.04 -48.60
C SER L 483 -6.45 -48.79 -47.41
N VAL L 484 -6.87 -47.54 -47.22
CA VAL L 484 -7.63 -47.17 -46.03
C VAL L 484 -9.11 -47.54 -46.13
N ARG L 485 -9.66 -47.65 -47.33
CA ARG L 485 -11.09 -47.96 -47.46
C ARG L 485 -11.40 -49.37 -47.01
N ARG L 486 -10.65 -50.36 -47.49
CA ARG L 486 -10.82 -51.75 -47.07
C ARG L 486 -10.14 -52.06 -45.75
N SER L 487 -9.25 -51.19 -45.27
CA SER L 487 -8.51 -51.40 -44.01
C SER L 487 -7.65 -52.66 -44.08
N GLY L 488 -6.77 -52.67 -45.07
CA GLY L 488 -5.86 -53.80 -45.24
C GLY L 488 -4.83 -53.51 -46.30
N THR L 489 -4.05 -54.54 -46.63
CA THR L 489 -3.00 -54.46 -47.63
C THR L 489 -3.52 -54.98 -48.97
N THR L 490 -3.22 -54.26 -50.03
CA THR L 490 -3.65 -54.64 -51.38
C THR L 490 -2.77 -53.93 -52.39
N ASN L 491 -3.03 -54.20 -53.67
CA ASN L 491 -2.33 -53.53 -54.76
C ASN L 491 -2.87 -52.11 -54.90
N THR L 492 -2.00 -51.11 -54.72
CA THR L 492 -2.43 -49.73 -54.75
C THR L 492 -2.68 -49.21 -56.17
N TYR L 493 -2.04 -49.81 -57.18
CA TYR L 493 -2.27 -49.36 -58.55
C TYR L 493 -3.68 -49.68 -59.02
N GLU L 494 -4.22 -50.83 -58.61
CA GLU L 494 -5.61 -51.16 -58.94
C GLU L 494 -6.59 -50.24 -58.23
N GLU L 495 -6.31 -49.90 -56.98
CA GLU L 495 -7.14 -48.99 -56.19
C GLU L 495 -6.83 -47.51 -56.47
N HIS L 496 -5.82 -47.21 -57.30
CA HIS L 496 -5.54 -45.85 -57.76
C HIS L 496 -5.12 -44.94 -56.60
N ILE L 497 -4.06 -45.33 -55.90
CA ILE L 497 -3.37 -44.49 -54.93
C ILE L 497 -1.97 -44.23 -55.46
N LEU L 498 -1.79 -43.08 -56.13
CA LEU L 498 -0.55 -42.70 -56.80
C LEU L 498 -0.14 -41.32 -56.31
N GLN L 499 1.16 -41.03 -56.40
CA GLN L 499 1.70 -39.73 -56.04
C GLN L 499 2.96 -39.47 -56.86
N PRO L 500 3.40 -38.22 -57.00
CA PRO L 500 4.63 -37.96 -57.76
C PRO L 500 5.86 -38.45 -57.00
N VAL L 501 6.92 -38.70 -57.77
CA VAL L 501 8.21 -39.08 -57.19
C VAL L 501 8.92 -37.87 -56.58
N LEU L 502 8.64 -36.67 -57.07
CA LEU L 502 9.30 -35.48 -56.53
C LEU L 502 8.87 -35.18 -55.09
N VAL L 503 7.66 -35.59 -54.71
CA VAL L 503 7.20 -35.38 -53.35
C VAL L 503 8.01 -36.21 -52.38
N SER L 504 8.14 -37.51 -52.66
CA SER L 504 8.93 -38.38 -51.80
C SER L 504 10.42 -38.06 -51.90
N THR L 505 10.88 -37.59 -53.06
CA THR L 505 12.29 -37.21 -53.21
C THR L 505 12.62 -36.01 -52.34
N SER L 506 11.77 -34.98 -52.37
CA SER L 506 12.01 -33.80 -51.55
C SER L 506 11.88 -34.10 -50.06
N ALA L 507 11.05 -35.07 -49.69
CA ALA L 507 10.88 -35.42 -48.29
C ALA L 507 12.15 -36.07 -47.72
N ILE L 508 12.69 -37.07 -48.43
CA ILE L 508 13.91 -37.73 -47.97
C ILE L 508 15.09 -36.78 -48.06
N THR L 509 15.11 -35.92 -49.09
CA THR L 509 16.24 -35.03 -49.28
C THR L 509 16.24 -33.91 -48.24
N LEU L 510 15.12 -33.23 -48.07
CA LEU L 510 15.05 -32.12 -47.11
C LEU L 510 15.16 -32.61 -45.68
N ALA L 511 14.69 -33.83 -45.40
CA ALA L 511 14.79 -34.36 -44.04
C ALA L 511 16.24 -34.62 -43.67
N SER L 512 17.04 -35.14 -44.60
CA SER L 512 18.45 -35.38 -44.32
C SER L 512 19.21 -34.07 -44.13
N GLU L 513 18.83 -33.03 -44.87
CA GLU L 513 19.50 -31.74 -44.72
C GLU L 513 19.15 -31.08 -43.41
N CYS L 514 17.94 -31.29 -42.89
CA CYS L 514 17.56 -30.68 -41.63
C CYS L 514 18.28 -31.35 -40.46
N VAL L 515 18.41 -32.68 -40.51
CA VAL L 515 19.16 -33.39 -39.47
C VAL L 515 20.65 -33.04 -39.56
N LYS L 516 21.15 -32.74 -40.76
CA LYS L 516 22.54 -32.31 -40.91
C LYS L 516 22.78 -30.98 -40.20
N SER L 517 21.80 -30.08 -40.21
CA SER L 517 21.96 -28.78 -39.58
C SER L 517 21.73 -28.84 -38.07
N ILE L 518 20.84 -29.71 -37.61
CA ILE L 518 20.51 -29.76 -36.19
C ILE L 518 21.64 -30.41 -35.39
N LEU L 519 22.20 -31.50 -35.89
CA LEU L 519 23.24 -32.22 -35.17
C LEU L 519 24.54 -31.42 -35.05
N ARG L 520 24.77 -30.42 -35.90
CA ARG L 520 25.94 -29.57 -35.80
C ARG L 520 25.82 -28.48 -34.73
N ILE L 521 24.66 -28.35 -34.09
CA ILE L 521 24.45 -27.36 -33.03
C ILE L 521 24.99 -27.95 -31.74
N ASP L 522 25.72 -27.13 -30.97
CA ASP L 522 26.37 -27.54 -29.72
C ASP L 522 25.99 -26.68 -28.53
N ASP L 523 25.73 -25.39 -28.73
CA ASP L 523 25.46 -24.44 -27.64
C ASP L 523 24.24 -23.60 -27.99
N ILE L 524 23.52 -23.21 -26.94
CA ILE L 524 22.36 -22.31 -27.03
C ILE L 524 22.68 -21.09 -26.18
N ALA L 525 23.12 -20.01 -26.85
CA ALA L 525 23.55 -18.78 -26.20
C ALA L 525 22.54 -17.67 -26.47
N PHE L 526 22.16 -16.97 -25.41
CA PHE L 526 21.25 -15.83 -25.55
C PHE L 526 21.99 -14.65 -26.17
N SER L 527 21.29 -13.88 -27.00
CA SER L 527 21.87 -12.76 -27.72
C SER L 527 20.83 -11.63 -27.82
N ARG L 528 21.24 -10.53 -28.45
CA ARG L 528 20.37 -9.38 -28.66
C ARG L 528 19.54 -9.56 -29.93
N MET M 25 12.26 31.27 20.68
CA MET M 25 12.66 30.56 19.47
C MET M 25 11.87 29.27 19.30
N GLY M 26 11.50 28.96 18.05
CA GLY M 26 10.74 27.77 17.73
C GLY M 26 11.64 26.61 17.36
N ARG M 27 11.00 25.47 17.11
CA ARG M 27 11.73 24.27 16.73
C ARG M 27 12.30 24.38 15.31
N PRO M 28 11.54 24.90 14.33
CA PRO M 28 12.17 25.23 13.04
C PRO M 28 13.23 26.32 13.20
N PHE M 29 14.37 26.11 12.54
CA PHE M 29 15.46 27.09 12.48
C PHE M 29 16.06 26.99 11.08
N ILE M 30 15.61 27.87 10.18
CA ILE M 30 16.00 27.85 8.77
C ILE M 30 16.52 29.24 8.39
N ILE M 31 17.63 29.24 7.66
CA ILE M 31 18.23 30.46 7.10
C ILE M 31 18.34 30.37 5.59
N VAL M 32 18.74 29.20 5.08
CA VAL M 32 18.84 28.93 3.64
C VAL M 32 17.97 27.72 3.32
N LYS M 33 17.65 27.57 2.03
CA LYS M 33 16.82 26.46 1.58
C LYS M 33 17.63 25.17 1.53
N ASP M 34 16.97 24.06 1.88
CA ASP M 34 17.53 22.73 1.78
C ASP M 34 18.77 22.57 2.68
N GLN M 35 18.55 22.77 3.98
CA GLN M 35 19.62 22.59 4.95
C GLN M 35 19.99 21.13 5.17
N GLY M 36 19.05 20.21 4.91
CA GLY M 36 19.34 18.79 5.11
C GLY M 36 20.39 18.23 4.18
N ASN M 37 20.36 18.66 2.90
CA ASN M 37 21.34 18.21 1.93
C ASN M 37 22.66 18.96 2.01
N LYS M 38 22.65 20.21 2.47
CA LYS M 38 23.85 21.02 2.59
C LYS M 38 24.49 20.74 3.95
N LYS M 39 25.79 20.42 3.94
CA LYS M 39 26.54 20.10 5.15
C LYS M 39 27.94 20.69 5.06
N ARG M 40 28.32 21.43 6.10
CA ARG M 40 29.60 22.12 6.15
C ARG M 40 30.67 21.22 6.75
N GLN M 41 31.93 21.63 6.58
CA GLN M 41 33.07 21.04 7.25
C GLN M 41 34.00 22.15 7.72
N HIS M 42 34.77 21.89 8.76
CA HIS M 42 35.63 22.91 9.35
C HIS M 42 36.72 22.25 10.17
N GLY M 43 37.73 23.06 10.51
CA GLY M 43 38.81 22.61 11.37
C GLY M 43 39.92 21.94 10.60
N LEU M 44 40.86 21.38 11.38
CA LEU M 44 41.99 20.68 10.78
C LEU M 44 41.55 19.38 10.11
N GLU M 45 40.55 18.70 10.68
CA GLU M 45 40.12 17.42 10.13
C GLU M 45 39.46 17.59 8.76
N ALA M 46 38.82 18.74 8.51
CA ALA M 46 38.20 18.98 7.21
C ALA M 46 39.24 19.11 6.11
N LYS M 47 40.34 19.80 6.40
CA LYS M 47 41.43 19.90 5.42
C LYS M 47 42.15 18.58 5.25
N LYS M 48 42.12 17.71 6.27
CA LYS M 48 42.81 16.43 6.20
C LYS M 48 42.22 15.53 5.11
N SER M 49 40.90 15.56 4.95
CA SER M 49 40.27 14.74 3.91
C SER M 49 40.63 15.22 2.51
N HIS M 50 40.91 16.52 2.34
CA HIS M 50 41.18 17.04 1.01
C HIS M 50 42.51 16.53 0.47
N ILE M 51 43.57 16.59 1.27
CA ILE M 51 44.88 16.11 0.82
C ILE M 51 44.85 14.60 0.66
N LEU M 52 44.20 13.89 1.59
CA LEU M 52 44.08 12.44 1.47
C LEU M 52 43.18 12.03 0.31
N ALA M 53 42.23 12.87 -0.09
CA ALA M 53 41.44 12.61 -1.29
C ALA M 53 42.30 12.77 -2.55
N ALA M 54 43.27 13.67 -2.52
CA ALA M 54 44.19 13.82 -3.64
C ALA M 54 45.13 12.63 -3.76
N ARG M 55 45.45 11.96 -2.64
CA ARG M 55 46.29 10.77 -2.70
C ARG M 55 45.59 9.63 -3.44
N SER M 56 44.27 9.51 -3.29
CA SER M 56 43.54 8.47 -4.01
C SER M 56 43.55 8.75 -5.52
N VAL M 57 43.42 10.01 -5.91
CA VAL M 57 43.49 10.37 -7.32
C VAL M 57 44.92 10.25 -7.82
N ALA M 58 45.91 10.64 -7.00
CA ALA M 58 47.29 10.56 -7.42
C ALA M 58 47.76 9.11 -7.49
N SER M 59 47.36 8.28 -6.52
CA SER M 59 47.80 6.89 -6.48
C SER M 59 47.27 6.07 -7.65
N ILE M 60 46.14 6.46 -8.24
CA ILE M 60 45.63 5.75 -9.40
C ILE M 60 46.55 5.95 -10.59
N ILE M 61 46.93 7.21 -10.84
CA ILE M 61 47.79 7.57 -11.97
C ILE M 61 49.27 7.55 -11.60
N LYS M 62 49.64 7.08 -10.39
CA LYS M 62 51.05 7.03 -10.02
C LYS M 62 51.79 5.97 -10.80
N THR M 63 51.14 4.84 -11.10
CA THR M 63 51.78 3.76 -11.82
C THR M 63 51.95 4.04 -13.31
N SER M 64 51.13 4.94 -13.88
CA SER M 64 51.18 5.24 -15.31
C SER M 64 52.26 6.25 -15.69
N LEU M 65 53.06 6.72 -14.73
CA LEU M 65 54.10 7.71 -15.01
C LEU M 65 55.36 6.99 -15.49
N GLY M 66 55.97 7.54 -16.53
CA GLY M 66 57.22 7.03 -17.06
C GLY M 66 57.01 6.07 -18.21
N PRO M 67 58.11 5.55 -18.78
CA PRO M 67 57.98 4.62 -19.91
C PRO M 67 57.40 3.27 -19.53
N ARG M 68 57.46 2.87 -18.26
CA ARG M 68 56.93 1.60 -17.78
C ARG M 68 55.48 1.71 -17.30
N GLY M 69 54.73 2.69 -17.82
CA GLY M 69 53.38 2.90 -17.35
C GLY M 69 52.40 1.88 -17.90
N LEU M 70 51.20 1.89 -17.31
CA LEU M 70 50.11 1.01 -17.66
C LEU M 70 48.84 1.83 -17.84
N ASP M 71 48.08 1.54 -18.88
CA ASP M 71 46.92 2.33 -19.26
C ASP M 71 45.76 2.09 -18.30
N LYS M 72 44.71 2.90 -18.47
CA LYS M 72 43.48 2.82 -17.69
C LYS M 72 42.30 2.59 -18.63
N ILE M 73 41.34 1.79 -18.18
CA ILE M 73 40.13 1.50 -18.92
C ILE M 73 39.06 2.50 -18.48
N LEU M 74 38.36 3.08 -19.45
CA LEU M 74 37.26 4.01 -19.21
C LEU M 74 35.99 3.45 -19.83
N ILE M 75 34.86 3.68 -19.18
CA ILE M 75 33.54 3.24 -19.64
C ILE M 75 32.59 4.41 -19.48
N SER M 76 31.99 4.84 -20.59
CA SER M 76 31.02 5.93 -20.57
C SER M 76 29.64 5.38 -20.18
N PRO M 77 28.67 6.26 -19.87
CA PRO M 77 27.30 5.76 -19.65
C PRO M 77 26.66 5.17 -20.89
N ASP M 78 27.00 5.65 -22.08
CA ASP M 78 26.42 5.15 -23.32
C ASP M 78 27.02 3.83 -23.79
N GLY M 79 28.00 3.27 -23.07
CA GLY M 79 28.61 2.01 -23.44
C GLY M 79 29.87 2.11 -24.27
N GLU M 80 30.22 3.30 -24.77
CA GLU M 80 31.44 3.48 -25.54
C GLU M 80 32.64 3.30 -24.62
N ILE M 81 33.63 2.54 -25.11
CA ILE M 81 34.82 2.15 -24.35
C ILE M 81 36.04 2.77 -24.99
N THR M 82 37.00 3.18 -24.16
CA THR M 82 38.28 3.68 -24.61
C THR M 82 39.33 3.37 -23.55
N ILE M 83 40.60 3.32 -23.98
CA ILE M 83 41.73 3.00 -23.12
C ILE M 83 42.82 4.04 -23.38
N THR M 84 43.52 4.42 -22.33
CA THR M 84 44.52 5.47 -22.43
C THR M 84 45.33 5.54 -21.15
N ASN M 85 46.43 6.32 -21.22
CA ASN M 85 47.29 6.61 -20.08
C ASN M 85 47.49 8.10 -19.85
N ASP M 86 47.01 8.96 -20.74
CA ASP M 86 47.10 10.41 -20.55
C ASP M 86 46.24 10.82 -19.36
N GLY M 87 46.82 11.61 -18.44
CA GLY M 87 46.11 11.98 -17.23
C GLY M 87 44.88 12.82 -17.47
N ALA M 88 44.90 13.67 -18.50
CA ALA M 88 43.73 14.48 -18.82
C ALA M 88 42.61 13.62 -19.39
N THR M 89 42.96 12.65 -20.23
CA THR M 89 41.95 11.77 -20.81
C THR M 89 41.37 10.82 -19.78
N ILE M 90 42.17 10.41 -18.80
CA ILE M 90 41.67 9.54 -17.73
C ILE M 90 40.67 10.30 -16.88
N LEU M 91 41.09 11.45 -16.34
CA LEU M 91 40.25 12.24 -15.46
C LEU M 91 39.03 12.82 -16.17
N SER M 92 39.11 13.05 -17.48
CA SER M 92 37.98 13.56 -18.22
C SER M 92 36.90 12.49 -18.38
N GLN M 93 35.68 12.96 -18.67
CA GLN M 93 34.45 12.18 -18.82
C GLN M 93 34.28 11.12 -17.74
N MET M 94 34.57 11.49 -16.49
CA MET M 94 34.47 10.61 -15.33
C MET M 94 33.48 11.21 -14.33
N GLU M 95 32.66 10.34 -13.73
CA GLU M 95 31.72 10.79 -12.72
C GLU M 95 32.43 10.97 -11.38
N LEU M 96 32.38 12.20 -10.86
CA LEU M 96 33.03 12.58 -9.62
C LEU M 96 32.00 13.14 -8.65
N ASP M 97 32.35 13.11 -7.36
CA ASP M 97 31.54 13.65 -6.27
C ASP M 97 32.24 14.75 -5.51
N ASN M 98 33.50 14.55 -5.13
CA ASN M 98 34.25 15.56 -4.40
C ASN M 98 34.66 16.70 -5.33
N GLU M 99 34.74 17.90 -4.77
CA GLU M 99 35.08 19.08 -5.56
C GLU M 99 36.57 19.22 -5.82
N ILE M 100 37.41 18.70 -4.91
CA ILE M 100 38.85 18.88 -5.06
C ILE M 100 39.38 18.05 -6.23
N ALA M 101 38.82 16.85 -6.42
CA ALA M 101 39.20 16.04 -7.57
C ALA M 101 38.75 16.69 -8.88
N LYS M 102 37.65 17.43 -8.86
CA LYS M 102 37.21 18.15 -10.05
C LYS M 102 38.17 19.27 -10.40
N LEU M 103 38.84 19.84 -9.39
CA LEU M 103 39.88 20.82 -9.68
C LEU M 103 41.10 20.17 -10.31
N LEU M 104 41.40 18.92 -9.93
CA LEU M 104 42.48 18.19 -10.58
C LEU M 104 42.09 17.80 -12.01
N VAL M 105 40.79 17.60 -12.27
CA VAL M 105 40.34 17.37 -13.64
C VAL M 105 40.60 18.62 -14.47
N GLN M 106 40.29 19.79 -13.93
CA GLN M 106 40.57 21.04 -14.64
C GLN M 106 42.06 21.33 -14.71
N LEU M 107 42.85 20.81 -13.76
CA LEU M 107 44.30 20.98 -13.81
C LEU M 107 44.88 20.27 -15.02
N SER M 108 44.78 18.98 -15.00
CA SER M 108 45.37 18.23 -16.06
C SER M 108 44.91 18.75 -17.34
N LYS M 109 43.67 19.16 -17.40
CA LYS M 109 43.15 19.69 -18.62
C LYS M 109 43.90 20.94 -18.94
N SER M 110 44.27 21.71 -17.94
CA SER M 110 44.92 22.93 -18.26
C SER M 110 46.19 22.63 -18.94
N GLN M 111 46.95 21.70 -18.42
CA GLN M 111 48.20 21.48 -19.03
C GLN M 111 47.98 20.93 -20.40
N ASP M 112 47.01 20.09 -20.57
CA ASP M 112 46.76 19.61 -21.89
C ASP M 112 46.44 20.67 -22.91
N ASP M 113 45.43 21.49 -22.70
CA ASP M 113 45.06 22.44 -23.74
C ASP M 113 46.26 23.24 -24.21
N GLU M 114 46.97 23.89 -23.28
CA GLU M 114 48.10 24.74 -23.67
C GLU M 114 49.29 23.92 -24.13
N ILE M 115 49.75 22.99 -23.28
CA ILE M 115 51.00 22.27 -23.51
C ILE M 115 50.70 20.97 -24.25
N GLY M 116 49.78 20.17 -23.73
CA GLY M 116 49.49 18.85 -24.25
C GLY M 116 50.39 17.74 -23.72
N ASP M 117 51.09 17.98 -22.61
CA ASP M 117 51.99 16.99 -22.03
C ASP M 117 52.22 17.35 -20.58
N GLY M 118 52.52 16.34 -19.76
CA GLY M 118 52.72 16.53 -18.34
C GLY M 118 51.45 16.50 -17.52
N THR M 119 50.38 15.88 -18.02
CA THR M 119 49.11 15.91 -17.31
C THR M 119 49.14 15.04 -16.05
N THR M 120 49.87 13.93 -16.08
CA THR M 120 50.00 13.09 -14.90
C THR M 120 51.03 13.68 -13.92
N GLY M 121 52.08 14.29 -14.44
CA GLY M 121 53.12 14.83 -13.58
C GLY M 121 52.66 16.02 -12.75
N VAL M 122 51.82 16.88 -13.34
CA VAL M 122 51.35 18.05 -12.60
C VAL M 122 50.41 17.64 -11.48
N VAL M 123 49.65 16.55 -11.67
CA VAL M 123 48.75 16.07 -10.63
C VAL M 123 49.55 15.37 -9.53
N VAL M 124 50.56 14.59 -9.91
CA VAL M 124 51.39 13.92 -8.91
C VAL M 124 52.25 14.95 -8.18
N LEU M 125 52.77 15.94 -8.90
CA LEU M 125 53.56 16.98 -8.26
C LEU M 125 52.67 17.86 -7.37
N ALA M 126 51.43 18.11 -7.78
CA ALA M 126 50.51 18.87 -6.93
C ALA M 126 50.15 18.09 -5.68
N SER M 127 49.96 16.78 -5.80
CA SER M 127 49.69 15.96 -4.64
C SER M 127 50.91 15.85 -3.73
N ALA M 128 52.11 15.88 -4.32
CA ALA M 128 53.32 15.81 -3.50
C ALA M 128 53.48 17.05 -2.64
N LEU M 129 53.15 18.23 -3.19
CA LEU M 129 53.16 19.45 -2.40
C LEU M 129 52.13 19.40 -1.28
N LEU M 130 50.97 18.79 -1.56
CA LEU M 130 49.93 18.70 -0.54
C LEU M 130 50.31 17.71 0.55
N ASP M 131 50.94 16.59 0.17
CA ASP M 131 51.34 15.60 1.17
C ASP M 131 52.41 16.14 2.10
N GLN M 132 53.41 16.83 1.56
CA GLN M 132 54.43 17.46 2.39
C GLN M 132 53.88 18.64 3.18
N ALA M 133 52.84 19.30 2.66
CA ALA M 133 52.25 20.44 3.37
C ALA M 133 51.39 19.96 4.54
N LEU M 134 50.84 18.78 4.51
CA LEU M 134 50.07 18.33 5.66
C LEU M 134 50.92 18.16 6.91
N GLU M 135 52.16 17.77 6.81
CA GLU M 135 52.90 17.61 8.03
C GLU M 135 53.06 18.95 8.69
N LEU M 136 53.33 19.91 7.84
CA LEU M 136 53.46 21.22 8.35
C LEU M 136 52.15 21.80 8.89
N ILE M 137 51.00 21.48 8.29
CA ILE M 137 49.73 21.97 8.77
C ILE M 137 49.58 21.39 10.14
N GLN M 138 50.00 20.15 10.31
CA GLN M 138 49.97 19.57 11.64
C GLN M 138 50.84 20.28 12.67
N LYS M 139 51.96 20.93 12.35
CA LYS M 139 52.73 21.64 13.43
C LYS M 139 52.19 22.96 14.05
N GLY M 140 51.42 23.77 13.34
CA GLY M 140 50.87 25.04 13.75
C GLY M 140 51.25 26.23 12.89
N ILE M 141 51.66 26.01 11.64
CA ILE M 141 51.98 27.07 10.69
C ILE M 141 50.73 27.32 9.87
N HIS M 142 50.46 28.59 9.57
CA HIS M 142 49.25 28.93 8.83
C HIS M 142 49.36 28.41 7.39
N PRO M 143 48.25 28.03 6.74
CA PRO M 143 48.38 27.47 5.38
C PRO M 143 48.85 28.48 4.33
N ILE M 144 48.46 29.75 4.45
CA ILE M 144 48.88 30.72 3.44
C ILE M 144 50.37 31.00 3.57
N LYS M 145 50.92 30.92 4.79
CA LYS M 145 52.36 31.07 4.96
C LYS M 145 53.12 29.91 4.34
N ILE M 146 52.52 28.72 4.30
CA ILE M 146 53.16 27.58 3.65
C ILE M 146 53.25 27.81 2.14
N ALA M 147 52.17 28.33 1.55
CA ALA M 147 52.16 28.58 0.11
C ALA M 147 53.14 29.69 -0.28
N ASN M 148 53.37 30.65 0.63
CA ASN M 148 54.37 31.68 0.37
C ASN M 148 55.77 31.10 0.28
N GLY M 149 56.04 30.02 1.03
CA GLY M 149 57.35 29.40 0.95
C GLY M 149 57.58 28.69 -0.38
N PHE M 150 56.53 28.06 -0.92
CA PHE M 150 56.65 27.40 -2.21
C PHE M 150 56.82 28.39 -3.35
N ASP M 151 56.24 29.59 -3.22
CA ASP M 151 56.38 30.60 -4.27
C ASP M 151 57.82 31.09 -4.37
N GLU M 152 58.43 31.42 -3.24
CA GLU M 152 59.85 31.80 -3.26
C GLU M 152 60.73 30.62 -3.66
N ALA M 153 60.31 29.39 -3.32
CA ALA M 153 61.08 28.21 -3.71
C ALA M 153 60.86 27.88 -5.18
N ALA M 154 59.65 28.11 -5.69
CA ALA M 154 59.36 27.79 -7.09
C ALA M 154 60.07 28.77 -8.02
N LYS M 155 60.03 30.07 -7.70
CA LYS M 155 60.73 31.05 -8.52
C LYS M 155 62.24 30.84 -8.48
N LEU M 156 62.77 30.42 -7.33
CA LEU M 156 64.18 30.10 -7.24
C LEU M 156 64.50 28.79 -7.98
N ALA M 157 63.55 27.86 -8.01
CA ALA M 157 63.78 26.60 -8.71
C ALA M 157 63.80 26.80 -10.22
N ILE M 158 62.81 27.52 -10.77
CA ILE M 158 62.78 27.77 -12.20
C ILE M 158 63.91 28.69 -12.61
N SER M 159 64.31 29.63 -11.73
CA SER M 159 65.42 30.51 -12.04
C SER M 159 66.73 29.74 -12.12
N LYS M 160 66.90 28.73 -11.26
CA LYS M 160 68.11 27.92 -11.28
C LYS M 160 68.13 26.98 -12.48
N LEU M 161 66.96 26.46 -12.88
CA LEU M 161 66.88 25.64 -14.07
C LEU M 161 67.17 26.46 -15.32
N GLU M 162 66.76 27.72 -15.35
CA GLU M 162 67.07 28.58 -16.49
C GLU M 162 68.55 28.87 -16.57
N GLU M 163 69.25 28.91 -15.43
CA GLU M 163 70.68 29.18 -15.43
C GLU M 163 71.46 28.04 -16.08
N THR M 164 71.10 26.80 -15.76
CA THR M 164 71.76 25.61 -16.30
C THR M 164 71.07 25.07 -17.56
N CYS M 165 70.33 25.92 -18.28
CA CYS M 165 69.62 25.52 -19.48
C CYS M 165 70.48 25.75 -20.71
N ASP M 166 70.46 24.78 -21.63
CA ASP M 166 71.18 24.85 -22.89
C ASP M 166 70.23 25.18 -24.03
N ASP M 167 70.73 26.00 -24.95
CA ASP M 167 69.98 26.47 -26.12
C ASP M 167 70.54 25.80 -27.36
N ILE M 168 69.64 25.38 -28.25
CA ILE M 168 69.97 24.68 -29.48
C ILE M 168 69.62 25.50 -30.72
N SER M 169 69.42 26.80 -30.59
CA SER M 169 69.08 27.65 -31.73
C SER M 169 70.29 28.00 -32.58
N ALA M 170 71.50 28.02 -32.02
CA ALA M 170 72.69 28.36 -32.77
C ALA M 170 73.04 27.34 -33.85
N SER M 171 72.65 26.07 -33.66
CA SER M 171 72.95 25.05 -34.65
C SER M 171 72.15 25.28 -35.92
N ASN M 172 72.58 24.62 -36.99
CA ASN M 172 71.95 24.77 -38.29
C ASN M 172 70.70 23.89 -38.36
N ASP M 173 70.02 23.90 -39.51
CA ASP M 173 68.79 23.13 -39.65
C ASP M 173 69.05 21.62 -39.67
N GLU M 174 70.25 21.19 -40.08
CA GLU M 174 70.53 19.76 -40.14
C GLU M 174 70.61 19.16 -38.74
N LEU M 175 71.41 19.73 -37.86
CA LEU M 175 71.47 19.27 -36.48
C LEU M 175 70.16 19.52 -35.75
N PHE M 176 69.49 20.63 -36.04
CA PHE M 176 68.20 20.92 -35.43
C PHE M 176 67.14 19.92 -35.88
N ARG M 177 67.29 19.35 -37.09
CA ARG M 177 66.37 18.29 -37.52
C ARG M 177 66.47 17.08 -36.61
N ASP M 178 67.69 16.74 -36.17
CA ASP M 178 67.88 15.57 -35.31
C ASP M 178 67.29 15.80 -33.92
N PHE M 179 67.33 17.04 -33.42
CA PHE M 179 66.84 17.31 -32.07
C PHE M 179 65.34 17.09 -31.95
N LEU M 180 64.60 17.23 -33.06
CA LEU M 180 63.16 16.95 -33.02
C LEU M 180 62.90 15.47 -32.78
N LEU M 181 63.78 14.60 -33.28
CA LEU M 181 63.62 13.17 -33.05
C LEU M 181 63.93 12.81 -31.60
N ARG M 182 64.87 13.52 -30.97
CA ARG M 182 65.23 13.20 -29.59
C ARG M 182 64.08 13.51 -28.64
N ALA M 183 63.30 14.54 -28.93
CA ALA M 183 62.12 14.88 -28.12
C ALA M 183 60.86 14.16 -28.56
N ALA M 184 60.71 13.89 -29.86
CA ALA M 184 59.53 13.17 -30.33
C ALA M 184 59.54 11.72 -29.86
N LYS M 185 60.73 11.11 -29.78
CA LYS M 185 60.84 9.76 -29.26
C LYS M 185 60.59 9.68 -27.76
N THR M 186 60.77 10.79 -27.03
CA THR M 186 60.53 10.78 -25.59
C THR M 186 59.06 10.60 -25.28
N SER M 187 58.22 11.48 -25.82
CA SER M 187 56.78 11.44 -25.56
C SER M 187 56.11 10.22 -26.18
N LEU M 188 56.56 9.77 -27.35
CA LEU M 188 56.06 8.54 -27.94
C LEU M 188 56.56 7.29 -27.23
N GLY M 189 57.68 7.39 -26.49
CA GLY M 189 58.18 6.25 -25.76
C GLY M 189 57.31 5.83 -24.58
N SER M 190 56.56 6.77 -24.01
CA SER M 190 55.67 6.51 -22.88
C SER M 190 54.27 6.06 -23.30
N LYS M 191 54.07 5.65 -24.55
CA LYS M 191 52.80 5.21 -25.10
C LYS M 191 52.95 3.81 -25.68
N ILE M 192 51.84 3.25 -26.17
CA ILE M 192 51.88 1.96 -26.86
C ILE M 192 52.40 2.08 -28.29
N VAL M 193 52.65 3.29 -28.80
CA VAL M 193 53.14 3.47 -30.17
C VAL M 193 54.64 3.16 -30.27
N SER M 194 55.34 2.91 -29.15
CA SER M 194 56.79 2.83 -29.13
C SER M 194 57.34 1.49 -29.64
N LYS M 195 56.55 0.65 -30.30
CA LYS M 195 57.11 -0.59 -30.86
C LYS M 195 58.13 -0.28 -31.95
N ASP M 196 57.88 0.76 -32.75
CA ASP M 196 58.85 1.34 -33.68
C ASP M 196 58.87 2.84 -33.42
N HIS M 197 59.71 3.28 -32.49
CA HIS M 197 59.82 4.69 -32.18
C HIS M 197 60.60 5.46 -33.24
N ASP M 198 61.51 4.80 -33.95
CA ASP M 198 62.24 5.46 -35.02
C ASP M 198 61.33 5.74 -36.22
N ARG M 199 60.37 4.85 -36.48
CA ARG M 199 59.52 4.98 -37.66
C ARG M 199 58.45 6.04 -37.48
N PHE M 200 57.65 5.94 -36.41
CA PHE M 200 56.53 6.84 -36.21
C PHE M 200 56.95 8.23 -35.73
N ALA M 201 58.17 8.38 -35.19
CA ALA M 201 58.65 9.71 -34.84
C ALA M 201 58.93 10.57 -36.07
N GLU M 202 59.28 9.95 -37.21
CA GLU M 202 59.45 10.70 -38.44
C GLU M 202 58.13 11.29 -38.92
N MET M 203 57.00 10.62 -38.62
CA MET M 203 55.70 11.15 -38.99
C MET M 203 55.41 12.45 -38.24
N ALA M 204 55.73 12.50 -36.96
CA ALA M 204 55.51 13.70 -36.16
C ALA M 204 56.45 14.84 -36.52
N VAL M 205 57.62 14.54 -37.09
CA VAL M 205 58.61 15.57 -37.44
C VAL M 205 58.42 16.06 -38.87
N GLU M 206 58.12 15.14 -39.80
CA GLU M 206 57.94 15.51 -41.20
C GLU M 206 56.71 16.38 -41.40
N ALA M 207 55.70 16.26 -40.54
CA ALA M 207 54.51 17.10 -40.66
C ALA M 207 54.80 18.56 -40.33
N VAL M 208 55.73 18.83 -39.42
CA VAL M 208 56.09 20.19 -39.03
C VAL M 208 57.08 20.82 -39.99
N ILE M 209 57.83 20.02 -40.76
CA ILE M 209 58.75 20.59 -41.75
C ILE M 209 57.97 21.32 -42.85
N ASN M 210 56.77 20.86 -43.16
CA ASN M 210 55.98 21.43 -44.25
C ASN M 210 55.24 22.72 -43.88
N VAL M 211 55.20 23.10 -42.58
CA VAL M 211 54.51 24.31 -42.12
C VAL M 211 55.47 25.35 -41.58
N MET M 212 56.68 24.98 -41.18
CA MET M 212 57.63 25.95 -40.65
C MET M 212 58.10 26.89 -41.75
N ASP M 213 58.29 28.16 -41.37
CA ASP M 213 58.69 29.21 -42.29
C ASP M 213 60.20 29.38 -42.40
N LYS M 214 61.00 28.70 -41.57
CA LYS M 214 62.46 28.73 -41.54
C LYS M 214 63.02 30.06 -41.01
N ASP M 215 62.18 30.98 -40.53
CA ASP M 215 62.64 32.22 -39.93
C ASP M 215 61.47 32.85 -39.20
N ARG M 216 61.71 33.24 -37.94
CA ARG M 216 60.68 33.59 -36.95
C ARG M 216 59.48 32.65 -37.04
N LYS M 217 59.78 31.36 -36.85
CA LYS M 217 58.88 30.28 -37.21
C LYS M 217 57.65 30.26 -36.32
N ASP M 218 56.49 30.01 -36.93
CA ASP M 218 55.22 29.77 -36.25
C ASP M 218 54.66 28.43 -36.71
N VAL M 219 54.03 27.72 -35.78
CA VAL M 219 53.60 26.36 -36.06
C VAL M 219 52.41 26.33 -37.02
N ASP M 220 51.45 27.23 -36.85
CA ASP M 220 50.20 27.23 -37.61
C ASP M 220 49.49 25.88 -37.47
N PHE M 221 49.13 25.58 -36.21
CA PHE M 221 48.63 24.27 -35.84
C PHE M 221 47.32 23.91 -36.53
N ASP M 222 46.49 24.90 -36.88
CA ASP M 222 45.18 24.62 -37.47
C ASP M 222 45.28 23.96 -38.83
N LEU M 223 46.36 24.17 -39.58
CA LEU M 223 46.50 23.54 -40.88
C LEU M 223 46.71 22.03 -40.74
N ILE M 224 47.45 21.61 -39.71
CA ILE M 224 47.77 20.19 -39.53
C ILE M 224 46.51 19.48 -39.09
N LYS M 225 45.91 18.70 -39.99
CA LYS M 225 44.78 17.84 -39.69
C LYS M 225 45.27 16.48 -39.20
N MET M 226 44.32 15.68 -38.69
CA MET M 226 44.66 14.38 -38.12
C MET M 226 43.42 13.50 -38.18
N GLN M 227 43.51 12.40 -38.94
CA GLN M 227 42.42 11.44 -39.08
C GLN M 227 43.02 10.04 -39.17
N GLY M 228 42.35 9.08 -38.53
CA GLY M 228 42.76 7.68 -38.52
C GLY M 228 41.60 6.78 -38.88
N ARG M 229 41.89 5.75 -39.69
CA ARG M 229 40.92 4.78 -40.15
C ARG M 229 41.12 3.47 -39.39
N VAL M 230 40.02 2.88 -38.94
CA VAL M 230 40.08 1.58 -38.28
C VAL M 230 40.20 0.49 -39.34
N GLY M 231 41.36 -0.13 -39.41
CA GLY M 231 41.62 -1.15 -40.40
C GLY M 231 43.11 -1.45 -40.50
N GLY M 232 43.43 -2.69 -40.86
CA GLY M 232 44.80 -3.10 -41.04
C GLY M 232 45.56 -3.13 -39.72
N SER M 233 46.87 -2.89 -39.83
CA SER M 233 47.79 -2.85 -38.70
C SER M 233 48.44 -1.47 -38.60
N ILE M 234 49.06 -1.22 -37.45
CA ILE M 234 49.72 0.07 -37.22
C ILE M 234 51.00 0.22 -38.02
N SER M 235 51.64 -0.87 -38.42
CA SER M 235 52.87 -0.79 -39.21
C SER M 235 52.64 -0.26 -40.62
N ASP M 236 51.42 -0.38 -41.16
CA ASP M 236 51.10 0.11 -42.48
C ASP M 236 50.82 1.62 -42.52
N SER M 237 50.93 2.32 -41.39
CA SER M 237 50.69 3.76 -41.37
C SER M 237 51.83 4.47 -42.08
N LYS M 238 51.49 5.31 -43.06
CA LYS M 238 52.44 6.09 -43.82
C LYS M 238 51.95 7.52 -43.96
N LEU M 239 52.87 8.48 -43.83
CA LEU M 239 52.54 9.89 -43.89
C LEU M 239 52.26 10.30 -45.33
N ILE M 240 51.24 11.13 -45.52
CA ILE M 240 50.85 11.65 -46.83
C ILE M 240 50.77 13.17 -46.75
N ASN M 241 50.68 13.78 -47.93
CA ASN M 241 50.57 15.24 -48.10
C ASN M 241 49.31 15.52 -48.90
N GLY M 242 48.22 15.82 -48.20
CA GLY M 242 46.95 16.10 -48.86
C GLY M 242 45.83 16.14 -47.85
N VAL M 243 44.66 15.66 -48.29
CA VAL M 243 43.44 15.65 -47.48
C VAL M 243 42.81 14.26 -47.63
N ILE M 244 42.37 13.70 -46.50
CA ILE M 244 41.72 12.39 -46.47
C ILE M 244 40.21 12.63 -46.48
N LEU M 245 39.53 12.02 -47.45
CA LEU M 245 38.08 12.08 -47.59
C LEU M 245 37.49 10.71 -47.27
N ASP M 246 36.30 10.73 -46.65
CA ASP M 246 35.57 9.54 -46.24
C ASP M 246 34.32 9.30 -47.06
N LYS M 247 34.37 9.55 -48.37
CA LYS M 247 33.19 9.50 -49.23
C LYS M 247 33.60 9.09 -50.64
N ASP M 248 32.59 8.66 -51.41
CA ASP M 248 32.79 8.07 -52.73
C ASP M 248 32.51 9.09 -53.83
N PHE M 249 32.66 8.63 -55.07
CA PHE M 249 32.41 9.46 -56.24
C PHE M 249 30.90 9.54 -56.51
N SER M 250 30.54 10.45 -57.42
CA SER M 250 29.13 10.64 -57.75
C SER M 250 28.54 9.44 -58.49
N HIS M 251 29.37 8.67 -59.20
CA HIS M 251 28.96 7.50 -59.96
C HIS M 251 30.08 6.46 -59.87
N PRO M 252 29.79 5.17 -59.70
CA PRO M 252 30.89 4.21 -59.53
C PRO M 252 31.59 3.81 -60.82
N GLN M 253 31.03 4.12 -61.99
CA GLN M 253 31.68 3.81 -63.26
C GLN M 253 32.87 4.73 -63.57
N MET M 254 33.07 5.79 -62.81
CA MET M 254 34.20 6.69 -63.06
C MET M 254 35.51 5.96 -62.74
N PRO M 255 36.63 6.39 -63.33
CA PRO M 255 37.89 5.71 -63.02
C PRO M 255 38.38 6.02 -61.62
N LYS M 256 38.99 5.01 -60.99
CA LYS M 256 39.50 5.18 -59.63
C LYS M 256 40.69 6.11 -59.59
N CYS M 257 41.76 5.77 -60.30
CA CYS M 257 43.00 6.53 -60.32
C CYS M 257 42.99 7.46 -61.53
N VAL M 258 43.23 8.75 -61.27
CA VAL M 258 43.20 9.80 -62.29
C VAL M 258 44.58 10.44 -62.33
N LEU M 259 45.27 10.31 -63.47
CA LEU M 259 46.60 10.85 -63.72
C LEU M 259 46.50 12.08 -64.60
N PRO M 260 47.52 12.94 -64.65
CA PRO M 260 47.52 14.03 -65.62
C PRO M 260 47.99 13.56 -66.99
N LYS M 261 47.77 14.44 -67.97
CA LYS M 261 48.17 14.21 -69.36
C LYS M 261 49.31 15.18 -69.67
N GLU M 262 49.73 15.21 -70.95
CA GLU M 262 51.05 15.63 -71.48
C GLU M 262 51.57 16.91 -70.82
N GLY M 263 50.76 17.96 -70.68
CA GLY M 263 51.16 19.19 -70.01
C GLY M 263 50.20 19.57 -68.91
N SER M 264 50.64 20.52 -68.07
CA SER M 264 49.86 20.99 -66.92
C SER M 264 49.54 19.85 -65.96
N ASP M 265 50.61 19.33 -65.34
CA ASP M 265 50.54 18.18 -64.44
C ASP M 265 49.55 18.37 -63.29
N GLY M 266 49.29 19.61 -62.86
CA GLY M 266 48.21 19.83 -61.93
C GLY M 266 46.87 19.51 -62.57
N VAL M 267 46.01 18.80 -61.81
CA VAL M 267 44.73 18.35 -62.33
C VAL M 267 43.68 19.46 -62.43
N LYS M 268 43.98 20.68 -61.96
CA LYS M 268 43.06 21.81 -62.02
C LYS M 268 41.78 21.52 -61.24
N LEU M 269 41.96 21.25 -59.95
CA LEU M 269 40.83 20.96 -59.08
C LEU M 269 40.00 22.21 -58.86
N ALA M 270 38.75 22.17 -59.34
CA ALA M 270 37.79 23.25 -59.15
C ALA M 270 36.92 22.91 -57.94
N ILE M 271 36.86 23.83 -56.98
CA ILE M 271 36.09 23.67 -55.75
C ILE M 271 34.90 24.63 -55.85
N LEU M 272 33.74 24.17 -55.39
CA LEU M 272 32.48 24.88 -55.55
C LEU M 272 31.68 24.82 -54.27
N THR M 273 30.99 25.92 -53.97
CA THR M 273 30.05 26.00 -52.86
C THR M 273 28.63 25.65 -53.25
N CYS M 274 28.18 26.14 -54.40
CA CYS M 274 26.83 25.89 -54.91
C CYS M 274 26.83 24.62 -55.75
N PRO M 275 25.90 23.68 -55.57
CA PRO M 275 25.99 22.41 -56.30
C PRO M 275 25.38 22.52 -57.69
N PHE M 276 25.46 21.42 -58.44
CA PHE M 276 24.78 21.32 -59.73
C PHE M 276 23.27 21.18 -59.50
N GLU M 277 22.55 22.27 -59.61
CA GLU M 277 21.11 22.32 -59.38
C GLU M 277 20.51 23.40 -60.26
N PRO M 278 19.18 23.48 -60.36
CA PRO M 278 18.57 24.62 -61.05
C PRO M 278 18.77 25.89 -60.25
N PRO M 279 19.05 27.04 -60.88
CA PRO M 279 19.09 28.29 -60.10
C PRO M 279 17.71 28.71 -59.65
N LYS M 280 17.61 29.16 -58.40
CA LYS M 280 16.38 29.72 -57.86
C LYS M 280 16.73 30.64 -56.70
N PRO M 281 15.85 31.61 -56.36
CA PRO M 281 16.16 32.48 -55.22
C PRO M 281 15.80 31.83 -53.90
N LYS M 282 16.32 32.42 -52.82
CA LYS M 282 16.05 31.91 -51.48
C LYS M 282 14.61 32.17 -51.04
N THR M 283 14.09 33.37 -51.30
CA THR M 283 12.77 33.74 -50.81
C THR M 283 11.68 32.89 -51.47
N LYS M 284 10.52 32.84 -50.81
CA LYS M 284 9.39 32.11 -51.35
C LYS M 284 8.91 32.75 -52.65
N HIS M 285 8.61 31.92 -53.63
CA HIS M 285 8.26 32.41 -54.95
C HIS M 285 7.46 31.34 -55.69
N LYS M 286 6.53 31.82 -56.53
CA LYS M 286 5.74 30.98 -57.42
C LYS M 286 5.87 31.50 -58.83
N LEU M 287 6.38 30.65 -59.73
CA LEU M 287 6.60 31.01 -61.13
C LEU M 287 5.30 30.77 -61.90
N ASP M 288 4.66 31.85 -62.34
CA ASP M 288 3.40 31.75 -63.05
C ASP M 288 3.64 31.18 -64.44
N ILE M 289 3.05 30.01 -64.70
CA ILE M 289 3.19 29.28 -65.96
C ILE M 289 1.91 29.49 -66.75
N SER M 290 2.05 30.06 -67.94
CA SER M 290 0.93 30.44 -68.79
C SER M 290 0.48 29.21 -69.59
N SER M 291 -0.12 29.45 -70.75
CA SER M 291 -0.52 28.42 -71.71
C SER M 291 0.71 27.68 -72.26
N VAL M 292 0.47 26.74 -73.19
CA VAL M 292 1.44 25.74 -73.65
C VAL M 292 2.72 26.39 -74.21
N GLU M 293 2.64 27.62 -74.72
CA GLU M 293 3.81 28.33 -75.23
C GLU M 293 4.88 28.51 -74.15
N GLU M 294 4.47 28.92 -72.94
CA GLU M 294 5.43 29.06 -71.85
C GLU M 294 5.87 27.71 -71.30
N TYR M 295 5.00 26.69 -71.37
CA TYR M 295 5.36 25.38 -70.86
C TYR M 295 6.47 24.74 -71.69
N GLN M 296 6.39 24.86 -73.01
CA GLN M 296 7.44 24.35 -73.88
C GLN M 296 8.71 25.21 -73.82
N LYS M 297 8.57 26.50 -73.50
CA LYS M 297 9.73 27.38 -73.44
C LYS M 297 10.64 27.04 -72.26
N LEU M 298 10.05 26.73 -71.10
CA LEU M 298 10.85 26.42 -69.92
C LEU M 298 11.59 25.10 -70.04
N GLN M 299 11.12 24.18 -70.89
CA GLN M 299 11.87 22.95 -71.14
C GLN M 299 13.18 23.27 -71.84
N THR M 300 13.16 24.22 -72.77
CA THR M 300 14.39 24.66 -73.42
C THR M 300 15.27 25.48 -72.49
N TYR M 301 14.68 26.11 -71.47
CA TYR M 301 15.46 26.94 -70.55
C TYR M 301 16.45 26.10 -69.74
N GLU M 302 15.96 25.04 -69.10
CA GLU M 302 16.83 24.19 -68.30
C GLU M 302 17.72 23.30 -69.16
N GLN M 303 17.24 22.89 -70.33
CA GLN M 303 18.07 22.10 -71.24
C GLN M 303 19.23 22.92 -71.81
N ASP M 304 19.01 24.21 -72.07
CA ASP M 304 20.10 25.10 -72.44
C ASP M 304 20.97 25.49 -71.24
N LYS M 305 20.41 25.42 -70.02
CA LYS M 305 21.20 25.71 -68.84
C LYS M 305 22.29 24.67 -68.63
N PHE M 306 21.94 23.38 -68.75
CA PHE M 306 22.94 22.32 -68.63
C PHE M 306 23.98 22.38 -69.75
N LYS M 307 23.55 22.75 -70.96
CA LYS M 307 24.51 22.94 -72.04
C LYS M 307 25.41 24.13 -71.76
N GLU M 308 24.85 25.22 -71.20
CA GLU M 308 25.68 26.32 -70.74
C GLU M 308 26.53 25.91 -69.55
N MET M 309 26.02 24.99 -68.72
CA MET M 309 26.78 24.54 -67.55
C MET M 309 28.01 23.75 -67.95
N ILE M 310 27.85 22.76 -68.83
CA ILE M 310 28.97 21.90 -69.20
C ILE M 310 29.99 22.67 -70.06
N ASP M 311 29.53 23.65 -70.85
CA ASP M 311 30.47 24.46 -71.61
C ASP M 311 31.29 25.38 -70.69
N ASP M 312 30.71 25.82 -69.58
CA ASP M 312 31.44 26.67 -68.66
C ASP M 312 32.55 25.91 -67.96
N VAL M 313 32.31 24.65 -67.60
CA VAL M 313 33.32 23.85 -66.92
C VAL M 313 34.43 23.46 -67.89
N LYS M 314 34.05 23.04 -69.11
CA LYS M 314 35.06 22.70 -70.11
C LYS M 314 35.85 23.91 -70.57
N LYS M 315 35.25 25.10 -70.54
CA LYS M 315 36.00 26.32 -70.84
C LYS M 315 37.07 26.57 -69.79
N ALA M 316 36.74 26.32 -68.52
CA ALA M 316 37.73 26.43 -67.45
C ALA M 316 38.78 25.33 -67.50
N GLY M 317 38.45 24.18 -68.09
CA GLY M 317 39.41 23.10 -68.21
C GLY M 317 39.61 22.28 -66.96
N ALA M 318 38.61 22.23 -66.09
CA ALA M 318 38.73 21.44 -64.87
C ALA M 318 38.60 19.94 -65.19
N ASP M 319 39.24 19.13 -64.35
CA ASP M 319 39.24 17.68 -64.44
C ASP M 319 38.53 17.01 -63.28
N VAL M 320 38.49 17.66 -62.11
CA VAL M 320 37.76 17.18 -60.93
C VAL M 320 37.00 18.36 -60.35
N VAL M 321 35.71 18.14 -60.09
CA VAL M 321 34.81 19.13 -59.50
C VAL M 321 34.19 18.53 -58.25
N ILE M 322 34.21 19.30 -57.15
CA ILE M 322 33.62 18.90 -55.88
C ILE M 322 32.71 20.02 -55.40
N CYS M 323 31.51 19.63 -54.94
CA CYS M 323 30.53 20.55 -54.37
C CYS M 323 30.12 20.01 -53.01
N GLN M 324 29.62 20.91 -52.17
CA GLN M 324 29.24 20.54 -50.81
C GLN M 324 27.93 19.81 -50.83
N TRP M 325 27.20 19.92 -51.92
CA TRP M 325 25.89 19.33 -52.00
C TRP M 325 25.77 18.48 -53.25
N GLY M 326 24.87 17.51 -53.23
CA GLY M 326 24.72 16.61 -54.36
C GLY M 326 24.24 17.17 -55.66
N PHE M 327 24.81 16.68 -56.75
CA PHE M 327 24.38 17.13 -58.06
C PHE M 327 23.09 16.44 -58.43
N ASP M 328 22.35 17.02 -59.36
CA ASP M 328 21.14 16.36 -59.84
C ASP M 328 21.51 15.08 -60.55
N ASP M 329 20.55 14.20 -60.78
CA ASP M 329 20.80 12.99 -61.51
C ASP M 329 21.28 13.26 -62.90
N GLU M 330 20.41 13.76 -63.74
CA GLU M 330 20.85 14.16 -65.07
C GLU M 330 22.24 14.77 -65.02
N ALA M 331 22.56 15.53 -63.98
CA ALA M 331 23.86 16.17 -63.86
C ALA M 331 24.97 15.17 -63.59
N ASN M 332 24.69 14.06 -62.91
CA ASN M 332 25.72 13.06 -62.64
C ASN M 332 26.17 12.38 -63.93
N HIS M 333 25.26 12.16 -64.87
CA HIS M 333 25.60 11.55 -66.15
C HIS M 333 26.29 12.53 -67.08
N LEU M 334 25.87 13.80 -67.08
CA LEU M 334 26.44 14.79 -67.99
C LEU M 334 27.92 15.03 -67.72
N LEU M 335 28.35 14.89 -66.47
CA LEU M 335 29.78 14.98 -66.15
C LEU M 335 30.52 13.72 -66.58
N LEU M 336 29.88 12.55 -66.49
CA LEU M 336 30.53 11.30 -66.85
C LEU M 336 30.84 11.18 -68.33
N GLN M 337 30.15 11.93 -69.19
CA GLN M 337 30.38 11.80 -70.64
C GLN M 337 31.73 12.37 -71.06
N ASN M 338 32.11 13.53 -70.53
CA ASN M 338 33.28 14.26 -70.99
C ASN M 338 34.56 13.88 -70.25
N ASP M 339 34.57 12.73 -69.55
CA ASP M 339 35.69 12.31 -68.72
C ASP M 339 36.01 13.36 -67.66
N LEU M 340 35.00 13.62 -66.82
CA LEU M 340 35.04 14.69 -65.82
C LEU M 340 34.46 14.12 -64.53
N PRO M 341 35.24 13.37 -63.75
CA PRO M 341 34.73 12.83 -62.49
C PRO M 341 34.37 13.92 -61.49
N ALA M 342 33.63 13.51 -60.45
CA ALA M 342 33.16 14.44 -59.43
C ALA M 342 32.88 13.68 -58.15
N VAL M 343 33.10 14.41 -57.04
CA VAL M 343 32.86 13.90 -55.71
C VAL M 343 31.76 14.81 -55.30
N ARG M 344 30.87 14.42 -54.42
CA ARG M 344 29.71 15.20 -54.04
C ARG M 344 29.61 15.17 -52.56
N TRP M 345 28.88 16.08 -51.98
CA TRP M 345 28.69 16.13 -50.57
C TRP M 345 29.88 16.24 -49.70
N VAL M 346 30.86 17.04 -50.08
CA VAL M 346 32.03 17.25 -49.25
C VAL M 346 31.72 18.23 -48.17
N GLY M 347 31.84 17.83 -46.93
CA GLY M 347 31.55 18.64 -45.75
C GLY M 347 32.01 20.07 -45.94
N GLY M 348 31.28 20.98 -45.29
CA GLY M 348 31.62 22.39 -45.37
C GLY M 348 32.93 22.73 -44.69
N GLN M 349 33.18 22.13 -43.51
CA GLN M 349 34.46 22.33 -42.83
C GLN M 349 35.59 21.65 -43.58
N GLU M 350 35.32 20.51 -44.23
CA GLU M 350 36.33 19.81 -45.01
C GLU M 350 36.62 20.48 -46.34
N LEU M 351 35.70 21.29 -46.86
CA LEU M 351 35.91 21.90 -48.18
C LEU M 351 36.99 22.96 -48.14
N GLU M 352 37.12 23.69 -47.02
CA GLU M 352 38.09 24.77 -46.94
C GLU M 352 39.52 24.25 -46.90
N HIS M 353 39.74 23.07 -46.29
CA HIS M 353 41.09 22.55 -46.17
C HIS M 353 41.65 22.06 -47.51
N ILE M 354 40.79 21.72 -48.47
CA ILE M 354 41.27 21.22 -49.75
C ILE M 354 41.91 22.34 -50.56
N ALA M 355 41.34 23.55 -50.49
CA ALA M 355 41.86 24.66 -51.28
C ALA M 355 43.23 25.12 -50.81
N ILE M 356 43.55 24.96 -49.53
CA ILE M 356 44.81 25.49 -49.01
C ILE M 356 45.98 24.64 -49.49
N SER M 357 45.82 23.32 -49.46
CA SER M 357 46.90 22.43 -49.90
C SER M 357 47.13 22.54 -51.40
N THR M 358 46.07 22.69 -52.18
CA THR M 358 46.15 22.77 -53.63
C THR M 358 46.55 24.16 -54.13
N ASN M 359 46.79 25.13 -53.24
CA ASN M 359 47.18 26.49 -53.62
C ASN M 359 46.12 27.17 -54.48
N GLY M 360 44.85 26.95 -54.13
CA GLY M 360 43.72 27.49 -54.84
C GLY M 360 42.85 28.34 -53.92
N ARG M 361 41.75 28.81 -54.50
CA ARG M 361 40.77 29.62 -53.78
C ARG M 361 39.38 29.30 -54.33
N ILE M 362 38.39 29.29 -53.45
CA ILE M 362 37.04 28.84 -53.81
C ILE M 362 36.32 29.98 -54.50
N VAL M 363 35.68 29.68 -55.63
CA VAL M 363 34.92 30.67 -56.38
C VAL M 363 33.57 30.86 -55.69
N PRO M 364 32.99 32.09 -55.64
CA PRO M 364 31.62 32.20 -55.08
C PRO M 364 30.56 31.63 -56.01
N ARG M 365 30.69 31.92 -57.30
CA ARG M 365 29.71 31.51 -58.32
C ARG M 365 30.43 30.94 -59.54
N PHE M 366 29.65 30.47 -60.52
CA PHE M 366 30.21 29.85 -61.71
C PHE M 366 30.60 30.84 -62.80
N GLN M 367 30.03 32.05 -62.79
CA GLN M 367 30.41 33.06 -63.77
C GLN M 367 31.83 33.58 -63.56
N ASP M 368 32.34 33.57 -62.34
CA ASP M 368 33.69 34.01 -62.03
C ASP M 368 34.74 32.93 -62.19
N LEU M 369 34.36 31.73 -62.65
CA LEU M 369 35.32 30.63 -62.78
C LEU M 369 36.31 30.95 -63.90
N SER M 370 37.60 30.79 -63.60
CA SER M 370 38.67 31.08 -64.54
C SER M 370 39.83 30.12 -64.26
N LYS M 371 40.92 30.31 -64.99
CA LYS M 371 42.06 29.40 -64.89
C LYS M 371 42.88 29.64 -63.63
N ASP M 372 42.97 30.89 -63.17
CA ASP M 372 43.84 31.22 -62.03
C ASP M 372 43.37 30.60 -60.72
N LYS M 373 42.06 30.41 -60.54
CA LYS M 373 41.50 29.95 -59.28
C LYS M 373 41.35 28.42 -59.21
N LEU M 374 41.89 27.67 -60.18
CA LEU M 374 41.81 26.22 -60.16
C LEU M 374 42.96 25.65 -59.33
N GLY M 375 42.82 24.37 -58.98
CA GLY M 375 43.75 23.71 -58.09
C GLY M 375 44.95 23.11 -58.80
N THR M 376 45.64 22.24 -58.06
CA THR M 376 46.85 21.57 -58.56
C THR M 376 47.10 20.36 -57.67
N CYS M 377 47.15 19.18 -58.28
CA CYS M 377 47.39 17.94 -57.55
C CYS M 377 48.25 17.01 -58.40
N SER M 378 49.05 16.19 -57.72
CA SER M 378 49.93 15.25 -58.40
C SER M 378 49.14 14.03 -58.91
N ARG M 379 48.44 13.36 -58.01
CA ARG M 379 47.68 12.16 -58.36
C ARG M 379 46.67 11.87 -57.27
N ILE M 380 45.57 11.22 -57.65
CA ILE M 380 44.52 10.80 -56.74
C ILE M 380 44.14 9.36 -57.07
N TYR M 381 43.64 8.64 -56.06
CA TYR M 381 43.21 7.27 -56.25
C TYR M 381 42.19 6.90 -55.20
N GLU M 382 41.26 6.03 -55.58
CA GLU M 382 40.19 5.56 -54.71
C GLU M 382 40.66 4.25 -54.05
N GLN M 383 40.96 4.32 -52.76
CA GLN M 383 41.54 3.20 -52.02
C GLN M 383 40.43 2.36 -51.42
N GLU M 384 40.48 1.06 -51.68
CA GLU M 384 39.58 0.08 -51.09
C GLU M 384 40.17 -0.46 -49.79
N PHE M 385 39.27 -0.84 -48.87
CA PHE M 385 39.64 -1.37 -47.56
C PHE M 385 38.83 -2.64 -47.32
N GLY M 386 39.34 -3.77 -47.81
CA GLY M 386 38.71 -5.05 -47.56
C GLY M 386 37.36 -5.17 -48.24
N THR M 387 36.45 -5.90 -47.60
CA THR M 387 35.11 -6.16 -48.12
C THR M 387 34.10 -5.09 -47.73
N THR M 388 34.50 -4.00 -47.09
CA THR M 388 33.56 -2.98 -46.65
C THR M 388 33.12 -2.13 -47.83
N LYS M 389 31.88 -1.62 -47.72
CA LYS M 389 31.25 -0.82 -48.78
C LYS M 389 31.43 0.67 -48.48
N ASP M 390 32.70 1.08 -48.49
CA ASP M 390 33.07 2.48 -48.30
C ASP M 390 34.25 2.80 -49.20
N ARG M 391 34.42 4.08 -49.50
CA ARG M 391 35.44 4.59 -50.41
C ARG M 391 36.12 5.79 -49.78
N MET M 392 37.44 5.85 -49.88
CA MET M 392 38.25 6.95 -49.38
C MET M 392 39.22 7.42 -50.46
N LEU M 393 39.23 8.73 -50.70
CA LEU M 393 40.20 9.36 -51.59
C LEU M 393 41.43 9.76 -50.80
N ILE M 394 42.58 9.69 -51.45
CA ILE M 394 43.88 10.00 -50.85
C ILE M 394 44.62 10.91 -51.82
N ILE M 395 44.62 12.20 -51.53
CA ILE M 395 45.31 13.19 -52.35
C ILE M 395 46.77 13.21 -51.91
N GLU M 396 47.68 13.25 -52.89
CA GLU M 396 49.11 13.27 -52.67
C GLU M 396 49.74 14.38 -53.48
N GLN M 397 50.83 14.92 -52.96
CA GLN M 397 51.55 16.04 -53.55
C GLN M 397 53.03 15.72 -53.62
N SER M 398 53.62 15.93 -54.80
CA SER M 398 55.03 15.62 -55.01
C SER M 398 55.96 16.65 -54.38
N LYS M 399 55.53 17.89 -54.27
CA LYS M 399 56.33 19.00 -53.74
C LYS M 399 55.80 19.40 -52.37
N GLU M 400 56.56 20.25 -51.68
CA GLU M 400 56.20 20.71 -50.35
C GLU M 400 55.04 21.69 -50.46
N THR M 401 53.90 21.34 -49.86
CA THR M 401 52.69 22.14 -49.84
C THR M 401 52.50 22.73 -48.43
N LYS M 402 51.38 23.42 -48.24
CA LYS M 402 51.14 24.12 -46.98
C LYS M 402 50.75 23.17 -45.87
N THR M 403 49.68 22.41 -46.05
CA THR M 403 49.09 21.61 -44.99
C THR M 403 49.66 20.19 -45.02
N VAL M 404 49.15 19.37 -44.10
CA VAL M 404 49.51 17.96 -44.03
C VAL M 404 48.47 17.28 -43.16
N THR M 405 48.17 16.02 -43.49
CA THR M 405 47.13 15.24 -42.84
C THR M 405 47.70 13.88 -42.46
N CYS M 406 47.52 13.52 -41.19
CA CYS M 406 48.00 12.23 -40.71
C CYS M 406 47.13 11.10 -41.23
N PHE M 407 47.72 9.91 -41.35
CA PHE M 407 47.05 8.72 -41.86
C PHE M 407 47.39 7.57 -40.90
N VAL M 408 46.58 7.41 -39.87
CA VAL M 408 46.82 6.47 -38.77
C VAL M 408 45.95 5.24 -39.00
N ARG M 409 46.51 4.06 -38.69
CA ARG M 409 45.82 2.79 -38.81
C ARG M 409 46.03 1.97 -37.53
N GLY M 410 45.29 0.88 -37.43
CA GLY M 410 45.37 0.03 -36.26
C GLY M 410 44.34 -1.07 -36.34
N SER M 411 44.56 -2.09 -35.51
CA SER M 411 43.73 -3.29 -35.48
C SER M 411 42.56 -3.20 -34.51
N ASN M 412 42.24 -2.01 -34.00
CA ASN M 412 41.10 -1.80 -33.12
C ASN M 412 40.61 -0.37 -33.31
N LYS M 413 39.42 -0.08 -32.77
CA LYS M 413 38.92 1.28 -32.78
C LYS M 413 39.64 2.12 -31.72
N MET M 414 39.88 1.56 -30.54
CA MET M 414 40.52 2.31 -29.46
C MET M 414 42.01 2.48 -29.70
N ILE M 415 42.67 1.50 -30.33
CA ILE M 415 44.10 1.62 -30.60
C ILE M 415 44.38 2.71 -31.64
N VAL M 416 43.45 2.96 -32.56
CA VAL M 416 43.59 4.10 -33.46
C VAL M 416 43.39 5.40 -32.69
N ASP M 417 42.40 5.43 -31.80
CA ASP M 417 42.21 6.59 -30.94
C ASP M 417 43.40 6.78 -30.01
N GLU M 418 44.02 5.70 -29.54
CA GLU M 418 45.23 5.83 -28.73
C GLU M 418 46.40 6.31 -29.58
N ALA M 419 46.51 5.82 -30.82
CA ALA M 419 47.57 6.29 -31.70
C ALA M 419 47.34 7.74 -32.13
N GLU M 420 46.07 8.14 -32.29
CA GLU M 420 45.77 9.54 -32.59
C GLU M 420 46.13 10.44 -31.42
N ARG M 421 45.84 9.99 -30.20
CA ARG M 421 46.14 10.80 -29.01
C ARG M 421 47.63 10.78 -28.70
N ALA M 422 48.29 9.64 -28.92
CA ALA M 422 49.73 9.57 -28.72
C ALA M 422 50.46 10.44 -29.75
N LEU M 423 49.99 10.41 -31.01
CA LEU M 423 50.55 11.30 -32.02
C LEU M 423 50.19 12.75 -31.77
N HIS M 424 49.00 13.00 -31.20
CA HIS M 424 48.61 14.37 -30.89
C HIS M 424 49.46 14.95 -29.77
N ASP M 425 49.77 14.13 -28.76
CA ASP M 425 50.67 14.57 -27.69
C ASP M 425 52.07 14.85 -28.21
N SER M 426 52.58 13.99 -29.09
CA SER M 426 53.88 14.24 -29.69
C SER M 426 53.83 15.43 -30.64
N LEU M 427 52.70 15.66 -31.28
CA LEU M 427 52.56 16.82 -32.17
C LEU M 427 52.57 18.12 -31.38
N CYS M 428 52.03 18.10 -30.15
CA CYS M 428 52.07 19.27 -29.28
C CYS M 428 53.40 19.44 -28.57
N VAL M 429 54.15 18.35 -28.37
CA VAL M 429 55.46 18.45 -27.73
C VAL M 429 56.46 19.11 -28.69
N VAL M 430 56.48 18.66 -29.94
CA VAL M 430 57.31 19.31 -30.95
C VAL M 430 56.82 20.71 -31.29
N ARG M 431 55.53 21.00 -31.06
CA ARG M 431 55.03 22.35 -31.26
C ARG M 431 55.71 23.35 -30.33
N ASN M 432 56.02 22.93 -29.11
CA ASN M 432 56.72 23.81 -28.18
C ASN M 432 58.15 24.07 -28.62
N LEU M 433 58.78 23.11 -29.30
CA LEU M 433 60.15 23.30 -29.76
C LEU M 433 60.24 24.38 -30.83
N VAL M 434 59.20 24.55 -31.64
CA VAL M 434 59.23 25.54 -32.70
C VAL M 434 59.17 26.95 -32.12
N LYS M 435 58.21 27.20 -31.24
CA LYS M 435 58.06 28.52 -30.63
C LYS M 435 59.10 28.82 -29.57
N ASP M 436 59.74 27.80 -28.99
CA ASP M 436 60.74 27.99 -27.96
C ASP M 436 61.79 26.89 -28.12
N SER M 437 62.99 27.26 -28.54
CA SER M 437 64.07 26.31 -28.76
C SER M 437 64.81 25.92 -27.48
N ARG M 438 64.65 26.69 -26.41
CA ARG M 438 65.33 26.36 -25.15
C ARG M 438 64.67 25.14 -24.52
N VAL M 439 65.42 24.04 -24.47
CA VAL M 439 64.93 22.73 -24.01
C VAL M 439 65.64 22.37 -22.71
N VAL M 440 65.15 21.31 -22.08
CA VAL M 440 65.73 20.77 -20.86
C VAL M 440 65.89 19.26 -21.02
N TYR M 441 66.35 18.62 -19.95
CA TYR M 441 66.56 17.17 -19.90
C TYR M 441 65.89 16.66 -18.62
N GLY M 442 64.69 16.11 -18.75
CA GLY M 442 63.93 15.64 -17.61
C GLY M 442 64.28 14.22 -17.20
N GLY M 443 63.29 13.46 -16.75
CA GLY M 443 63.53 12.10 -16.31
C GLY M 443 64.24 12.00 -14.98
N GLY M 444 63.90 12.88 -14.03
CA GLY M 444 64.52 12.89 -12.72
C GLY M 444 65.75 13.77 -12.59
N ALA M 445 66.32 14.24 -13.70
CA ALA M 445 67.49 15.11 -13.64
C ALA M 445 67.11 16.54 -13.29
N ALA M 446 66.02 17.05 -13.86
CA ALA M 446 65.58 18.40 -13.54
C ALA M 446 64.99 18.47 -12.14
N GLU M 447 64.37 17.40 -11.66
CA GLU M 447 63.75 17.43 -10.35
C GLU M 447 64.81 17.45 -9.25
N VAL M 448 65.80 16.56 -9.32
CA VAL M 448 66.85 16.55 -8.32
C VAL M 448 67.73 17.80 -8.42
N THR M 449 67.86 18.37 -9.62
CA THR M 449 68.62 19.61 -9.76
C THR M 449 67.91 20.76 -9.08
N MET M 450 66.59 20.85 -9.22
CA MET M 450 65.81 21.90 -8.60
C MET M 450 65.52 21.64 -7.12
N SER M 451 65.63 20.40 -6.66
CA SER M 451 65.39 20.10 -5.25
C SER M 451 66.54 20.53 -4.36
N LEU M 452 67.77 20.23 -4.77
CA LEU M 452 68.94 20.64 -3.99
C LEU M 452 69.22 22.13 -4.07
N ALA M 453 68.72 22.81 -5.11
CA ALA M 453 68.92 24.26 -5.22
C ALA M 453 68.18 24.98 -4.11
N VAL M 454 66.94 24.58 -3.83
CA VAL M 454 66.18 25.16 -2.73
C VAL M 454 66.65 24.65 -1.37
N SER M 455 67.21 23.43 -1.31
CA SER M 455 67.72 22.92 -0.05
C SER M 455 68.99 23.63 0.39
N GLU M 456 69.88 23.95 -0.56
CA GLU M 456 71.09 24.69 -0.24
C GLU M 456 70.78 26.10 0.23
N GLU M 457 69.67 26.68 -0.24
CA GLU M 457 69.21 28.00 0.20
C GLU M 457 68.35 27.95 1.46
N ALA M 458 67.92 26.76 1.90
CA ALA M 458 67.06 26.69 3.07
C ALA M 458 67.82 27.02 4.33
N ASP M 459 68.99 26.40 4.54
CA ASP M 459 69.79 26.66 5.73
C ASP M 459 70.48 28.02 5.69
N LYS M 460 70.53 28.69 4.53
CA LYS M 460 71.03 30.06 4.47
C LYS M 460 69.95 31.05 4.91
N GLN M 461 68.68 30.75 4.61
CA GLN M 461 67.52 31.59 4.88
C GLN M 461 66.54 30.93 5.85
N ARG M 462 67.03 30.45 7.01
CA ARG M 462 66.30 29.65 8.02
C ARG M 462 64.95 30.31 8.34
N GLY M 463 64.93 31.51 8.93
CA GLY M 463 63.70 32.27 9.11
C GLY M 463 62.63 31.51 9.89
N ILE M 464 61.47 31.34 9.24
CA ILE M 464 60.49 30.34 9.64
C ILE M 464 60.00 29.49 8.47
N ASP M 465 60.26 29.90 7.22
CA ASP M 465 59.80 29.16 6.05
C ASP M 465 60.77 28.10 5.56
N GLN M 466 61.76 27.71 6.37
CA GLN M 466 62.71 26.69 5.93
C GLN M 466 62.02 25.33 5.76
N TYR M 467 61.02 25.04 6.58
CA TYR M 467 60.28 23.78 6.42
C TYR M 467 59.50 23.77 5.12
N ALA M 468 59.04 24.93 4.65
CA ALA M 468 58.36 24.99 3.36
C ALA M 468 59.32 24.73 2.21
N PHE M 469 60.56 25.21 2.32
CA PHE M 469 61.57 24.90 1.30
C PHE M 469 61.91 23.42 1.31
N ARG M 470 62.05 22.82 2.50
CA ARG M 470 62.30 21.39 2.59
C ARG M 470 61.12 20.56 2.09
N GLY M 471 59.89 21.02 2.35
CA GLY M 471 58.73 20.32 1.81
C GLY M 471 58.66 20.43 0.30
N PHE M 472 59.05 21.58 -0.25
CA PHE M 472 59.12 21.72 -1.71
C PHE M 472 60.22 20.86 -2.29
N ALA M 473 61.32 20.68 -1.55
CA ALA M 473 62.41 19.83 -2.03
C ALA M 473 61.98 18.37 -2.05
N GLN M 474 61.42 17.88 -0.95
CA GLN M 474 60.95 16.50 -0.90
C GLN M 474 59.77 16.24 -1.83
N ALA M 475 58.98 17.27 -2.14
CA ALA M 475 57.88 17.10 -3.08
C ALA M 475 58.38 16.87 -4.50
N LEU M 476 59.45 17.56 -4.89
CA LEU M 476 60.06 17.32 -6.20
C LEU M 476 60.68 15.93 -6.32
N ASP M 477 61.14 15.37 -5.20
CA ASP M 477 61.77 14.04 -5.23
C ASP M 477 60.79 12.90 -5.46
N THR M 478 59.48 13.13 -5.31
CA THR M 478 58.51 12.07 -5.51
C THR M 478 58.43 11.64 -6.97
N ILE M 479 58.73 12.55 -7.90
CA ILE M 479 58.67 12.20 -9.32
C ILE M 479 59.74 11.18 -9.69
N PRO M 480 61.04 11.42 -9.45
CA PRO M 480 62.03 10.37 -9.78
C PRO M 480 61.91 9.13 -8.92
N MET M 481 61.38 9.25 -7.70
CA MET M 481 61.11 8.06 -6.90
C MET M 481 59.95 7.26 -7.47
N THR M 482 58.98 7.94 -8.09
CA THR M 482 57.91 7.24 -8.78
C THR M 482 58.43 6.51 -10.01
N LEU M 483 59.35 7.14 -10.74
CA LEU M 483 59.97 6.48 -11.88
C LEU M 483 60.83 5.31 -11.42
N ALA M 484 61.51 5.46 -10.28
CA ALA M 484 62.27 4.35 -9.72
C ALA M 484 61.36 3.25 -9.21
N GLU M 485 60.18 3.61 -8.69
CA GLU M 485 59.25 2.60 -8.20
C GLU M 485 58.65 1.80 -9.35
N ASN M 486 58.27 2.49 -10.44
CA ASN M 486 57.70 1.80 -11.58
C ASN M 486 58.72 0.98 -12.35
N SER M 487 59.97 1.43 -12.41
CA SER M 487 61.03 0.70 -13.09
C SER M 487 61.61 -0.45 -12.26
N GLY M 488 61.25 -0.57 -10.99
CA GLY M 488 61.73 -1.64 -10.14
C GLY M 488 63.05 -1.38 -9.44
N LEU M 489 63.74 -0.30 -9.77
CA LEU M 489 65.01 0.01 -9.11
C LEU M 489 64.76 0.45 -7.66
N ASP M 490 65.81 0.37 -6.86
CA ASP M 490 65.73 0.75 -5.45
C ASP M 490 65.65 2.28 -5.34
N PRO M 491 64.62 2.86 -4.71
CA PRO M 491 64.65 4.31 -4.53
C PRO M 491 65.75 4.80 -3.59
N ILE M 492 66.24 3.95 -2.68
CA ILE M 492 67.32 4.36 -1.79
C ILE M 492 68.61 4.58 -2.57
N GLY M 493 69.02 3.59 -3.35
CA GLY M 493 70.23 3.74 -4.14
C GLY M 493 70.09 4.76 -5.25
N THR M 494 68.89 4.87 -5.82
CA THR M 494 68.66 5.82 -6.90
C THR M 494 68.66 7.26 -6.37
N LEU M 495 67.93 7.51 -5.29
CA LEU M 495 67.86 8.86 -4.75
C LEU M 495 69.19 9.27 -4.13
N SER M 496 69.87 8.35 -3.43
CA SER M 496 71.14 8.67 -2.82
C SER M 496 72.22 8.92 -3.87
N THR M 497 72.17 8.20 -4.98
CA THR M 497 73.17 8.38 -6.04
C THR M 497 73.00 9.73 -6.73
N LEU M 498 71.76 10.13 -6.99
CA LEU M 498 71.52 11.40 -7.68
C LEU M 498 71.86 12.58 -6.78
N LYS M 499 71.52 12.49 -5.49
CA LYS M 499 71.83 13.58 -4.56
C LYS M 499 73.33 13.69 -4.33
N SER M 500 74.02 12.55 -4.19
CA SER M 500 75.45 12.58 -3.94
C SER M 500 76.22 12.97 -5.19
N LYS M 501 75.83 12.46 -6.35
CA LYS M 501 76.53 12.76 -7.60
C LYS M 501 76.30 14.20 -8.04
N GLN M 502 75.04 14.66 -8.05
CA GLN M 502 74.74 16.01 -8.51
C GLN M 502 75.31 17.08 -7.59
N LEU M 503 75.47 16.78 -6.30
CA LEU M 503 76.14 17.72 -5.41
C LEU M 503 77.63 17.81 -5.72
N LYS M 504 78.23 16.70 -6.16
CA LYS M 504 79.66 16.70 -6.48
C LYS M 504 79.92 17.35 -7.84
N GLU M 505 79.34 16.79 -8.90
CA GLU M 505 79.54 17.27 -10.27
C GLU M 505 78.48 18.30 -10.61
N LYS M 506 78.88 19.28 -11.43
CA LYS M 506 77.98 20.34 -11.88
C LYS M 506 77.13 19.97 -13.08
N ILE M 507 77.46 18.87 -13.78
CA ILE M 507 76.71 18.46 -14.97
C ILE M 507 75.34 17.98 -14.51
N SER M 508 74.28 18.58 -15.08
CA SER M 508 72.91 18.40 -14.62
C SER M 508 72.02 17.76 -15.68
N ASN M 509 72.48 16.68 -16.32
CA ASN M 509 71.69 15.88 -17.25
C ASN M 509 71.74 14.39 -16.92
N ILE M 510 71.80 14.04 -15.63
CA ILE M 510 71.79 12.65 -15.15
C ILE M 510 70.50 12.47 -14.36
N GLY M 511 69.73 11.43 -14.71
CA GLY M 511 68.46 11.13 -14.09
C GLY M 511 68.26 9.63 -13.93
N VAL M 512 67.00 9.26 -13.78
CA VAL M 512 66.62 7.87 -13.51
C VAL M 512 66.49 7.13 -14.83
N ASP M 513 67.34 6.12 -15.03
CA ASP M 513 67.27 5.27 -16.21
C ASP M 513 66.26 4.16 -15.96
N CYS M 514 65.12 4.22 -16.65
CA CYS M 514 64.02 3.28 -16.43
C CYS M 514 64.08 2.05 -17.32
N LEU M 515 64.67 2.16 -18.51
CA LEU M 515 64.76 1.03 -19.42
C LEU M 515 65.87 0.04 -19.05
N GLY M 516 66.67 0.32 -18.03
CA GLY M 516 67.66 -0.63 -17.56
C GLY M 516 68.99 -0.56 -18.28
N TYR M 517 69.35 0.59 -18.83
CA TYR M 517 70.66 0.73 -19.46
C TYR M 517 71.76 0.79 -18.39
N GLY M 518 72.99 0.52 -18.83
CA GLY M 518 74.11 0.52 -17.92
C GLY M 518 74.64 1.89 -17.53
N SER M 519 74.35 2.92 -18.32
CA SER M 519 74.79 4.29 -18.06
C SER M 519 73.57 5.18 -17.85
N ASN M 520 73.66 6.04 -16.84
CA ASN M 520 72.59 6.98 -16.49
C ASN M 520 72.73 8.33 -17.18
N ASP M 521 73.85 8.59 -17.86
CA ASP M 521 74.01 9.85 -18.59
C ASP M 521 73.06 9.89 -19.77
N MET M 522 72.23 10.94 -19.81
CA MET M 522 71.18 11.06 -20.80
C MET M 522 71.63 11.72 -22.11
N LYS M 523 72.91 12.06 -22.24
CA LYS M 523 73.43 12.53 -23.53
C LYS M 523 73.35 11.43 -24.58
N GLU M 524 73.59 10.18 -24.17
CA GLU M 524 73.62 9.04 -25.08
C GLU M 524 72.26 8.36 -25.25
N LEU M 525 71.31 8.57 -24.34
CA LEU M 525 70.04 7.87 -24.36
C LEU M 525 68.97 8.52 -25.25
N PHE M 526 69.24 9.71 -25.80
CA PHE M 526 68.31 10.37 -26.74
C PHE M 526 66.97 10.69 -26.06
N VAL M 527 67.01 11.54 -25.04
CA VAL M 527 65.82 12.01 -24.34
C VAL M 527 65.94 13.52 -24.16
N VAL M 528 64.92 14.25 -24.63
CA VAL M 528 64.86 15.70 -24.56
C VAL M 528 63.42 16.09 -24.26
N ASP M 529 63.23 17.13 -23.43
CA ASP M 529 61.93 17.69 -23.06
C ASP M 529 61.94 19.21 -23.20
N PRO M 530 60.79 19.87 -23.37
CA PRO M 530 60.78 21.33 -23.49
C PRO M 530 60.82 22.01 -22.13
N PHE M 531 61.25 23.27 -22.15
CA PHE M 531 61.31 24.05 -20.91
C PHE M 531 59.94 24.56 -20.51
N ILE M 532 59.11 24.92 -21.50
CA ILE M 532 57.77 25.41 -21.21
C ILE M 532 56.90 24.29 -20.64
N GLY M 533 57.17 23.04 -21.03
CA GLY M 533 56.39 21.93 -20.51
C GLY M 533 56.74 21.57 -19.07
N LYS M 534 58.03 21.48 -18.76
CA LYS M 534 58.44 21.16 -17.40
C LYS M 534 58.19 22.31 -16.44
N LYS M 535 58.18 23.56 -16.94
CA LYS M 535 57.90 24.69 -16.08
C LYS M 535 56.45 24.69 -15.61
N GLN M 536 55.52 24.39 -16.51
CA GLN M 536 54.10 24.43 -16.16
C GLN M 536 53.69 23.38 -15.13
N GLN M 537 54.48 22.30 -14.98
CA GLN M 537 54.20 21.33 -13.93
C GLN M 537 54.33 21.96 -12.55
N ILE M 538 55.33 22.84 -12.37
CA ILE M 538 55.55 23.46 -11.07
C ILE M 538 54.59 24.64 -10.88
N LEU M 539 54.35 25.41 -11.95
CA LEU M 539 53.53 26.61 -11.81
C LEU M 539 52.07 26.27 -11.56
N LEU M 540 51.49 25.39 -12.38
CA LEU M 540 50.09 25.03 -12.19
C LEU M 540 49.88 24.21 -10.92
N ALA M 541 50.91 23.51 -10.45
CA ALA M 541 50.80 22.75 -9.20
C ALA M 541 50.85 23.69 -7.99
N THR M 542 51.86 24.56 -7.93
CA THR M 542 52.01 25.43 -6.77
C THR M 542 50.92 26.50 -6.71
N GLN M 543 50.37 26.90 -7.85
CA GLN M 543 49.27 27.86 -7.88
C GLN M 543 47.94 27.23 -7.55
N LEU M 544 47.73 25.95 -7.85
CA LEU M 544 46.51 25.27 -7.46
C LEU M 544 46.48 25.03 -5.96
N CYS M 545 47.57 24.46 -5.41
CA CYS M 545 47.64 24.10 -3.99
C CYS M 545 47.47 25.29 -3.05
N ARG M 546 47.79 26.50 -3.50
CA ARG M 546 47.42 27.69 -2.74
C ARG M 546 45.91 27.78 -2.59
N MET M 547 45.17 27.50 -3.67
CA MET M 547 43.71 27.52 -3.59
C MET M 547 43.19 26.36 -2.75
N ILE M 548 43.84 25.19 -2.83
CA ILE M 548 43.37 24.03 -2.08
C ILE M 548 43.56 24.25 -0.59
N LEU M 549 44.66 24.90 -0.19
CA LEU M 549 44.94 25.13 1.22
C LEU M 549 44.09 26.24 1.81
N LYS M 550 43.62 27.19 1.01
CA LYS M 550 42.84 28.32 1.51
C LYS M 550 41.37 27.99 1.77
N ILE M 551 40.92 26.77 1.47
CA ILE M 551 39.55 26.35 1.75
C ILE M 551 39.46 25.95 3.22
N ASP M 552 38.49 26.52 3.92
CA ASP M 552 38.14 26.14 5.29
C ASP M 552 36.72 25.59 5.38
N ASN M 553 35.74 26.31 4.85
CA ASN M 553 34.36 25.88 4.84
C ASN M 553 34.09 25.12 3.53
N VAL M 554 33.48 23.94 3.64
CA VAL M 554 33.24 23.04 2.52
C VAL M 554 31.79 22.60 2.59
N ILE M 555 30.95 23.19 1.75
CA ILE M 555 29.52 22.92 1.69
C ILE M 555 29.25 22.22 0.36
N ILE M 556 28.62 21.03 0.44
CA ILE M 556 28.32 20.20 -0.73
C ILE M 556 26.83 19.91 -0.69
N SER M 557 26.09 20.49 -1.63
CA SER M 557 24.66 20.27 -1.73
C SER M 557 24.39 18.94 -2.43
N GLY M 558 23.76 18.02 -1.70
CA GLY M 558 23.46 16.71 -2.25
C GLY M 558 22.44 16.78 -3.37
N LYS M 559 22.74 16.09 -4.47
CA LYS M 559 21.87 16.07 -5.63
C LYS M 559 20.69 15.13 -5.40
N VAL N 5 -12.20 -20.02 -20.66
CA VAL N 5 -13.06 -20.95 -21.37
C VAL N 5 -14.49 -20.76 -20.85
N VAL N 6 -14.93 -19.50 -20.86
CA VAL N 6 -16.25 -19.13 -20.34
C VAL N 6 -17.35 -19.43 -21.36
N PHE N 7 -17.03 -19.33 -22.65
CA PHE N 7 -17.92 -19.52 -23.81
C PHE N 7 -18.88 -18.36 -24.05
N MET N 8 -18.96 -17.40 -23.13
CA MET N 8 -19.93 -16.31 -23.23
C MET N 8 -19.48 -15.14 -22.39
N ASN N 9 -19.18 -14.00 -23.03
CA ASN N 9 -18.88 -12.78 -22.31
C ASN N 9 -20.12 -12.07 -21.77
N ALA N 10 -21.33 -12.54 -22.11
CA ALA N 10 -22.59 -11.88 -21.74
C ALA N 10 -23.47 -12.91 -21.02
N SER N 11 -23.29 -13.01 -19.70
CA SER N 11 -24.17 -13.78 -18.81
C SER N 11 -24.21 -15.26 -19.21
N GLN N 12 -23.05 -15.92 -19.03
CA GLN N 12 -22.99 -17.37 -19.20
C GLN N 12 -23.96 -18.07 -18.27
N GLU N 13 -24.11 -17.57 -17.05
CA GLU N 13 -25.19 -18.01 -16.17
C GLU N 13 -26.52 -17.48 -16.69
N ARG N 14 -27.60 -18.16 -16.30
CA ARG N 14 -28.95 -17.83 -16.75
C ARG N 14 -29.94 -17.96 -15.60
N THR N 15 -30.94 -17.09 -15.61
CA THR N 15 -32.10 -17.14 -14.72
C THR N 15 -33.30 -17.49 -15.59
N THR N 16 -33.60 -18.79 -15.68
CA THR N 16 -34.65 -19.33 -16.55
C THR N 16 -35.74 -19.96 -15.68
N GLY N 17 -36.82 -20.35 -16.35
CA GLY N 17 -37.94 -21.01 -15.69
C GLY N 17 -38.98 -20.02 -15.20
N ARG N 18 -39.57 -20.31 -14.05
CA ARG N 18 -40.62 -19.47 -13.48
C ARG N 18 -40.08 -18.31 -12.65
N GLN N 19 -38.84 -18.40 -12.16
CA GLN N 19 -38.29 -17.34 -11.31
C GLN N 19 -38.08 -16.05 -12.10
N ALA N 20 -37.78 -16.15 -13.39
CA ALA N 20 -37.68 -14.95 -14.22
C ALA N 20 -39.03 -14.27 -14.36
N GLN N 21 -40.11 -15.03 -14.39
CA GLN N 21 -41.44 -14.44 -14.51
C GLN N 21 -41.90 -13.81 -13.20
N ILE N 22 -41.47 -14.36 -12.06
CA ILE N 22 -41.76 -13.73 -10.78
C ILE N 22 -41.09 -12.36 -10.70
N SER N 23 -39.84 -12.26 -11.18
CA SER N 23 -39.15 -10.99 -11.21
C SER N 23 -39.82 -10.03 -12.19
N ASN N 24 -40.37 -10.56 -13.28
CA ASN N 24 -41.03 -9.71 -14.28
C ASN N 24 -42.36 -9.18 -13.76
N ILE N 25 -43.22 -10.08 -13.25
CA ILE N 25 -44.56 -9.66 -12.83
C ILE N 25 -44.47 -8.82 -11.57
N THR N 26 -43.57 -9.17 -10.65
CA THR N 26 -43.41 -8.37 -9.43
C THR N 26 -42.86 -6.98 -9.75
N ALA N 27 -41.99 -6.87 -10.75
CA ALA N 27 -41.50 -5.57 -11.17
C ALA N 27 -42.60 -4.76 -11.84
N ALA N 28 -43.48 -5.43 -12.59
CA ALA N 28 -44.62 -4.75 -13.19
C ALA N 28 -45.64 -4.30 -12.16
N LYS N 29 -45.68 -4.96 -10.99
CA LYS N 29 -46.54 -4.52 -9.90
C LYS N 29 -45.94 -3.34 -9.15
N ALA N 30 -44.60 -3.31 -9.03
CA ALA N 30 -43.94 -2.25 -8.27
C ALA N 30 -44.04 -0.90 -8.94
N VAL N 31 -44.03 -0.85 -10.28
CA VAL N 31 -44.13 0.45 -10.97
C VAL N 31 -45.53 1.03 -10.83
N ALA N 32 -46.55 0.19 -10.64
CA ALA N 32 -47.90 0.65 -10.42
C ALA N 32 -48.16 1.08 -8.97
N ASP N 33 -47.41 0.53 -8.01
CA ASP N 33 -47.61 0.88 -6.61
C ASP N 33 -47.20 2.31 -6.29
N VAL N 34 -46.15 2.82 -6.95
CA VAL N 34 -45.68 4.17 -6.66
C VAL N 34 -46.57 5.26 -7.26
N ILE N 35 -47.54 4.90 -8.11
CA ILE N 35 -48.51 5.83 -8.67
C ILE N 35 -49.96 5.33 -8.47
N ARG N 36 -50.18 4.48 -7.47
CA ARG N 36 -51.55 4.03 -7.20
C ARG N 36 -52.38 5.15 -6.60
N THR N 37 -51.78 5.98 -5.75
CA THR N 37 -52.45 7.11 -5.13
C THR N 37 -52.55 8.35 -6.03
N CYS N 38 -52.13 8.25 -7.30
CA CYS N 38 -52.14 9.37 -8.24
C CYS N 38 -53.35 9.34 -9.18
N LEU N 39 -54.50 8.90 -8.68
CA LEU N 39 -55.73 8.77 -9.46
C LEU N 39 -56.88 9.35 -8.68
N GLY N 40 -57.86 9.92 -9.38
CA GLY N 40 -59.04 10.48 -8.78
C GLY N 40 -58.86 11.96 -8.46
N PRO N 41 -59.92 12.60 -7.98
CA PRO N 41 -59.82 14.04 -7.66
C PRO N 41 -59.03 14.33 -6.41
N LYS N 42 -59.01 13.42 -5.44
CA LYS N 42 -58.25 13.57 -4.20
C LYS N 42 -56.85 12.96 -4.31
N ALA N 43 -56.27 12.95 -5.50
CA ALA N 43 -54.95 12.39 -5.69
C ALA N 43 -53.87 13.31 -5.12
N MET N 44 -52.79 12.70 -4.66
CA MET N 44 -51.66 13.41 -4.08
C MET N 44 -50.66 13.78 -5.16
N LEU N 45 -49.61 14.49 -4.76
CA LEU N 45 -48.55 14.96 -5.64
C LEU N 45 -47.24 14.28 -5.29
N LYS N 46 -46.28 14.36 -6.22
CA LYS N 46 -44.98 13.71 -6.10
C LYS N 46 -43.89 14.72 -6.43
N MET N 47 -42.67 14.42 -5.95
CA MET N 47 -41.48 15.21 -6.21
C MET N 47 -40.35 14.30 -6.68
N LEU N 48 -39.61 14.76 -7.67
CA LEU N 48 -38.52 14.01 -8.30
C LEU N 48 -37.25 14.85 -8.25
N LEU N 49 -36.14 14.21 -7.90
CA LEU N 49 -34.81 14.84 -7.80
C LEU N 49 -33.96 14.32 -8.95
N ASP N 50 -33.96 15.05 -10.06
CA ASP N 50 -33.12 14.70 -11.18
C ASP N 50 -31.65 15.00 -10.84
N PRO N 51 -30.69 14.34 -11.50
CA PRO N 51 -29.28 14.63 -11.17
C PRO N 51 -28.82 16.01 -11.62
N MET N 52 -29.47 16.61 -12.62
CA MET N 52 -29.11 17.95 -13.04
C MET N 52 -29.47 18.99 -11.99
N GLY N 53 -30.51 18.73 -11.18
CA GLY N 53 -30.94 19.61 -10.11
C GLY N 53 -32.24 20.33 -10.36
N GLY N 54 -32.86 20.17 -11.54
CA GLY N 54 -34.13 20.79 -11.82
C GLY N 54 -35.30 20.01 -11.26
N LEU N 55 -35.88 20.48 -10.16
CA LEU N 55 -37.00 19.79 -9.54
C LEU N 55 -38.26 20.00 -10.35
N VAL N 56 -39.24 19.11 -10.14
CA VAL N 56 -40.53 19.19 -10.79
C VAL N 56 -41.57 18.55 -9.88
N LEU N 57 -42.75 19.17 -9.83
CA LEU N 57 -43.88 18.74 -8.99
C LEU N 57 -44.96 18.25 -9.94
N THR N 58 -45.17 16.93 -9.98
CA THR N 58 -45.97 16.27 -11.00
C THR N 58 -46.96 15.30 -10.37
N ASN N 59 -48.10 15.15 -11.05
CA ASN N 59 -49.06 14.09 -10.78
C ASN N 59 -49.48 13.32 -12.03
N ASP N 60 -49.27 13.88 -13.23
CA ASP N 60 -49.53 13.14 -14.46
C ASP N 60 -48.60 11.94 -14.57
N GLY N 61 -49.10 10.86 -15.17
CA GLY N 61 -48.33 9.64 -15.25
C GLY N 61 -47.10 9.75 -16.12
N HIS N 62 -47.19 10.48 -17.23
CA HIS N 62 -46.07 10.54 -18.17
C HIS N 62 -44.87 11.26 -17.59
N ALA N 63 -45.07 12.34 -16.85
CA ALA N 63 -43.96 13.06 -16.25
C ALA N 63 -43.30 12.29 -15.12
N ILE N 64 -44.03 11.38 -14.46
CA ILE N 64 -43.43 10.58 -13.39
C ILE N 64 -42.48 9.54 -13.99
N LEU N 65 -42.95 8.82 -15.01
CA LEU N 65 -42.19 7.67 -15.51
C LEU N 65 -40.96 8.10 -16.31
N ARG N 66 -41.04 9.17 -17.08
CA ARG N 66 -39.94 9.54 -17.96
C ARG N 66 -38.72 10.05 -17.20
N GLU N 67 -38.90 10.62 -16.01
CA GLU N 67 -37.80 11.16 -15.21
C GLU N 67 -37.27 10.18 -14.17
N ILE N 68 -37.65 8.89 -14.26
CA ILE N 68 -37.21 7.85 -13.34
C ILE N 68 -36.49 6.79 -14.15
N ASP N 69 -35.17 6.73 -14.02
CA ASP N 69 -34.37 5.69 -14.64
C ASP N 69 -34.50 4.40 -13.83
N VAL N 70 -34.85 3.31 -14.50
CA VAL N 70 -35.08 2.01 -13.88
C VAL N 70 -34.05 1.02 -14.42
N ALA N 71 -33.45 0.26 -13.49
CA ALA N 71 -32.44 -0.73 -13.85
C ALA N 71 -33.04 -2.05 -14.31
N HIS N 72 -34.28 -2.36 -13.93
CA HIS N 72 -34.91 -3.62 -14.31
C HIS N 72 -35.35 -3.53 -15.76
N PRO N 73 -34.91 -4.42 -16.68
CA PRO N 73 -35.31 -4.25 -18.08
C PRO N 73 -36.77 -4.61 -18.34
N ALA N 74 -37.31 -5.60 -17.64
CA ALA N 74 -38.70 -5.99 -17.83
C ALA N 74 -39.65 -4.89 -17.38
N ALA N 75 -39.27 -4.11 -16.36
CA ALA N 75 -40.09 -3.00 -15.92
C ALA N 75 -40.16 -1.88 -16.94
N LYS N 76 -39.09 -1.70 -17.75
CA LYS N 76 -39.03 -0.57 -18.67
C LYS N 76 -40.07 -0.65 -19.77
N SER N 77 -40.60 -1.84 -20.06
CA SER N 77 -41.73 -1.94 -20.98
C SER N 77 -42.97 -1.24 -20.41
N MET N 78 -43.12 -1.23 -19.09
CA MET N 78 -44.22 -0.49 -18.46
C MET N 78 -43.92 1.01 -18.41
N LEU N 79 -42.64 1.39 -18.30
CA LEU N 79 -42.29 2.81 -18.26
C LEU N 79 -42.63 3.52 -19.56
N GLU N 80 -42.53 2.83 -20.70
CA GLU N 80 -42.73 3.44 -22.01
C GLU N 80 -44.20 3.53 -22.41
N LEU N 81 -45.13 2.95 -21.66
CA LEU N 81 -46.53 2.99 -22.05
C LEU N 81 -47.10 4.39 -21.91
N SER N 82 -46.73 5.11 -20.84
CA SER N 82 -47.15 6.50 -20.70
C SER N 82 -46.53 7.38 -21.77
N ARG N 83 -45.31 7.04 -22.21
CA ARG N 83 -44.71 7.75 -23.34
C ARG N 83 -45.51 7.51 -24.61
N THR N 84 -45.95 6.26 -24.83
CA THR N 84 -46.79 5.96 -25.98
C THR N 84 -48.15 6.62 -25.85
N GLN N 85 -48.74 6.58 -24.65
CA GLN N 85 -50.04 7.20 -24.42
C GLN N 85 -49.95 8.72 -24.50
N ASP N 86 -48.79 9.30 -24.15
CA ASP N 86 -48.66 10.75 -24.17
C ASP N 86 -48.64 11.28 -25.61
N GLU N 87 -47.75 10.76 -26.46
CA GLU N 87 -47.63 11.24 -27.82
C GLU N 87 -48.85 10.95 -28.67
N GLU N 88 -49.63 9.92 -28.33
CA GLU N 88 -50.82 9.55 -29.11
C GLU N 88 -51.99 10.49 -28.78
N VAL N 89 -52.27 10.67 -27.48
CA VAL N 89 -53.42 11.44 -27.01
C VAL N 89 -52.92 12.59 -26.13
N GLY N 90 -52.27 12.25 -25.02
CA GLY N 90 -51.84 13.21 -24.02
C GLY N 90 -52.73 13.25 -22.78
N ASP N 91 -53.57 12.24 -22.55
CA ASP N 91 -54.46 12.18 -21.41
C ASP N 91 -54.76 10.73 -21.06
N GLY N 92 -54.96 10.48 -19.77
CA GLY N 92 -55.24 9.13 -19.31
C GLY N 92 -54.02 8.24 -19.21
N THR N 93 -52.87 8.79 -18.85
CA THR N 93 -51.63 8.02 -18.81
C THR N 93 -51.57 7.10 -17.58
N THR N 94 -52.13 7.53 -16.45
CA THR N 94 -52.02 6.74 -15.22
C THR N 94 -52.85 5.46 -15.29
N THR N 95 -53.98 5.50 -15.98
CA THR N 95 -54.84 4.31 -16.05
C THR N 95 -54.19 3.17 -16.83
N VAL N 96 -53.29 3.49 -17.76
CA VAL N 96 -52.67 2.43 -18.57
C VAL N 96 -51.72 1.60 -17.74
N ILE N 97 -51.01 2.24 -16.79
CA ILE N 97 -50.00 1.53 -16.01
C ILE N 97 -50.67 0.60 -15.01
N ILE N 98 -51.61 1.12 -14.23
CA ILE N 98 -52.27 0.30 -13.21
C ILE N 98 -53.13 -0.79 -13.84
N LEU N 99 -53.73 -0.52 -15.00
CA LEU N 99 -54.52 -1.54 -15.68
C LEU N 99 -53.61 -2.66 -16.21
N ALA N 100 -52.47 -2.30 -16.77
CA ALA N 100 -51.50 -3.31 -17.21
C ALA N 100 -50.93 -4.09 -16.03
N GLY N 101 -50.80 -3.46 -14.87
CA GLY N 101 -50.31 -4.18 -13.70
C GLY N 101 -51.34 -5.16 -13.14
N GLU N 102 -52.62 -4.77 -13.18
CA GLU N 102 -53.67 -5.66 -12.70
C GLU N 102 -53.88 -6.85 -13.63
N ILE N 103 -53.71 -6.65 -14.93
CA ILE N 103 -53.79 -7.76 -15.87
C ILE N 103 -52.65 -8.74 -15.61
N LEU N 104 -51.45 -8.22 -15.38
CA LEU N 104 -50.30 -9.07 -15.07
C LEU N 104 -50.39 -9.65 -13.66
N ALA N 105 -50.96 -8.88 -12.71
CA ALA N 105 -51.13 -9.39 -11.36
C ALA N 105 -52.21 -10.46 -11.29
N GLN N 106 -53.30 -10.27 -12.04
CA GLN N 106 -54.38 -11.26 -12.04
C GLN N 106 -54.00 -12.52 -12.81
N CYS N 107 -53.21 -12.38 -13.87
CA CYS N 107 -52.74 -13.51 -14.66
C CYS N 107 -51.53 -14.22 -14.04
N ALA N 108 -51.08 -13.81 -12.85
CA ALA N 108 -49.91 -14.44 -12.24
C ALA N 108 -50.19 -15.86 -11.77
N PRO N 109 -51.23 -16.14 -10.92
CA PRO N 109 -51.46 -17.52 -10.44
C PRO N 109 -52.23 -18.39 -11.44
N TYR N 110 -51.66 -18.56 -12.64
CA TYR N 110 -52.13 -19.52 -13.62
C TYR N 110 -51.02 -20.40 -14.18
N LEU N 111 -49.83 -19.85 -14.40
CA LEU N 111 -48.66 -20.66 -14.69
C LEU N 111 -48.15 -21.35 -13.43
N ILE N 112 -48.29 -20.70 -12.27
CA ILE N 112 -47.86 -21.31 -11.01
C ILE N 112 -48.85 -22.38 -10.58
N GLU N 113 -50.15 -22.06 -10.66
CA GLU N 113 -51.21 -22.92 -10.16
C GLU N 113 -51.76 -23.86 -11.23
N LYS N 114 -52.31 -23.30 -12.30
CA LYS N 114 -52.97 -24.09 -13.34
C LYS N 114 -52.00 -24.64 -14.39
N ASN N 115 -50.82 -24.04 -14.54
CA ASN N 115 -49.82 -24.46 -15.54
C ASN N 115 -50.39 -24.36 -16.95
N ILE N 116 -51.21 -23.34 -17.20
CA ILE N 116 -51.75 -23.07 -18.52
C ILE N 116 -50.68 -22.35 -19.33
N HIS N 117 -50.64 -22.63 -20.64
CA HIS N 117 -49.54 -22.13 -21.44
C HIS N 117 -49.71 -20.63 -21.69
N PRO N 118 -48.63 -19.85 -21.92
CA PRO N 118 -48.85 -18.43 -22.23
C PRO N 118 -49.55 -18.17 -23.54
N VAL N 119 -49.30 -18.97 -24.59
CA VAL N 119 -49.89 -18.70 -25.90
C VAL N 119 -51.41 -18.88 -25.88
N ILE N 120 -51.94 -19.71 -24.98
CA ILE N 120 -53.37 -19.80 -24.80
C ILE N 120 -53.90 -18.51 -24.16
N ILE N 121 -53.11 -17.91 -23.27
CA ILE N 121 -53.53 -16.64 -22.67
C ILE N 121 -53.50 -15.53 -23.72
N ILE N 122 -52.55 -15.59 -24.66
CA ILE N 122 -52.47 -14.58 -25.71
C ILE N 122 -53.74 -14.60 -26.56
N GLN N 123 -54.25 -15.80 -26.85
CA GLN N 123 -55.51 -15.89 -27.57
C GLN N 123 -56.68 -15.37 -26.74
N ALA N 124 -56.62 -15.59 -25.42
CA ALA N 124 -57.71 -15.15 -24.55
C ALA N 124 -57.79 -13.62 -24.48
N LEU N 125 -56.64 -12.95 -24.46
CA LEU N 125 -56.64 -11.49 -24.35
C LEU N 125 -57.15 -10.83 -25.63
N LYS N 126 -56.89 -11.44 -26.79
CA LYS N 126 -57.32 -10.85 -28.05
C LYS N 126 -58.84 -10.91 -28.18
N LYS N 127 -59.44 -12.06 -27.81
CA LYS N 127 -60.90 -12.16 -27.84
C LYS N 127 -61.53 -11.26 -26.79
N ALA N 128 -60.88 -11.09 -25.64
CA ALA N 128 -61.37 -10.13 -24.65
C ALA N 128 -61.20 -8.70 -25.14
N LEU N 129 -60.10 -8.42 -25.85
CA LEU N 129 -59.91 -7.09 -26.42
C LEU N 129 -60.91 -6.83 -27.54
N THR N 130 -61.25 -7.87 -28.31
CA THR N 130 -62.25 -7.72 -29.37
C THR N 130 -63.62 -7.43 -28.76
N ASP N 131 -63.97 -8.13 -27.69
CA ASP N 131 -65.21 -7.85 -26.98
C ASP N 131 -65.15 -6.56 -26.17
N ALA N 132 -63.95 -6.15 -25.74
CA ALA N 132 -63.82 -4.91 -24.99
C ALA N 132 -64.12 -3.70 -25.88
N LEU N 133 -63.62 -3.72 -27.12
CA LEU N 133 -63.92 -2.64 -28.06
C LEU N 133 -65.37 -2.69 -28.52
N GLU N 134 -65.98 -3.88 -28.52
CA GLU N 134 -67.38 -3.99 -28.92
C GLU N 134 -68.30 -3.34 -27.90
N VAL N 135 -68.14 -3.68 -26.62
CA VAL N 135 -69.01 -3.12 -25.58
C VAL N 135 -68.71 -1.65 -25.33
N ILE N 136 -67.48 -1.20 -25.54
CA ILE N 136 -67.19 0.23 -25.42
C ILE N 136 -67.88 1.00 -26.54
N LYS N 137 -67.98 0.40 -27.73
CA LYS N 137 -68.73 1.02 -28.82
C LYS N 137 -70.22 1.07 -28.48
N GLN N 138 -70.73 0.07 -27.77
CA GLN N 138 -72.13 0.07 -27.38
C GLN N 138 -72.41 1.08 -26.28
N VAL N 139 -71.47 1.21 -25.33
CA VAL N 139 -71.66 2.13 -24.21
C VAL N 139 -71.48 3.58 -24.66
N SER N 140 -70.62 3.82 -25.65
CA SER N 140 -70.38 5.18 -26.12
C SER N 140 -71.59 5.70 -26.89
N LYS N 141 -71.64 7.02 -27.08
CA LYS N 141 -72.70 7.67 -27.84
C LYS N 141 -72.15 8.96 -28.45
N PRO N 142 -72.82 9.53 -29.46
CA PRO N 142 -72.38 10.81 -30.01
C PRO N 142 -73.04 12.00 -29.30
N VAL N 143 -72.39 13.16 -29.46
CA VAL N 143 -72.91 14.44 -28.98
C VAL N 143 -72.59 15.50 -30.03
N ASP N 144 -73.13 16.70 -29.81
CA ASP N 144 -72.89 17.82 -30.71
C ASP N 144 -71.54 18.46 -30.41
N VAL N 145 -70.75 18.67 -31.47
CA VAL N 145 -69.39 19.18 -31.32
C VAL N 145 -69.32 20.70 -31.32
N GLU N 146 -70.26 21.39 -31.96
CA GLU N 146 -70.20 22.84 -32.10
C GLU N 146 -70.74 23.60 -30.89
N ASN N 147 -71.34 22.92 -29.91
CA ASN N 147 -71.87 23.58 -28.73
C ASN N 147 -70.73 23.91 -27.79
N ASP N 148 -70.43 25.22 -27.66
CA ASP N 148 -69.35 25.64 -26.79
C ASP N 148 -69.65 25.35 -25.32
N ALA N 149 -70.93 25.41 -24.93
CA ALA N 149 -71.29 25.10 -23.55
C ALA N 149 -71.04 23.64 -23.21
N ALA N 150 -71.21 22.75 -24.19
CA ALA N 150 -70.97 21.33 -23.94
C ALA N 150 -69.49 21.02 -23.85
N MET N 151 -68.65 21.75 -24.60
CA MET N 151 -67.22 21.49 -24.59
C MET N 151 -66.57 21.87 -23.26
N LYS N 152 -67.21 22.76 -22.49
CA LYS N 152 -66.59 23.20 -21.24
C LYS N 152 -66.54 22.08 -20.20
N LYS N 153 -67.61 21.30 -20.08
CA LYS N 153 -67.64 20.23 -19.08
C LYS N 153 -66.75 19.06 -19.46
N LEU N 154 -66.52 18.82 -20.75
CA LEU N 154 -65.60 17.75 -21.16
C LEU N 154 -64.16 18.12 -20.87
N ILE N 155 -63.78 19.38 -21.10
CA ILE N 155 -62.45 19.84 -20.72
C ILE N 155 -62.31 19.83 -19.19
N GLN N 156 -63.42 20.09 -18.48
CA GLN N 156 -63.40 20.09 -17.02
C GLN N 156 -63.21 18.69 -16.44
N ALA N 157 -63.45 17.63 -17.21
CA ALA N 157 -63.31 16.28 -16.69
C ALA N 157 -61.86 15.95 -16.34
N SER N 158 -60.95 16.12 -17.30
CA SER N 158 -59.53 15.88 -17.03
C SER N 158 -58.93 16.93 -16.09
N ILE N 159 -59.48 18.14 -16.07
CA ILE N 159 -58.96 19.19 -15.20
C ILE N 159 -59.29 18.92 -13.74
N GLY N 160 -60.35 18.14 -13.45
CA GLY N 160 -60.78 17.88 -12.09
C GLY N 160 -59.76 17.15 -11.24
N THR N 161 -58.89 16.35 -11.84
CA THR N 161 -57.83 15.68 -11.10
C THR N 161 -56.71 16.66 -10.74
N LYS N 162 -56.44 17.62 -11.62
CA LYS N 162 -55.30 18.50 -11.46
C LYS N 162 -55.61 19.62 -10.46
N TYR N 163 -54.61 20.47 -10.21
CA TYR N 163 -54.74 21.54 -9.24
C TYR N 163 -55.64 22.68 -9.72
N VAL N 164 -55.83 22.83 -11.03
CA VAL N 164 -56.49 24.02 -11.59
C VAL N 164 -57.99 23.81 -11.76
N ILE N 165 -58.57 22.84 -11.04
CA ILE N 165 -60.02 22.74 -10.98
C ILE N 165 -60.64 23.95 -10.28
N HIS N 166 -59.90 24.58 -9.36
CA HIS N 166 -60.41 25.78 -8.70
C HIS N 166 -60.61 26.95 -9.66
N TRP N 167 -59.83 26.99 -10.76
CA TRP N 167 -60.00 27.96 -11.83
C TRP N 167 -60.54 27.31 -13.09
N SER N 168 -61.43 26.32 -12.94
CA SER N 168 -61.93 25.59 -14.09
C SER N 168 -62.77 26.46 -15.01
N GLU N 169 -63.42 27.50 -14.46
CA GLU N 169 -64.19 28.41 -15.30
C GLU N 169 -63.29 29.21 -16.23
N LYS N 170 -62.08 29.56 -15.76
CA LYS N 170 -61.13 30.31 -16.58
C LYS N 170 -60.34 29.39 -17.50
N MET N 171 -59.99 28.19 -17.03
CA MET N 171 -59.16 27.29 -17.81
C MET N 171 -59.91 26.74 -19.03
N CYS N 172 -61.22 26.54 -18.89
CA CYS N 172 -62.01 26.06 -20.02
C CYS N 172 -62.09 27.10 -21.12
N GLU N 173 -62.32 28.36 -20.77
CA GLU N 173 -62.32 29.43 -21.77
C GLU N 173 -60.91 29.69 -22.30
N LEU N 174 -59.88 29.46 -21.48
CA LEU N 174 -58.51 29.66 -21.94
C LEU N 174 -58.13 28.62 -23.01
N ALA N 175 -58.57 27.38 -22.84
CA ALA N 175 -58.21 26.31 -23.76
C ALA N 175 -59.16 26.20 -24.93
N LEU N 176 -60.44 26.52 -24.73
CA LEU N 176 -61.42 26.38 -25.81
C LEU N 176 -61.19 27.40 -26.92
N ASP N 177 -60.81 28.63 -26.56
CA ASP N 177 -60.49 29.62 -27.58
C ASP N 177 -59.19 29.31 -28.30
N ALA N 178 -58.24 28.67 -27.60
CA ALA N 178 -56.95 28.37 -28.22
C ALA N 178 -57.07 27.22 -29.22
N VAL N 179 -57.78 26.15 -28.85
CA VAL N 179 -57.89 25.00 -29.73
C VAL N 179 -58.75 25.34 -30.95
N LYS N 180 -59.73 26.24 -30.81
CA LYS N 180 -60.54 26.65 -31.94
C LYS N 180 -59.77 27.56 -32.90
N THR N 181 -58.79 28.31 -32.41
CA THR N 181 -58.01 29.17 -33.29
C THR N 181 -57.14 28.35 -34.24
N VAL N 182 -56.34 27.43 -33.70
CA VAL N 182 -55.50 26.58 -34.53
C VAL N 182 -56.31 25.59 -35.37
N ARG N 183 -57.56 25.31 -34.99
CA ARG N 183 -58.41 24.41 -35.75
C ARG N 183 -58.71 25.00 -37.14
N LYS N 184 -58.82 24.14 -38.13
CA LYS N 184 -59.18 24.54 -39.49
C LYS N 184 -59.90 23.38 -40.17
N ASP N 185 -60.38 23.66 -41.38
CA ASP N 185 -61.06 22.68 -42.22
C ASP N 185 -60.10 22.17 -43.30
N LEU N 186 -60.35 20.95 -43.76
CA LEU N 186 -59.57 20.35 -44.84
C LEU N 186 -60.44 19.41 -45.66
N ASN N 195 -57.49 14.06 -41.53
CA ASN N 195 -58.49 13.38 -40.72
C ASN N 195 -59.52 14.36 -40.13
N PHE N 196 -59.81 15.43 -40.88
CA PHE N 196 -60.85 16.43 -40.58
C PHE N 196 -60.42 17.38 -39.46
N GLU N 197 -59.32 17.14 -38.74
CA GLU N 197 -58.84 18.00 -37.66
C GLU N 197 -57.32 18.08 -37.62
N ILE N 198 -56.65 18.33 -38.75
CA ILE N 198 -55.22 18.10 -38.90
C ILE N 198 -54.31 19.04 -38.08
N ASP N 199 -54.88 19.97 -37.31
CA ASP N 199 -54.11 20.82 -36.41
C ASP N 199 -53.25 19.98 -35.45
N ILE N 200 -52.14 20.57 -35.01
CA ILE N 200 -51.07 19.87 -34.29
C ILE N 200 -50.67 20.74 -33.10
N LYS N 201 -50.20 20.11 -32.02
CA LYS N 201 -49.74 20.83 -30.83
C LYS N 201 -48.55 21.74 -31.12
N ARG N 202 -47.76 21.45 -32.16
CA ARG N 202 -46.56 22.22 -32.44
C ARG N 202 -46.87 23.67 -32.79
N TYR N 203 -48.04 23.92 -33.40
CA TYR N 203 -48.42 25.30 -33.71
C TYR N 203 -48.81 26.08 -32.47
N VAL N 204 -49.34 25.41 -31.45
CA VAL N 204 -49.78 26.09 -30.24
C VAL N 204 -48.55 26.43 -29.40
N ARG N 205 -48.40 27.71 -29.06
CA ARG N 205 -47.31 28.22 -28.24
C ARG N 205 -47.84 28.51 -26.84
N VAL N 206 -47.00 28.25 -25.84
CA VAL N 206 -47.32 28.53 -24.44
C VAL N 206 -46.06 29.08 -23.77
N GLU N 207 -46.06 30.39 -23.53
CA GLU N 207 -44.93 31.08 -22.89
C GLU N 207 -45.19 31.16 -21.39
N LYS N 208 -44.21 30.75 -20.60
CA LYS N 208 -44.30 30.72 -19.15
C LYS N 208 -43.67 32.00 -18.59
N ILE N 209 -44.48 32.85 -17.99
CA ILE N 209 -44.06 34.10 -17.37
C ILE N 209 -44.16 33.93 -15.86
N PRO N 210 -43.05 33.79 -15.13
CA PRO N 210 -43.13 33.89 -13.67
C PRO N 210 -43.72 35.22 -13.21
N GLY N 211 -44.42 35.19 -12.08
CA GLY N 211 -45.07 36.36 -11.54
C GLY N 211 -46.49 36.54 -12.06
N GLY N 212 -47.21 37.45 -11.41
CA GLY N 212 -48.57 37.76 -11.78
C GLY N 212 -49.59 36.98 -10.98
N ASP N 213 -50.78 36.85 -11.58
CA ASP N 213 -51.90 36.12 -11.00
C ASP N 213 -52.57 35.28 -12.08
N VAL N 214 -52.84 34.01 -11.74
CA VAL N 214 -53.43 33.10 -12.71
C VAL N 214 -54.85 33.50 -13.10
N LEU N 215 -55.57 34.24 -12.24
CA LEU N 215 -56.92 34.67 -12.59
C LEU N 215 -56.91 35.66 -13.74
N ASP N 216 -55.88 36.50 -13.83
CA ASP N 216 -55.75 37.50 -14.89
C ASP N 216 -55.00 36.84 -16.05
N SER N 217 -55.74 36.51 -17.11
CA SER N 217 -55.15 35.89 -18.29
C SER N 217 -56.11 36.06 -19.45
N ARG N 218 -55.59 35.86 -20.66
CA ARG N 218 -56.38 36.01 -21.87
C ARG N 218 -55.69 35.27 -23.01
N VAL N 219 -56.49 34.87 -23.99
CA VAL N 219 -56.00 34.18 -25.17
C VAL N 219 -55.75 35.21 -26.27
N LEU N 220 -54.49 35.63 -26.41
CA LEU N 220 -54.08 36.56 -27.44
C LEU N 220 -53.60 35.79 -28.65
N LYS N 221 -54.16 36.10 -29.82
CA LYS N 221 -53.81 35.42 -31.07
C LYS N 221 -52.59 36.12 -31.65
N GLY N 222 -51.41 35.64 -31.30
CA GLY N 222 -50.18 36.26 -31.77
C GLY N 222 -48.99 35.42 -31.38
N VAL N 223 -47.81 36.06 -31.44
CA VAL N 223 -46.54 35.42 -31.11
C VAL N 223 -45.79 36.34 -30.16
N LEU N 224 -45.59 35.88 -28.93
CA LEU N 224 -44.95 36.67 -27.89
C LEU N 224 -43.43 36.50 -27.96
N LEU N 225 -42.74 37.58 -28.28
CA LEU N 225 -41.29 37.60 -28.35
C LEU N 225 -40.71 38.11 -27.03
N ASN N 226 -39.53 37.60 -26.69
CA ASN N 226 -38.88 37.84 -25.40
C ASN N 226 -37.63 38.70 -25.54
N LYS N 227 -37.70 39.79 -26.30
CA LYS N 227 -36.56 40.67 -26.51
C LYS N 227 -37.03 42.08 -26.83
N ASP N 228 -36.08 43.01 -26.76
CA ASP N 228 -36.32 44.44 -26.95
C ASP N 228 -35.92 44.85 -28.36
N VAL N 229 -36.41 46.03 -28.78
CA VAL N 229 -35.97 46.61 -30.03
C VAL N 229 -34.49 46.95 -29.95
N VAL N 230 -33.85 47.01 -31.13
CA VAL N 230 -32.39 47.16 -31.20
C VAL N 230 -31.91 48.60 -31.15
N HIS N 231 -32.77 49.59 -31.44
CA HIS N 231 -32.42 51.00 -31.51
C HIS N 231 -33.45 51.81 -30.73
N PRO N 232 -33.06 52.86 -30.01
CA PRO N 232 -34.04 53.52 -29.13
C PRO N 232 -34.99 54.47 -29.83
N LYS N 233 -34.68 54.93 -31.05
CA LYS N 233 -35.55 55.86 -31.75
C LYS N 233 -36.84 55.19 -32.24
N MET N 234 -36.88 53.86 -32.30
CA MET N 234 -38.01 53.16 -32.89
C MET N 234 -39.25 53.29 -32.00
N SER N 235 -40.39 53.53 -32.62
CA SER N 235 -41.66 53.61 -31.90
C SER N 235 -42.14 52.21 -31.54
N ARG N 236 -42.52 52.05 -30.27
CA ARG N 236 -42.98 50.76 -29.75
C ARG N 236 -44.47 50.52 -29.92
N HIS N 237 -45.23 51.49 -30.45
CA HIS N 237 -46.68 51.38 -30.63
C HIS N 237 -47.00 51.70 -32.08
N ILE N 238 -47.47 50.70 -32.83
CA ILE N 238 -47.84 50.82 -34.23
C ILE N 238 -49.30 50.47 -34.37
N GLU N 239 -50.04 51.29 -35.11
CA GLU N 239 -51.48 51.06 -35.27
C GLU N 239 -51.76 50.03 -36.36
N ASN N 240 -51.10 50.16 -37.51
CA ASN N 240 -51.30 49.30 -38.68
C ASN N 240 -49.95 48.69 -39.06
N PRO N 241 -49.44 47.74 -38.29
CA PRO N 241 -48.13 47.17 -38.60
C PRO N 241 -48.17 46.30 -39.84
N ARG N 242 -46.99 46.14 -40.44
CA ARG N 242 -46.79 45.35 -41.65
C ARG N 242 -45.59 44.44 -41.44
N VAL N 243 -45.85 43.15 -41.26
CA VAL N 243 -44.83 42.18 -40.89
C VAL N 243 -44.18 41.66 -42.16
N VAL N 244 -42.85 41.54 -42.12
CA VAL N 244 -42.05 40.97 -43.21
C VAL N 244 -41.01 40.05 -42.58
N LEU N 245 -41.06 38.78 -42.93
CA LEU N 245 -40.14 37.76 -42.40
C LEU N 245 -38.96 37.61 -43.34
N LEU N 246 -37.77 37.44 -42.77
CA LEU N 246 -36.53 37.33 -43.52
C LEU N 246 -35.63 36.29 -42.87
N ASP N 247 -34.84 35.60 -43.70
CA ASP N 247 -33.81 34.66 -43.27
C ASP N 247 -32.40 35.19 -43.49
N CYS N 248 -32.20 36.14 -44.40
CA CYS N 248 -30.87 36.68 -44.65
C CYS N 248 -30.46 37.58 -43.49
N PRO N 249 -29.19 37.58 -43.04
CA PRO N 249 -28.79 38.57 -42.05
C PRO N 249 -28.64 39.94 -42.68
N LEU N 250 -29.01 40.97 -41.91
CA LEU N 250 -28.75 42.35 -42.30
C LEU N 250 -27.26 42.68 -42.26
N GLU N 251 -26.46 41.91 -41.52
CA GLU N 251 -25.02 42.03 -41.56
C GLU N 251 -24.49 41.62 -42.93
N TYR N 252 -23.21 41.88 -43.17
CA TYR N 252 -22.57 41.47 -44.41
C TYR N 252 -22.25 39.98 -44.35
N LYS N 253 -22.81 39.21 -45.28
CA LYS N 253 -22.58 37.77 -45.31
C LYS N 253 -21.18 37.48 -45.83
N LYS N 254 -20.42 36.70 -45.07
CA LYS N 254 -19.07 36.31 -45.46
C LYS N 254 -19.13 35.14 -46.43
N GLY N 255 -18.37 35.23 -47.50
CA GLY N 255 -18.36 34.17 -48.49
C GLY N 255 -17.57 32.96 -48.01
N GLU N 256 -18.13 31.79 -48.28
CA GLU N 256 -17.51 30.53 -47.89
C GLU N 256 -16.37 30.10 -48.82
N SER N 257 -16.10 30.85 -49.89
CA SER N 257 -15.01 30.54 -50.82
C SER N 257 -13.64 31.02 -50.34
N GLN N 258 -13.59 31.85 -49.29
CA GLN N 258 -12.33 32.39 -48.76
C GLN N 258 -11.59 33.19 -49.83
N THR N 259 -12.25 34.27 -50.27
CA THR N 259 -11.71 35.13 -51.31
C THR N 259 -10.71 36.10 -50.70
N ASN N 260 -9.51 36.14 -51.28
CA ASN N 260 -8.46 37.10 -50.91
C ASN N 260 -8.30 38.14 -52.03
N ILE N 261 -8.04 39.38 -51.62
CA ILE N 261 -7.98 40.53 -52.51
C ILE N 261 -6.54 41.03 -52.53
N GLU N 262 -5.98 41.16 -53.74
CA GLU N 262 -4.64 41.72 -53.93
C GLU N 262 -4.78 43.22 -54.15
N ILE N 263 -4.51 44.02 -53.12
CA ILE N 263 -4.63 45.46 -53.16
C ILE N 263 -3.28 46.02 -53.58
N GLU N 264 -3.24 46.64 -54.76
CA GLU N 264 -2.06 47.33 -55.27
C GLU N 264 -2.22 48.85 -55.25
N LYS N 265 -3.32 49.36 -55.79
CA LYS N 265 -3.60 50.78 -55.76
C LYS N 265 -4.07 51.22 -54.38
N GLU N 266 -4.02 52.52 -54.15
CA GLU N 266 -4.41 53.07 -52.85
C GLU N 266 -5.92 53.20 -52.69
N GLU N 267 -6.66 53.45 -53.78
CA GLU N 267 -8.09 53.64 -53.71
C GLU N 267 -8.88 52.35 -53.61
N ASP N 268 -8.23 51.18 -53.66
CA ASP N 268 -8.97 49.92 -53.63
C ASP N 268 -9.51 49.63 -52.24
N TRP N 269 -8.71 49.90 -51.20
CA TRP N 269 -9.16 49.59 -49.84
C TRP N 269 -10.30 50.51 -49.41
N ASN N 270 -10.25 51.78 -49.82
CA ASN N 270 -11.35 52.69 -49.52
C ASN N 270 -12.61 52.31 -50.29
N ARG N 271 -12.45 51.84 -51.53
CA ARG N 271 -13.60 51.46 -52.33
C ARG N 271 -14.28 50.20 -51.80
N ILE N 272 -13.52 49.30 -51.17
CA ILE N 272 -14.13 48.08 -50.64
C ILE N 272 -15.08 48.41 -49.49
N LEU N 273 -14.63 49.25 -48.55
CA LEU N 273 -15.50 49.65 -47.45
C LEU N 273 -16.65 50.54 -47.93
N GLN N 274 -16.46 51.26 -49.03
CA GLN N 274 -17.56 52.00 -49.64
C GLN N 274 -18.54 51.06 -50.32
N ILE N 275 -18.05 49.98 -50.94
CA ILE N 275 -18.93 48.97 -51.51
C ILE N 275 -19.66 48.23 -50.41
N GLU N 276 -19.03 48.07 -49.24
CA GLU N 276 -19.72 47.51 -48.09
C GLU N 276 -20.87 48.39 -47.65
N GLU N 277 -20.65 49.71 -47.60
CA GLU N 277 -21.73 50.64 -47.28
C GLU N 277 -22.75 50.71 -48.43
N GLU N 278 -22.28 50.62 -49.67
CA GLU N 278 -23.18 50.66 -50.81
C GLU N 278 -24.05 49.41 -50.88
N GLN N 279 -23.49 48.25 -50.49
CA GLN N 279 -24.27 47.01 -50.50
C GLN N 279 -25.37 47.04 -49.44
N VAL N 280 -25.03 47.51 -48.23
CA VAL N 280 -26.05 47.64 -47.19
C VAL N 280 -27.05 48.74 -47.56
N GLN N 281 -26.58 49.79 -48.24
CA GLN N 281 -27.49 50.83 -48.71
C GLN N 281 -28.44 50.28 -49.77
N LEU N 282 -27.91 49.57 -50.77
CA LEU N 282 -28.77 48.99 -51.80
C LEU N 282 -29.65 47.90 -51.22
N MET N 283 -29.14 47.14 -50.25
CA MET N 283 -29.94 46.10 -49.61
C MET N 283 -31.09 46.68 -48.81
N CYS N 284 -30.85 47.78 -48.08
CA CYS N 284 -31.91 48.40 -47.30
C CYS N 284 -32.91 49.13 -48.19
N GLU N 285 -32.46 49.65 -49.34
CA GLU N 285 -33.38 50.32 -50.26
C GLU N 285 -34.40 49.33 -50.84
N GLN N 286 -34.01 48.08 -51.04
CA GLN N 286 -34.94 47.07 -51.52
C GLN N 286 -35.93 46.63 -50.46
N ILE N 287 -35.57 46.75 -49.17
CA ILE N 287 -36.53 46.51 -48.10
C ILE N 287 -37.64 47.57 -48.16
N LEU N 288 -37.25 48.83 -48.39
CA LEU N 288 -38.19 49.94 -48.49
C LEU N 288 -38.94 49.98 -49.84
N ALA N 289 -38.69 49.04 -50.75
CA ALA N 289 -39.44 49.00 -52.00
C ALA N 289 -40.91 48.72 -51.77
N VAL N 290 -41.23 47.94 -50.73
CA VAL N 290 -42.61 47.63 -50.33
C VAL N 290 -43.02 48.36 -49.04
N ARG N 291 -42.20 49.36 -48.57
CA ARG N 291 -42.38 50.21 -47.39
C ARG N 291 -43.00 49.49 -46.18
N PRO N 292 -42.31 48.51 -45.61
CA PRO N 292 -42.85 47.82 -44.43
C PRO N 292 -42.77 48.72 -43.18
N THR N 293 -43.30 48.18 -42.08
CA THR N 293 -43.26 48.82 -40.77
C THR N 293 -42.73 47.92 -39.66
N LEU N 294 -42.71 46.61 -39.86
CA LEU N 294 -42.15 45.66 -38.90
C LEU N 294 -41.42 44.57 -39.67
N VAL N 295 -40.15 44.35 -39.34
CA VAL N 295 -39.29 43.37 -39.99
C VAL N 295 -38.82 42.40 -38.92
N ILE N 296 -38.73 41.11 -39.28
CA ILE N 296 -38.28 40.05 -38.39
C ILE N 296 -37.22 39.26 -39.12
N THR N 297 -36.11 38.97 -38.43
CA THR N 297 -34.98 38.23 -38.98
C THR N 297 -34.42 37.29 -37.93
N GLU N 298 -34.05 36.10 -38.37
CA GLU N 298 -33.52 35.05 -37.49
C GLU N 298 -32.01 35.10 -37.30
N LYS N 299 -31.33 36.15 -37.77
CA LYS N 299 -29.88 36.29 -37.71
C LYS N 299 -29.53 37.70 -37.22
N GLY N 300 -28.22 37.97 -37.14
CA GLY N 300 -27.76 39.22 -36.60
C GLY N 300 -28.05 40.41 -37.50
N VAL N 301 -27.90 41.61 -36.92
CA VAL N 301 -28.14 42.87 -37.60
C VAL N 301 -26.97 43.80 -37.26
N SER N 302 -26.33 44.34 -38.29
CA SER N 302 -25.25 45.29 -38.10
C SER N 302 -25.78 46.65 -37.70
N ASP N 303 -24.95 47.41 -36.99
CA ASP N 303 -25.30 48.77 -36.60
C ASP N 303 -25.38 49.71 -37.79
N LEU N 304 -24.70 49.40 -38.89
CA LEU N 304 -24.77 50.23 -40.09
C LEU N 304 -26.16 50.18 -40.71
N ALA N 305 -26.79 49.00 -40.71
CA ALA N 305 -28.11 48.83 -41.29
C ALA N 305 -29.23 49.43 -40.43
N GLN N 306 -28.97 49.70 -39.14
CA GLN N 306 -30.02 50.26 -38.29
C GLN N 306 -30.34 51.70 -38.68
N HIS N 307 -29.35 52.48 -39.10
CA HIS N 307 -29.58 53.89 -39.39
C HIS N 307 -30.44 54.08 -40.63
N TYR N 308 -30.21 53.30 -41.68
CA TYR N 308 -30.95 53.48 -42.92
C TYR N 308 -32.42 53.10 -42.79
N LEU N 309 -32.77 52.23 -41.85
CA LEU N 309 -34.15 51.83 -41.62
C LEU N 309 -34.92 52.80 -40.71
N LEU N 310 -34.26 53.82 -40.16
CA LEU N 310 -34.98 54.78 -39.32
C LEU N 310 -35.92 55.67 -40.13
N LYS N 311 -35.54 56.00 -41.36
CA LYS N 311 -36.38 56.87 -42.19
C LYS N 311 -37.68 56.19 -42.58
N GLY N 312 -37.66 54.87 -42.77
CA GLY N 312 -38.85 54.11 -43.09
C GLY N 312 -39.64 53.63 -41.89
N GLY N 313 -39.06 53.64 -40.70
CA GLY N 313 -39.75 53.15 -39.53
C GLY N 313 -39.90 51.64 -39.50
N CYS N 314 -38.91 50.92 -40.02
CA CYS N 314 -38.95 49.46 -40.09
C CYS N 314 -38.39 48.90 -38.79
N SER N 315 -39.28 48.55 -37.86
CA SER N 315 -38.85 47.97 -36.60
C SER N 315 -38.28 46.58 -36.84
N VAL N 316 -37.05 46.35 -36.36
CA VAL N 316 -36.32 45.11 -36.58
C VAL N 316 -36.13 44.41 -35.23
N LEU N 317 -36.31 43.09 -35.24
CA LEU N 317 -36.02 42.22 -34.11
C LEU N 317 -35.23 41.04 -34.62
N ARG N 318 -34.17 40.67 -33.89
CA ARG N 318 -33.12 39.79 -34.38
C ARG N 318 -32.97 38.58 -33.48
N ARG N 319 -32.38 37.53 -34.06
CA ARG N 319 -32.12 36.26 -33.37
C ARG N 319 -33.42 35.59 -32.94
N VAL N 320 -34.40 35.60 -33.84
CA VAL N 320 -35.68 34.94 -33.63
C VAL N 320 -35.54 33.48 -34.07
N LYS N 321 -36.18 32.58 -33.32
CA LYS N 321 -36.04 31.16 -33.58
C LYS N 321 -36.74 30.77 -34.89
N LYS N 322 -36.36 29.61 -35.42
CA LYS N 322 -36.93 29.13 -36.68
C LYS N 322 -38.40 28.75 -36.52
N SER N 323 -38.77 28.19 -35.38
CA SER N 323 -40.17 27.81 -35.15
C SER N 323 -41.04 29.04 -34.91
N ASP N 324 -40.50 30.07 -34.28
CA ASP N 324 -41.28 31.28 -34.04
C ASP N 324 -41.56 32.04 -35.32
N ASN N 325 -40.64 31.98 -36.30
CA ASN N 325 -40.89 32.63 -37.58
C ASN N 325 -42.04 31.96 -38.32
N ASN N 326 -42.14 30.63 -38.23
CA ASN N 326 -43.27 29.93 -38.83
C ASN N 326 -44.58 30.28 -38.14
N ARG N 327 -44.55 30.44 -36.81
CA ARG N 327 -45.74 30.84 -36.08
C ARG N 327 -46.14 32.27 -36.38
N ILE N 328 -45.15 33.15 -36.63
CA ILE N 328 -45.46 34.51 -37.06
C ILE N 328 -46.06 34.49 -38.47
N ALA N 329 -45.64 33.54 -39.30
CA ALA N 329 -46.12 33.49 -40.68
C ALA N 329 -47.60 33.11 -40.73
N ARG N 330 -48.01 32.13 -39.94
CA ARG N 330 -49.39 31.67 -40.01
C ARG N 330 -50.38 32.69 -39.45
N VAL N 331 -49.97 33.45 -38.44
CA VAL N 331 -50.86 34.46 -37.85
C VAL N 331 -51.07 35.61 -38.83
N THR N 332 -49.99 36.25 -39.26
CA THR N 332 -50.05 37.42 -40.13
C THR N 332 -50.10 37.07 -41.61
N GLY N 333 -49.94 35.80 -41.99
CA GLY N 333 -50.00 35.42 -43.38
C GLY N 333 -48.81 35.82 -44.22
N ALA N 334 -47.71 36.24 -43.61
CA ALA N 334 -46.51 36.61 -44.35
C ALA N 334 -45.76 35.37 -44.79
N THR N 335 -45.06 35.50 -45.93
CA THR N 335 -44.26 34.43 -46.51
C THR N 335 -42.79 34.66 -46.17
N ILE N 336 -42.11 33.59 -45.76
CA ILE N 336 -40.69 33.66 -45.40
C ILE N 336 -39.90 33.68 -46.70
N VAL N 337 -39.17 34.77 -46.93
CA VAL N 337 -38.35 34.97 -48.13
C VAL N 337 -36.94 35.32 -47.68
N ASN N 338 -35.95 34.60 -48.21
CA ASN N 338 -34.56 34.81 -47.80
C ASN N 338 -33.99 36.08 -48.44
N ARG N 339 -33.96 36.13 -49.76
CA ARG N 339 -33.35 37.26 -50.45
C ARG N 339 -34.25 38.49 -50.38
N VAL N 340 -33.61 39.66 -50.41
CA VAL N 340 -34.33 40.93 -50.29
C VAL N 340 -34.87 41.45 -51.62
N GLU N 341 -34.54 40.81 -52.75
CA GLU N 341 -35.02 41.26 -54.05
C GLU N 341 -36.46 40.84 -54.34
N ASP N 342 -36.90 39.71 -53.78
CA ASP N 342 -38.20 39.13 -54.10
C ASP N 342 -39.32 39.60 -53.18
N LEU N 343 -39.20 40.79 -52.61
CA LEU N 343 -40.26 41.34 -51.77
C LEU N 343 -41.33 41.99 -52.63
N LYS N 344 -42.56 41.51 -52.48
CA LYS N 344 -43.74 42.03 -53.17
C LYS N 344 -44.76 42.43 -52.11
N GLU N 345 -45.82 43.14 -52.55
CA GLU N 345 -46.88 43.54 -51.64
C GLU N 345 -47.62 42.34 -51.07
N SER N 346 -47.73 41.25 -51.84
CA SER N 346 -48.34 40.04 -51.32
C SER N 346 -47.44 39.35 -50.29
N ASP N 347 -46.12 39.49 -50.42
CA ASP N 347 -45.21 38.93 -49.43
C ASP N 347 -45.37 39.63 -48.09
N VAL N 348 -45.69 40.93 -48.11
CA VAL N 348 -45.86 41.69 -46.87
C VAL N 348 -47.11 41.20 -46.15
N GLY N 349 -46.98 40.92 -44.86
CA GLY N 349 -48.12 40.51 -44.08
C GLY N 349 -49.13 41.64 -43.90
N THR N 350 -50.39 41.26 -43.70
CA THR N 350 -51.50 42.18 -43.53
C THR N 350 -52.46 41.64 -42.47
N ASN N 351 -53.48 42.45 -42.16
CA ASN N 351 -54.51 42.11 -41.17
C ASN N 351 -53.91 41.87 -39.78
N CYS N 352 -52.90 42.67 -39.42
CA CYS N 352 -52.28 42.67 -38.11
C CYS N 352 -52.58 43.97 -37.39
N GLY N 353 -52.55 43.93 -36.06
CA GLY N 353 -52.87 45.10 -35.27
C GLY N 353 -52.49 44.94 -33.82
N LEU N 354 -52.52 46.06 -33.11
CA LEU N 354 -52.29 46.11 -31.67
C LEU N 354 -50.86 45.66 -31.32
N PHE N 355 -49.89 46.23 -32.03
CA PHE N 355 -48.48 46.01 -31.73
C PHE N 355 -48.07 46.95 -30.60
N LYS N 356 -47.78 46.39 -29.44
CA LYS N 356 -47.44 47.16 -28.26
C LYS N 356 -46.43 46.39 -27.42
N VAL N 357 -45.47 47.11 -26.84
CA VAL N 357 -44.39 46.55 -26.03
C VAL N 357 -44.66 46.97 -24.58
N GLU N 358 -45.13 46.04 -23.77
CA GLU N 358 -45.39 46.30 -22.36
C GLU N 358 -44.09 46.22 -21.58
N MET N 359 -43.84 47.25 -20.76
CA MET N 359 -42.60 47.33 -20.00
C MET N 359 -42.73 46.48 -18.74
N ILE N 360 -41.88 45.46 -18.63
CA ILE N 360 -41.74 44.64 -17.43
C ILE N 360 -40.25 44.56 -17.12
N GLY N 361 -39.90 44.72 -15.84
CA GLY N 361 -38.51 44.81 -15.43
C GLY N 361 -37.69 43.57 -15.70
N ASP N 362 -38.31 42.40 -15.78
CA ASP N 362 -37.57 41.17 -16.04
C ASP N 362 -37.07 41.14 -17.48
N GLU N 363 -38.00 41.13 -18.44
CA GLU N 363 -37.67 41.06 -19.85
C GLU N 363 -38.73 41.83 -20.64
N TYR N 364 -38.36 42.21 -21.86
CA TYR N 364 -39.24 42.97 -22.74
C TYR N 364 -40.13 42.01 -23.53
N PHE N 365 -41.44 42.28 -23.53
CA PHE N 365 -42.44 41.46 -24.20
C PHE N 365 -43.19 42.32 -25.21
N SER N 366 -43.37 41.79 -26.42
CA SER N 366 -44.08 42.45 -27.51
C SER N 366 -45.26 41.59 -27.93
N PHE N 367 -46.43 42.20 -28.02
CA PHE N 367 -47.68 41.52 -28.35
C PHE N 367 -48.00 41.67 -29.83
N LEU N 368 -48.89 40.79 -30.31
CA LEU N 368 -49.40 40.84 -31.67
C LEU N 368 -50.84 40.39 -31.68
N ASP N 369 -51.61 40.87 -32.66
CA ASP N 369 -53.02 40.52 -32.79
C ASP N 369 -53.44 40.71 -34.23
N ASN N 370 -54.33 39.83 -34.68
CA ASN N 370 -54.84 39.86 -36.04
C ASN N 370 -56.00 40.84 -36.13
N CYS N 371 -56.70 40.85 -37.27
CA CYS N 371 -57.84 41.73 -37.46
C CYS N 371 -59.02 41.29 -36.61
N GLY N 432 -55.23 29.45 -46.56
CA GLY N 432 -54.45 29.98 -45.45
C GLY N 432 -55.24 30.02 -44.15
N LEU N 433 -56.02 28.96 -43.91
CA LEU N 433 -56.83 28.87 -42.70
C LEU N 433 -56.03 28.48 -41.46
N GLN N 434 -54.76 28.09 -41.60
CA GLN N 434 -53.93 27.76 -40.45
C GLN N 434 -53.65 29.01 -39.65
N LYS N 435 -53.77 28.89 -38.32
CA LYS N 435 -53.60 29.99 -37.38
C LYS N 435 -52.79 29.49 -36.17
N ALA N 436 -52.38 30.43 -35.32
CA ALA N 436 -51.61 30.12 -34.13
C ALA N 436 -51.88 31.17 -33.07
N CYS N 437 -51.46 30.86 -31.84
CA CYS N 437 -51.67 31.75 -30.70
C CYS N 437 -50.57 31.49 -29.69
N THR N 438 -50.58 32.32 -28.64
CA THR N 438 -49.60 32.23 -27.55
C THR N 438 -50.34 32.46 -26.23
N ILE N 439 -50.40 31.43 -25.40
CA ILE N 439 -51.06 31.49 -24.10
C ILE N 439 -50.04 31.97 -23.08
N MET N 440 -50.26 33.16 -22.53
CA MET N 440 -49.38 33.74 -21.53
C MET N 440 -49.90 33.36 -20.14
N LEU N 441 -49.22 32.41 -19.51
CA LEU N 441 -49.58 31.91 -18.19
C LEU N 441 -48.85 32.71 -17.12
N ARG N 442 -49.60 33.15 -16.11
CA ARG N 442 -49.08 33.89 -14.97
C ARG N 442 -49.21 33.02 -13.72
N GLY N 443 -48.22 33.09 -12.85
CA GLY N 443 -48.23 32.28 -11.64
C GLY N 443 -47.36 32.84 -10.52
N GLY N 444 -46.81 31.94 -9.71
CA GLY N 444 -46.03 32.26 -8.53
C GLY N 444 -44.64 31.64 -8.50
N SER N 445 -44.42 30.59 -9.30
CA SER N 445 -43.11 29.96 -9.36
C SER N 445 -42.98 29.25 -10.69
N LYS N 446 -41.73 29.05 -11.11
CA LYS N 446 -41.45 28.43 -12.40
C LYS N 446 -41.90 26.97 -12.43
N ASP N 447 -41.84 26.27 -11.29
CA ASP N 447 -42.23 24.87 -11.26
C ASP N 447 -43.74 24.68 -11.41
N ILE N 448 -44.55 25.50 -10.74
CA ILE N 448 -45.99 25.43 -10.92
C ILE N 448 -46.43 26.00 -12.26
N LEU N 449 -45.61 26.85 -12.90
CA LEU N 449 -45.90 27.24 -14.28
C LEU N 449 -45.83 26.03 -15.20
N ASN N 450 -44.87 25.12 -14.95
CA ASN N 450 -44.81 23.89 -15.72
C ASN N 450 -46.01 23.00 -15.41
N GLU N 451 -46.52 23.05 -14.18
CA GLU N 451 -47.72 22.31 -13.84
C GLU N 451 -48.92 22.83 -14.61
N ILE N 452 -49.14 24.14 -14.60
CA ILE N 452 -50.27 24.71 -15.33
C ILE N 452 -50.06 24.57 -16.83
N ASP N 453 -48.81 24.64 -17.29
CA ASP N 453 -48.53 24.44 -18.71
C ASP N 453 -48.86 23.01 -19.14
N ARG N 454 -48.49 22.02 -18.31
CA ARG N 454 -48.84 20.64 -18.63
C ARG N 454 -50.33 20.39 -18.52
N ASN N 455 -51.03 21.15 -17.67
CA ASN N 455 -52.49 21.07 -17.63
C ASN N 455 -53.11 21.64 -18.89
N LEU N 456 -52.49 22.67 -19.47
CA LEU N 456 -52.94 23.18 -20.77
C LEU N 456 -52.76 22.12 -21.85
N GLN N 457 -51.65 21.39 -21.82
CA GLN N 457 -51.45 20.30 -22.76
C GLN N 457 -52.49 19.20 -22.57
N ASP N 458 -52.86 18.94 -21.31
CA ASP N 458 -53.96 18.02 -21.03
C ASP N 458 -55.31 18.65 -21.32
N ALA N 459 -55.44 19.98 -21.24
CA ALA N 459 -56.71 20.63 -21.49
C ALA N 459 -57.11 20.55 -22.95
N MET N 460 -56.14 20.73 -23.86
CA MET N 460 -56.40 20.57 -25.29
C MET N 460 -56.32 19.13 -25.77
N ALA N 461 -55.62 18.26 -25.03
CA ALA N 461 -55.52 16.86 -25.43
C ALA N 461 -56.86 16.14 -25.34
N VAL N 462 -57.65 16.41 -24.30
CA VAL N 462 -58.98 15.84 -24.19
C VAL N 462 -59.95 16.46 -25.21
N ALA N 463 -59.69 17.66 -25.70
CA ALA N 463 -60.57 18.33 -26.64
C ALA N 463 -60.36 17.89 -28.08
N ARG N 464 -59.19 17.33 -28.42
CA ARG N 464 -58.94 16.93 -29.80
C ARG N 464 -59.81 15.76 -30.21
N ASN N 465 -59.94 14.76 -29.35
CA ASN N 465 -60.63 13.53 -29.72
C ASN N 465 -62.13 13.72 -29.89
N VAL N 466 -62.75 14.56 -29.06
CA VAL N 466 -64.16 14.87 -29.26
C VAL N 466 -64.36 15.63 -30.57
N MET N 467 -63.39 16.42 -31.00
CA MET N 467 -63.44 17.08 -32.30
C MET N 467 -63.09 16.16 -33.45
N LEU N 468 -62.16 15.22 -33.26
CA LEU N 468 -61.79 14.29 -34.32
C LEU N 468 -62.95 13.37 -34.67
N SER N 469 -63.43 12.60 -33.69
CA SER N 469 -64.58 11.73 -33.77
C SER N 469 -65.69 12.31 -32.89
N PRO N 470 -66.97 12.32 -33.31
CA PRO N 470 -68.01 12.72 -32.36
C PRO N 470 -68.33 11.70 -31.27
N SER N 471 -67.70 10.52 -31.28
CA SER N 471 -67.99 9.51 -30.28
C SER N 471 -67.54 9.96 -28.90
N LEU N 472 -68.25 9.47 -27.88
CA LEU N 472 -68.04 9.88 -26.51
C LEU N 472 -68.60 8.82 -25.58
N SER N 473 -67.94 8.64 -24.44
CA SER N 473 -68.22 7.60 -23.46
C SER N 473 -68.22 8.21 -22.06
N PRO N 474 -68.86 7.56 -21.08
CA PRO N 474 -68.67 8.00 -19.69
C PRO N 474 -67.33 7.53 -19.12
N GLY N 475 -67.08 7.95 -17.89
CA GLY N 475 -65.87 7.57 -17.19
C GLY N 475 -66.12 7.49 -15.70
N GLY N 476 -65.02 7.49 -14.94
CA GLY N 476 -65.10 7.37 -13.51
C GLY N 476 -65.33 5.97 -12.99
N GLY N 477 -64.79 4.96 -13.68
CA GLY N 477 -64.99 3.58 -13.31
C GLY N 477 -66.23 2.93 -13.88
N ALA N 478 -67.18 3.71 -14.39
CA ALA N 478 -68.41 3.14 -14.94
C ALA N 478 -68.15 2.40 -16.24
N THR N 479 -67.37 2.98 -17.15
CA THR N 479 -67.09 2.32 -18.43
C THR N 479 -66.23 1.08 -18.24
N GLU N 480 -65.33 1.10 -17.25
CA GLU N 480 -64.55 -0.10 -16.95
C GLU N 480 -65.40 -1.18 -16.30
N MET N 481 -66.36 -0.78 -15.46
CA MET N 481 -67.25 -1.76 -14.84
C MET N 481 -68.15 -2.41 -15.87
N ALA N 482 -68.58 -1.65 -16.89
CA ALA N 482 -69.41 -2.21 -17.94
C ALA N 482 -68.67 -3.27 -18.76
N VAL N 483 -67.35 -3.17 -18.86
CA VAL N 483 -66.58 -4.20 -19.55
C VAL N 483 -66.54 -5.48 -18.70
N SER N 484 -66.38 -5.32 -17.39
CA SER N 484 -66.29 -6.48 -16.51
C SER N 484 -67.63 -7.22 -16.41
N VAL N 485 -68.74 -6.48 -16.38
CA VAL N 485 -70.05 -7.12 -16.25
C VAL N 485 -70.40 -7.88 -17.52
N LYS N 486 -70.11 -7.29 -18.69
CA LYS N 486 -70.42 -7.97 -19.95
C LYS N 486 -69.52 -9.18 -20.17
N LEU N 487 -68.24 -9.08 -19.80
CA LEU N 487 -67.34 -10.22 -19.95
C LEU N 487 -67.68 -11.33 -18.97
N ALA N 488 -68.11 -10.98 -17.75
CA ALA N 488 -68.45 -11.98 -16.76
C ALA N 488 -69.69 -12.78 -17.15
N GLU N 489 -70.62 -12.18 -17.89
CA GLU N 489 -71.82 -12.91 -18.30
C GLU N 489 -71.49 -13.98 -19.34
N LYS N 490 -70.62 -13.64 -20.30
CA LYS N 490 -70.21 -14.56 -21.35
C LYS N 490 -69.02 -15.43 -20.94
N ALA N 491 -68.37 -15.15 -19.81
CA ALA N 491 -67.26 -15.99 -19.37
C ALA N 491 -67.74 -17.39 -18.98
N LYS N 492 -68.85 -17.48 -18.25
CA LYS N 492 -69.45 -18.76 -17.93
C LYS N 492 -70.08 -19.42 -19.15
N GLN N 493 -70.49 -18.64 -20.16
CA GLN N 493 -71.10 -19.19 -21.36
C GLN N 493 -70.07 -19.81 -22.32
N LEU N 494 -68.79 -19.42 -22.21
CA LEU N 494 -67.78 -19.96 -23.10
C LEU N 494 -67.58 -21.46 -22.86
N GLU N 495 -67.24 -21.84 -21.63
CA GLU N 495 -67.06 -23.23 -21.22
C GLU N 495 -65.96 -23.91 -22.04
N GLY N 496 -64.74 -23.40 -21.89
CA GLY N 496 -63.57 -23.96 -22.54
C GLY N 496 -62.31 -23.80 -21.71
N ILE N 497 -61.17 -24.19 -22.29
CA ILE N 497 -59.90 -24.10 -21.56
C ILE N 497 -59.43 -22.65 -21.42
N GLN N 498 -59.81 -21.76 -22.34
CA GLN N 498 -59.39 -20.36 -22.30
C GLN N 498 -60.25 -19.51 -21.37
N GLN N 499 -61.29 -20.07 -20.74
CA GLN N 499 -62.18 -19.26 -19.91
C GLN N 499 -61.54 -18.85 -18.59
N TRP N 500 -60.52 -19.56 -18.12
CA TRP N 500 -59.85 -19.19 -16.88
C TRP N 500 -59.10 -17.86 -17.03
N PRO N 501 -58.22 -17.68 -18.03
CA PRO N 501 -57.64 -16.34 -18.22
C PRO N 501 -58.63 -15.32 -18.77
N TYR N 502 -59.72 -15.76 -19.40
CA TYR N 502 -60.75 -14.83 -19.84
C TYR N 502 -61.45 -14.17 -18.66
N GLN N 503 -61.57 -14.87 -17.54
CA GLN N 503 -62.11 -14.27 -16.32
C GLN N 503 -61.16 -13.27 -15.70
N ALA N 504 -59.84 -13.43 -15.91
CA ALA N 504 -58.88 -12.50 -15.34
C ALA N 504 -59.01 -11.11 -15.95
N VAL N 505 -59.43 -11.02 -17.21
CA VAL N 505 -59.63 -9.71 -17.84
C VAL N 505 -60.82 -9.00 -17.21
N ALA N 506 -61.88 -9.75 -16.90
CA ALA N 506 -63.04 -9.15 -16.24
C ALA N 506 -62.69 -8.69 -14.83
N ASP N 507 -61.85 -9.43 -14.12
CA ASP N 507 -61.39 -9.02 -12.79
C ASP N 507 -60.34 -7.92 -12.84
N ALA N 508 -59.65 -7.75 -13.98
CA ALA N 508 -58.60 -6.75 -14.10
C ALA N 508 -59.15 -5.32 -14.23
N MET N 509 -60.37 -5.17 -14.75
CA MET N 509 -60.99 -3.85 -14.87
C MET N 509 -61.49 -3.29 -13.54
N GLU N 510 -61.45 -4.08 -12.45
CA GLU N 510 -61.96 -3.64 -11.15
C GLU N 510 -60.97 -2.78 -10.37
N CYS N 511 -59.73 -2.64 -10.83
CA CYS N 511 -58.75 -1.88 -10.06
C CYS N 511 -59.03 -0.39 -10.12
N ILE N 512 -59.48 0.07 -11.29
CA ILE N 512 -59.77 1.48 -11.50
C ILE N 512 -60.92 1.95 -10.64
N PRO N 513 -62.04 1.25 -10.68
CA PRO N 513 -63.05 1.71 -9.74
C PRO N 513 -62.56 1.59 -8.33
N ARG N 514 -61.87 0.52 -8.03
CA ARG N 514 -61.37 0.33 -6.71
C ARG N 514 -60.39 1.38 -6.35
N THR N 515 -59.52 1.76 -7.25
CA THR N 515 -58.53 2.71 -6.89
C THR N 515 -59.24 3.99 -6.57
N LEU N 516 -60.21 4.35 -7.39
CA LEU N 516 -60.83 5.62 -7.12
C LEU N 516 -61.43 5.55 -5.73
N ILE N 517 -62.12 4.46 -5.40
CA ILE N 517 -62.78 4.42 -4.09
C ILE N 517 -61.80 4.47 -2.96
N GLN N 518 -60.71 3.76 -3.07
CA GLN N 518 -59.77 3.76 -2.00
C GLN N 518 -59.21 5.11 -1.79
N ASN N 519 -58.89 5.83 -2.85
CA ASN N 519 -58.29 7.12 -2.58
C ASN N 519 -59.27 8.04 -1.88
N ALA N 520 -60.53 8.03 -2.25
CA ALA N 520 -61.61 8.83 -1.67
C ALA N 520 -61.82 8.57 -0.18
N GLY N 521 -61.34 7.43 0.34
CA GLY N 521 -61.45 7.11 1.75
C GLY N 521 -62.65 6.25 2.12
N GLY N 522 -63.33 5.66 1.16
CA GLY N 522 -64.49 4.82 1.43
C GLY N 522 -64.09 3.36 1.62
N ASP N 523 -65.11 2.54 1.90
CA ASP N 523 -64.94 1.11 2.12
C ASP N 523 -65.19 0.38 0.80
N PRO N 524 -64.18 -0.08 0.05
CA PRO N 524 -64.47 -0.58 -1.30
C PRO N 524 -65.20 -1.90 -1.36
N ILE N 525 -65.25 -2.66 -0.26
CA ILE N 525 -65.83 -3.99 -0.32
C ILE N 525 -67.35 -3.93 -0.48
N ARG N 526 -68.01 -2.99 0.23
CA ARG N 526 -69.46 -2.88 0.17
C ARG N 526 -69.91 -1.88 -0.90
N LEU N 527 -69.11 -0.86 -1.19
CA LEU N 527 -69.47 0.08 -2.25
C LEU N 527 -69.47 -0.60 -3.61
N LEU N 528 -68.49 -1.47 -3.87
CA LEU N 528 -68.42 -2.21 -5.11
C LEU N 528 -69.38 -3.40 -5.14
N SER N 529 -69.76 -3.94 -3.98
CA SER N 529 -70.71 -5.04 -3.95
C SER N 529 -72.08 -4.61 -4.44
N GLN N 530 -72.59 -3.48 -3.95
CA GLN N 530 -73.84 -2.93 -4.45
C GLN N 530 -73.70 -2.39 -5.87
N LEU N 531 -72.51 -1.98 -6.29
CA LEU N 531 -72.30 -1.55 -7.66
C LEU N 531 -72.45 -2.70 -8.64
N ARG N 532 -72.08 -3.92 -8.23
CA ARG N 532 -72.33 -5.09 -9.07
C ARG N 532 -73.82 -5.32 -9.27
N ALA N 533 -74.60 -5.24 -8.19
CA ALA N 533 -76.04 -5.41 -8.31
C ALA N 533 -76.68 -4.24 -9.04
N LYS N 534 -76.09 -3.05 -8.96
CA LYS N 534 -76.66 -1.90 -9.65
C LYS N 534 -76.51 -2.03 -11.17
N HIS N 535 -75.33 -2.42 -11.63
CA HIS N 535 -75.09 -2.64 -13.05
C HIS N 535 -75.78 -3.88 -13.58
N ALA N 536 -76.14 -4.83 -12.72
CA ALA N 536 -76.89 -6.00 -13.15
C ALA N 536 -78.31 -5.67 -13.58
N GLN N 537 -78.86 -4.54 -13.12
CA GLN N 537 -80.21 -4.13 -13.53
C GLN N 537 -80.30 -3.72 -14.99
N GLY N 538 -79.17 -3.35 -15.61
CA GLY N 538 -79.11 -3.01 -17.02
C GLY N 538 -78.80 -1.55 -17.33
N ASN N 539 -77.97 -0.89 -16.50
CA ASN N 539 -77.52 0.48 -16.72
C ASN N 539 -76.00 0.52 -16.73
N PHE N 540 -75.45 1.52 -17.43
CA PHE N 540 -74.03 1.65 -17.68
C PHE N 540 -73.44 2.99 -17.24
N THR N 541 -74.25 4.03 -17.13
CA THR N 541 -73.77 5.37 -16.78
C THR N 541 -73.59 5.57 -15.28
N THR N 542 -73.73 4.53 -14.46
CA THR N 542 -73.59 4.63 -13.02
C THR N 542 -72.11 4.45 -12.66
N GLY N 543 -71.52 5.47 -12.03
CA GLY N 543 -70.15 5.46 -11.61
C GLY N 543 -70.00 5.59 -10.11
N ILE N 544 -68.82 6.08 -9.70
CA ILE N 544 -68.47 6.30 -8.30
C ILE N 544 -67.95 7.73 -8.18
N ASP N 545 -68.58 8.49 -7.28
CA ASP N 545 -68.12 9.85 -7.01
C ASP N 545 -66.79 9.81 -6.27
N GLY N 546 -65.92 10.78 -6.58
CA GLY N 546 -64.60 10.83 -5.99
C GLY N 546 -64.50 11.52 -4.65
N ASP N 547 -65.44 12.40 -4.33
CA ASP N 547 -65.40 13.15 -3.06
C ASP N 547 -65.98 12.34 -1.91
N LYS N 548 -67.28 11.99 -2.01
CA LYS N 548 -68.01 11.31 -0.95
C LYS N 548 -68.20 9.83 -1.19
N GLY N 549 -68.23 9.39 -2.45
CA GLY N 549 -68.34 7.99 -2.77
C GLY N 549 -69.76 7.46 -2.83
N LYS N 550 -70.60 8.08 -3.66
CA LYS N 550 -71.95 7.62 -3.91
C LYS N 550 -71.97 6.70 -5.13
N ILE N 551 -73.14 6.11 -5.40
CA ILE N 551 -73.39 5.27 -6.58
C ILE N 551 -74.33 6.08 -7.48
N VAL N 552 -74.18 7.41 -7.49
CA VAL N 552 -75.07 8.28 -8.27
C VAL N 552 -74.64 8.25 -9.72
N ASP N 553 -75.60 8.41 -10.62
CA ASP N 553 -75.32 8.44 -12.04
C ASP N 553 -74.52 9.68 -12.40
N MET N 554 -73.60 9.52 -13.35
CA MET N 554 -72.75 10.62 -13.80
C MET N 554 -73.46 11.59 -14.74
N VAL N 555 -74.72 11.33 -15.11
CA VAL N 555 -75.45 12.29 -15.93
C VAL N 555 -75.73 13.57 -15.14
N SER N 556 -75.91 13.46 -13.82
CA SER N 556 -76.21 14.63 -13.02
C SER N 556 -74.98 15.52 -12.85
N TYR N 557 -73.83 14.93 -12.49
CA TYR N 557 -72.61 15.68 -12.26
C TYR N 557 -71.95 16.13 -13.54
N GLY N 558 -71.76 15.21 -14.49
CA GLY N 558 -71.25 15.52 -15.82
C GLY N 558 -69.83 15.05 -16.05
N ILE N 559 -69.46 13.92 -15.44
CA ILE N 559 -68.16 13.31 -15.66
C ILE N 559 -68.21 12.53 -16.97
N TRP N 560 -67.60 13.08 -18.02
CA TRP N 560 -67.56 12.45 -19.34
C TRP N 560 -66.19 12.69 -19.95
N GLU N 561 -65.66 11.67 -20.62
CA GLU N 561 -64.38 11.70 -21.30
C GLU N 561 -64.58 11.22 -22.74
N PRO N 562 -63.59 11.42 -23.62
CA PRO N 562 -63.71 10.83 -24.96
C PRO N 562 -63.60 9.32 -24.92
N GLU N 563 -63.92 8.70 -26.06
CA GLU N 563 -63.78 7.26 -26.21
C GLU N 563 -62.35 6.85 -26.54
N VAL N 564 -61.55 7.76 -27.10
CA VAL N 564 -60.20 7.40 -27.56
C VAL N 564 -59.28 7.09 -26.38
N ILE N 565 -59.51 7.71 -25.22
CA ILE N 565 -58.64 7.48 -24.07
C ILE N 565 -58.82 6.05 -23.57
N LYS N 566 -60.08 5.59 -23.47
CA LYS N 566 -60.33 4.24 -22.98
C LYS N 566 -59.98 3.19 -24.02
N GLN N 567 -60.12 3.53 -25.31
CA GLN N 567 -59.72 2.62 -26.36
C GLN N 567 -58.20 2.41 -26.36
N GLN N 568 -57.44 3.50 -26.26
CA GLN N 568 -55.99 3.39 -26.22
C GLN N 568 -55.51 2.71 -24.94
N SER N 569 -56.28 2.81 -23.86
CA SER N 569 -55.85 2.20 -22.60
C SER N 569 -55.96 0.68 -22.66
N VAL N 570 -57.12 0.16 -23.09
CA VAL N 570 -57.30 -1.28 -23.14
C VAL N 570 -56.43 -1.89 -24.24
N LYS N 571 -56.20 -1.18 -25.33
CA LYS N 571 -55.31 -1.69 -26.37
C LYS N 571 -53.87 -1.72 -25.90
N THR N 572 -53.38 -0.61 -25.33
CA THR N 572 -52.01 -0.57 -24.84
C THR N 572 -51.80 -1.51 -23.65
N ALA N 573 -52.83 -1.68 -22.83
CA ALA N 573 -52.71 -2.59 -21.68
C ALA N 573 -52.63 -4.04 -22.13
N ILE N 574 -53.43 -4.42 -23.14
CA ILE N 574 -53.41 -5.78 -23.63
C ILE N 574 -52.12 -6.04 -24.42
N GLU N 575 -51.75 -5.10 -25.30
CA GLU N 575 -50.53 -5.24 -26.09
C GLU N 575 -49.27 -5.24 -25.24
N SER N 576 -49.28 -4.55 -24.10
CA SER N 576 -48.13 -4.57 -23.20
C SER N 576 -48.06 -5.88 -22.42
N ALA N 577 -49.22 -6.44 -22.08
CA ALA N 577 -49.24 -7.73 -21.39
C ALA N 577 -48.75 -8.85 -22.29
N CYS N 578 -49.08 -8.80 -23.59
CA CYS N 578 -48.60 -9.81 -24.52
C CYS N 578 -47.09 -9.75 -24.68
N LEU N 579 -46.50 -8.55 -24.58
CA LEU N 579 -45.06 -8.42 -24.69
C LEU N 579 -44.34 -9.05 -23.50
N LEU N 580 -44.86 -8.81 -22.30
CA LEU N 580 -44.17 -9.19 -21.07
C LEU N 580 -44.47 -10.61 -20.61
N LEU N 581 -45.62 -11.17 -20.99
CA LEU N 581 -45.97 -12.52 -20.58
C LEU N 581 -45.16 -13.61 -21.29
N ARG N 582 -44.54 -13.29 -22.43
CA ARG N 582 -43.81 -14.26 -23.25
C ARG N 582 -42.30 -14.15 -23.05
N VAL N 583 -41.88 -13.90 -21.81
CA VAL N 583 -40.47 -13.80 -21.42
C VAL N 583 -40.23 -14.86 -20.35
N ASP N 584 -39.16 -15.65 -20.55
CA ASP N 584 -38.79 -16.74 -19.65
C ASP N 584 -37.32 -16.73 -19.23
N ASP N 585 -36.45 -16.01 -19.94
CA ASP N 585 -35.02 -15.97 -19.65
C ASP N 585 -34.56 -14.51 -19.63
N ILE N 586 -33.62 -14.21 -18.73
CA ILE N 586 -33.05 -12.88 -18.56
C ILE N 586 -31.54 -13.02 -18.66
N VAL N 587 -30.93 -12.15 -19.46
CA VAL N 587 -29.48 -12.14 -19.67
C VAL N 587 -29.00 -10.70 -19.79
N SER N 588 -27.70 -10.52 -19.62
CA SER N 588 -27.09 -9.19 -19.65
C SER N 588 -25.62 -9.37 -20.05
N GLY N 589 -24.86 -8.28 -19.98
CA GLY N 589 -23.44 -8.32 -20.26
C GLY N 589 -23.07 -8.25 -21.73
N VAL N 590 -23.97 -7.75 -22.58
CA VAL N 590 -23.70 -7.71 -24.01
C VAL N 590 -22.73 -6.57 -24.34
N ARG N 591 -23.06 -5.36 -23.88
CA ARG N 591 -22.29 -4.14 -24.16
C ARG N 591 -22.15 -3.90 -25.66
N LYS N 592 -23.31 -3.67 -26.28
CA LYS N 592 -23.39 -3.39 -27.70
C LYS N 592 -22.67 -2.07 -28.02
N MET O 1 -31.94 27.29 14.64
CA MET O 1 -31.37 28.61 14.23
C MET O 1 -29.99 28.41 13.61
N ASN O 2 -29.20 27.55 14.23
CA ASN O 2 -27.87 27.24 13.72
C ASN O 2 -27.97 26.29 12.53
N PHE O 3 -26.93 26.32 11.69
CA PHE O 3 -26.96 25.55 10.45
C PHE O 3 -26.65 24.07 10.70
N GLY O 4 -25.84 23.77 11.71
CA GLY O 4 -25.37 22.42 11.95
C GLY O 4 -25.05 22.11 13.40
N SER O 5 -24.36 20.99 13.61
CA SER O 5 -24.06 20.45 14.94
C SER O 5 -23.18 21.46 15.70
N GLN O 6 -21.98 21.77 15.22
CA GLN O 6 -21.06 22.68 15.88
C GLN O 6 -20.49 23.68 14.87
N THR O 7 -19.72 24.63 15.40
CA THR O 7 -19.17 25.74 14.62
C THR O 7 -17.75 26.03 15.11
N PRO O 8 -16.69 25.54 14.46
CA PRO O 8 -15.33 25.80 14.98
C PRO O 8 -14.92 27.26 14.78
N THR O 9 -14.14 27.75 15.73
CA THR O 9 -13.71 29.14 15.73
C THR O 9 -12.75 29.41 14.56
N ILE O 10 -12.71 30.67 14.13
CA ILE O 10 -11.87 31.13 13.04
C ILE O 10 -10.50 31.50 13.63
N VAL O 11 -9.44 31.05 12.96
CA VAL O 11 -8.11 31.59 13.22
C VAL O 11 -7.99 32.91 12.47
N VAL O 12 -7.44 33.93 13.15
CA VAL O 12 -7.38 35.26 12.56
C VAL O 12 -6.43 35.28 11.38
N LEU O 13 -5.18 34.88 11.59
CA LEU O 13 -4.22 34.72 10.51
C LEU O 13 -4.53 33.44 9.74
N LYS O 14 -3.94 33.33 8.55
CA LYS O 14 -4.12 32.14 7.73
C LYS O 14 -3.46 30.94 8.39
N GLU O 15 -4.00 29.76 8.10
CA GLU O 15 -3.47 28.53 8.67
C GLU O 15 -2.06 28.27 8.16
N GLY O 16 -1.12 28.15 9.10
CA GLY O 16 0.28 27.98 8.79
C GLY O 16 1.11 29.26 8.81
N THR O 17 0.51 30.40 9.09
CA THR O 17 1.23 31.67 9.17
C THR O 17 1.92 31.76 10.52
N ASP O 18 3.25 31.86 10.51
CA ASP O 18 4.04 31.91 11.73
C ASP O 18 4.07 33.34 12.25
N ALA O 19 3.89 33.49 13.56
CA ALA O 19 3.92 34.80 14.21
C ALA O 19 4.30 34.61 15.67
N SER O 20 4.95 35.62 16.25
CA SER O 20 5.40 35.56 17.63
C SER O 20 5.57 36.96 18.18
N GLN O 21 5.30 37.11 19.47
CA GLN O 21 5.45 38.36 20.22
C GLN O 21 6.61 38.25 21.17
N GLY O 22 6.96 39.38 21.80
CA GLY O 22 7.98 39.41 22.83
C GLY O 22 9.37 39.62 22.27
N LYS O 23 10.35 39.56 23.19
CA LYS O 23 11.75 39.77 22.85
C LYS O 23 12.43 38.53 22.28
N GLY O 24 11.71 37.41 22.12
CA GLY O 24 12.34 36.20 21.61
C GLY O 24 12.64 36.26 20.13
N GLN O 25 11.79 36.93 19.36
CA GLN O 25 11.95 36.95 17.91
C GLN O 25 13.12 37.84 17.50
N ILE O 26 13.23 39.02 18.11
CA ILE O 26 14.33 39.92 17.79
C ILE O 26 15.68 39.35 18.22
N ILE O 27 15.71 38.52 19.26
CA ILE O 27 16.94 37.82 19.61
C ILE O 27 17.23 36.72 18.60
N SER O 28 16.18 36.06 18.10
CA SER O 28 16.37 35.06 17.05
C SER O 28 16.84 35.69 15.75
N ASN O 29 16.35 36.88 15.45
CA ASN O 29 16.81 37.60 14.25
C ASN O 29 18.26 38.02 14.40
N ILE O 30 18.67 38.45 15.60
CA ILE O 30 20.05 38.83 15.84
C ILE O 30 20.94 37.59 15.80
N ASN O 31 20.49 36.49 16.40
CA ASN O 31 21.26 35.25 16.35
C ASN O 31 21.34 34.69 14.93
N ALA O 32 20.33 34.95 14.10
CA ALA O 32 20.40 34.54 12.70
C ALA O 32 21.49 35.30 11.95
N CYS O 33 21.61 36.60 12.20
CA CYS O 33 22.68 37.37 11.58
C CYS O 33 24.04 36.98 12.11
N VAL O 34 24.14 36.65 13.40
CA VAL O 34 25.40 36.19 13.96
C VAL O 34 25.78 34.83 13.38
N ALA O 35 24.79 33.99 13.07
CA ALA O 35 25.07 32.71 12.43
C ALA O 35 25.65 32.91 11.04
N VAL O 36 25.14 33.89 10.28
CA VAL O 36 25.73 34.23 9.00
C VAL O 36 27.06 34.94 9.19
N GLN O 37 27.20 35.68 10.30
CA GLN O 37 28.45 36.40 10.57
C GLN O 37 29.60 35.44 10.81
N GLU O 38 29.36 34.32 11.50
CA GLU O 38 30.44 33.39 11.82
C GLU O 38 31.03 32.73 10.58
N ALA O 39 30.28 32.64 9.49
CA ALA O 39 30.85 32.10 8.25
C ALA O 39 31.92 33.03 7.68
N LEU O 40 31.72 34.34 7.78
CA LEU O 40 32.64 35.35 7.28
C LEU O 40 33.62 35.86 8.32
N LYS O 41 33.61 35.32 9.56
CA LYS O 41 34.53 35.76 10.59
C LYS O 41 35.99 35.45 10.24
N PRO O 42 36.38 34.19 10.00
CA PRO O 42 37.79 33.92 9.68
C PRO O 42 38.22 34.34 8.29
N THR O 43 37.28 34.75 7.42
CA THR O 43 37.64 35.19 6.08
C THR O 43 38.31 36.56 6.10
N LEU O 44 38.00 37.39 7.10
CA LEU O 44 38.52 38.75 7.16
C LEU O 44 40.02 38.73 7.44
N GLY O 45 40.78 39.40 6.56
CA GLY O 45 42.20 39.65 6.76
C GLY O 45 43.03 39.06 5.63
N PRO O 46 44.31 39.45 5.52
CA PRO O 46 45.15 38.86 4.47
C PRO O 46 45.38 37.37 4.64
N LEU O 47 45.50 36.88 5.88
CA LEU O 47 45.70 35.47 6.16
C LEU O 47 44.38 34.70 6.27
N GLY O 48 43.26 35.30 5.88
CA GLY O 48 41.98 34.62 5.93
C GLY O 48 41.90 33.48 4.93
N SER O 49 40.78 32.75 5.01
CA SER O 49 40.53 31.54 4.23
C SER O 49 39.35 31.76 3.30
N ASP O 50 39.40 31.11 2.15
CA ASP O 50 38.31 31.15 1.19
C ASP O 50 37.16 30.25 1.64
N ILE O 51 36.02 30.40 0.97
CA ILE O 51 34.79 29.68 1.28
C ILE O 51 34.35 28.95 0.02
N LEU O 52 34.13 27.64 0.13
CA LEU O 52 33.68 26.80 -0.96
C LEU O 52 32.17 26.57 -0.82
N ILE O 53 31.42 26.98 -1.85
CA ILE O 53 29.98 26.85 -1.90
C ILE O 53 29.61 26.01 -3.12
N VAL O 54 28.64 25.12 -2.95
CA VAL O 54 28.11 24.29 -4.03
C VAL O 54 26.59 24.31 -3.93
N THR O 55 25.94 24.94 -4.91
CA THR O 55 24.50 25.10 -4.90
C THR O 55 23.83 23.80 -5.36
N SER O 56 22.51 23.83 -5.49
CA SER O 56 21.75 22.64 -5.88
C SER O 56 22.06 22.17 -7.30
N ASN O 57 22.41 23.09 -8.20
CA ASN O 57 22.72 22.74 -9.59
C ASN O 57 24.11 22.11 -9.76
N GLN O 58 24.89 21.95 -8.69
CA GLN O 58 26.16 21.22 -8.73
C GLN O 58 27.18 21.95 -9.60
N LYS O 59 27.31 23.26 -9.39
CA LYS O 59 28.31 24.10 -10.04
C LYS O 59 29.22 24.70 -8.97
N THR O 60 30.50 24.38 -9.05
CA THR O 60 31.46 24.83 -8.05
C THR O 60 31.70 26.32 -8.20
N THR O 61 31.76 27.03 -7.07
CA THR O 61 32.04 28.46 -7.05
C THR O 61 32.80 28.79 -5.79
N ILE O 62 34.09 29.10 -5.95
CA ILE O 62 34.98 29.46 -4.85
C ILE O 62 35.09 30.99 -4.85
N SER O 63 35.07 31.58 -3.65
CA SER O 63 35.19 33.03 -3.52
C SER O 63 35.76 33.36 -2.15
N ASN O 64 36.32 34.57 -2.07
CA ASN O 64 36.85 35.16 -0.84
C ASN O 64 35.98 36.29 -0.33
N ASP O 65 35.50 37.14 -1.22
CA ASP O 65 34.64 38.25 -0.83
C ASP O 65 33.24 37.74 -0.51
N GLY O 66 32.55 38.47 0.38
CA GLY O 66 31.20 38.11 0.79
C GLY O 66 30.09 38.54 -0.14
N ALA O 67 30.42 39.14 -1.30
CA ALA O 67 29.38 39.59 -2.21
C ALA O 67 28.71 38.42 -2.91
N THR O 68 29.49 37.54 -3.51
CA THR O 68 28.96 36.39 -4.25
C THR O 68 28.73 35.16 -3.38
N ILE O 69 29.35 35.08 -2.20
CA ILE O 69 29.04 33.99 -1.28
C ILE O 69 27.59 34.08 -0.82
N LEU O 70 27.16 35.27 -0.44
CA LEU O 70 25.76 35.49 -0.03
C LEU O 70 24.79 35.42 -1.21
N LYS O 71 25.26 35.68 -2.43
CA LYS O 71 24.39 35.56 -3.59
C LYS O 71 24.11 34.11 -3.92
N LEU O 72 25.10 33.23 -3.71
CA LEU O 72 24.90 31.81 -3.97
C LEU O 72 23.93 31.20 -2.97
N LEU O 73 24.16 31.44 -1.68
CA LEU O 73 23.28 30.93 -0.63
C LEU O 73 21.97 31.71 -0.67
N ASP O 74 20.91 31.07 -1.16
CA ASP O 74 19.59 31.69 -1.21
C ASP O 74 19.04 31.77 0.21
N VAL O 75 18.93 32.98 0.73
CA VAL O 75 18.58 33.22 2.13
C VAL O 75 17.06 33.31 2.24
N VAL O 76 16.50 32.54 3.18
CA VAL O 76 15.06 32.56 3.42
C VAL O 76 14.70 33.62 4.46
N HIS O 77 15.52 33.75 5.50
CA HIS O 77 15.18 34.62 6.62
C HIS O 77 15.27 36.08 6.19
N PRO O 78 14.31 36.95 6.54
CA PRO O 78 14.46 38.36 6.15
C PRO O 78 15.59 39.08 6.89
N ALA O 79 15.81 38.76 8.17
CA ALA O 79 16.84 39.43 8.93
C ALA O 79 18.23 39.10 8.40
N ALA O 80 18.43 37.86 7.94
CA ALA O 80 19.70 37.48 7.33
C ALA O 80 19.87 38.06 5.92
N LYS O 81 18.78 38.42 5.24
CA LYS O 81 18.88 39.10 3.96
C LYS O 81 19.38 40.53 4.07
N THR O 82 19.37 41.13 5.27
CA THR O 82 19.90 42.47 5.44
C THR O 82 21.40 42.51 5.17
N LEU O 83 22.13 41.49 5.64
CA LEU O 83 23.55 41.41 5.35
C LEU O 83 23.81 41.19 3.87
N VAL O 84 22.89 40.51 3.17
CA VAL O 84 23.09 40.24 1.75
C VAL O 84 22.84 41.50 0.93
N ASP O 85 21.87 42.32 1.35
CA ASP O 85 21.55 43.53 0.59
C ASP O 85 22.67 44.56 0.68
N ILE O 86 23.20 44.78 1.89
CA ILE O 86 24.30 45.73 2.03
C ILE O 86 25.57 45.22 1.35
N SER O 87 25.78 43.91 1.31
CA SER O 87 26.95 43.36 0.63
C SER O 87 26.89 43.60 -0.86
N ARG O 88 25.71 43.42 -1.47
CA ARG O 88 25.55 43.75 -2.88
C ARG O 88 25.55 45.26 -3.11
N ALA O 89 25.02 46.03 -2.15
CA ALA O 89 25.07 47.48 -2.28
C ALA O 89 26.49 48.00 -2.15
N GLN O 90 27.27 47.44 -1.21
CA GLN O 90 28.67 47.81 -1.11
C GLN O 90 29.45 47.33 -2.33
N ASP O 91 29.09 46.16 -2.87
CA ASP O 91 29.72 45.68 -4.10
C ASP O 91 29.35 46.56 -5.29
N ALA O 92 28.12 47.09 -5.31
CA ALA O 92 27.68 47.90 -6.44
C ALA O 92 28.23 49.32 -6.35
N GLU O 93 28.24 49.91 -5.16
CA GLU O 93 28.68 51.30 -5.02
C GLU O 93 30.20 51.39 -5.06
N VAL O 94 30.88 50.79 -4.08
CA VAL O 94 32.32 50.92 -3.91
C VAL O 94 33.05 49.73 -4.53
N GLY O 95 32.81 48.52 -4.01
CA GLY O 95 33.49 47.31 -4.43
C GLY O 95 34.55 46.81 -3.48
N ASP O 96 34.54 47.24 -2.22
CA ASP O 96 35.51 46.80 -1.22
C ASP O 96 34.87 46.85 0.16
N GLY O 97 35.33 45.96 1.03
CA GLY O 97 34.81 45.89 2.38
C GLY O 97 33.48 45.19 2.51
N THR O 98 33.16 44.27 1.59
CA THR O 98 31.90 43.55 1.67
C THR O 98 31.86 42.58 2.85
N THR O 99 33.02 42.07 3.28
CA THR O 99 33.08 41.19 4.44
C THR O 99 33.10 41.97 5.74
N SER O 100 33.78 43.13 5.76
CA SER O 100 33.89 43.91 6.98
C SER O 100 32.58 44.61 7.33
N VAL O 101 31.81 45.04 6.32
CA VAL O 101 30.55 45.70 6.58
C VAL O 101 29.54 44.74 7.20
N THR O 102 29.59 43.46 6.82
CA THR O 102 28.73 42.45 7.44
C THR O 102 29.21 42.10 8.85
N ILE O 103 30.52 42.13 9.09
CA ILE O 103 31.05 41.84 10.42
C ILE O 103 30.72 42.98 11.37
N LEU O 104 30.83 44.22 10.91
CA LEU O 104 30.48 45.36 11.74
C LEU O 104 28.97 45.43 11.98
N ALA O 105 28.17 45.03 10.98
CA ALA O 105 26.72 45.04 11.15
C ALA O 105 26.28 44.00 12.17
N GLY O 106 26.91 42.82 12.17
CA GLY O 106 26.56 41.80 13.15
C GLY O 106 27.11 42.09 14.53
N GLU O 107 28.28 42.74 14.60
CA GLU O 107 28.86 43.06 15.90
C GLU O 107 28.04 44.11 16.63
N LEU O 108 27.49 45.10 15.92
CA LEU O 108 26.58 46.06 16.55
C LEU O 108 25.31 45.35 17.03
N MET O 109 24.85 44.35 16.28
CA MET O 109 23.74 43.53 16.73
C MET O 109 24.16 42.65 17.91
N LYS O 110 25.39 42.15 17.89
CA LYS O 110 25.90 41.34 18.99
C LYS O 110 26.06 42.16 20.26
N GLU O 111 26.58 43.38 20.15
CA GLU O 111 26.71 44.26 21.30
C GLU O 111 25.37 44.79 21.79
N ALA O 112 24.35 44.82 20.92
CA ALA O 112 23.00 45.20 21.32
C ALA O 112 22.25 44.10 22.05
N LYS O 113 22.81 42.89 22.15
CA LYS O 113 22.12 41.81 22.85
C LYS O 113 21.90 42.09 24.33
N PRO O 114 22.92 42.39 25.16
CA PRO O 114 22.64 42.62 26.58
C PRO O 114 21.87 43.89 26.87
N PHE O 115 21.89 44.88 25.98
CA PHE O 115 21.03 46.05 26.15
C PHE O 115 19.57 45.74 25.87
N LEU O 116 19.31 44.82 24.93
CA LEU O 116 17.96 44.34 24.71
C LEU O 116 17.49 43.40 25.81
N GLU O 117 18.41 42.67 26.44
CA GLU O 117 18.07 41.90 27.63
C GLU O 117 17.67 42.79 28.79
N GLU O 118 18.20 44.02 28.84
CA GLU O 118 17.78 45.00 29.81
C GLU O 118 16.43 45.58 29.39
N GLY O 119 15.85 46.41 30.26
CA GLY O 119 14.59 47.05 29.98
C GLY O 119 14.61 48.16 28.96
N ILE O 120 15.79 48.55 28.47
CA ILE O 120 15.88 49.61 27.47
C ILE O 120 15.33 49.06 26.16
N SER O 121 14.31 49.72 25.62
CA SER O 121 13.76 49.36 24.32
C SER O 121 14.73 49.80 23.21
N SER O 122 14.43 49.37 21.99
CA SER O 122 15.34 49.56 20.86
C SER O 122 15.38 50.99 20.34
N HIS O 123 14.45 51.87 20.74
CA HIS O 123 14.46 53.23 20.25
C HIS O 123 15.53 54.09 20.91
N LEU O 124 16.06 53.69 22.07
CA LEU O 124 17.19 54.39 22.67
C LEU O 124 18.50 54.01 22.00
N ILE O 125 18.76 52.71 21.85
CA ILE O 125 20.03 52.26 21.29
C ILE O 125 20.18 52.63 19.81
N MET O 126 19.06 52.77 19.09
CA MET O 126 19.14 53.26 17.72
C MET O 126 19.61 54.71 17.68
N LYS O 127 19.15 55.53 18.64
CA LYS O 127 19.54 56.92 18.68
C LYS O 127 21.02 57.07 19.00
N GLY O 128 21.58 56.16 19.80
CA GLY O 128 22.98 56.26 20.17
C GLY O 128 23.93 55.98 19.02
N TYR O 129 23.68 54.90 18.28
CA TYR O 129 24.49 54.61 17.10
C TYR O 129 24.28 55.67 16.03
N ARG O 130 23.03 56.12 15.84
CA ARG O 130 22.74 57.12 14.83
C ARG O 130 23.37 58.46 15.17
N LYS O 131 23.56 58.76 16.46
CA LYS O 131 24.30 59.94 16.88
C LYS O 131 25.80 59.73 16.73
N ALA O 132 26.28 58.49 16.90
CA ALA O 132 27.72 58.24 16.81
C ALA O 132 28.21 58.28 15.37
N VAL O 133 27.38 57.87 14.41
CA VAL O 133 27.79 57.88 13.01
C VAL O 133 27.95 59.31 12.50
N SER O 134 27.19 60.26 13.06
CA SER O 134 27.34 61.65 12.66
C SER O 134 28.71 62.22 13.02
N LEU O 135 29.31 61.75 14.11
CA LEU O 135 30.66 62.14 14.49
C LEU O 135 31.74 61.25 13.86
N ALA O 136 31.41 60.00 13.55
CA ALA O 136 32.40 59.09 12.96
C ALA O 136 32.71 59.48 11.52
N VAL O 137 31.70 59.89 10.75
CA VAL O 137 31.93 60.28 9.37
C VAL O 137 32.74 61.57 9.31
N GLU O 138 32.49 62.50 10.24
CA GLU O 138 33.24 63.74 10.27
C GLU O 138 34.69 63.51 10.70
N LYS O 139 34.91 62.58 11.63
CA LYS O 139 36.28 62.31 12.09
C LYS O 139 37.10 61.66 10.99
N ILE O 140 36.48 60.83 10.16
CA ILE O 140 37.20 60.23 9.03
C ILE O 140 37.57 61.31 8.02
N ASN O 141 36.70 62.31 7.85
CA ASN O 141 37.03 63.42 6.94
C ASN O 141 38.15 64.28 7.50
N GLU O 142 38.21 64.46 8.82
CA GLU O 142 39.28 65.24 9.41
C GLU O 142 40.62 64.52 9.34
N LEU O 143 40.61 63.19 9.41
CA LEU O 143 41.83 62.38 9.29
C LEU O 143 42.23 62.10 7.84
N ALA O 144 41.58 62.73 6.87
CA ALA O 144 41.85 62.51 5.44
C ALA O 144 42.82 63.58 4.95
N VAL O 145 44.06 63.18 4.68
CA VAL O 145 45.09 64.07 4.20
C VAL O 145 45.10 64.02 2.67
N ASP O 146 45.49 65.15 2.07
CA ASP O 146 45.52 65.32 0.63
C ASP O 146 46.92 65.04 0.09
N ILE O 147 46.96 64.44 -1.10
CA ILE O 147 48.23 64.05 -1.71
C ILE O 147 48.93 65.21 -2.42
N THR O 148 48.18 66.21 -2.90
CA THR O 148 48.79 67.28 -3.67
C THR O 148 49.67 68.21 -2.83
N SER O 149 49.56 68.17 -1.50
CA SER O 149 50.45 68.99 -0.67
C SER O 149 51.89 68.54 -0.78
N GLU O 150 52.13 67.24 -0.92
CA GLU O 150 53.47 66.70 -1.09
C GLU O 150 53.97 66.77 -2.53
N LYS O 151 53.07 66.96 -3.51
CA LYS O 151 53.44 67.07 -4.92
C LYS O 151 54.12 65.80 -5.42
N SER O 152 53.52 64.66 -5.07
CA SER O 152 54.02 63.36 -5.52
C SER O 152 53.50 63.05 -6.92
N SER O 153 54.01 61.96 -7.48
CA SER O 153 53.61 61.54 -8.82
C SER O 153 52.25 60.87 -8.79
N GLY O 154 51.53 60.98 -9.91
CA GLY O 154 50.20 60.38 -10.02
C GLY O 154 50.22 58.90 -10.35
N ARG O 155 51.26 58.42 -11.02
CA ARG O 155 51.33 57.01 -11.39
C ARG O 155 51.51 56.12 -10.16
N GLU O 156 52.36 56.54 -9.23
CA GLU O 156 52.60 55.75 -8.02
C GLU O 156 51.43 55.75 -7.05
N LEU O 157 50.45 56.66 -7.20
CA LEU O 157 49.31 56.68 -6.31
C LEU O 157 48.42 55.45 -6.51
N LEU O 158 48.18 55.08 -7.76
CA LEU O 158 47.31 53.95 -8.04
C LEU O 158 47.98 52.63 -7.65
N GLU O 159 49.29 52.53 -7.85
CA GLU O 159 50.01 51.32 -7.44
C GLU O 159 50.02 51.17 -5.92
N ARG O 160 50.04 52.29 -5.19
CA ARG O 160 50.11 52.22 -3.74
C ARG O 160 48.80 51.74 -3.14
N CYS O 161 47.67 52.23 -3.65
CA CYS O 161 46.36 51.87 -3.11
C CYS O 161 45.88 50.51 -3.61
N ALA O 162 46.25 50.12 -4.82
CA ALA O 162 45.89 48.81 -5.35
C ALA O 162 46.61 47.66 -4.65
N ARG O 163 47.76 47.94 -4.01
CA ARG O 163 48.48 46.89 -3.29
C ARG O 163 47.66 46.37 -2.11
N THR O 164 46.85 47.22 -1.48
CA THR O 164 46.02 46.77 -0.37
C THR O 164 44.91 45.85 -0.85
N ALA O 165 44.38 46.10 -2.05
CA ALA O 165 43.28 45.30 -2.57
C ALA O 165 43.70 43.87 -2.89
N MET O 166 44.97 43.64 -3.24
CA MET O 166 45.45 42.32 -3.64
C MET O 166 45.82 41.43 -2.46
N SER O 167 45.50 41.83 -1.24
CA SER O 167 45.67 40.98 -0.06
C SER O 167 44.43 40.12 0.13
N SER O 168 44.60 39.03 0.89
CA SER O 168 43.54 38.06 1.16
C SER O 168 43.06 37.37 -0.11
N LYS O 169 43.94 37.22 -1.10
CA LYS O 169 43.62 36.57 -2.37
C LYS O 169 44.77 35.67 -2.79
N LEU O 170 44.66 35.06 -3.96
CA LEU O 170 45.74 34.24 -4.53
C LEU O 170 46.84 35.07 -5.19
N ILE O 171 46.72 36.40 -5.20
CA ILE O 171 47.58 37.27 -6.01
C ILE O 171 48.73 37.88 -5.20
N HIS O 172 48.66 37.87 -3.86
CA HIS O 172 49.47 38.71 -2.98
C HIS O 172 50.97 38.54 -3.16
N ASN O 173 51.43 37.37 -3.62
CA ASN O 173 52.83 37.16 -3.98
C ASN O 173 53.12 37.55 -5.42
N ASN O 174 52.16 37.35 -6.33
CA ASN O 174 52.29 37.77 -7.72
C ASN O 174 51.77 39.19 -7.95
N ALA O 175 51.63 40.00 -6.90
CA ALA O 175 51.10 41.34 -7.05
C ALA O 175 52.09 42.30 -7.68
N ASP O 176 53.39 41.96 -7.71
CA ASP O 176 54.37 42.86 -8.32
C ASP O 176 54.14 43.02 -9.81
N PHE O 177 53.65 41.98 -10.49
CA PHE O 177 53.43 42.00 -11.93
C PHE O 177 52.01 42.38 -12.33
N PHE O 178 51.00 41.94 -11.58
CA PHE O 178 49.61 42.18 -11.95
C PHE O 178 49.08 43.54 -11.50
N VAL O 179 49.70 44.17 -10.50
CA VAL O 179 49.26 45.51 -10.12
C VAL O 179 49.60 46.51 -11.21
N LYS O 180 50.67 46.30 -11.97
CA LYS O 180 50.94 47.14 -13.12
C LYS O 180 49.90 46.98 -14.22
N MET O 181 49.25 45.81 -14.29
CA MET O 181 48.25 45.59 -15.34
C MET O 181 47.01 46.43 -15.11
N CYS O 182 46.44 46.36 -13.90
CA CYS O 182 45.20 47.09 -13.63
C CYS O 182 45.43 48.58 -13.53
N VAL O 183 46.61 49.02 -13.06
CA VAL O 183 46.89 50.44 -12.98
C VAL O 183 47.01 51.04 -14.38
N ASP O 184 47.78 50.39 -15.25
CA ASP O 184 47.90 50.85 -16.63
C ASP O 184 46.60 50.66 -17.40
N ALA O 185 45.76 49.70 -17.00
CA ALA O 185 44.50 49.48 -17.70
C ALA O 185 43.50 50.61 -17.43
N VAL O 186 43.38 51.02 -16.17
CA VAL O 186 42.40 52.04 -15.82
C VAL O 186 42.86 53.43 -16.26
N LEU O 187 44.17 53.67 -16.31
CA LEU O 187 44.68 54.95 -16.78
C LEU O 187 44.38 55.21 -18.25
N SER O 188 44.22 54.15 -19.05
CA SER O 188 43.86 54.35 -20.46
C SER O 188 42.43 54.88 -20.60
N LEU O 189 41.55 54.56 -19.65
CA LEU O 189 40.18 55.07 -19.68
C LEU O 189 40.18 56.58 -19.49
N ASP O 190 39.09 57.20 -19.95
CA ASP O 190 38.91 58.64 -19.79
C ASP O 190 38.55 58.97 -18.35
N ARG O 191 39.17 60.02 -17.82
CA ARG O 191 38.94 60.40 -16.42
C ARG O 191 37.52 60.90 -16.21
N ASN O 192 36.94 61.59 -17.20
CA ASN O 192 35.59 62.12 -17.05
C ASN O 192 34.55 61.01 -17.13
N ASP O 193 34.74 60.05 -18.05
CA ASP O 193 33.80 58.95 -18.30
C ASP O 193 34.54 57.63 -18.07
N LEU O 194 34.55 57.18 -16.81
CA LEU O 194 35.08 55.88 -16.43
C LEU O 194 33.94 54.87 -16.41
N ASP O 195 34.06 53.84 -17.25
CA ASP O 195 33.01 52.86 -17.50
C ASP O 195 33.43 51.50 -16.97
N ASP O 196 32.45 50.73 -16.48
CA ASP O 196 32.68 49.43 -15.89
C ASP O 196 32.52 48.27 -16.88
N LYS O 197 31.91 48.50 -18.04
CA LYS O 197 31.74 47.46 -19.05
C LYS O 197 32.92 47.34 -20.00
N LEU O 198 33.79 48.34 -20.08
CA LEU O 198 34.98 48.27 -20.92
C LEU O 198 36.13 47.47 -20.30
N ILE O 199 35.96 46.94 -19.08
CA ILE O 199 36.97 46.13 -18.39
C ILE O 199 36.56 44.65 -18.36
N GLY O 200 35.89 44.17 -19.40
CA GLY O 200 35.48 42.77 -19.43
C GLY O 200 36.69 41.86 -19.51
N ILE O 201 36.62 40.74 -18.78
CA ILE O 201 37.67 39.73 -18.73
C ILE O 201 37.07 38.42 -19.18
N LYS O 202 37.73 37.76 -20.14
CA LYS O 202 37.25 36.50 -20.69
C LYS O 202 37.79 35.33 -19.87
N LYS O 203 36.90 34.40 -19.54
CA LYS O 203 37.26 33.21 -18.76
C LYS O 203 37.82 32.17 -19.72
N ILE O 204 39.06 32.38 -20.15
CA ILE O 204 39.76 31.50 -21.08
C ILE O 204 40.49 30.43 -20.26
N PRO O 205 40.34 29.13 -20.55
CA PRO O 205 41.10 28.13 -19.78
C PRO O 205 42.56 28.07 -20.19
N GLY O 206 43.31 27.29 -19.41
CA GLY O 206 44.67 26.94 -19.76
C GLY O 206 45.67 28.00 -19.35
N GLY O 207 46.88 27.55 -19.01
CA GLY O 207 47.99 28.43 -18.76
C GLY O 207 48.04 28.95 -17.33
N ALA O 208 49.24 29.37 -16.94
CA ALA O 208 49.48 29.97 -15.63
C ALA O 208 49.17 31.46 -15.67
N MET O 209 48.72 31.98 -14.53
CA MET O 209 48.26 33.37 -14.45
C MET O 209 49.37 34.38 -14.70
N GLU O 210 50.62 34.05 -14.40
CA GLU O 210 51.74 34.94 -14.66
C GLU O 210 52.08 35.07 -16.15
N GLU O 211 51.60 34.16 -16.99
CA GLU O 211 51.83 34.22 -18.43
C GLU O 211 50.89 35.18 -19.16
N SER O 212 50.01 35.88 -18.44
CA SER O 212 49.11 36.82 -19.09
C SER O 212 49.89 38.02 -19.60
N LEU O 213 49.21 38.84 -20.40
CA LEU O 213 49.81 40.03 -21.00
C LEU O 213 48.74 41.10 -21.16
N PHE O 214 49.13 42.35 -20.87
CA PHE O 214 48.26 43.51 -20.97
C PHE O 214 48.51 44.19 -22.31
N ILE O 215 47.44 44.39 -23.07
CA ILE O 215 47.49 45.07 -24.37
C ILE O 215 46.37 46.09 -24.40
N ASN O 216 46.67 47.27 -24.95
CA ASN O 216 45.66 48.32 -25.08
C ASN O 216 44.54 47.94 -26.04
N GLY O 217 44.79 47.03 -26.98
CA GLY O 217 43.75 46.56 -27.88
C GLY O 217 42.74 45.67 -27.19
N VAL O 218 41.88 45.06 -28.01
CA VAL O 218 40.80 44.19 -27.52
C VAL O 218 40.68 42.97 -28.41
N ALA O 219 40.33 41.87 -27.75
CA ALA O 219 40.22 40.61 -28.42
C ALA O 219 38.82 40.21 -28.44
N PHE O 220 38.49 39.25 -29.27
CA PHE O 220 37.14 38.85 -29.26
C PHE O 220 36.81 37.37 -29.19
N LYS O 221 37.70 36.48 -29.58
CA LYS O 221 37.48 35.03 -29.61
C LYS O 221 36.93 34.70 -30.92
N LYS O 222 37.51 33.76 -31.61
CA LYS O 222 37.10 33.50 -32.97
C LYS O 222 35.72 33.00 -32.97
N THR O 223 34.97 33.40 -33.96
CA THR O 223 33.60 33.04 -34.01
C THR O 223 33.27 31.86 -34.89
N PHE O 224 32.09 31.79 -35.47
CA PHE O 224 31.70 30.57 -36.17
C PHE O 224 32.54 30.13 -37.30
N SER O 225 33.02 31.06 -38.10
CA SER O 225 33.96 30.67 -39.13
C SER O 225 33.53 29.70 -40.20
N TYR O 226 32.76 30.17 -41.16
CA TYR O 226 32.33 29.33 -42.22
C TYR O 226 33.55 29.05 -43.05
N ALA O 227 33.49 28.11 -43.99
CA ALA O 227 34.67 27.77 -44.75
C ALA O 227 35.20 29.00 -45.37
N GLY O 228 36.46 29.27 -45.17
CA GLY O 228 37.05 30.50 -45.64
C GLY O 228 38.15 30.78 -44.68
N PHE O 229 37.91 30.52 -43.41
CA PHE O 229 38.92 30.72 -42.39
C PHE O 229 40.20 29.97 -42.77
N GLU O 230 41.29 30.31 -42.07
CA GLU O 230 42.64 29.79 -42.24
C GLU O 230 43.11 29.80 -43.69
N GLN O 231 42.69 30.79 -44.48
CA GLN O 231 43.29 31.13 -45.77
C GLN O 231 43.82 32.56 -45.81
N GLN O 232 43.23 33.46 -45.04
CA GLN O 232 43.68 34.85 -45.01
C GLN O 232 44.98 34.96 -44.21
N PRO O 233 45.75 36.04 -44.38
CA PRO O 233 46.87 36.26 -43.45
C PRO O 233 46.38 36.63 -42.07
N LYS O 234 46.88 35.90 -41.08
CA LYS O 234 46.54 36.14 -39.68
C LYS O 234 47.44 37.18 -39.02
N LYS O 235 48.20 37.95 -39.79
CA LYS O 235 49.07 39.01 -39.28
C LYS O 235 49.08 40.15 -40.28
N PHE O 236 48.72 41.35 -39.81
CA PHE O 236 48.69 42.57 -40.62
C PHE O 236 49.56 43.64 -39.97
N ASN O 237 50.03 44.56 -40.82
CA ASN O 237 50.91 45.64 -40.38
C ASN O 237 50.11 46.85 -39.91
N ASN O 238 49.20 47.33 -40.75
CA ASN O 238 48.35 48.49 -40.45
C ASN O 238 46.97 48.27 -41.06
N PRO O 239 46.19 47.35 -40.52
CA PRO O 239 44.86 47.09 -41.07
C PRO O 239 43.86 48.15 -40.65
N LYS O 240 42.84 48.31 -41.50
CA LYS O 240 41.73 49.23 -41.26
C LYS O 240 40.53 48.44 -40.74
N ILE O 241 40.03 48.83 -39.57
CA ILE O 241 38.94 48.12 -38.90
C ILE O 241 37.63 48.74 -39.34
N LEU O 242 36.67 47.88 -39.72
CA LEU O 242 35.34 48.27 -40.15
C LEU O 242 34.31 47.50 -39.33
N SER O 243 33.21 48.16 -39.02
CA SER O 243 32.09 47.58 -38.27
C SER O 243 30.80 47.83 -39.02
N LEU O 244 29.95 46.80 -39.09
CA LEU O 244 28.70 46.85 -39.84
C LEU O 244 27.61 46.12 -39.06
N ASN O 245 26.55 46.84 -38.71
CA ASN O 245 25.37 46.23 -38.09
C ASN O 245 24.45 45.54 -39.09
N VAL O 246 24.58 45.83 -40.39
CA VAL O 246 23.72 45.22 -41.40
C VAL O 246 24.03 43.75 -41.51
N GLU O 247 22.99 42.94 -41.68
CA GLU O 247 23.12 41.49 -41.77
C GLU O 247 23.46 41.11 -43.21
N LEU O 248 24.71 40.70 -43.43
CA LEU O 248 25.16 40.26 -44.75
C LEU O 248 24.78 38.79 -44.89
N GLU O 249 23.51 38.54 -45.18
CA GLU O 249 22.98 37.21 -45.39
C GLU O 249 21.99 37.24 -46.54
N LEU O 250 21.99 36.16 -47.32
CA LEU O 250 21.15 36.06 -48.52
C LEU O 250 19.73 35.69 -48.08
N LYS O 251 19.02 36.67 -47.54
CA LYS O 251 17.61 36.53 -47.15
C LYS O 251 17.43 35.44 -46.09
N ALA O 252 18.24 35.53 -45.04
CA ALA O 252 18.19 34.57 -43.94
C ALA O 252 17.15 34.98 -42.90
N GLU O 253 17.32 36.14 -42.27
CA GLU O 253 16.38 36.70 -41.31
C GLU O 253 15.45 37.75 -41.92
N LYS O 254 15.63 38.10 -43.19
CA LYS O 254 14.74 39.05 -43.85
C LYS O 254 13.34 38.46 -43.96
N ASP O 255 12.34 39.34 -43.97
CA ASP O 255 10.95 38.91 -44.14
C ASP O 255 10.77 38.25 -45.51
N ASN O 256 9.84 37.31 -45.57
CA ASN O 256 9.63 36.50 -46.77
C ASN O 256 9.02 37.37 -47.85
N ALA O 257 9.80 37.66 -48.89
CA ALA O 257 9.34 38.45 -50.03
C ALA O 257 8.64 37.52 -51.02
N GLU O 258 7.34 37.73 -51.22
CA GLU O 258 6.55 36.90 -52.13
C GLU O 258 6.80 37.41 -53.55
N VAL O 259 7.75 36.79 -54.24
CA VAL O 259 8.11 37.15 -55.61
C VAL O 259 7.23 36.34 -56.56
N ARG O 260 6.59 37.03 -57.50
CA ARG O 260 5.73 36.41 -58.51
C ARG O 260 6.15 36.92 -59.87
N VAL O 261 6.49 35.99 -60.77
CA VAL O 261 6.98 36.30 -62.11
C VAL O 261 6.14 35.51 -63.12
N GLU O 262 6.07 36.05 -64.34
CA GLU O 262 5.21 35.53 -65.40
C GLU O 262 5.96 35.31 -66.72
N HIS O 263 7.30 35.27 -66.72
CA HIS O 263 8.09 35.08 -67.91
C HIS O 263 9.32 34.24 -67.59
N VAL O 264 9.79 33.51 -68.60
CA VAL O 264 10.99 32.68 -68.42
C VAL O 264 12.25 33.54 -68.51
N GLU O 265 12.25 34.54 -69.39
CA GLU O 265 13.42 35.40 -69.53
C GLU O 265 13.66 36.23 -68.28
N ASP O 266 12.58 36.65 -67.60
CA ASP O 266 12.72 37.37 -66.34
C ASP O 266 13.16 36.49 -65.18
N TYR O 267 12.94 35.17 -65.28
CA TYR O 267 13.39 34.27 -64.23
C TYR O 267 14.91 34.21 -64.15
N GLN O 268 15.60 34.40 -65.27
CA GLN O 268 17.05 34.51 -65.24
C GLN O 268 17.51 35.84 -64.64
N ALA O 269 16.70 36.90 -64.83
CA ALA O 269 17.06 38.20 -64.28
C ALA O 269 16.83 38.27 -62.77
N ILE O 270 15.76 37.64 -62.28
CA ILE O 270 15.43 37.74 -60.87
C ILE O 270 16.34 36.86 -60.00
N VAL O 271 16.83 35.74 -60.54
CA VAL O 271 17.75 34.89 -59.80
C VAL O 271 19.17 35.46 -59.80
N ASP O 272 19.56 36.19 -60.86
CA ASP O 272 20.84 36.87 -60.89
C ASP O 272 20.82 38.18 -60.12
N ALA O 273 19.64 38.76 -59.88
CA ALA O 273 19.56 39.99 -59.09
C ALA O 273 19.98 39.74 -57.64
N GLU O 274 19.78 38.53 -57.13
CA GLU O 274 20.26 38.21 -55.79
C GLU O 274 21.79 38.24 -55.74
N TRP O 275 22.43 37.66 -56.77
CA TRP O 275 23.89 37.73 -56.85
C TRP O 275 24.35 39.15 -57.15
N GLN O 276 23.56 39.91 -57.91
CA GLN O 276 23.96 41.28 -58.26
C GLN O 276 23.95 42.18 -57.04
N LEU O 277 22.94 42.04 -56.17
CA LEU O 277 22.85 42.90 -54.99
C LEU O 277 23.94 42.58 -53.97
N ILE O 278 24.20 41.29 -53.72
CA ILE O 278 25.15 40.94 -52.67
C ILE O 278 26.58 41.27 -53.10
N PHE O 279 26.89 41.19 -54.40
CA PHE O 279 28.22 41.56 -54.87
C PHE O 279 28.41 43.07 -54.92
N GLU O 280 27.34 43.84 -55.14
CA GLU O 280 27.45 45.30 -55.09
C GLU O 280 27.81 45.76 -53.68
N LYS O 281 27.28 45.08 -52.65
CA LYS O 281 27.64 45.40 -51.28
C LYS O 281 29.09 45.03 -50.96
N LEU O 282 29.61 43.97 -51.58
CA LEU O 282 30.98 43.57 -51.33
C LEU O 282 31.96 44.49 -52.05
N ARG O 283 31.61 44.93 -53.27
CA ARG O 283 32.52 45.80 -54.02
C ARG O 283 32.64 47.18 -53.38
N GLN O 284 31.55 47.67 -52.78
CA GLN O 284 31.61 48.97 -52.11
C GLN O 284 32.51 48.92 -50.89
N VAL O 285 32.51 47.80 -50.16
CA VAL O 285 33.43 47.62 -49.04
C VAL O 285 34.85 47.40 -49.55
N GLU O 286 34.99 46.75 -50.70
CA GLU O 286 36.31 46.47 -51.25
C GLU O 286 37.05 47.72 -51.68
N GLU O 287 36.33 48.74 -52.18
CA GLU O 287 36.98 49.95 -52.67
C GLU O 287 37.64 50.76 -51.58
N THR O 288 37.11 50.73 -50.35
CA THR O 288 37.67 51.48 -49.24
C THR O 288 38.91 50.82 -48.63
N GLY O 289 39.15 49.54 -48.91
CA GLY O 289 40.32 48.88 -48.37
C GLY O 289 40.19 48.47 -46.92
N ALA O 290 38.98 48.13 -46.47
CA ALA O 290 38.79 47.67 -45.11
C ALA O 290 39.40 46.29 -44.93
N ASN O 291 40.53 46.23 -44.21
CA ASN O 291 41.25 44.99 -44.03
C ASN O 291 40.66 44.08 -42.97
N ILE O 292 39.92 44.64 -41.99
CA ILE O 292 39.26 43.88 -40.94
C ILE O 292 37.81 44.32 -40.91
N VAL O 293 36.91 43.43 -41.32
CA VAL O 293 35.46 43.67 -41.31
C VAL O 293 34.89 42.94 -40.11
N LEU O 294 34.05 43.63 -39.35
CA LEU O 294 33.40 43.09 -38.17
C LEU O 294 31.90 43.37 -38.23
N SER O 295 31.13 42.56 -37.52
CA SER O 295 29.68 42.70 -37.51
C SER O 295 29.11 41.94 -36.33
N LYS O 296 28.06 42.51 -35.74
CA LYS O 296 27.35 41.85 -34.65
C LYS O 296 26.48 40.71 -35.15
N LEU O 297 25.84 40.88 -36.31
CA LEU O 297 25.00 39.88 -36.95
C LEU O 297 25.83 39.01 -37.90
N PRO O 298 25.39 37.82 -38.29
CA PRO O 298 26.29 36.90 -39.01
C PRO O 298 26.61 37.36 -40.42
N ILE O 299 27.78 36.93 -40.88
CA ILE O 299 28.28 37.21 -42.22
C ILE O 299 27.95 36.01 -43.11
N GLY O 300 27.55 36.28 -44.35
CA GLY O 300 27.21 35.22 -45.27
C GLY O 300 28.41 34.39 -45.66
N ASP O 301 28.13 33.22 -46.24
CA ASP O 301 29.20 32.31 -46.66
C ASP O 301 29.93 32.85 -47.89
N LEU O 302 29.20 33.46 -48.82
CA LEU O 302 29.83 33.99 -50.04
C LEU O 302 30.79 35.13 -49.73
N ALA O 303 30.55 35.89 -48.67
CA ALA O 303 31.45 36.98 -48.31
C ALA O 303 32.79 36.46 -47.83
N THR O 304 32.82 35.28 -47.19
CA THR O 304 34.07 34.74 -46.69
C THR O 304 35.00 34.34 -47.84
N GLN O 305 34.46 33.67 -48.85
CA GLN O 305 35.23 33.36 -50.04
C GLN O 305 35.65 34.59 -50.82
N PHE O 306 34.87 35.68 -50.76
CA PHE O 306 35.24 36.90 -51.45
C PHE O 306 36.33 37.65 -50.68
N PHE O 307 36.16 37.79 -49.38
CA PHE O 307 37.18 38.40 -48.53
C PHE O 307 38.43 37.54 -48.39
N ALA O 308 38.31 36.22 -48.58
CA ALA O 308 39.50 35.37 -48.55
C ALA O 308 40.39 35.60 -49.77
N ASP O 309 39.82 36.05 -50.88
CA ASP O 309 40.59 36.24 -52.11
C ASP O 309 41.52 37.45 -52.01
N ARG O 310 40.99 38.59 -51.55
CA ARG O 310 41.73 39.85 -51.49
C ARG O 310 42.33 40.10 -50.10
N ASN O 311 42.73 39.01 -49.41
CA ASN O 311 43.32 38.98 -48.06
C ASN O 311 42.68 39.93 -47.06
N ILE O 312 41.34 40.01 -47.09
CA ILE O 312 40.56 40.82 -46.15
C ILE O 312 40.09 39.90 -45.03
N PHE O 313 40.37 40.30 -43.78
CA PHE O 313 39.96 39.53 -42.62
C PHE O 313 38.50 39.85 -42.27
N CYS O 314 37.76 38.83 -41.85
CA CYS O 314 36.34 38.96 -41.55
C CYS O 314 35.98 38.12 -40.32
N ALA O 315 34.99 38.58 -39.57
CA ALA O 315 34.49 37.89 -38.40
C ALA O 315 33.12 38.44 -38.04
N GLY O 316 32.24 37.56 -37.55
CA GLY O 316 30.88 37.91 -37.24
C GLY O 316 30.38 37.28 -35.94
N ARG O 317 29.09 37.51 -35.67
CA ARG O 317 28.42 37.02 -34.46
C ARG O 317 29.11 37.55 -33.20
N VAL O 318 29.50 38.83 -33.22
CA VAL O 318 30.09 39.48 -32.05
C VAL O 318 28.97 40.03 -31.18
N SER O 319 29.17 39.97 -29.86
CA SER O 319 28.18 40.49 -28.94
C SER O 319 28.15 42.02 -28.96
N ALA O 320 27.10 42.59 -28.38
CA ALA O 320 26.95 44.04 -28.36
C ALA O 320 27.93 44.68 -27.37
N ASP O 321 28.14 44.04 -26.22
CA ASP O 321 29.06 44.60 -25.23
C ASP O 321 30.50 44.56 -25.72
N ASP O 322 30.89 43.47 -26.39
CA ASP O 322 32.24 43.37 -26.91
C ASP O 322 32.45 44.30 -28.09
N MET O 323 31.44 44.44 -28.95
CA MET O 323 31.56 45.33 -30.11
C MET O 323 31.63 46.79 -29.66
N ASN O 324 30.93 47.14 -28.58
CA ASN O 324 31.01 48.51 -28.06
C ASN O 324 32.41 48.82 -27.54
N ARG O 325 33.13 47.82 -27.04
CA ARG O 325 34.50 48.03 -26.61
C ARG O 325 35.42 48.24 -27.81
N VAL O 326 35.10 47.63 -28.95
CA VAL O 326 35.93 47.81 -30.15
C VAL O 326 35.83 49.24 -30.66
N ILE O 327 34.63 49.81 -30.61
CA ILE O 327 34.41 51.14 -31.18
C ILE O 327 35.11 52.21 -30.37
N GLN O 328 35.22 52.02 -29.06
CA GLN O 328 35.99 52.96 -28.23
C GLN O 328 37.47 52.92 -28.56
N ALA O 329 37.99 51.80 -29.06
CA ALA O 329 39.39 51.68 -29.42
C ALA O 329 39.68 52.15 -30.85
N VAL O 330 38.88 51.69 -31.82
CA VAL O 330 39.16 51.92 -33.23
C VAL O 330 38.55 53.21 -33.76
N GLY O 331 38.05 54.10 -32.90
CA GLY O 331 37.64 55.43 -33.32
C GLY O 331 36.20 55.55 -33.77
N GLY O 332 35.97 55.49 -35.08
CA GLY O 332 34.67 55.82 -35.64
C GLY O 332 33.58 54.85 -35.23
N SER O 333 32.34 55.32 -35.39
CA SER O 333 31.17 54.57 -34.95
C SER O 333 30.78 53.54 -36.01
N ILE O 334 29.68 52.84 -35.78
CA ILE O 334 29.21 51.78 -36.67
C ILE O 334 28.29 52.41 -37.72
N GLN O 335 28.39 51.92 -38.95
CA GLN O 335 27.49 52.29 -40.04
C GLN O 335 26.91 51.02 -40.65
N SER O 336 25.59 51.03 -40.88
CA SER O 336 24.86 49.88 -41.42
C SER O 336 24.47 50.08 -42.88
N THR O 337 25.27 50.80 -43.66
CA THR O 337 25.02 51.05 -45.07
C THR O 337 26.34 51.06 -45.82
N THR O 338 26.47 50.16 -46.79
CA THR O 338 27.72 50.03 -47.54
C THR O 338 28.01 51.24 -48.42
N SER O 339 26.97 51.94 -48.88
CA SER O 339 27.15 53.10 -49.75
C SER O 339 27.52 54.36 -48.99
N ASP O 340 27.12 54.48 -47.72
CA ASP O 340 27.38 55.66 -46.90
C ASP O 340 28.69 55.58 -46.11
N ILE O 341 29.55 54.59 -46.40
CA ILE O 341 30.84 54.48 -45.73
C ILE O 341 31.72 55.65 -46.14
N LYS O 342 32.80 55.87 -45.37
CA LYS O 342 33.77 56.93 -45.61
C LYS O 342 35.13 56.42 -45.12
N PRO O 343 36.26 56.81 -45.74
CA PRO O 343 37.56 56.45 -45.14
C PRO O 343 37.76 56.96 -43.71
N GLU O 344 37.28 58.16 -43.39
CA GLU O 344 37.56 58.79 -42.10
C GLU O 344 36.96 58.04 -40.91
N HIS O 345 35.93 57.21 -41.13
CA HIS O 345 35.34 56.42 -40.06
C HIS O 345 36.14 55.17 -39.73
N LEU O 346 37.05 54.73 -40.61
CA LEU O 346 37.83 53.54 -40.36
C LEU O 346 38.85 53.77 -39.26
N GLY O 347 39.11 52.71 -38.48
CA GLY O 347 40.14 52.73 -37.46
C GLY O 347 41.48 52.28 -38.00
N THR O 348 42.43 52.14 -37.08
CA THR O 348 43.78 51.71 -37.44
C THR O 348 44.48 51.21 -36.19
N CYS O 349 45.54 50.43 -36.42
CA CYS O 349 46.38 49.93 -35.34
C CYS O 349 47.77 49.66 -35.89
N ALA O 350 48.76 49.79 -35.02
CA ALA O 350 50.16 49.65 -35.44
C ALA O 350 50.55 48.20 -35.67
N LEU O 351 49.85 47.25 -35.06
CA LEU O 351 50.19 45.84 -35.21
C LEU O 351 48.97 44.99 -34.87
N PHE O 352 48.90 43.82 -35.50
CA PHE O 352 47.80 42.88 -35.31
C PHE O 352 48.34 41.47 -35.47
N GLU O 353 47.95 40.58 -34.56
CA GLU O 353 48.44 39.21 -34.57
C GLU O 353 47.44 38.31 -33.86
N GLU O 354 47.13 37.17 -34.48
CA GLU O 354 46.26 36.15 -33.92
C GLU O 354 47.13 35.01 -33.39
N MET O 355 46.94 34.66 -32.12
CA MET O 355 47.70 33.61 -31.46
C MET O 355 46.78 32.82 -30.55
N GLN O 356 47.05 31.53 -30.45
CA GLN O 356 46.21 30.59 -29.71
C GLN O 356 46.77 30.39 -28.30
N ILE O 357 45.88 30.37 -27.32
CA ILE O 357 46.22 30.05 -25.94
C ILE O 357 45.06 29.29 -25.33
N GLY O 358 45.35 28.12 -24.76
CA GLY O 358 44.30 27.27 -24.25
C GLY O 358 43.46 26.59 -25.31
N SER O 359 44.06 26.29 -26.47
CA SER O 359 43.37 25.64 -27.59
C SER O 359 42.18 26.45 -28.08
N GLU O 360 42.33 27.77 -27.94
CA GLU O 360 41.30 28.70 -28.34
C GLU O 360 42.03 29.78 -29.07
N ARG O 361 41.42 30.44 -30.05
CA ARG O 361 42.11 31.42 -30.84
C ARG O 361 41.52 32.80 -30.61
N TYR O 362 42.33 33.79 -30.33
CA TYR O 362 41.85 35.13 -30.04
C TYR O 362 42.53 36.21 -30.90
N ASN O 363 41.80 37.01 -31.68
CA ASN O 363 42.35 38.07 -32.51
C ASN O 363 42.67 39.28 -31.63
N LEU O 364 43.94 39.70 -31.63
CA LEU O 364 44.46 40.71 -30.74
C LEU O 364 44.91 41.93 -31.54
N PHE O 365 44.28 43.07 -31.28
CA PHE O 365 44.81 44.35 -31.75
C PHE O 365 45.96 44.78 -30.84
N GLN O 366 46.99 45.39 -31.43
CA GLN O 366 48.19 45.80 -30.71
C GLN O 366 48.64 47.16 -31.20
N GLY O 367 49.25 47.92 -30.30
CA GLY O 367 49.74 49.24 -30.62
C GLY O 367 48.61 50.23 -30.88
N CYS O 368 47.84 50.53 -29.84
CA CYS O 368 46.70 51.43 -29.90
C CYS O 368 46.83 52.44 -28.76
N PRO O 369 47.77 53.39 -28.84
CA PRO O 369 47.90 54.37 -27.75
C PRO O 369 46.73 55.32 -27.63
N GLN O 370 45.97 55.55 -28.72
CA GLN O 370 44.80 56.41 -28.69
C GLN O 370 43.54 55.71 -28.17
N ALA O 371 43.64 54.44 -27.76
CA ALA O 371 42.47 53.69 -27.34
C ALA O 371 42.06 54.09 -25.92
N LYS O 372 40.78 54.39 -25.75
CA LYS O 372 40.19 54.74 -24.46
C LYS O 372 39.56 53.55 -23.76
N THR O 373 40.08 52.35 -23.98
CA THR O 373 39.59 51.12 -23.36
C THR O 373 40.77 50.17 -23.13
N CYS O 374 40.45 48.96 -22.70
CA CYS O 374 41.48 48.00 -22.30
C CYS O 374 40.87 46.61 -22.27
N THR O 375 41.73 45.61 -22.10
CA THR O 375 41.31 44.22 -21.97
C THR O 375 42.28 43.48 -21.07
N LEU O 376 41.82 42.34 -20.54
CA LEU O 376 42.61 41.50 -19.66
C LEU O 376 42.32 40.04 -19.98
N LEU O 377 43.38 39.27 -20.22
CA LEU O 377 43.30 37.84 -20.51
C LEU O 377 43.97 37.10 -19.36
N LEU O 378 43.14 36.83 -18.39
CA LEU O 378 43.60 36.15 -17.25
C LEU O 378 43.59 34.72 -17.62
N ARG O 379 44.70 34.05 -17.41
CA ARG O 379 44.79 32.66 -17.70
C ARG O 379 44.98 32.06 -16.34
N GLY O 380 44.45 30.87 -16.11
CA GLY O 380 44.56 30.25 -14.82
C GLY O 380 44.43 28.76 -14.86
N GLY O 381 44.92 28.11 -13.83
CA GLY O 381 44.91 26.67 -13.84
C GLY O 381 43.60 25.96 -13.85
N ALA O 382 42.66 26.38 -13.04
CA ALA O 382 41.43 25.64 -12.98
C ALA O 382 40.47 26.58 -13.54
N GLU O 383 39.19 26.33 -13.34
CA GLU O 383 38.27 27.35 -13.82
C GLU O 383 37.94 28.37 -12.74
N GLN O 384 38.01 27.99 -11.46
CA GLN O 384 37.75 28.92 -10.37
C GLN O 384 38.93 29.84 -10.08
N VAL O 385 40.15 29.41 -10.43
CA VAL O 385 41.31 30.30 -10.33
C VAL O 385 41.14 31.47 -11.28
N ILE O 386 40.56 31.23 -12.45
CA ILE O 386 40.31 32.31 -13.41
C ILE O 386 39.23 33.24 -12.87
N ALA O 387 38.13 32.66 -12.39
CA ALA O 387 37.01 33.48 -11.90
C ALA O 387 37.37 34.21 -10.62
N GLU O 388 38.16 33.57 -9.76
CA GLU O 388 38.57 34.22 -8.51
C GLU O 388 39.51 35.39 -8.79
N VAL O 389 40.49 35.18 -9.68
CA VAL O 389 41.40 36.26 -10.05
C VAL O 389 40.68 37.31 -10.89
N GLU O 390 39.62 36.91 -11.61
CA GLU O 390 38.84 37.87 -12.38
C GLU O 390 38.15 38.87 -11.47
N ARG O 391 37.34 38.40 -10.52
CA ARG O 391 36.68 39.27 -9.58
C ARG O 391 37.65 39.96 -8.61
N SER O 392 38.85 39.40 -8.41
CA SER O 392 39.84 40.06 -7.58
C SER O 392 40.35 41.34 -8.23
N LEU O 393 40.75 41.26 -9.50
CA LEU O 393 41.18 42.46 -10.22
C LEU O 393 40.04 43.42 -10.48
N HIS O 394 38.80 42.91 -10.56
CA HIS O 394 37.65 43.79 -10.64
C HIS O 394 37.51 44.63 -9.37
N ASP O 395 37.81 44.04 -8.22
CA ASP O 395 37.84 44.80 -6.99
C ASP O 395 39.03 45.75 -6.94
N ALA O 396 40.16 45.34 -7.51
CA ALA O 396 41.32 46.23 -7.57
C ALA O 396 41.06 47.40 -8.50
N ILE O 397 40.39 47.15 -9.63
CA ILE O 397 39.98 48.23 -10.53
C ILE O 397 38.99 49.14 -9.82
N MET O 398 38.13 48.58 -8.97
CA MET O 398 37.13 49.40 -8.27
C MET O 398 37.77 50.36 -7.27
N ILE O 399 38.92 50.01 -6.72
CA ILE O 399 39.62 50.92 -5.82
C ILE O 399 40.15 52.12 -6.60
N VAL O 400 40.94 51.87 -7.65
CA VAL O 400 41.45 52.95 -8.49
C VAL O 400 40.36 53.65 -9.28
N LYS O 401 39.22 53.00 -9.49
CA LYS O 401 38.05 53.68 -10.06
C LYS O 401 37.64 54.87 -9.20
N ARG O 402 37.48 54.63 -7.89
CA ARG O 402 37.03 55.67 -6.96
C ARG O 402 38.16 56.56 -6.47
N ALA O 403 39.42 56.11 -6.52
CA ALA O 403 40.53 56.94 -6.08
C ALA O 403 40.77 58.13 -7.00
N LEU O 404 40.49 57.99 -8.30
CA LEU O 404 40.65 59.09 -9.24
C LEU O 404 39.59 60.16 -9.10
N GLN O 405 38.37 59.79 -8.67
CA GLN O 405 37.31 60.77 -8.50
C GLN O 405 37.63 61.71 -7.33
N ASN O 406 37.98 61.15 -6.17
CA ASN O 406 38.37 61.89 -4.99
C ASN O 406 39.62 61.25 -4.40
N LYS O 407 40.60 62.08 -4.07
CA LYS O 407 41.92 61.65 -3.60
C LYS O 407 41.99 61.92 -2.11
N LEU O 408 41.66 60.89 -1.31
CA LEU O 408 41.69 60.94 0.15
C LEU O 408 42.38 59.70 0.68
N ILE O 409 43.39 59.90 1.51
CA ILE O 409 44.17 58.82 2.13
C ILE O 409 43.65 58.62 3.54
N VAL O 410 43.48 57.37 3.94
CA VAL O 410 43.04 57.01 5.27
C VAL O 410 43.83 55.77 5.71
N ALA O 411 43.97 55.63 7.02
CA ALA O 411 44.73 54.52 7.60
C ALA O 411 44.06 53.19 7.29
N GLY O 412 44.84 52.11 7.44
CA GLY O 412 44.37 50.77 7.20
C GLY O 412 44.89 49.81 8.26
N GLY O 413 44.47 48.55 8.11
CA GLY O 413 44.81 47.53 9.08
C GLY O 413 44.04 47.60 10.37
N GLY O 414 42.81 48.12 10.35
CA GLY O 414 42.03 48.31 11.55
C GLY O 414 42.39 49.53 12.36
N ALA O 415 43.23 50.42 11.84
CA ALA O 415 43.65 51.59 12.60
C ALA O 415 42.57 52.67 12.59
N THR O 416 41.88 52.84 11.45
CA THR O 416 40.88 53.88 11.33
C THR O 416 39.69 53.63 12.26
N GLU O 417 39.37 52.36 12.50
CA GLU O 417 38.28 52.04 13.42
C GLU O 417 38.60 52.44 14.85
N MET O 418 39.87 52.35 15.25
CA MET O 418 40.25 52.59 16.64
C MET O 418 40.39 54.08 16.96
N GLU O 419 40.91 54.88 16.02
CA GLU O 419 40.95 56.32 16.26
C GLU O 419 39.55 56.92 16.29
N VAL O 420 38.61 56.34 15.55
CA VAL O 420 37.22 56.78 15.61
C VAL O 420 36.59 56.32 16.93
N SER O 421 36.95 55.13 17.41
CA SER O 421 36.34 54.61 18.62
C SER O 421 36.81 55.38 19.85
N LYS O 422 38.10 55.67 19.96
CA LYS O 422 38.61 56.40 21.13
C LYS O 422 38.11 57.83 21.16
N CYS O 423 37.87 58.43 19.99
CA CYS O 423 37.27 59.76 19.96
C CYS O 423 35.84 59.73 20.48
N LEU O 424 35.08 58.69 20.12
CA LEU O 424 33.74 58.54 20.64
C LEU O 424 33.74 58.24 22.14
N ARG O 425 34.78 57.56 22.63
CA ARG O 425 34.91 57.35 24.07
C ARG O 425 35.16 58.66 24.78
N ASP O 426 35.95 59.56 24.18
CA ASP O 426 36.15 60.88 24.75
C ASP O 426 34.86 61.70 24.72
N TYR O 427 34.03 61.50 23.69
CA TYR O 427 32.75 62.20 23.60
C TYR O 427 31.70 61.58 24.52
N SER O 428 31.81 60.28 24.83
CA SER O 428 30.80 59.61 25.63
C SER O 428 30.91 59.95 27.11
N LYS O 429 32.11 60.17 27.63
CA LYS O 429 32.29 60.45 29.05
C LYS O 429 31.63 61.75 29.50
N THR O 430 31.46 62.72 28.61
CA THR O 430 30.80 63.98 28.94
C THR O 430 29.28 63.90 28.89
N ILE O 431 28.71 62.77 28.47
CA ILE O 431 27.25 62.66 28.33
C ILE O 431 26.61 62.41 29.68
N ALA O 432 27.04 61.35 30.37
CA ALA O 432 26.49 60.94 31.66
C ALA O 432 24.99 60.65 31.56
N GLY O 433 24.68 59.64 30.77
CA GLY O 433 23.31 59.21 30.59
C GLY O 433 23.25 57.84 29.97
N LYS O 434 22.07 57.51 29.41
CA LYS O 434 21.90 56.20 28.76
C LYS O 434 22.73 56.10 27.49
N GLN O 435 22.97 57.22 26.80
CA GLN O 435 23.74 57.20 25.57
C GLN O 435 25.22 56.92 25.78
N GLN O 436 25.71 57.03 27.02
CA GLN O 436 27.13 56.76 27.29
C GLN O 436 27.45 55.29 27.06
N MET O 437 26.67 54.39 27.67
CA MET O 437 26.91 52.96 27.53
C MET O 437 26.66 52.49 26.09
N ILE O 438 25.75 53.14 25.37
CA ILE O 438 25.49 52.75 23.99
C ILE O 438 26.67 53.11 23.11
N ILE O 439 27.20 54.32 23.27
CA ILE O 439 28.32 54.76 22.44
C ILE O 439 29.58 53.97 22.79
N ASN O 440 29.74 53.59 24.06
CA ASN O 440 30.84 52.72 24.44
C ASN O 440 30.71 51.34 23.79
N ALA O 441 29.48 50.86 23.63
CA ALA O 441 29.26 49.62 22.89
C ALA O 441 29.56 49.80 21.41
N PHE O 442 29.25 50.98 20.86
CA PHE O 442 29.62 51.27 19.48
C PHE O 442 31.14 51.32 19.32
N ALA O 443 31.84 51.82 20.33
CA ALA O 443 33.30 51.79 20.30
C ALA O 443 33.83 50.36 20.43
N LYS O 444 33.14 49.52 21.20
CA LYS O 444 33.56 48.13 21.32
C LYS O 444 33.30 47.36 20.03
N ALA O 445 32.24 47.70 19.30
CA ALA O 445 31.94 47.02 18.05
C ALA O 445 32.94 47.33 16.95
N LEU O 446 33.45 48.57 16.90
CA LEU O 446 34.48 48.92 15.92
C LEU O 446 35.82 48.26 16.20
N GLU O 447 36.06 47.79 17.43
CA GLU O 447 37.29 47.09 17.77
C GLU O 447 37.38 45.69 17.17
N VAL O 448 36.28 45.14 16.66
CA VAL O 448 36.28 43.75 16.20
C VAL O 448 37.11 43.54 14.93
N ILE O 449 37.34 44.58 14.13
CA ILE O 449 38.07 44.43 12.88
C ILE O 449 39.54 44.16 13.17
N PRO O 450 40.18 44.82 14.15
CA PRO O 450 41.50 44.37 14.60
C PRO O 450 41.54 42.93 15.12
N ARG O 451 40.42 42.39 15.62
CA ARG O 451 40.47 41.07 16.27
C ARG O 451 40.72 39.97 15.22
N GLN O 452 39.91 39.95 14.17
CA GLN O 452 40.01 38.89 13.17
C GLN O 452 41.31 38.95 12.38
N LEU O 453 41.94 40.13 12.29
CA LEU O 453 43.27 40.21 11.69
C LEU O 453 44.28 39.42 12.53
N CYS O 454 44.15 39.49 13.85
CA CYS O 454 45.07 38.80 14.74
C CYS O 454 44.69 37.34 14.96
N GLU O 455 43.39 37.02 14.95
CA GLU O 455 42.96 35.65 15.15
C GLU O 455 43.35 34.76 13.97
N ASN O 456 43.19 35.27 12.75
CA ASN O 456 43.61 34.52 11.57
C ASN O 456 45.13 34.40 11.46
N ALA O 457 45.86 35.38 11.99
CA ALA O 457 47.33 35.30 12.00
C ALA O 457 47.87 34.33 13.05
N GLY O 458 47.08 34.00 14.08
CA GLY O 458 47.48 33.07 15.11
C GLY O 458 47.97 33.73 16.40
N PHE O 459 48.35 35.00 16.35
CA PHE O 459 48.78 35.69 17.55
C PHE O 459 47.60 36.00 18.46
N ASP O 460 47.89 36.09 19.76
CA ASP O 460 46.85 36.40 20.74
C ASP O 460 46.36 37.82 20.56
N ALA O 461 45.06 38.02 20.76
CA ALA O 461 44.39 39.29 20.47
C ALA O 461 44.30 40.22 21.67
N ILE O 462 44.15 39.69 22.89
CA ILE O 462 43.94 40.56 24.04
C ILE O 462 45.22 41.30 24.40
N GLU O 463 46.39 40.66 24.21
CA GLU O 463 47.64 41.30 24.57
C GLU O 463 47.98 42.44 23.60
N ILE O 464 47.81 42.20 22.29
CA ILE O 464 48.20 43.20 21.31
C ILE O 464 47.22 44.37 21.30
N LEU O 465 45.93 44.12 21.55
CA LEU O 465 44.96 45.22 21.57
C LEU O 465 45.17 46.13 22.77
N ASN O 466 45.55 45.56 23.92
CA ASN O 466 45.89 46.39 25.07
C ASN O 466 47.13 47.24 24.80
N LYS O 467 48.05 46.74 23.97
CA LYS O 467 49.21 47.54 23.59
C LYS O 467 48.80 48.73 22.74
N LEU O 468 47.80 48.56 21.89
CA LEU O 468 47.30 49.67 21.08
C LEU O 468 46.50 50.66 21.92
N ARG O 469 45.77 50.18 22.93
CA ARG O 469 45.06 51.09 23.82
C ARG O 469 46.04 51.95 24.62
N LEU O 470 47.20 51.40 24.98
CA LEU O 470 48.24 52.19 25.61
C LEU O 470 48.94 53.11 24.63
N ALA O 471 49.03 52.71 23.36
CA ALA O 471 49.68 53.52 22.34
C ALA O 471 48.79 54.66 21.84
N HIS O 472 47.48 54.43 21.75
CA HIS O 472 46.54 55.46 21.29
C HIS O 472 46.17 56.47 22.38
N SER O 473 46.76 56.36 23.58
CA SER O 473 46.51 57.38 24.60
C SER O 473 47.09 58.72 24.18
N LYS O 474 48.28 58.72 23.60
CA LYS O 474 48.91 59.91 23.06
C LYS O 474 48.41 60.15 21.63
N GLY O 475 48.81 61.30 21.07
CA GLY O 475 48.46 61.63 19.70
C GLY O 475 49.24 60.78 18.71
N GLU O 476 48.53 59.96 17.93
CA GLU O 476 49.17 59.06 16.98
C GLU O 476 48.19 58.77 15.86
N LYS O 477 48.72 58.55 14.65
CA LYS O 477 47.92 58.28 13.47
C LYS O 477 48.66 57.25 12.61
N TRP O 478 47.89 56.53 11.78
CA TRP O 478 48.40 55.44 10.96
C TRP O 478 49.07 54.36 11.82
N TYR O 479 48.48 54.06 12.98
CA TYR O 479 49.00 53.09 13.93
C TYR O 479 48.06 51.89 13.93
N GLY O 480 48.55 50.75 13.44
CA GLY O 480 47.79 49.53 13.36
C GLY O 480 48.64 48.29 13.55
N VAL O 481 48.27 47.21 12.86
CA VAL O 481 48.95 45.91 12.96
C VAL O 481 49.45 45.51 11.59
N VAL O 482 50.57 44.79 11.56
CA VAL O 482 51.16 44.23 10.36
C VAL O 482 51.59 42.80 10.65
N PHE O 483 51.87 42.06 9.57
CA PHE O 483 52.16 40.63 9.63
C PHE O 483 53.56 40.25 9.14
N GLU O 484 54.24 41.13 8.40
CA GLU O 484 55.56 40.78 7.88
C GLU O 484 56.60 40.76 9.01
N THR O 485 56.71 41.86 9.74
CA THR O 485 57.66 41.98 10.84
C THR O 485 57.15 41.38 12.14
N GLU O 486 55.86 41.01 12.23
CA GLU O 486 55.27 40.47 13.46
C GLU O 486 55.38 41.44 14.62
N ASN O 487 55.28 42.73 14.34
CA ASN O 487 55.34 43.76 15.36
C ASN O 487 54.66 45.02 14.83
N ILE O 488 53.90 45.68 15.68
CA ILE O 488 53.12 46.84 15.27
C ILE O 488 54.05 48.01 14.97
N GLY O 489 53.53 48.97 14.23
CA GLY O 489 54.30 50.14 13.88
C GLY O 489 53.47 51.13 13.08
N ASP O 490 54.16 52.10 12.49
CA ASP O 490 53.51 53.12 11.69
C ASP O 490 53.18 52.58 10.31
N ASN O 491 51.88 52.57 9.98
CA ASN O 491 51.44 52.11 8.67
C ASN O 491 51.91 53.02 7.54
N PHE O 492 52.11 54.31 7.81
CA PHE O 492 52.63 55.20 6.78
C PHE O 492 54.07 54.87 6.44
N ALA O 493 54.87 54.51 7.43
CA ALA O 493 56.23 54.02 7.16
C ALA O 493 56.21 52.68 6.44
N LYS O 494 55.20 51.85 6.71
CA LYS O 494 55.00 50.60 5.99
C LYS O 494 54.32 50.79 4.63
N PHE O 495 53.81 52.00 4.33
CA PHE O 495 53.25 52.33 3.02
C PHE O 495 52.06 51.45 2.66
N VAL O 496 50.97 51.57 3.42
CA VAL O 496 49.69 50.96 3.09
C VAL O 496 48.59 52.00 3.28
N TRP O 497 47.78 52.20 2.24
CA TRP O 497 46.72 53.19 2.20
C TRP O 497 45.43 52.54 1.73
N GLU O 498 44.32 53.25 1.93
CA GLU O 498 43.01 52.84 1.43
C GLU O 498 42.21 54.09 1.08
N PRO O 499 41.10 53.96 0.34
CA PRO O 499 40.22 55.11 0.16
C PRO O 499 39.37 55.37 1.40
N ALA O 500 38.87 56.60 1.50
CA ALA O 500 37.98 56.98 2.59
C ALA O 500 36.53 56.55 2.36
N LEU O 501 36.13 56.31 1.10
CA LEU O 501 34.76 55.90 0.83
C LEU O 501 34.45 54.50 1.35
N VAL O 502 35.48 53.66 1.49
CA VAL O 502 35.27 52.30 2.00
C VAL O 502 34.81 52.36 3.46
N LYS O 503 35.46 53.20 4.27
CA LYS O 503 35.13 53.28 5.69
C LYS O 503 33.83 54.04 5.92
N ILE O 504 33.57 55.07 5.10
CA ILE O 504 32.37 55.88 5.29
C ILE O 504 31.13 55.06 4.95
N ASN O 505 31.10 54.44 3.76
CA ASN O 505 29.94 53.66 3.35
C ASN O 505 29.78 52.40 4.19
N ALA O 506 30.87 51.88 4.75
CA ALA O 506 30.76 50.70 5.62
C ALA O 506 30.06 51.04 6.93
N LEU O 507 30.40 52.18 7.52
CA LEU O 507 29.76 52.59 8.78
C LEU O 507 28.29 52.94 8.56
N ASN O 508 27.99 53.63 7.46
CA ASN O 508 26.60 53.99 7.18
C ASN O 508 25.77 52.77 6.82
N SER O 509 26.34 51.85 6.03
CA SER O 509 25.60 50.64 5.65
C SER O 509 25.46 49.69 6.82
N ALA O 510 26.49 49.57 7.66
CA ALA O 510 26.41 48.69 8.81
C ALA O 510 25.43 49.21 9.85
N THR O 511 25.40 50.53 10.08
CA THR O 511 24.46 51.10 11.03
C THR O 511 23.04 51.05 10.49
N GLU O 512 22.88 51.30 9.18
CA GLU O 512 21.56 51.18 8.56
C GLU O 512 21.08 49.73 8.56
N ALA O 513 22.00 48.79 8.37
CA ALA O 513 21.63 47.38 8.50
C ALA O 513 21.24 47.05 9.93
N THR O 514 21.91 47.66 10.91
CA THR O 514 21.57 47.42 12.31
C THR O 514 20.20 48.00 12.64
N ASN O 515 19.97 49.27 12.26
CA ASN O 515 18.72 49.94 12.59
C ASN O 515 17.51 49.33 11.88
N LEU O 516 17.72 48.56 10.80
CA LEU O 516 16.58 47.98 10.09
C LEU O 516 15.87 46.92 10.93
N ILE O 517 16.63 45.99 11.50
CA ILE O 517 16.08 44.86 12.27
C ILE O 517 16.13 45.09 13.77
N LEU O 518 16.65 46.22 14.24
CA LEU O 518 16.43 46.68 15.60
C LEU O 518 15.19 47.56 15.72
N SER O 519 14.69 48.10 14.61
CA SER O 519 13.42 48.81 14.56
C SER O 519 12.23 47.90 14.32
N VAL O 520 12.35 46.59 14.60
CA VAL O 520 11.25 45.64 14.48
C VAL O 520 11.25 44.76 15.72
N ASP O 521 10.14 44.04 15.90
CA ASP O 521 9.99 43.07 16.98
C ASP O 521 9.24 41.80 16.54
N GLU O 522 9.05 41.58 15.24
CA GLU O 522 8.29 40.44 14.77
C GLU O 522 8.57 40.22 13.29
N THR O 523 8.50 38.96 12.86
CA THR O 523 8.66 38.58 11.47
C THR O 523 7.59 37.55 11.14
N ILE O 524 6.65 37.94 10.29
CA ILE O 524 5.51 37.12 9.90
C ILE O 524 5.81 36.53 8.53
N THR O 525 5.55 35.24 8.37
CA THR O 525 5.76 34.51 7.11
C THR O 525 4.51 33.70 6.80
N ASN O 526 3.86 34.04 5.68
CA ASN O 526 2.66 33.35 5.26
C ASN O 526 3.04 32.02 4.59
N LYS O 527 2.04 31.24 4.21
CA LYS O 527 2.22 29.94 3.57
C LYS O 527 2.99 28.98 4.49
N ALA P 49 -21.55 23.49 -12.58
CA ALA P 49 -20.43 24.41 -12.65
C ALA P 49 -20.05 24.69 -14.10
N LYS P 50 -20.04 23.63 -14.92
CA LYS P 50 -19.68 23.78 -16.33
C LYS P 50 -20.74 24.53 -17.13
N GLN P 51 -21.99 24.60 -16.64
CA GLN P 51 -23.05 25.27 -17.38
C GLN P 51 -22.78 26.76 -17.51
N HIS P 52 -22.14 27.37 -16.51
CA HIS P 52 -21.77 28.77 -16.59
C HIS P 52 -20.56 29.00 -17.50
N GLU P 53 -19.64 28.03 -17.55
CA GLU P 53 -18.45 28.17 -18.37
C GLU P 53 -18.73 27.91 -19.85
N ASN P 54 -19.74 27.10 -20.17
CA ASN P 54 -20.05 26.81 -21.56
C ASN P 54 -20.60 28.01 -22.31
N ARG P 55 -21.10 29.03 -21.61
CA ARG P 55 -21.61 30.23 -22.28
C ARG P 55 -20.50 30.97 -23.01
N LEU P 56 -19.32 31.06 -22.40
CA LEU P 56 -18.17 31.77 -22.95
C LEU P 56 -17.14 30.86 -23.60
N GLU P 57 -16.85 29.70 -23.00
CA GLU P 57 -15.77 28.85 -23.50
C GLU P 57 -16.15 28.19 -24.83
N ASP P 58 -17.41 27.75 -24.96
CA ASP P 58 -17.87 27.00 -26.13
C ASP P 58 -18.51 27.90 -27.19
N LYS P 59 -18.06 29.15 -27.32
CA LYS P 59 -18.58 30.07 -28.33
C LYS P 59 -17.46 30.99 -28.78
N ASP P 60 -17.27 31.08 -30.09
CA ASP P 60 -16.28 31.97 -30.68
C ASP P 60 -16.85 33.40 -30.72
N LEU P 61 -16.10 34.32 -31.35
CA LEU P 61 -16.57 35.69 -31.48
C LEU P 61 -17.83 35.77 -32.33
N SER P 62 -17.97 34.88 -33.32
CA SER P 62 -19.19 34.84 -34.11
C SER P 62 -20.35 34.20 -33.36
N ASP P 63 -20.08 33.21 -32.50
CA ASP P 63 -21.12 32.54 -31.72
C ASP P 63 -21.45 33.27 -30.42
N LEU P 64 -20.53 34.10 -29.89
CA LEU P 64 -20.82 34.85 -28.68
C LEU P 64 -21.92 35.88 -28.89
N GLU P 65 -22.12 36.34 -30.12
CA GLU P 65 -23.18 37.31 -30.41
C GLU P 65 -24.58 36.73 -30.23
N GLU P 66 -24.73 35.40 -30.19
CA GLU P 66 -26.02 34.79 -29.93
C GLU P 66 -26.56 35.19 -28.56
N LEU P 67 -25.68 35.34 -27.56
CA LEU P 67 -26.06 35.66 -26.20
C LEU P 67 -26.13 37.16 -25.94
N GLU P 68 -26.24 37.99 -26.98
CA GLU P 68 -26.28 39.43 -26.78
C GLU P 68 -27.59 39.88 -26.17
N ASP P 69 -28.71 39.28 -26.61
CA ASP P 69 -30.02 39.62 -26.09
C ASP P 69 -30.34 38.92 -24.78
N ASP P 70 -29.79 37.73 -24.55
CA ASP P 70 -30.09 36.95 -23.35
C ASP P 70 -29.21 37.35 -22.17
N GLU P 71 -27.90 37.23 -22.32
CA GLU P 71 -26.96 37.47 -21.22
C GLU P 71 -26.67 38.96 -21.08
N ASP P 72 -26.06 39.32 -19.96
CA ASP P 72 -25.70 40.70 -19.69
C ASP P 72 -24.60 41.18 -20.63
N GLU P 73 -24.63 42.47 -20.94
CA GLU P 73 -23.63 43.04 -21.84
C GLU P 73 -22.24 43.02 -21.22
N ASP P 74 -22.14 43.43 -19.95
CA ASP P 74 -20.83 43.50 -19.29
C ASP P 74 -20.23 42.11 -19.11
N PHE P 75 -21.07 41.10 -18.90
CA PHE P 75 -20.57 39.73 -18.80
C PHE P 75 -20.11 39.22 -20.15
N LEU P 76 -20.80 39.59 -21.24
CA LEU P 76 -20.49 39.10 -22.56
C LEU P 76 -19.36 39.89 -23.21
N GLU P 77 -19.47 41.22 -23.21
CA GLU P 77 -18.47 42.05 -23.88
C GLU P 77 -17.11 41.99 -23.21
N ALA P 78 -17.07 41.67 -21.91
CA ALA P 78 -15.78 41.50 -21.24
C ALA P 78 -15.01 40.31 -21.82
N TYR P 79 -15.72 39.24 -22.18
CA TYR P 79 -15.09 38.07 -22.77
C TYR P 79 -14.85 38.24 -24.27
N LYS P 80 -15.71 39.00 -24.96
CA LYS P 80 -15.52 39.22 -26.39
C LYS P 80 -14.26 40.03 -26.65
N ILE P 81 -13.93 40.97 -25.76
CA ILE P 81 -12.69 41.71 -25.88
C ILE P 81 -11.49 40.78 -25.65
N LYS P 82 -11.65 39.80 -24.76
CA LYS P 82 -10.59 38.83 -24.53
C LYS P 82 -10.40 37.94 -25.75
N ARG P 83 -11.49 37.39 -26.30
CA ARG P 83 -11.40 36.54 -27.47
C ARG P 83 -10.97 37.34 -28.70
N LEU P 84 -11.32 38.62 -28.78
CA LEU P 84 -10.90 39.45 -29.90
C LEU P 84 -9.39 39.66 -29.87
N ASN P 85 -8.81 39.80 -28.67
CA ASN P 85 -7.36 39.95 -28.56
C ASN P 85 -6.64 38.67 -28.97
N GLU P 86 -7.22 37.51 -28.66
CA GLU P 86 -6.61 36.25 -29.07
C GLU P 86 -6.63 36.08 -30.58
N ILE P 87 -7.68 36.58 -31.24
CA ILE P 87 -7.75 36.49 -32.69
C ILE P 87 -6.68 37.37 -33.33
N ARG P 88 -6.41 38.54 -32.72
CA ARG P 88 -5.38 39.43 -33.26
C ARG P 88 -3.99 38.83 -33.13
N LYS P 89 -3.74 38.04 -32.07
CA LYS P 89 -2.44 37.41 -31.91
C LYS P 89 -2.20 36.36 -32.99
N LEU P 90 -3.22 35.61 -33.37
CA LEU P 90 -3.08 34.61 -34.42
C LEU P 90 -2.80 35.26 -35.77
N GLN P 91 -3.37 36.44 -36.02
CA GLN P 91 -3.10 37.14 -37.28
C GLN P 91 -1.65 37.60 -37.36
N GLU P 92 -1.11 38.10 -36.24
CA GLU P 92 0.29 38.52 -36.24
C GLU P 92 1.22 37.32 -36.37
N ARG P 93 0.85 36.18 -35.77
CA ARG P 93 1.63 34.96 -35.89
C ARG P 93 1.51 34.28 -37.24
N SER P 94 0.60 34.73 -38.12
CA SER P 94 0.40 34.10 -39.42
C SER P 94 1.49 34.56 -40.39
N LYS P 95 2.69 34.04 -40.17
CA LYS P 95 3.85 34.34 -41.02
C LYS P 95 3.98 33.38 -42.20
N PHE P 96 3.15 32.34 -42.29
CA PHE P 96 3.27 31.28 -43.30
C PHE P 96 1.91 31.09 -43.96
N GLY P 97 1.76 30.03 -44.76
CA GLY P 97 0.55 29.81 -45.54
C GLY P 97 0.74 29.09 -46.86
N GLU P 98 1.97 28.76 -47.23
CA GLU P 98 2.22 27.87 -48.36
C GLU P 98 3.49 27.09 -48.09
N VAL P 99 3.62 25.96 -48.78
CA VAL P 99 4.74 25.04 -48.55
C VAL P 99 6.02 25.71 -49.04
N PHE P 100 7.02 25.78 -48.16
CA PHE P 100 8.31 26.37 -48.48
C PHE P 100 9.20 25.30 -49.09
N HIS P 101 9.23 25.25 -50.42
CA HIS P 101 10.13 24.34 -51.14
C HIS P 101 11.54 24.88 -51.02
N ILE P 102 12.27 24.35 -50.01
CA ILE P 102 13.65 24.75 -49.74
C ILE P 102 14.76 23.85 -50.25
N ASN P 103 16.00 24.19 -49.91
CA ASN P 103 17.16 23.43 -50.36
C ASN P 103 18.08 23.37 -49.17
N LYS P 104 19.13 22.57 -49.19
CA LYS P 104 19.93 22.42 -47.97
C LYS P 104 20.68 23.61 -47.29
N PRO P 105 21.49 24.38 -48.05
CA PRO P 105 22.14 25.46 -47.30
C PRO P 105 21.12 26.11 -46.42
N GLU P 106 19.98 26.37 -47.00
CA GLU P 106 18.93 27.02 -46.28
C GLU P 106 18.39 26.26 -45.10
N TYR P 107 18.51 24.94 -45.08
CA TYR P 107 17.90 24.16 -44.00
C TYR P 107 18.46 24.65 -42.74
N ASN P 108 19.75 24.94 -42.75
CA ASN P 108 20.37 25.31 -41.52
C ASN P 108 19.80 26.58 -41.04
N LYS P 109 18.97 27.25 -41.82
CA LYS P 109 18.31 28.39 -41.30
C LYS P 109 16.83 28.23 -41.24
N GLU P 110 16.22 27.84 -42.33
CA GLU P 110 14.79 27.84 -42.28
C GLU P 110 14.25 26.89 -41.29
N VAL P 111 14.79 25.70 -41.23
CA VAL P 111 14.23 24.71 -40.35
C VAL P 111 14.50 24.99 -38.91
N THR P 112 15.69 25.47 -38.63
CA THR P 112 16.09 25.60 -37.25
C THR P 112 15.95 26.99 -36.68
N LEU P 113 16.38 27.98 -37.44
CA LEU P 113 16.17 29.26 -36.85
C LEU P 113 14.72 29.51 -36.59
N ALA P 114 13.89 29.06 -37.51
CA ALA P 114 12.50 29.36 -37.40
C ALA P 114 12.05 28.70 -36.17
N SER P 115 12.56 27.53 -35.95
CA SER P 115 12.05 26.86 -34.82
C SER P 115 12.27 27.71 -33.58
N GLN P 116 13.23 28.64 -33.58
CA GLN P 116 13.39 29.50 -32.41
C GLN P 116 12.42 30.67 -32.43
N GLY P 117 12.08 31.17 -33.62
CA GLY P 117 11.12 32.24 -33.74
C GLY P 117 11.61 33.57 -33.21
N LYS P 118 11.01 34.04 -32.12
CA LYS P 118 11.39 35.33 -31.55
C LYS P 118 12.80 35.30 -30.96
N LYS P 119 13.22 34.16 -30.43
CA LYS P 119 14.56 34.02 -29.87
C LYS P 119 15.61 34.11 -30.97
N ASP P 132 9.77 36.16 -23.78
CA ASP P 132 8.73 35.81 -24.73
C ASP P 132 9.18 34.64 -25.61
N ASP P 133 8.92 33.42 -25.16
CA ASP P 133 9.31 32.21 -25.88
C ASP P 133 8.34 31.99 -27.04
N GLY P 134 8.56 32.75 -28.11
CA GLY P 134 7.74 32.64 -29.30
C GLY P 134 8.16 31.49 -30.19
N GLY P 135 7.98 30.26 -29.72
CA GLY P 135 8.35 29.11 -30.51
C GLY P 135 7.46 28.94 -31.73
N VAL P 136 8.00 28.26 -32.74
CA VAL P 136 7.31 28.01 -34.00
C VAL P 136 7.57 26.57 -34.41
N TYR P 137 6.49 25.85 -34.71
CA TYR P 137 6.60 24.47 -35.19
C TYR P 137 6.90 24.48 -36.68
N VAL P 138 7.78 23.57 -37.10
CA VAL P 138 8.26 23.48 -38.48
C VAL P 138 8.18 22.02 -38.90
N PHE P 139 7.19 21.69 -39.73
CA PHE P 139 7.01 20.34 -40.26
C PHE P 139 7.81 20.18 -41.54
N VAL P 140 8.83 19.33 -41.51
CA VAL P 140 9.69 19.05 -42.65
C VAL P 140 9.17 17.80 -43.34
N HIS P 141 9.33 17.74 -44.67
CA HIS P 141 8.92 16.61 -45.49
C HIS P 141 10.06 16.26 -46.43
N LEU P 142 10.72 15.12 -46.18
CA LEU P 142 11.75 14.59 -47.07
C LEU P 142 11.02 13.86 -48.19
N SER P 143 10.71 14.59 -49.26
CA SER P 143 9.88 14.06 -50.33
C SER P 143 10.67 13.11 -51.23
N LEU P 144 9.96 12.14 -51.79
CA LEU P 144 10.53 11.22 -52.77
C LEU P 144 9.42 10.90 -53.77
N GLN P 145 9.55 11.45 -54.98
CA GLN P 145 8.46 11.40 -55.95
C GLN P 145 8.15 9.98 -56.42
N SER P 146 9.09 9.05 -56.32
CA SER P 146 8.83 7.67 -56.71
C SER P 146 7.87 6.94 -55.79
N LYS P 147 7.79 7.33 -54.52
CA LYS P 147 6.92 6.69 -53.55
C LYS P 147 5.52 7.27 -53.63
N LEU P 148 4.52 6.43 -53.35
CA LEU P 148 3.13 6.85 -53.43
C LEU P 148 2.72 7.63 -52.18
N GLN P 149 3.28 7.27 -51.02
CA GLN P 149 2.92 7.97 -49.79
C GLN P 149 3.46 9.40 -49.77
N SER P 150 4.56 9.66 -50.48
CA SER P 150 5.14 11.01 -50.47
C SER P 150 4.22 12.01 -51.16
N ARG P 151 3.64 11.62 -52.30
CA ARG P 151 2.73 12.53 -53.00
C ARG P 151 1.45 12.76 -52.20
N ILE P 152 1.02 11.77 -51.42
CA ILE P 152 -0.15 11.95 -50.55
C ILE P 152 0.18 12.95 -49.45
N LEU P 153 1.37 12.83 -48.84
CA LEU P 153 1.75 13.72 -47.77
C LEU P 153 2.00 15.13 -48.27
N SER P 154 2.42 15.29 -49.53
CA SER P 154 2.58 16.62 -50.10
C SER P 154 1.24 17.33 -50.24
N HIS P 155 0.18 16.59 -50.56
CA HIS P 155 -1.15 17.17 -50.66
C HIS P 155 -1.66 17.61 -49.30
N LEU P 156 -1.33 16.86 -48.25
CA LEU P 156 -1.77 17.22 -46.90
C LEU P 156 -1.07 18.48 -46.41
N PHE P 157 0.17 18.71 -46.85
CA PHE P 157 0.90 19.91 -46.42
C PHE P 157 0.27 21.17 -47.01
N GLN P 158 -0.08 21.14 -48.30
CA GLN P 158 -0.67 22.32 -48.91
C GLN P 158 -2.09 22.57 -48.39
N SER P 159 -2.82 21.50 -48.09
CA SER P 159 -4.16 21.67 -47.52
C SER P 159 -4.08 22.25 -46.12
N ALA P 160 -3.16 21.75 -45.29
CA ALA P 160 -3.01 22.28 -43.95
C ALA P 160 -2.37 23.66 -43.95
N ALA P 161 -1.57 23.98 -44.97
CA ALA P 161 -0.93 25.29 -45.03
C ALA P 161 -1.95 26.40 -45.21
N CYS P 162 -2.99 26.16 -46.02
CA CYS P 162 -4.02 27.17 -46.23
C CYS P 162 -4.84 27.45 -44.97
N LYS P 163 -4.94 26.48 -44.05
CA LYS P 163 -5.69 26.64 -42.82
C LYS P 163 -4.82 27.17 -41.68
N PHE P 164 -3.75 26.46 -41.33
CA PHE P 164 -2.88 26.81 -40.22
C PHE P 164 -1.74 27.66 -40.77
N ARG P 165 -1.92 28.97 -40.74
CA ARG P 165 -0.91 29.90 -41.22
C ARG P 165 0.21 30.15 -40.22
N GLU P 166 0.00 29.88 -38.93
CA GLU P 166 1.05 30.07 -37.93
C GLU P 166 2.09 28.97 -37.95
N ILE P 167 1.74 27.77 -38.39
CA ILE P 167 2.67 26.64 -38.44
C ILE P 167 3.36 26.64 -39.79
N LYS P 168 4.67 26.44 -39.77
CA LYS P 168 5.48 26.42 -40.99
C LYS P 168 5.49 25.02 -41.57
N PHE P 169 5.21 24.93 -42.88
CA PHE P 169 5.20 23.67 -43.62
C PHE P 169 6.35 23.68 -44.61
N VAL P 170 7.30 22.76 -44.39
CA VAL P 170 8.56 22.70 -45.12
C VAL P 170 8.61 21.40 -45.91
N GLU P 171 9.14 21.47 -47.13
CA GLU P 171 9.30 20.32 -48.02
C GLU P 171 10.65 20.40 -48.70
N ILE P 172 11.26 19.24 -48.92
CA ILE P 172 12.56 19.15 -49.58
C ILE P 172 12.70 17.73 -50.13
N PRO P 173 13.44 17.48 -51.22
CA PRO P 173 13.65 16.09 -51.63
C PRO P 173 14.49 15.32 -50.62
N ALA P 174 14.19 14.03 -50.48
CA ALA P 174 14.91 13.18 -49.53
C ALA P 174 16.31 12.87 -50.04
N ASN P 175 16.50 12.75 -51.35
CA ASN P 175 17.83 12.49 -51.89
C ASN P 175 18.77 13.66 -51.63
N ARG P 176 18.25 14.89 -51.63
CA ARG P 176 19.05 16.07 -51.32
C ARG P 176 19.16 16.36 -49.83
N ALA P 177 18.42 15.65 -48.98
CA ALA P 177 18.41 15.97 -47.55
C ALA P 177 19.61 15.36 -46.83
N ILE P 178 19.76 14.04 -46.89
CA ILE P 178 20.75 13.29 -46.14
C ILE P 178 21.58 12.48 -47.13
N GLU P 179 22.89 12.39 -46.87
CA GLU P 179 23.79 11.65 -47.74
C GLU P 179 23.41 10.16 -47.77
N ASN P 180 22.99 9.69 -48.95
CA ASN P 180 22.70 8.27 -49.17
C ASN P 180 21.58 7.78 -48.26
N TYR P 181 20.47 8.51 -48.23
CA TYR P 181 19.39 8.15 -47.33
C TYR P 181 18.70 6.87 -47.83
N PRO P 182 18.18 6.01 -46.94
CA PRO P 182 17.44 4.84 -47.43
C PRO P 182 16.13 5.25 -48.08
N GLU P 183 15.94 4.83 -49.34
CA GLU P 183 14.70 5.15 -50.04
C GLU P 183 13.50 4.44 -49.43
N SER P 184 13.71 3.29 -48.79
CA SER P 184 12.60 2.57 -48.16
C SER P 184 12.02 3.34 -46.99
N ASN P 185 12.85 4.07 -46.26
CA ASN P 185 12.36 4.84 -45.11
C ASN P 185 11.58 6.09 -45.50
N CYS P 186 11.66 6.53 -46.76
CA CYS P 186 10.89 7.69 -47.19
C CYS P 186 9.42 7.30 -47.40
N PRO P 187 8.48 8.26 -47.28
CA PRO P 187 8.58 9.67 -46.90
C PRO P 187 8.80 9.84 -45.40
N THR P 188 9.58 10.86 -45.02
CA THR P 188 9.92 11.14 -43.63
C THR P 188 9.34 12.48 -43.23
N LEU P 189 8.81 12.54 -42.00
CA LEU P 189 8.19 13.74 -41.43
C LEU P 189 8.90 14.07 -40.13
N ILE P 190 9.55 15.24 -40.08
CA ILE P 190 10.25 15.74 -38.90
C ILE P 190 9.53 17.00 -38.44
N VAL P 191 9.49 17.18 -37.12
CA VAL P 191 8.84 18.32 -36.48
C VAL P 191 9.84 18.97 -35.54
N TYR P 192 10.29 20.18 -35.90
CA TYR P 192 11.20 20.98 -35.09
C TYR P 192 10.43 21.98 -34.25
N TYR P 193 11.00 22.34 -33.10
CA TYR P 193 10.41 23.35 -32.23
C TYR P 193 11.48 23.84 -31.28
N ARG P 194 11.84 25.13 -31.40
CA ARG P 194 12.90 25.75 -30.60
C ARG P 194 14.23 25.02 -30.80
N GLY P 195 14.50 24.60 -32.04
CA GLY P 195 15.72 23.92 -32.38
C GLY P 195 15.77 22.44 -32.05
N GLU P 196 14.82 21.91 -31.28
CA GLU P 196 14.79 20.53 -30.86
C GLU P 196 13.79 19.74 -31.70
N VAL P 197 14.14 18.48 -31.97
CA VAL P 197 13.28 17.59 -32.75
C VAL P 197 12.24 16.99 -31.81
N ILE P 198 10.97 17.34 -32.03
CA ILE P 198 9.87 16.85 -31.19
C ILE P 198 9.43 15.47 -31.61
N LYS P 199 9.49 15.16 -32.91
CA LYS P 199 8.99 13.90 -33.43
C LYS P 199 9.74 13.58 -34.72
N ASN P 200 10.35 12.39 -34.76
CA ASN P 200 10.99 11.84 -35.95
C ASN P 200 10.10 10.71 -36.44
N MET P 201 9.11 11.06 -37.26
CA MET P 201 8.09 10.13 -37.70
C MET P 201 8.59 9.30 -38.88
N ILE P 202 8.13 8.05 -38.93
CA ILE P 202 8.50 7.06 -39.92
C ILE P 202 7.33 7.04 -40.90
N THR P 203 7.44 6.28 -42.01
CA THR P 203 6.42 6.14 -43.04
C THR P 203 5.01 5.91 -42.51
N LEU P 204 4.00 6.25 -43.30
CA LEU P 204 2.66 6.57 -42.81
C LEU P 204 1.80 5.34 -42.49
N LEU P 205 2.39 4.16 -42.27
CA LEU P 205 1.61 3.01 -41.81
C LEU P 205 0.93 3.27 -40.47
N GLU P 206 1.55 4.09 -39.61
CA GLU P 206 0.91 4.50 -38.37
C GLU P 206 -0.35 5.33 -38.64
N LEU P 207 -0.31 6.18 -39.66
CA LEU P 207 -1.42 7.07 -40.03
C LEU P 207 -2.29 6.47 -41.13
N GLY P 208 -2.43 5.15 -41.16
CA GLY P 208 -3.26 4.47 -42.14
C GLY P 208 -2.55 4.01 -43.39
N GLY P 209 -1.37 4.56 -43.69
CA GLY P 209 -0.63 4.13 -44.86
C GLY P 209 -1.18 4.75 -46.12
N ASN P 210 -1.51 3.91 -47.10
CA ASN P 210 -2.05 4.40 -48.37
C ASN P 210 -3.40 5.07 -48.21
N ASN P 211 -4.19 4.69 -47.19
CA ASN P 211 -5.52 5.24 -46.96
C ASN P 211 -5.50 6.42 -45.99
N SER P 212 -4.40 7.16 -45.93
CA SER P 212 -4.33 8.33 -45.05
C SER P 212 -5.27 9.43 -45.53
N LYS P 213 -5.92 10.10 -44.58
CA LYS P 213 -6.90 11.13 -44.83
C LYS P 213 -6.49 12.42 -44.12
N MET P 214 -7.20 13.51 -44.45
CA MET P 214 -6.91 14.80 -43.83
C MET P 214 -7.26 14.79 -42.36
N GLU P 215 -8.26 14.01 -41.95
CA GLU P 215 -8.64 13.96 -40.54
C GLU P 215 -7.54 13.34 -39.69
N ASP P 216 -6.86 12.33 -40.22
CA ASP P 216 -5.77 11.69 -39.48
C ASP P 216 -4.58 12.62 -39.33
N PHE P 217 -4.29 13.45 -40.34
CA PHE P 217 -3.15 14.34 -40.26
C PHE P 217 -3.40 15.45 -39.25
N GLU P 218 -4.62 16.00 -39.22
CA GLU P 218 -4.95 17.05 -38.25
C GLU P 218 -4.91 16.52 -36.82
N ASP P 219 -5.27 15.24 -36.63
CA ASP P 219 -5.20 14.64 -35.30
C ASP P 219 -3.76 14.51 -34.83
N PHE P 220 -2.83 14.25 -35.75
CA PHE P 220 -1.41 14.16 -35.38
C PHE P 220 -0.87 15.51 -34.94
N MET P 221 -1.34 16.60 -35.55
CA MET P 221 -0.86 17.93 -35.17
C MET P 221 -1.28 18.30 -33.75
N VAL P 222 -2.40 17.76 -33.26
CA VAL P 222 -2.82 18.03 -31.90
C VAL P 222 -1.96 17.27 -30.90
N LYS P 223 -1.45 16.09 -31.26
CA LYS P 223 -0.67 15.29 -30.32
C LYS P 223 0.67 15.94 -30.01
N VAL P 224 1.33 16.51 -31.04
CA VAL P 224 2.64 17.15 -30.85
C VAL P 224 2.55 18.54 -30.26
N GLY P 225 1.36 19.03 -29.90
CA GLY P 225 1.23 20.35 -29.32
C GLY P 225 1.26 21.49 -30.32
N ALA P 226 1.01 21.23 -31.59
CA ALA P 226 1.02 22.27 -32.62
C ALA P 226 -0.32 23.00 -32.72
N VAL P 227 -1.42 22.32 -32.43
CA VAL P 227 -2.77 22.89 -32.50
C VAL P 227 -3.53 22.45 -31.26
N ALA P 228 -4.34 23.36 -30.70
CA ALA P 228 -5.11 23.05 -29.52
C ALA P 228 -6.20 22.02 -29.83
N GLU P 229 -6.69 21.36 -28.79
CA GLU P 229 -7.72 20.33 -28.96
C GLU P 229 -9.04 20.95 -29.40
N GLY P 230 -9.46 22.04 -28.75
CA GLY P 230 -10.72 22.68 -29.03
C GLY P 230 -10.66 23.76 -30.08
N ASP P 231 -9.70 23.67 -31.00
CA ASP P 231 -9.59 24.66 -32.07
C ASP P 231 -10.75 24.54 -33.04
N ASN P 232 -11.30 25.68 -33.43
CA ASN P 232 -12.44 25.70 -34.35
C ASN P 232 -12.08 25.34 -35.78
N ARG P 233 -10.79 25.35 -36.14
CA ARG P 233 -10.38 25.01 -37.50
C ARG P 233 -10.27 23.51 -37.73
N LEU P 234 -10.09 22.71 -36.68
CA LEU P 234 -9.98 21.27 -36.85
C LEU P 234 -11.31 20.68 -37.31
N ILE P 235 -11.23 19.69 -38.21
CA ILE P 235 -12.43 19.07 -38.76
C ILE P 235 -13.20 18.30 -37.69
N MET P 236 -12.51 17.83 -36.64
CA MET P 236 -13.21 17.13 -35.57
C MET P 236 -14.15 18.06 -34.81
N ASN P 237 -13.72 19.30 -34.56
CA ASN P 237 -14.55 20.29 -33.89
C ASN P 237 -15.37 21.14 -34.85
N ARG P 238 -14.93 21.32 -36.09
CA ARG P 238 -15.64 22.16 -37.06
C ARG P 238 -16.82 21.38 -37.61
N ASP P 239 -17.89 21.34 -36.83
CA ASP P 239 -19.12 20.69 -37.26
C ASP P 239 -19.75 21.46 -38.41
N ASP P 240 -20.40 20.72 -39.31
CA ASP P 240 -21.04 21.34 -40.45
C ASP P 240 -22.22 22.19 -40.01
N GLU P 241 -22.58 23.17 -40.85
CA GLU P 241 -23.71 24.03 -40.54
C GLU P 241 -25.02 23.24 -40.57
N GLU P 242 -25.12 22.24 -41.45
CA GLU P 242 -26.31 21.40 -41.48
C GLU P 242 -26.42 20.55 -40.22
N SER P 243 -25.29 20.16 -39.63
CA SER P 243 -25.33 19.40 -38.38
C SER P 243 -25.88 20.24 -37.24
N ARG P 244 -25.37 21.46 -37.08
CA ARG P 244 -25.88 22.35 -36.04
C ARG P 244 -27.31 22.79 -36.31
N GLU P 245 -27.71 22.84 -37.58
CA GLU P 245 -29.09 23.20 -37.90
C GLU P 245 -30.06 22.14 -37.39
N GLU P 246 -29.71 20.85 -37.54
CA GLU P 246 -30.58 19.79 -37.05
C GLU P 246 -30.64 19.76 -35.53
N ARG P 247 -29.56 20.16 -34.85
CA ARG P 247 -29.55 20.15 -33.39
C ARG P 247 -30.51 21.19 -32.83
N LYS P 248 -30.56 22.37 -33.45
CA LYS P 248 -31.44 23.44 -32.96
C LYS P 248 -32.90 23.08 -33.17
N LEU P 249 -33.21 22.41 -34.29
CA LEU P 249 -34.60 22.03 -34.55
C LEU P 249 -35.08 20.95 -33.59
N HIS P 250 -34.24 19.94 -33.36
CA HIS P 250 -34.60 18.84 -32.44
C HIS P 250 -34.46 19.21 -30.97
N TYR P 251 -33.86 20.35 -30.63
CA TYR P 251 -33.72 20.77 -29.25
C TYR P 251 -35.08 21.09 -28.65
N SER Q 2 -27.91 7.37 24.19
CA SER Q 2 -27.34 8.63 24.65
C SER Q 2 -25.87 8.73 24.26
N LEU Q 3 -25.56 8.31 23.04
CA LEU Q 3 -24.21 8.31 22.49
C LEU Q 3 -24.05 9.28 21.33
N ARG Q 4 -24.87 9.14 20.28
CA ARG Q 4 -24.85 10.00 19.11
C ARG Q 4 -26.02 10.98 19.20
N LEU Q 5 -25.74 12.25 18.90
CA LEU Q 5 -26.79 13.25 18.93
C LEU Q 5 -27.72 13.05 17.72
N PRO Q 6 -28.89 13.71 17.69
CA PRO Q 6 -29.71 13.70 16.47
C PRO Q 6 -29.17 14.52 15.32
N GLN Q 7 -28.07 15.25 15.50
CA GLN Q 7 -27.32 15.92 14.44
C GLN Q 7 -28.01 17.16 13.90
N ASN Q 8 -28.75 17.91 14.73
CA ASN Q 8 -29.34 19.20 14.35
C ASN Q 8 -30.25 19.10 13.12
N PRO Q 9 -31.52 18.68 13.25
CA PRO Q 9 -32.31 18.28 12.06
C PRO Q 9 -32.58 19.37 11.01
N ASN Q 10 -32.09 20.59 11.17
CA ASN Q 10 -31.93 21.54 10.07
C ASN Q 10 -30.72 21.26 9.19
N ALA Q 11 -30.04 20.11 9.38
CA ALA Q 11 -28.92 19.75 8.50
C ALA Q 11 -29.37 19.49 7.07
N GLY Q 12 -30.65 19.19 6.85
CA GLY Q 12 -31.19 19.22 5.51
C GLY Q 12 -31.11 20.58 4.86
N LEU Q 13 -31.10 21.64 5.66
CA LEU Q 13 -30.77 22.99 5.20
C LEU Q 13 -29.25 23.11 5.06
N PHE Q 14 -28.75 24.35 4.98
CA PHE Q 14 -27.52 24.83 4.27
C PHE Q 14 -26.33 23.89 4.55
N LYS Q 15 -25.42 23.73 3.58
CA LYS Q 15 -24.42 22.67 3.58
C LYS Q 15 -23.45 22.85 4.75
N GLN Q 16 -22.66 21.80 4.99
CA GLN Q 16 -21.72 21.77 6.10
C GLN Q 16 -20.66 22.86 6.04
N GLY Q 17 -20.32 23.35 4.85
CA GLY Q 17 -19.33 24.40 4.74
C GLY Q 17 -19.78 25.72 5.32
N TYR Q 18 -21.08 25.97 5.34
CA TYR Q 18 -21.61 27.19 5.93
C TYR Q 18 -21.55 27.09 7.45
N ASN Q 19 -21.04 28.16 8.07
CA ASN Q 19 -20.91 28.26 9.53
C ASN Q 19 -21.68 29.49 9.99
N SER Q 20 -22.54 29.34 10.98
CA SER Q 20 -23.23 30.49 11.51
C SER Q 20 -22.74 30.84 12.86
N TYR Q 21 -22.46 32.10 13.07
CA TYR Q 21 -21.93 32.53 14.30
C TYR Q 21 -22.76 33.69 14.73
N SER Q 22 -23.97 33.46 15.16
CA SER Q 22 -24.88 34.54 15.50
C SER Q 22 -24.71 35.11 16.86
N ASN Q 23 -25.71 35.88 17.31
CA ASN Q 23 -25.44 36.49 18.60
C ASN Q 23 -26.19 35.72 19.54
N ALA Q 24 -26.13 36.14 20.78
CA ALA Q 24 -26.75 35.38 21.83
C ALA Q 24 -25.87 34.19 22.03
N ASP Q 25 -25.44 33.54 20.97
CA ASP Q 25 -24.50 32.49 21.07
C ASP Q 25 -23.24 33.06 21.58
N GLY Q 26 -22.92 34.30 21.14
CA GLY Q 26 -21.70 34.98 21.58
C GLY Q 26 -20.84 35.60 20.49
N GLN Q 27 -21.42 36.01 19.37
CA GLN Q 27 -20.60 36.51 18.25
C GLN Q 27 -19.80 37.74 18.62
N ILE Q 28 -20.41 38.68 19.33
CA ILE Q 28 -19.70 39.91 19.65
C ILE Q 28 -18.50 39.59 20.52
N ILE Q 29 -18.69 38.71 21.50
CA ILE Q 29 -17.58 38.35 22.39
C ILE Q 29 -16.49 37.63 21.61
N LYS Q 30 -16.87 36.78 20.65
CA LYS Q 30 -15.87 36.12 19.82
C LYS Q 30 -15.08 37.10 18.96
N SER Q 31 -15.75 38.11 18.41
CA SER Q 31 -15.08 39.04 17.49
C SER Q 31 -14.23 40.12 18.13
N ILE Q 32 -14.80 40.92 19.02
CA ILE Q 32 -14.06 42.02 19.60
C ILE Q 32 -12.77 41.48 20.16
N ALA Q 33 -12.77 40.19 20.51
CA ALA Q 33 -11.59 39.70 21.18
C ALA Q 33 -10.57 39.26 20.22
N ALA Q 34 -10.93 38.33 19.38
CA ALA Q 34 -10.06 37.80 18.34
C ALA Q 34 -9.25 38.90 17.66
N ILE Q 35 -9.89 40.05 17.39
CA ILE Q 35 -9.20 41.14 16.68
C ILE Q 35 -8.24 41.92 17.59
N ARG Q 36 -8.18 41.61 18.88
CA ARG Q 36 -7.23 42.28 19.76
C ARG Q 36 -5.79 41.93 19.41
N GLU Q 37 -5.56 40.77 18.78
CA GLU Q 37 -4.21 40.41 18.35
C GLU Q 37 -3.70 41.38 17.28
N LEU Q 38 -4.47 41.59 16.22
CA LEU Q 38 -4.07 42.53 15.19
C LEU Q 38 -4.22 43.99 15.63
N HIS Q 39 -5.00 44.26 16.68
CA HIS Q 39 -5.03 45.61 17.23
C HIS Q 39 -3.70 45.96 17.87
N GLN Q 40 -3.06 44.99 18.52
CA GLN Q 40 -1.73 45.22 19.10
C GLN Q 40 -0.66 45.37 18.03
N MET Q 41 -0.89 44.83 16.83
CA MET Q 41 0.08 44.99 15.75
C MET Q 41 0.18 46.45 15.33
N CYS Q 42 -0.96 47.09 15.04
CA CYS Q 42 -0.97 48.49 14.68
C CYS Q 42 -0.67 49.41 15.87
N LEU Q 43 -0.95 48.95 17.10
CA LEU Q 43 -0.62 49.74 18.27
C LEU Q 43 0.89 49.79 18.51
N THR Q 44 1.59 48.67 18.35
CA THR Q 44 3.03 48.66 18.54
C THR Q 44 3.76 49.41 17.43
N SER Q 45 3.20 49.44 16.22
CA SER Q 45 3.79 50.15 15.10
C SER Q 45 3.38 51.63 15.03
N MET Q 46 2.81 52.18 16.10
CA MET Q 46 2.31 53.55 16.13
C MET Q 46 3.37 54.45 16.76
N GLY Q 47 3.40 55.72 16.30
CA GLY Q 47 4.26 56.71 16.89
C GLY Q 47 5.61 56.80 16.20
N PRO Q 48 6.45 57.75 16.62
CA PRO Q 48 7.78 57.85 16.00
C PRO Q 48 8.69 56.70 16.38
N CYS Q 49 8.53 56.14 17.58
CA CYS Q 49 9.31 54.99 18.04
C CYS Q 49 8.63 53.66 17.73
N GLY Q 50 7.76 53.62 16.72
CA GLY Q 50 7.05 52.41 16.38
C GLY Q 50 7.95 51.39 15.70
N ARG Q 51 7.52 50.14 15.80
CA ARG Q 51 8.26 49.00 15.26
C ARG Q 51 7.67 48.59 13.92
N ASN Q 52 8.52 48.53 12.89
CA ASN Q 52 8.08 48.04 11.60
C ASN Q 52 7.91 46.53 11.65
N LYS Q 53 7.04 46.01 10.78
CA LYS Q 53 6.67 44.61 10.74
C LYS Q 53 7.01 44.02 9.38
N ILE Q 54 7.70 42.88 9.39
CA ILE Q 54 8.11 42.20 8.16
C ILE Q 54 6.98 41.26 7.74
N ILE Q 55 6.48 41.46 6.52
CA ILE Q 55 5.40 40.66 5.94
C ILE Q 55 5.94 40.01 4.68
N VAL Q 56 6.00 38.68 4.68
CA VAL Q 56 6.41 37.88 3.54
C VAL Q 56 5.15 37.28 2.92
N ASN Q 57 4.86 37.68 1.68
CA ASN Q 57 3.66 37.23 0.98
C ASN Q 57 3.90 35.83 0.43
N HIS Q 58 2.91 35.28 -0.28
CA HIS Q 58 3.03 33.93 -0.82
C HIS Q 58 4.03 33.84 -1.96
N LEU Q 59 4.21 34.93 -2.72
CA LEU Q 59 5.19 34.93 -3.80
C LEU Q 59 6.62 34.98 -3.29
N GLY Q 60 6.83 35.59 -2.12
CA GLY Q 60 8.16 35.75 -1.53
C GLY Q 60 8.68 37.17 -1.51
N LYS Q 61 7.97 38.13 -2.11
CA LYS Q 61 8.39 39.52 -2.07
C LYS Q 61 8.26 40.05 -0.65
N ILE Q 62 9.40 40.28 0.00
CA ILE Q 62 9.42 40.70 1.39
C ILE Q 62 9.24 42.21 1.45
N ILE Q 63 8.44 42.67 2.41
CA ILE Q 63 8.25 44.09 2.68
C ILE Q 63 8.35 44.32 4.18
N ILE Q 64 8.77 45.54 4.54
CA ILE Q 64 8.92 45.95 5.93
C ILE Q 64 8.39 47.38 6.05
N THR Q 65 7.17 47.51 6.57
CA THR Q 65 6.48 48.79 6.66
C THR Q 65 5.63 48.82 7.92
N ASN Q 66 5.78 49.96 8.61
CA ASN Q 66 5.07 50.24 9.85
C ASN Q 66 3.88 51.09 9.64
N ASP Q 67 3.10 50.76 8.67
CA ASP Q 67 1.89 51.48 8.44
C ASP Q 67 0.79 50.50 8.79
N ALA Q 68 -0.35 50.61 8.18
CA ALA Q 68 -1.41 49.62 8.33
C ALA Q 68 -1.98 49.20 6.97
N ALA Q 69 -2.03 50.12 6.01
CA ALA Q 69 -2.58 49.79 4.70
C ALA Q 69 -1.67 48.84 3.94
N THR Q 70 -0.34 49.04 4.04
CA THR Q 70 0.58 48.18 3.33
C THR Q 70 0.65 46.79 3.95
N MET Q 71 0.51 46.70 5.27
CA MET Q 71 0.57 45.39 5.93
C MET Q 71 -0.67 44.56 5.60
N LEU Q 72 -1.86 45.09 5.91
CA LEU Q 72 -3.10 44.34 5.76
C LEU Q 72 -3.43 44.00 4.32
N ARG Q 73 -2.84 44.67 3.33
CA ARG Q 73 -3.08 44.32 1.94
C ARG Q 73 -2.54 42.92 1.63
N GLU Q 74 -1.37 42.58 2.18
CA GLU Q 74 -0.74 41.28 1.93
C GLU Q 74 -1.22 40.19 2.87
N LEU Q 75 -1.68 40.53 4.08
CA LEU Q 75 -2.14 39.52 5.01
C LEU Q 75 -3.43 38.88 4.51
N ASP Q 76 -3.38 37.57 4.26
CA ASP Q 76 -4.56 36.79 3.88
C ASP Q 76 -5.31 36.45 5.17
N ILE Q 77 -6.37 37.21 5.46
CA ILE Q 77 -7.10 37.12 6.72
C ILE Q 77 -8.41 36.40 6.45
N VAL Q 78 -8.64 35.30 7.18
CA VAL Q 78 -9.83 34.50 7.00
C VAL Q 78 -11.02 35.11 7.75
N HIS Q 79 -10.76 35.82 8.85
CA HIS Q 79 -11.83 36.38 9.66
C HIS Q 79 -12.56 37.48 8.89
N PRO Q 80 -13.88 37.39 8.65
CA PRO Q 80 -14.53 38.46 7.86
C PRO Q 80 -14.64 39.79 8.59
N ALA Q 81 -14.81 39.80 9.91
CA ALA Q 81 -14.96 41.05 10.64
C ALA Q 81 -13.69 41.90 10.63
N VAL Q 82 -12.52 41.27 10.47
CA VAL Q 82 -11.29 42.03 10.34
C VAL Q 82 -11.27 42.77 9.01
N LYS Q 83 -11.77 42.14 7.94
CA LYS Q 83 -11.69 42.70 6.59
C LYS Q 83 -12.46 44.00 6.45
N VAL Q 84 -13.46 44.25 7.30
CA VAL Q 84 -14.12 45.56 7.33
C VAL Q 84 -13.11 46.64 7.70
N LEU Q 85 -12.20 46.32 8.62
CA LEU Q 85 -11.15 47.27 8.99
C LEU Q 85 -10.04 47.34 7.95
N VAL Q 86 -9.87 46.29 7.13
CA VAL Q 86 -8.77 46.27 6.17
C VAL Q 86 -9.01 47.29 5.07
N MET Q 87 -10.06 47.11 4.28
CA MET Q 87 -10.30 48.02 3.16
C MET Q 87 -10.78 49.38 3.61
N ALA Q 88 -11.31 49.50 4.82
CA ALA Q 88 -11.59 50.82 5.37
C ALA Q 88 -10.30 51.62 5.57
N THR Q 89 -9.20 50.94 5.91
CA THR Q 89 -7.91 51.59 5.99
C THR Q 89 -7.38 51.90 4.59
N GLU Q 90 -7.70 51.06 3.60
CA GLU Q 90 -7.26 51.31 2.24
C GLU Q 90 -7.93 52.54 1.65
N GLN Q 91 -9.15 52.86 2.09
CA GLN Q 91 -9.81 54.08 1.66
C GLN Q 91 -9.04 55.31 2.09
N GLN Q 92 -8.47 55.26 3.29
CA GLN Q 92 -7.60 56.35 3.76
C GLN Q 92 -6.33 56.43 2.92
N LYS Q 93 -5.83 55.29 2.42
CA LYS Q 93 -4.59 55.30 1.65
C LYS Q 93 -4.81 55.92 0.27
N ILE Q 94 -5.86 55.49 -0.43
CA ILE Q 94 -6.08 55.95 -1.80
C ILE Q 94 -6.60 57.38 -1.86
N ASP Q 95 -7.40 57.81 -0.88
CA ASP Q 95 -8.01 59.14 -0.91
C ASP Q 95 -7.06 60.19 -0.35
N MET Q 96 -6.72 60.10 0.94
CA MET Q 96 -5.88 61.08 1.62
C MET Q 96 -4.42 60.65 1.72
N GLY Q 97 -4.16 59.35 1.82
CA GLY Q 97 -2.80 58.88 1.97
C GLY Q 97 -2.17 59.16 3.31
N ASP Q 98 -2.96 59.38 4.35
CA ASP Q 98 -2.45 59.72 5.67
C ASP Q 98 -3.49 59.34 6.71
N GLY Q 99 -3.05 58.69 7.79
CA GLY Q 99 -3.93 58.22 8.85
C GLY Q 99 -4.32 56.76 8.75
N THR Q 100 -3.55 55.91 8.15
CA THR Q 100 -3.99 54.56 8.11
C THR Q 100 -3.98 54.05 9.51
N ASN Q 101 -2.95 54.40 10.23
CA ASN Q 101 -2.81 53.89 11.57
C ASN Q 101 -3.82 54.34 12.57
N LEU Q 102 -4.22 55.58 12.58
CA LEU Q 102 -5.25 55.99 13.50
C LEU Q 102 -6.49 55.24 13.16
N VAL Q 103 -6.79 55.04 11.91
CA VAL Q 103 -7.98 54.35 11.65
C VAL Q 103 -7.91 52.95 12.20
N MET Q 104 -6.82 52.23 12.01
CA MET Q 104 -6.88 50.84 12.51
C MET Q 104 -6.88 50.86 13.97
N ILE Q 105 -6.50 51.95 14.54
CA ILE Q 105 -6.41 51.91 16.00
C ILE Q 105 -7.70 52.43 16.63
N LEU Q 106 -8.23 53.54 16.11
CA LEU Q 106 -9.46 54.10 16.66
C LEU Q 106 -10.66 53.22 16.38
N ALA Q 107 -10.69 52.57 15.21
CA ALA Q 107 -11.81 51.69 14.89
C ALA Q 107 -11.80 50.45 15.77
N GLY Q 108 -10.62 49.92 16.11
CA GLY Q 108 -10.56 48.74 16.96
C GLY Q 108 -10.80 49.07 18.41
N GLU Q 109 -10.39 50.25 18.86
CA GLU Q 109 -10.56 50.63 20.26
C GLU Q 109 -12.02 50.93 20.58
N LEU Q 110 -12.78 51.43 19.62
CA LEU Q 110 -14.21 51.64 19.84
C LEU Q 110 -14.92 50.31 20.09
N LEU Q 111 -14.47 49.25 19.43
CA LEU Q 111 -15.01 47.92 19.69
C LEU Q 111 -14.48 47.37 21.02
N ASN Q 112 -13.23 47.68 21.36
CA ASN Q 112 -12.67 47.19 22.61
C ASN Q 112 -13.29 47.89 23.82
N VAL Q 113 -13.46 49.21 23.74
CA VAL Q 113 -14.01 49.96 24.86
C VAL Q 113 -15.52 49.76 25.00
N SER Q 114 -16.22 49.38 23.92
CA SER Q 114 -17.65 49.09 24.00
C SER Q 114 -17.96 47.73 24.61
N GLU Q 115 -16.96 46.99 25.10
CA GLU Q 115 -17.21 45.75 25.82
C GLU Q 115 -18.05 46.01 27.07
N LYS Q 116 -17.84 47.16 27.72
CA LYS Q 116 -18.60 47.48 28.93
C LYS Q 116 -20.06 47.75 28.62
N LEU Q 117 -20.36 48.36 27.46
CA LEU Q 117 -21.74 48.67 27.13
C LEU Q 117 -22.54 47.41 26.82
N ILE Q 118 -21.98 46.50 26.01
CA ILE Q 118 -22.70 45.29 25.64
C ILE Q 118 -22.81 44.35 26.84
N SER Q 119 -21.74 44.26 27.63
CA SER Q 119 -21.75 43.37 28.79
C SER Q 119 -22.73 43.85 29.85
N MET Q 120 -22.91 45.16 30.00
CA MET Q 120 -23.87 45.69 30.97
C MET Q 120 -25.31 45.42 30.53
N GLY Q 121 -25.56 45.40 29.22
CA GLY Q 121 -26.85 45.05 28.66
C GLY Q 121 -27.51 46.18 27.90
N LEU Q 122 -26.72 47.12 27.38
CA LEU Q 122 -27.24 48.23 26.61
C LEU Q 122 -27.51 47.80 25.18
N SER Q 123 -28.57 48.35 24.60
CA SER Q 123 -29.05 47.93 23.29
C SER Q 123 -28.04 48.28 22.20
N ALA Q 124 -27.86 47.37 21.24
CA ALA Q 124 -26.91 47.62 20.16
C ALA Q 124 -27.37 48.74 19.25
N VAL Q 125 -28.69 48.90 19.06
CA VAL Q 125 -29.19 49.95 18.18
C VAL Q 125 -28.91 51.32 18.79
N GLU Q 126 -28.98 51.44 20.12
CA GLU Q 126 -28.72 52.71 20.77
C GLU Q 126 -27.24 53.10 20.69
N ILE Q 127 -26.34 52.11 20.62
CA ILE Q 127 -24.92 52.41 20.56
C ILE Q 127 -24.57 53.03 19.21
N ILE Q 128 -25.23 52.60 18.15
CA ILE Q 128 -24.98 53.18 16.83
C ILE Q 128 -25.47 54.62 16.80
N GLN Q 129 -26.64 54.88 17.40
CA GLN Q 129 -27.15 56.25 17.47
C GLN Q 129 -26.27 57.12 18.37
N GLY Q 130 -25.65 56.52 19.38
CA GLY Q 130 -24.79 57.29 20.27
C GLY Q 130 -23.51 57.77 19.58
N TYR Q 131 -22.81 56.86 18.89
CA TYR Q 131 -21.58 57.25 18.23
C TYR Q 131 -21.83 58.16 17.04
N ASN Q 132 -22.99 58.02 16.38
CA ASN Q 132 -23.30 58.92 15.26
C ASN Q 132 -23.49 60.35 15.73
N MET Q 133 -24.25 60.55 16.81
CA MET Q 133 -24.38 61.90 17.36
C MET Q 133 -23.09 62.39 17.97
N ALA Q 134 -22.28 61.49 18.53
CA ALA Q 134 -20.96 61.88 19.01
C ALA Q 134 -20.01 62.20 17.86
N ARG Q 135 -20.18 61.53 16.72
CA ARG Q 135 -19.38 61.85 15.54
C ARG Q 135 -19.68 63.25 15.04
N LYS Q 136 -20.96 63.63 15.05
CA LYS Q 136 -21.34 64.97 14.57
C LYS Q 136 -20.77 66.05 15.49
N PHE Q 137 -20.80 65.83 16.80
CA PHE Q 137 -20.23 66.79 17.73
C PHE Q 137 -18.71 66.87 17.59
N THR Q 138 -18.06 65.76 17.22
CA THR Q 138 -16.61 65.78 17.07
C THR Q 138 -16.20 66.59 15.84
N LEU Q 139 -16.96 66.48 14.75
CA LEU Q 139 -16.62 67.23 13.53
C LEU Q 139 -16.83 68.72 13.74
N LYS Q 140 -17.90 69.11 14.45
CA LYS Q 140 -18.16 70.52 14.68
C LYS Q 140 -17.16 71.14 15.65
N GLU Q 141 -16.65 70.36 16.61
CA GLU Q 141 -15.78 70.91 17.65
C GLU Q 141 -14.34 71.08 17.20
N LEU Q 142 -13.88 70.30 16.23
CA LEU Q 142 -12.50 70.38 15.77
C LEU Q 142 -12.18 71.71 15.09
N ASP Q 143 -13.18 72.40 14.54
CA ASP Q 143 -12.93 73.67 13.87
C ASP Q 143 -12.51 74.77 14.84
N GLU Q 144 -12.98 74.72 16.09
CA GLU Q 144 -12.69 75.77 17.06
C GLU Q 144 -11.28 75.68 17.63
N MET Q 145 -10.67 74.49 17.64
CA MET Q 145 -9.34 74.29 18.21
C MET Q 145 -8.22 74.48 17.19
N VAL Q 146 -8.46 75.25 16.13
CA VAL Q 146 -7.47 75.48 15.07
C VAL Q 146 -6.70 76.75 15.41
N VAL Q 147 -5.38 76.69 15.29
CA VAL Q 147 -4.49 77.84 15.44
C VAL Q 147 -3.47 77.95 14.32
N GLY Q 148 -3.58 77.13 13.25
CA GLY Q 148 -2.61 77.08 12.18
C GLY Q 148 -3.18 77.47 10.83
N GLU Q 149 -3.98 78.52 10.80
CA GLU Q 149 -4.61 78.98 9.55
C GLU Q 149 -3.52 79.51 8.62
N ILE Q 150 -3.20 78.72 7.60
CA ILE Q 150 -2.14 79.03 6.63
C ILE Q 150 -2.82 79.50 5.35
N THR Q 151 -2.25 80.54 4.73
CA THR Q 151 -2.73 81.08 3.46
C THR Q 151 -1.65 81.22 2.40
N ASP Q 152 -0.37 81.14 2.78
CA ASP Q 152 0.71 81.27 1.80
C ASP Q 152 0.88 79.98 1.00
N LYS Q 153 1.25 78.89 1.70
CA LYS Q 153 1.40 77.52 1.15
C LYS Q 153 2.26 77.47 -0.11
N ASN Q 154 3.26 78.36 -0.21
CA ASN Q 154 4.20 78.43 -1.33
C ASN Q 154 5.64 78.25 -0.89
N ASP Q 155 6.06 78.95 0.17
CA ASP Q 155 7.46 78.97 0.56
C ASP Q 155 7.88 77.64 1.18
N LYS Q 156 9.19 77.44 1.26
CA LYS Q 156 9.73 76.17 1.74
C LYS Q 156 9.74 76.10 3.25
N ASN Q 157 10.07 77.19 3.94
CA ASN Q 157 10.11 77.20 5.39
C ASN Q 157 8.73 76.98 6.02
N GLU Q 158 7.66 77.40 5.34
CA GLU Q 158 6.31 77.18 5.85
C GLU Q 158 5.94 75.70 5.85
N LEU Q 159 6.51 74.90 4.95
CA LEU Q 159 6.25 73.46 4.92
C LEU Q 159 6.93 72.69 6.04
N LEU Q 160 7.81 73.33 6.83
CA LEU Q 160 8.43 72.65 7.96
C LEU Q 160 7.42 72.26 9.03
N LYS Q 161 6.34 73.02 9.17
CA LYS Q 161 5.23 72.64 10.04
C LYS Q 161 4.30 71.60 9.41
N MET Q 162 4.55 71.20 8.15
CA MET Q 162 3.66 70.32 7.40
C MET Q 162 4.31 68.97 7.11
N ILE Q 163 5.49 68.97 6.48
CA ILE Q 163 6.10 67.73 6.02
C ILE Q 163 6.89 67.07 7.13
N LYS Q 164 7.60 67.85 7.95
CA LYS Q 164 8.46 67.27 8.97
C LYS Q 164 7.71 66.51 10.06
N PRO Q 165 6.51 66.91 10.52
CA PRO Q 165 5.75 65.99 11.39
C PRO Q 165 5.38 64.68 10.72
N VAL Q 166 5.11 64.69 9.41
CA VAL Q 166 4.76 63.46 8.72
C VAL Q 166 5.99 62.57 8.58
N ILE Q 167 7.14 63.15 8.21
CA ILE Q 167 8.37 62.38 8.08
C ILE Q 167 8.91 61.98 9.45
N SER Q 168 8.64 62.76 10.50
CA SER Q 168 9.12 62.42 11.83
C SER Q 168 8.46 61.15 12.37
N SER Q 169 7.28 60.79 11.88
CA SER Q 169 6.62 59.56 12.33
C SER Q 169 7.33 58.32 11.79
N LYS Q 170 7.53 58.28 10.47
CA LYS Q 170 8.20 57.14 9.82
C LYS Q 170 9.70 57.38 9.86
N LYS Q 171 10.43 56.55 10.61
CA LYS Q 171 11.88 56.65 10.75
C LYS Q 171 12.29 58.01 11.30
N TYR Q 172 11.97 58.23 12.59
CA TYR Q 172 12.15 59.52 13.26
C TYR Q 172 13.56 60.10 13.15
N GLY Q 173 14.58 59.25 13.03
CA GLY Q 173 15.96 59.72 12.98
C GLY Q 173 16.30 60.63 11.82
N SER Q 174 15.58 60.53 10.70
CA SER Q 174 15.82 61.33 9.49
C SER Q 174 14.69 62.33 9.33
N GLU Q 175 14.93 63.58 9.71
CA GLU Q 175 13.96 64.67 9.61
C GLU Q 175 14.42 65.75 8.63
N ASP Q 176 15.60 66.31 8.84
CA ASP Q 176 16.02 67.46 8.04
C ASP Q 176 16.38 67.05 6.62
N ILE Q 177 16.95 65.86 6.44
CA ILE Q 177 17.40 65.43 5.12
C ILE Q 177 16.20 65.13 4.22
N LEU Q 178 15.31 64.26 4.68
CA LEU Q 178 14.16 63.87 3.85
C LEU Q 178 13.18 65.02 3.67
N SER Q 179 13.04 65.89 4.67
CA SER Q 179 12.16 67.05 4.52
C SER Q 179 12.73 68.03 3.49
N GLU Q 180 14.06 68.12 3.38
CA GLU Q 180 14.66 68.96 2.35
C GLU Q 180 14.39 68.41 0.96
N LEU Q 181 14.38 67.09 0.81
CA LEU Q 181 14.11 66.49 -0.49
C LEU Q 181 12.66 66.70 -0.90
N VAL Q 182 11.72 66.49 0.03
CA VAL Q 182 10.31 66.61 -0.29
C VAL Q 182 9.92 68.08 -0.47
N SER Q 183 10.42 68.95 0.42
CA SER Q 183 10.07 70.37 0.33
C SER Q 183 10.67 71.01 -0.92
N GLU Q 184 11.92 70.67 -1.25
CA GLU Q 184 12.51 71.18 -2.49
C GLU Q 184 11.82 70.62 -3.72
N ALA Q 185 11.29 69.39 -3.61
CA ALA Q 185 10.54 68.82 -4.73
C ALA Q 185 9.23 69.58 -4.97
N VAL Q 186 8.55 69.96 -3.88
CA VAL Q 186 7.28 70.67 -4.02
C VAL Q 186 7.50 72.06 -4.60
N SER Q 187 8.61 72.71 -4.24
CA SER Q 187 8.91 74.03 -4.79
C SER Q 187 9.20 73.97 -6.30
N HIS Q 188 9.84 72.90 -6.76
CA HIS Q 188 10.03 72.72 -8.20
C HIS Q 188 8.71 72.40 -8.89
N VAL Q 189 7.82 71.68 -8.20
CA VAL Q 189 6.52 71.33 -8.77
C VAL Q 189 5.66 72.58 -8.94
N LEU Q 190 5.59 73.41 -7.90
CA LEU Q 190 4.72 74.57 -7.96
C LEU Q 190 5.33 75.63 -8.89
N PRO Q 191 4.53 76.36 -9.67
CA PRO Q 191 5.12 77.33 -10.60
C PRO Q 191 5.47 78.63 -9.92
N VAL Q 192 6.41 79.35 -10.53
CA VAL Q 192 6.81 80.66 -10.04
C VAL Q 192 5.78 81.68 -10.53
N ALA Q 193 5.08 82.31 -9.58
CA ALA Q 193 4.06 83.29 -9.91
C ALA Q 193 3.81 84.18 -8.70
N GLN Q 194 3.28 85.38 -8.97
CA GLN Q 194 3.01 86.32 -7.89
C GLN Q 194 1.82 85.87 -7.05
N GLN Q 195 0.79 85.32 -7.70
CA GLN Q 195 -0.41 84.86 -6.99
C GLN Q 195 -1.06 83.78 -7.84
N ALA Q 196 -0.86 82.51 -7.45
CA ALA Q 196 -1.46 81.36 -8.09
C ALA Q 196 -2.64 80.90 -7.25
N GLY Q 197 -3.84 81.04 -7.81
CA GLY Q 197 -5.09 80.72 -7.12
C GLY Q 197 -6.02 79.87 -7.97
N GLU Q 198 -7.31 79.93 -7.64
CA GLU Q 198 -8.36 79.18 -8.35
C GLU Q 198 -8.12 77.66 -8.29
N ILE Q 199 -7.57 77.20 -7.17
CA ILE Q 199 -7.31 75.78 -6.93
C ILE Q 199 -6.37 75.23 -8.00
N PRO Q 200 -5.08 75.57 -7.98
CA PRO Q 200 -4.14 74.96 -8.94
C PRO Q 200 -4.07 73.46 -8.78
N TYR Q 201 -3.83 72.78 -9.91
CA TYR Q 201 -3.88 71.33 -9.96
C TYR Q 201 -2.61 70.72 -9.37
N PHE Q 202 -2.79 69.61 -8.64
CA PHE Q 202 -1.69 68.85 -8.07
C PHE Q 202 -2.10 67.38 -8.04
N ASN Q 203 -1.14 66.50 -8.31
CA ASN Q 203 -1.38 65.06 -8.34
C ASN Q 203 -0.18 64.33 -7.75
N VAL Q 204 -0.43 63.12 -7.26
CA VAL Q 204 0.63 62.32 -6.65
C VAL Q 204 1.64 61.81 -7.66
N ASP Q 205 1.29 61.72 -8.94
CA ASP Q 205 2.21 61.27 -9.96
C ASP Q 205 3.24 62.31 -10.37
N SER Q 206 3.16 63.54 -9.83
CA SER Q 206 4.13 64.56 -10.17
C SER Q 206 5.50 64.25 -9.59
N ILE Q 207 5.55 63.94 -8.29
CA ILE Q 207 6.79 63.61 -7.60
C ILE Q 207 6.95 62.09 -7.65
N ARG Q 208 7.98 61.63 -8.36
CA ARG Q 208 8.32 60.23 -8.49
C ARG Q 208 9.55 59.91 -7.65
N VAL Q 209 9.79 58.61 -7.46
CA VAL Q 209 10.86 58.10 -6.61
C VAL Q 209 11.66 57.10 -7.44
N VAL Q 210 12.96 57.40 -7.62
CA VAL Q 210 13.90 56.55 -8.32
C VAL Q 210 14.84 55.96 -7.28
N LYS Q 211 14.73 54.64 -7.07
CA LYS Q 211 15.50 53.94 -6.05
C LYS Q 211 16.83 53.47 -6.65
N ILE Q 212 17.93 53.89 -6.03
CA ILE Q 212 19.28 53.52 -6.43
C ILE Q 212 19.93 52.78 -5.28
N MET Q 213 20.58 51.66 -5.60
CA MET Q 213 21.21 50.84 -4.56
C MET Q 213 22.52 51.47 -4.12
N GLY Q 214 22.77 51.43 -2.82
CA GLY Q 214 24.02 51.92 -2.26
C GLY Q 214 23.99 53.41 -1.98
N GLY Q 215 24.89 53.83 -1.11
CA GLY Q 215 25.07 55.23 -0.76
C GLY Q 215 24.31 55.61 0.50
N SER Q 216 24.90 56.50 1.27
CA SER Q 216 24.29 56.97 2.50
C SER Q 216 23.12 57.90 2.19
N LEU Q 217 22.20 58.00 3.14
CA LEU Q 217 21.01 58.82 2.96
C LEU Q 217 21.35 60.31 2.87
N SER Q 218 22.46 60.74 3.47
CA SER Q 218 22.86 62.14 3.41
C SER Q 218 23.38 62.56 2.03
N ASN Q 219 23.89 61.62 1.24
CA ASN Q 219 24.42 61.93 -0.08
C ASN Q 219 23.34 62.06 -1.16
N SER Q 220 22.06 61.95 -0.80
CA SER Q 220 21.00 62.10 -1.79
C SER Q 220 20.91 63.55 -2.27
N THR Q 221 20.21 63.74 -3.39
CA THR Q 221 20.03 65.05 -4.00
C THR Q 221 18.70 65.08 -4.74
N VAL Q 222 18.33 66.27 -5.19
CA VAL Q 222 17.07 66.51 -5.90
C VAL Q 222 17.37 66.66 -7.38
N ILE Q 223 16.52 66.07 -8.22
CA ILE Q 223 16.63 66.12 -9.67
C ILE Q 223 15.30 66.63 -10.22
N LYS Q 224 15.37 67.65 -11.08
CA LYS Q 224 14.15 68.22 -11.64
C LYS Q 224 13.54 67.31 -12.70
N GLY Q 225 14.38 66.60 -13.46
CA GLY Q 225 13.92 65.64 -14.44
C GLY Q 225 13.58 64.30 -13.81
N MET Q 226 14.03 63.24 -14.47
CA MET Q 226 13.91 61.88 -13.95
C MET Q 226 15.18 61.11 -14.32
N VAL Q 227 15.27 59.88 -13.80
CA VAL Q 227 16.43 59.01 -13.98
C VAL Q 227 15.91 57.62 -14.28
N PHE Q 228 16.30 57.07 -15.44
CA PHE Q 228 15.91 55.74 -15.88
C PHE Q 228 17.12 54.82 -15.90
N ASN Q 229 16.89 53.56 -15.54
CA ASN Q 229 17.91 52.51 -15.63
C ASN Q 229 17.89 51.98 -17.06
N ARG Q 230 18.63 52.66 -17.93
CA ARG Q 230 18.60 52.40 -19.37
C ARG Q 230 19.97 52.69 -19.95
N GLU Q 231 20.28 51.99 -21.06
CA GLU Q 231 21.56 52.10 -21.74
C GLU Q 231 21.42 53.05 -22.92
N PRO Q 232 22.06 54.23 -22.96
CA PRO Q 232 22.04 55.01 -24.20
C PRO Q 232 22.82 54.30 -25.31
N GLU Q 233 22.53 54.71 -26.55
CA GLU Q 233 23.12 54.11 -27.75
C GLU Q 233 23.55 55.22 -28.71
N GLY Q 234 24.69 55.01 -29.35
CA GLY Q 234 25.09 55.77 -30.54
C GLY Q 234 26.26 56.71 -30.38
N HIS Q 235 26.31 57.48 -29.28
CA HIS Q 235 27.34 58.50 -29.14
C HIS Q 235 27.36 59.00 -27.70
N VAL Q 236 28.36 59.84 -27.40
CA VAL Q 236 28.49 60.54 -26.13
C VAL Q 236 27.99 61.96 -26.32
N LYS Q 237 27.43 62.53 -25.26
CA LYS Q 237 26.83 63.86 -25.33
C LYS Q 237 27.90 64.94 -25.26
N SER Q 238 27.51 66.14 -25.68
CA SER Q 238 28.40 67.31 -25.66
C SER Q 238 28.40 68.03 -24.32
N LEU Q 239 27.24 68.14 -23.67
CA LEU Q 239 27.07 68.48 -22.25
C LEU Q 239 27.24 69.97 -21.99
N SER Q 240 27.78 70.79 -22.91
CA SER Q 240 27.72 72.24 -22.78
C SER Q 240 27.69 72.99 -24.11
N GLU Q 241 27.69 72.30 -25.25
CA GLU Q 241 27.99 72.98 -26.51
C GLU Q 241 26.78 73.65 -27.12
N ASP Q 242 25.66 72.93 -27.23
CA ASP Q 242 24.46 73.47 -27.85
C ASP Q 242 23.68 74.41 -26.93
N LYS Q 243 23.76 74.21 -25.62
CA LYS Q 243 23.15 75.04 -24.54
C LYS Q 243 21.66 74.71 -24.38
N LYS Q 244 21.02 74.03 -25.32
CA LYS Q 244 19.61 73.67 -25.20
C LYS Q 244 19.27 72.67 -26.29
N HIS Q 245 18.34 71.77 -25.98
CA HIS Q 245 18.01 70.63 -26.84
C HIS Q 245 16.50 70.49 -26.97
N LYS Q 246 16.03 70.46 -28.22
CA LYS Q 246 14.63 70.21 -28.52
C LYS Q 246 14.39 68.71 -28.61
N VAL Q 247 13.42 68.22 -27.84
CA VAL Q 247 13.17 66.80 -27.67
C VAL Q 247 11.80 66.49 -28.25
N ALA Q 248 11.76 65.62 -29.26
CA ALA Q 248 10.53 65.13 -29.86
C ALA Q 248 10.21 63.76 -29.28
N VAL Q 249 8.95 63.57 -28.88
CA VAL Q 249 8.45 62.31 -28.33
C VAL Q 249 7.43 61.75 -29.30
N PHE Q 250 7.76 60.60 -29.91
CA PHE Q 250 6.90 59.93 -30.87
C PHE Q 250 6.31 58.68 -30.23
N THR Q 251 5.00 58.51 -30.36
CA THR Q 251 4.36 57.30 -29.85
C THR Q 251 4.71 56.09 -30.73
N CYS Q 252 4.66 56.27 -32.05
CA CYS Q 252 4.98 55.21 -32.99
C CYS Q 252 6.49 55.13 -33.21
N PRO Q 253 7.02 53.98 -33.64
CA PRO Q 253 8.47 53.90 -33.84
C PRO Q 253 8.92 54.59 -35.13
N LEU Q 254 10.22 54.87 -35.19
CA LEU Q 254 10.82 55.48 -36.37
C LEU Q 254 11.13 54.38 -37.37
N ASP Q 255 10.22 54.18 -38.32
CA ASP Q 255 10.38 53.16 -39.36
C ASP Q 255 9.45 53.53 -40.51
N ILE Q 256 9.54 52.77 -41.60
CA ILE Q 256 8.65 52.97 -42.73
C ILE Q 256 7.23 52.63 -42.29
N ALA Q 257 6.28 53.49 -42.65
CA ALA Q 257 4.90 53.36 -42.19
C ALA Q 257 4.27 52.11 -42.79
N ASN Q 258 4.12 51.08 -41.95
CA ASN Q 258 3.47 49.83 -42.33
C ASN Q 258 2.05 49.80 -41.78
N THR Q 259 1.17 49.09 -42.49
CA THR Q 259 -0.23 49.04 -42.13
C THR Q 259 -0.47 48.04 -41.01
N GLU Q 260 -1.68 48.08 -40.44
CA GLU Q 260 -2.05 47.10 -39.43
C GLU Q 260 -2.24 45.73 -40.05
N THR Q 261 -2.92 45.65 -41.20
CA THR Q 261 -3.02 44.39 -41.93
C THR Q 261 -1.66 44.01 -42.48
N LYS Q 262 -1.40 42.71 -42.53
CA LYS Q 262 -0.08 42.21 -42.90
C LYS Q 262 0.08 42.23 -44.41
N GLY Q 263 1.24 42.70 -44.88
CA GLY Q 263 1.61 42.67 -46.27
C GLY Q 263 3.00 42.05 -46.44
N THR Q 264 3.42 41.99 -47.70
CA THR Q 264 4.74 41.47 -48.05
C THR Q 264 5.22 42.16 -49.31
N VAL Q 265 6.44 41.80 -49.72
CA VAL Q 265 7.09 42.42 -50.88
C VAL Q 265 6.68 41.65 -52.13
N LEU Q 266 6.23 42.38 -53.15
CA LEU Q 266 5.86 41.82 -54.45
C LEU Q 266 6.74 42.50 -55.50
N LEU Q 267 7.42 41.69 -56.32
CA LEU Q 267 8.33 42.17 -57.35
C LEU Q 267 8.08 41.37 -58.63
N HIS Q 268 7.57 42.04 -59.65
CA HIS Q 268 7.27 41.38 -60.91
C HIS Q 268 8.50 41.19 -61.79
N ASN Q 269 9.54 42.01 -61.61
CA ASN Q 269 10.74 41.95 -62.43
C ASN Q 269 11.94 42.33 -61.57
N ALA Q 270 13.13 42.13 -62.14
CA ALA Q 270 14.39 42.39 -61.44
C ALA Q 270 14.78 43.86 -61.41
N GLN Q 271 14.12 44.72 -62.19
CA GLN Q 271 14.43 46.15 -62.14
C GLN Q 271 14.04 46.75 -60.79
N GLU Q 272 12.92 46.28 -60.22
CA GLU Q 272 12.53 46.73 -58.89
C GLU Q 272 13.39 46.12 -57.80
N MET Q 273 13.96 44.93 -58.05
CA MET Q 273 14.85 44.31 -57.09
C MET Q 273 16.11 45.14 -56.86
N LEU Q 274 16.63 45.76 -57.92
CA LEU Q 274 17.84 46.56 -57.77
C LEU Q 274 17.57 47.86 -57.01
N ASP Q 275 16.43 48.48 -57.23
CA ASP Q 275 16.07 49.73 -56.58
C ASP Q 275 15.48 49.55 -55.18
N PHE Q 276 15.09 48.33 -54.81
CA PHE Q 276 14.49 48.12 -53.50
C PHE Q 276 15.49 48.31 -52.36
N SER Q 277 16.78 48.04 -52.60
CA SER Q 277 17.79 48.25 -51.58
C SER Q 277 17.99 49.72 -51.27
N LYS Q 278 17.94 50.58 -52.29
CA LYS Q 278 18.06 52.02 -52.11
C LYS Q 278 16.74 52.71 -51.82
N GLY Q 279 15.61 52.09 -52.15
CA GLY Q 279 14.32 52.73 -51.91
C GLY Q 279 14.01 52.86 -50.43
N GLU Q 280 14.34 51.84 -49.64
CA GLU Q 280 14.11 51.92 -48.20
C GLU Q 280 15.03 52.96 -47.55
N GLU Q 281 16.24 53.13 -48.08
CA GLU Q 281 17.16 54.13 -47.52
C GLU Q 281 16.71 55.54 -47.86
N LYS Q 282 16.27 55.78 -49.09
CA LYS Q 282 15.81 57.10 -49.49
C LYS Q 282 14.44 57.43 -48.89
N GLN Q 283 13.63 56.42 -48.57
CA GLN Q 283 12.33 56.68 -47.97
C GLN Q 283 12.48 57.27 -46.57
N ILE Q 284 13.26 56.62 -45.71
CA ILE Q 284 13.51 57.16 -44.39
C ILE Q 284 14.33 58.45 -44.45
N ASP Q 285 15.20 58.60 -45.45
CA ASP Q 285 16.02 59.81 -45.55
C ASP Q 285 15.16 61.04 -45.81
N ALA Q 286 14.07 60.88 -46.56
CA ALA Q 286 13.17 62.01 -46.79
C ALA Q 286 12.47 62.43 -45.51
N MET Q 287 12.15 61.47 -44.64
CA MET Q 287 11.49 61.75 -43.37
C MET Q 287 12.46 62.08 -42.24
N MET Q 288 13.69 61.54 -42.30
CA MET Q 288 14.70 61.80 -41.28
C MET Q 288 15.45 63.10 -41.50
N LYS Q 289 15.63 63.51 -42.76
CA LYS Q 289 16.34 64.76 -43.03
C LYS Q 289 15.55 65.97 -42.56
N GLU Q 290 14.22 65.91 -42.63
CA GLU Q 290 13.40 67.03 -42.17
C GLU Q 290 13.50 67.21 -40.66
N ILE Q 291 13.69 66.12 -39.91
CA ILE Q 291 13.80 66.23 -38.46
C ILE Q 291 15.10 66.92 -38.08
N ALA Q 292 16.18 66.65 -38.81
CA ALA Q 292 17.48 67.23 -38.50
C ALA Q 292 17.60 68.70 -38.92
N ASP Q 293 16.72 69.18 -39.81
CA ASP Q 293 16.82 70.57 -40.25
C ASP Q 293 16.48 71.53 -39.13
N MET Q 294 15.41 71.25 -38.37
CA MET Q 294 15.02 72.08 -37.24
C MET Q 294 15.90 71.88 -36.01
N GLY Q 295 16.77 70.87 -36.01
CA GLY Q 295 17.72 70.70 -34.92
C GLY Q 295 17.19 69.94 -33.73
N VAL Q 296 16.39 68.90 -33.96
CA VAL Q 296 15.89 68.05 -32.90
C VAL Q 296 17.03 67.14 -32.45
N GLU Q 297 17.67 67.50 -31.34
CA GLU Q 297 18.83 66.77 -30.83
C GLU Q 297 18.48 65.59 -29.94
N CYS Q 298 17.21 65.18 -29.89
CA CYS Q 298 16.81 64.04 -29.08
C CYS Q 298 15.45 63.56 -29.56
N ILE Q 299 15.33 62.23 -29.73
CA ILE Q 299 14.11 61.58 -30.18
C ILE Q 299 13.80 60.46 -29.20
N VAL Q 300 12.53 60.32 -28.84
CA VAL Q 300 12.05 59.29 -27.91
C VAL Q 300 10.91 58.54 -28.60
N ALA Q 301 11.16 57.26 -28.91
CA ALA Q 301 10.18 56.38 -29.57
C ALA Q 301 9.81 55.26 -28.62
N GLY Q 302 8.50 55.16 -28.32
CA GLY Q 302 8.04 54.18 -27.35
C GLY Q 302 8.24 52.75 -27.77
N ALA Q 303 7.91 52.41 -29.00
CA ALA Q 303 8.06 51.06 -29.50
C ALA Q 303 9.51 50.83 -29.91
N GLY Q 304 9.81 49.64 -30.42
CA GLY Q 304 11.18 49.30 -30.77
C GLY Q 304 11.63 50.05 -32.01
N VAL Q 305 12.82 50.66 -31.93
CA VAL Q 305 13.38 51.43 -33.03
C VAL Q 305 14.22 50.51 -33.90
N GLY Q 306 14.05 50.62 -35.21
CA GLY Q 306 14.81 49.79 -36.13
C GLY Q 306 16.25 50.24 -36.26
N GLU Q 307 17.07 49.35 -36.81
CA GLU Q 307 18.49 49.65 -37.00
C GLU Q 307 18.72 50.63 -38.13
N LEU Q 308 17.85 50.62 -39.15
CA LEU Q 308 18.00 51.57 -40.25
C LEU Q 308 17.73 52.99 -39.79
N ALA Q 309 16.75 53.19 -38.92
CA ALA Q 309 16.48 54.51 -38.37
C ALA Q 309 17.55 54.93 -37.36
N LEU Q 310 18.12 53.98 -36.62
CA LEU Q 310 19.16 54.31 -35.67
C LEU Q 310 20.46 54.68 -36.37
N HIS Q 311 20.72 54.08 -37.54
CA HIS Q 311 21.96 54.35 -38.26
C HIS Q 311 22.01 55.80 -38.77
N TYR Q 312 20.91 56.31 -39.31
CA TYR Q 312 20.89 57.69 -39.79
C TYR Q 312 21.01 58.69 -38.64
N LEU Q 313 20.53 58.34 -37.45
CA LEU Q 313 20.58 59.25 -36.31
C LEU Q 313 21.95 59.27 -35.64
N ASN Q 314 22.77 58.23 -35.82
CA ASN Q 314 24.07 58.20 -35.15
C ASN Q 314 25.03 59.23 -35.74
N ARG Q 315 25.02 59.38 -37.07
CA ARG Q 315 25.96 60.29 -37.71
C ARG Q 315 25.65 61.76 -37.39
N TYR Q 316 24.39 62.12 -37.24
CA TYR Q 316 24.00 63.47 -36.85
C TYR Q 316 24.11 63.71 -35.34
N GLY Q 317 24.22 62.66 -34.54
CA GLY Q 317 24.37 62.82 -33.10
C GLY Q 317 23.08 63.14 -32.39
N ILE Q 318 22.03 62.35 -32.67
CA ILE Q 318 20.71 62.49 -32.07
C ILE Q 318 20.56 61.40 -31.01
N LEU Q 319 20.12 61.80 -29.82
CA LEU Q 319 19.94 60.85 -28.73
C LEU Q 319 18.66 60.04 -28.95
N VAL Q 320 18.72 58.75 -28.65
CA VAL Q 320 17.60 57.82 -28.77
C VAL Q 320 17.32 57.22 -27.39
N LEU Q 321 16.06 56.86 -27.18
CA LEU Q 321 15.64 56.26 -25.92
C LEU Q 321 14.34 55.50 -26.16
N LYS Q 322 14.21 54.33 -25.54
CA LYS Q 322 13.05 53.48 -25.77
C LYS Q 322 11.85 53.93 -24.94
N VAL Q 323 11.94 53.86 -23.62
CA VAL Q 323 10.85 54.14 -22.71
C VAL Q 323 9.66 53.24 -23.05
N PRO Q 324 9.74 51.92 -22.79
CA PRO Q 324 8.65 51.03 -23.25
C PRO Q 324 7.33 51.25 -22.54
N SER Q 325 7.33 51.49 -21.23
CA SER Q 325 6.10 51.68 -20.50
C SER Q 325 5.42 52.98 -20.90
N LYS Q 326 4.08 52.95 -20.96
CA LYS Q 326 3.32 54.09 -21.44
C LYS Q 326 3.09 55.14 -20.35
N PHE Q 327 3.04 54.73 -19.08
CA PHE Q 327 2.74 55.68 -18.01
C PHE Q 327 3.90 56.65 -17.81
N GLU Q 328 5.14 56.15 -17.81
CA GLU Q 328 6.32 56.99 -17.65
C GLU Q 328 6.71 57.74 -18.93
N LEU Q 329 6.02 57.49 -20.05
CA LEU Q 329 6.34 58.19 -21.29
C LEU Q 329 5.83 59.62 -21.26
N ARG Q 330 4.63 59.83 -20.71
CA ARG Q 330 4.05 61.17 -20.65
C ARG Q 330 4.73 62.06 -19.62
N ARG Q 331 5.37 61.49 -18.59
CA ARG Q 331 6.03 62.31 -17.59
C ARG Q 331 7.25 63.02 -18.17
N LEU Q 332 7.93 62.38 -19.12
CA LEU Q 332 9.05 63.03 -19.80
C LEU Q 332 8.57 64.20 -20.66
N CYS Q 333 7.36 64.11 -21.21
CA CYS Q 333 6.82 65.21 -22.00
C CYS Q 333 6.54 66.43 -21.13
N ARG Q 334 6.16 66.21 -19.86
CA ARG Q 334 5.90 67.33 -18.97
C ARG Q 334 7.16 68.11 -18.64
N VAL Q 335 8.32 67.43 -18.63
CA VAL Q 335 9.58 68.12 -18.34
C VAL Q 335 9.93 69.07 -19.46
N CYS Q 336 10.10 68.55 -20.68
CA CYS Q 336 10.45 69.39 -21.82
C CYS Q 336 9.32 70.34 -22.21
N GLY Q 337 8.07 69.96 -21.96
CA GLY Q 337 6.95 70.79 -22.34
C GLY Q 337 6.50 70.61 -23.78
N ALA Q 338 6.59 69.39 -24.30
CA ALA Q 338 6.17 69.01 -25.65
C ALA Q 338 4.95 68.11 -25.56
N THR Q 339 4.33 67.85 -26.73
CA THR Q 339 3.15 66.99 -26.88
C THR Q 339 3.55 65.66 -27.53
N PRO Q 340 2.85 64.55 -27.27
CA PRO Q 340 3.10 63.34 -28.05
C PRO Q 340 2.66 63.51 -29.50
N LEU Q 341 3.37 62.83 -30.40
CA LEU Q 341 3.12 62.89 -31.84
C LEU Q 341 3.21 61.49 -32.44
N PRO Q 342 2.11 60.74 -32.53
CA PRO Q 342 2.18 59.45 -33.27
C PRO Q 342 2.47 59.61 -34.75
N ARG Q 343 2.07 60.72 -35.36
CA ARG Q 343 2.47 61.01 -36.73
C ARG Q 343 3.94 61.35 -36.78
N LEU Q 344 4.59 60.97 -37.88
CA LEU Q 344 5.97 61.40 -38.10
C LEU Q 344 6.00 62.89 -38.45
N GLY Q 345 5.40 63.25 -39.60
CA GLY Q 345 5.21 64.65 -39.95
C GLY Q 345 6.52 65.39 -40.11
N ALA Q 346 6.64 66.49 -39.36
CA ALA Q 346 7.89 67.21 -39.20
C ALA Q 346 7.85 67.95 -37.88
N PRO Q 347 9.00 68.25 -37.26
CA PRO Q 347 8.97 69.02 -36.01
C PRO Q 347 8.55 70.46 -36.26
N THR Q 348 7.59 70.94 -35.46
CA THR Q 348 7.14 72.32 -35.43
C THR Q 348 7.71 73.03 -34.21
N PRO Q 349 7.91 74.35 -34.23
CA PRO Q 349 8.45 75.02 -33.02
C PRO Q 349 7.48 75.04 -31.85
N GLU Q 350 6.18 75.13 -32.11
CA GLU Q 350 5.20 75.28 -31.03
C GLU Q 350 5.04 74.00 -30.21
N GLU Q 351 5.06 72.84 -30.87
CA GLU Q 351 4.86 71.57 -30.20
C GLU Q 351 6.13 70.98 -29.60
N LEU Q 352 7.31 71.49 -29.96
CA LEU Q 352 8.60 71.00 -29.45
C LEU Q 352 8.99 71.81 -28.22
N GLY Q 353 9.52 71.10 -27.22
CA GLY Q 353 9.93 71.71 -25.97
C GLY Q 353 11.40 72.06 -25.97
N LEU Q 354 11.89 72.39 -24.77
CA LEU Q 354 13.30 72.76 -24.55
C LEU Q 354 13.83 71.94 -23.38
N VAL Q 355 15.08 71.48 -23.51
CA VAL Q 355 15.79 70.77 -22.45
C VAL Q 355 17.21 71.31 -22.41
N GLU Q 356 17.71 71.58 -21.21
CA GLU Q 356 19.01 72.23 -21.07
C GLU Q 356 20.14 71.27 -21.46
N THR Q 357 20.23 70.13 -20.77
CA THR Q 357 21.32 69.19 -20.99
C THR Q 357 20.90 67.80 -20.55
N VAL Q 358 21.59 66.80 -21.09
CA VAL Q 358 21.41 65.39 -20.73
C VAL Q 358 22.79 64.79 -20.61
N LYS Q 359 23.08 64.18 -19.44
CA LYS Q 359 24.38 63.60 -19.13
C LYS Q 359 24.19 62.20 -18.56
N THR Q 360 25.19 61.35 -18.80
CA THR Q 360 25.14 59.93 -18.48
C THR Q 360 26.30 59.59 -17.55
N MET Q 361 25.98 58.95 -16.43
CA MET Q 361 26.99 58.45 -15.49
C MET Q 361 26.39 57.27 -14.74
N GLU Q 362 27.12 56.82 -13.72
CA GLU Q 362 26.67 55.77 -12.80
C GLU Q 362 26.59 56.35 -11.39
N ILE Q 363 25.43 56.16 -10.76
CA ILE Q 363 25.18 56.63 -9.39
C ILE Q 363 25.43 55.53 -8.38
N GLY Q 364 24.99 54.31 -8.70
CA GLY Q 364 25.18 53.13 -7.85
C GLY Q 364 25.75 51.97 -8.64
N GLY Q 365 26.65 52.26 -9.59
CA GLY Q 365 27.29 51.27 -10.41
C GLY Q 365 26.64 51.03 -11.75
N ASP Q 366 25.33 51.25 -11.86
CA ASP Q 366 24.57 51.04 -13.09
C ASP Q 366 24.49 52.34 -13.88
N ARG Q 367 24.68 52.23 -15.19
CA ARG Q 367 24.62 53.40 -16.06
C ARG Q 367 23.17 53.85 -16.20
N VAL Q 368 22.94 55.15 -16.03
CA VAL Q 368 21.61 55.75 -16.07
C VAL Q 368 21.68 57.05 -16.87
N THR Q 369 20.51 57.51 -17.29
CA THR Q 369 20.34 58.72 -18.08
C THR Q 369 19.65 59.77 -17.22
N VAL Q 370 20.30 60.92 -17.05
CA VAL Q 370 19.86 61.99 -16.15
C VAL Q 370 19.37 63.15 -17.02
N PHE Q 371 18.12 63.58 -16.77
CA PHE Q 371 17.48 64.69 -17.49
C PHE Q 371 17.42 65.95 -16.64
N LYS Q 372 18.45 66.20 -15.83
CA LYS Q 372 18.50 67.40 -15.03
C LYS Q 372 18.75 68.62 -15.92
N GLN Q 373 18.00 69.69 -15.68
CA GLN Q 373 18.13 70.94 -16.41
C GLN Q 373 18.09 72.11 -15.44
N GLU Q 374 18.87 73.15 -15.75
CA GLU Q 374 18.95 74.39 -14.98
C GLU Q 374 18.49 75.56 -15.84
N GLN Q 375 17.79 76.50 -15.20
CA GLN Q 375 17.23 77.71 -15.81
C GLN Q 375 16.06 77.43 -16.76
N GLY Q 376 15.57 76.18 -16.83
CA GLY Q 376 14.45 75.84 -17.68
C GLY Q 376 13.12 75.95 -16.96
N GLU Q 377 12.05 75.94 -17.75
CA GLU Q 377 10.69 76.02 -17.24
C GLU Q 377 10.15 74.61 -17.07
N ILE Q 378 9.67 74.30 -15.86
CA ILE Q 378 9.08 73.01 -15.52
C ILE Q 378 7.68 73.24 -14.99
N SER Q 379 6.85 72.20 -15.10
CA SER Q 379 5.45 72.27 -14.67
C SER Q 379 5.02 70.87 -14.22
N ARG Q 380 4.91 70.69 -12.91
CA ARG Q 380 4.41 69.44 -12.32
C ARG Q 380 5.30 68.25 -12.68
N THR Q 381 6.55 68.32 -12.24
CA THR Q 381 7.49 67.22 -12.43
C THR Q 381 8.66 67.38 -11.46
N SER Q 382 9.07 66.27 -10.85
CA SER Q 382 10.19 66.26 -9.91
C SER Q 382 10.50 64.81 -9.56
N THR Q 383 11.71 64.60 -9.05
CA THR Q 383 12.15 63.28 -8.62
C THR Q 383 13.10 63.42 -7.43
N ILE Q 384 13.17 62.36 -6.63
CA ILE Q 384 14.01 62.30 -5.44
C ILE Q 384 14.85 61.03 -5.55
N ILE Q 385 16.15 61.19 -5.72
CA ILE Q 385 17.08 60.07 -5.88
C ILE Q 385 17.43 59.55 -4.48
N LEU Q 386 16.93 58.37 -4.15
CA LEU Q 386 17.16 57.75 -2.85
C LEU Q 386 18.42 56.90 -2.90
N ARG Q 387 19.31 57.11 -1.94
CA ARG Q 387 20.49 56.30 -1.73
C ARG Q 387 20.35 55.58 -0.40
N GLY Q 388 20.52 54.27 -0.42
CA GLY Q 388 20.32 53.46 0.77
C GLY Q 388 21.12 52.18 0.70
N ALA Q 389 21.27 51.56 1.88
CA ALA Q 389 22.08 50.36 2.00
C ALA Q 389 21.33 49.11 1.54
N THR Q 390 20.01 49.08 1.74
CA THR Q 390 19.17 47.93 1.42
C THR Q 390 17.95 48.38 0.63
N GLN Q 391 17.50 47.50 -0.28
CA GLN Q 391 16.27 47.74 -1.01
C GLN Q 391 15.05 47.68 -0.09
N ASN Q 392 15.11 46.89 0.97
CA ASN Q 392 13.99 46.76 1.89
C ASN Q 392 13.71 48.07 2.62
N ASN Q 393 14.76 48.84 2.95
CA ASN Q 393 14.57 50.12 3.63
C ASN Q 393 14.10 51.21 2.67
N LEU Q 394 14.58 51.18 1.43
CA LEU Q 394 14.18 52.20 0.45
C LEU Q 394 12.72 52.06 0.07
N ASP Q 395 12.13 50.87 0.19
CA ASP Q 395 10.71 50.71 -0.10
C ASP Q 395 9.86 51.48 0.89
N ASP Q 396 10.30 51.56 2.15
CA ASP Q 396 9.57 52.32 3.16
C ASP Q 396 9.75 53.83 2.96
N ILE Q 397 10.90 54.25 2.44
CA ILE Q 397 11.11 55.67 2.18
C ILE Q 397 10.20 56.14 1.05
N GLU Q 398 9.95 55.26 0.07
CA GLU Q 398 9.07 55.62 -1.03
C GLU Q 398 7.64 55.85 -0.56
N ARG Q 399 7.12 54.93 0.26
CA ARG Q 399 5.76 55.08 0.77
C ARG Q 399 5.68 56.25 1.76
N ALA Q 400 6.75 56.53 2.48
CA ALA Q 400 6.78 57.71 3.34
C ALA Q 400 6.72 58.99 2.52
N ILE Q 401 7.39 59.00 1.36
CA ILE Q 401 7.32 60.15 0.47
C ILE Q 401 5.97 60.21 -0.22
N ASP Q 402 5.39 59.05 -0.54
CA ASP Q 402 4.06 59.03 -1.13
C ASP Q 402 3.01 59.55 -0.16
N ASP Q 403 3.16 59.23 1.13
CA ASP Q 403 2.27 59.79 2.15
C ASP Q 403 2.55 61.27 2.37
N GLY Q 404 3.80 61.70 2.18
CA GLY Q 404 4.11 63.12 2.34
C GLY Q 404 3.52 63.97 1.24
N VAL Q 405 3.72 63.57 -0.01
CA VAL Q 405 3.13 64.29 -1.15
C VAL Q 405 1.62 64.09 -1.22
N ALA Q 406 1.10 62.99 -0.67
CA ALA Q 406 -0.35 62.82 -0.60
C ALA Q 406 -0.98 63.85 0.33
N ALA Q 407 -0.26 64.27 1.37
CA ALA Q 407 -0.76 65.33 2.23
C ALA Q 407 -0.80 66.66 1.50
N VAL Q 408 0.12 66.88 0.55
CA VAL Q 408 0.06 68.08 -0.27
C VAL Q 408 -1.17 68.05 -1.16
N LYS Q 409 -1.55 66.87 -1.66
CA LYS Q 409 -2.79 66.73 -2.39
C LYS Q 409 -3.99 66.98 -1.47
N GLY Q 410 -3.89 66.56 -0.21
CA GLY Q 410 -4.94 66.80 0.76
C GLY Q 410 -5.10 68.24 1.19
N LEU Q 411 -4.07 69.07 1.01
CA LEU Q 411 -4.13 70.49 1.34
C LEU Q 411 -4.65 71.34 0.18
N MET Q 412 -4.01 71.22 -0.98
CA MET Q 412 -4.28 72.10 -2.11
C MET Q 412 -5.57 71.75 -2.86
N LYS Q 413 -6.05 70.51 -2.76
CA LYS Q 413 -7.28 70.12 -3.44
C LYS Q 413 -8.49 70.75 -2.76
N PRO Q 414 -8.66 70.65 -1.40
CA PRO Q 414 -9.74 71.41 -0.76
C PRO Q 414 -9.35 72.87 -0.54
N SER Q 415 -10.29 73.66 -0.02
CA SER Q 415 -10.04 75.08 0.20
C SER Q 415 -9.15 75.32 1.42
N GLY Q 416 -9.13 74.39 2.38
CA GLY Q 416 -8.32 74.55 3.58
C GLY Q 416 -7.94 73.23 4.24
N GLY Q 417 -6.64 73.07 4.48
CA GLY Q 417 -6.05 71.91 5.13
C GLY Q 417 -5.37 72.29 6.42
N LYS Q 418 -6.04 73.12 7.22
CA LYS Q 418 -5.51 73.81 8.40
C LYS Q 418 -4.91 72.80 9.40
N LEU Q 419 -3.98 73.25 10.23
CA LEU Q 419 -3.26 72.40 11.16
C LEU Q 419 -4.05 72.22 12.45
N LEU Q 420 -3.53 71.37 13.33
CA LEU Q 420 -4.04 71.19 14.68
C LEU Q 420 -2.87 70.86 15.60
N PRO Q 421 -3.04 71.03 16.92
CA PRO Q 421 -1.95 70.62 17.82
C PRO Q 421 -1.82 69.11 17.89
N GLY Q 422 -0.60 68.62 17.70
CA GLY Q 422 -0.29 67.20 17.72
C GLY Q 422 0.36 66.77 19.02
N ALA Q 423 0.94 65.56 18.98
CA ALA Q 423 1.71 65.00 20.10
C ALA Q 423 0.84 64.80 21.34
N GLY Q 424 -0.39 64.31 21.13
CA GLY Q 424 -1.30 64.08 22.23
C GLY Q 424 -1.71 65.37 22.91
N ALA Q 425 -2.29 66.29 22.13
CA ALA Q 425 -2.77 67.58 22.62
C ALA Q 425 -4.26 67.76 22.37
N THR Q 426 -4.71 67.60 21.13
CA THR Q 426 -6.13 67.76 20.81
C THR Q 426 -6.96 66.53 21.17
N GLU Q 427 -6.33 65.35 21.28
CA GLU Q 427 -7.08 64.15 21.63
C GLU Q 427 -7.59 64.22 23.06
N ILE Q 428 -6.74 64.67 24.00
CA ILE Q 428 -7.17 64.82 25.38
C ILE Q 428 -8.16 65.97 25.50
N GLU Q 429 -8.07 66.98 24.62
CA GLU Q 429 -9.06 68.05 24.62
C GLU Q 429 -10.44 67.53 24.23
N LEU Q 430 -10.49 66.62 23.24
CA LEU Q 430 -11.77 66.03 22.84
C LEU Q 430 -12.38 65.20 23.96
N ILE Q 431 -11.56 64.63 24.85
CA ILE Q 431 -12.09 63.89 25.98
C ILE Q 431 -12.81 64.84 26.94
N SER Q 432 -12.28 66.05 27.11
CA SER Q 432 -12.93 67.03 27.97
C SER Q 432 -14.19 67.59 27.32
N ARG Q 433 -14.16 67.80 26.00
CA ARG Q 433 -15.33 68.31 25.30
C ARG Q 433 -16.47 67.28 25.33
N ILE Q 434 -16.16 66.02 25.03
CA ILE Q 434 -17.20 65.00 24.98
C ILE Q 434 -17.69 64.67 26.38
N THR Q 435 -16.82 64.76 27.40
CA THR Q 435 -17.24 64.54 28.77
C THR Q 435 -18.27 65.58 29.21
N LYS Q 436 -18.08 66.84 28.82
CA LYS Q 436 -19.06 67.87 29.10
C LYS Q 436 -20.30 67.75 28.23
N TYR Q 437 -20.17 67.17 27.03
CA TYR Q 437 -21.32 67.05 26.14
C TYR Q 437 -22.28 65.97 26.61
N GLY Q 438 -21.78 64.93 27.26
CA GLY Q 438 -22.63 63.83 27.71
C GLY Q 438 -23.61 64.22 28.80
N GLU Q 439 -23.26 65.19 29.63
CA GLU Q 439 -24.13 65.65 30.70
C GLU Q 439 -25.21 66.62 30.22
N ARG Q 440 -25.09 67.18 29.01
CA ARG Q 440 -26.08 68.14 28.52
C ARG Q 440 -27.37 67.46 28.09
N THR Q 441 -27.28 66.22 27.58
CA THR Q 441 -28.42 65.47 27.05
C THR Q 441 -28.74 64.29 27.98
N PRO Q 442 -29.71 64.39 28.88
CA PRO Q 442 -30.11 63.20 29.64
C PRO Q 442 -30.75 62.15 28.74
N GLY Q 443 -30.54 60.89 29.12
CA GLY Q 443 -31.08 59.77 28.39
C GLY Q 443 -30.23 58.54 28.61
N LEU Q 444 -30.70 57.42 28.07
CA LEU Q 444 -29.97 56.16 28.15
C LEU Q 444 -28.71 56.13 27.27
N LEU Q 445 -28.62 57.02 26.28
CA LEU Q 445 -27.46 57.06 25.39
C LEU Q 445 -26.25 57.77 26.00
N GLN Q 446 -26.36 58.28 27.23
CA GLN Q 446 -25.23 58.97 27.86
C GLN Q 446 -24.06 58.04 28.09
N LEU Q 447 -24.32 56.75 28.36
CA LEU Q 447 -23.23 55.80 28.55
C LEU Q 447 -22.42 55.62 27.27
N ALA Q 448 -23.07 55.69 26.10
CA ALA Q 448 -22.34 55.58 24.84
C ALA Q 448 -21.46 56.80 24.61
N ILE Q 449 -21.90 57.98 25.05
CA ILE Q 449 -21.12 59.20 24.84
C ILE Q 449 -19.85 59.17 25.68
N LYS Q 450 -19.94 58.66 26.91
CA LYS Q 450 -18.76 58.60 27.77
C LYS Q 450 -17.74 57.59 27.25
N GLN Q 451 -18.21 56.40 26.86
CA GLN Q 451 -17.31 55.37 26.35
C GLN Q 451 -16.71 55.73 24.99
N PHE Q 452 -17.37 56.61 24.23
CA PHE Q 452 -16.77 57.10 22.99
C PHE Q 452 -15.57 57.99 23.29
N ALA Q 453 -15.58 58.70 24.41
CA ALA Q 453 -14.45 59.55 24.77
C ALA Q 453 -13.27 58.71 25.28
N VAL Q 454 -13.57 57.60 25.97
CA VAL Q 454 -12.51 56.77 26.53
C VAL Q 454 -11.69 56.11 25.42
N ALA Q 455 -12.27 55.91 24.24
CA ALA Q 455 -11.54 55.31 23.12
C ALA Q 455 -10.41 56.18 22.60
N PHE Q 456 -10.45 57.49 22.84
CA PHE Q 456 -9.37 58.39 22.42
C PHE Q 456 -8.17 58.37 23.35
N GLU Q 457 -8.18 57.55 24.41
CA GLU Q 457 -7.08 57.55 25.36
C GLU Q 457 -5.82 56.88 24.81
N VAL Q 458 -5.96 55.99 23.81
CA VAL Q 458 -4.80 55.20 23.35
C VAL Q 458 -3.76 56.08 22.65
N VAL Q 459 -4.14 57.24 22.14
CA VAL Q 459 -3.22 58.07 21.36
C VAL Q 459 -2.09 58.60 22.25
N PRO Q 460 -2.34 59.18 23.43
CA PRO Q 460 -1.20 59.59 24.26
C PRO Q 460 -0.38 58.43 24.82
N ARG Q 461 -1.04 57.42 25.41
CA ARG Q 461 -0.30 56.36 26.08
C ARG Q 461 0.48 55.46 25.11
N THR Q 462 0.03 55.32 23.86
CA THR Q 462 0.76 54.51 22.90
C THR Q 462 2.12 55.14 22.59
N LEU Q 463 2.21 56.47 22.60
CA LEU Q 463 3.51 57.13 22.51
C LEU Q 463 4.34 56.91 23.78
N ALA Q 464 3.69 56.78 24.94
CA ALA Q 464 4.41 56.54 26.18
C ALA Q 464 4.84 55.07 26.30
N GLU Q 465 4.01 54.14 25.81
CA GLU Q 465 4.37 52.73 25.87
C GLU Q 465 5.58 52.43 24.98
N THR Q 466 5.60 52.96 23.77
CA THR Q 466 6.76 52.83 22.91
C THR Q 466 7.98 53.56 23.45
N ALA Q 467 7.78 54.61 24.26
CA ALA Q 467 8.87 55.35 24.88
C ALA Q 467 9.43 54.68 26.14
N GLY Q 468 8.84 53.58 26.59
CA GLY Q 468 9.32 52.92 27.80
C GLY Q 468 9.01 53.68 29.06
N LEU Q 469 7.86 54.36 29.10
CA LEU Q 469 7.41 55.15 30.24
C LEU Q 469 6.17 54.52 30.86
N ASP Q 470 5.92 54.88 32.12
CA ASP Q 470 4.76 54.37 32.84
C ASP Q 470 3.52 55.15 32.40
N VAL Q 471 2.48 54.41 32.01
CA VAL Q 471 1.25 55.04 31.55
C VAL Q 471 0.51 55.70 32.71
N ASN Q 472 0.59 55.11 33.91
CA ASN Q 472 -0.16 55.60 35.06
C ASN Q 472 0.46 56.83 35.72
N GLU Q 473 1.57 57.38 35.19
CA GLU Q 473 2.24 58.55 35.73
C GLU Q 473 2.10 59.75 34.80
N VAL Q 474 2.52 59.62 33.55
CA VAL Q 474 2.53 60.77 32.65
C VAL Q 474 1.12 61.10 32.13
N LEU Q 475 0.25 60.09 31.98
CA LEU Q 475 -1.08 60.32 31.47
C LEU Q 475 -1.97 61.07 32.47
N PRO Q 476 -2.06 60.66 33.75
CA PRO Q 476 -2.84 61.50 34.68
C PRO Q 476 -2.16 62.80 35.03
N ASN Q 477 -0.83 62.88 34.95
CA ASN Q 477 -0.14 64.14 35.16
C ASN Q 477 -0.44 65.12 34.04
N LEU Q 478 -0.65 64.62 32.82
CA LEU Q 478 -0.98 65.48 31.69
C LEU Q 478 -2.33 66.13 31.84
N TYR Q 479 -3.28 65.48 32.51
CA TYR Q 479 -4.59 66.09 32.74
C TYR Q 479 -4.49 67.31 33.64
N ALA Q 480 -3.58 67.29 34.61
CA ALA Q 480 -3.40 68.44 35.49
C ALA Q 480 -2.85 69.66 34.75
N ALA Q 481 -2.13 69.45 33.64
CA ALA Q 481 -1.63 70.57 32.85
C ALA Q 481 -2.73 71.28 32.08
N HIS Q 482 -3.81 70.60 31.72
CA HIS Q 482 -4.92 71.21 30.99
C HIS Q 482 -5.87 72.01 31.89
N ASN Q 483 -5.67 72.00 33.20
CA ASN Q 483 -6.54 72.75 34.10
C ASN Q 483 -6.30 74.25 33.92
N VAL Q 484 -7.38 75.01 33.85
CA VAL Q 484 -7.30 76.45 33.66
C VAL Q 484 -8.62 77.11 34.03
N THR Q 492 -3.64 80.10 23.76
CA THR Q 492 -3.54 79.83 25.18
C THR Q 492 -2.47 78.77 25.45
N ASP Q 493 -2.09 78.63 26.73
CA ASP Q 493 -1.02 77.72 27.12
C ASP Q 493 -1.51 76.29 27.38
N HIS Q 494 -2.72 76.11 27.89
CA HIS Q 494 -3.21 74.78 28.21
C HIS Q 494 -3.49 73.94 26.97
N LEU Q 495 -3.69 74.56 25.80
CA LEU Q 495 -3.96 73.81 24.58
C LEU Q 495 -2.71 73.16 23.99
N TYR Q 496 -1.53 73.76 24.20
CA TYR Q 496 -0.28 73.28 23.62
C TYR Q 496 0.46 72.31 24.53
N LYS Q 497 -0.25 71.59 25.40
CA LYS Q 497 0.35 70.53 26.22
C LYS Q 497 0.30 69.23 25.44
N GLY Q 498 1.42 68.49 25.46
CA GLY Q 498 1.55 67.26 24.71
C GLY Q 498 2.47 66.28 25.41
N VAL Q 499 2.67 65.14 24.76
CA VAL Q 499 3.46 64.03 25.31
C VAL Q 499 4.90 64.18 24.86
N ASP Q 500 5.82 64.22 25.82
CA ASP Q 500 7.25 64.31 25.55
C ASP Q 500 7.83 62.92 25.37
N ILE Q 501 8.80 62.80 24.48
CA ILE Q 501 9.52 61.55 24.22
C ILE Q 501 11.01 61.87 24.29
N ASP Q 502 11.58 61.72 25.49
CA ASP Q 502 12.99 62.00 25.72
C ASP Q 502 13.35 61.42 27.08
N GLY Q 503 14.65 61.35 27.35
CA GLY Q 503 15.11 60.93 28.66
C GLY Q 503 14.70 61.84 29.81
N GLU Q 504 14.44 63.11 29.53
CA GLU Q 504 13.94 64.07 30.51
C GLU Q 504 12.41 64.15 30.53
N SER Q 505 11.72 63.07 30.17
CA SER Q 505 10.26 63.06 30.10
C SER Q 505 9.61 62.71 31.44
N ASP Q 506 10.35 62.79 32.55
CA ASP Q 506 9.75 62.52 33.86
C ASP Q 506 8.72 63.58 34.22
N GLU Q 507 8.92 64.82 33.77
CA GLU Q 507 7.94 65.88 34.01
C GLU Q 507 6.68 65.65 33.18
N GLY Q 508 6.85 65.16 31.95
CA GLY Q 508 5.72 64.89 31.07
C GLY Q 508 5.12 66.11 30.39
N VAL Q 509 5.88 67.19 30.25
CA VAL Q 509 5.40 68.44 29.63
C VAL Q 509 6.48 68.93 28.67
N LYS Q 510 6.08 69.15 27.42
CA LYS Q 510 6.97 69.71 26.41
C LYS Q 510 6.14 70.59 25.47
N ASP Q 511 6.63 71.80 25.23
CA ASP Q 511 5.91 72.74 24.37
C ASP Q 511 5.96 72.28 22.91
N ILE Q 512 4.86 72.49 22.20
CA ILE Q 512 4.75 72.01 20.82
C ILE Q 512 5.55 72.89 19.87
N ARG Q 513 5.59 74.20 20.12
CA ARG Q 513 6.22 75.12 19.19
C ARG Q 513 7.74 75.03 19.16
N GLU Q 514 8.37 74.35 20.14
CA GLU Q 514 9.82 74.21 20.12
C GLU Q 514 10.27 73.33 18.95
N GLU Q 515 9.48 72.31 18.61
CA GLU Q 515 9.77 71.40 17.51
C GLU Q 515 8.70 71.40 16.42
N ASN Q 516 7.53 72.02 16.65
CA ASN Q 516 6.50 72.24 15.64
C ASN Q 516 5.96 70.92 15.11
N ILE Q 517 5.35 70.16 16.03
CA ILE Q 517 4.60 68.95 15.70
C ILE Q 517 3.14 69.37 15.51
N TYR Q 518 2.59 69.06 14.34
CA TYR Q 518 1.21 69.40 14.00
C TYR Q 518 0.61 68.30 13.15
N ASP Q 519 -0.73 68.26 13.13
CA ASP Q 519 -1.52 67.31 12.36
C ASP Q 519 -2.54 68.08 11.52
N MET Q 520 -3.09 67.39 10.52
CA MET Q 520 -4.03 68.00 9.59
C MET Q 520 -5.45 67.90 10.12
N LEU Q 521 -6.28 68.88 9.76
CA LEU Q 521 -7.68 68.86 10.17
C LEU Q 521 -8.48 67.87 9.33
N ALA Q 522 -8.31 67.91 8.00
CA ALA Q 522 -9.08 67.03 7.12
C ALA Q 522 -8.69 65.57 7.29
N THR Q 523 -7.43 65.29 7.65
CA THR Q 523 -7.00 63.92 7.83
C THR Q 523 -7.68 63.27 9.04
N LYS Q 524 -7.78 64.02 10.14
CA LYS Q 524 -8.40 63.48 11.35
C LYS Q 524 -9.91 63.38 11.21
N LYS Q 525 -10.53 64.31 10.48
CA LYS Q 525 -11.97 64.23 10.25
C LYS Q 525 -12.33 63.01 9.41
N PHE Q 526 -11.58 62.76 8.34
CA PHE Q 526 -11.83 61.59 7.51
C PHE Q 526 -11.48 60.31 8.26
N ALA Q 527 -10.47 60.36 9.13
CA ALA Q 527 -10.10 59.18 9.91
C ALA Q 527 -11.16 58.87 10.97
N ILE Q 528 -11.71 59.90 11.62
CA ILE Q 528 -12.74 59.67 12.63
C ILE Q 528 -14.02 59.17 11.99
N ASN Q 529 -14.33 59.65 10.79
CA ASN Q 529 -15.55 59.21 10.10
C ASN Q 529 -15.43 57.75 9.65
N VAL Q 530 -14.32 57.41 9.01
CA VAL Q 530 -14.13 56.02 8.55
C VAL Q 530 -13.97 55.08 9.74
N ALA Q 531 -13.37 55.57 10.84
CA ALA Q 531 -13.26 54.75 12.04
C ALA Q 531 -14.62 54.50 12.68
N THR Q 532 -15.47 55.53 12.74
CA THR Q 532 -16.80 55.35 13.30
C THR Q 532 -17.67 54.48 12.40
N GLU Q 533 -17.55 54.67 11.08
CA GLU Q 533 -18.30 53.83 10.14
C GLU Q 533 -17.82 52.39 10.18
N ALA Q 534 -16.53 52.17 10.45
CA ALA Q 534 -16.03 50.81 10.59
C ALA Q 534 -16.57 50.15 11.84
N ALA Q 535 -16.57 50.88 12.96
CA ALA Q 535 -17.14 50.35 14.20
C ALA Q 535 -18.66 50.25 14.11
N THR Q 536 -19.30 51.11 13.32
CA THR Q 536 -20.74 51.04 13.15
C THR Q 536 -21.16 49.75 12.46
N THR Q 537 -20.37 49.29 11.49
CA THR Q 537 -20.72 48.06 10.77
C THR Q 537 -20.51 46.83 11.63
N VAL Q 538 -19.41 46.78 12.39
CA VAL Q 538 -19.10 45.60 13.18
C VAL Q 538 -20.10 45.44 14.33
N LEU Q 539 -20.54 46.54 14.94
CA LEU Q 539 -21.53 46.49 16.00
C LEU Q 539 -22.95 46.27 15.48
N SER Q 540 -23.22 46.61 14.21
CA SER Q 540 -24.54 46.42 13.64
C SER Q 540 -24.80 44.98 13.19
N ILE Q 541 -23.78 44.28 12.69
CA ILE Q 541 -23.94 42.88 12.32
C ILE Q 541 -24.18 42.03 13.56
N ASP Q 542 -24.95 40.95 13.40
CA ASP Q 542 -25.22 39.98 14.46
C ASP Q 542 -24.92 38.56 14.00
N GLN Q 543 -25.23 38.25 12.74
CA GLN Q 543 -24.99 36.95 12.13
C GLN Q 543 -23.89 37.07 11.09
N ILE Q 544 -22.97 36.11 11.09
CA ILE Q 544 -21.88 36.02 10.12
C ILE Q 544 -21.96 34.63 9.49
N ILE Q 545 -22.08 34.58 8.17
CA ILE Q 545 -22.26 33.34 7.42
C ILE Q 545 -21.01 33.11 6.59
N MET Q 546 -20.34 31.98 6.84
CA MET Q 546 -19.13 31.59 6.15
C MET Q 546 -19.49 30.70 4.97
N ALA Q 547 -18.47 30.12 4.33
CA ALA Q 547 -18.65 29.14 3.27
C ALA Q 547 -17.44 28.23 3.26
N LYS Q 548 -17.51 27.18 2.44
CA LYS Q 548 -16.40 26.25 2.34
C LYS Q 548 -15.21 26.91 1.66
N LYS Q 549 -14.02 26.68 2.22
CA LYS Q 549 -12.75 27.30 1.82
C LYS Q 549 -12.83 28.79 1.49
N SER R 2 -40.95 -0.99 -2.47
CA SER R 2 -41.30 -1.34 -3.84
C SER R 2 -40.36 -0.68 -4.85
N LEU R 3 -39.95 0.56 -4.54
CA LEU R 3 -39.06 1.29 -5.42
C LEU R 3 -37.66 0.67 -5.52
N GLN R 4 -37.22 -0.05 -4.48
CA GLN R 4 -35.91 -0.68 -4.52
C GLN R 4 -35.82 -1.79 -5.55
N LEU R 5 -36.93 -2.45 -5.87
CA LEU R 5 -36.94 -3.47 -6.91
C LEU R 5 -36.68 -2.87 -8.28
N LEU R 6 -37.17 -1.67 -8.54
CA LEU R 6 -36.92 -1.00 -9.80
C LEU R 6 -35.48 -0.48 -9.87
N ASN R 7 -35.09 0.32 -8.88
CA ASN R 7 -33.75 0.90 -8.78
C ASN R 7 -33.26 0.66 -7.35
N PRO R 8 -32.32 -0.25 -7.11
CA PRO R 8 -31.75 -0.38 -5.76
C PRO R 8 -31.14 0.90 -5.21
N LYS R 9 -30.59 1.76 -6.05
CA LYS R 9 -29.96 3.00 -5.61
C LYS R 9 -30.95 4.13 -5.34
N ALA R 10 -32.26 3.87 -5.41
CA ALA R 10 -33.28 4.88 -5.17
C ALA R 10 -33.71 4.89 -3.71
N GLU R 11 -34.44 5.94 -3.34
CA GLU R 11 -34.97 6.12 -1.99
C GLU R 11 -36.39 6.68 -2.09
N SER R 12 -37.13 6.57 -0.99
CA SER R 12 -38.50 7.06 -0.95
C SER R 12 -38.96 7.24 0.48
N LEU R 13 -39.50 8.42 0.76
CA LEU R 13 -40.19 8.74 2.02
C LEU R 13 -41.64 9.00 1.67
N ARG R 14 -42.56 8.31 2.35
CA ARG R 14 -43.97 8.27 1.96
C ARG R 14 -44.90 8.45 3.16
N ARG R 15 -45.69 9.54 3.09
CA ARG R 15 -46.92 9.77 3.86
C ARG R 15 -46.75 10.09 5.34
N ASP R 16 -45.55 9.93 5.91
CA ASP R 16 -45.24 10.52 7.20
C ASP R 16 -43.85 11.15 7.25
N ALA R 17 -42.88 10.56 6.53
CA ALA R 17 -41.53 11.11 6.51
C ALA R 17 -41.40 12.24 5.51
N ALA R 18 -42.18 12.19 4.43
CA ALA R 18 -42.20 13.29 3.47
C ALA R 18 -42.91 14.52 4.01
N LEU R 19 -43.91 14.34 4.87
CA LEU R 19 -44.61 15.48 5.47
C LEU R 19 -43.73 16.19 6.49
N LYS R 20 -43.00 15.43 7.30
CA LYS R 20 -42.10 16.03 8.27
C LYS R 20 -40.94 16.75 7.58
N VAL R 21 -40.51 16.24 6.43
CA VAL R 21 -39.44 16.89 5.68
C VAL R 21 -39.92 18.23 5.13
N ASN R 22 -41.17 18.26 4.63
CA ASN R 22 -41.69 19.49 4.04
C ASN R 22 -41.92 20.55 5.10
N VAL R 23 -42.42 20.14 6.27
CA VAL R 23 -42.72 21.11 7.33
C VAL R 23 -41.45 21.54 8.04
N THR R 24 -40.54 20.60 8.31
CA THR R 24 -39.31 20.95 9.02
C THR R 24 -38.39 21.81 8.14
N SER R 25 -38.37 21.53 6.84
CA SER R 25 -37.57 22.36 5.93
C SER R 25 -38.16 23.76 5.81
N ALA R 26 -39.50 23.87 5.84
CA ALA R 26 -40.13 25.18 5.80
C ALA R 26 -39.92 25.93 7.10
N GLU R 27 -40.05 25.25 8.25
CA GLU R 27 -39.80 25.88 9.53
C GLU R 27 -38.32 26.20 9.71
N GLY R 28 -37.44 25.33 9.22
CA GLY R 28 -36.02 25.62 9.26
C GLY R 28 -35.64 26.81 8.40
N LEU R 29 -36.25 26.91 7.21
CA LEU R 29 -36.03 28.09 6.38
C LEU R 29 -36.67 29.33 7.00
N GLN R 30 -37.79 29.14 7.70
CA GLN R 30 -38.46 30.27 8.35
C GLN R 30 -37.63 30.80 9.51
N SER R 31 -37.10 29.92 10.35
CA SER R 31 -36.38 30.33 11.55
C SER R 31 -35.09 31.10 11.23
N VAL R 32 -34.47 30.82 10.09
CA VAL R 32 -33.23 31.50 9.73
C VAL R 32 -33.50 32.85 9.08
N LEU R 33 -34.48 32.89 8.17
CA LEU R 33 -34.70 34.03 7.29
C LEU R 33 -35.74 35.02 7.81
N GLU R 34 -36.51 34.68 8.85
CA GLU R 34 -37.52 35.60 9.38
C GLU R 34 -36.92 36.78 10.14
N THR R 35 -35.66 36.68 10.58
CA THR R 35 -35.07 37.73 11.40
C THR R 35 -34.87 39.04 10.64
N ASN R 36 -34.76 38.99 9.32
CA ASN R 36 -34.58 40.20 8.52
C ASN R 36 -35.85 41.04 8.37
N LEU R 37 -37.00 40.57 8.87
CA LEU R 37 -38.26 41.28 8.67
C LEU R 37 -38.31 42.49 9.59
N GLY R 38 -38.57 43.66 9.01
CA GLY R 38 -38.77 44.89 9.76
C GLY R 38 -37.51 45.73 9.83
N PRO R 39 -37.62 46.91 10.44
CA PRO R 39 -36.43 47.79 10.54
C PRO R 39 -35.42 47.33 11.58
N LYS R 40 -35.83 46.61 12.61
CA LYS R 40 -34.94 46.13 13.66
C LYS R 40 -34.27 44.79 13.29
N GLY R 41 -34.40 44.33 12.04
CA GLY R 41 -33.80 43.07 11.65
C GLY R 41 -32.28 43.14 11.63
N THR R 42 -31.68 41.95 11.57
CA THR R 42 -30.24 41.78 11.63
C THR R 42 -29.63 41.70 10.24
N LEU R 43 -28.35 42.05 10.14
CA LEU R 43 -27.61 42.05 8.89
C LEU R 43 -26.84 40.74 8.75
N LYS R 44 -26.85 40.19 7.54
CA LYS R 44 -26.16 38.95 7.18
C LYS R 44 -24.94 39.27 6.32
N MET R 45 -23.87 38.50 6.55
CA MET R 45 -22.61 38.63 5.81
C MET R 45 -22.43 37.38 4.95
N LEU R 46 -22.67 37.52 3.66
CA LEU R 46 -22.51 36.43 2.70
C LEU R 46 -21.04 36.33 2.34
N VAL R 47 -20.29 35.52 3.09
CA VAL R 47 -18.87 35.31 2.90
C VAL R 47 -18.70 34.01 2.13
N ASP R 48 -18.39 34.11 0.84
CA ASP R 48 -18.17 32.95 -0.01
C ASP R 48 -16.72 32.48 0.15
N GLY R 49 -16.32 31.48 -0.64
CA GLY R 49 -14.97 30.98 -0.57
C GLY R 49 -13.92 31.96 -1.07
N ALA R 50 -14.28 32.85 -1.98
CA ALA R 50 -13.36 33.85 -2.49
C ALA R 50 -13.16 35.05 -1.56
N GLY R 51 -13.84 35.08 -0.40
CA GLY R 51 -13.69 36.18 0.53
C GLY R 51 -14.53 37.40 0.24
N ASN R 52 -15.50 37.31 -0.68
CA ASN R 52 -16.34 38.44 -0.99
C ASN R 52 -17.36 38.68 0.11
N ILE R 53 -17.35 39.89 0.68
CA ILE R 53 -18.21 40.29 1.78
C ILE R 53 -19.34 41.13 1.20
N LYS R 54 -20.56 40.90 1.68
CA LYS R 54 -21.73 41.63 1.22
C LYS R 54 -22.79 41.65 2.31
N LEU R 55 -23.29 42.85 2.60
CA LEU R 55 -24.36 43.05 3.59
C LEU R 55 -25.69 43.20 2.86
N THR R 56 -26.71 42.54 3.38
CA THR R 56 -28.05 42.63 2.81
C THR R 56 -29.06 42.07 3.80
N LYS R 57 -30.33 42.40 3.57
CA LYS R 57 -31.46 41.87 4.32
C LYS R 57 -32.53 41.25 3.43
N ASP R 58 -32.44 41.37 2.11
CA ASP R 58 -33.42 40.79 1.20
C ASP R 58 -33.20 39.29 1.09
N GLY R 59 -34.29 38.54 1.14
CA GLY R 59 -34.22 37.09 1.06
C GLY R 59 -33.84 36.56 -0.31
N LYS R 60 -33.98 37.38 -1.35
CA LYS R 60 -33.65 36.92 -2.71
C LYS R 60 -32.15 36.68 -2.85
N VAL R 61 -31.33 37.66 -2.44
CA VAL R 61 -29.89 37.56 -2.67
C VAL R 61 -29.25 36.62 -1.65
N LEU R 62 -29.85 36.45 -0.47
CA LEU R 62 -29.34 35.48 0.49
C LEU R 62 -29.47 34.06 -0.04
N LEU R 63 -30.64 33.73 -0.61
CA LEU R 63 -30.88 32.40 -1.16
C LEU R 63 -30.22 32.18 -2.51
N THR R 64 -29.92 33.25 -3.25
CA THR R 64 -29.28 33.10 -4.57
C THR R 64 -27.82 32.69 -4.41
N GLU R 65 -27.09 33.35 -3.50
CA GLU R 65 -25.68 33.01 -3.30
C GLU R 65 -25.51 31.69 -2.59
N MET R 66 -26.33 31.41 -1.57
CA MET R 66 -26.27 30.17 -0.80
C MET R 66 -27.12 29.13 -1.52
N GLN R 67 -26.47 28.12 -2.09
CA GLN R 67 -27.19 27.05 -2.75
C GLN R 67 -27.98 26.23 -1.74
N ILE R 68 -29.18 25.81 -2.15
CA ILE R 68 -30.12 25.12 -1.28
C ILE R 68 -29.99 23.63 -1.55
N GLN R 69 -29.78 22.86 -0.47
CA GLN R 69 -29.65 21.41 -0.58
C GLN R 69 -31.00 20.71 -0.47
N SER R 70 -31.90 21.22 0.38
CA SER R 70 -33.18 20.55 0.61
C SER R 70 -34.08 20.75 -0.61
N PRO R 71 -34.92 19.77 -0.99
CA PRO R 71 -35.78 19.97 -2.16
C PRO R 71 -36.97 20.87 -1.89
N THR R 72 -37.44 20.95 -0.65
CA THR R 72 -38.60 21.78 -0.34
C THR R 72 -38.25 23.26 -0.41
N ALA R 73 -37.14 23.66 0.21
CA ALA R 73 -36.74 25.06 0.25
C ALA R 73 -36.34 25.60 -1.12
N VAL R 74 -35.98 24.72 -2.07
CA VAL R 74 -35.74 25.17 -3.44
C VAL R 74 -37.03 25.73 -4.04
N LEU R 75 -38.17 25.08 -3.74
CA LEU R 75 -39.45 25.57 -4.24
C LEU R 75 -39.82 26.90 -3.61
N ILE R 76 -39.40 27.14 -2.37
CA ILE R 76 -39.70 28.40 -1.71
C ILE R 76 -38.73 29.48 -2.21
N ALA R 77 -37.48 29.10 -2.49
CA ALA R 77 -36.53 30.06 -3.05
C ALA R 77 -36.94 30.49 -4.45
N ARG R 78 -37.47 29.55 -5.24
CA ARG R 78 -37.97 29.89 -6.57
C ARG R 78 -39.18 30.80 -6.49
N ALA R 79 -39.99 30.67 -5.44
CA ALA R 79 -41.11 31.59 -5.25
C ALA R 79 -40.62 32.98 -4.90
N ALA R 80 -39.59 33.08 -4.07
CA ALA R 80 -39.00 34.39 -3.77
C ALA R 80 -38.36 35.02 -5.00
N ALA R 81 -37.84 34.19 -5.91
CA ALA R 81 -37.28 34.73 -7.15
C ALA R 81 -38.37 35.35 -8.02
N ALA R 82 -39.48 34.64 -8.21
CA ALA R 82 -40.60 35.20 -8.96
C ALA R 82 -41.22 36.40 -8.26
N GLN R 83 -41.19 36.44 -6.93
CA GLN R 83 -41.67 37.60 -6.20
C GLN R 83 -40.75 38.79 -6.41
N ASP R 84 -39.44 38.58 -6.23
CA ASP R 84 -38.47 39.66 -6.42
C ASP R 84 -38.37 40.07 -7.89
N GLU R 85 -38.62 39.15 -8.82
CA GLU R 85 -38.51 39.47 -10.24
C GLU R 85 -39.58 40.48 -10.66
N ILE R 86 -40.85 40.15 -10.48
CA ILE R 86 -41.92 41.00 -10.97
C ILE R 86 -42.13 42.22 -10.07
N THR R 87 -41.97 42.06 -8.75
CA THR R 87 -42.26 43.10 -7.77
C THR R 87 -41.01 43.73 -7.18
N GLY R 88 -40.08 42.92 -6.66
CA GLY R 88 -38.88 43.41 -6.03
C GLY R 88 -39.00 43.71 -4.55
N ASP R 89 -40.04 43.20 -3.88
CA ASP R 89 -40.22 43.45 -2.46
C ASP R 89 -41.19 42.42 -1.90
N GLY R 90 -41.00 42.07 -0.63
CA GLY R 90 -41.87 41.15 0.06
C GLY R 90 -41.42 39.70 0.06
N THR R 91 -40.15 39.42 -0.18
CA THR R 91 -39.67 38.05 -0.18
C THR R 91 -39.71 37.43 1.22
N THR R 92 -39.50 38.24 2.26
CA THR R 92 -39.51 37.71 3.62
C THR R 92 -40.92 37.35 4.07
N THR R 93 -41.95 38.02 3.50
CA THR R 93 -43.32 37.67 3.83
C THR R 93 -43.74 36.36 3.17
N VAL R 94 -43.17 36.03 2.02
CA VAL R 94 -43.54 34.80 1.32
C VAL R 94 -43.06 33.58 2.10
N VAL R 95 -41.81 33.59 2.55
CA VAL R 95 -41.26 32.43 3.24
C VAL R 95 -41.91 32.28 4.62
N CYS R 96 -42.32 33.38 5.25
CA CYS R 96 -42.98 33.30 6.54
C CYS R 96 -44.41 32.79 6.40
N LEU R 97 -45.11 33.20 5.33
CA LEU R 97 -46.47 32.73 5.12
C LEU R 97 -46.49 31.25 4.75
N VAL R 98 -45.56 30.80 3.91
CA VAL R 98 -45.50 29.39 3.56
C VAL R 98 -45.10 28.56 4.77
N GLY R 99 -44.18 29.07 5.59
CA GLY R 99 -43.79 28.36 6.79
C GLY R 99 -44.91 28.28 7.81
N GLU R 100 -45.66 29.36 7.97
CA GLU R 100 -46.77 29.38 8.92
C GLU R 100 -47.97 28.61 8.39
N LEU R 101 -48.25 28.68 7.10
CA LEU R 101 -49.36 27.93 6.54
C LEU R 101 -49.12 26.43 6.64
N LEU R 102 -47.90 25.97 6.38
CA LEU R 102 -47.56 24.57 6.57
C LEU R 102 -47.57 24.18 8.03
N ARG R 103 -47.22 25.12 8.92
CA ARG R 103 -47.26 24.85 10.35
C ARG R 103 -48.71 24.71 10.84
N GLN R 104 -49.54 25.71 10.54
CA GLN R 104 -50.94 25.68 10.94
C GLN R 104 -51.71 24.56 10.25
N ALA R 105 -51.35 24.21 9.01
CA ALA R 105 -52.01 23.11 8.33
C ALA R 105 -51.61 21.77 8.94
N HIS R 106 -50.31 21.57 9.16
CA HIS R 106 -49.82 20.33 9.75
C HIS R 106 -50.34 20.11 11.17
N ARG R 107 -50.70 21.17 11.88
CA ARG R 107 -51.37 21.02 13.16
C ARG R 107 -52.70 20.28 13.03
N PHE R 108 -53.41 20.48 11.91
CA PHE R 108 -54.67 19.82 11.63
C PHE R 108 -54.51 18.49 10.89
N ILE R 109 -53.44 18.32 10.11
CA ILE R 109 -53.20 17.03 9.48
C ILE R 109 -52.91 15.96 10.53
N GLN R 110 -52.24 16.35 11.62
CA GLN R 110 -52.01 15.42 12.72
C GLN R 110 -53.30 15.08 13.46
N GLU R 111 -54.32 15.93 13.40
CA GLU R 111 -55.62 15.65 13.98
C GLU R 111 -56.50 14.74 13.11
N GLY R 112 -55.99 14.24 11.99
CA GLY R 112 -56.73 13.34 11.14
C GLY R 112 -57.59 13.98 10.08
N VAL R 113 -57.12 15.07 9.46
CA VAL R 113 -57.83 15.79 8.41
C VAL R 113 -57.06 15.59 7.11
N HIS R 114 -57.79 15.45 6.01
CA HIS R 114 -57.16 15.22 4.72
C HIS R 114 -56.55 16.53 4.19
N PRO R 115 -55.46 16.48 3.41
CA PRO R 115 -54.92 17.74 2.88
C PRO R 115 -55.78 18.39 1.81
N ARG R 116 -56.72 17.67 1.19
CA ARG R 116 -57.49 18.22 0.08
C ARG R 116 -58.42 19.34 0.55
N ILE R 117 -59.27 19.05 1.55
CA ILE R 117 -60.18 20.07 2.04
C ILE R 117 -59.45 21.20 2.77
N ILE R 118 -58.24 20.95 3.28
CA ILE R 118 -57.47 22.03 3.88
C ILE R 118 -57.06 23.04 2.84
N THR R 119 -56.56 22.57 1.69
CA THR R 119 -56.19 23.47 0.61
C THR R 119 -57.40 24.10 -0.05
N ASP R 120 -58.55 23.42 -0.02
CA ASP R 120 -59.79 24.01 -0.52
C ASP R 120 -60.18 25.22 0.31
N GLY R 121 -59.93 25.18 1.62
CA GLY R 121 -60.24 26.31 2.47
C GLY R 121 -59.30 27.48 2.25
N PHE R 122 -58.05 27.21 1.89
CA PHE R 122 -57.12 28.29 1.61
C PHE R 122 -57.52 29.06 0.37
N GLU R 123 -57.98 28.35 -0.67
CA GLU R 123 -58.41 29.01 -1.90
C GLU R 123 -59.68 29.83 -1.68
N ILE R 124 -60.64 29.32 -0.93
CA ILE R 124 -61.82 30.10 -0.58
C ILE R 124 -61.43 31.26 0.32
N ALA R 125 -60.49 31.03 1.25
CA ALA R 125 -59.97 32.13 2.07
C ALA R 125 -59.17 33.11 1.23
N ARG R 126 -58.47 32.62 0.21
CA ARG R 126 -57.73 33.52 -0.68
C ARG R 126 -58.69 34.38 -1.50
N LYS R 127 -59.71 33.76 -2.09
CA LYS R 127 -60.70 34.54 -2.85
C LYS R 127 -61.48 35.48 -1.95
N GLU R 128 -61.70 35.08 -0.69
CA GLU R 128 -62.37 35.98 0.26
C GLU R 128 -61.49 37.17 0.61
N SER R 129 -60.16 37.00 0.59
CA SER R 129 -59.28 38.12 0.89
C SER R 129 -59.25 39.12 -0.26
N MET R 130 -59.39 38.66 -1.51
CA MET R 130 -59.47 39.57 -2.63
C MET R 130 -60.74 40.42 -2.57
N LYS R 131 -61.86 39.81 -2.15
CA LYS R 131 -63.07 40.57 -1.91
C LYS R 131 -62.97 41.47 -0.69
N PHE R 132 -62.02 41.18 0.23
CA PHE R 132 -61.70 42.09 1.32
C PHE R 132 -60.64 43.12 0.92
N LEU R 133 -59.71 42.74 0.04
CA LEU R 133 -58.62 43.63 -0.33
C LEU R 133 -59.11 44.78 -1.21
N ASP R 134 -59.99 44.47 -2.18
CA ASP R 134 -60.48 45.51 -3.09
C ASP R 134 -61.35 46.54 -2.39
N GLU R 135 -61.98 46.18 -1.26
CA GLU R 135 -62.68 47.13 -0.41
C GLU R 135 -61.77 47.81 0.59
N PHE R 136 -60.67 47.17 0.98
CA PHE R 136 -59.76 47.72 1.98
C PHE R 136 -58.85 48.80 1.39
N LYS R 137 -58.54 48.72 0.09
CA LYS R 137 -57.65 49.71 -0.52
C LYS R 137 -58.31 51.07 -0.56
N ILE R 138 -57.50 52.10 -0.78
CA ILE R 138 -57.95 53.49 -0.89
C ILE R 138 -57.31 54.11 -2.13
N SER R 139 -58.07 55.00 -2.77
CA SER R 139 -57.67 55.66 -4.01
C SER R 139 -57.21 57.07 -3.71
N LYS R 140 -56.09 57.46 -4.32
CA LYS R 140 -55.53 58.80 -4.20
C LYS R 140 -55.22 59.35 -5.59
N THR R 141 -55.16 60.68 -5.67
CA THR R 141 -54.88 61.39 -6.92
C THR R 141 -53.39 61.71 -6.98
N ASN R 142 -52.70 61.08 -7.93
CA ASN R 142 -51.27 61.29 -8.14
C ASN R 142 -50.98 62.43 -9.14
N LEU R 143 -52.01 63.08 -9.69
CA LEU R 143 -51.78 64.17 -10.63
C LEU R 143 -51.12 65.38 -9.99
N SER R 144 -51.32 65.58 -8.68
CA SER R 144 -50.69 66.71 -7.99
C SER R 144 -49.18 66.56 -7.90
N ASN R 145 -48.69 65.32 -7.83
CA ASN R 145 -47.25 65.03 -7.71
C ASN R 145 -46.66 65.67 -6.45
N ASP R 146 -47.31 65.40 -5.31
CA ASP R 146 -46.84 65.91 -4.04
C ASP R 146 -45.61 65.14 -3.57
N ARG R 147 -44.68 65.88 -2.97
CA ARG R 147 -43.42 65.29 -2.48
C ARG R 147 -43.55 64.67 -1.10
N GLU R 148 -44.49 65.14 -0.27
CA GLU R 148 -44.59 64.65 1.09
C GLU R 148 -45.06 63.20 1.13
N PHE R 149 -46.02 62.84 0.26
CA PHE R 149 -46.52 61.47 0.26
C PHE R 149 -45.48 60.50 -0.27
N LEU R 150 -44.74 60.89 -1.31
CA LEU R 150 -43.71 60.01 -1.86
C LEU R 150 -42.54 59.82 -0.90
N LEU R 151 -42.24 60.83 -0.08
CA LEU R 151 -41.13 60.70 0.87
C LEU R 151 -41.47 59.71 1.97
N GLN R 152 -42.63 59.85 2.59
CA GLN R 152 -43.02 58.92 3.67
C GLN R 152 -43.28 57.52 3.14
N VAL R 153 -43.73 57.39 1.89
CA VAL R 153 -43.89 56.06 1.29
C VAL R 153 -42.52 55.46 0.99
N ALA R 154 -41.57 56.29 0.53
CA ALA R 154 -40.21 55.80 0.31
C ALA R 154 -39.50 55.53 1.63
N ARG R 155 -39.80 56.31 2.66
CA ARG R 155 -39.16 56.09 3.96
C ARG R 155 -39.59 54.77 4.58
N SER R 156 -40.83 54.33 4.31
CA SER R 156 -41.31 53.06 4.82
C SER R 156 -40.56 51.87 4.22
N SER R 157 -40.14 51.97 2.96
CA SER R 157 -39.44 50.88 2.29
C SER R 157 -37.94 50.88 2.57
N LEU R 158 -37.33 52.04 2.74
CA LEU R 158 -35.89 52.16 2.95
C LEU R 158 -35.47 52.00 4.40
N LEU R 159 -36.39 52.15 5.35
CA LEU R 159 -36.06 51.89 6.75
C LEU R 159 -35.76 50.42 7.03
N THR R 160 -36.27 49.51 6.20
CA THR R 160 -36.03 48.08 6.38
C THR R 160 -34.70 47.60 5.78
N LYS R 161 -33.84 48.52 5.32
CA LYS R 161 -32.55 48.19 4.71
C LYS R 161 -31.39 48.76 5.50
N VAL R 162 -31.48 50.02 5.93
CA VAL R 162 -30.41 50.72 6.64
C VAL R 162 -31.00 51.48 7.83
N ASP R 163 -30.13 52.06 8.65
CA ASP R 163 -30.56 52.75 9.85
C ASP R 163 -31.17 54.11 9.49
N ALA R 164 -31.53 54.88 10.52
CA ALA R 164 -32.37 56.06 10.32
C ALA R 164 -31.62 57.21 9.65
N ASP R 165 -30.38 57.47 10.05
CA ASP R 165 -29.69 58.66 9.56
C ASP R 165 -29.35 58.54 8.08
N LEU R 166 -29.02 57.33 7.61
CA LEU R 166 -28.76 57.12 6.19
C LEU R 166 -30.06 57.08 5.38
N THR R 167 -31.17 56.66 6.00
CA THR R 167 -32.44 56.65 5.30
C THR R 167 -32.92 58.06 4.99
N GLU R 168 -32.71 58.99 5.92
CA GLU R 168 -33.12 60.38 5.68
C GLU R 168 -32.31 61.04 4.57
N VAL R 169 -31.05 60.65 4.42
CA VAL R 169 -30.23 61.19 3.34
C VAL R 169 -30.62 60.56 2.01
N LEU R 170 -30.94 59.26 2.01
CA LEU R 170 -31.21 58.53 0.78
C LEU R 170 -32.66 58.61 0.33
N THR R 171 -33.60 58.87 1.25
CA THR R 171 -35.01 58.93 0.87
C THR R 171 -35.37 60.09 -0.07
N PRO R 172 -34.67 61.24 -0.10
CA PRO R 172 -34.92 62.17 -1.23
C PRO R 172 -34.37 61.67 -2.56
N ILE R 173 -33.35 60.80 -2.55
CA ILE R 173 -32.80 60.31 -3.81
C ILE R 173 -33.80 59.41 -4.52
N VAL R 174 -34.59 58.65 -3.75
CA VAL R 174 -35.59 57.78 -4.36
C VAL R 174 -36.73 58.60 -4.95
N THR R 175 -37.19 59.63 -4.23
CA THR R 175 -38.26 60.48 -4.73
C THR R 175 -37.82 61.30 -5.93
N ASP R 176 -36.55 61.67 -6.02
CA ASP R 176 -36.02 62.39 -7.18
C ASP R 176 -35.79 61.50 -8.39
N ALA R 177 -35.97 60.18 -8.26
CA ALA R 177 -35.72 59.28 -9.39
C ALA R 177 -36.84 59.31 -10.42
N VAL R 178 -38.07 59.61 -10.01
CA VAL R 178 -39.26 59.50 -10.87
C VAL R 178 -39.92 60.87 -11.05
N LEU R 179 -39.11 61.94 -11.07
CA LEU R 179 -39.63 63.28 -11.24
C LEU R 179 -40.20 63.49 -12.64
N SER R 180 -39.36 63.36 -13.66
CA SER R 180 -39.74 63.64 -15.04
C SER R 180 -40.23 62.41 -15.80
N VAL R 181 -39.93 61.19 -15.32
CA VAL R 181 -40.35 59.98 -16.01
C VAL R 181 -41.82 59.74 -15.71
N TYR R 182 -42.69 60.17 -16.61
CA TYR R 182 -44.13 60.05 -16.41
C TYR R 182 -44.83 60.27 -17.74
N ASP R 183 -45.89 59.50 -17.98
CA ASP R 183 -46.73 59.65 -19.16
C ASP R 183 -48.16 59.34 -18.75
N ALA R 184 -49.04 60.33 -18.87
CA ALA R 184 -50.41 60.19 -18.38
C ALA R 184 -51.25 59.33 -19.30
N GLN R 185 -51.16 59.54 -20.62
CA GLN R 185 -52.02 58.85 -21.56
C GLN R 185 -51.56 57.41 -21.82
N ALA R 186 -50.32 57.23 -22.28
CA ALA R 186 -49.80 55.91 -22.58
C ALA R 186 -49.62 55.05 -21.33
N ASP R 187 -49.38 55.67 -20.17
CA ASP R 187 -49.18 54.96 -18.91
C ASP R 187 -47.96 54.04 -18.99
N ASN R 188 -46.87 54.60 -19.54
CA ASN R 188 -45.59 53.90 -19.69
C ASN R 188 -44.60 54.52 -18.71
N LEU R 189 -43.96 53.68 -17.89
CA LEU R 189 -42.99 54.11 -16.90
C LEU R 189 -41.88 53.07 -16.82
N ASP R 190 -40.68 53.45 -17.24
CA ASP R 190 -39.53 52.57 -17.32
C ASP R 190 -38.66 52.73 -16.07
N LEU R 191 -38.23 51.60 -15.52
CA LEU R 191 -37.36 51.57 -14.34
C LEU R 191 -35.88 51.46 -14.68
N HIS R 192 -35.53 50.91 -15.85
CA HIS R 192 -34.14 50.68 -16.21
C HIS R 192 -33.41 51.92 -16.71
N MET R 193 -34.12 53.03 -16.95
CA MET R 193 -33.45 54.24 -17.43
C MET R 193 -32.53 54.86 -16.40
N VAL R 194 -32.79 54.66 -15.10
CA VAL R 194 -31.87 55.12 -14.08
C VAL R 194 -30.62 54.25 -14.08
N GLU R 195 -29.47 54.90 -13.91
CA GLU R 195 -28.16 54.27 -14.03
C GLU R 195 -27.48 54.25 -12.66
N ILE R 196 -27.03 53.06 -12.25
CA ILE R 196 -26.39 52.84 -10.96
C ILE R 196 -24.91 52.66 -11.22
N MET R 197 -24.11 53.60 -10.73
CA MET R 197 -22.66 53.60 -10.87
C MET R 197 -22.00 53.20 -9.56
N GLN R 198 -21.05 52.26 -9.64
CA GLN R 198 -20.30 51.77 -8.49
C GLN R 198 -18.97 52.51 -8.43
N MET R 199 -18.74 53.22 -7.33
CA MET R 199 -17.51 53.98 -7.16
C MET R 199 -17.29 54.23 -5.67
N GLN R 200 -16.01 54.45 -5.32
CA GLN R 200 -15.59 54.70 -3.94
C GLN R 200 -15.34 56.21 -3.81
N HIS R 201 -15.97 56.81 -2.82
CA HIS R 201 -15.89 58.26 -2.60
C HIS R 201 -16.04 58.52 -1.10
N LEU R 202 -16.33 59.78 -0.73
CA LEU R 202 -16.34 60.30 0.64
C LEU R 202 -17.00 59.40 1.68
N SER R 203 -18.26 59.08 1.50
CA SER R 203 -18.98 58.21 2.41
C SER R 203 -20.31 57.80 1.80
N PRO R 204 -21.00 56.80 2.35
CA PRO R 204 -22.35 56.50 1.87
C PRO R 204 -23.35 57.61 2.18
N LYS R 205 -23.17 58.30 3.30
CA LYS R 205 -24.07 59.37 3.72
C LYS R 205 -23.82 60.70 3.04
N ASP R 206 -22.87 60.78 2.08
CA ASP R 206 -22.55 61.99 1.34
C ASP R 206 -22.99 61.91 -0.13
N THR R 207 -23.89 61.00 -0.47
CA THR R 207 -24.37 60.90 -1.84
C THR R 207 -25.32 62.05 -2.15
N THR R 208 -25.63 62.21 -3.44
CA THR R 208 -26.52 63.27 -3.89
C THR R 208 -27.11 62.88 -5.24
N PHE R 209 -28.20 63.56 -5.60
CA PHE R 209 -28.91 63.33 -6.84
C PHE R 209 -28.40 64.27 -7.92
N ILE R 210 -28.23 63.74 -9.13
CA ILE R 210 -27.85 64.49 -10.31
C ILE R 210 -29.01 64.43 -11.30
N LYS R 211 -29.32 65.58 -11.91
CA LYS R 211 -30.47 65.65 -12.82
C LYS R 211 -30.19 64.86 -14.10
N GLY R 212 -29.03 65.08 -14.71
CA GLY R 212 -28.70 64.51 -16.00
C GLY R 212 -27.98 63.18 -15.89
N LEU R 213 -27.26 62.84 -16.96
CA LEU R 213 -26.57 61.55 -17.08
C LEU R 213 -25.14 61.66 -16.59
N VAL R 214 -24.61 60.54 -16.10
CA VAL R 214 -23.24 60.44 -15.62
C VAL R 214 -22.64 59.16 -16.20
N LEU R 215 -21.58 59.33 -17.02
CA LEU R 215 -20.86 58.23 -17.64
C LEU R 215 -19.56 57.97 -16.89
N ASP R 216 -19.09 56.73 -16.99
CA ASP R 216 -17.88 56.28 -16.30
C ASP R 216 -16.63 56.36 -17.18
N HIS R 217 -16.69 57.05 -18.33
CA HIS R 217 -15.57 57.20 -19.24
C HIS R 217 -15.09 58.64 -19.23
N GLY R 218 -13.76 58.80 -19.28
CA GLY R 218 -13.11 60.09 -19.23
C GLY R 218 -12.42 60.43 -20.54
N GLY R 219 -11.83 61.63 -20.57
CA GLY R 219 -11.09 62.08 -21.74
C GLY R 219 -9.72 61.45 -21.79
N ARG R 220 -9.37 60.89 -22.95
CA ARG R 220 -8.10 60.21 -23.10
C ARG R 220 -6.93 61.18 -23.23
N HIS R 221 -7.08 62.25 -24.03
CA HIS R 221 -6.03 63.22 -24.25
C HIS R 221 -6.10 64.32 -23.18
N PRO R 222 -4.98 64.89 -22.70
CA PRO R 222 -5.10 66.00 -21.74
C PRO R 222 -5.54 67.31 -22.35
N ASP R 223 -5.33 67.51 -23.65
CA ASP R 223 -5.56 68.81 -24.27
C ASP R 223 -7.03 69.19 -24.35
N MET R 224 -7.94 68.22 -24.41
CA MET R 224 -9.36 68.55 -24.53
C MET R 224 -9.87 69.16 -23.22
N PRO R 225 -10.80 70.11 -23.28
CA PRO R 225 -11.22 70.78 -22.05
C PRO R 225 -12.24 69.97 -21.28
N THR R 226 -12.05 69.87 -19.97
CA THR R 226 -13.01 69.17 -19.13
C THR R 226 -14.28 70.00 -18.92
N ARG R 227 -14.12 71.30 -18.69
CA ARG R 227 -15.25 72.21 -18.49
C ARG R 227 -15.78 72.62 -19.85
N VAL R 228 -17.08 72.39 -20.07
CA VAL R 228 -17.79 72.79 -21.29
C VAL R 228 -19.09 73.43 -20.87
N LYS R 229 -19.28 74.70 -21.28
CA LYS R 229 -20.45 75.46 -20.83
C LYS R 229 -21.69 75.13 -21.65
N ASN R 230 -21.52 74.85 -22.94
CA ASN R 230 -22.62 74.47 -23.83
C ASN R 230 -22.12 73.38 -24.77
N ALA R 231 -22.72 72.20 -24.68
CA ALA R 231 -22.32 71.02 -25.43
C ALA R 231 -23.46 70.52 -26.30
N TYR R 232 -23.15 70.18 -27.55
CA TYR R 232 -24.05 69.51 -28.47
C TYR R 232 -23.58 68.08 -28.63
N VAL R 233 -24.35 67.13 -28.09
CA VAL R 233 -23.96 65.72 -28.15
C VAL R 233 -24.14 65.20 -29.57
N LEU R 234 -23.37 64.14 -29.87
CA LEU R 234 -23.46 63.46 -31.17
C LEU R 234 -23.25 61.97 -30.91
N ILE R 235 -24.25 61.18 -31.26
CA ILE R 235 -24.25 59.74 -30.99
C ILE R 235 -23.61 59.03 -32.17
N LEU R 236 -22.57 58.24 -31.88
CA LEU R 236 -21.91 57.36 -32.84
C LEU R 236 -22.05 55.92 -32.36
N ASN R 237 -22.11 54.99 -33.32
CA ASN R 237 -22.15 53.56 -33.05
C ASN R 237 -21.14 52.75 -33.85
N VAL R 238 -20.77 53.20 -35.06
CA VAL R 238 -19.73 52.52 -35.81
C VAL R 238 -18.37 52.81 -35.19
N SER R 239 -17.47 51.84 -35.30
CA SER R 239 -16.14 51.95 -34.72
C SER R 239 -15.23 52.77 -35.63
N LEU R 240 -14.70 53.87 -35.09
CA LEU R 240 -13.72 54.65 -35.85
C LEU R 240 -12.43 53.86 -36.06
N GLU R 241 -12.05 53.04 -35.08
CA GLU R 241 -10.90 52.16 -35.19
C GLU R 241 -11.38 50.82 -35.73
N TYR R 242 -10.96 50.48 -36.94
CA TYR R 242 -11.34 49.20 -37.54
C TYR R 242 -10.69 48.07 -36.77
N GLU R 243 -11.50 47.08 -36.38
CA GLU R 243 -11.00 45.91 -35.66
C GLU R 243 -10.47 44.85 -36.63
N LYS R 244 -11.25 44.54 -37.66
CA LYS R 244 -10.82 43.57 -38.67
C LYS R 244 -11.68 43.75 -39.91
N THR R 245 -11.09 43.44 -41.06
CA THR R 245 -11.80 43.43 -42.33
C THR R 245 -12.48 42.08 -42.50
N GLU R 246 -13.77 42.11 -42.83
CA GLU R 246 -14.53 40.87 -42.95
C GLU R 246 -14.03 40.03 -44.11
N VAL R 247 -13.82 40.66 -45.27
CA VAL R 247 -13.23 40.01 -46.43
C VAL R 247 -11.72 40.03 -46.27
N ASN R 248 -11.08 38.88 -46.43
CA ASN R 248 -9.64 38.78 -46.27
C ASN R 248 -8.93 39.54 -47.39
N SER R 249 -7.86 40.25 -47.05
CA SER R 249 -7.12 41.05 -48.02
C SER R 249 -5.75 41.36 -47.46
N GLY R 250 -4.86 41.81 -48.34
CA GLY R 250 -3.51 42.18 -47.95
C GLY R 250 -2.91 43.14 -48.95
N PHE R 251 -2.07 44.03 -48.42
CA PHE R 251 -1.41 45.07 -49.22
C PHE R 251 -0.07 44.51 -49.71
N PHE R 252 -0.03 44.13 -50.98
CA PHE R 252 1.20 43.69 -51.65
C PHE R 252 1.71 44.84 -52.49
N TYR R 253 2.72 45.55 -51.97
CA TYR R 253 3.26 46.73 -52.61
C TYR R 253 4.34 46.35 -53.61
N SER R 254 4.38 47.07 -54.74
CA SER R 254 5.34 46.76 -55.80
C SER R 254 6.73 47.28 -55.47
N SER R 255 6.82 48.42 -54.77
CA SER R 255 8.10 49.02 -54.43
C SER R 255 7.96 49.75 -53.09
N ALA R 256 9.10 50.18 -52.56
CA ALA R 256 9.15 50.86 -51.27
C ALA R 256 8.43 52.21 -51.28
N ASP R 257 8.32 52.86 -52.43
CA ASP R 257 7.63 54.15 -52.49
C ASP R 257 6.15 54.03 -52.23
N GLN R 258 5.53 52.88 -52.56
CA GLN R 258 4.11 52.68 -52.33
C GLN R 258 3.77 52.28 -50.89
N ARG R 259 4.76 52.13 -50.01
CA ARG R 259 4.46 51.71 -48.65
C ARG R 259 3.75 52.80 -47.86
N ASP R 260 4.31 54.02 -47.85
CA ASP R 260 3.67 55.11 -47.13
C ASP R 260 2.37 55.56 -47.80
N LYS R 261 2.24 55.39 -49.11
CA LYS R 261 1.01 55.73 -49.78
C LYS R 261 -0.12 54.79 -49.38
N LEU R 262 0.16 53.48 -49.32
CA LEU R 262 -0.82 52.53 -48.84
C LEU R 262 -1.11 52.70 -47.36
N ALA R 263 -0.14 53.21 -46.58
CA ALA R 263 -0.44 53.60 -45.21
C ALA R 263 -1.35 54.82 -45.18
N ALA R 264 -1.20 55.72 -46.14
CA ALA R 264 -2.09 56.87 -46.26
C ALA R 264 -3.46 56.50 -46.80
N SER R 265 -3.61 55.33 -47.42
CA SER R 265 -4.93 54.90 -47.86
C SER R 265 -5.85 54.65 -46.67
N GLU R 266 -5.32 54.10 -45.58
CA GLU R 266 -6.09 53.97 -44.36
C GLU R 266 -6.35 55.32 -43.71
N ARG R 267 -5.47 56.30 -43.90
CA ARG R 267 -5.70 57.63 -43.37
C ARG R 267 -6.82 58.35 -44.10
N LYS R 268 -7.03 58.03 -45.39
CA LYS R 268 -8.08 58.69 -46.16
C LYS R 268 -9.46 58.31 -45.64
N PHE R 269 -9.68 57.03 -45.35
CA PHE R 269 -10.99 56.60 -44.86
C PHE R 269 -11.26 57.13 -43.46
N VAL R 270 -10.21 57.34 -42.65
CA VAL R 270 -10.38 57.98 -41.36
C VAL R 270 -10.71 59.46 -41.54
N ASP R 271 -9.96 60.14 -42.41
CA ASP R 271 -10.24 61.55 -42.68
C ASP R 271 -11.57 61.74 -43.42
N ALA R 272 -12.02 60.73 -44.17
CA ALA R 272 -13.26 60.87 -44.92
C ALA R 272 -14.47 60.98 -43.98
N LYS R 273 -14.54 60.10 -42.98
CA LYS R 273 -15.66 60.13 -42.04
C LYS R 273 -15.51 61.19 -40.96
N LEU R 274 -14.27 61.61 -40.65
CA LEU R 274 -14.03 62.66 -39.67
C LEU R 274 -14.17 64.06 -40.24
N LYS R 275 -14.01 64.22 -41.57
CA LYS R 275 -14.19 65.54 -42.18
C LYS R 275 -15.62 66.03 -42.03
N LYS R 276 -16.60 65.14 -42.09
CA LYS R 276 -17.99 65.53 -41.87
C LYS R 276 -18.23 65.94 -40.41
N ILE R 277 -17.46 65.37 -39.48
CA ILE R 277 -17.58 65.76 -38.09
C ILE R 277 -17.05 67.18 -37.88
N ILE R 278 -15.93 67.50 -38.53
CA ILE R 278 -15.37 68.85 -38.42
C ILE R 278 -16.29 69.85 -39.12
N ASP R 279 -16.87 69.46 -40.25
CA ASP R 279 -17.83 70.33 -40.94
C ASP R 279 -19.09 70.51 -40.11
N LEU R 280 -19.47 69.51 -39.32
CA LEU R 280 -20.64 69.64 -38.46
C LEU R 280 -20.41 70.67 -37.35
N LYS R 281 -19.17 70.86 -36.92
CA LYS R 281 -18.89 71.77 -35.82
C LYS R 281 -19.11 73.22 -36.25
N ASN R 282 -18.44 73.64 -37.33
CA ASN R 282 -18.49 75.02 -37.79
C ASN R 282 -19.77 75.33 -38.58
N GLU R 283 -20.66 74.36 -38.78
CA GLU R 283 -21.93 74.64 -39.45
C GLU R 283 -22.83 75.49 -38.56
N VAL R 284 -22.80 75.26 -37.24
CA VAL R 284 -23.64 76.03 -36.33
C VAL R 284 -23.14 77.46 -36.23
N CYS R 285 -21.90 77.64 -35.80
CA CYS R 285 -21.31 78.97 -35.67
C CYS R 285 -19.81 78.82 -35.50
N GLY R 286 -19.06 79.62 -36.26
CA GLY R 286 -17.60 79.62 -36.22
C GLY R 286 -17.09 80.70 -35.30
N MET R 287 -16.07 80.36 -34.50
CA MET R 287 -15.47 81.26 -33.53
C MET R 287 -16.51 81.75 -32.51
N ASP R 288 -17.06 80.76 -31.80
CA ASP R 288 -18.08 80.97 -30.77
C ASP R 288 -17.51 80.51 -29.43
N PRO R 289 -17.01 81.39 -28.56
CA PRO R 289 -16.47 80.91 -27.27
C PRO R 289 -17.58 80.41 -26.35
N ASP R 290 -17.16 79.58 -25.40
CA ASP R 290 -18.06 78.96 -24.41
C ASP R 290 -19.13 78.11 -25.10
N LYS R 291 -18.72 77.34 -26.11
CA LYS R 291 -19.61 76.41 -26.80
C LYS R 291 -18.77 75.25 -27.32
N GLY R 292 -18.80 74.12 -26.61
CA GLY R 292 -18.06 72.94 -26.99
C GLY R 292 -18.86 72.01 -27.88
N PHE R 293 -18.31 70.81 -28.07
CA PHE R 293 -18.95 69.79 -28.89
C PHE R 293 -18.41 68.44 -28.46
N VAL R 294 -19.27 67.62 -27.85
CA VAL R 294 -18.90 66.33 -27.29
C VAL R 294 -19.47 65.23 -28.18
N ILE R 295 -18.77 64.09 -28.19
CA ILE R 295 -19.14 62.91 -28.99
C ILE R 295 -19.16 61.71 -28.07
N ILE R 296 -20.25 60.94 -28.11
CA ILE R 296 -20.42 59.71 -27.34
C ILE R 296 -20.51 58.57 -28.34
N ASN R 297 -19.49 57.71 -28.33
CA ASN R 297 -19.40 56.55 -29.22
C ASN R 297 -19.48 55.27 -28.40
N GLN R 298 -20.21 54.28 -28.91
CA GLN R 298 -20.33 53.01 -28.22
C GLN R 298 -19.09 52.16 -28.40
N LYS R 299 -18.56 52.08 -29.61
CA LYS R 299 -17.40 51.26 -29.92
C LYS R 299 -16.13 52.07 -29.68
N GLY R 300 -14.97 51.45 -29.91
CA GLY R 300 -13.71 52.09 -29.63
C GLY R 300 -13.39 53.23 -30.57
N ILE R 301 -12.42 54.04 -30.16
CA ILE R 301 -11.92 55.18 -30.93
C ILE R 301 -10.44 54.96 -31.18
N ASP R 302 -9.98 55.32 -32.37
CA ASP R 302 -8.58 55.16 -32.72
C ASP R 302 -7.73 56.12 -31.88
N PRO R 303 -6.66 55.67 -31.21
CA PRO R 303 -5.78 56.64 -30.56
C PRO R 303 -5.07 57.57 -31.54
N MET R 304 -4.88 57.15 -32.79
CA MET R 304 -4.35 58.06 -33.80
C MET R 304 -5.31 59.20 -34.09
N SER R 305 -6.61 58.96 -33.98
CA SER R 305 -7.63 59.97 -34.24
C SER R 305 -7.88 60.90 -33.05
N LEU R 306 -7.36 60.58 -31.86
CA LEU R 306 -7.54 61.46 -30.72
C LEU R 306 -6.84 62.80 -30.91
N ASP R 307 -5.75 62.83 -31.69
CA ASP R 307 -5.11 64.11 -31.97
C ASP R 307 -6.00 65.02 -32.80
N VAL R 308 -6.81 64.45 -33.69
CA VAL R 308 -7.74 65.27 -34.47
C VAL R 308 -8.82 65.84 -33.57
N PHE R 309 -9.35 65.03 -32.65
CA PHE R 309 -10.34 65.53 -31.70
C PHE R 309 -9.72 66.48 -30.69
N ALA R 310 -8.44 66.30 -30.36
CA ALA R 310 -7.79 67.13 -29.35
C ALA R 310 -7.48 68.53 -29.88
N LYS R 311 -7.20 68.66 -31.17
CA LYS R 311 -6.88 69.99 -31.72
C LYS R 311 -8.10 70.90 -31.74
N HIS R 312 -9.27 70.38 -32.10
CA HIS R 312 -10.50 71.14 -32.18
C HIS R 312 -11.24 71.23 -30.83
N ASN R 313 -10.65 70.74 -29.74
CA ASN R 313 -11.27 70.73 -28.41
C ASN R 313 -12.60 69.98 -28.43
N ILE R 314 -12.51 68.68 -28.73
CA ILE R 314 -13.65 67.78 -28.84
C ILE R 314 -13.51 66.70 -27.78
N LEU R 315 -14.52 66.59 -26.92
CA LEU R 315 -14.55 65.53 -25.92
C LEU R 315 -15.05 64.24 -26.58
N ALA R 316 -14.26 63.18 -26.46
CA ALA R 316 -14.55 61.88 -27.04
C ALA R 316 -14.48 60.80 -25.97
N LEU R 317 -15.55 60.00 -25.87
CA LEU R 317 -15.63 58.88 -24.95
C LEU R 317 -15.95 57.63 -25.76
N ARG R 318 -15.57 56.47 -25.21
CA ARG R 318 -15.67 55.19 -25.92
C ARG R 318 -16.04 54.08 -24.95
N ARG R 319 -16.43 52.94 -25.53
CA ARG R 319 -16.81 51.74 -24.79
C ARG R 319 -18.01 52.01 -23.87
N ALA R 320 -19.00 52.70 -24.42
CA ALA R 320 -20.23 52.97 -23.68
C ALA R 320 -21.14 51.75 -23.69
N LYS R 321 -22.15 51.78 -22.82
CA LYS R 321 -23.06 50.66 -22.64
C LYS R 321 -24.17 50.70 -23.69
N ARG R 322 -24.87 49.57 -23.83
CA ARG R 322 -25.95 49.47 -24.81
C ARG R 322 -27.18 50.24 -24.34
N ARG R 323 -27.58 50.05 -23.08
CA ARG R 323 -28.76 50.72 -22.54
C ARG R 323 -28.58 52.22 -22.38
N ASN R 324 -27.33 52.72 -22.38
CA ASN R 324 -27.10 54.15 -22.27
C ASN R 324 -27.49 54.92 -23.53
N MET R 325 -27.52 54.26 -24.69
CA MET R 325 -27.90 54.93 -25.92
C MET R 325 -29.35 55.41 -25.86
N GLU R 326 -30.23 54.67 -25.18
CA GLU R 326 -31.58 55.14 -24.95
C GLU R 326 -31.62 56.27 -23.94
N ARG R 327 -30.67 56.30 -23.00
CA ARG R 327 -30.67 57.31 -21.95
C ARG R 327 -30.11 58.66 -22.42
N LEU R 328 -29.30 58.66 -23.48
CA LEU R 328 -28.75 59.93 -23.97
C LEU R 328 -29.85 60.81 -24.54
N GLN R 329 -30.69 60.27 -25.42
CA GLN R 329 -31.74 61.07 -26.04
C GLN R 329 -32.81 61.51 -25.06
N LEU R 330 -33.03 60.75 -23.98
CA LEU R 330 -34.01 61.16 -22.98
C LEU R 330 -33.50 62.30 -22.11
N VAL R 331 -32.21 62.32 -21.79
CA VAL R 331 -31.65 63.37 -20.95
C VAL R 331 -31.35 64.61 -21.80
N THR R 332 -30.49 64.46 -22.81
CA THR R 332 -30.03 65.59 -23.61
C THR R 332 -31.03 66.03 -24.68
N GLY R 333 -31.99 65.19 -25.04
CA GLY R 333 -32.95 65.56 -26.07
C GLY R 333 -32.43 65.46 -27.48
N GLY R 334 -31.41 64.63 -27.73
CA GLY R 334 -30.82 64.48 -29.04
C GLY R 334 -31.50 63.42 -29.86
N GLU R 335 -30.73 62.80 -30.76
CA GLU R 335 -31.21 61.75 -31.63
C GLU R 335 -30.06 60.80 -31.94
N ALA R 336 -30.32 59.50 -31.84
CA ALA R 336 -29.28 58.50 -32.03
C ALA R 336 -28.97 58.33 -33.51
N GLN R 337 -27.68 58.17 -33.82
CA GLN R 337 -27.19 57.97 -35.17
C GLN R 337 -26.05 56.95 -35.15
N ASN R 338 -25.97 56.15 -36.22
CA ASN R 338 -24.94 55.13 -36.38
C ASN R 338 -23.84 55.59 -37.33
N SER R 339 -24.20 55.96 -38.55
CA SER R 339 -23.27 56.41 -39.57
C SER R 339 -23.10 57.93 -39.48
N VAL R 340 -22.34 58.49 -40.42
CA VAL R 340 -22.10 59.93 -40.54
C VAL R 340 -22.44 60.46 -41.92
N GLU R 341 -23.32 59.76 -42.66
CA GLU R 341 -23.66 60.21 -44.02
C GLU R 341 -24.48 61.48 -43.98
N ASP R 342 -25.49 61.54 -43.11
CA ASP R 342 -26.37 62.69 -42.94
C ASP R 342 -26.18 63.28 -41.55
N LEU R 343 -25.99 64.60 -41.49
CA LEU R 343 -25.79 65.32 -40.24
C LEU R 343 -26.53 66.65 -40.33
N SER R 344 -26.94 67.17 -39.18
CA SER R 344 -27.69 68.41 -39.12
C SER R 344 -27.65 68.93 -37.69
N PRO R 345 -27.95 70.22 -37.46
CA PRO R 345 -28.03 70.71 -36.08
C PRO R 345 -29.32 70.33 -35.36
N GLN R 346 -30.36 69.89 -36.07
CA GLN R 346 -31.61 69.53 -35.41
C GLN R 346 -31.46 68.25 -34.61
N ILE R 347 -30.76 67.26 -35.17
CA ILE R 347 -30.55 65.98 -34.46
C ILE R 347 -29.72 66.12 -33.21
N LEU R 348 -28.90 67.17 -33.09
CA LEU R 348 -28.04 67.35 -31.94
C LEU R 348 -28.86 67.72 -30.71
N GLY R 349 -28.42 67.23 -29.56
CA GLY R 349 -29.03 67.57 -28.29
C GLY R 349 -28.54 68.89 -27.75
N PHE R 350 -28.65 69.04 -26.43
CA PHE R 350 -28.21 70.24 -25.74
C PHE R 350 -27.91 69.90 -24.30
N SER R 351 -26.93 70.60 -23.72
CA SER R 351 -26.54 70.43 -22.33
C SER R 351 -26.07 71.76 -21.77
N GLY R 352 -26.45 72.04 -20.53
CA GLY R 352 -26.11 73.28 -19.88
C GLY R 352 -24.78 73.27 -19.15
N LEU R 353 -24.29 72.07 -18.78
CA LEU R 353 -23.05 71.97 -18.03
C LEU R 353 -22.51 70.55 -18.20
N VAL R 354 -21.22 70.44 -18.53
CA VAL R 354 -20.53 69.15 -18.64
C VAL R 354 -19.16 69.32 -18.00
N TYR R 355 -18.81 68.42 -17.09
CA TYR R 355 -17.55 68.49 -16.37
C TYR R 355 -17.10 67.08 -16.00
N GLN R 356 -15.80 66.97 -15.70
CA GLN R 356 -15.16 65.72 -15.30
C GLN R 356 -14.43 65.92 -13.98
N GLU R 357 -14.23 64.82 -13.27
CA GLU R 357 -13.52 64.80 -11.99
C GLU R 357 -12.62 63.58 -11.93
N THR R 358 -11.38 63.80 -11.49
CA THR R 358 -10.37 62.75 -11.41
C THR R 358 -10.43 62.14 -10.00
N ILE R 359 -10.97 60.94 -9.93
CA ILE R 359 -11.13 60.19 -8.68
C ILE R 359 -10.33 58.90 -8.83
N GLY R 360 -9.16 58.85 -8.20
CA GLY R 360 -8.29 57.69 -8.30
C GLY R 360 -7.62 57.59 -9.65
N GLU R 361 -7.46 56.36 -10.14
CA GLU R 361 -6.84 56.10 -11.44
C GLU R 361 -7.83 56.18 -12.61
N GLU R 362 -9.05 56.69 -12.40
CA GLU R 362 -10.06 56.81 -13.43
C GLU R 362 -10.73 58.18 -13.33
N LYS R 363 -11.52 58.50 -14.35
CA LYS R 363 -12.22 59.77 -14.47
C LYS R 363 -13.67 59.51 -14.87
N PHE R 364 -14.59 60.24 -14.22
CA PHE R 364 -16.02 60.12 -14.44
C PHE R 364 -16.55 61.39 -15.09
N THR R 365 -17.35 61.21 -16.14
CA THR R 365 -17.93 62.31 -16.90
C THR R 365 -19.32 62.60 -16.37
N TYR R 366 -19.57 63.86 -16.01
CA TYR R 366 -20.84 64.33 -15.45
C TYR R 366 -21.48 65.29 -16.44
N VAL R 367 -22.71 64.98 -16.86
CA VAL R 367 -23.50 65.80 -17.77
C VAL R 367 -24.76 66.21 -17.02
N THR R 368 -24.92 67.50 -16.75
CA THR R 368 -26.02 68.07 -15.98
C THR R 368 -26.60 69.28 -16.71
N GLU R 369 -27.59 69.92 -16.06
CA GLU R 369 -28.22 71.15 -16.54
C GLU R 369 -28.87 70.94 -17.91
N ASN R 370 -29.87 70.05 -17.91
CA ASN R 370 -30.71 69.79 -19.06
C ASN R 370 -32.00 70.61 -18.96
N THR R 371 -32.60 70.87 -20.12
CA THR R 371 -33.81 71.69 -20.16
C THR R 371 -35.04 70.91 -19.71
N ASP R 372 -35.31 69.79 -20.39
CA ASP R 372 -36.47 68.93 -20.09
C ASP R 372 -36.01 67.48 -20.18
N PRO R 373 -35.15 67.03 -19.27
CA PRO R 373 -34.67 65.64 -19.32
C PRO R 373 -35.74 64.67 -18.86
N LYS R 374 -35.90 63.58 -19.62
CA LYS R 374 -36.83 62.51 -19.31
C LYS R 374 -36.16 61.33 -18.62
N SER R 375 -35.06 61.57 -17.91
CA SER R 375 -34.33 60.51 -17.23
C SER R 375 -33.30 61.14 -16.31
N CYS R 376 -32.70 60.32 -15.46
CA CYS R 376 -31.72 60.79 -14.48
C CYS R 376 -30.85 59.61 -14.07
N THR R 377 -30.04 59.80 -13.04
CA THR R 377 -29.13 58.78 -12.53
C THR R 377 -28.93 58.99 -11.04
N ILE R 378 -28.41 57.95 -10.38
CA ILE R 378 -28.16 57.92 -8.95
C ILE R 378 -26.76 57.40 -8.74
N LEU R 379 -25.89 58.21 -8.11
CA LEU R 379 -24.54 57.79 -7.77
C LEU R 379 -24.56 57.05 -6.45
N ILE R 380 -24.11 55.79 -6.47
CA ILE R 380 -24.02 54.96 -5.27
C ILE R 380 -22.59 55.09 -4.75
N LYS R 381 -22.37 56.09 -3.90
CA LYS R 381 -21.09 56.29 -3.23
C LYS R 381 -21.05 55.44 -1.96
N GLY R 382 -19.86 55.00 -1.60
CA GLY R 382 -19.71 54.19 -0.40
C GLY R 382 -18.27 54.15 0.09
N SER R 383 -18.14 53.69 1.33
CA SER R 383 -16.84 53.57 2.00
C SER R 383 -16.21 52.19 1.88
N THR R 384 -16.74 51.31 1.03
CA THR R 384 -16.27 49.93 0.96
C THR R 384 -16.91 49.28 -0.27
N HIS R 385 -16.71 47.96 -0.40
CA HIS R 385 -17.31 47.20 -1.49
C HIS R 385 -18.72 46.73 -1.16
N TYR R 386 -18.98 46.35 0.10
CA TYR R 386 -20.28 45.81 0.47
C TYR R 386 -21.36 46.88 0.62
N ALA R 387 -20.97 48.12 0.93
CA ALA R 387 -21.96 49.19 1.03
C ALA R 387 -22.54 49.57 -0.33
N LEU R 388 -21.74 49.41 -1.40
CA LEU R 388 -22.27 49.64 -2.75
C LEU R 388 -23.37 48.65 -3.08
N ALA R 389 -23.13 47.36 -2.81
CA ALA R 389 -24.15 46.35 -3.06
C ALA R 389 -25.33 46.51 -2.10
N GLN R 390 -25.06 46.93 -0.86
CA GLN R 390 -26.14 47.14 0.09
C GLN R 390 -27.02 48.31 -0.33
N THR R 391 -26.40 49.43 -0.72
CA THR R 391 -27.19 50.58 -1.19
C THR R 391 -27.80 50.31 -2.56
N LYS R 392 -27.14 49.50 -3.39
CA LYS R 392 -27.72 49.13 -4.68
C LYS R 392 -28.98 48.31 -4.51
N ASP R 393 -28.96 47.34 -3.59
CA ASP R 393 -30.17 46.57 -3.29
C ASP R 393 -31.23 47.43 -2.63
N ALA R 394 -30.81 48.43 -1.84
CA ALA R 394 -31.78 49.32 -1.20
C ALA R 394 -32.49 50.19 -2.24
N VAL R 395 -31.75 50.70 -3.22
CA VAL R 395 -32.38 51.52 -4.26
C VAL R 395 -33.21 50.65 -5.19
N ARG R 396 -32.69 49.49 -5.60
CA ARG R 396 -33.42 48.61 -6.49
C ARG R 396 -34.68 48.03 -5.85
N ASP R 397 -34.72 47.92 -4.52
CA ASP R 397 -35.92 47.56 -3.79
C ASP R 397 -36.82 48.74 -3.48
N GLY R 398 -36.26 49.95 -3.38
CA GLY R 398 -37.04 51.14 -3.10
C GLY R 398 -37.65 51.77 -4.35
N LEU R 399 -37.02 51.56 -5.50
CA LEU R 399 -37.57 52.09 -6.75
C LEU R 399 -38.89 51.43 -7.11
N ARG R 400 -39.04 50.14 -6.79
CA ARG R 400 -40.26 49.43 -7.14
C ARG R 400 -41.42 49.83 -6.23
N ALA R 401 -41.14 50.18 -4.98
CA ALA R 401 -42.20 50.56 -4.05
C ALA R 401 -42.84 51.89 -4.45
N VAL R 402 -42.02 52.88 -4.83
CA VAL R 402 -42.54 54.18 -5.27
C VAL R 402 -43.03 54.14 -6.70
N ALA R 403 -42.51 53.25 -7.55
CA ALA R 403 -42.97 53.17 -8.93
C ALA R 403 -44.36 52.56 -9.04
N ASN R 404 -44.71 51.64 -8.14
CA ASN R 404 -46.03 51.02 -8.17
C ASN R 404 -47.13 52.01 -7.81
N VAL R 405 -46.81 53.10 -7.11
CA VAL R 405 -47.82 54.11 -6.79
C VAL R 405 -48.31 54.78 -8.07
N LEU R 406 -47.43 54.96 -9.05
CA LEU R 406 -47.80 55.55 -10.34
C LEU R 406 -48.39 54.53 -11.30
N LYS R 407 -48.00 53.25 -11.20
CA LYS R 407 -48.58 52.23 -12.07
C LYS R 407 -50.05 51.99 -11.72
N ASP R 408 -50.38 51.97 -10.43
CA ASP R 408 -51.75 51.90 -9.95
C ASP R 408 -51.88 52.83 -8.75
N LYS R 409 -52.91 53.68 -8.79
CA LYS R 409 -53.08 54.71 -7.77
C LYS R 409 -53.42 54.14 -6.40
N ASN R 410 -53.97 52.93 -6.33
CA ASN R 410 -54.32 52.34 -5.05
C ASN R 410 -53.07 51.94 -4.27
N ILE R 411 -53.16 52.03 -2.96
CA ILE R 411 -52.06 51.67 -2.06
C ILE R 411 -52.65 51.22 -0.73
N ILE R 412 -52.05 50.19 -0.16
CA ILE R 412 -52.52 49.54 1.06
C ILE R 412 -51.72 50.10 2.23
N PRO R 413 -52.34 50.42 3.38
CA PRO R 413 -51.52 50.75 4.55
C PRO R 413 -50.78 49.55 5.09
N GLY R 414 -49.56 49.78 5.56
CA GLY R 414 -48.69 48.75 6.07
C GLY R 414 -48.79 48.59 7.57
N ALA R 415 -47.65 48.27 8.19
CA ALA R 415 -47.56 48.06 9.64
C ALA R 415 -48.48 46.93 10.11
N GLY R 416 -48.60 45.90 9.27
CA GLY R 416 -49.44 44.75 9.61
C GLY R 416 -50.91 45.05 9.74
N ALA R 417 -51.39 46.12 9.11
CA ALA R 417 -52.80 46.48 9.23
C ALA R 417 -53.68 45.53 8.44
N PHE R 418 -53.25 45.14 7.23
CA PHE R 418 -54.07 44.26 6.40
C PHE R 418 -54.11 42.84 6.97
N TYR R 419 -53.00 42.38 7.54
CA TYR R 419 -52.97 41.04 8.12
C TYR R 419 -53.81 40.95 9.38
N ILE R 420 -53.84 42.01 10.19
CA ILE R 420 -54.65 42.01 11.40
C ILE R 420 -56.13 42.12 11.05
N ALA R 421 -56.47 43.01 10.12
CA ALA R 421 -57.86 43.18 9.72
C ALA R 421 -58.40 41.99 8.95
N LEU R 422 -57.55 41.31 8.18
CA LEU R 422 -58.00 40.13 7.44
C LEU R 422 -58.22 38.92 8.35
N SER R 423 -57.68 38.93 9.57
CA SER R 423 -57.87 37.80 10.47
C SER R 423 -59.32 37.69 10.91
N ARG R 424 -59.94 38.81 11.30
CA ARG R 424 -61.33 38.79 11.74
C ARG R 424 -62.29 38.41 10.61
N TYR R 425 -62.02 38.90 9.39
CA TYR R 425 -62.92 38.66 8.28
C TYR R 425 -62.97 37.20 7.87
N LEU R 426 -61.89 36.45 8.07
CA LEU R 426 -61.81 35.03 7.75
C LEU R 426 -62.14 34.14 8.94
N ARG R 427 -62.85 34.65 9.94
CA ARG R 427 -63.22 33.84 11.10
C ARG R 427 -64.48 33.02 10.82
N SER R 428 -65.56 33.68 10.43
CA SER R 428 -66.89 33.09 10.31
C SER R 428 -67.48 33.40 8.94
N ALA R 429 -67.30 32.47 8.00
CA ALA R 429 -68.00 32.49 6.73
C ALA R 429 -69.37 31.84 6.82
N ASN R 430 -70.43 32.62 6.99
CA ASN R 430 -71.76 32.13 7.42
C ASN R 430 -72.34 31.23 6.32
N MET R 431 -72.81 31.80 5.22
CA MET R 431 -73.32 31.07 4.06
C MET R 431 -72.80 31.62 2.74
N ASN R 432 -71.67 32.34 2.77
CA ASN R 432 -71.16 32.97 1.56
C ASN R 432 -70.50 31.93 0.65
N LYS R 433 -69.41 31.32 1.11
CA LYS R 433 -68.66 30.33 0.33
C LYS R 433 -68.15 29.26 1.30
N LEU R 434 -68.87 28.14 1.39
CA LEU R 434 -68.47 26.98 2.19
C LEU R 434 -68.15 25.78 1.32
N GLY R 435 -69.10 25.33 0.50
CA GLY R 435 -68.94 24.16 -0.34
C GLY R 435 -69.35 22.84 0.30
N ALA R 436 -69.12 22.69 1.61
CA ALA R 436 -69.45 21.46 2.31
C ALA R 436 -69.57 21.75 3.80
N LYS R 437 -70.13 20.77 4.52
CA LYS R 437 -70.39 20.88 5.95
C LYS R 437 -69.23 20.28 6.73
N GLY R 438 -68.61 21.08 7.59
CA GLY R 438 -67.56 20.62 8.46
C GLY R 438 -66.25 20.26 7.80
N LYS R 439 -66.07 20.60 6.51
CA LYS R 439 -64.88 20.26 5.74
C LYS R 439 -64.06 21.50 5.38
N THR R 440 -64.68 22.48 4.72
CA THR R 440 -63.95 23.67 4.28
C THR R 440 -63.57 24.57 5.46
N LYS R 441 -64.38 24.57 6.53
CA LYS R 441 -64.16 25.50 7.64
C LYS R 441 -62.87 25.22 8.39
N THR R 442 -62.34 24.00 8.33
CA THR R 442 -61.06 23.70 8.96
C THR R 442 -59.94 24.48 8.29
N GLY R 443 -60.00 24.62 6.97
CA GLY R 443 -59.00 25.41 6.26
C GLY R 443 -59.19 26.90 6.42
N ILE R 444 -60.43 27.36 6.63
CA ILE R 444 -60.67 28.77 6.89
C ILE R 444 -60.03 29.19 8.20
N GLU R 445 -60.12 28.33 9.22
CA GLU R 445 -59.51 28.65 10.51
C GLU R 445 -57.99 28.61 10.42
N ALA R 446 -57.44 27.68 9.65
CA ALA R 446 -55.98 27.58 9.52
C ALA R 446 -55.42 28.76 8.76
N PHE R 447 -56.12 29.22 7.73
CA PHE R 447 -55.63 30.35 6.94
C PHE R 447 -55.70 31.66 7.73
N ALA R 448 -56.74 31.82 8.56
CA ALA R 448 -56.87 33.04 9.35
C ALA R 448 -55.79 33.16 10.41
N GLU R 449 -55.45 32.04 11.05
CA GLU R 449 -54.43 32.05 12.10
C GLU R 449 -53.02 32.16 11.55
N ALA R 450 -52.78 31.77 10.30
CA ALA R 450 -51.45 31.81 9.71
C ALA R 450 -51.04 33.19 9.20
N LEU R 451 -52.01 34.09 8.97
CA LEU R 451 -51.71 35.43 8.46
C LEU R 451 -51.18 36.37 9.54
N LEU R 452 -51.45 36.10 10.82
CA LEU R 452 -51.07 37.00 11.90
C LEU R 452 -49.62 36.80 12.37
N VAL R 453 -48.83 35.98 11.68
CA VAL R 453 -47.43 35.80 12.07
C VAL R 453 -46.57 36.99 11.65
N ILE R 454 -47.01 37.78 10.66
CA ILE R 454 -46.22 38.93 10.21
C ILE R 454 -46.10 40.01 11.28
N PRO R 455 -47.18 40.47 11.91
CA PRO R 455 -46.98 41.47 12.99
C PRO R 455 -46.31 40.89 14.22
N LYS R 456 -46.46 39.59 14.49
CA LYS R 456 -45.75 38.98 15.61
C LYS R 456 -44.26 38.87 15.35
N THR R 457 -43.86 38.62 14.11
CA THR R 457 -42.44 38.53 13.79
C THR R 457 -41.75 39.88 13.93
N LEU R 458 -42.45 40.97 13.60
CA LEU R 458 -41.89 42.30 13.80
C LEU R 458 -41.66 42.59 15.27
N VAL R 459 -42.57 42.13 16.14
CA VAL R 459 -42.44 42.37 17.57
C VAL R 459 -41.30 41.53 18.14
N LYS R 460 -41.09 40.32 17.61
CA LYS R 460 -40.00 39.48 18.10
C LYS R 460 -38.64 40.08 17.78
N ASN R 461 -38.52 40.81 16.66
CA ASN R 461 -37.26 41.47 16.33
C ASN R 461 -37.04 42.72 17.18
N SER R 462 -38.11 43.41 17.58
CA SER R 462 -37.98 44.60 18.39
C SER R 462 -37.67 44.28 19.85
N GLY R 463 -38.05 43.11 20.33
CA GLY R 463 -37.75 42.68 21.68
C GLY R 463 -38.84 42.93 22.71
N PHE R 464 -40.10 42.83 22.31
CA PHE R 464 -41.26 42.93 23.19
C PHE R 464 -42.10 41.66 23.05
N ASP R 465 -43.14 41.55 23.89
CA ASP R 465 -44.00 40.38 23.88
C ASP R 465 -45.03 40.53 22.77
N PRO R 466 -45.27 39.54 21.89
CA PRO R 466 -46.24 39.77 20.81
C PRO R 466 -47.68 39.69 21.27
N LEU R 467 -47.98 38.85 22.26
CA LEU R 467 -49.36 38.68 22.70
C LEU R 467 -49.85 39.90 23.47
N ASP R 468 -48.98 40.54 24.24
CA ASP R 468 -49.39 41.71 25.02
C ASP R 468 -49.69 42.91 24.12
N VAL R 469 -48.82 43.20 23.16
CA VAL R 469 -49.03 44.36 22.29
C VAL R 469 -50.16 44.14 21.29
N LEU R 470 -50.49 42.89 20.97
CA LEU R 470 -51.65 42.59 20.13
C LEU R 470 -52.97 42.57 20.90
N ALA R 471 -52.93 42.42 22.22
CA ALA R 471 -54.15 42.42 23.02
C ALA R 471 -54.84 43.78 22.97
N MET R 472 -54.08 44.86 23.12
CA MET R 472 -54.65 46.20 22.98
C MET R 472 -55.07 46.48 21.55
N VAL R 473 -54.41 45.87 20.57
CA VAL R 473 -54.85 45.98 19.18
C VAL R 473 -56.19 45.28 19.00
N GLU R 474 -56.37 44.12 19.66
CA GLU R 474 -57.66 43.44 19.60
C GLU R 474 -58.73 44.24 20.33
N ASP R 475 -58.41 44.80 21.50
CA ASP R 475 -59.37 45.60 22.23
C ASP R 475 -59.71 46.89 21.51
N GLU R 476 -58.77 47.43 20.73
CA GLU R 476 -59.04 48.67 20.01
C GLU R 476 -60.06 48.46 18.91
N LEU R 477 -59.91 47.40 18.11
CA LEU R 477 -60.82 47.13 17.01
C LEU R 477 -62.16 46.59 17.45
N ASP R 478 -62.29 46.11 18.69
CA ASP R 478 -63.61 45.70 19.18
C ASP R 478 -64.54 46.89 19.32
N ASP R 479 -64.04 47.99 19.88
CA ASP R 479 -64.81 49.22 20.03
C ASP R 479 -64.82 50.08 18.78
N ALA R 480 -63.89 49.87 17.84
CA ALA R 480 -63.87 50.67 16.62
C ALA R 480 -65.07 50.39 15.73
N GLN R 481 -65.55 49.14 15.70
CA GLN R 481 -66.70 48.81 14.89
C GLN R 481 -67.97 49.43 15.46
N ASP R 482 -68.12 49.44 16.79
CA ASP R 482 -69.28 50.03 17.43
C ASP R 482 -69.23 51.55 17.50
N SER R 483 -68.04 52.15 17.43
CA SER R 483 -67.89 53.60 17.48
C SER R 483 -68.31 54.30 16.20
N ASP R 484 -68.58 53.56 15.12
CA ASP R 484 -69.00 54.14 13.83
C ASP R 484 -67.91 55.05 13.27
N GLU R 485 -66.70 54.50 13.13
CA GLU R 485 -65.57 55.24 12.61
C GLU R 485 -64.55 54.25 12.05
N THR R 486 -64.28 54.36 10.75
CA THR R 486 -63.28 53.51 10.10
C THR R 486 -61.90 53.92 10.61
N ARG R 487 -61.19 52.97 11.21
CA ARG R 487 -59.88 53.21 11.82
C ARG R 487 -58.96 52.03 11.52
N TYR R 488 -57.78 52.35 10.98
CA TYR R 488 -56.73 51.37 10.68
C TYR R 488 -55.68 51.46 11.78
N VAL R 489 -55.33 50.31 12.35
CA VAL R 489 -54.36 50.21 13.44
C VAL R 489 -53.11 49.49 12.93
N GLY R 490 -51.98 49.81 13.55
CA GLY R 490 -50.68 49.26 13.19
C GLY R 490 -49.93 48.71 14.39
N VAL R 491 -48.61 48.58 14.24
CA VAL R 491 -47.74 48.04 15.29
C VAL R 491 -46.50 48.92 15.34
N ASP R 492 -46.37 49.70 16.41
CA ASP R 492 -45.22 50.57 16.64
C ASP R 492 -44.17 49.81 17.44
N LEU R 493 -42.97 49.70 16.89
CA LEU R 493 -41.89 48.93 17.50
C LEU R 493 -41.02 49.74 18.45
N ASN R 494 -41.25 51.05 18.60
CA ASN R 494 -40.45 51.88 19.50
C ASN R 494 -40.88 51.71 20.95
N ILE R 495 -42.19 51.80 21.20
CA ILE R 495 -42.76 51.72 22.55
C ILE R 495 -43.55 50.43 22.79
N GLY R 496 -43.91 49.70 21.74
CA GLY R 496 -44.72 48.50 21.90
C GLY R 496 -46.19 48.83 22.13
N ASP R 497 -46.79 49.54 21.19
CA ASP R 497 -48.18 49.97 21.29
C ASP R 497 -48.73 50.17 19.89
N SER R 498 -50.04 49.94 19.76
CA SER R 498 -50.71 50.08 18.48
C SER R 498 -50.62 51.43 17.92
N CYS R 499 -50.92 51.59 16.66
CA CYS R 499 -50.70 52.86 16.03
C CYS R 499 -51.48 53.03 14.81
N ASP R 500 -51.30 54.16 14.15
CA ASP R 500 -52.04 54.41 12.97
C ASP R 500 -51.08 54.49 11.81
N PRO R 501 -51.28 53.60 10.84
CA PRO R 501 -50.39 53.77 9.73
C PRO R 501 -50.63 55.01 8.95
N THR R 502 -51.83 55.36 8.65
CA THR R 502 -52.02 56.50 7.81
C THR R 502 -51.46 57.74 8.44
N ILE R 503 -51.62 57.89 9.73
CA ILE R 503 -51.07 59.04 10.41
C ILE R 503 -49.58 59.05 10.44
N GLU R 504 -48.96 57.93 10.70
CA GLU R 504 -47.52 57.98 10.85
C GLU R 504 -46.74 57.93 9.56
N GLY R 505 -47.13 57.11 8.61
CA GLY R 505 -46.48 57.14 7.30
C GLY R 505 -45.98 55.86 6.69
N ILE R 506 -46.42 54.69 7.09
CA ILE R 506 -46.05 53.34 6.70
C ILE R 506 -47.09 52.86 5.69
N TRP R 507 -46.61 52.38 4.54
CA TRP R 507 -47.47 51.89 3.47
C TRP R 507 -46.82 50.67 2.81
N ASP R 508 -47.66 49.89 2.13
CA ASP R 508 -47.23 48.74 1.34
C ASP R 508 -47.83 48.84 -0.05
N SER R 509 -47.10 48.30 -1.03
CA SER R 509 -47.58 48.30 -2.40
C SER R 509 -48.69 47.28 -2.59
N TYR R 510 -49.57 47.56 -3.55
CA TYR R 510 -50.72 46.70 -3.79
C TYR R 510 -50.29 45.37 -4.41
N ARG R 511 -49.29 45.40 -5.29
CA ARG R 511 -48.85 44.18 -5.96
C ARG R 511 -48.01 43.27 -5.07
N VAL R 512 -47.45 43.79 -3.98
CA VAL R 512 -46.67 42.96 -3.07
C VAL R 512 -47.59 41.94 -2.38
N LEU R 513 -48.69 42.43 -1.79
CA LEU R 513 -49.60 41.54 -1.08
C LEU R 513 -50.35 40.61 -2.03
N ARG R 514 -50.56 41.05 -3.27
CA ARG R 514 -51.23 40.20 -4.26
C ARG R 514 -50.39 38.97 -4.58
N ASN R 515 -49.17 39.18 -5.07
CA ASN R 515 -48.33 38.05 -5.47
C ASN R 515 -47.84 37.27 -4.27
N ALA R 516 -47.71 37.90 -3.10
CA ALA R 516 -47.25 37.19 -1.91
C ALA R 516 -48.30 36.19 -1.43
N ILE R 517 -49.55 36.63 -1.31
CA ILE R 517 -50.61 35.74 -0.86
C ILE R 517 -50.91 34.70 -1.93
N THR R 518 -50.88 35.10 -3.20
CA THR R 518 -51.14 34.16 -4.29
C THR R 518 -50.01 33.14 -4.41
N GLY R 519 -48.77 33.61 -4.33
CA GLY R 519 -47.64 32.70 -4.44
C GLY R 519 -47.49 31.80 -3.22
N ALA R 520 -47.76 32.34 -2.03
CA ALA R 520 -47.63 31.55 -0.81
C ALA R 520 -48.74 30.50 -0.72
N THR R 521 -49.96 30.87 -1.13
CA THR R 521 -51.07 29.92 -1.07
C THR R 521 -50.87 28.77 -2.06
N GLY R 522 -50.31 29.08 -3.24
CA GLY R 522 -50.07 28.03 -4.22
C GLY R 522 -48.98 27.07 -3.79
N ILE R 523 -47.87 27.61 -3.27
CA ILE R 523 -46.78 26.76 -2.83
C ILE R 523 -47.18 26.00 -1.56
N ALA R 524 -47.92 26.64 -0.67
CA ALA R 524 -48.39 25.96 0.53
C ALA R 524 -49.40 24.88 0.20
N SER R 525 -50.18 25.06 -0.87
CA SER R 525 -51.15 24.04 -1.26
C SER R 525 -50.45 22.83 -1.89
N ASN R 526 -49.54 23.08 -2.83
CA ASN R 526 -48.88 21.99 -3.54
C ASN R 526 -47.96 21.17 -2.64
N LEU R 527 -47.35 21.80 -1.64
CA LEU R 527 -46.51 21.06 -0.69
C LEU R 527 -47.33 20.20 0.26
N LEU R 528 -48.55 20.63 0.59
CA LEU R 528 -49.43 19.77 1.39
C LEU R 528 -49.93 18.59 0.56
N LEU R 529 -50.24 18.83 -0.72
CA LEU R 529 -50.63 17.75 -1.61
C LEU R 529 -49.50 16.75 -1.86
N CYS R 530 -48.24 17.17 -1.72
CA CYS R 530 -47.13 16.25 -1.89
C CYS R 530 -47.10 15.25 -0.75
N ASP R 531 -47.24 13.95 -1.10
CA ASP R 531 -47.24 12.85 -0.15
C ASP R 531 -46.00 11.97 -0.22
N GLU R 532 -45.15 12.12 -1.25
CA GLU R 532 -43.98 11.27 -1.40
C GLU R 532 -42.90 12.02 -2.16
N LEU R 533 -41.67 11.91 -1.66
CA LEU R 533 -40.47 12.42 -2.33
C LEU R 533 -39.69 11.25 -2.91
N LEU R 534 -39.14 11.44 -4.11
CA LEU R 534 -38.39 10.42 -4.82
C LEU R 534 -37.15 11.04 -5.46
N ARG R 535 -36.17 10.19 -5.75
CA ARG R 535 -34.99 10.56 -6.50
C ARG R 535 -34.62 9.41 -7.44
N ALA R 536 -34.14 9.77 -8.62
CA ALA R 536 -33.74 8.77 -9.61
C ALA R 536 -32.89 9.44 -10.68
N GLY R 537 -31.99 8.67 -11.27
CA GLY R 537 -31.11 9.18 -12.30
C GLY R 537 -29.94 8.25 -12.51
N ARG R 538 -29.10 8.66 -13.47
CA ARG R 538 -27.89 7.92 -13.85
C ARG R 538 -26.68 8.79 -13.56
N SER R 539 -25.84 8.34 -12.64
CA SER R 539 -24.63 9.07 -12.26
C SER R 539 -23.59 8.99 -13.37
PB ADP S . 14.65 31.27 44.44
O1B ADP S . 13.34 30.94 43.76
O2B ADP S . 15.63 31.99 43.55
O3B ADP S . 15.24 30.11 45.19
PA ADP S . 13.20 33.51 45.50
O1A ADP S . 12.40 33.48 46.77
O2A ADP S . 12.48 33.46 44.17
O3A ADP S . 14.31 32.34 45.61
O5' ADP S . 14.10 34.85 45.53
C5' ADP S . 15.07 35.10 44.52
C4' ADP S . 15.70 36.47 44.74
O4' ADP S . 14.69 37.47 44.86
C3' ADP S . 16.54 36.52 46.01
O3' ADP S . 17.94 36.52 45.70
C2' ADP S . 16.14 37.81 46.71
O2' ADP S . 17.26 38.68 46.89
C1' ADP S . 15.08 38.45 45.83
N9 ADP S . 13.91 38.88 46.63
C8 ADP S . 12.92 38.09 47.07
N7 ADP S . 12.00 38.80 47.77
C5 ADP S . 12.40 40.09 47.79
C6 ADP S . 11.90 41.36 48.35
N6 ADP S . 10.74 41.41 49.05
N1 ADP S . 12.63 42.48 48.12
C2 ADP S . 13.78 42.46 47.43
N3 ADP S . 14.28 41.33 46.89
C4 ADP S . 13.66 40.14 47.03
MG MG T . 13.24 31.30 47.06
AL AF3 U . 12.75 28.50 44.48
F1 AF3 U . 11.71 29.79 44.89
F2 AF3 U . 13.01 27.23 45.58
F3 AF3 U . 13.51 28.47 42.94
PB ADP V . 52.46 -23.86 8.70
O1B ADP V . 52.23 -22.44 9.13
O2B ADP V . 52.68 -24.84 9.83
O3B ADP V . 51.48 -24.35 7.64
PA ADP V . 55.05 -22.90 8.51
O1A ADP V . 54.67 -21.46 8.28
O2A ADP V . 55.38 -23.37 9.92
O3A ADP V . 53.87 -23.82 7.93
O5' ADP V . 56.30 -23.24 7.57
C5' ADP V . 57.41 -22.36 7.53
C4' ADP V . 58.50 -22.88 6.59
O4' ADP V . 59.45 -21.84 6.35
C3' ADP V . 59.25 -24.07 7.15
O3' ADP V . 59.03 -25.22 6.33
C2' ADP V . 60.72 -23.69 7.15
O2' ADP V . 61.50 -24.65 6.45
C1' ADP V . 60.78 -22.32 6.47
N9 ADP V . 61.60 -21.39 7.29
C8 ADP V . 61.14 -20.69 8.35
N7 ADP V . 62.13 -19.93 8.88
C5 ADP V . 63.25 -20.15 8.16
C6 ADP V . 64.65 -19.67 8.19
N6 ADP V . 65.07 -18.78 9.12
N1 ADP V . 65.49 -20.16 7.25
C2 ADP V . 65.10 -21.04 6.32
N3 ADP V . 63.85 -21.52 6.24
C4 ADP V . 62.89 -21.11 7.11
MG MG W . 53.59 -23.37 11.00
AL AF3 X . 50.36 -23.27 11.41
F1 AF3 X . 51.48 -22.00 11.19
F2 AF3 X . 49.84 -23.67 12.99
F3 AF3 X . 49.54 -23.92 10.06
PB ADP Y . 47.47 10.47 31.09
O1B ADP Y . 46.33 11.41 31.34
O2B ADP Y . 48.05 9.86 32.34
O3B ADP Y . 47.25 9.48 29.97
PA ADP Y . 48.76 12.91 31.17
O1A ADP Y . 47.61 13.73 30.66
O2A ADP Y . 48.98 12.77 32.66
O3A ADP Y . 48.63 11.43 30.53
O5' ADP Y . 50.10 13.49 30.52
C5' ADP Y . 50.38 14.86 30.73
C4' ADP Y . 51.68 15.29 30.07
O4' ADP Y . 51.81 16.71 30.21
C3' ADP Y . 52.91 14.65 30.72
O3' ADP Y . 53.50 13.71 29.82
C2' ADP Y . 53.85 15.79 31.04
O2' ADP Y . 55.00 15.76 30.19
C1' ADP Y . 53.05 17.07 30.80
N9 ADP Y . 52.77 17.84 32.05
C8 ADP Y . 52.11 17.38 33.14
N7 ADP Y . 52.02 18.34 34.09
C5 ADP Y . 52.60 19.45 33.61
C6 ADP Y . 52.85 20.83 34.10
N6 ADP Y . 52.42 21.22 35.33
N1 ADP Y . 53.50 21.68 33.28
C2 ADP Y . 53.92 21.31 32.06
N3 ADP Y . 53.73 20.07 31.55
C4 ADP Y . 53.10 19.12 32.26
MG MG Z . 48.59 11.31 34.10
AL AF3 AA . 44.66 9.89 30.14
F1 AF3 AA . 44.38 11.58 30.22
F2 AF3 AA . 44.68 8.99 31.60
F3 AF3 AA . 45.41 9.24 28.76
PB ADP BA . 27.35 -50.51 -7.30
O1B ADP BA . 26.35 -50.51 -8.44
O2B ADP BA . 27.02 -51.51 -6.22
O3B ADP BA . 27.75 -49.14 -6.82
PA ADP BA . 29.40 -50.42 -9.24
O1A ADP BA . 28.40 -49.50 -9.91
O2A ADP BA . 30.73 -49.84 -8.81
O3A ADP BA . 28.70 -51.10 -7.97
O5' ADP BA . 29.66 -51.66 -10.23
C5' ADP BA . 29.26 -51.56 -11.60
C4' ADP BA . 29.92 -52.63 -12.45
O4' ADP BA . 31.33 -52.44 -12.49
C3' ADP BA . 29.66 -54.05 -11.96
O3' ADP BA . 28.82 -54.76 -12.87
C2' ADP BA . 31.04 -54.70 -11.88
O2' ADP BA . 31.04 -55.95 -12.58
C1' ADP BA . 32.00 -53.70 -12.52
N9 ADP BA . 33.30 -53.62 -11.80
C8 ADP BA . 33.53 -53.10 -10.59
N7 ADP BA . 34.84 -53.19 -10.25
C5 ADP BA . 35.48 -53.78 -11.29
C6 ADP BA . 36.88 -54.18 -11.59
N6 ADP BA . 37.88 -53.96 -10.72
N1 ADP BA . 37.10 -54.78 -12.79
C2 ADP BA . 36.12 -55.00 -13.68
N3 ADP BA . 34.84 -54.67 -13.45
C4 ADP BA . 34.46 -54.06 -12.30
MG MG CA . 29.30 -52.02 -5.94
AL AF3 DA . 27.66 -48.76 -4.25
F1 AF3 DA . 29.24 -48.74 -4.91
F2 AF3 DA . 27.40 -49.37 -2.67
F3 AF3 DA . 26.33 -48.30 -5.21
PB ADP EA . -26.86 27.75 43.27
O1B ADP EA . -27.93 26.99 42.53
O2B ADP EA . -26.24 28.89 42.48
O3B ADP EA . -25.84 26.87 43.95
PA ADP EA . -29.07 29.14 44.45
O1A ADP EA . -29.83 28.64 45.66
O2A ADP EA . -29.66 28.97 43.07
O3A ADP EA . -27.59 28.50 44.51
O5' ADP EA . -28.79 30.71 44.68
C5' ADP EA . -27.72 31.36 43.98
C4' ADP EA . -27.97 32.86 43.93
O4' ADP EA . -29.24 33.12 43.33
C3' ADP EA . -27.97 33.51 45.30
O3' ADP EA . -26.76 34.26 45.50
C2' ADP EA . -29.18 34.42 45.33
O2' ADP EA . -28.80 35.80 45.47
C1' ADP EA . -29.90 34.20 44.00
N9 ADP EA . -31.34 33.85 44.21
C8 ADP EA . -31.81 32.68 44.67
N7 ADP EA . -33.16 32.70 44.75
C5 ADP EA . -33.58 33.90 44.31
C6 ADP EA . -34.88 34.59 44.12
N6 ADP EA . -36.04 33.96 44.42
N1 ADP EA . -34.87 35.84 43.64
C2 ADP EA . -33.73 36.49 43.34
N3 ADP EA . -32.51 35.92 43.49
C4 ADP EA . -32.36 34.66 43.96
MG MG FA . -28.49 26.99 45.60
AL AF3 GA . -26.90 24.55 43.41
F1 AF3 GA . -27.85 24.62 41.99
F2 AF3 GA . -27.67 24.49 44.94
F3 AF3 GA . -25.22 24.85 43.33
PB ADP HA . -12.55 -54.13 -11.19
O1B ADP HA . -14.02 -54.07 -11.47
O2B ADP HA . -12.12 -53.32 -9.99
O3B ADP HA . -11.68 -53.92 -12.40
PA ADP HA . -11.77 -56.87 -11.65
O1A ADP HA . -11.52 -58.04 -10.72
O2A ADP HA . -10.64 -56.40 -12.53
O3A ADP HA . -12.29 -55.65 -10.71
O5' ADP HA . -13.02 -57.29 -12.59
C5' ADP HA . -13.58 -56.42 -13.58
C4' ADP HA . -14.03 -57.22 -14.79
O4' ADP HA . -12.93 -57.90 -15.39
C3' ADP HA . -15.08 -58.27 -14.47
O3' ADP HA . -16.37 -57.83 -14.93
C2' ADP HA . -14.65 -59.53 -15.20
O2' ADP HA . -15.66 -59.99 -16.09
C1' ADP HA . -13.38 -59.14 -15.96
N9 ADP HA . -12.33 -60.18 -15.85
C8 ADP HA . -11.52 -60.40 -14.79
N7 ADP HA . -10.67 -61.42 -15.03
C5 ADP HA . -10.93 -61.88 -16.27
C6 ADP HA . -10.39 -62.95 -17.15
N6 ADP HA . -9.39 -63.76 -16.74
N1 ADP HA . -10.94 -63.09 -18.37
C2 ADP HA . -11.94 -62.30 -18.81
N3 ADP HA . -12.47 -61.32 -18.06
C4 ADP HA . -12.02 -61.06 -16.80
MG MG IA . -11.11 -56.10 -9.10
AL AF3 JA . -11.12 -53.49 -7.42
F1 AF3 JA . -9.74 -53.59 -8.42
F2 AF3 JA . -11.17 -54.36 -5.95
F3 AF3 JA . -12.40 -52.45 -7.86
MG MG KA . -47.60 -39.65 5.96
PB ADP LA . -46.13 -37.31 5.45
O1B ADP LA . -46.67 -36.49 6.60
O2B ADP LA . -45.10 -36.57 4.62
O3B ADP LA . -45.75 -38.73 5.81
PA ADP LA . -47.61 -36.43 3.25
O1A ADP LA . -47.90 -35.07 3.84
O2A ADP LA . -46.48 -36.61 2.26
O3A ADP LA . -47.38 -37.47 4.45
O5' ADP LA . -48.95 -37.00 2.57
C5' ADP LA . -48.99 -37.27 1.17
C4' ADP LA . -50.41 -37.65 0.74
O4' ADP LA . -50.35 -38.34 -0.52
C3' ADP LA . -51.11 -38.57 1.71
O3' ADP LA . -52.00 -37.81 2.55
C2' ADP LA . -51.84 -39.59 0.86
O2' ADP LA . -53.26 -39.41 0.94
C1' ADP LA . -51.35 -39.37 -0.55
N9 ADP LA . -50.76 -40.60 -1.15
C8 ADP LA . -49.59 -41.19 -0.78
N7 ADP LA . -49.36 -42.29 -1.51
C5 ADP LA . -50.38 -42.44 -2.39
C6 ADP LA . -50.75 -43.40 -3.45
N6 ADP LA . -49.96 -44.46 -3.74
N1 ADP LA . -51.91 -43.19 -4.11
C2 ADP LA . -52.71 -42.14 -3.83
N3 ADP LA . -52.42 -41.23 -2.88
C4 ADP LA . -51.30 -41.32 -2.13
PB ADP MA . -51.27 0.91 27.78
O1B ADP MA . -50.75 2.19 28.39
O2B ADP MA . -50.35 -0.26 27.94
O3B ADP MA . -51.84 1.09 26.39
PA ADP MA . -53.65 -0.52 28.21
O1A ADP MA . -54.08 -1.33 29.40
O2A ADP MA . -53.10 -1.25 27.01
O3A ADP MA . -52.54 0.53 28.71
O5' ADP MA . -54.90 0.38 27.77
C5' ADP MA . -54.77 1.71 27.24
C4' ADP MA . -56.14 2.38 27.12
O4' ADP MA . -56.93 1.72 26.12
C3' ADP MA . -56.95 2.38 28.40
O3' ADP MA . -57.12 3.72 28.88
C2' ADP MA . -58.28 1.76 28.04
O2' ADP MA . -59.36 2.56 28.52
C1' ADP MA . -58.29 1.68 26.52
N9 ADP MA . -58.94 0.43 26.05
C8 ADP MA . -58.36 -0.79 25.98
N7 ADP MA . -59.24 -1.71 25.50
C5 ADP MA . -60.40 -1.07 25.25
C6 ADP MA . -61.73 -1.46 24.73
N6 ADP MA . -62.01 -2.73 24.37
N1 ADP MA . -62.67 -0.49 24.62
C2 ADP MA . -62.42 0.79 24.97
N3 ADP MA . -61.22 1.20 25.45
C4 ADP MA . -60.21 0.33 25.61
MG MG NA . -52.22 -2.27 29.36
AL AF3 OA . -49.08 -2.50 27.58
F1 AF3 OA . -50.54 -2.16 26.76
F2 AF3 OA . -49.10 -3.47 28.98
F3 AF3 OA . -47.68 -1.56 27.22
PB ADP PA . -38.91 -18.90 -35.86
O1B ADP PA . -39.78 -17.88 -36.55
O2B ADP PA . -38.72 -18.66 -34.38
O3B ADP PA . -37.64 -19.23 -36.60
PA ADP PA . -40.21 -20.90 -37.33
O1A ADP PA . -41.39 -20.12 -37.87
O2A ADP PA . -38.95 -21.05 -38.15
O3A ADP PA . -39.78 -20.26 -35.92
O5' ADP PA . -40.74 -22.35 -36.88
C5' ADP PA . -39.88 -23.50 -36.87
C4' ADP PA . -40.70 -24.77 -36.79
O4' ADP PA . -41.91 -24.58 -36.04
C3' ADP PA . -41.13 -25.30 -38.15
O3' ADP PA . -40.27 -26.35 -38.57
C2' ADP PA . -42.56 -25.77 -37.98
O2' ADP PA . -42.67 -27.18 -38.22
C1' ADP PA . -42.94 -25.43 -36.55
N9 ADP PA . -44.26 -24.75 -36.52
C8 ADP PA . -44.48 -23.44 -36.75
N7 ADP PA . -45.80 -23.14 -36.63
C5 ADP PA . -46.45 -24.28 -36.33
C6 ADP PA . -47.86 -24.67 -36.08
N6 ADP PA . -48.87 -23.77 -36.12
N1 ADP PA . -48.11 -25.97 -35.79
C2 ADP PA . -47.12 -26.89 -35.73
N3 ADP PA . -45.83 -26.60 -35.95
C4 ADP PA . -45.43 -25.34 -36.25
MG MG QA . -39.75 -18.80 -39.01
AL AF3 RA . -36.33 -16.91 -38.07
F1 AF3 RA . -38.00 -16.62 -38.24
F2 AF3 RA . -35.22 -16.07 -39.07
F3 AF3 RA . -35.77 -18.00 -36.89
PB ADP SA . 37.77 -19.80 -39.18
O1B ADP SA . 36.66 -20.41 -38.35
O2B ADP SA . 38.81 -19.06 -38.37
O3B ADP SA . 37.30 -19.08 -40.42
PA ADP SA . 39.76 -20.90 -40.81
O1A ADP SA . 40.49 -19.63 -40.45
O2A ADP SA . 39.21 -21.09 -42.20
O3A ADP SA . 38.57 -21.08 -39.74
O5' ADP SA . 40.70 -22.17 -40.45
C5' ADP SA . 41.53 -22.16 -39.29
C4' ADP SA . 42.56 -23.27 -39.35
O4' ADP SA . 41.99 -24.49 -39.83
C3' ADP SA . 43.70 -22.92 -40.31
O3' ADP SA . 44.83 -22.46 -39.57
C2' ADP SA . 43.98 -24.19 -41.08
O2' ADP SA . 45.33 -24.62 -40.86
C1' ADP SA . 42.98 -25.21 -40.56
N9 ADP SA . 42.36 -25.98 -41.68
C8 ADP SA . 41.36 -25.53 -42.48
N7 ADP SA . 41.04 -26.48 -43.39
C5 ADP SA . 41.82 -27.55 -43.18
C6 ADP SA . 41.99 -28.89 -43.79
N6 ADP SA . 41.23 -29.28 -44.84
N1 ADP SA . 42.93 -29.70 -43.26
C2 ADP SA . 43.70 -29.33 -42.22
N3 ADP SA . 43.59 -28.13 -41.63
C4 ADP SA . 42.69 -27.22 -42.05
MG MG TA . 37.50 -19.85 -42.36
AL AF3 UA . 35.47 -17.22 -40.29
F1 AF3 UA . 35.48 -17.27 -42.01
F2 AF3 UA . 36.04 -15.83 -39.47
F3 AF3 UA . 34.82 -18.53 -39.42
PB ADP VA . 0.18 -33.69 -47.48
O1B ADP VA . -1.20 -33.49 -46.89
O2B ADP VA . 0.27 -33.38 -48.96
O3B ADP VA . 1.29 -33.12 -46.64
PA ADP VA . -0.88 -36.26 -47.33
O1A ADP VA . -1.42 -36.22 -45.92
O2A ADP VA . -1.81 -35.94 -48.47
O3A ADP VA . 0.40 -35.27 -47.39
O5' ADP VA . -0.21 -37.71 -47.61
C5' ADP VA . 0.45 -38.45 -46.60
C4' ADP VA . 0.51 -39.93 -46.96
O4' ADP VA . -0.81 -40.45 -47.10
C3' ADP VA . 1.23 -40.20 -48.28
O3' ADP VA . 2.53 -40.74 -48.04
C2' ADP VA . 0.36 -41.21 -49.02
O2' ADP VA . 1.08 -42.41 -49.28
C1' ADP VA . -0.83 -41.48 -48.09
N9 ADP VA . -2.14 -41.50 -48.79
C8 ADP VA . -2.76 -40.46 -49.39
N7 ADP VA . -3.94 -40.85 -49.92
C5 ADP VA . -4.11 -42.16 -49.66
C6 ADP VA . -5.14 -43.19 -49.93
N6 ADP VA . -6.26 -42.88 -50.61
N1 ADP VA . -4.91 -44.43 -49.47
C2 ADP VA . -3.79 -44.76 -48.79
N3 ADP VA . -2.82 -43.88 -48.51
C4 ADP VA . -2.91 -42.58 -48.92
MG MG WA . -1.37 -34.31 -49.99
AL AF3 XA . -0.45 -31.06 -46.19
F1 AF3 XA . -1.87 -31.82 -45.60
F2 AF3 XA . -0.39 -30.55 -47.81
F3 AF3 XA . 0.99 -31.15 -45.27
PB ADP YA . 52.62 12.32 -18.89
O1B ADP YA . 52.00 13.69 -19.10
O2B ADP YA . 51.84 11.18 -19.50
O3B ADP YA . 53.09 12.07 -17.48
PA ADP YA . 54.91 11.06 -19.78
O1A ADP YA . 54.28 10.02 -18.90
O2A ADP YA . 55.18 10.74 -21.23
O3A ADP YA . 53.98 12.38 -19.72
O5' ADP YA . 56.28 11.53 -19.07
C5' ADP YA . 57.14 10.49 -18.59
C4' ADP YA . 58.47 11.03 -18.10
O4' ADP YA . 59.39 9.94 -18.03
C3' ADP YA . 59.08 12.09 -19.01
O3' ADP YA . 58.94 13.39 -18.43
C2' ADP YA . 60.55 11.70 -19.16
O2' ADP YA . 61.41 12.60 -18.46
C1' ADP YA . 60.66 10.29 -18.58
N9 ADP YA . 61.04 9.33 -19.64
C8 ADP YA . 60.22 8.86 -20.60
N7 ADP YA . 60.88 8.00 -21.42
C5 ADP YA . 62.15 7.91 -20.99
C6 ADP YA . 63.37 7.19 -21.41
N6 ADP YA . 63.36 6.35 -22.47
N1 ADP YA . 64.49 7.38 -20.69
C2 ADP YA . 64.53 8.21 -19.62
N3 ADP YA . 63.45 8.89 -19.20
C4 ADP YA . 62.26 8.80 -19.82
MG MG ZA . 53.87 12.41 -22.00
AL AF3 AB . 50.27 11.96 -21.40
F1 AF3 AB . 50.55 10.31 -21.09
F2 AF3 AB . 50.84 12.66 -22.85
F3 AF3 AB . 49.71 12.96 -20.13
PB ADP BB . -55.46 9.56 -15.42
O1B ADP BB . -56.70 8.70 -15.53
O2B ADP BB . -55.17 10.07 -14.03
O3B ADP BB . -54.25 9.00 -16.14
PA ADP BB . -56.96 11.90 -15.73
O1A ADP BB . -56.55 12.45 -14.40
O2A ADP BB . -57.30 12.85 -16.85
O3A ADP BB . -55.83 10.88 -16.25
O5' ADP BB . -58.25 10.95 -15.51
C5' ADP BB . -58.66 10.62 -14.18
C4' ADP BB . -59.94 9.80 -14.17
O4' ADP BB . -60.53 9.86 -12.86
C3' ADP BB . -61.00 10.28 -15.16
O3' ADP BB . -61.10 9.39 -16.28
C2' ADP BB . -62.30 10.34 -14.39
O2' ADP BB . -63.24 9.37 -14.87
C1' ADP BB . -61.95 10.06 -12.94
N9 ADP BB . -62.35 11.21 -12.10
C8 ADP BB . -61.64 12.34 -11.93
N7 ADP BB . -62.29 13.20 -11.11
C5 ADP BB . -63.44 12.62 -10.74
C6 ADP BB . -64.59 12.99 -9.87
N6 ADP BB . -64.63 14.18 -9.23
N1 ADP BB . -65.59 12.08 -9.75
C2 ADP BB . -65.56 10.90 -10.38
N3 ADP BB . -64.55 10.51 -11.18
C4 ADP BB . -63.48 11.30 -11.39
MG MG CB . -55.11 12.61 -17.17
AL AF3 DB . -53.05 11.84 -16.43
F1 AF3 DB . -53.86 12.61 -15.13
F2 AF3 DB . -53.15 12.48 -18.01
F3 AF3 DB . -51.99 10.54 -16.11
PB ADP EB . 37.93 42.98 1.33
O1B ADP EB . 37.42 42.79 2.73
O2B ADP EB . 37.85 41.77 0.44
O3B ADP EB . 37.44 44.27 0.69
PA ADP EB . 40.44 42.25 2.39
O1A ADP EB . 39.56 41.18 2.99
O2A ADP EB . 41.62 41.80 1.54
O3A ADP EB . 39.52 43.24 1.51
O5' ADP EB . 40.97 43.19 3.57
C5' ADP EB . 40.61 42.90 4.91
C4' ADP EB . 41.39 43.75 5.91
O4' ADP EB . 42.79 43.51 5.79
C3' ADP EB . 41.18 45.25 5.72
O3' ADP EB . 40.30 45.76 6.72
C2' ADP EB . 42.57 45.87 5.82
O2' ADP EB . 42.62 46.84 6.87
C1' ADP EB . 43.52 44.71 6.09
N9 ADP EB . 44.75 44.78 5.26
C8 ADP EB . 44.83 44.53 3.94
N7 ADP EB . 46.10 44.67 3.49
C5 ADP EB . 46.87 45.02 4.55
C6 ADP EB . 48.29 45.32 4.79
N6 ADP EB . 49.20 45.29 3.77
N1 ADP EB . 48.67 45.64 6.04
C2 ADP EB . 47.80 45.69 7.07
N3 ADP EB . 46.49 45.41 6.92
C4 ADP EB . 45.97 45.08 5.71
MG MG FB . 39.20 43.90 -0.60
AL AF3 GB . 36.20 41.98 -1.56
F1 AF3 GB . 37.64 41.07 -1.71
F2 AF3 GB . 35.86 43.22 -2.69
F3 AF3 GB . 35.29 41.88 -0.11
PB ADP HB . -1.16 59.61 10.98
O1B ADP HB . -1.95 60.83 10.58
O2B ADP HB . -1.99 58.60 11.74
O3B ADP HB . -0.29 59.02 9.90
PA ADP HB . 0.90 59.17 12.84
O1A ADP HB . 0.19 57.88 13.21
O2A ADP HB . 2.17 59.11 12.03
O3A ADP HB . -0.12 60.15 12.08
O5' ADP HB . 1.16 59.99 14.20
C5' ADP HB . 2.39 59.90 14.91
C4' ADP HB . 2.34 60.92 16.04
O4' ADP HB . 3.63 61.08 16.68
C3' ADP HB . 1.94 62.29 15.53
O3' ADP HB . 0.57 62.55 15.86
C2' ADP HB . 2.88 63.27 16.21
O2' ADP HB . 2.13 64.26 16.93
C1' ADP HB . 3.74 62.43 17.14
N9 ADP HB . 5.17 62.88 17.11
C8 ADP HB . 6.07 62.62 16.14
N7 ADP HB . 7.26 63.19 16.44
C5 ADP HB . 7.14 63.83 17.62
C6 ADP HB . 8.02 64.62 18.50
N6 ADP HB . 9.31 64.86 18.18
N1 ADP HB . 7.49 65.09 19.66
C2 ADP HB . 6.21 64.87 20.00
N3 ADP HB . 5.36 64.16 19.24
C4 ADP HB . 5.76 63.61 18.06
MG MG IB . 1.40 60.04 9.10
PB ADP JB . -39.15 42.72 2.95
O1B ADP JB . -39.61 42.03 4.20
O2B ADP JB . -39.43 41.97 1.67
O3B ADP JB . -37.74 43.27 3.04
PA ADP JB . -40.03 45.18 3.97
O1A ADP JB . -39.76 46.50 3.29
O2A ADP JB . -39.10 44.70 5.05
O3A ADP JB . -40.06 44.04 2.82
O5' ADP JB . -41.54 45.22 4.54
C5' ADP JB . -42.24 44.03 4.89
C4' ADP JB . -43.26 44.32 5.97
O4' ADP JB . -42.66 45.04 7.05
C3' ADP JB . -44.42 45.18 5.48
O3' ADP JB . -45.58 44.37 5.27
C2' ADP JB . -44.66 46.21 6.55
O2' ADP JB . -45.95 46.07 7.14
C1' ADP JB . -43.58 45.99 7.59
N9 ADP JB . -42.88 47.27 7.92
C8 ADP JB . -41.93 47.87 7.18
N7 ADP JB . -41.52 49.01 7.77
C5 ADP JB . -42.20 49.15 8.92
C6 ADP JB . -42.25 50.15 10.02
N6 ADP JB . -41.46 51.24 10.02
N1 ADP JB . -43.13 49.92 11.02
C2 ADP JB . -43.93 48.85 11.05
N3 ADP JB . -43.92 47.91 10.08
C4 ADP JB . -43.11 48.00 9.01
MG MG KB . -39.27 45.79 1.39
AL AF3 LB . -36.98 42.98 0.18
F1 AF3 LB . -37.01 44.35 1.20
F2 AF3 LB . -36.78 43.16 -1.51
F3 AF3 LB . -37.00 41.41 0.87
#